data_6PEV
#
_entry.id   6PEV
#
loop_
_entity.id
_entity.type
_entity.pdbx_description
1 polymer 'M18 aspartyl aminopeptidase'
2 non-polymer 'ZINC ION'
#
_entity_poly.entity_id   1
_entity_poly.type   'polypeptide(L)'
_entity_poly.pdbx_seq_one_letter_code
;MDKKAREYAQDALKFIQRSGSNFLACKNLKERLENNGFINLSEGETWNLNKNEGYVLCKENRNICGFFVGKNFNIDTGSI
LISIGHIDSCALKISPNNNVIKKKIHQINVECYGSGLWHTWFDRSLGLSGQVLYKKGNKLVEKLIQINKSVLFLPSLAIH
LQNRTRYDFSVKINYENHIKPIISTTLFNQLNKCKRNNVHHDTILTTDTKFSHKENSQNKRDDQMCHSFNDKDVSNHNLD
KNTIEHLTNQQNEEKNKHTKDNPNSKDIVEHINTDNSYPLLYLLSKELNCKEEDILDFELCLMDTQEPCFTGVYEEFIEG
ARFDNLLGSFCVFEGFIELVNSIKNHTSNENTNHTNNITNDINDNIHNNLYISIGYDHEEIGSLSEVGARSYCTKNFIDR
IISSVFKKEIHEKNLSVQEIYGNLVNRSFILNVDMAHCSHPNYPETVQDNHQLFFHEGIAIKYNTNKNYVTSPLHASLIK
RTFELYYNKYKQQIKYQNFMVKNDTPCGSTVGSMVAANLSMPGIDIGIPQLAMHSIREIAAVHDVFFLIKGVFAFYTYYN
QVLSTCVHDK
;
_entity_poly.pdbx_strand_id   A,B,C,D,E,F,G,H,I,J,K,L
#
# COMPACT_ATOMS: atom_id res chain seq x y z
N MET A 1 43.09 24.76 -34.89
CA MET A 1 41.63 24.76 -34.78
C MET A 1 41.17 25.56 -33.57
N ASP A 2 42.06 25.73 -32.60
CA ASP A 2 41.75 26.47 -31.39
C ASP A 2 41.25 27.89 -31.72
N LYS A 3 41.90 28.51 -32.69
CA LYS A 3 41.52 29.86 -33.11
C LYS A 3 40.24 29.83 -33.94
N LYS A 4 40.11 28.84 -34.83
CA LYS A 4 38.93 28.76 -35.68
C LYS A 4 37.73 28.21 -34.91
N ALA A 5 37.97 27.40 -33.88
CA ALA A 5 36.86 26.90 -33.07
C ALA A 5 36.30 28.00 -32.18
N ARG A 6 37.16 28.89 -31.69
CA ARG A 6 36.68 30.01 -30.90
C ARG A 6 36.03 31.06 -31.78
N GLU A 7 36.51 31.24 -33.00
CA GLU A 7 35.90 32.19 -33.92
C GLU A 7 34.54 31.71 -34.40
N TYR A 8 34.37 30.40 -34.53
CA TYR A 8 33.08 29.84 -34.89
C TYR A 8 32.09 29.96 -33.75
N ALA A 9 32.54 29.71 -32.52
CA ALA A 9 31.67 29.86 -31.37
C ALA A 9 31.41 31.32 -31.05
N GLN A 10 32.30 32.22 -31.48
CA GLN A 10 32.04 33.64 -31.28
C GLN A 10 30.88 34.11 -32.13
N ASP A 11 30.84 33.72 -33.40
CA ASP A 11 29.75 34.15 -34.27
C ASP A 11 28.45 33.44 -33.90
N ALA A 12 28.53 32.23 -33.36
CA ALA A 12 27.33 31.57 -32.83
C ALA A 12 26.80 32.31 -31.62
N LEU A 13 27.69 32.88 -30.83
CA LEU A 13 27.29 33.67 -29.68
C LEU A 13 26.92 35.09 -30.05
N LYS A 14 27.15 35.48 -31.31
CA LYS A 14 26.50 36.66 -31.84
C LYS A 14 25.14 36.33 -32.41
N PHE A 15 24.97 35.10 -32.91
CA PHE A 15 23.69 34.71 -33.50
C PHE A 15 22.63 34.49 -32.43
N ILE A 16 22.85 33.55 -31.51
CA ILE A 16 22.17 33.57 -30.23
C ILE A 16 22.59 34.85 -29.49
N GLN A 17 21.69 35.39 -28.65
CA GLN A 17 21.58 36.72 -28.04
C GLN A 17 21.03 37.74 -29.03
N ARG A 18 20.90 37.40 -30.30
CA ARG A 18 20.02 38.11 -31.20
C ARG A 18 18.86 37.24 -31.66
N SER A 19 18.98 35.94 -31.49
CA SER A 19 17.98 34.96 -31.87
C SER A 19 17.20 34.54 -30.63
N GLY A 20 16.33 35.41 -30.15
CA GLY A 20 15.64 35.12 -28.92
C GLY A 20 14.43 34.22 -29.05
N SER A 21 13.99 33.93 -30.26
CA SER A 21 12.80 33.12 -30.48
C SER A 21 12.93 32.40 -31.81
N ASN A 22 11.83 31.83 -32.28
CA ASN A 22 11.85 31.18 -33.59
C ASN A 22 11.67 32.18 -34.70
N PHE A 23 11.11 33.36 -34.40
CA PHE A 23 10.93 34.37 -35.43
C PHE A 23 12.23 35.09 -35.73
N LEU A 24 12.97 35.47 -34.69
CA LEU A 24 14.26 36.12 -34.89
C LEU A 24 15.33 35.12 -35.28
N ALA A 25 15.04 33.82 -35.17
CA ALA A 25 15.91 32.83 -35.77
C ALA A 25 15.78 32.82 -37.28
N CYS A 26 14.55 32.94 -37.79
CA CYS A 26 14.37 33.04 -39.22
C CYS A 26 14.89 34.37 -39.74
N LYS A 27 14.74 35.44 -38.94
CA LYS A 27 15.13 36.78 -39.38
C LYS A 27 16.65 36.93 -39.44
N ASN A 28 17.35 36.48 -38.40
CA ASN A 28 18.79 36.68 -38.35
C ASN A 28 19.52 35.72 -39.30
N LEU A 29 18.95 34.54 -39.55
CA LEU A 29 19.55 33.65 -40.53
C LEU A 29 19.32 34.15 -41.95
N LYS A 30 18.16 34.75 -42.20
CA LYS A 30 17.90 35.34 -43.51
C LYS A 30 18.77 36.57 -43.72
N GLU A 31 19.06 37.32 -42.65
CA GLU A 31 20.04 38.39 -42.74
C GLU A 31 21.44 37.84 -42.89
N ARG A 32 21.73 36.68 -42.31
CA ARG A 32 23.05 36.08 -42.42
C ARG A 32 23.26 35.50 -43.82
N LEU A 33 22.20 34.99 -44.44
CA LEU A 33 22.32 34.47 -45.79
C LEU A 33 22.34 35.58 -46.83
N GLU A 34 21.62 36.68 -46.58
CA GLU A 34 21.60 37.78 -47.54
C GLU A 34 22.89 38.57 -47.56
N ASN A 35 23.72 38.45 -46.52
CA ASN A 35 25.02 39.11 -46.53
C ASN A 35 25.99 38.47 -47.50
N ASN A 36 25.80 37.18 -47.81
CA ASN A 36 26.66 36.52 -48.78
C ASN A 36 26.17 36.70 -50.21
N GLY A 37 25.01 37.32 -50.40
CA GLY A 37 24.48 37.58 -51.72
C GLY A 37 23.34 36.69 -52.14
N PHE A 38 22.63 36.09 -51.20
CA PHE A 38 21.52 35.21 -51.54
C PHE A 38 20.31 36.02 -51.98
N ILE A 39 19.74 35.62 -53.13
CA ILE A 39 18.57 36.32 -53.63
C ILE A 39 17.35 35.95 -52.82
N ASN A 40 16.84 36.91 -52.07
CA ASN A 40 15.67 36.72 -51.21
C ASN A 40 14.44 36.71 -52.08
N LEU A 41 13.86 35.54 -52.30
CA LEU A 41 12.66 35.40 -53.10
C LEU A 41 11.50 35.03 -52.19
N SER A 42 10.33 35.57 -52.49
CA SER A 42 9.13 35.32 -51.71
C SER A 42 8.35 34.18 -52.31
N GLU A 43 7.53 33.53 -51.48
CA GLU A 43 6.74 32.39 -51.92
C GLU A 43 5.60 32.82 -52.83
N GLY A 44 5.25 34.10 -52.81
CA GLY A 44 3.99 34.50 -53.40
C GLY A 44 4.10 35.10 -54.79
N GLU A 45 5.32 35.40 -55.25
CA GLU A 45 5.38 36.06 -56.56
C GLU A 45 5.42 35.07 -57.73
N THR A 46 6.57 34.44 -57.98
CA THR A 46 6.90 33.57 -59.10
C THR A 46 8.34 33.17 -58.88
N TRP A 47 8.70 31.94 -59.22
CA TRP A 47 10.07 31.45 -59.05
C TRP A 47 10.74 31.34 -60.41
N ASN A 48 11.68 32.23 -60.69
CA ASN A 48 12.54 32.15 -61.87
C ASN A 48 13.95 31.90 -61.34
N LEU A 49 14.28 30.64 -61.11
CA LEU A 49 15.56 30.31 -60.51
C LEU A 49 16.64 30.19 -61.59
N ASN A 50 17.87 30.50 -61.19
CA ASN A 50 19.00 30.47 -62.10
C ASN A 50 20.04 29.51 -61.55
N LYS A 51 20.93 29.05 -62.44
CA LYS A 51 22.09 28.30 -62.00
C LYS A 51 23.06 29.25 -61.29
N ASN A 52 23.94 28.67 -60.45
CA ASN A 52 25.01 29.36 -59.72
C ASN A 52 24.53 30.38 -58.71
N GLU A 53 23.23 30.51 -58.47
CA GLU A 53 22.74 31.54 -57.58
C GLU A 53 22.14 30.90 -56.33
N GLY A 54 22.29 31.60 -55.22
CA GLY A 54 21.77 31.12 -53.96
C GLY A 54 20.52 31.86 -53.57
N TYR A 55 19.56 31.17 -52.98
CA TYR A 55 18.27 31.75 -52.67
C TYR A 55 17.95 31.49 -51.20
N VAL A 56 17.05 32.29 -50.64
CA VAL A 56 16.69 32.23 -49.23
C VAL A 56 15.22 32.61 -49.12
N LEU A 57 14.47 31.88 -48.30
CA LEU A 57 13.08 32.24 -48.05
C LEU A 57 12.67 31.85 -46.64
N CYS A 58 12.14 32.84 -45.92
CA CYS A 58 11.42 32.62 -44.68
C CYS A 58 9.96 32.35 -45.02
N LYS A 59 9.51 31.12 -44.79
CA LYS A 59 8.09 30.81 -44.94
C LYS A 59 7.37 31.34 -43.70
N GLU A 60 6.55 32.39 -43.91
CA GLU A 60 5.81 33.16 -42.89
C GLU A 60 6.60 33.44 -41.62
N ASN A 61 7.87 33.81 -41.79
CA ASN A 61 8.83 34.24 -40.77
C ASN A 61 9.07 33.22 -39.67
N ARG A 62 8.80 31.94 -39.89
CA ARG A 62 9.10 30.89 -38.92
C ARG A 62 10.08 29.87 -39.46
N ASN A 63 10.02 29.60 -40.75
CA ASN A 63 10.77 28.51 -41.37
C ASN A 63 11.75 29.08 -42.39
N ILE A 64 13.04 29.07 -42.06
CA ILE A 64 14.08 29.52 -42.97
C ILE A 64 14.49 28.33 -43.84
N CYS A 65 14.73 28.60 -45.12
CA CYS A 65 15.13 27.57 -46.08
C CYS A 65 16.00 28.22 -47.14
N GLY A 66 17.31 28.04 -47.02
CA GLY A 66 18.20 28.59 -48.02
C GLY A 66 18.77 27.50 -48.90
N PHE A 67 18.72 27.69 -50.22
CA PHE A 67 19.24 26.68 -51.13
C PHE A 67 20.13 27.33 -52.16
N PHE A 68 21.02 26.51 -52.73
CA PHE A 68 21.96 26.94 -53.76
C PHE A 68 21.88 25.98 -54.93
N VAL A 69 21.48 26.49 -56.08
CA VAL A 69 21.44 25.72 -57.31
C VAL A 69 22.83 25.67 -57.93
N GLY A 70 23.34 24.48 -58.16
CA GLY A 70 24.65 24.33 -58.76
C GLY A 70 24.67 24.77 -60.22
N LYS A 71 25.89 24.92 -60.74
CA LYS A 71 26.06 25.49 -62.08
C LYS A 71 25.61 24.53 -63.17
N ASN A 72 26.21 23.34 -63.24
CA ASN A 72 25.74 22.28 -64.12
C ASN A 72 25.00 21.23 -63.29
N PHE A 73 23.70 21.39 -63.17
CA PHE A 73 22.87 20.24 -62.80
C PHE A 73 22.99 19.13 -63.83
N ASN A 74 22.90 17.91 -63.32
CA ASN A 74 22.69 16.72 -64.14
C ASN A 74 21.59 15.89 -63.54
N ILE A 75 20.47 15.81 -64.26
CA ILE A 75 19.36 14.93 -63.92
C ILE A 75 19.85 13.49 -63.86
N ASP A 76 20.75 13.12 -64.77
CA ASP A 76 21.38 11.80 -64.75
C ASP A 76 22.26 11.62 -63.52
N THR A 77 23.31 12.44 -63.40
CA THR A 77 24.29 12.32 -62.29
C THR A 77 24.31 13.62 -61.50
N GLY A 78 23.38 13.75 -60.56
CA GLY A 78 23.32 14.89 -59.69
C GLY A 78 22.48 14.57 -58.47
N SER A 79 22.44 15.48 -57.51
CA SER A 79 21.94 15.17 -56.18
C SER A 79 21.23 16.37 -55.57
N ILE A 80 20.47 16.10 -54.53
CA ILE A 80 19.88 17.12 -53.67
C ILE A 80 20.36 16.86 -52.25
N LEU A 81 21.25 17.71 -51.76
CA LEU A 81 21.87 17.56 -50.45
C LEU A 81 21.20 18.51 -49.49
N ILE A 82 20.57 17.97 -48.46
CA ILE A 82 19.79 18.76 -47.52
C ILE A 82 20.37 18.59 -46.12
N SER A 83 20.64 19.72 -45.49
CA SER A 83 21.00 19.75 -44.08
C SER A 83 19.87 20.41 -43.29
N ILE A 84 19.51 19.82 -42.16
CA ILE A 84 18.30 20.15 -41.45
C ILE A 84 18.63 20.41 -40.00
N GLY A 85 18.21 21.57 -39.49
CA GLY A 85 18.20 21.80 -38.07
C GLY A 85 17.12 22.80 -37.72
N HIS A 86 16.22 22.42 -36.82
CA HIS A 86 15.06 23.24 -36.49
C HIS A 86 15.47 24.50 -35.75
N ILE A 87 14.74 25.59 -35.98
CA ILE A 87 15.03 26.87 -35.34
C ILE A 87 13.88 27.19 -34.38
N ASP A 88 13.97 26.64 -33.17
CA ASP A 88 13.01 26.80 -32.08
C ASP A 88 13.56 26.05 -30.89
N SER A 89 12.96 26.29 -29.73
CA SER A 89 13.40 25.64 -28.52
C SER A 89 12.26 25.63 -27.53
N CYS A 90 12.44 24.88 -26.45
CA CYS A 90 11.47 24.91 -25.37
C CYS A 90 11.51 26.26 -24.69
N ALA A 91 10.41 27.02 -24.80
CA ALA A 91 10.33 28.34 -24.23
C ALA A 91 8.97 28.52 -23.59
N LEU A 92 8.87 29.51 -22.72
CA LEU A 92 7.59 29.87 -22.14
C LEU A 92 6.92 30.91 -23.02
N LYS A 93 6.08 30.47 -23.94
CA LYS A 93 5.36 31.40 -24.78
C LYS A 93 4.21 32.03 -24.00
N ILE A 94 3.80 33.21 -24.44
CA ILE A 94 2.78 33.99 -23.77
C ILE A 94 1.41 33.61 -24.32
N SER A 95 0.46 33.32 -23.41
CA SER A 95 -0.92 33.00 -23.71
C SER A 95 -1.65 34.23 -24.26
N PRO A 96 -2.73 34.04 -25.02
CA PRO A 96 -3.48 35.20 -25.54
C PRO A 96 -4.17 36.03 -24.47
N ASN A 97 -4.97 35.40 -23.61
CA ASN A 97 -5.59 36.08 -22.48
C ASN A 97 -4.58 36.02 -21.34
N ASN A 98 -3.90 37.12 -21.11
CA ASN A 98 -2.90 37.22 -20.05
C ASN A 98 -3.22 38.46 -19.22
N ASN A 99 -4.11 38.32 -18.26
CA ASN A 99 -4.30 39.38 -17.26
C ASN A 99 -4.56 38.66 -15.95
N VAL A 100 -3.48 38.34 -15.25
CA VAL A 100 -3.55 37.62 -13.99
C VAL A 100 -3.15 38.61 -12.89
N ILE A 101 -4.10 38.94 -12.04
CA ILE A 101 -3.88 39.85 -10.92
C ILE A 101 -4.17 39.07 -9.66
N LYS A 102 -3.15 38.56 -9.01
CA LYS A 102 -3.32 37.79 -7.79
C LYS A 102 -2.30 38.26 -6.77
N LYS A 103 -2.75 38.42 -5.53
CA LYS A 103 -1.95 38.91 -4.39
C LYS A 103 -1.30 40.26 -4.69
N LYS A 104 -2.08 41.17 -5.28
CA LYS A 104 -1.69 42.52 -5.67
C LYS A 104 -0.49 42.55 -6.61
N ILE A 105 -0.36 41.53 -7.46
CA ILE A 105 0.77 41.41 -8.36
C ILE A 105 0.25 41.11 -9.75
N HIS A 106 0.64 41.94 -10.72
CA HIS A 106 0.33 41.68 -12.12
C HIS A 106 1.19 40.55 -12.64
N GLN A 107 0.56 39.59 -13.28
CA GLN A 107 1.25 38.41 -13.77
C GLN A 107 0.91 38.18 -15.23
N ILE A 108 1.75 37.39 -15.87
CA ILE A 108 1.48 36.81 -17.17
C ILE A 108 1.27 35.32 -16.94
N ASN A 109 0.23 34.74 -17.52
CA ASN A 109 0.21 33.29 -17.56
C ASN A 109 0.77 32.82 -18.89
N VAL A 110 1.81 32.00 -18.81
CA VAL A 110 2.56 31.59 -19.97
C VAL A 110 2.23 30.15 -20.28
N GLU A 111 2.32 29.79 -21.54
CA GLU A 111 2.08 28.42 -21.97
C GLU A 111 3.41 27.73 -22.20
N CYS A 112 3.55 26.54 -21.64
CA CYS A 112 4.81 25.81 -21.75
C CYS A 112 4.91 25.18 -23.12
N TYR A 113 5.74 25.76 -23.97
CA TYR A 113 5.91 25.31 -25.35
C TYR A 113 7.04 24.29 -25.37
N GLY A 114 6.76 23.11 -25.90
CA GLY A 114 7.77 22.07 -25.92
C GLY A 114 7.82 21.34 -24.60
N SER A 115 8.84 20.51 -24.45
CA SER A 115 9.06 19.71 -23.24
C SER A 115 10.40 20.16 -22.68
N GLY A 116 10.36 21.08 -21.73
CA GLY A 116 11.55 21.68 -21.18
C GLY A 116 11.70 21.45 -19.69
N LEU A 117 12.91 21.75 -19.20
CA LEU A 117 13.19 21.75 -17.78
C LEU A 117 12.62 23.05 -17.23
N TRP A 118 11.34 23.02 -16.89
CA TRP A 118 10.67 24.26 -16.51
C TRP A 118 11.01 24.70 -15.10
N HIS A 119 11.61 23.84 -14.28
CA HIS A 119 12.10 24.29 -13.00
C HIS A 119 13.38 25.09 -13.12
N THR A 120 14.08 24.97 -14.24
CA THR A 120 15.24 25.82 -14.48
C THR A 120 14.83 27.21 -14.93
N TRP A 121 13.63 27.36 -15.48
CA TRP A 121 13.12 28.67 -15.85
C TRP A 121 12.69 29.48 -14.65
N PHE A 122 12.56 28.85 -13.48
CA PHE A 122 12.27 29.59 -12.27
C PHE A 122 13.48 30.39 -11.86
N ASP A 123 13.21 31.61 -11.35
CA ASP A 123 14.21 32.52 -10.80
C ASP A 123 15.23 32.95 -11.87
N ARG A 124 14.72 33.40 -13.01
CA ARG A 124 15.55 33.91 -14.09
C ARG A 124 15.09 35.31 -14.45
N SER A 125 16.05 36.19 -14.70
CA SER A 125 15.73 37.51 -15.24
C SER A 125 15.32 37.35 -16.70
N LEU A 126 14.01 37.29 -16.94
CA LEU A 126 13.48 36.87 -18.22
C LEU A 126 13.12 38.07 -19.09
N GLY A 127 13.28 37.88 -20.40
CA GLY A 127 12.96 38.89 -21.38
C GLY A 127 11.87 38.43 -22.33
N LEU A 128 11.81 39.10 -23.47
CA LEU A 128 10.78 38.85 -24.47
C LEU A 128 11.39 38.86 -25.86
N SER A 129 10.98 37.89 -26.68
CA SER A 129 11.31 37.88 -28.09
C SER A 129 10.17 37.23 -28.83
N GLY A 130 9.88 37.73 -30.02
CA GLY A 130 8.82 37.13 -30.80
C GLY A 130 8.20 38.14 -31.75
N GLN A 131 7.00 37.82 -32.20
CA GLN A 131 6.31 38.56 -33.24
C GLN A 131 5.13 39.28 -32.64
N VAL A 132 4.99 40.56 -32.95
CA VAL A 132 3.88 41.38 -32.45
C VAL A 132 3.18 41.98 -33.64
N LEU A 133 1.87 41.77 -33.73
CA LEU A 133 1.04 42.38 -34.77
C LEU A 133 0.34 43.57 -34.15
N TYR A 134 0.55 44.76 -34.71
CA TYR A 134 -0.05 45.99 -34.22
C TYR A 134 -0.57 46.81 -35.39
N LYS A 135 -1.54 47.68 -35.11
CA LYS A 135 -2.13 48.53 -36.14
C LYS A 135 -1.33 49.80 -36.29
N LYS A 136 -1.26 50.30 -37.52
CA LYS A 136 -0.75 51.63 -37.80
C LYS A 136 -1.55 52.19 -38.97
N GLY A 137 -2.52 53.04 -38.67
CA GLY A 137 -3.48 53.48 -39.66
C GLY A 137 -4.53 52.42 -39.90
N ASN A 138 -4.72 52.02 -41.15
CA ASN A 138 -5.66 50.97 -41.51
C ASN A 138 -4.94 49.68 -41.86
N LYS A 139 -3.65 49.60 -41.58
CA LYS A 139 -2.81 48.52 -42.08
C LYS A 139 -2.28 47.73 -40.91
N LEU A 140 -2.34 46.40 -41.03
CA LEU A 140 -1.76 45.54 -40.01
C LEU A 140 -0.25 45.49 -40.21
N VAL A 141 0.49 45.99 -39.23
CA VAL A 141 1.94 46.06 -39.31
C VAL A 141 2.52 44.97 -38.42
N GLU A 142 3.47 44.22 -38.98
CA GLU A 142 4.09 43.10 -38.31
C GLU A 142 5.51 43.48 -37.93
N LYS A 143 5.85 43.29 -36.65
CA LYS A 143 7.18 43.65 -36.20
C LYS A 143 7.71 42.57 -35.26
N LEU A 144 8.96 42.20 -35.49
CA LEU A 144 9.66 41.23 -34.67
C LEU A 144 10.44 41.97 -33.60
N ILE A 145 10.05 41.79 -32.34
CA ILE A 145 10.64 42.56 -31.25
C ILE A 145 11.64 41.70 -30.51
N GLN A 146 12.52 42.36 -29.78
CA GLN A 146 13.58 41.74 -29.01
C GLN A 146 13.87 42.61 -27.81
N ILE A 147 13.34 42.24 -26.66
CA ILE A 147 13.49 43.02 -25.43
C ILE A 147 14.54 42.34 -24.57
N ASN A 148 15.77 42.86 -24.63
CA ASN A 148 16.92 42.26 -23.97
C ASN A 148 17.06 42.66 -22.52
N LYS A 149 16.19 43.52 -22.01
CA LYS A 149 16.20 43.88 -20.60
C LYS A 149 15.22 43.00 -19.84
N SER A 150 15.47 42.84 -18.55
CA SER A 150 14.67 41.90 -17.79
C SER A 150 13.35 42.53 -17.39
N VAL A 151 12.27 41.97 -17.90
CA VAL A 151 10.94 42.54 -17.71
C VAL A 151 10.00 41.53 -17.10
N LEU A 152 10.52 40.33 -16.82
CA LEU A 152 9.70 39.24 -16.30
C LEU A 152 10.53 38.41 -15.35
N PHE A 153 9.86 37.74 -14.43
CA PHE A 153 10.53 36.94 -13.42
C PHE A 153 9.56 35.88 -12.96
N LEU A 154 9.97 34.62 -13.04
CA LEU A 154 9.17 33.52 -12.55
C LEU A 154 9.71 33.11 -11.19
N PRO A 155 9.09 33.52 -10.10
CA PRO A 155 9.69 33.28 -8.78
C PRO A 155 9.39 31.89 -8.26
N SER A 156 10.35 31.34 -7.51
CA SER A 156 10.16 30.05 -6.89
C SER A 156 9.49 30.23 -5.52
N LEU A 157 9.19 29.12 -4.88
CA LEU A 157 8.69 29.19 -3.52
C LEU A 157 9.87 29.19 -2.55
N ALA A 158 9.73 29.96 -1.47
CA ALA A 158 10.73 29.98 -0.42
C ALA A 158 10.84 28.61 0.23
N ILE A 159 12.02 28.32 0.78
CA ILE A 159 12.27 26.98 1.28
C ILE A 159 11.60 26.74 2.62
N HIS A 160 11.22 27.80 3.33
CA HIS A 160 10.76 27.65 4.71
C HIS A 160 9.34 27.14 4.80
N LEU A 161 8.58 27.18 3.71
CA LEU A 161 7.14 26.96 3.81
C LEU A 161 6.80 25.46 3.76
N GLN A 162 7.54 24.69 2.99
CA GLN A 162 7.34 23.25 2.93
C GLN A 162 8.27 22.55 3.93
N ASN A 163 8.36 21.23 3.83
CA ASN A 163 9.34 20.50 4.62
C ASN A 163 10.71 20.67 3.96
N ARG A 164 11.77 20.52 4.75
CA ARG A 164 13.10 20.94 4.30
C ARG A 164 14.07 19.77 4.27
N THR A 165 15.20 20.02 3.59
CA THR A 165 16.52 19.37 3.71
C THR A 165 16.53 17.86 3.41
N ARG A 166 15.43 17.29 2.93
CA ARG A 166 15.46 15.85 2.64
C ARG A 166 14.92 15.58 1.24
N TYR A 167 15.63 14.69 0.51
CA TYR A 167 15.31 14.20 -0.85
C TYR A 167 14.90 15.31 -1.83
N ASP A 168 15.60 16.44 -1.73
CA ASP A 168 15.21 17.72 -2.36
C ASP A 168 13.76 18.08 -2.11
N PHE A 169 13.33 18.03 -0.84
CA PHE A 169 12.11 18.60 -0.25
C PHE A 169 10.81 18.43 -1.04
N SER A 170 10.74 17.39 -1.88
CA SER A 170 9.59 17.05 -2.73
C SER A 170 9.12 18.25 -3.57
N VAL A 171 10.02 18.72 -4.44
CA VAL A 171 9.66 19.83 -5.31
C VAL A 171 8.78 19.31 -6.45
N LYS A 172 7.63 19.96 -6.63
CA LYS A 172 6.69 19.63 -7.69
C LYS A 172 6.26 20.94 -8.32
N ILE A 173 6.58 21.14 -9.59
CA ILE A 173 6.17 22.34 -10.31
C ILE A 173 4.90 22.01 -11.07
N ASN A 174 3.77 22.47 -10.56
CA ASN A 174 2.51 22.40 -11.28
C ASN A 174 2.59 23.35 -12.46
N TYR A 175 2.33 22.82 -13.66
CA TYR A 175 2.65 23.57 -14.88
C TYR A 175 1.69 24.72 -15.10
N GLU A 176 0.44 24.59 -14.67
CA GLU A 176 -0.48 25.71 -14.77
C GLU A 176 -0.32 26.71 -13.63
N ASN A 177 -0.41 26.22 -12.39
CA ASN A 177 -0.47 27.09 -11.23
C ASN A 177 0.84 27.80 -10.96
N HIS A 178 1.95 27.07 -10.93
CA HIS A 178 3.19 27.61 -10.44
C HIS A 178 4.02 28.31 -11.51
N ILE A 179 3.71 28.10 -12.78
CA ILE A 179 4.43 28.73 -13.88
C ILE A 179 3.55 29.88 -14.36
N LYS A 180 3.75 31.04 -13.77
CA LYS A 180 3.09 32.29 -14.09
C LYS A 180 4.02 33.40 -13.64
N PRO A 181 4.81 33.97 -14.55
CA PRO A 181 5.80 34.98 -14.14
C PRO A 181 5.13 36.27 -13.70
N ILE A 182 5.71 36.90 -12.69
CA ILE A 182 5.26 38.20 -12.26
C ILE A 182 5.86 39.24 -13.18
N ILE A 183 5.14 40.33 -13.39
CA ILE A 183 5.58 41.36 -14.31
C ILE A 183 5.57 42.75 -13.67
N SER A 184 4.74 42.94 -12.65
CA SER A 184 4.56 44.22 -11.98
C SER A 184 3.70 44.00 -10.74
N THR A 185 3.54 45.05 -9.97
CA THR A 185 2.53 45.10 -8.92
C THR A 185 1.41 46.04 -9.34
N THR A 186 0.28 45.92 -8.65
CA THR A 186 -0.83 46.83 -8.92
C THR A 186 -0.58 48.21 -8.35
N LEU A 187 0.41 48.36 -7.47
CA LEU A 187 0.75 49.70 -6.99
C LEU A 187 1.43 50.50 -8.08
N PHE A 188 2.50 49.97 -8.68
CA PHE A 188 3.19 50.75 -9.70
C PHE A 188 2.54 50.65 -11.06
N ASN A 189 1.60 49.72 -11.26
CA ASN A 189 0.81 49.80 -12.49
C ASN A 189 -0.13 50.99 -12.43
N GLN A 190 -0.77 51.19 -11.28
CA GLN A 190 -1.64 52.35 -11.12
C GLN A 190 -0.84 53.62 -10.92
N LEU A 191 0.37 53.52 -10.36
CA LEU A 191 1.20 54.71 -10.18
C LEU A 191 1.75 55.19 -11.52
N ASN A 192 2.04 54.26 -12.43
CA ASN A 192 2.58 54.67 -13.72
C ASN A 192 1.47 54.83 -14.76
N LYS A 193 0.21 54.90 -14.32
CA LYS A 193 -0.87 55.08 -15.28
C LYS A 193 -1.39 56.52 -15.28
N CYS A 194 -1.57 57.14 -14.11
CA CYS A 194 -2.12 58.49 -14.09
C CYS A 194 -1.09 59.52 -14.55
N LYS A 195 0.19 59.17 -14.51
CA LYS A 195 1.19 59.98 -15.19
C LYS A 195 1.65 59.29 -16.45
N ILE A 272 -7.99 48.98 -24.18
CA ILE A 272 -9.43 48.77 -24.22
C ILE A 272 -9.75 47.34 -23.77
N ASN A 273 -8.96 46.38 -24.26
CA ASN A 273 -9.21 44.98 -23.97
C ASN A 273 -8.78 44.64 -22.54
N THR A 274 -9.59 43.86 -21.84
CA THR A 274 -9.25 43.45 -20.48
C THR A 274 -8.49 42.13 -20.46
N ASP A 275 -8.19 41.57 -21.63
CA ASP A 275 -7.57 40.25 -21.69
C ASP A 275 -6.05 40.36 -21.72
N ASN A 276 -5.53 41.44 -22.29
CA ASN A 276 -4.09 41.65 -22.35
C ASN A 276 -3.61 42.43 -21.13
N SER A 277 -2.41 42.11 -20.68
CA SER A 277 -1.85 42.77 -19.50
C SER A 277 -1.39 44.18 -19.86
N TYR A 278 -1.88 45.17 -19.11
CA TYR A 278 -1.42 46.54 -19.32
C TYR A 278 0.05 46.76 -18.95
N PRO A 279 0.65 46.08 -17.95
CA PRO A 279 2.12 46.11 -17.87
C PRO A 279 2.80 45.53 -19.09
N LEU A 280 2.22 44.50 -19.70
CA LEU A 280 2.80 43.99 -20.94
C LEU A 280 2.52 44.93 -22.10
N LEU A 281 1.30 45.49 -22.17
CA LEU A 281 0.94 46.35 -23.29
C LEU A 281 1.68 47.69 -23.22
N TYR A 282 2.01 48.17 -22.03
CA TYR A 282 2.88 49.33 -21.91
C TYR A 282 4.29 49.03 -22.40
N LEU A 283 4.72 47.78 -22.24
CA LEU A 283 6.09 47.42 -22.58
C LEU A 283 6.28 47.30 -24.09
N LEU A 284 5.34 46.64 -24.76
CA LEU A 284 5.46 46.48 -26.21
C LEU A 284 5.21 47.77 -26.95
N SER A 285 4.32 48.62 -26.43
CA SER A 285 4.10 49.93 -27.04
C SER A 285 5.32 50.83 -26.89
N LYS A 286 6.10 50.63 -25.83
CA LYS A 286 7.33 51.38 -25.67
C LYS A 286 8.38 50.94 -26.68
N GLU A 287 8.33 49.68 -27.10
CA GLU A 287 9.28 49.17 -28.07
C GLU A 287 8.85 49.50 -29.49
N LEU A 288 7.54 49.49 -29.74
CA LEU A 288 7.03 49.72 -31.10
C LEU A 288 6.72 51.19 -31.38
N ASN A 289 6.77 52.04 -30.36
CA ASN A 289 6.46 53.47 -30.43
C ASN A 289 5.07 53.70 -31.04
N CYS A 290 4.06 53.21 -30.32
CA CYS A 290 2.67 53.40 -30.68
C CYS A 290 1.86 53.35 -29.40
N LYS A 291 0.54 53.43 -29.54
CA LYS A 291 -0.31 53.30 -28.38
C LYS A 291 -0.44 51.82 -28.00
N GLU A 292 -0.78 51.58 -26.74
CA GLU A 292 -1.05 50.23 -26.28
C GLU A 292 -2.33 49.67 -26.87
N GLU A 293 -3.25 50.55 -27.27
CA GLU A 293 -4.51 50.12 -27.87
C GLU A 293 -4.33 49.67 -29.31
N ASP A 294 -3.16 49.96 -29.92
CA ASP A 294 -2.90 49.48 -31.27
C ASP A 294 -2.35 48.06 -31.27
N ILE A 295 -1.88 47.56 -30.13
CA ILE A 295 -1.35 46.20 -30.06
C ILE A 295 -2.52 45.22 -30.07
N LEU A 296 -2.60 44.41 -31.12
CA LEU A 296 -3.72 43.50 -31.29
C LEU A 296 -3.51 42.15 -30.65
N ASP A 297 -2.50 41.40 -31.09
CA ASP A 297 -2.15 40.11 -30.53
C ASP A 297 -0.74 39.78 -30.98
N PHE A 298 -0.09 38.86 -30.26
CA PHE A 298 1.32 38.65 -30.46
C PHE A 298 1.67 37.21 -30.11
N GLU A 299 2.73 36.70 -30.76
CA GLU A 299 3.32 35.43 -30.40
C GLU A 299 4.68 35.70 -29.80
N LEU A 300 4.72 35.83 -28.48
CA LEU A 300 5.93 36.21 -27.77
C LEU A 300 6.45 35.03 -26.98
N CYS A 301 7.78 34.90 -26.97
CA CYS A 301 8.46 33.83 -26.23
C CYS A 301 9.31 34.46 -25.16
N LEU A 302 9.25 33.92 -23.95
CA LEU A 302 10.10 34.38 -22.87
C LEU A 302 11.51 33.85 -23.10
N MET A 303 12.50 34.71 -22.95
CA MET A 303 13.89 34.31 -23.09
C MET A 303 14.65 34.79 -21.87
N ASP A 304 15.82 34.20 -21.65
CA ASP A 304 16.67 34.66 -20.55
C ASP A 304 17.56 35.80 -21.02
N THR A 305 17.53 36.91 -20.29
CA THR A 305 18.26 38.11 -20.69
C THR A 305 19.77 38.00 -20.53
N GLN A 306 20.25 36.98 -19.83
CA GLN A 306 21.68 36.81 -19.66
C GLN A 306 22.32 36.41 -20.98
N GLU A 307 23.34 37.17 -21.39
CA GLU A 307 24.00 36.91 -22.66
C GLU A 307 24.79 35.60 -22.58
N PRO A 308 24.86 34.86 -23.67
CA PRO A 308 25.74 33.69 -23.71
C PRO A 308 27.20 34.06 -23.57
N CYS A 309 27.98 33.14 -23.03
CA CYS A 309 29.37 33.45 -22.74
C CYS A 309 30.20 32.16 -22.74
N PHE A 310 31.49 32.33 -23.04
CA PHE A 310 32.47 31.27 -22.89
C PHE A 310 32.72 30.98 -21.42
N THR A 311 32.61 29.72 -21.03
CA THR A 311 32.78 29.33 -19.64
C THR A 311 33.82 28.23 -19.50
N GLY A 312 33.96 27.77 -18.27
CA GLY A 312 35.10 26.97 -17.87
C GLY A 312 36.25 27.86 -17.45
N VAL A 313 37.27 27.22 -16.87
CA VAL A 313 38.48 27.96 -16.50
C VAL A 313 39.23 28.39 -17.76
N TYR A 314 39.32 27.51 -18.73
CA TYR A 314 40.08 27.77 -19.95
C TYR A 314 39.23 28.40 -21.05
N GLU A 315 38.06 28.94 -20.71
CA GLU A 315 37.07 29.48 -21.64
C GLU A 315 36.74 28.48 -22.73
N GLU A 316 36.41 27.27 -22.29
CA GLU A 316 36.38 26.11 -23.16
C GLU A 316 35.00 25.60 -23.47
N PHE A 317 33.99 26.12 -22.81
CA PHE A 317 32.61 25.74 -23.08
C PHE A 317 31.86 26.92 -23.66
N ILE A 318 30.64 26.66 -24.11
CA ILE A 318 29.70 27.71 -24.48
C ILE A 318 28.38 27.40 -23.84
N GLU A 319 27.66 28.44 -23.42
CA GLU A 319 26.33 28.31 -22.85
C GLU A 319 25.68 29.68 -22.91
N GLY A 320 24.49 29.78 -23.49
CA GLY A 320 23.64 30.78 -22.92
C GLY A 320 22.17 30.50 -22.75
N ALA A 321 21.58 29.93 -23.79
CA ALA A 321 20.16 29.73 -23.95
C ALA A 321 19.96 29.09 -25.30
N ARG A 322 18.87 28.33 -25.43
CA ARG A 322 18.27 27.93 -26.70
C ARG A 322 19.23 27.10 -27.56
N PHE A 323 20.25 26.51 -26.94
CA PHE A 323 21.25 25.76 -27.70
C PHE A 323 20.73 24.46 -28.27
N ASP A 324 19.49 24.07 -27.96
CA ASP A 324 18.83 22.97 -28.65
C ASP A 324 18.54 23.44 -30.06
N ASN A 325 19.53 23.20 -30.92
CA ASN A 325 19.53 23.39 -32.36
C ASN A 325 19.33 24.83 -32.80
N LEU A 326 19.56 25.80 -31.94
CA LEU A 326 19.82 27.12 -32.48
C LEU A 326 21.32 27.34 -32.60
N LEU A 327 22.09 26.68 -31.74
CA LEU A 327 23.51 26.49 -32.00
C LEU A 327 23.72 25.48 -33.11
N GLY A 328 22.92 24.41 -33.12
CA GLY A 328 23.09 23.37 -34.11
C GLY A 328 22.69 23.80 -35.52
N SER A 329 21.62 24.59 -35.63
CA SER A 329 21.22 25.07 -36.95
C SER A 329 22.04 26.28 -37.38
N PHE A 330 22.76 26.91 -36.46
CA PHE A 330 23.80 27.83 -36.87
C PHE A 330 24.87 27.11 -37.67
N CYS A 331 25.34 25.96 -37.16
CA CYS A 331 26.32 25.15 -37.86
C CYS A 331 25.76 24.55 -39.15
N VAL A 332 24.44 24.40 -39.24
CA VAL A 332 23.84 24.00 -40.51
C VAL A 332 24.00 25.11 -41.54
N PHE A 333 23.75 26.35 -41.14
CA PHE A 333 23.84 27.45 -42.10
C PHE A 333 25.25 27.99 -42.21
N GLU A 334 26.05 27.91 -41.14
CA GLU A 334 27.45 28.29 -41.27
C GLU A 334 28.22 27.28 -42.10
N GLY A 335 27.85 26.01 -42.00
CA GLY A 335 28.40 25.01 -42.92
C GLY A 335 27.88 25.18 -44.33
N PHE A 336 26.69 25.77 -44.48
CA PHE A 336 26.13 26.02 -45.81
C PHE A 336 26.73 27.26 -46.43
N ILE A 337 27.01 28.28 -45.62
CA ILE A 337 27.61 29.51 -46.11
C ILE A 337 29.03 29.26 -46.60
N GLU A 338 29.79 28.44 -45.86
CA GLU A 338 31.15 28.12 -46.25
C GLU A 338 31.20 27.26 -47.49
N LEU A 339 30.14 26.49 -47.75
CA LEU A 339 30.04 25.75 -49.00
C LEU A 339 29.87 26.68 -50.18
N VAL A 340 28.89 27.59 -50.10
CA VAL A 340 28.58 28.50 -51.21
C VAL A 340 29.75 29.44 -51.46
N ASN A 341 30.44 29.85 -50.40
CA ASN A 341 31.65 30.64 -50.58
C ASN A 341 32.79 29.81 -51.17
N SER A 342 32.77 28.50 -50.98
CA SER A 342 33.76 27.66 -51.65
C SER A 342 33.39 27.40 -53.09
N ILE A 343 32.10 27.52 -53.43
CA ILE A 343 31.68 27.35 -54.82
C ILE A 343 31.93 28.63 -55.61
N LYS A 344 31.62 29.78 -55.02
CA LYS A 344 31.77 31.04 -55.75
C LYS A 344 33.23 31.47 -55.85
N ASN A 345 34.01 31.24 -54.79
CA ASN A 345 35.42 31.61 -54.85
C ASN A 345 36.26 30.49 -55.44
N HIS A 346 37.48 30.85 -55.87
CA HIS A 346 38.45 29.99 -56.54
C HIS A 346 37.87 29.35 -57.81
N THR A 347 37.00 30.08 -58.51
CA THR A 347 36.51 29.68 -59.83
C THR A 347 36.61 30.84 -60.81
N ASN A 363 36.23 19.10 -58.89
CA ASN A 363 35.78 20.47 -59.11
C ASN A 363 34.54 20.50 -60.01
N ASP A 364 34.27 19.37 -60.67
CA ASP A 364 33.10 19.30 -61.54
C ASP A 364 31.86 18.86 -60.79
N ASN A 365 32.02 18.12 -59.70
CA ASN A 365 30.87 17.57 -59.00
C ASN A 365 30.38 18.50 -57.90
N ILE A 366 31.13 19.57 -57.61
CA ILE A 366 30.66 20.54 -56.65
C ILE A 366 29.56 21.42 -57.24
N HIS A 367 29.54 21.60 -58.56
CA HIS A 367 28.51 22.37 -59.22
C HIS A 367 27.36 21.51 -59.71
N ASN A 368 27.22 20.31 -59.16
CA ASN A 368 26.38 19.27 -59.75
C ASN A 368 25.17 18.98 -58.89
N ASN A 369 25.02 19.71 -57.78
CA ASN A 369 24.04 19.36 -56.77
C ASN A 369 23.17 20.54 -56.42
N LEU A 370 22.05 20.24 -55.77
CA LEU A 370 21.18 21.23 -55.16
C LEU A 370 21.37 21.15 -53.66
N TYR A 371 22.07 22.12 -53.10
CA TYR A 371 22.38 22.14 -51.68
C TYR A 371 21.32 22.96 -50.97
N ILE A 372 20.45 22.30 -50.23
CA ILE A 372 19.37 22.95 -49.50
C ILE A 372 19.74 22.96 -48.03
N SER A 373 19.44 24.05 -47.34
CA SER A 373 19.67 24.18 -45.92
C SER A 373 18.43 24.79 -45.30
N ILE A 374 17.65 23.99 -44.58
CA ILE A 374 16.35 24.42 -44.10
C ILE A 374 16.31 24.38 -42.58
N GLY A 375 15.84 25.47 -42.00
CA GLY A 375 15.62 25.55 -40.58
C GLY A 375 14.15 25.45 -40.22
N TYR A 376 13.75 24.33 -39.65
CA TYR A 376 12.35 24.03 -39.42
C TYR A 376 11.85 24.73 -38.16
N ASP A 377 10.54 24.68 -38.00
CA ASP A 377 9.90 25.16 -36.79
C ASP A 377 9.12 24.03 -36.16
N HIS A 378 8.72 24.24 -34.91
CA HIS A 378 7.75 23.41 -34.19
C HIS A 378 8.23 21.98 -33.98
N GLU A 379 9.55 21.79 -33.87
CA GLU A 379 10.09 20.46 -33.59
C GLU A 379 9.72 19.98 -32.20
N GLU A 380 9.73 20.87 -31.21
CA GLU A 380 9.57 20.48 -29.82
C GLU A 380 8.18 19.93 -29.51
N ILE A 381 7.21 20.17 -30.40
CA ILE A 381 5.85 19.73 -30.21
C ILE A 381 5.45 18.65 -31.20
N GLY A 382 6.37 18.22 -32.05
CA GLY A 382 6.14 17.09 -32.93
C GLY A 382 6.05 17.39 -34.41
N SER A 383 6.40 18.61 -34.83
CA SER A 383 6.54 19.02 -36.24
C SER A 383 5.25 18.96 -37.04
N LEU A 384 4.10 18.76 -36.39
CA LEU A 384 2.83 18.74 -37.08
C LEU A 384 2.35 20.18 -37.18
N SER A 385 2.81 20.87 -38.22
CA SER A 385 2.48 22.27 -38.42
C SER A 385 2.64 22.62 -39.89
N GLU A 386 2.28 23.85 -40.24
CA GLU A 386 2.42 24.30 -41.62
C GLU A 386 3.86 24.66 -41.94
N VAL A 387 4.68 24.89 -40.91
CA VAL A 387 6.08 25.22 -41.08
C VAL A 387 6.97 24.16 -40.42
N GLY A 388 6.37 23.07 -39.97
CA GLY A 388 7.12 22.01 -39.34
C GLY A 388 7.77 21.09 -40.34
N ALA A 389 8.33 20.00 -39.82
CA ALA A 389 9.00 19.03 -40.68
C ALA A 389 8.00 18.12 -41.36
N ARG A 390 6.85 17.90 -40.73
CA ARG A 390 5.80 17.08 -41.34
C ARG A 390 4.98 17.85 -42.36
N SER A 391 5.30 19.13 -42.57
CA SER A 391 4.62 19.96 -43.54
C SER A 391 4.96 19.53 -44.96
N TYR A 392 4.14 19.98 -45.90
CA TYR A 392 4.43 19.86 -47.32
C TYR A 392 5.31 21.00 -47.82
N CYS A 393 5.84 21.84 -46.91
CA CYS A 393 6.56 23.04 -47.34
C CYS A 393 7.85 22.68 -48.04
N THR A 394 8.64 21.76 -47.47
CA THR A 394 9.93 21.40 -48.08
C THR A 394 9.73 20.58 -49.34
N LYS A 395 8.73 19.71 -49.35
CA LYS A 395 8.48 18.89 -50.52
C LYS A 395 7.96 19.73 -51.69
N ASN A 396 7.20 20.78 -51.38
CA ASN A 396 6.79 21.67 -52.46
C ASN A 396 7.91 22.61 -52.86
N PHE A 397 8.87 22.89 -51.96
CA PHE A 397 9.98 23.75 -52.32
C PHE A 397 10.88 23.08 -53.35
N ILE A 398 11.17 21.79 -53.16
CA ILE A 398 12.00 21.07 -54.12
C ILE A 398 11.26 20.88 -55.43
N ASP A 399 9.95 20.66 -55.38
CA ASP A 399 9.16 20.54 -56.61
C ASP A 399 8.95 21.88 -57.28
N ARG A 400 9.24 22.98 -56.58
CA ARG A 400 9.26 24.29 -57.23
C ARG A 400 10.64 24.63 -57.76
N ILE A 401 11.70 24.11 -57.12
CA ILE A 401 13.05 24.32 -57.65
C ILE A 401 13.25 23.51 -58.92
N ILE A 402 12.80 22.25 -58.90
CA ILE A 402 12.91 21.37 -60.07
C ILE A 402 12.08 21.90 -61.23
N SER A 403 10.90 22.45 -60.93
CA SER A 403 10.05 22.99 -61.98
C SER A 403 10.58 24.30 -62.56
N SER A 404 11.32 25.08 -61.77
CA SER A 404 11.78 26.38 -62.25
C SER A 404 13.15 26.29 -62.89
N VAL A 405 14.00 25.40 -62.37
CA VAL A 405 15.32 25.20 -62.98
C VAL A 405 15.17 24.44 -64.28
N PHE A 406 14.47 23.31 -64.25
CA PHE A 406 14.23 22.53 -65.46
C PHE A 406 12.88 22.90 -66.07
N LYS A 407 12.69 24.20 -66.27
CA LYS A 407 11.46 24.67 -66.88
C LYS A 407 11.45 24.35 -68.37
N LYS A 408 12.63 24.36 -68.99
CA LYS A 408 12.69 24.23 -70.43
C LYS A 408 12.78 22.76 -70.86
N GLU A 409 13.28 21.88 -69.99
CA GLU A 409 13.43 20.50 -70.43
C GLU A 409 12.22 19.62 -70.10
N ILE A 410 11.24 20.14 -69.35
CA ILE A 410 9.98 19.43 -69.18
C ILE A 410 9.22 19.35 -70.50
N HIS A 411 9.19 20.46 -71.24
CA HIS A 411 8.33 20.63 -72.40
C HIS A 411 8.73 19.77 -73.60
N GLU A 412 10.03 19.59 -73.85
CA GLU A 412 10.46 19.13 -75.17
C GLU A 412 11.12 17.75 -75.12
N LYS A 413 11.41 17.23 -73.92
CA LYS A 413 11.66 15.80 -73.82
C LYS A 413 10.69 15.12 -72.86
N ASN A 414 9.60 15.80 -72.50
CA ASN A 414 8.37 15.20 -71.95
C ASN A 414 8.59 14.54 -70.59
N LEU A 415 9.52 15.10 -69.83
CA LEU A 415 9.74 14.67 -68.46
C LEU A 415 8.66 15.25 -67.55
N SER A 416 8.54 14.67 -66.36
CA SER A 416 7.64 15.14 -65.34
C SER A 416 8.44 15.56 -64.11
N VAL A 417 7.77 16.24 -63.17
CA VAL A 417 8.44 16.64 -61.94
C VAL A 417 8.75 15.43 -61.08
N GLN A 418 7.79 14.51 -60.93
CA GLN A 418 7.99 13.34 -60.10
C GLN A 418 8.95 12.35 -60.73
N GLU A 419 9.06 12.33 -62.06
CA GLU A 419 10.13 11.60 -62.72
C GLU A 419 11.49 12.20 -62.41
N ILE A 420 11.60 13.52 -62.42
CA ILE A 420 12.88 14.16 -62.17
C ILE A 420 13.19 14.15 -60.68
N TYR A 421 12.17 14.31 -59.84
CA TYR A 421 12.40 14.31 -58.40
C TYR A 421 12.79 12.93 -57.90
N GLY A 422 12.12 11.88 -58.38
CA GLY A 422 12.51 10.53 -58.02
C GLY A 422 13.81 10.10 -58.65
N ASN A 423 14.27 10.79 -59.68
CA ASN A 423 15.58 10.52 -60.24
C ASN A 423 16.67 11.03 -59.32
N LEU A 424 16.48 12.20 -58.72
CA LEU A 424 17.47 12.80 -57.85
C LEU A 424 17.39 12.27 -56.42
N VAL A 425 16.33 11.53 -56.08
CA VAL A 425 16.17 11.01 -54.72
C VAL A 425 17.11 9.85 -54.45
N ASN A 426 17.52 9.12 -55.50
CA ASN A 426 18.47 8.03 -55.33
C ASN A 426 19.86 8.53 -54.95
N ARG A 427 20.21 9.75 -55.34
CA ARG A 427 21.51 10.34 -55.04
C ARG A 427 21.40 11.36 -53.92
N SER A 428 20.22 11.48 -53.33
CA SER A 428 19.94 12.51 -52.35
C SER A 428 20.34 12.05 -50.95
N PHE A 429 20.39 13.01 -50.04
CA PHE A 429 20.69 12.73 -48.64
C PHE A 429 20.12 13.82 -47.76
N ILE A 430 19.88 13.47 -46.50
CA ILE A 430 19.39 14.39 -45.49
C ILE A 430 20.37 14.35 -44.32
N LEU A 431 20.88 15.51 -43.93
CA LEU A 431 21.77 15.63 -42.78
C LEU A 431 21.01 16.34 -41.69
N ASN A 432 20.34 15.59 -40.83
CA ASN A 432 19.59 16.21 -39.74
C ASN A 432 20.54 16.49 -38.60
N VAL A 433 20.56 17.74 -38.17
CA VAL A 433 21.44 18.19 -37.10
C VAL A 433 20.57 18.62 -35.93
N ASP A 434 20.72 17.94 -34.80
CA ASP A 434 20.08 18.29 -33.55
C ASP A 434 20.98 17.81 -32.43
N MET A 435 20.95 18.51 -31.30
CA MET A 435 21.89 18.29 -30.23
C MET A 435 21.69 16.93 -29.59
N ALA A 436 22.75 16.45 -28.95
CA ALA A 436 22.78 15.12 -28.37
C ALA A 436 23.25 15.20 -26.93
N HIS A 437 23.00 14.11 -26.21
CA HIS A 437 23.22 14.08 -24.76
C HIS A 437 24.66 13.70 -24.48
N CYS A 438 25.45 14.66 -23.99
CA CYS A 438 26.78 14.34 -23.50
C CYS A 438 26.68 13.47 -22.26
N SER A 439 27.75 12.71 -22.00
CA SER A 439 27.76 11.84 -20.83
C SER A 439 27.82 12.68 -19.57
N HIS A 440 26.72 12.68 -18.83
CA HIS A 440 26.62 13.46 -17.61
C HIS A 440 27.44 12.79 -16.53
N PRO A 441 28.37 13.50 -15.89
CA PRO A 441 29.15 12.85 -14.82
C PRO A 441 28.35 12.61 -13.56
N ASN A 442 27.31 13.39 -13.32
CA ASN A 442 26.54 13.24 -12.09
C ASN A 442 25.41 12.23 -12.24
N TYR A 443 25.18 11.73 -13.46
CA TYR A 443 24.14 10.76 -13.74
C TYR A 443 24.72 9.63 -14.57
N PRO A 444 25.48 8.71 -13.98
CA PRO A 444 26.07 7.62 -14.77
C PRO A 444 25.11 6.48 -15.08
N GLU A 445 23.89 6.52 -14.55
CA GLU A 445 22.91 5.46 -14.78
C GLU A 445 22.04 5.72 -15.99
N THR A 446 22.12 6.89 -16.60
CA THR A 446 21.32 7.22 -17.77
C THR A 446 22.13 7.18 -19.06
N VAL A 447 23.34 6.64 -19.03
CA VAL A 447 24.21 6.62 -20.20
C VAL A 447 24.43 5.18 -20.62
N GLN A 448 24.57 4.97 -21.92
CA GLN A 448 25.02 3.70 -22.44
C GLN A 448 26.48 3.51 -22.08
N ASP A 449 26.93 2.26 -21.98
CA ASP A 449 28.31 2.02 -21.59
C ASP A 449 29.25 2.28 -22.77
N ASN A 450 28.92 1.76 -23.94
CA ASN A 450 29.81 1.87 -25.10
C ASN A 450 29.57 3.13 -25.91
N HIS A 451 28.33 3.55 -26.06
CA HIS A 451 27.97 4.72 -26.85
C HIS A 451 27.88 5.91 -25.91
N GLN A 452 29.03 6.50 -25.60
CA GLN A 452 29.10 7.66 -24.73
C GLN A 452 29.53 8.85 -25.55
N LEU A 453 29.13 10.04 -25.12
CA LEU A 453 29.51 11.28 -25.77
C LEU A 453 30.26 12.13 -24.76
N PHE A 454 31.43 12.63 -25.17
CA PHE A 454 32.17 13.54 -24.32
C PHE A 454 32.43 14.84 -25.07
N PHE A 455 32.73 15.88 -24.30
CA PHE A 455 32.99 17.18 -24.89
C PHE A 455 34.30 17.18 -25.64
N HIS A 456 34.35 17.97 -26.72
CA HIS A 456 35.47 18.11 -27.65
C HIS A 456 35.91 16.78 -28.26
N GLU A 457 35.03 15.79 -28.32
CA GLU A 457 35.44 14.48 -28.80
C GLU A 457 34.95 14.23 -30.21
N GLY A 458 34.03 15.06 -30.69
CA GLY A 458 33.62 15.01 -32.06
C GLY A 458 32.11 15.15 -32.18
N ILE A 459 31.65 15.04 -33.43
CA ILE A 459 30.21 15.04 -33.72
C ILE A 459 29.61 13.75 -33.17
N ALA A 460 28.43 13.87 -32.57
CA ALA A 460 27.66 12.67 -32.32
C ALA A 460 27.08 12.16 -33.63
N ILE A 461 26.97 10.85 -33.75
CA ILE A 461 26.22 10.23 -34.83
C ILE A 461 25.15 9.40 -34.13
N LYS A 462 23.95 9.94 -34.06
CA LYS A 462 22.94 9.39 -33.19
C LYS A 462 22.21 8.23 -33.84
N TYR A 463 22.37 7.04 -33.27
CA TYR A 463 21.66 5.85 -33.72
C TYR A 463 20.50 5.59 -32.78
N ASN A 464 19.53 4.81 -33.24
CA ASN A 464 18.41 4.46 -32.39
C ASN A 464 17.88 3.08 -32.73
N THR A 465 17.25 2.47 -31.72
CA THR A 465 16.50 1.23 -31.91
C THR A 465 15.31 1.44 -32.83
N ASN A 466 14.43 2.37 -32.47
CA ASN A 466 13.13 2.54 -33.09
C ASN A 466 13.14 3.55 -34.23
N LYS A 467 14.33 3.91 -34.73
CA LYS A 467 14.55 4.95 -35.74
C LYS A 467 13.91 6.28 -35.35
N ASN A 468 13.98 6.64 -34.07
CA ASN A 468 13.74 8.03 -33.69
C ASN A 468 14.79 8.94 -34.30
N TYR A 469 16.01 8.45 -34.43
CA TYR A 469 17.03 9.05 -35.28
C TYR A 469 17.13 8.23 -36.56
N VAL A 470 17.25 8.92 -37.70
CA VAL A 470 17.14 8.25 -39.00
C VAL A 470 18.45 7.63 -39.45
N THR A 471 19.46 7.60 -38.58
CA THR A 471 20.76 7.06 -38.96
C THR A 471 20.72 5.56 -39.19
N SER A 472 21.02 5.16 -40.41
CA SER A 472 21.26 3.78 -40.78
C SER A 472 22.76 3.54 -40.87
N PRO A 473 23.23 2.35 -40.53
CA PRO A 473 24.68 2.09 -40.56
C PRO A 473 25.31 2.11 -41.94
N LEU A 474 24.53 2.00 -43.02
CA LEU A 474 25.07 2.28 -44.34
C LEU A 474 25.28 3.77 -44.50
N HIS A 475 24.29 4.57 -44.14
CA HIS A 475 24.28 5.96 -44.50
C HIS A 475 25.12 6.81 -43.57
N ALA A 476 25.52 6.26 -42.42
CA ALA A 476 26.56 6.90 -41.64
C ALA A 476 27.94 6.52 -42.14
N SER A 477 28.05 5.39 -42.84
CA SER A 477 29.35 5.00 -43.39
C SER A 477 29.74 5.87 -44.57
N LEU A 478 28.76 6.42 -45.28
CA LEU A 478 29.07 7.37 -46.34
C LEU A 478 29.52 8.70 -45.77
N ILE A 479 28.93 9.11 -44.64
CA ILE A 479 29.24 10.41 -44.07
C ILE A 479 30.59 10.37 -43.35
N LYS A 480 30.94 9.23 -42.76
CA LYS A 480 32.27 9.08 -42.18
C LYS A 480 33.35 9.06 -43.25
N ARG A 481 32.99 8.70 -44.49
CA ARG A 481 33.95 8.80 -45.58
C ARG A 481 34.01 10.20 -46.17
N THR A 482 32.96 11.01 -45.97
CA THR A 482 33.08 12.42 -46.29
C THR A 482 33.96 13.13 -45.28
N PHE A 483 34.01 12.61 -44.04
CA PHE A 483 34.91 13.19 -43.05
C PHE A 483 36.35 12.79 -43.33
N GLU A 484 36.55 11.66 -43.99
CA GLU A 484 37.90 11.24 -44.35
C GLU A 484 38.39 11.93 -45.60
N LEU A 485 37.49 12.27 -46.52
CA LEU A 485 37.88 13.06 -47.68
C LEU A 485 38.15 14.50 -47.29
N TYR A 486 37.57 14.97 -46.18
CA TYR A 486 37.94 16.27 -45.64
C TYR A 486 39.36 16.24 -45.07
N TYR A 487 39.74 15.12 -44.46
CA TYR A 487 41.06 15.04 -43.86
C TYR A 487 42.16 14.95 -44.91
N ASN A 488 41.84 14.42 -46.09
CA ASN A 488 42.84 14.30 -47.13
C ASN A 488 43.11 15.62 -47.84
N LYS A 489 42.15 16.55 -47.79
CA LYS A 489 42.30 17.81 -48.51
C LYS A 489 42.70 18.95 -47.59
N TYR A 490 42.10 19.04 -46.41
CA TYR A 490 42.31 20.17 -45.52
C TYR A 490 43.24 19.85 -44.37
N LYS A 491 43.62 18.58 -44.20
CA LYS A 491 44.54 18.09 -43.16
C LYS A 491 44.06 18.44 -41.76
N GLN A 492 42.74 18.46 -41.58
CA GLN A 492 42.12 18.76 -40.30
C GLN A 492 41.08 17.68 -40.05
N GLN A 493 41.30 16.89 -39.01
CA GLN A 493 40.45 15.73 -38.75
C GLN A 493 39.11 16.16 -38.19
N ILE A 494 38.04 15.65 -38.78
CA ILE A 494 36.69 15.79 -38.25
C ILE A 494 36.43 14.56 -37.39
N LYS A 495 36.44 14.75 -36.09
CA LYS A 495 36.24 13.65 -35.16
C LYS A 495 34.75 13.36 -35.05
N TYR A 496 34.42 12.12 -34.79
CA TYR A 496 33.03 11.69 -34.62
C TYR A 496 32.96 10.65 -33.54
N GLN A 497 31.76 10.41 -33.04
CA GLN A 497 31.52 9.41 -32.01
C GLN A 497 30.09 8.95 -32.11
N ASN A 498 29.87 7.65 -32.05
CA ASN A 498 28.53 7.12 -32.20
C ASN A 498 27.76 7.25 -30.89
N PHE A 499 26.51 7.70 -31.01
CA PHE A 499 25.66 7.88 -29.85
C PHE A 499 24.43 7.00 -29.97
N MET A 500 24.10 6.32 -28.89
CA MET A 500 22.94 5.46 -28.82
C MET A 500 22.42 5.45 -27.40
N VAL A 501 21.12 5.66 -27.27
CA VAL A 501 20.47 5.65 -25.96
C VAL A 501 20.31 4.20 -25.54
N LYS A 502 20.12 3.97 -24.24
CA LYS A 502 19.94 2.63 -23.72
C LYS A 502 18.66 2.01 -24.26
N ASN A 503 18.62 0.67 -24.26
CA ASN A 503 17.48 -0.04 -24.83
C ASN A 503 16.24 0.11 -23.97
N ASP A 504 16.39 0.19 -22.65
CA ASP A 504 15.23 0.31 -21.78
C ASP A 504 14.72 1.75 -21.72
N THR A 505 15.61 2.74 -21.74
CA THR A 505 15.14 4.11 -21.67
C THR A 505 14.63 4.57 -23.04
N PRO A 506 13.56 5.35 -23.08
CA PRO A 506 13.14 5.96 -24.33
C PRO A 506 13.87 7.27 -24.56
N CYS A 507 13.88 7.70 -25.82
CA CYS A 507 14.50 8.96 -26.19
C CYS A 507 13.56 9.73 -27.10
N GLY A 508 13.73 11.05 -27.14
CA GLY A 508 12.86 11.87 -27.96
C GLY A 508 13.22 11.76 -29.43
N SER A 509 12.18 11.68 -30.25
CA SER A 509 12.37 11.61 -31.68
C SER A 509 12.75 12.99 -32.23
N THR A 510 13.42 12.98 -33.37
CA THR A 510 13.83 14.20 -34.04
C THR A 510 13.16 14.27 -35.40
N VAL A 511 13.54 15.28 -36.18
CA VAL A 511 12.98 15.49 -37.51
C VAL A 511 13.76 14.76 -38.57
N GLY A 512 14.63 13.84 -38.18
CA GLY A 512 15.37 13.07 -39.17
C GLY A 512 14.46 12.16 -39.97
N SER A 513 13.69 11.33 -39.29
CA SER A 513 12.82 10.39 -39.99
C SER A 513 11.54 11.06 -40.46
N MET A 514 11.22 12.25 -39.95
CA MET A 514 10.04 12.96 -40.43
C MET A 514 10.26 13.47 -41.84
N VAL A 515 11.41 14.10 -42.10
CA VAL A 515 11.67 14.63 -43.43
C VAL A 515 12.12 13.52 -44.37
N ALA A 516 12.76 12.48 -43.83
CA ALA A 516 13.15 11.36 -44.68
C ALA A 516 11.94 10.57 -45.16
N ALA A 517 10.82 10.63 -44.45
CA ALA A 517 9.60 10.03 -44.96
C ALA A 517 8.91 10.97 -45.94
N ASN A 518 8.94 12.27 -45.67
CA ASN A 518 8.25 13.23 -46.53
C ASN A 518 8.95 13.37 -47.88
N LEU A 519 10.28 13.24 -47.89
CA LEU A 519 11.05 13.45 -49.11
C LEU A 519 11.57 12.17 -49.72
N SER A 520 11.43 11.03 -49.02
CA SER A 520 11.89 9.71 -49.46
C SER A 520 13.39 9.66 -49.71
N MET A 521 14.13 10.47 -48.95
CA MET A 521 15.58 10.55 -49.07
C MET A 521 16.23 9.84 -47.89
N PRO A 522 17.36 9.17 -48.10
CA PRO A 522 18.08 8.59 -46.97
C PRO A 522 18.67 9.67 -46.09
N GLY A 523 18.92 9.31 -44.83
CA GLY A 523 19.27 10.32 -43.85
C GLY A 523 20.24 9.84 -42.81
N ILE A 524 20.64 10.79 -41.96
CA ILE A 524 21.49 10.57 -40.81
C ILE A 524 21.08 11.61 -39.77
N ASP A 525 21.33 11.31 -38.51
CA ASP A 525 21.12 12.24 -37.42
C ASP A 525 22.44 12.51 -36.71
N ILE A 526 23.05 13.64 -37.00
CA ILE A 526 24.26 14.03 -36.29
C ILE A 526 23.93 15.18 -35.36
N GLY A 527 24.92 15.57 -34.57
CA GLY A 527 24.75 16.67 -33.65
C GLY A 527 25.93 16.72 -32.72
N ILE A 528 25.93 17.71 -31.84
CA ILE A 528 27.07 17.86 -30.96
C ILE A 528 26.63 17.59 -29.52
N PRO A 529 27.48 16.98 -28.69
CA PRO A 529 27.07 16.66 -27.33
C PRO A 529 26.94 17.92 -26.48
N GLN A 530 25.82 18.00 -25.75
CA GLN A 530 25.62 19.10 -24.82
C GLN A 530 25.00 18.54 -23.56
N LEU A 531 25.21 19.23 -22.45
CA LEU A 531 24.56 18.87 -21.20
C LEU A 531 23.39 19.81 -20.93
N ALA A 532 22.42 19.29 -20.18
CA ALA A 532 21.18 19.98 -19.78
C ALA A 532 20.40 20.46 -21.01
N MET A 533 20.16 19.54 -21.93
CA MET A 533 19.34 19.81 -23.11
C MET A 533 17.91 20.09 -22.68
N HIS A 534 17.24 20.96 -23.45
CA HIS A 534 15.89 21.48 -23.18
C HIS A 534 15.80 22.25 -21.88
N SER A 535 16.89 22.88 -21.47
CA SER A 535 16.86 23.76 -20.32
C SER A 535 17.17 25.20 -20.76
N ILE A 536 17.07 26.11 -19.80
CA ILE A 536 17.23 27.53 -20.14
C ILE A 536 18.71 27.87 -20.31
N ARG A 537 19.60 27.10 -19.68
CA ARG A 537 21.03 27.21 -19.95
C ARG A 537 21.58 25.83 -20.28
N GLU A 538 22.17 25.71 -21.46
CA GLU A 538 22.69 24.46 -21.97
C GLU A 538 24.17 24.65 -22.31
N ILE A 539 25.02 23.81 -21.74
CA ILE A 539 26.46 23.94 -21.92
C ILE A 539 26.90 23.01 -23.04
N ALA A 540 27.85 23.47 -23.85
CA ALA A 540 28.36 22.73 -24.99
C ALA A 540 29.82 23.08 -25.19
N ALA A 541 30.52 22.28 -25.98
CA ALA A 541 31.95 22.45 -26.16
C ALA A 541 32.27 23.20 -27.46
N VAL A 542 33.39 23.93 -27.45
CA VAL A 542 33.68 24.81 -28.59
C VAL A 542 34.42 24.05 -29.69
N HIS A 543 35.04 22.92 -29.37
CA HIS A 543 35.60 22.11 -30.46
C HIS A 543 34.51 21.38 -31.22
N ASP A 544 33.40 21.09 -30.57
CA ASP A 544 32.31 20.44 -31.27
C ASP A 544 31.63 21.38 -32.26
N VAL A 545 31.66 22.68 -31.98
CA VAL A 545 31.12 23.65 -32.93
C VAL A 545 32.00 23.72 -34.17
N PHE A 546 33.31 23.54 -34.01
CA PHE A 546 34.18 23.46 -35.17
C PHE A 546 33.93 22.18 -35.96
N PHE A 547 33.73 21.06 -35.25
CA PHE A 547 33.55 19.79 -35.95
C PHE A 547 32.20 19.72 -36.65
N LEU A 548 31.19 20.39 -36.10
CA LEU A 548 29.89 20.38 -36.74
C LEU A 548 29.86 21.25 -37.99
N ILE A 549 30.48 22.43 -37.93
CA ILE A 549 30.52 23.32 -39.08
C ILE A 549 31.33 22.70 -40.20
N LYS A 550 32.44 22.05 -39.87
CA LYS A 550 33.20 21.34 -40.89
C LYS A 550 32.51 20.03 -41.26
N GLY A 551 31.67 19.49 -40.38
CA GLY A 551 30.96 18.26 -40.69
C GLY A 551 29.85 18.46 -41.69
N VAL A 552 29.10 19.56 -41.59
CA VAL A 552 28.10 19.88 -42.60
C VAL A 552 28.78 20.26 -43.91
N PHE A 553 29.93 20.91 -43.81
CA PHE A 553 30.66 21.32 -45.01
C PHE A 553 31.27 20.13 -45.73
N ALA A 554 31.69 19.10 -44.98
CA ALA A 554 32.26 17.93 -45.63
C ALA A 554 31.18 17.06 -46.27
N PHE A 555 29.99 17.02 -45.67
CA PHE A 555 28.87 16.32 -46.30
C PHE A 555 28.42 17.03 -47.56
N TYR A 556 28.45 18.37 -47.57
CA TYR A 556 28.11 19.14 -48.75
C TYR A 556 29.13 18.94 -49.87
N THR A 557 30.42 18.95 -49.52
CA THR A 557 31.45 18.94 -50.54
C THR A 557 31.69 17.55 -51.12
N TYR A 558 31.67 16.53 -50.27
CA TYR A 558 32.23 15.25 -50.63
C TYR A 558 31.24 14.10 -50.60
N TYR A 559 29.94 14.35 -50.68
CA TYR A 559 29.00 13.23 -50.62
C TYR A 559 28.98 12.46 -51.93
N ASN A 560 28.96 13.17 -53.07
CA ASN A 560 28.87 12.47 -54.35
C ASN A 560 30.20 11.84 -54.74
N GLN A 561 31.29 12.28 -54.14
CA GLN A 561 32.56 11.59 -54.34
C GLN A 561 32.56 10.25 -53.60
N VAL A 562 31.90 10.19 -52.44
CA VAL A 562 31.74 8.92 -51.74
C VAL A 562 30.69 8.06 -52.42
N LEU A 563 29.57 8.68 -52.84
CA LEU A 563 28.45 7.93 -53.40
C LEU A 563 28.79 7.32 -54.75
N SER A 564 29.71 7.92 -55.49
CA SER A 564 30.14 7.34 -56.76
C SER A 564 30.98 6.07 -56.56
N THR A 565 31.62 5.93 -55.42
CA THR A 565 32.47 4.77 -55.15
C THR A 565 31.71 3.61 -54.50
N CYS A 566 30.44 3.78 -54.17
CA CYS A 566 29.67 2.68 -53.63
C CYS A 566 29.18 1.77 -54.75
N VAL A 567 29.48 0.49 -54.64
CA VAL A 567 28.98 -0.52 -55.56
C VAL A 567 28.08 -1.48 -54.79
N HIS A 568 26.81 -1.54 -55.19
CA HIS A 568 25.89 -2.51 -54.65
C HIS A 568 25.94 -3.77 -55.50
N ASP A 569 25.22 -4.80 -55.08
CA ASP A 569 25.15 -6.01 -55.89
C ASP A 569 24.02 -5.91 -56.91
N MET B 1 -31.01 39.30 -34.66
CA MET B 1 -30.31 38.03 -34.79
C MET B 1 -31.10 36.89 -34.14
N ASP B 2 -31.98 37.25 -33.21
CA ASP B 2 -32.80 36.27 -32.52
C ASP B 2 -33.59 35.41 -33.50
N LYS B 3 -34.12 36.04 -34.54
CA LYS B 3 -34.90 35.34 -35.55
C LYS B 3 -33.99 34.55 -36.47
N LYS B 4 -32.85 35.13 -36.85
CA LYS B 4 -31.93 34.46 -37.75
C LYS B 4 -31.11 33.39 -37.03
N ALA B 5 -30.89 33.56 -35.73
CA ALA B 5 -30.19 32.52 -34.98
C ALA B 5 -31.06 31.31 -34.75
N ARG B 6 -32.37 31.52 -34.56
CA ARG B 6 -33.28 30.39 -34.43
C ARG B 6 -33.53 29.72 -35.76
N GLU B 7 -33.55 30.50 -36.85
CA GLU B 7 -33.73 29.92 -38.18
C GLU B 7 -32.51 29.13 -38.61
N TYR B 8 -31.33 29.55 -38.19
CA TYR B 8 -30.12 28.79 -38.47
C TYR B 8 -30.07 27.50 -37.67
N ALA B 9 -30.47 27.56 -36.40
CA ALA B 9 -30.50 26.35 -35.59
C ALA B 9 -31.65 25.45 -35.98
N GLN B 10 -32.69 25.99 -36.60
CA GLN B 10 -33.78 25.15 -37.08
C GLN B 10 -33.32 24.27 -38.23
N ASP B 11 -32.60 24.83 -39.19
CA ASP B 11 -32.13 24.04 -40.33
C ASP B 11 -31.02 23.08 -39.91
N ALA B 12 -30.24 23.44 -38.89
CA ALA B 12 -29.27 22.50 -38.33
C ALA B 12 -29.98 21.34 -37.66
N LEU B 13 -31.13 21.59 -37.06
CA LEU B 13 -31.91 20.54 -36.43
C LEU B 13 -32.78 19.80 -37.45
N LYS B 14 -32.82 20.28 -38.69
CA LYS B 14 -33.29 19.43 -39.77
C LYS B 14 -32.16 18.61 -40.36
N PHE B 15 -30.93 19.12 -40.31
CA PHE B 15 -29.79 18.40 -40.86
C PHE B 15 -29.42 17.20 -39.99
N ILE B 16 -29.03 17.44 -38.73
CA ILE B 16 -29.10 16.41 -37.71
C ILE B 16 -30.57 16.02 -37.55
N GLN B 17 -30.81 14.74 -37.17
CA GLN B 17 -32.03 13.91 -37.23
C GLN B 17 -32.28 13.38 -38.64
N ARG B 18 -31.55 13.85 -39.63
CA ARG B 18 -31.41 13.14 -40.89
C ARG B 18 -29.99 12.64 -41.10
N SER B 19 -29.04 13.21 -40.37
CA SER B 19 -27.63 12.86 -40.46
C SER B 19 -27.29 11.95 -39.29
N GLY B 20 -27.70 10.70 -39.38
CA GLY B 20 -27.48 9.79 -38.28
C GLY B 20 -26.12 9.16 -38.20
N SER B 21 -25.29 9.33 -39.22
CA SER B 21 -23.97 8.70 -39.24
C SER B 21 -23.06 9.56 -40.10
N ASN B 22 -21.90 9.01 -40.44
CA ASN B 22 -20.99 9.73 -41.32
C ASN B 22 -21.36 9.58 -42.78
N PHE B 23 -22.14 8.53 -43.11
CA PHE B 23 -22.55 8.34 -44.49
C PHE B 23 -23.70 9.27 -44.85
N LEU B 24 -24.69 9.39 -43.97
CA LEU B 24 -25.79 10.29 -44.22
C LEU B 24 -25.40 11.73 -43.96
N ALA B 25 -24.24 11.96 -43.36
CA ALA B 25 -23.69 13.30 -43.31
C ALA B 25 -23.15 13.72 -44.67
N CYS B 26 -22.48 12.81 -45.38
CA CYS B 26 -22.04 13.11 -46.72
C CYS B 26 -23.22 13.20 -47.67
N LYS B 27 -24.25 12.38 -47.44
CA LYS B 27 -25.40 12.34 -48.35
C LYS B 27 -26.26 13.58 -48.23
N ASN B 28 -26.56 14.00 -47.00
CA ASN B 28 -27.45 15.13 -46.82
C ASN B 28 -26.76 16.46 -47.11
N LEU B 29 -25.44 16.53 -46.92
CA LEU B 29 -24.71 17.74 -47.31
C LEU B 29 -24.58 17.84 -48.82
N LYS B 30 -24.41 16.70 -49.49
CA LYS B 30 -24.37 16.69 -50.95
C LYS B 30 -25.73 17.02 -51.53
N GLU B 31 -26.80 16.60 -50.86
CA GLU B 31 -28.14 17.05 -51.24
C GLU B 31 -28.35 18.51 -50.91
N ARG B 32 -27.73 19.00 -49.84
CA ARG B 32 -27.87 20.41 -49.48
C ARG B 32 -27.08 21.30 -50.44
N LEU B 33 -25.95 20.81 -50.93
CA LEU B 33 -25.17 21.59 -51.89
C LEU B 33 -25.77 21.54 -53.28
N GLU B 34 -26.37 20.40 -53.66
CA GLU B 34 -26.96 20.28 -54.98
C GLU B 34 -28.25 21.07 -55.13
N ASN B 35 -28.88 21.47 -54.03
CA ASN B 35 -30.06 22.32 -54.11
C ASN B 35 -29.72 23.73 -54.54
N ASN B 36 -28.49 24.18 -54.29
CA ASN B 36 -28.09 25.51 -54.72
C ASN B 36 -27.55 25.51 -56.14
N GLY B 37 -27.43 24.35 -56.77
CA GLY B 37 -26.96 24.26 -58.13
C GLY B 37 -25.54 23.79 -58.31
N PHE B 38 -24.99 23.09 -57.32
CA PHE B 38 -23.62 22.62 -57.43
C PHE B 38 -23.53 21.43 -58.37
N ILE B 39 -22.58 21.48 -59.30
CA ILE B 39 -22.41 20.40 -60.25
C ILE B 39 -21.74 19.21 -59.56
N ASN B 40 -22.50 18.14 -59.39
CA ASN B 40 -22.01 16.93 -58.74
C ASN B 40 -21.12 16.18 -59.70
N LEU B 41 -19.82 16.24 -59.48
CA LEU B 41 -18.87 15.54 -60.32
C LEU B 41 -18.27 14.39 -59.54
N SER B 42 -18.02 13.28 -60.23
CA SER B 42 -17.47 12.08 -59.62
C SER B 42 -15.96 12.09 -59.79
N GLU B 43 -15.28 11.36 -58.91
CA GLU B 43 -13.83 11.29 -58.93
C GLU B 43 -13.32 10.46 -60.11
N GLY B 44 -14.19 9.65 -60.70
CA GLY B 44 -13.71 8.63 -61.60
C GLY B 44 -13.82 8.97 -63.07
N GLU B 45 -14.54 10.04 -63.41
CA GLU B 45 -14.70 10.29 -64.85
C GLU B 45 -13.56 11.12 -65.46
N THR B 46 -13.56 12.43 -65.23
CA THR B 46 -12.67 13.45 -65.79
C THR B 46 -13.14 14.76 -65.18
N TRP B 47 -12.21 15.67 -64.90
CA TRP B 47 -12.56 16.96 -64.31
C TRP B 47 -12.39 18.05 -65.35
N ASN B 48 -13.50 18.60 -65.84
CA ASN B 48 -13.50 19.78 -66.72
C ASN B 48 -14.17 20.89 -65.92
N LEU B 49 -13.39 21.57 -65.11
CA LEU B 49 -13.94 22.60 -64.23
C LEU B 49 -14.04 23.93 -64.95
N ASN B 50 -15.03 24.72 -64.54
CA ASN B 50 -15.30 26.01 -65.15
C ASN B 50 -15.21 27.08 -64.09
N LYS B 51 -15.01 28.32 -64.53
CA LYS B 51 -15.12 29.46 -63.62
C LYS B 51 -16.59 29.67 -63.25
N ASN B 52 -16.81 30.34 -62.12
CA ASN B 52 -18.13 30.73 -61.59
C ASN B 52 -19.03 29.57 -61.21
N GLU B 53 -18.56 28.33 -61.27
CA GLU B 53 -19.42 27.19 -61.00
C GLU B 53 -18.98 26.51 -59.71
N GLY B 54 -19.96 25.96 -59.01
CA GLY B 54 -19.69 25.28 -57.76
C GLY B 54 -19.78 23.79 -57.96
N TYR B 55 -18.92 23.03 -57.28
CA TYR B 55 -18.84 21.60 -57.45
C TYR B 55 -18.92 20.93 -56.10
N VAL B 56 -19.29 19.65 -56.09
CA VAL B 56 -19.49 18.88 -54.88
C VAL B 56 -19.10 17.45 -55.17
N LEU B 57 -18.37 16.81 -54.25
CA LEU B 57 -18.05 15.40 -54.41
C LEU B 57 -17.96 14.71 -53.06
N CYS B 58 -18.70 13.62 -52.94
CA CYS B 58 -18.55 12.65 -51.85
C CYS B 58 -17.50 11.64 -52.27
N LYS B 59 -16.35 11.67 -51.61
CA LYS B 59 -15.34 10.64 -51.84
C LYS B 59 -15.79 9.39 -51.09
N GLU B 60 -16.17 8.35 -51.85
CA GLU B 60 -16.73 7.05 -51.41
C GLU B 60 -17.74 7.18 -50.27
N ASN B 61 -18.62 8.17 -50.37
CA ASN B 61 -19.76 8.47 -49.50
C ASN B 61 -19.39 8.69 -48.05
N ARG B 62 -18.15 9.04 -47.74
CA ARG B 62 -17.75 9.37 -46.37
C ARG B 62 -17.25 10.80 -46.25
N ASN B 63 -16.60 11.31 -47.29
CA ASN B 63 -15.91 12.59 -47.24
C ASN B 63 -16.54 13.54 -48.24
N ILE B 64 -17.28 14.53 -47.73
CA ILE B 64 -17.89 15.55 -48.57
C ILE B 64 -16.88 16.67 -48.75
N CYS B 65 -16.82 17.21 -49.96
CA CYS B 65 -15.90 18.29 -50.31
C CYS B 65 -16.54 19.15 -51.39
N GLY B 66 -17.08 20.29 -51.00
CA GLY B 66 -17.66 21.18 -51.97
C GLY B 66 -16.80 22.40 -52.20
N PHE B 67 -16.53 22.73 -53.45
CA PHE B 67 -15.69 23.89 -53.73
C PHE B 67 -16.34 24.77 -54.79
N PHE B 68 -15.95 26.04 -54.79
CA PHE B 68 -16.46 27.02 -55.74
C PHE B 68 -15.29 27.75 -56.39
N VAL B 69 -15.15 27.60 -57.69
CA VAL B 69 -14.12 28.29 -58.46
C VAL B 69 -14.60 29.70 -58.76
N GLY B 70 -13.82 30.70 -58.36
CA GLY B 70 -14.17 32.08 -58.63
C GLY B 70 -14.09 32.43 -60.09
N LYS B 71 -14.66 33.59 -60.44
CA LYS B 71 -14.81 33.97 -61.84
C LYS B 71 -13.47 34.34 -62.46
N ASN B 72 -12.78 35.35 -61.92
CA ASN B 72 -11.42 35.68 -62.31
C ASN B 72 -10.46 35.17 -61.24
N PHE B 73 -9.95 33.95 -61.42
CA PHE B 73 -8.73 33.58 -60.73
C PHE B 73 -7.58 34.48 -61.12
N ASN B 74 -6.69 34.70 -60.17
CA ASN B 74 -5.39 35.28 -60.42
C ASN B 74 -4.34 34.46 -59.70
N ILE B 75 -3.50 33.79 -60.49
CA ILE B 75 -2.33 33.08 -59.98
C ILE B 75 -1.43 34.05 -59.22
N ASP B 76 -1.30 35.28 -59.74
CA ASP B 76 -0.56 36.32 -59.04
C ASP B 76 -1.23 36.71 -57.73
N THR B 77 -2.45 37.24 -57.80
CA THR B 77 -3.17 37.73 -56.62
C THR B 77 -4.49 36.97 -56.47
N GLY B 78 -4.41 35.80 -55.85
CA GLY B 78 -5.57 34.99 -55.58
C GLY B 78 -5.25 33.99 -54.49
N SER B 79 -6.28 33.26 -54.03
CA SER B 79 -6.18 32.49 -52.81
C SER B 79 -6.97 31.21 -52.90
N ILE B 80 -6.70 30.30 -51.97
CA ILE B 80 -7.49 29.10 -51.76
C ILE B 80 -7.96 29.12 -50.31
N LEU B 81 -9.23 29.37 -50.11
CA LEU B 81 -9.82 29.50 -48.77
C LEU B 81 -10.56 28.22 -48.44
N ILE B 82 -10.11 27.54 -47.39
CA ILE B 82 -10.64 26.23 -47.02
C ILE B 82 -11.23 26.31 -45.62
N SER B 83 -12.47 25.88 -45.50
CA SER B 83 -13.10 25.68 -44.20
C SER B 83 -13.31 24.19 -43.98
N ILE B 84 -12.99 23.73 -42.77
CA ILE B 84 -12.88 22.31 -42.49
C ILE B 84 -13.70 21.98 -41.25
N GLY B 85 -14.57 20.99 -41.37
CA GLY B 85 -15.19 20.41 -40.21
C GLY B 85 -15.56 18.97 -40.51
N HIS B 86 -15.09 18.04 -39.69
CA HIS B 86 -15.27 16.61 -39.95
C HIS B 86 -16.72 16.21 -39.77
N ILE B 87 -17.17 15.24 -40.56
CA ILE B 87 -18.55 14.76 -40.50
C ILE B 87 -18.52 13.32 -39.97
N ASP B 88 -18.48 13.19 -38.65
CA ASP B 88 -18.47 11.94 -37.91
C ASP B 88 -18.50 12.29 -36.43
N SER B 89 -18.75 11.28 -35.61
CA SER B 89 -18.81 11.49 -34.18
C SER B 89 -18.54 10.18 -33.49
N CYS B 90 -18.34 10.24 -32.17
CA CYS B 90 -18.21 9.05 -31.37
C CYS B 90 -19.54 8.30 -31.36
N ALA B 91 -19.56 7.12 -31.96
CA ALA B 91 -20.78 6.32 -32.05
C ALA B 91 -20.43 4.88 -31.77
N LEU B 92 -21.44 4.10 -31.45
CA LEU B 92 -21.27 2.66 -31.29
C LEU B 92 -21.51 1.99 -32.63
N LYS B 93 -20.45 1.76 -33.39
CA LYS B 93 -20.59 1.07 -34.65
C LYS B 93 -20.76 -0.42 -34.42
N ILE B 94 -21.39 -1.08 -35.39
CA ILE B 94 -21.71 -2.50 -35.29
C ILE B 94 -20.54 -3.31 -35.84
N SER B 95 -20.11 -4.32 -35.06
CA SER B 95 -19.07 -5.27 -35.41
C SER B 95 -19.54 -6.19 -36.55
N PRO B 96 -18.61 -6.77 -37.31
CA PRO B 96 -19.03 -7.68 -38.39
C PRO B 96 -19.66 -8.97 -37.91
N ASN B 97 -19.03 -9.70 -37.02
CA ASN B 97 -19.60 -10.88 -36.40
C ASN B 97 -20.40 -10.40 -35.20
N ASN B 98 -21.72 -10.32 -35.37
CA ASN B 98 -22.62 -9.89 -34.31
C ASN B 98 -23.72 -10.94 -34.16
N ASN B 99 -23.45 -11.97 -33.39
CA ASN B 99 -24.52 -12.90 -33.00
C ASN B 99 -24.20 -13.29 -31.56
N VAL B 100 -24.69 -12.49 -30.62
CA VAL B 100 -24.48 -12.71 -29.21
C VAL B 100 -25.80 -13.13 -28.60
N ILE B 101 -25.86 -14.37 -28.15
CA ILE B 101 -27.04 -14.92 -27.51
C ILE B 101 -26.64 -15.32 -26.09
N LYS B 102 -26.94 -14.45 -25.13
CA LYS B 102 -26.60 -14.73 -23.75
C LYS B 102 -27.81 -14.40 -22.88
N LYS B 103 -28.10 -15.28 -21.92
CA LYS B 103 -29.23 -15.18 -21.00
C LYS B 103 -30.56 -15.06 -21.75
N LYS B 104 -30.72 -15.88 -22.80
CA LYS B 104 -31.91 -15.94 -23.65
C LYS B 104 -32.23 -14.61 -24.30
N ILE B 105 -31.22 -13.79 -24.60
CA ILE B 105 -31.41 -12.46 -25.16
C ILE B 105 -30.48 -12.32 -26.36
N HIS B 106 -31.06 -11.97 -27.50
CA HIS B 106 -30.27 -11.66 -28.68
C HIS B 106 -29.63 -10.29 -28.51
N GLN B 107 -28.33 -10.23 -28.77
CA GLN B 107 -27.57 -9.01 -28.59
C GLN B 107 -26.77 -8.70 -29.83
N ILE B 108 -26.36 -7.45 -29.92
CA ILE B 108 -25.35 -7.00 -30.87
C ILE B 108 -24.12 -6.68 -30.05
N ASN B 109 -22.95 -7.12 -30.50
CA ASN B 109 -21.76 -6.56 -29.90
C ASN B 109 -21.25 -5.43 -30.78
N VAL B 110 -21.13 -4.26 -30.19
CA VAL B 110 -20.82 -3.04 -30.94
C VAL B 110 -19.38 -2.65 -30.62
N GLU B 111 -18.75 -1.99 -31.58
CA GLU B 111 -17.39 -1.51 -31.40
C GLU B 111 -17.44 -0.02 -31.09
N CYS B 112 -16.71 0.37 -30.04
CA CYS B 112 -16.71 1.76 -29.64
C CYS B 112 -15.82 2.57 -30.56
N TYR B 113 -16.46 3.35 -31.44
CA TYR B 113 -15.77 4.14 -32.44
C TYR B 113 -15.50 5.51 -31.83
N GLY B 114 -14.23 5.93 -31.83
CA GLY B 114 -13.90 7.19 -31.24
C GLY B 114 -13.72 7.08 -29.74
N SER B 115 -13.60 8.22 -29.08
CA SER B 115 -13.44 8.30 -27.64
C SER B 115 -14.64 9.07 -27.11
N GLY B 116 -15.67 8.34 -26.67
CA GLY B 116 -16.91 8.92 -26.26
C GLY B 116 -17.25 8.63 -24.81
N LEU B 117 -18.25 9.37 -24.31
CA LEU B 117 -18.83 9.11 -23.01
C LEU B 117 -19.76 7.92 -23.18
N TRP B 118 -19.19 6.72 -23.06
CA TRP B 118 -19.98 5.54 -23.37
C TRP B 118 -20.95 5.17 -22.26
N HIS B 119 -20.79 5.74 -21.06
CA HIS B 119 -21.78 5.52 -20.03
C HIS B 119 -23.05 6.33 -20.28
N THR B 120 -22.96 7.38 -21.12
CA THR B 120 -24.15 8.11 -21.51
C THR B 120 -24.94 7.37 -22.57
N TRP B 121 -24.28 6.48 -23.32
CA TRP B 121 -24.98 5.66 -24.30
C TRP B 121 -25.80 4.55 -23.65
N PHE B 122 -25.58 4.29 -22.36
CA PHE B 122 -26.39 3.32 -21.66
C PHE B 122 -27.78 3.89 -21.44
N ASP B 123 -28.78 3.01 -21.57
CA ASP B 123 -30.19 3.31 -21.32
C ASP B 123 -30.71 4.38 -22.28
N ARG B 124 -30.49 4.16 -23.57
CA ARG B 124 -30.98 5.05 -24.61
C ARG B 124 -31.78 4.23 -25.61
N SER B 125 -32.89 4.78 -26.06
CA SER B 125 -33.65 4.18 -27.17
C SER B 125 -32.86 4.40 -28.45
N LEU B 126 -32.08 3.39 -28.85
CA LEU B 126 -31.08 3.55 -29.89
C LEU B 126 -31.61 3.07 -31.24
N GLY B 127 -31.14 3.74 -32.29
CA GLY B 127 -31.50 3.40 -33.65
C GLY B 127 -30.29 3.00 -34.47
N LEU B 128 -30.47 3.07 -35.79
CA LEU B 128 -29.44 2.64 -36.72
C LEU B 128 -29.32 3.63 -37.87
N SER B 129 -28.09 3.95 -38.24
CA SER B 129 -27.81 4.73 -39.43
C SER B 129 -26.48 4.28 -39.99
N GLY B 130 -26.39 4.25 -41.31
CA GLY B 130 -25.14 3.84 -41.92
C GLY B 130 -25.36 3.26 -43.29
N GLN B 131 -24.36 2.52 -43.74
CA GLN B 131 -24.30 2.01 -45.10
C GLN B 131 -24.47 0.50 -45.07
N VAL B 132 -25.35 -0.02 -45.93
CA VAL B 132 -25.61 -1.44 -46.01
C VAL B 132 -25.39 -1.88 -47.45
N LEU B 133 -24.53 -2.89 -47.64
CA LEU B 133 -24.29 -3.46 -48.95
C LEU B 133 -25.10 -4.75 -49.04
N TYR B 134 -25.98 -4.83 -50.02
CA TYR B 134 -26.83 -6.00 -50.21
C TYR B 134 -26.88 -6.36 -51.69
N LYS B 135 -27.19 -7.63 -51.97
CA LYS B 135 -27.27 -8.11 -53.34
C LYS B 135 -28.66 -7.87 -53.91
N LYS B 136 -28.72 -7.59 -55.20
CA LYS B 136 -29.97 -7.59 -55.95
C LYS B 136 -29.68 -8.07 -57.35
N GLY B 137 -29.97 -9.34 -57.61
CA GLY B 137 -29.55 -9.99 -58.83
C GLY B 137 -28.09 -10.38 -58.75
N ASN B 138 -27.29 -9.94 -59.73
CA ASN B 138 -25.86 -10.22 -59.74
C ASN B 138 -25.06 -8.97 -59.38
N LYS B 139 -25.72 -7.94 -58.88
CA LYS B 139 -25.11 -6.63 -58.73
C LYS B 139 -25.09 -6.26 -57.26
N LEU B 140 -23.95 -5.75 -56.80
CA LEU B 140 -23.87 -5.27 -55.42
C LEU B 140 -24.51 -3.90 -55.33
N VAL B 141 -25.58 -3.80 -54.57
CA VAL B 141 -26.35 -2.57 -54.44
C VAL B 141 -26.02 -1.96 -53.09
N GLU B 142 -25.72 -0.66 -53.09
CA GLU B 142 -25.32 0.08 -51.92
C GLU B 142 -26.46 1.01 -51.52
N LYS B 143 -26.86 0.93 -50.25
CA LYS B 143 -27.96 1.76 -49.79
C LYS B 143 -27.63 2.31 -48.41
N LEU B 144 -27.88 3.59 -48.24
CA LEU B 144 -27.70 4.29 -46.98
C LEU B 144 -29.03 4.28 -46.23
N ILE B 145 -29.06 3.59 -45.10
CA ILE B 145 -30.31 3.40 -44.37
C ILE B 145 -30.34 4.35 -43.18
N GLN B 146 -31.55 4.58 -42.67
CA GLN B 146 -31.80 5.47 -41.55
C GLN B 146 -33.02 4.94 -40.82
N ILE B 147 -32.81 4.24 -39.71
CA ILE B 147 -33.89 3.63 -38.94
C ILE B 147 -34.12 4.50 -37.73
N ASN B 148 -35.14 5.36 -37.80
CA ASN B 148 -35.42 6.35 -36.77
C ASN B 148 -36.27 5.80 -35.63
N LYS B 149 -36.67 4.55 -35.69
CA LYS B 149 -37.41 3.93 -34.60
C LYS B 149 -36.44 3.17 -33.71
N SER B 150 -36.82 3.01 -32.45
CA SER B 150 -35.89 2.43 -31.49
C SER B 150 -35.87 0.92 -31.63
N VAL B 151 -34.71 0.39 -32.01
CA VAL B 151 -34.57 -1.03 -32.31
C VAL B 151 -33.46 -1.64 -31.47
N LEU B 152 -32.83 -0.83 -30.62
CA LEU B 152 -31.71 -1.27 -29.82
C LEU B 152 -31.74 -0.56 -28.48
N PHE B 153 -31.13 -1.20 -27.49
CA PHE B 153 -31.13 -0.66 -26.14
C PHE B 153 -29.92 -1.22 -25.42
N LEU B 154 -29.09 -0.35 -24.89
CA LEU B 154 -27.94 -0.76 -24.10
C LEU B 154 -28.29 -0.61 -22.64
N PRO B 155 -28.65 -1.69 -21.94
CA PRO B 155 -29.16 -1.54 -20.57
C PRO B 155 -28.04 -1.42 -19.57
N SER B 156 -28.30 -0.66 -18.51
CA SER B 156 -27.36 -0.52 -17.42
C SER B 156 -27.58 -1.63 -16.41
N LEU B 157 -26.72 -1.67 -15.40
CA LEU B 157 -26.94 -2.60 -14.30
C LEU B 157 -27.83 -1.93 -13.25
N ALA B 158 -28.71 -2.73 -12.65
CA ALA B 158 -29.55 -2.25 -11.57
C ALA B 158 -28.69 -1.85 -10.37
N ILE B 159 -29.22 -0.92 -9.57
CA ILE B 159 -28.40 -0.35 -8.52
C ILE B 159 -28.27 -1.29 -7.33
N HIS B 160 -29.16 -2.28 -7.22
CA HIS B 160 -29.23 -3.08 -6.00
C HIS B 160 -28.13 -4.13 -5.93
N LEU B 161 -27.45 -4.41 -7.03
CA LEU B 161 -26.59 -5.58 -7.08
C LEU B 161 -25.19 -5.27 -6.54
N GLN B 162 -24.70 -4.07 -6.77
CA GLN B 162 -23.41 -3.64 -6.22
C GLN B 162 -23.62 -2.93 -4.89
N ASN B 163 -22.56 -2.29 -4.39
CA ASN B 163 -22.70 -1.44 -3.22
C ASN B 163 -23.33 -0.12 -3.65
N ARG B 164 -23.98 0.57 -2.72
CA ARG B 164 -24.84 1.69 -3.09
C ARG B 164 -24.37 2.99 -2.45
N THR B 165 -24.94 4.09 -2.98
CA THR B 165 -25.10 5.43 -2.38
C THR B 165 -23.79 6.14 -1.99
N ARG B 166 -22.63 5.59 -2.34
CA ARG B 166 -21.39 6.28 -1.98
C ARG B 166 -20.48 6.42 -3.18
N TYR B 167 -19.88 7.62 -3.34
CA TYR B 167 -18.92 8.03 -4.37
C TYR B 167 -19.31 7.58 -5.78
N ASP B 168 -20.61 7.68 -6.08
CA ASP B 168 -21.26 7.07 -7.25
C ASP B 168 -20.91 5.61 -7.42
N PHE B 169 -21.03 4.82 -6.35
CA PHE B 169 -21.08 3.35 -6.27
C PHE B 169 -20.04 2.59 -7.10
N SER B 170 -18.91 3.23 -7.41
CA SER B 170 -17.80 2.68 -8.21
C SER B 170 -18.28 2.10 -9.54
N VAL B 171 -18.84 2.97 -10.37
CA VAL B 171 -19.30 2.54 -11.68
C VAL B 171 -18.09 2.39 -12.61
N LYS B 172 -17.99 1.22 -13.24
CA LYS B 172 -16.92 0.93 -14.20
C LYS B 172 -17.58 0.24 -15.38
N ILE B 173 -17.51 0.89 -16.54
CA ILE B 173 -18.06 0.31 -17.77
C ILE B 173 -16.93 -0.37 -18.51
N ASN B 174 -16.89 -1.69 -18.44
CA ASN B 174 -15.98 -2.48 -19.24
C ASN B 174 -16.42 -2.37 -20.69
N TYR B 175 -15.50 -1.98 -21.57
CA TYR B 175 -15.90 -1.58 -22.91
C TYR B 175 -16.30 -2.77 -23.76
N GLU B 176 -15.69 -3.93 -23.53
CA GLU B 176 -16.11 -5.12 -24.25
C GLU B 176 -17.34 -5.77 -23.64
N ASN B 177 -17.28 -6.09 -22.36
CA ASN B 177 -18.31 -6.88 -21.70
C ASN B 177 -19.63 -6.14 -21.56
N HIS B 178 -19.59 -4.92 -21.04
CA HIS B 178 -20.82 -4.25 -20.64
C HIS B 178 -21.46 -3.46 -21.77
N ILE B 179 -20.74 -3.19 -22.85
CA ILE B 179 -21.28 -2.44 -23.98
C ILE B 179 -21.63 -3.48 -25.05
N LYS B 180 -22.85 -3.97 -24.99
CA LYS B 180 -23.44 -4.93 -25.92
C LYS B 180 -24.94 -4.72 -25.85
N PRO B 181 -25.52 -3.96 -26.78
CA PRO B 181 -26.95 -3.66 -26.70
C PRO B 181 -27.80 -4.89 -26.97
N ILE B 182 -28.91 -4.99 -26.25
CA ILE B 182 -29.87 -6.04 -26.50
C ILE B 182 -30.74 -5.62 -27.67
N ILE B 183 -31.20 -6.60 -28.45
CA ILE B 183 -31.97 -6.30 -29.65
C ILE B 183 -33.28 -7.08 -29.67
N SER B 184 -33.33 -8.22 -28.99
CA SER B 184 -34.48 -9.11 -28.98
C SER B 184 -34.26 -10.17 -27.92
N THR B 185 -35.26 -11.00 -27.72
CA THR B 185 -35.11 -12.24 -26.98
C THR B 185 -35.18 -13.42 -27.93
N THR B 186 -34.73 -14.58 -27.44
CA THR B 186 -34.83 -15.78 -28.26
C THR B 186 -36.25 -16.31 -28.32
N LEU B 187 -37.14 -15.84 -27.44
CA LEU B 187 -38.53 -16.23 -27.54
C LEU B 187 -39.19 -15.61 -28.75
N PHE B 188 -39.13 -14.27 -28.86
CA PHE B 188 -39.79 -13.65 -30.00
C PHE B 188 -38.96 -13.68 -31.27
N ASN B 189 -37.68 -14.04 -31.20
CA ASN B 189 -36.97 -14.33 -32.45
C ASN B 189 -37.48 -15.61 -33.06
N GLN B 190 -37.69 -16.64 -32.23
CA GLN B 190 -38.24 -17.89 -32.73
C GLN B 190 -39.73 -17.78 -32.98
N LEU B 191 -40.42 -16.91 -32.24
CA LEU B 191 -41.85 -16.73 -32.46
C LEU B 191 -42.11 -15.98 -33.77
N ASN B 192 -41.24 -15.05 -34.13
CA ASN B 192 -41.43 -14.31 -35.37
C ASN B 192 -40.69 -14.96 -36.53
N LYS B 193 -40.25 -16.21 -36.38
CA LYS B 193 -39.57 -16.87 -37.48
C LYS B 193 -40.46 -17.87 -38.19
N CYS B 194 -41.24 -18.67 -37.44
CA CYS B 194 -42.06 -19.69 -38.10
C CYS B 194 -43.28 -19.06 -38.78
N LYS B 195 -43.64 -17.85 -38.40
CA LYS B 195 -44.60 -17.08 -39.18
C LYS B 195 -43.87 -15.97 -39.93
N ILE B 272 -28.34 -17.43 -43.89
CA ILE B 272 -27.44 -18.55 -44.06
C ILE B 272 -26.26 -18.41 -43.10
N ASN B 273 -25.73 -17.20 -42.98
CA ASN B 273 -24.56 -16.96 -42.15
C ASN B 273 -24.94 -16.96 -40.67
N THR B 274 -24.11 -17.58 -39.85
CA THR B 274 -24.36 -17.60 -38.42
C THR B 274 -23.68 -16.44 -37.70
N ASP B 275 -23.02 -15.56 -38.45
CA ASP B 275 -22.25 -14.49 -37.82
C ASP B 275 -23.09 -13.22 -37.66
N ASN B 276 -24.05 -13.01 -38.55
CA ASN B 276 -24.92 -11.84 -38.46
C ASN B 276 -26.15 -12.16 -37.64
N SER B 277 -26.65 -11.18 -36.89
CA SER B 277 -27.82 -11.38 -36.05
C SER B 277 -29.08 -11.41 -36.91
N TYR B 278 -29.86 -12.49 -36.74
CA TYR B 278 -31.14 -12.55 -37.46
C TYR B 278 -32.16 -11.51 -36.98
N PRO B 279 -32.22 -11.10 -35.71
CA PRO B 279 -33.00 -9.88 -35.41
C PRO B 279 -32.50 -8.65 -36.13
N LEU B 280 -31.19 -8.52 -36.33
CA LEU B 280 -30.69 -7.41 -37.11
C LEU B 280 -30.96 -7.61 -38.59
N LEU B 281 -30.78 -8.83 -39.09
CA LEU B 281 -30.96 -9.09 -40.51
C LEU B 281 -32.43 -9.02 -40.92
N TYR B 282 -33.35 -9.34 -40.01
CA TYR B 282 -34.76 -9.11 -40.27
C TYR B 282 -35.07 -7.61 -40.35
N LEU B 283 -34.33 -6.81 -39.60
CA LEU B 283 -34.62 -5.38 -39.52
C LEU B 283 -34.16 -4.66 -40.76
N LEU B 284 -32.94 -4.96 -41.24
CA LEU B 284 -32.43 -4.27 -42.42
C LEU B 284 -33.13 -4.75 -43.69
N SER B 285 -33.54 -6.02 -43.73
CA SER B 285 -34.30 -6.53 -44.88
C SER B 285 -35.68 -5.90 -44.94
N LYS B 286 -36.24 -5.52 -43.78
CA LYS B 286 -37.51 -4.82 -43.77
C LYS B 286 -37.36 -3.40 -44.31
N GLU B 287 -36.18 -2.80 -44.14
CA GLU B 287 -35.96 -1.45 -44.64
C GLU B 287 -35.58 -1.47 -46.11
N LEU B 288 -34.84 -2.48 -46.54
CA LEU B 288 -34.36 -2.54 -47.91
C LEU B 288 -35.31 -3.27 -48.85
N ASN B 289 -36.33 -3.94 -48.30
CA ASN B 289 -37.31 -4.74 -49.05
C ASN B 289 -36.62 -5.80 -49.91
N CYS B 290 -35.93 -6.70 -49.22
CA CYS B 290 -35.29 -7.84 -49.84
C CYS B 290 -35.22 -8.96 -48.81
N LYS B 291 -34.60 -10.06 -49.19
CA LYS B 291 -34.41 -11.14 -48.24
C LYS B 291 -33.26 -10.79 -47.28
N GLU B 292 -33.28 -11.43 -46.12
CA GLU B 292 -32.19 -11.28 -45.16
C GLU B 292 -30.92 -11.96 -45.65
N GLU B 293 -31.05 -12.94 -46.54
CA GLU B 293 -29.89 -13.63 -47.09
C GLU B 293 -29.17 -12.79 -48.14
N ASP B 294 -29.82 -11.72 -48.62
CA ASP B 294 -29.14 -10.83 -49.56
C ASP B 294 -28.26 -9.81 -48.86
N ILE B 295 -28.45 -9.60 -47.55
CA ILE B 295 -27.63 -8.64 -46.82
C ILE B 295 -26.24 -9.24 -46.61
N LEU B 296 -25.23 -8.62 -47.18
CA LEU B 296 -23.87 -9.16 -47.14
C LEU B 296 -23.08 -8.67 -45.94
N ASP B 297 -22.85 -7.36 -45.85
CA ASP B 297 -22.15 -6.75 -44.73
C ASP B 297 -22.45 -5.27 -44.75
N PHE B 298 -22.25 -4.61 -43.63
CA PHE B 298 -22.72 -3.24 -43.48
C PHE B 298 -21.83 -2.50 -42.49
N GLU B 299 -21.76 -1.19 -42.68
CA GLU B 299 -21.12 -0.29 -41.72
C GLU B 299 -22.22 0.55 -41.07
N LEU B 300 -22.75 0.07 -39.95
CA LEU B 300 -23.87 0.71 -39.29
C LEU B 300 -23.42 1.35 -38.00
N CYS B 301 -23.97 2.52 -37.71
CA CYS B 301 -23.68 3.25 -36.49
C CYS B 301 -24.94 3.37 -35.67
N LEU B 302 -24.83 3.10 -34.38
CA LEU B 302 -25.96 3.28 -33.49
C LEU B 302 -26.17 4.76 -33.23
N MET B 303 -27.41 5.20 -33.31
CA MET B 303 -27.73 6.60 -33.04
C MET B 303 -28.87 6.64 -32.03
N ASP B 304 -29.06 7.78 -31.40
CA ASP B 304 -30.18 7.94 -30.49
C ASP B 304 -31.41 8.42 -31.24
N THR B 305 -32.51 7.70 -31.09
CA THR B 305 -33.73 7.98 -31.85
C THR B 305 -34.45 9.25 -31.41
N GLN B 306 -34.07 9.82 -30.27
CA GLN B 306 -34.71 11.05 -29.82
C GLN B 306 -34.30 12.21 -30.72
N GLU B 307 -35.30 12.92 -31.24
CA GLU B 307 -35.03 14.03 -32.15
C GLU B 307 -34.39 15.18 -31.38
N PRO B 308 -33.49 15.92 -32.02
CA PRO B 308 -32.96 17.14 -31.40
C PRO B 308 -34.05 18.19 -31.21
N CYS B 309 -33.86 19.03 -30.21
CA CYS B 309 -34.88 19.99 -29.84
C CYS B 309 -34.26 21.20 -29.18
N PHE B 310 -34.95 22.33 -29.29
CA PHE B 310 -34.62 23.54 -28.54
C PHE B 310 -34.97 23.34 -27.08
N THR B 311 -34.01 23.63 -26.20
CA THR B 311 -34.21 23.44 -24.77
C THR B 311 -33.87 24.70 -24.00
N GLY B 312 -33.95 24.59 -22.69
CA GLY B 312 -33.99 25.73 -21.82
C GLY B 312 -35.41 26.22 -21.63
N VAL B 313 -35.59 27.13 -20.68
CA VAL B 313 -36.90 27.74 -20.49
C VAL B 313 -37.24 28.63 -21.65
N TYR B 314 -36.27 29.40 -22.13
CA TYR B 314 -36.49 30.37 -23.19
C TYR B 314 -36.25 29.79 -24.58
N GLU B 315 -36.20 28.45 -24.69
CA GLU B 315 -35.87 27.71 -25.92
C GLU B 315 -34.55 28.21 -26.51
N GLU B 316 -33.54 28.25 -25.64
CA GLU B 316 -32.32 28.99 -25.93
C GLU B 316 -31.12 28.13 -26.20
N PHE B 317 -31.23 26.83 -26.01
CA PHE B 317 -30.16 25.91 -26.30
C PHE B 317 -30.57 25.00 -27.44
N ILE B 318 -29.61 24.22 -27.92
CA ILE B 318 -29.87 23.15 -28.86
C ILE B 318 -29.15 21.91 -28.37
N GLU B 319 -29.76 20.74 -28.56
CA GLU B 319 -29.17 19.47 -28.22
C GLU B 319 -29.93 18.39 -28.97
N GLY B 320 -29.24 17.55 -29.72
CA GLY B 320 -29.82 16.22 -29.78
C GLY B 320 -28.90 15.03 -29.75
N ALA B 321 -27.82 15.12 -30.52
CA ALA B 321 -26.89 14.04 -30.80
C ALA B 321 -25.86 14.60 -31.76
N ARG B 322 -24.67 14.01 -31.72
CA ARG B 322 -23.66 14.10 -32.77
C ARG B 322 -23.20 15.54 -33.02
N PHE B 323 -23.42 16.42 -32.06
CA PHE B 323 -23.09 17.84 -32.23
C PHE B 323 -21.59 18.11 -32.26
N ASP B 324 -20.75 17.09 -32.02
CA ASP B 324 -19.32 17.20 -32.26
C ASP B 324 -19.12 17.27 -33.76
N ASN B 325 -19.17 18.50 -34.26
CA ASN B 325 -18.87 18.93 -35.63
C ASN B 325 -19.81 18.34 -36.67
N LEU B 326 -20.98 17.86 -36.29
CA LEU B 326 -22.01 17.75 -37.30
C LEU B 326 -22.91 18.97 -37.26
N LEU B 327 -23.02 19.59 -36.08
CA LEU B 327 -23.49 20.95 -36.00
C LEU B 327 -22.45 21.92 -36.52
N GLY B 328 -21.17 21.67 -36.20
CA GLY B 328 -20.11 22.57 -36.60
C GLY B 328 -19.84 22.54 -38.08
N SER B 329 -19.90 21.37 -38.71
CA SER B 329 -19.69 21.30 -40.15
C SER B 329 -20.95 21.66 -40.92
N PHE B 330 -22.10 21.70 -40.25
CA PHE B 330 -23.24 22.37 -40.86
C PHE B 330 -22.95 23.84 -41.08
N CYS B 331 -22.42 24.52 -40.05
CA CYS B 331 -22.02 25.92 -40.17
C CYS B 331 -20.87 26.13 -41.14
N VAL B 332 -20.07 25.10 -41.38
CA VAL B 332 -19.05 25.17 -42.43
C VAL B 332 -19.72 25.24 -43.78
N PHE B 333 -20.72 24.39 -44.01
CA PHE B 333 -21.36 24.37 -45.33
C PHE B 333 -22.48 25.39 -45.43
N GLU B 334 -23.14 25.74 -44.32
CA GLU B 334 -24.10 26.82 -44.37
C GLU B 334 -23.41 28.17 -44.55
N GLY B 335 -22.22 28.32 -43.96
CA GLY B 335 -21.42 29.49 -44.26
C GLY B 335 -20.87 29.47 -45.67
N PHE B 336 -20.71 28.29 -46.25
CA PHE B 336 -20.23 28.18 -47.61
C PHE B 336 -21.34 28.41 -48.61
N ILE B 337 -22.55 27.97 -48.28
CA ILE B 337 -23.70 28.16 -49.17
C ILE B 337 -24.06 29.64 -49.27
N GLU B 338 -24.00 30.35 -48.14
CA GLU B 338 -24.30 31.77 -48.11
C GLU B 338 -23.25 32.58 -48.83
N LEU B 339 -22.02 32.08 -48.90
CA LEU B 339 -20.99 32.72 -49.70
C LEU B 339 -21.31 32.61 -51.19
N VAL B 340 -21.56 31.39 -51.67
CA VAL B 340 -21.81 31.16 -53.10
C VAL B 340 -23.08 31.87 -53.54
N ASN B 341 -24.09 31.93 -52.66
CA ASN B 341 -25.28 32.71 -52.96
C ASN B 341 -24.99 34.20 -52.96
N SER B 342 -23.97 34.64 -52.21
CA SER B 342 -23.59 36.05 -52.28
C SER B 342 -22.75 36.33 -53.52
N ILE B 343 -22.11 35.31 -54.07
CA ILE B 343 -21.34 35.49 -55.30
C ILE B 343 -22.26 35.48 -56.50
N LYS B 344 -23.21 34.56 -56.54
CA LYS B 344 -24.09 34.44 -57.70
C LYS B 344 -25.14 35.55 -57.74
N ASN B 345 -25.66 35.94 -56.58
CA ASN B 345 -26.65 37.01 -56.56
C ASN B 345 -25.97 38.37 -56.47
N HIS B 346 -26.75 39.41 -56.80
CA HIS B 346 -26.32 40.81 -56.88
C HIS B 346 -25.14 41.01 -57.81
N THR B 347 -25.08 40.23 -58.89
CA THR B 347 -24.12 40.43 -59.96
C THR B 347 -24.80 40.40 -61.32
N ASN B 363 -15.68 44.04 -54.61
CA ASN B 363 -16.49 43.19 -55.47
C ASN B 363 -15.63 42.44 -56.47
N ASP B 364 -14.38 42.87 -56.62
CA ASP B 364 -13.47 42.22 -57.55
C ASP B 364 -12.72 41.07 -56.89
N ASN B 365 -12.54 41.13 -55.57
CA ASN B 365 -11.72 40.12 -54.91
C ASN B 365 -12.57 38.95 -54.41
N ILE B 366 -13.90 39.07 -54.49
CA ILE B 366 -14.75 37.95 -54.14
C ILE B 366 -14.73 36.87 -55.22
N HIS B 367 -14.46 37.25 -56.47
CA HIS B 367 -14.37 36.30 -57.57
C HIS B 367 -12.95 35.83 -57.80
N ASN B 368 -12.07 35.99 -56.83
CA ASN B 368 -10.64 35.89 -57.03
C ASN B 368 -10.05 34.67 -56.33
N ASN B 369 -10.91 33.87 -55.70
CA ASN B 369 -10.44 32.83 -54.80
C ASN B 369 -11.08 31.50 -55.14
N LEU B 370 -10.46 30.44 -54.62
CA LEU B 370 -11.02 29.10 -54.65
C LEU B 370 -11.50 28.77 -53.25
N TYR B 371 -12.81 28.79 -53.06
CA TYR B 371 -13.41 28.55 -51.76
C TYR B 371 -13.76 27.08 -51.66
N ILE B 372 -13.01 26.34 -50.85
CA ILE B 372 -13.24 24.91 -50.67
C ILE B 372 -13.87 24.72 -49.30
N SER B 373 -14.81 23.79 -49.21
CA SER B 373 -15.47 23.44 -47.97
C SER B 373 -15.54 21.92 -47.89
N ILE B 374 -14.71 21.34 -47.02
CA ILE B 374 -14.55 19.89 -47.00
C ILE B 374 -14.96 19.35 -45.63
N GLY B 375 -15.78 18.31 -45.67
CA GLY B 375 -16.17 17.60 -44.48
C GLY B 375 -15.48 16.26 -44.35
N TYR B 376 -14.53 16.17 -43.43
CA TYR B 376 -13.67 15.01 -43.32
C TYR B 376 -14.35 13.88 -42.59
N ASP B 377 -13.72 12.72 -42.62
CA ASP B 377 -14.15 11.57 -41.88
C ASP B 377 -13.04 11.14 -40.95
N HIS B 378 -13.40 10.28 -40.00
CA HIS B 378 -12.46 9.53 -39.16
C HIS B 378 -11.60 10.43 -38.27
N GLU B 379 -12.14 11.60 -37.89
CA GLU B 379 -11.42 12.48 -36.97
C GLU B 379 -11.26 11.87 -35.59
N GLU B 380 -12.29 11.18 -35.10
CA GLU B 380 -12.32 10.71 -33.71
C GLU B 380 -11.27 9.65 -33.44
N ILE B 381 -10.70 9.03 -34.47
CA ILE B 381 -9.73 7.98 -34.34
C ILE B 381 -8.35 8.42 -34.81
N GLY B 382 -8.21 9.67 -35.24
CA GLY B 382 -6.90 10.22 -35.56
C GLY B 382 -6.66 10.55 -37.01
N SER B 383 -7.69 10.50 -37.87
CA SER B 383 -7.66 10.95 -39.26
C SER B 383 -6.72 10.15 -40.16
N LEU B 384 -6.20 9.03 -39.68
CA LEU B 384 -5.32 8.19 -40.49
C LEU B 384 -6.21 7.25 -41.29
N SER B 385 -6.69 7.73 -42.44
CA SER B 385 -7.60 6.97 -43.26
C SER B 385 -7.51 7.48 -44.69
N GLU B 386 -8.22 6.80 -45.60
CA GLU B 386 -8.24 7.23 -47.00
C GLU B 386 -9.16 8.42 -47.20
N VAL B 387 -10.07 8.67 -46.26
CA VAL B 387 -10.97 9.79 -46.33
C VAL B 387 -10.78 10.73 -45.13
N GLY B 388 -9.73 10.51 -44.35
CA GLY B 388 -9.43 11.34 -43.22
C GLY B 388 -8.70 12.60 -43.61
N ALA B 389 -8.27 13.33 -42.58
CA ALA B 389 -7.55 14.57 -42.81
C ALA B 389 -6.10 14.32 -43.18
N ARG B 390 -5.54 13.21 -42.72
CA ARG B 390 -4.17 12.85 -43.07
C ARG B 390 -4.08 12.20 -44.45
N SER B 391 -5.21 12.05 -45.13
CA SER B 391 -5.23 11.47 -46.46
C SER B 391 -4.62 12.44 -47.48
N TYR B 392 -4.30 11.88 -48.64
CA TYR B 392 -3.92 12.67 -49.80
C TYR B 392 -5.13 13.15 -50.60
N CYS B 393 -6.35 12.93 -50.07
CA CYS B 393 -7.54 13.23 -50.85
C CYS B 393 -7.69 14.73 -51.11
N THR B 394 -7.51 15.55 -50.09
CA THR B 394 -7.68 16.99 -50.26
C THR B 394 -6.53 17.59 -51.06
N LYS B 395 -5.33 17.08 -50.85
CA LYS B 395 -4.18 17.61 -51.57
C LYS B 395 -4.24 17.24 -53.04
N ASN B 396 -4.81 16.08 -53.36
CA ASN B 396 -4.99 15.74 -54.76
C ASN B 396 -6.20 16.47 -55.34
N PHE B 397 -7.17 16.86 -54.51
CA PHE B 397 -8.32 17.59 -55.02
C PHE B 397 -7.92 18.98 -55.50
N ILE B 398 -7.06 19.66 -54.73
CA ILE B 398 -6.61 20.99 -55.14
C ILE B 398 -5.69 20.89 -56.34
N ASP B 399 -4.87 19.85 -56.41
CA ASP B 399 -4.00 19.65 -57.57
C ASP B 399 -4.78 19.16 -58.78
N ARG B 400 -6.03 18.75 -58.59
CA ARG B 400 -6.90 18.47 -59.72
C ARG B 400 -7.70 19.69 -60.12
N ILE B 401 -8.00 20.58 -59.17
CA ILE B 401 -8.69 21.82 -59.51
C ILE B 401 -7.75 22.76 -60.25
N ILE B 402 -6.51 22.87 -59.76
CA ILE B 402 -5.50 23.71 -60.39
C ILE B 402 -5.15 23.20 -61.79
N SER B 403 -5.11 21.88 -61.96
CA SER B 403 -4.80 21.31 -63.26
C SER B 403 -5.94 21.45 -64.24
N SER B 404 -7.19 21.48 -63.76
CA SER B 404 -8.32 21.53 -64.67
C SER B 404 -8.74 22.96 -64.98
N VAL B 405 -8.62 23.85 -64.00
CA VAL B 405 -8.92 25.26 -64.24
C VAL B 405 -7.84 25.89 -65.10
N PHE B 406 -6.58 25.73 -64.69
CA PHE B 406 -5.46 26.25 -65.46
C PHE B 406 -4.90 25.18 -66.38
N LYS B 407 -5.79 24.56 -67.15
CA LYS B 407 -5.37 23.54 -68.10
C LYS B 407 -4.66 24.18 -69.27
N LYS B 408 -5.07 25.39 -69.65
CA LYS B 408 -4.54 26.00 -70.86
C LYS B 408 -3.27 26.79 -70.59
N GLU B 409 -3.07 27.27 -69.36
CA GLU B 409 -1.90 28.09 -69.13
C GLU B 409 -0.68 27.30 -68.65
N ILE B 410 -0.84 26.00 -68.37
CA ILE B 410 0.32 25.15 -68.11
C ILE B 410 1.16 25.00 -69.38
N HIS B 411 0.50 24.79 -70.51
CA HIS B 411 1.16 24.39 -71.76
C HIS B 411 2.01 25.49 -72.38
N GLU B 412 1.58 26.75 -72.32
CA GLU B 412 2.14 27.76 -73.21
C GLU B 412 2.92 28.84 -72.46
N LYS B 413 2.83 28.88 -71.13
CA LYS B 413 3.83 29.62 -70.38
C LYS B 413 4.57 28.74 -69.38
N ASN B 414 4.46 27.42 -69.55
CA ASN B 414 5.39 26.41 -69.00
C ASN B 414 5.40 26.39 -67.48
N LEU B 415 4.25 26.69 -66.89
CA LEU B 415 4.08 26.57 -65.45
C LEU B 415 3.88 25.11 -65.07
N SER B 416 4.03 24.83 -63.77
CA SER B 416 3.78 23.51 -63.22
C SER B 416 2.68 23.61 -62.19
N VAL B 417 2.17 22.45 -61.76
CA VAL B 417 1.14 22.43 -60.73
C VAL B 417 1.71 22.88 -59.40
N GLN B 418 2.89 22.37 -59.03
CA GLN B 418 3.49 22.71 -57.74
C GLN B 418 3.99 24.14 -57.71
N GLU B 419 4.36 24.69 -58.87
CA GLU B 419 4.62 26.13 -58.96
C GLU B 419 3.36 26.94 -58.72
N ILE B 420 2.23 26.51 -59.30
CA ILE B 420 0.99 27.26 -59.15
C ILE B 420 0.39 27.01 -57.76
N TYR B 421 0.52 25.79 -57.26
CA TYR B 421 -0.03 25.48 -55.94
C TYR B 421 0.75 26.18 -54.84
N GLY B 422 2.07 26.19 -54.92
CA GLY B 422 2.86 26.94 -53.96
C GLY B 422 2.75 28.44 -54.11
N ASN B 423 2.27 28.91 -55.26
CA ASN B 423 2.01 30.33 -55.42
C ASN B 423 0.77 30.74 -54.65
N LEU B 424 -0.27 29.90 -54.66
CA LEU B 424 -1.51 30.20 -53.97
C LEU B 424 -1.47 29.85 -52.49
N VAL B 425 -0.45 29.12 -52.04
CA VAL B 425 -0.36 28.72 -50.65
C VAL B 425 0.03 29.88 -49.74
N ASN B 426 0.73 30.88 -50.29
CA ASN B 426 1.09 32.06 -49.53
C ASN B 426 -0.12 32.91 -49.18
N ARG B 427 -1.17 32.86 -49.99
CA ARG B 427 -2.39 33.63 -49.77
C ARG B 427 -3.50 32.75 -49.24
N SER B 428 -3.19 31.50 -48.96
CA SER B 428 -4.18 30.51 -48.57
C SER B 428 -4.44 30.55 -47.08
N PHE B 429 -5.51 29.89 -46.67
CA PHE B 429 -5.87 29.77 -45.26
C PHE B 429 -6.74 28.55 -45.05
N ILE B 430 -6.71 28.05 -43.82
CA ILE B 430 -7.52 26.92 -43.39
C ILE B 430 -8.32 27.35 -42.18
N LEU B 431 -9.65 27.20 -42.26
CA LEU B 431 -10.54 27.52 -41.15
C LEU B 431 -11.07 26.20 -40.61
N ASN B 432 -10.39 25.64 -39.63
CA ASN B 432 -10.84 24.38 -39.06
C ASN B 432 -11.89 24.68 -38.01
N VAL B 433 -13.05 24.05 -38.17
CA VAL B 433 -14.18 24.25 -37.27
C VAL B 433 -14.45 22.93 -36.56
N ASP B 434 -14.32 22.94 -35.23
CA ASP B 434 -14.66 21.81 -34.38
C ASP B 434 -15.07 22.38 -33.04
N MET B 435 -15.96 21.69 -32.35
CA MET B 435 -16.58 22.21 -31.15
C MET B 435 -15.57 22.35 -30.02
N ALA B 436 -15.90 23.22 -29.07
CA ALA B 436 -15.02 23.57 -27.98
C ALA B 436 -15.76 23.44 -26.66
N HIS B 437 -14.98 23.40 -25.59
CA HIS B 437 -15.51 23.10 -24.27
C HIS B 437 -16.00 24.39 -23.61
N CYS B 438 -17.32 24.50 -23.46
CA CYS B 438 -17.88 25.59 -22.68
C CYS B 438 -17.49 25.42 -21.22
N SER B 439 -17.49 26.53 -20.50
CA SER B 439 -17.15 26.49 -19.08
C SER B 439 -18.24 25.76 -18.31
N HIS B 440 -17.92 24.56 -17.83
CA HIS B 440 -18.87 23.76 -17.10
C HIS B 440 -19.07 24.34 -15.72
N PRO B 441 -20.30 24.62 -15.31
CA PRO B 441 -20.49 25.18 -13.96
C PRO B 441 -20.28 24.15 -12.86
N ASN B 442 -20.47 22.87 -13.15
CA ASN B 442 -20.33 21.85 -12.12
C ASN B 442 -18.90 21.35 -12.01
N TYR B 443 -18.02 21.77 -12.91
CA TYR B 443 -16.62 21.36 -12.90
C TYR B 443 -15.74 22.59 -13.06
N PRO B 444 -15.56 23.41 -12.02
CA PRO B 444 -14.73 24.60 -12.14
C PRO B 444 -13.23 24.34 -12.08
N GLU B 445 -12.81 23.10 -11.83
CA GLU B 445 -11.40 22.77 -11.72
C GLU B 445 -10.79 22.35 -13.06
N THR B 446 -11.60 22.17 -14.10
CA THR B 446 -11.11 21.77 -15.40
C THR B 446 -11.10 22.92 -16.39
N VAL B 447 -11.28 24.15 -15.94
CA VAL B 447 -11.33 25.29 -16.83
C VAL B 447 -10.15 26.21 -16.54
N GLN B 448 -9.66 26.85 -17.59
CA GLN B 448 -8.69 27.93 -17.42
C GLN B 448 -9.38 29.12 -16.77
N ASP B 449 -8.61 29.95 -16.08
CA ASP B 449 -9.23 31.09 -15.41
C ASP B 449 -9.55 32.20 -16.41
N ASN B 450 -8.61 32.53 -17.29
CA ASN B 450 -8.79 33.64 -18.21
C ASN B 450 -9.44 33.22 -19.52
N HIS B 451 -9.12 32.04 -20.03
CA HIS B 451 -9.65 31.56 -21.30
C HIS B 451 -10.87 30.69 -20.99
N GLN B 452 -12.00 31.33 -20.78
CA GLN B 452 -13.24 30.62 -20.51
C GLN B 452 -14.17 30.81 -21.68
N LEU B 453 -15.06 29.85 -21.87
CA LEU B 453 -16.06 29.91 -22.92
C LEU B 453 -17.44 29.87 -22.29
N PHE B 454 -18.31 30.79 -22.67
CA PHE B 454 -19.67 30.77 -22.18
C PHE B 454 -20.63 30.73 -23.37
N PHE B 455 -21.85 30.33 -23.10
CA PHE B 455 -22.86 30.23 -24.14
C PHE B 455 -23.28 31.61 -24.59
N HIS B 456 -23.62 31.71 -25.89
CA HIS B 456 -24.01 32.94 -26.59
C HIS B 456 -22.98 34.05 -26.49
N GLU B 457 -21.71 33.71 -26.25
CA GLU B 457 -20.70 34.75 -26.04
C GLU B 457 -19.83 34.91 -27.27
N GLY B 458 -19.89 33.97 -28.19
CA GLY B 458 -19.23 34.12 -29.46
C GLY B 458 -18.55 32.83 -29.87
N ILE B 459 -17.85 32.91 -31.00
CA ILE B 459 -17.05 31.78 -31.49
C ILE B 459 -15.87 31.58 -30.56
N ALA B 460 -15.55 30.32 -30.26
CA ALA B 460 -14.27 30.05 -29.64
C ALA B 460 -13.17 30.22 -30.68
N ILE B 461 -12.02 30.69 -30.23
CA ILE B 461 -10.81 30.67 -31.04
C ILE B 461 -9.82 29.85 -30.24
N LYS B 462 -9.67 28.58 -30.60
CA LYS B 462 -8.99 27.63 -29.74
C LYS B 462 -7.48 27.70 -29.94
N TYR B 463 -6.77 28.10 -28.90
CA TYR B 463 -5.32 28.13 -28.90
C TYR B 463 -4.82 26.91 -28.14
N ASN B 464 -3.56 26.57 -28.37
CA ASN B 464 -2.98 25.45 -27.64
C ASN B 464 -1.48 25.66 -27.43
N THR B 465 -0.98 25.02 -26.37
CA THR B 465 0.45 24.93 -26.13
C THR B 465 1.17 24.15 -27.22
N ASN B 466 0.73 22.92 -27.46
CA ASN B 466 1.44 21.97 -28.29
C ASN B 466 0.96 21.97 -29.73
N LYS B 467 0.23 23.01 -30.14
CA LYS B 467 -0.41 23.13 -31.45
C LYS B 467 -1.29 21.93 -31.78
N ASN B 468 -2.02 21.41 -30.80
CA ASN B 468 -3.13 20.52 -31.10
C ASN B 468 -4.21 21.26 -31.86
N TYR B 469 -4.38 22.55 -31.56
CA TYR B 469 -5.12 23.47 -32.41
C TYR B 469 -4.11 24.32 -33.17
N VAL B 470 -4.39 24.55 -34.47
CA VAL B 470 -3.39 25.17 -35.34
C VAL B 470 -3.42 26.69 -35.26
N THR B 471 -4.15 27.26 -34.32
CA THR B 471 -4.26 28.71 -34.21
C THR B 471 -2.94 29.35 -33.77
N SER B 472 -2.41 30.19 -34.64
CA SER B 472 -1.29 31.06 -34.33
C SER B 472 -1.82 32.46 -34.06
N PRO B 473 -1.19 33.21 -33.16
CA PRO B 473 -1.70 34.55 -32.84
C PRO B 473 -1.61 35.57 -33.98
N LEU B 474 -0.80 35.32 -35.01
CA LEU B 474 -0.90 36.13 -36.22
C LEU B 474 -2.16 35.78 -36.98
N HIS B 475 -2.42 34.49 -37.15
CA HIS B 475 -3.44 34.06 -38.10
C HIS B 475 -4.82 34.11 -37.49
N ALA B 476 -4.93 34.28 -36.17
CA ALA B 476 -6.22 34.63 -35.59
C ALA B 476 -6.44 36.13 -35.64
N SER B 477 -5.37 36.91 -35.76
CA SER B 477 -5.53 38.36 -35.86
C SER B 477 -6.07 38.76 -37.22
N LEU B 478 -5.82 37.95 -38.25
CA LEU B 478 -6.42 38.22 -39.56
C LEU B 478 -7.89 37.88 -39.55
N ILE B 479 -8.27 36.82 -38.82
CA ILE B 479 -9.66 36.37 -38.82
C ILE B 479 -10.52 37.29 -37.96
N LYS B 480 -9.95 37.82 -36.88
CA LYS B 480 -10.66 38.82 -36.08
C LYS B 480 -10.86 40.12 -36.85
N ARG B 481 -10.02 40.38 -37.86
CA ARG B 481 -10.24 41.54 -38.71
C ARG B 481 -11.22 41.24 -39.83
N THR B 482 -11.42 39.97 -40.17
CA THR B 482 -12.53 39.63 -41.05
C THR B 482 -13.85 39.73 -40.31
N PHE B 483 -13.83 39.56 -38.99
CA PHE B 483 -15.06 39.74 -38.21
C PHE B 483 -15.37 41.23 -38.05
N GLU B 484 -14.34 42.08 -38.12
CA GLU B 484 -14.57 43.52 -38.03
C GLU B 484 -15.00 44.10 -39.36
N LEU B 485 -14.55 43.51 -40.47
CA LEU B 485 -15.02 43.93 -41.78
C LEU B 485 -16.45 43.45 -42.02
N TYR B 486 -16.88 42.40 -41.33
CA TYR B 486 -18.28 42.01 -41.35
C TYR B 486 -19.13 43.02 -40.61
N TYR B 487 -18.61 43.59 -39.52
CA TYR B 487 -19.39 44.54 -38.73
C TYR B 487 -19.54 45.87 -39.45
N ASN B 488 -18.60 46.21 -40.32
CA ASN B 488 -18.68 47.48 -41.03
C ASN B 488 -19.66 47.42 -42.19
N LYS B 489 -19.95 46.23 -42.71
CA LYS B 489 -20.83 46.10 -43.86
C LYS B 489 -22.24 45.68 -43.47
N TYR B 490 -22.36 44.71 -42.56
CA TYR B 490 -23.65 44.13 -42.23
C TYR B 490 -24.22 44.66 -40.92
N LYS B 491 -23.42 45.43 -40.16
CA LYS B 491 -23.82 46.05 -38.88
C LYS B 491 -24.27 45.01 -37.87
N GLN B 492 -23.69 43.82 -37.93
CA GLN B 492 -24.01 42.73 -37.02
C GLN B 492 -22.69 42.19 -36.49
N GLN B 493 -22.48 42.32 -35.19
CA GLN B 493 -21.19 41.97 -34.61
C GLN B 493 -21.04 40.46 -34.51
N ILE B 494 -19.91 39.95 -34.98
CA ILE B 494 -19.51 38.58 -34.79
C ILE B 494 -18.65 38.54 -33.55
N LYS B 495 -19.21 38.01 -32.45
CA LYS B 495 -18.50 37.95 -31.20
C LYS B 495 -17.55 36.76 -31.22
N TYR B 496 -16.45 36.88 -30.50
CA TYR B 496 -15.46 35.82 -30.40
C TYR B 496 -14.91 35.79 -28.98
N GLN B 497 -14.26 34.69 -28.64
CA GLN B 497 -13.66 34.53 -27.33
C GLN B 497 -12.54 33.51 -27.45
N ASN B 498 -11.39 33.82 -26.86
CA ASN B 498 -10.25 32.95 -26.99
C ASN B 498 -10.36 31.78 -26.01
N PHE B 499 -10.07 30.58 -26.50
CA PHE B 499 -10.14 29.38 -25.70
C PHE B 499 -8.78 28.73 -25.63
N MET B 500 -8.39 28.34 -24.42
CA MET B 500 -7.13 27.67 -24.18
C MET B 500 -7.30 26.73 -23.00
N VAL B 501 -6.86 25.50 -23.18
CA VAL B 501 -6.92 24.50 -22.12
C VAL B 501 -5.79 24.80 -21.14
N LYS B 502 -5.91 24.26 -19.93
CA LYS B 502 -4.89 24.46 -18.91
C LYS B 502 -3.58 23.81 -19.33
N ASN B 503 -2.48 24.30 -18.75
CA ASN B 503 -1.16 23.81 -19.13
C ASN B 503 -0.91 22.39 -18.63
N ASP B 504 -1.47 22.04 -17.48
CA ASP B 504 -1.24 20.69 -16.95
C ASP B 504 -2.16 19.67 -17.60
N THR B 505 -3.41 20.05 -17.90
CA THR B 505 -4.31 19.09 -18.51
C THR B 505 -4.02 18.95 -20.00
N PRO B 506 -4.09 17.75 -20.55
CA PRO B 506 -4.00 17.58 -22.00
C PRO B 506 -5.37 17.76 -22.65
N CYS B 507 -5.33 18.04 -23.95
CA CYS B 507 -6.55 18.21 -24.72
C CYS B 507 -6.42 17.41 -26.01
N GLY B 508 -7.57 17.05 -26.58
CA GLY B 508 -7.56 16.27 -27.81
C GLY B 508 -7.19 17.12 -29.01
N SER B 509 -6.36 16.56 -29.87
CA SER B 509 -5.96 17.24 -31.09
C SER B 509 -7.10 17.23 -32.10
N THR B 510 -7.08 18.18 -33.01
CA THR B 510 -8.07 18.29 -34.06
C THR B 510 -7.38 18.16 -35.40
N VAL B 511 -8.15 18.36 -36.47
CA VAL B 511 -7.63 18.25 -37.83
C VAL B 511 -7.11 19.58 -38.33
N GLY B 512 -6.91 20.55 -37.44
CA GLY B 512 -6.36 21.82 -37.87
C GLY B 512 -4.93 21.69 -38.33
N SER B 513 -4.08 21.12 -37.49
CA SER B 513 -2.67 20.99 -37.84
C SER B 513 -2.42 19.80 -38.76
N MET B 514 -3.39 18.89 -38.88
CA MET B 514 -3.23 17.78 -39.80
C MET B 514 -3.32 18.25 -41.25
N VAL B 515 -4.33 19.06 -41.55
CA VAL B 515 -4.49 19.53 -42.92
C VAL B 515 -3.52 20.69 -43.20
N ALA B 516 -3.16 21.45 -42.18
CA ALA B 516 -2.19 22.52 -42.37
C ALA B 516 -0.79 21.98 -42.65
N ALA B 517 -0.50 20.75 -42.23
CA ALA B 517 0.74 20.12 -42.62
C ALA B 517 0.63 19.50 -44.01
N ASN B 518 -0.53 18.92 -44.33
CA ASN B 518 -0.69 18.27 -45.62
C ASN B 518 -0.74 19.27 -46.76
N LEU B 519 -1.30 20.46 -46.50
CA LEU B 519 -1.49 21.45 -47.54
C LEU B 519 -0.52 22.62 -47.45
N SER B 520 0.26 22.70 -46.36
CA SER B 520 1.24 23.75 -46.10
C SER B 520 0.60 25.14 -46.07
N MET B 521 -0.66 25.20 -45.62
CA MET B 521 -1.41 26.43 -45.53
C MET B 521 -1.51 26.86 -44.07
N PRO B 522 -1.48 28.16 -43.78
CA PRO B 522 -1.71 28.60 -42.41
C PRO B 522 -3.15 28.36 -41.99
N GLY B 523 -3.37 28.29 -40.69
CA GLY B 523 -4.66 27.85 -40.20
C GLY B 523 -5.07 28.51 -38.91
N ILE B 524 -6.30 28.17 -38.51
CA ILE B 524 -6.90 28.59 -37.26
C ILE B 524 -7.86 27.46 -36.85
N ASP B 525 -8.12 27.36 -35.56
CA ASP B 525 -9.11 26.43 -35.03
C ASP B 525 -10.19 27.20 -34.30
N ILE B 526 -11.34 27.38 -34.95
CA ILE B 526 -12.47 28.00 -34.29
C ILE B 526 -13.52 26.94 -34.03
N GLY B 527 -14.57 27.36 -33.34
CA GLY B 527 -15.66 26.46 -33.02
C GLY B 527 -16.57 27.13 -32.02
N ILE B 528 -17.63 26.43 -31.67
CA ILE B 528 -18.61 27.03 -30.76
C ILE B 528 -18.60 26.27 -29.45
N PRO B 529 -18.78 26.94 -28.32
CA PRO B 529 -18.74 26.24 -27.03
C PRO B 529 -19.95 25.34 -26.84
N GLN B 530 -19.68 24.12 -26.42
CA GLN B 530 -20.75 23.18 -26.10
C GLN B 530 -20.36 22.42 -24.84
N LEU B 531 -21.36 21.95 -24.11
CA LEU B 531 -21.13 21.11 -22.97
C LEU B 531 -21.39 19.65 -23.32
N ALA B 532 -20.72 18.77 -22.57
CA ALA B 532 -20.77 17.31 -22.72
C ALA B 532 -20.40 16.88 -24.14
N MET B 533 -19.25 17.36 -24.60
CA MET B 533 -18.70 16.97 -25.89
C MET B 533 -18.34 15.49 -25.87
N HIS B 534 -18.48 14.84 -27.03
CA HIS B 534 -18.30 13.40 -27.25
C HIS B 534 -19.29 12.57 -26.44
N SER B 535 -20.46 13.10 -26.16
CA SER B 535 -21.53 12.33 -25.53
C SER B 535 -22.70 12.17 -26.49
N ILE B 536 -23.69 11.40 -26.06
CA ILE B 536 -24.80 11.09 -26.95
C ILE B 536 -25.77 12.28 -27.00
N ARG B 537 -25.78 13.13 -25.97
CA ARG B 537 -26.51 14.39 -26.03
C ARG B 537 -25.57 15.51 -25.64
N GLU B 538 -25.41 16.47 -26.54
CA GLU B 538 -24.50 17.59 -26.36
C GLU B 538 -25.28 18.88 -26.51
N ILE B 539 -25.20 19.75 -25.50
CA ILE B 539 -25.98 20.98 -25.48
C ILE B 539 -25.10 22.11 -26.01
N ALA B 540 -25.70 23.01 -26.78
CA ALA B 540 -25.00 24.14 -27.38
C ALA B 540 -25.96 25.31 -27.47
N ALA B 541 -25.42 26.50 -27.72
CA ALA B 541 -26.22 27.72 -27.72
C ALA B 541 -26.59 28.14 -29.13
N VAL B 542 -27.75 28.80 -29.28
CA VAL B 542 -28.26 29.10 -30.61
C VAL B 542 -27.68 30.40 -31.14
N HIS B 543 -27.17 31.27 -30.27
CA HIS B 543 -26.46 32.44 -30.79
C HIS B 543 -25.10 32.07 -31.33
N ASP B 544 -24.50 31.00 -30.81
CA ASP B 544 -23.22 30.59 -31.32
C ASP B 544 -23.34 29.98 -32.71
N VAL B 545 -24.49 29.39 -33.02
CA VAL B 545 -24.72 28.88 -34.38
C VAL B 545 -24.84 30.03 -35.36
N PHE B 546 -25.40 31.15 -34.93
CA PHE B 546 -25.41 32.34 -35.78
C PHE B 546 -24.01 32.90 -35.97
N PHE B 547 -23.21 32.94 -34.89
CA PHE B 547 -21.89 33.52 -34.98
C PHE B 547 -20.95 32.64 -35.79
N LEU B 548 -21.15 31.32 -35.77
CA LEU B 548 -20.28 30.44 -36.53
C LEU B 548 -20.61 30.52 -38.02
N ILE B 549 -21.89 30.55 -38.38
CA ILE B 549 -22.28 30.63 -39.79
C ILE B 549 -21.85 31.97 -40.38
N LYS B 550 -21.97 33.04 -39.62
CA LYS B 550 -21.46 34.32 -40.10
C LYS B 550 -19.95 34.39 -39.96
N GLY B 551 -19.36 33.58 -39.09
CA GLY B 551 -17.91 33.57 -38.95
C GLY B 551 -17.21 32.89 -40.10
N VAL B 552 -17.76 31.78 -40.61
CA VAL B 552 -17.20 31.16 -41.81
C VAL B 552 -17.45 32.03 -43.02
N PHE B 553 -18.59 32.73 -43.03
CA PHE B 553 -18.92 33.60 -44.15
C PHE B 553 -18.03 34.84 -44.18
N ALA B 554 -17.64 35.34 -43.00
CA ALA B 554 -16.78 36.52 -42.97
C ALA B 554 -15.35 36.16 -43.35
N PHE B 555 -14.90 34.96 -42.99
CA PHE B 555 -13.58 34.50 -43.42
C PHE B 555 -13.55 34.27 -44.93
N TYR B 556 -14.65 33.78 -45.50
CA TYR B 556 -14.74 33.60 -46.93
C TYR B 556 -14.74 34.93 -47.67
N THR B 557 -15.50 35.90 -47.18
CA THR B 557 -15.71 37.14 -47.91
C THR B 557 -14.53 38.08 -47.77
N TYR B 558 -13.94 38.18 -46.58
CA TYR B 558 -13.07 39.29 -46.26
C TYR B 558 -11.65 38.89 -45.89
N TYR B 559 -11.18 37.70 -46.29
CA TYR B 559 -9.82 37.34 -45.90
C TYR B 559 -8.79 38.06 -46.74
N ASN B 560 -9.01 38.18 -48.05
CA ASN B 560 -8.00 38.81 -48.89
C ASN B 560 -8.04 40.33 -48.76
N GLN B 561 -9.13 40.88 -48.23
CA GLN B 561 -9.13 42.30 -47.91
C GLN B 561 -8.29 42.57 -46.69
N VAL B 562 -8.25 41.64 -45.73
CA VAL B 562 -7.37 41.76 -44.59
C VAL B 562 -5.93 41.43 -44.98
N LEU B 563 -5.75 40.39 -45.79
CA LEU B 563 -4.42 39.92 -46.15
C LEU B 563 -3.68 40.92 -47.04
N SER B 564 -4.40 41.73 -47.81
CA SER B 564 -3.74 42.76 -48.60
C SER B 564 -3.21 43.90 -47.75
N THR B 565 -3.76 44.11 -46.56
CA THR B 565 -3.32 45.19 -45.69
C THR B 565 -2.21 44.78 -44.73
N CYS B 566 -1.80 43.52 -44.73
CA CYS B 566 -0.69 43.10 -43.89
C CYS B 566 0.64 43.43 -44.57
N VAL B 567 1.49 44.16 -43.87
CA VAL B 567 2.83 44.46 -44.33
C VAL B 567 3.83 43.80 -43.37
N HIS B 568 4.63 42.89 -43.91
CA HIS B 568 5.72 42.30 -43.16
C HIS B 568 6.97 43.13 -43.36
N ASP B 569 8.04 42.79 -42.66
CA ASP B 569 9.31 43.48 -42.87
C ASP B 569 10.10 42.82 -43.99
N MET C 1 -5.94 -29.49 -52.66
CA MET C 1 -5.21 -28.36 -52.11
C MET C 1 -4.10 -28.81 -51.17
N ASP C 2 -4.24 -30.03 -50.65
CA ASP C 2 -3.24 -30.58 -49.73
C ASP C 2 -1.85 -30.58 -50.36
N LYS C 3 -1.79 -30.93 -51.65
CA LYS C 3 -0.52 -30.96 -52.36
C LYS C 3 -0.05 -29.55 -52.69
N LYS C 4 -0.97 -28.68 -53.09
CA LYS C 4 -0.59 -27.32 -53.45
C LYS C 4 -0.35 -26.47 -52.22
N ALA C 5 -1.00 -26.79 -51.10
CA ALA C 5 -0.73 -26.05 -49.87
C ALA C 5 0.62 -26.41 -49.29
N ARG C 6 1.03 -27.67 -49.43
CA ARG C 6 2.35 -28.06 -48.96
C ARG C 6 3.44 -27.55 -49.90
N GLU C 7 3.14 -27.48 -51.20
CA GLU C 7 4.12 -26.96 -52.16
C GLU C 7 4.30 -25.45 -51.99
N TYR C 8 3.24 -24.75 -51.61
CA TYR C 8 3.34 -23.32 -51.33
C TYR C 8 4.12 -23.07 -50.06
N ALA C 9 3.88 -23.87 -49.02
CA ALA C 9 4.63 -23.71 -47.79
C ALA C 9 6.05 -24.21 -47.92
N GLN C 10 6.32 -25.09 -48.88
CA GLN C 10 7.69 -25.53 -49.12
C GLN C 10 8.53 -24.39 -49.68
N ASP C 11 8.00 -23.65 -50.66
CA ASP C 11 8.77 -22.55 -51.25
C ASP C 11 8.87 -21.38 -50.28
N ALA C 12 7.88 -21.21 -49.40
CA ALA C 12 7.99 -20.21 -48.34
C ALA C 12 9.08 -20.59 -47.35
N LEU C 13 9.26 -21.89 -47.13
CA LEU C 13 10.32 -22.37 -46.25
C LEU C 13 11.65 -22.46 -46.96
N LYS C 14 11.67 -22.25 -48.28
CA LYS C 14 12.91 -21.95 -48.96
C LYS C 14 13.21 -20.46 -48.93
N PHE C 15 12.16 -19.63 -48.89
CA PHE C 15 12.36 -18.18 -48.89
C PHE C 15 12.88 -17.70 -47.54
N ILE C 16 12.11 -17.91 -46.47
CA ILE C 16 12.68 -17.92 -45.13
C ILE C 16 13.68 -19.08 -45.05
N GLN C 17 14.72 -18.91 -44.21
CA GLN C 17 16.01 -19.61 -44.09
C GLN C 17 17.00 -19.13 -45.15
N ARG C 18 16.55 -18.34 -46.11
CA ARG C 18 17.45 -17.51 -46.90
C ARG C 18 17.21 -16.04 -46.64
N SER C 19 16.06 -15.71 -46.08
CA SER C 19 15.67 -14.34 -45.78
C SER C 19 15.88 -14.10 -44.29
N GLY C 20 17.14 -13.93 -43.90
CA GLY C 20 17.43 -13.78 -42.49
C GLY C 20 17.24 -12.39 -41.92
N SER C 21 17.01 -11.39 -42.76
CA SER C 21 16.87 -10.02 -42.30
C SER C 21 15.98 -9.27 -43.29
N ASN C 22 15.96 -7.95 -43.16
CA ASN C 22 15.19 -7.14 -44.10
C ASN C 22 15.96 -6.90 -45.38
N PHE C 23 17.28 -7.04 -45.35
CA PHE C 23 18.07 -6.83 -46.56
C PHE C 23 17.99 -8.05 -47.47
N LEU C 24 18.13 -9.25 -46.91
CA LEU C 24 18.01 -10.45 -47.70
C LEU C 24 16.55 -10.77 -48.03
N ALA C 25 15.61 -10.08 -47.41
CA ALA C 25 14.23 -10.14 -47.85
C ALA C 25 14.04 -9.38 -49.15
N CYS C 26 14.68 -8.21 -49.28
CA CYS C 26 14.63 -7.47 -50.52
C CYS C 26 15.42 -8.20 -51.59
N LYS C 27 16.53 -8.83 -51.21
CA LYS C 27 17.41 -9.47 -52.18
C LYS C 27 16.79 -10.74 -52.75
N ASN C 28 16.22 -11.58 -51.89
CA ASN C 28 15.68 -12.85 -52.37
C ASN C 28 14.36 -12.67 -53.09
N LEU C 29 13.58 -11.64 -52.74
CA LEU C 29 12.37 -11.35 -53.48
C LEU C 29 12.69 -10.75 -54.84
N LYS C 30 13.72 -9.93 -54.92
CA LYS C 30 14.16 -9.39 -56.20
C LYS C 30 14.74 -10.48 -57.08
N GLU C 31 15.41 -11.46 -56.48
CA GLU C 31 15.83 -12.64 -57.23
C GLU C 31 14.64 -13.50 -57.61
N ARG C 32 13.60 -13.53 -56.77
CA ARG C 32 12.42 -14.33 -57.08
C ARG C 32 11.60 -13.67 -58.19
N LEU C 33 11.58 -12.34 -58.24
CA LEU C 33 10.86 -11.65 -59.29
C LEU C 33 11.63 -11.65 -60.60
N GLU C 34 12.96 -11.60 -60.54
CA GLU C 34 13.76 -11.58 -61.76
C GLU C 34 13.79 -12.95 -62.44
N ASN C 35 13.45 -14.03 -61.73
CA ASN C 35 13.37 -15.33 -62.38
C ASN C 35 12.18 -15.44 -63.31
N ASN C 36 11.13 -14.65 -63.08
CA ASN C 36 9.98 -14.68 -63.98
C ASN C 36 10.15 -13.73 -65.15
N GLY C 37 11.23 -12.95 -65.18
CA GLY C 37 11.49 -12.05 -66.28
C GLY C 37 11.23 -10.59 -65.99
N PHE C 38 11.22 -10.19 -64.73
CA PHE C 38 10.95 -8.80 -64.39
C PHE C 38 12.17 -7.94 -64.70
N ILE C 39 11.93 -6.83 -65.38
CA ILE C 39 13.03 -5.92 -65.73
C ILE C 39 13.44 -5.13 -64.49
N ASN C 40 14.64 -5.42 -64.01
CA ASN C 40 15.18 -4.77 -62.82
C ASN C 40 15.65 -3.38 -63.21
N LEU C 41 14.90 -2.37 -62.82
CA LEU C 41 15.25 -0.99 -63.11
C LEU C 41 15.64 -0.30 -61.82
N SER C 42 16.63 0.59 -61.92
CA SER C 42 17.15 1.30 -60.76
C SER C 42 16.45 2.65 -60.67
N GLU C 43 16.45 3.20 -59.46
CA GLU C 43 15.78 4.48 -59.21
C GLU C 43 16.56 5.64 -59.81
N GLY C 44 17.84 5.43 -60.14
CA GLY C 44 18.71 6.55 -60.41
C GLY C 44 18.94 6.83 -61.87
N GLU C 45 18.52 5.92 -62.76
CA GLU C 45 18.84 6.18 -64.17
C GLU C 45 17.79 7.04 -64.88
N THR C 46 16.65 6.46 -65.24
CA THR C 46 15.56 7.01 -66.04
C THR C 46 14.53 5.89 -66.14
N TRP C 47 13.25 6.23 -66.14
CA TRP C 47 12.19 5.23 -66.24
C TRP C 47 11.54 5.31 -67.60
N ASN C 48 11.80 4.32 -68.45
CA ASN C 48 11.12 4.17 -69.73
C ASN C 48 10.29 2.89 -69.62
N LEU C 49 9.09 3.02 -69.08
CA LEU C 49 8.26 1.84 -68.83
C LEU C 49 7.46 1.48 -70.06
N ASN C 50 7.18 0.19 -70.20
CA ASN C 50 6.45 -0.33 -71.34
C ASN C 50 5.20 -1.04 -70.86
N LYS C 51 4.23 -1.20 -71.75
CA LYS C 51 3.10 -2.05 -71.45
C LYS C 51 3.54 -3.51 -71.45
N ASN C 52 2.74 -4.36 -70.78
CA ASN C 52 2.91 -5.82 -70.70
C ASN C 52 4.19 -6.26 -70.01
N GLU C 53 4.98 -5.36 -69.44
CA GLU C 53 6.25 -5.75 -68.85
C GLU C 53 6.19 -5.56 -67.35
N GLY C 54 6.91 -6.43 -66.64
CA GLY C 54 6.95 -6.36 -65.20
C GLY C 54 8.27 -5.80 -64.73
N TYR C 55 8.24 -5.01 -63.67
CA TYR C 55 9.43 -4.32 -63.19
C TYR C 55 9.60 -4.60 -61.71
N VAL C 56 10.82 -4.42 -61.21
CA VAL C 56 11.17 -4.71 -59.83
C VAL C 56 12.24 -3.71 -59.41
N LEU C 57 12.11 -3.17 -58.20
CA LEU C 57 13.15 -2.29 -57.68
C LEU C 57 13.24 -2.42 -56.17
N CYS C 58 14.47 -2.67 -55.71
CA CYS C 58 14.84 -2.53 -54.31
C CYS C 58 15.27 -1.11 -54.07
N LYS C 59 14.48 -0.36 -53.30
CA LYS C 59 14.90 0.97 -52.89
C LYS C 59 15.90 0.82 -51.75
N GLU C 60 17.17 1.17 -52.04
CA GLU C 60 18.36 1.04 -51.18
C GLU C 60 18.41 -0.28 -50.40
N ASN C 61 18.07 -1.38 -51.06
CA ASN C 61 18.13 -2.77 -50.60
C ASN C 61 17.32 -3.04 -49.35
N ARG C 62 16.32 -2.23 -49.02
CA ARG C 62 15.44 -2.49 -47.89
C ARG C 62 13.99 -2.65 -48.32
N ASN C 63 13.57 -1.94 -49.35
CA ASN C 63 12.17 -1.86 -49.76
C ASN C 63 12.02 -2.43 -51.16
N ILE C 64 11.43 -3.61 -51.25
CA ILE C 64 11.15 -4.25 -52.54
C ILE C 64 9.79 -3.74 -53.02
N CYS C 65 9.70 -3.49 -54.33
CA CYS C 65 8.47 -2.99 -54.95
C CYS C 65 8.42 -3.50 -56.38
N GLY C 66 7.65 -4.55 -56.62
CA GLY C 66 7.51 -5.05 -57.96
C GLY C 66 6.16 -4.71 -58.54
N PHE C 67 6.13 -4.17 -59.76
CA PHE C 67 4.86 -3.81 -60.37
C PHE C 67 4.80 -4.34 -61.80
N PHE C 68 3.58 -4.50 -62.29
CA PHE C 68 3.31 -4.98 -63.64
C PHE C 68 2.34 -4.04 -64.33
N VAL C 69 2.80 -3.42 -65.40
CA VAL C 69 1.96 -2.54 -66.20
C VAL C 69 1.14 -3.39 -67.17
N GLY C 70 -0.18 -3.24 -67.12
CA GLY C 70 -1.04 -3.98 -68.01
C GLY C 70 -0.92 -3.55 -69.44
N LYS C 71 -1.48 -4.36 -70.35
CA LYS C 71 -1.28 -4.15 -71.78
C LYS C 71 -2.06 -2.93 -72.28
N ASN C 72 -3.38 -2.93 -72.12
CA ASN C 72 -4.21 -1.75 -72.39
C ASN C 72 -4.60 -1.11 -71.06
N PHE C 73 -3.80 -0.15 -70.60
CA PHE C 73 -4.31 0.80 -69.64
C PHE C 73 -5.50 1.57 -70.18
N ASN C 74 -6.41 1.91 -69.29
CA ASN C 74 -7.45 2.89 -69.55
C ASN C 74 -7.52 3.85 -68.38
N ILE C 75 -7.15 5.10 -68.65
CA ILE C 75 -7.30 6.20 -67.71
C ILE C 75 -8.77 6.33 -67.31
N ASP C 76 -9.67 6.15 -68.27
CA ASP C 76 -11.09 6.13 -67.98
C ASP C 76 -11.48 4.95 -67.11
N THR C 77 -11.29 3.72 -67.60
CA THR C 77 -11.70 2.51 -66.88
C THR C 77 -10.47 1.63 -66.63
N GLY C 78 -9.75 1.94 -65.56
CA GLY C 78 -8.59 1.16 -65.16
C GLY C 78 -8.28 1.44 -63.71
N SER C 79 -7.32 0.70 -63.16
CA SER C 79 -7.12 0.66 -61.73
C SER C 79 -5.65 0.51 -61.38
N ILE C 80 -5.33 0.78 -60.12
CA ILE C 80 -4.03 0.49 -59.53
C ILE C 80 -4.26 -0.42 -58.34
N LEU C 81 -3.89 -1.69 -58.48
CA LEU C 81 -4.13 -2.69 -57.44
C LEU C 81 -2.82 -2.94 -56.71
N ILE C 82 -2.81 -2.67 -55.42
CA ILE C 82 -1.60 -2.75 -54.62
C ILE C 82 -1.80 -3.75 -53.51
N SER C 83 -0.86 -4.69 -53.40
CA SER C 83 -0.80 -5.60 -52.28
C SER C 83 0.46 -5.29 -51.47
N ILE C 84 0.30 -5.25 -50.15
CA ILE C 84 1.32 -4.70 -49.26
C ILE C 84 1.61 -5.70 -48.17
N GLY C 85 2.88 -6.03 -47.98
CA GLY C 85 3.31 -6.73 -46.80
C GLY C 85 4.75 -6.39 -46.50
N HIS C 86 5.02 -5.89 -45.29
CA HIS C 86 6.34 -5.41 -44.93
C HIS C 86 7.34 -6.56 -44.83
N ILE C 87 8.59 -6.29 -45.19
CA ILE C 87 9.65 -7.30 -45.15
C ILE C 87 10.64 -6.90 -44.05
N ASP C 88 10.32 -7.28 -42.83
CA ASP C 88 11.11 -7.04 -41.62
C ASP C 88 10.39 -7.72 -40.47
N SER C 89 11.08 -7.82 -39.34
CA SER C 89 10.50 -8.46 -38.18
C SER C 89 11.22 -7.95 -36.95
N CYS C 90 10.67 -8.27 -35.79
CA CYS C 90 11.33 -7.96 -34.53
C CYS C 90 12.58 -8.82 -34.41
N ALA C 91 13.74 -8.17 -34.44
CA ALA C 91 15.02 -8.86 -34.37
C ALA C 91 15.93 -8.10 -33.44
N LEU C 92 16.97 -8.78 -32.98
CA LEU C 92 18.01 -8.13 -32.20
C LEU C 92 19.09 -7.61 -33.13
N LYS C 93 18.98 -6.35 -33.53
CA LYS C 93 20.00 -5.76 -34.38
C LYS C 93 21.22 -5.41 -33.56
N ILE C 94 22.37 -5.35 -34.22
CA ILE C 94 23.65 -5.10 -33.58
C ILE C 94 23.91 -3.60 -33.51
N SER C 95 24.28 -3.13 -32.32
CA SER C 95 24.64 -1.75 -32.06
C SER C 95 25.96 -1.40 -32.73
N PRO C 96 26.21 -0.11 -33.01
CA PRO C 96 27.48 0.27 -33.63
C PRO C 96 28.71 0.06 -32.76
N ASN C 97 28.71 0.57 -31.54
CA ASN C 97 29.77 0.32 -30.59
C ASN C 97 29.40 -0.96 -29.86
N ASN C 98 30.05 -2.06 -30.25
CA ASN C 98 29.82 -3.36 -29.64
C ASN C 98 31.16 -3.94 -29.24
N ASN C 99 31.63 -3.58 -28.06
CA ASN C 99 32.79 -4.27 -27.49
C ASN C 99 32.52 -4.35 -26.00
N VAL C 100 31.82 -5.40 -25.61
CA VAL C 100 31.45 -5.62 -24.22
C VAL C 100 32.26 -6.80 -23.71
N ILE C 101 33.17 -6.52 -22.77
CA ILE C 101 34.01 -7.54 -22.16
C ILE C 101 33.70 -7.54 -20.68
N LYS C 102 32.85 -8.46 -20.25
CA LYS C 102 32.48 -8.55 -18.84
C LYS C 102 32.54 -10.01 -18.42
N LYS C 103 33.10 -10.24 -17.23
CA LYS C 103 33.31 -11.58 -16.64
C LYS C 103 34.09 -12.49 -17.57
N LYS C 104 35.16 -11.95 -18.17
CA LYS C 104 36.06 -12.64 -19.10
C LYS C 104 35.33 -13.21 -20.31
N ILE C 105 34.26 -12.56 -20.76
CA ILE C 105 33.45 -13.04 -21.86
C ILE C 105 33.23 -11.89 -22.83
N HIS C 106 33.58 -12.12 -24.09
CA HIS C 106 33.31 -11.16 -25.14
C HIS C 106 31.83 -11.20 -25.49
N GLN C 107 31.21 -10.02 -25.52
CA GLN C 107 29.79 -9.91 -25.77
C GLN C 107 29.53 -8.91 -26.88
N ILE C 108 28.33 -9.02 -27.43
CA ILE C 108 27.75 -8.00 -28.30
C ILE C 108 26.64 -7.37 -27.52
N ASN C 109 26.55 -6.05 -27.53
CA ASN C 109 25.32 -5.44 -27.04
C ASN C 109 24.43 -5.15 -28.23
N VAL C 110 23.22 -5.71 -28.20
CA VAL C 110 22.32 -5.65 -29.33
C VAL C 110 21.19 -4.69 -28.99
N GLU C 111 20.64 -4.07 -30.02
CA GLU C 111 19.52 -3.16 -29.85
C GLU C 111 18.23 -3.89 -30.21
N CYS C 112 17.24 -3.78 -29.35
CA CYS C 112 15.97 -4.45 -29.59
C CYS C 112 15.17 -3.69 -30.62
N TYR C 113 15.12 -4.24 -31.83
CA TYR C 113 14.43 -3.60 -32.94
C TYR C 113 13.00 -4.11 -32.96
N GLY C 114 12.04 -3.20 -32.94
CA GLY C 114 10.66 -3.61 -32.91
C GLY C 114 10.21 -3.94 -31.50
N SER C 115 9.02 -4.52 -31.39
CA SER C 115 8.43 -4.91 -30.12
C SER C 115 8.24 -6.41 -30.18
N GLY C 116 9.20 -7.15 -29.64
CA GLY C 116 9.22 -8.59 -29.74
C GLY C 116 9.18 -9.27 -28.38
N LEU C 117 8.92 -10.57 -28.43
CA LEU C 117 9.01 -11.43 -27.25
C LEU C 117 10.49 -11.70 -27.03
N TRP C 118 11.16 -10.80 -26.32
CA TRP C 118 12.61 -10.90 -26.22
C TRP C 118 13.04 -11.96 -25.23
N HIS C 119 12.14 -12.46 -24.39
CA HIS C 119 12.49 -13.59 -23.54
C HIS C 119 12.52 -14.90 -24.32
N THR C 120 11.89 -14.93 -25.50
CA THR C 120 12.00 -16.10 -26.36
C THR C 120 13.32 -16.12 -27.11
N TRP C 121 13.96 -14.95 -27.29
CA TRP C 121 15.26 -14.89 -27.91
C TRP C 121 16.37 -15.38 -26.98
N PHE C 122 16.08 -15.54 -25.70
CA PHE C 122 17.05 -16.11 -24.78
C PHE C 122 17.21 -17.58 -25.06
N ASP C 123 18.45 -18.05 -24.96
CA ASP C 123 18.84 -19.46 -25.10
C ASP C 123 18.52 -19.99 -26.50
N ARG C 124 18.98 -19.26 -27.51
CA ARG C 124 18.83 -19.66 -28.90
C ARG C 124 20.19 -19.68 -29.56
N SER C 125 20.44 -20.68 -30.39
CA SER C 125 21.64 -20.72 -31.22
C SER C 125 21.47 -19.67 -32.32
N LEU C 126 22.02 -18.49 -32.12
CA LEU C 126 21.72 -17.33 -32.93
C LEU C 126 22.77 -17.13 -34.01
N GLY C 127 22.33 -16.63 -35.16
CA GLY C 127 23.19 -16.33 -36.28
C GLY C 127 23.18 -14.86 -36.63
N LEU C 128 23.61 -14.57 -37.86
CA LEU C 128 23.73 -13.20 -38.34
C LEU C 128 23.22 -13.09 -39.76
N SER C 129 22.46 -12.04 -40.03
CA SER C 129 22.07 -11.69 -41.38
C SER C 129 21.94 -10.18 -41.46
N GLY C 130 22.33 -9.63 -42.60
CA GLY C 130 22.22 -8.20 -42.76
C GLY C 130 23.23 -7.69 -43.76
N GLN C 131 23.48 -6.39 -43.67
CA GLN C 131 24.27 -5.66 -44.64
C GLN C 131 25.58 -5.23 -44.00
N VAL C 132 26.69 -5.48 -44.67
CA VAL C 132 28.01 -5.12 -44.16
C VAL C 132 28.69 -4.26 -45.21
N LEU C 133 29.14 -3.07 -44.81
CA LEU C 133 29.90 -2.19 -45.69
C LEU C 133 31.37 -2.35 -45.33
N TYR C 134 32.18 -2.74 -46.31
CA TYR C 134 33.61 -2.94 -46.12
C TYR C 134 34.38 -2.32 -47.28
N LYS C 135 35.64 -2.00 -47.02
CA LYS C 135 36.50 -1.41 -48.04
C LYS C 135 37.16 -2.48 -48.88
N LYS C 136 37.36 -2.19 -50.15
CA LYS C 136 38.21 -3.01 -51.03
C LYS C 136 38.89 -2.07 -52.01
N GLY C 137 40.14 -1.74 -51.73
CA GLY C 137 40.83 -0.71 -52.47
C GLY C 137 40.41 0.66 -51.99
N ASN C 138 39.95 1.50 -52.92
CA ASN C 138 39.47 2.84 -52.58
C ASN C 138 37.96 2.91 -52.66
N LYS C 139 37.29 1.77 -52.78
CA LYS C 139 35.88 1.72 -53.11
C LYS C 139 35.11 1.10 -51.96
N LEU C 140 34.00 1.71 -51.59
CA LEU C 140 33.14 1.12 -50.57
C LEU C 140 32.32 0.01 -51.19
N VAL C 141 32.54 -1.21 -50.72
CA VAL C 141 31.87 -2.39 -51.26
C VAL C 141 30.80 -2.82 -50.28
N GLU C 142 29.60 -3.06 -50.81
CA GLU C 142 28.43 -3.41 -50.02
C GLU C 142 28.12 -4.88 -50.25
N LYS C 143 28.00 -5.64 -49.16
CA LYS C 143 27.73 -7.05 -49.28
C LYS C 143 26.70 -7.48 -48.25
N LEU C 144 25.72 -8.24 -48.70
CA LEU C 144 24.67 -8.80 -47.86
C LEU C 144 25.10 -10.19 -47.40
N ILE C 145 25.34 -10.34 -46.11
CA ILE C 145 25.88 -11.59 -45.59
C ILE C 145 24.77 -12.39 -44.94
N GLN C 146 25.03 -13.68 -44.79
CA GLN C 146 24.08 -14.64 -44.22
C GLN C 146 24.89 -15.74 -43.55
N ILE C 147 25.02 -15.66 -42.23
CA ILE C 147 25.81 -16.61 -41.47
C ILE C 147 24.84 -17.58 -40.80
N ASN C 148 24.67 -18.75 -41.40
CA ASN C 148 23.69 -19.73 -40.96
C ASN C 148 24.20 -20.64 -39.85
N LYS C 149 25.45 -20.48 -39.43
CA LYS C 149 25.97 -21.24 -38.31
C LYS C 149 25.84 -20.43 -37.04
N SER C 150 25.78 -21.13 -35.91
CA SER C 150 25.50 -20.45 -34.66
C SER C 150 26.75 -19.79 -34.13
N VAL C 151 26.73 -18.47 -34.05
CA VAL C 151 27.90 -17.70 -33.67
C VAL C 151 27.59 -16.80 -32.49
N LEU C 152 26.37 -16.88 -31.98
CA LEU C 152 25.92 -16.02 -30.90
C LEU C 152 24.95 -16.79 -30.02
N PHE C 153 24.86 -16.37 -28.77
CA PHE C 153 24.01 -17.04 -27.81
C PHE C 153 23.65 -16.04 -26.73
N LEU C 154 22.36 -15.86 -26.49
CA LEU C 154 21.89 -14.99 -25.43
C LEU C 154 21.49 -15.86 -24.25
N PRO C 155 22.33 -15.99 -23.23
CA PRO C 155 22.04 -16.95 -22.17
C PRO C 155 21.08 -16.40 -21.14
N SER C 156 20.27 -17.28 -20.58
CA SER C 156 19.36 -16.91 -19.52
C SER C 156 20.06 -17.02 -18.17
N LEU C 157 19.36 -16.62 -17.12
CA LEU C 157 19.89 -16.83 -15.79
C LEU C 157 19.46 -18.21 -15.29
N ALA C 158 20.36 -18.86 -14.56
CA ALA C 158 20.05 -20.14 -13.94
C ALA C 158 18.94 -19.99 -12.92
N ILE C 159 18.19 -21.06 -12.70
CA ILE C 159 17.00 -20.97 -11.87
C ILE C 159 17.34 -20.90 -10.39
N HIS C 160 18.55 -21.31 -10.00
CA HIS C 160 18.88 -21.49 -8.60
C HIS C 160 19.15 -20.17 -7.89
N LEU C 161 19.38 -19.09 -8.65
CA LEU C 161 19.92 -17.88 -8.04
C LEU C 161 18.81 -17.00 -7.47
N GLN C 162 17.66 -16.96 -8.11
CA GLN C 162 16.51 -16.22 -7.60
C GLN C 162 15.63 -17.14 -6.75
N ASN C 163 14.44 -16.66 -6.42
CA ASN C 163 13.45 -17.51 -5.77
C ASN C 163 12.83 -18.41 -6.83
N ARG C 164 12.29 -19.55 -6.41
CA ARG C 164 11.92 -20.60 -7.37
C ARG C 164 10.43 -20.93 -7.29
N THR C 165 9.99 -21.64 -8.33
CA THR C 165 8.79 -22.51 -8.40
C THR C 165 7.44 -21.81 -8.15
N ARG C 166 7.42 -20.48 -8.03
CA ARG C 166 6.14 -19.82 -7.81
C ARG C 166 5.94 -18.68 -8.79
N TYR C 167 4.73 -18.59 -9.35
CA TYR C 167 4.24 -17.56 -10.28
C TYR C 167 5.23 -17.23 -11.41
N ASP C 168 5.87 -18.28 -11.92
CA ASP C 168 7.04 -18.19 -12.80
C ASP C 168 8.13 -17.25 -12.26
N PHE C 169 8.49 -17.43 -10.99
CA PHE C 169 9.68 -16.92 -10.29
C PHE C 169 10.05 -15.46 -10.52
N SER C 170 9.07 -14.63 -10.89
CA SER C 170 9.20 -13.20 -11.18
C SER C 170 10.32 -12.91 -12.18
N VAL C 171 10.14 -13.45 -13.39
CA VAL C 171 11.12 -13.21 -14.44
C VAL C 171 10.94 -11.80 -14.99
N LYS C 172 12.03 -11.04 -15.04
CA LYS C 172 12.04 -9.69 -15.58
C LYS C 172 13.27 -9.56 -16.45
N ILE C 173 13.08 -9.36 -17.74
CA ILE C 173 14.18 -9.18 -18.66
C ILE C 173 14.40 -7.68 -18.84
N ASN C 174 15.45 -7.17 -18.20
CA ASN C 174 15.88 -5.80 -18.42
C ASN C 174 16.47 -5.72 -19.82
N TYR C 175 15.96 -4.79 -20.63
CA TYR C 175 16.23 -4.81 -22.05
C TYR C 175 17.66 -4.39 -22.36
N GLU C 176 18.23 -3.51 -21.55
CA GLU C 176 19.62 -3.15 -21.74
C GLU C 176 20.58 -4.15 -21.12
N ASN C 177 20.41 -4.43 -19.83
CA ASN C 177 21.38 -5.23 -19.08
C ASN C 177 21.37 -6.68 -19.48
N HIS C 178 20.21 -7.31 -19.55
CA HIS C 178 20.14 -8.76 -19.69
C HIS C 178 20.16 -9.23 -21.13
N ILE C 179 19.92 -8.34 -22.09
CA ILE C 179 19.93 -8.70 -23.50
C ILE C 179 21.27 -8.22 -24.06
N LYS C 180 22.26 -9.09 -23.99
CA LYS C 180 23.60 -8.89 -24.49
C LYS C 180 24.16 -10.29 -24.78
N PRO C 181 24.11 -10.76 -26.02
CA PRO C 181 24.55 -12.13 -26.31
C PRO C 181 26.05 -12.28 -26.16
N ILE C 182 26.46 -13.43 -25.66
CA ILE C 182 27.88 -13.75 -25.59
C ILE C 182 28.32 -14.25 -26.95
N ILE C 183 29.58 -13.99 -27.29
CA ILE C 183 30.09 -14.35 -28.60
C ILE C 183 31.37 -15.15 -28.50
N SER C 184 32.11 -14.99 -27.41
CA SER C 184 33.41 -15.64 -27.21
C SER C 184 33.83 -15.40 -25.77
N THR C 185 34.95 -16.01 -25.40
CA THR C 185 35.65 -15.65 -24.18
C THR C 185 36.94 -14.92 -24.52
N THR C 186 37.51 -14.27 -23.51
CA THR C 186 38.79 -13.60 -23.72
C THR C 186 39.94 -14.58 -23.78
N LEU C 187 39.73 -15.83 -23.36
CA LEU C 187 40.77 -16.83 -23.50
C LEU C 187 40.95 -17.22 -24.95
N PHE C 188 39.88 -17.63 -25.63
CA PHE C 188 40.04 -18.06 -27.01
C PHE C 188 40.04 -16.89 -27.99
N ASN C 189 39.69 -15.69 -27.56
CA ASN C 189 39.94 -14.54 -28.42
C ASN C 189 41.43 -14.27 -28.49
N GLN C 190 42.11 -14.32 -27.35
CA GLN C 190 43.56 -14.13 -27.33
C GLN C 190 44.28 -15.36 -27.85
N LEU C 191 43.69 -16.55 -27.69
CA LEU C 191 44.32 -17.76 -28.19
C LEU C 191 44.24 -17.81 -29.72
N ASN C 192 43.16 -17.30 -30.30
CA ASN C 192 43.04 -17.34 -31.74
C ASN C 192 43.55 -16.05 -32.38
N LYS C 193 44.30 -15.24 -31.62
CA LYS C 193 44.85 -14.01 -32.20
C LYS C 193 46.32 -14.14 -32.55
N CYS C 194 47.13 -14.75 -31.66
CA CYS C 194 48.56 -14.83 -31.94
C CYS C 194 48.86 -15.88 -33.02
N LYS C 195 47.93 -16.80 -33.26
CA LYS C 195 48.02 -17.63 -34.44
C LYS C 195 47.00 -17.19 -35.47
N ILE C 272 41.71 -2.00 -35.81
CA ILE C 272 42.23 -0.72 -35.32
C ILE C 272 41.24 -0.10 -34.33
N ASN C 273 39.95 -0.17 -34.68
CA ASN C 273 38.92 0.46 -33.85
C ASN C 273 38.66 -0.39 -32.61
N THR C 274 38.50 0.28 -31.47
CA THR C 274 38.20 -0.42 -30.23
C THR C 274 36.70 -0.54 -29.99
N ASP C 275 35.89 -0.06 -30.93
CA ASP C 275 34.45 -0.03 -30.71
C ASP C 275 33.78 -1.29 -31.24
N ASN C 276 34.36 -1.89 -32.29
CA ASN C 276 33.81 -3.11 -32.85
C ASN C 276 34.43 -4.33 -32.19
N SER C 277 33.64 -5.39 -32.04
CA SER C 277 34.13 -6.61 -31.41
C SER C 277 35.04 -7.38 -32.34
N TYR C 278 36.24 -7.69 -31.87
CA TYR C 278 37.15 -8.51 -32.67
C TYR C 278 36.67 -9.94 -32.87
N PRO C 279 35.97 -10.60 -31.93
CA PRO C 279 35.27 -11.83 -32.33
C PRO C 279 34.25 -11.64 -33.41
N LEU C 280 33.56 -10.51 -33.43
CA LEU C 280 32.64 -10.24 -34.53
C LEU C 280 33.39 -9.87 -35.80
N LEU C 281 34.46 -9.07 -35.67
CA LEU C 281 35.20 -8.64 -36.85
C LEU C 281 35.99 -9.78 -37.49
N TYR C 282 36.41 -10.75 -36.69
CA TYR C 282 37.01 -11.96 -37.26
C TYR C 282 35.98 -12.76 -38.03
N LEU C 283 34.72 -12.71 -37.58
CA LEU C 283 33.68 -13.54 -38.18
C LEU C 283 33.24 -12.99 -39.52
N LEU C 284 33.03 -11.68 -39.62
CA LEU C 284 32.59 -11.09 -40.88
C LEU C 284 33.72 -11.07 -41.90
N SER C 285 34.95 -10.90 -41.46
CA SER C 285 36.09 -10.97 -42.38
C SER C 285 36.28 -12.36 -42.93
N LYS C 286 35.90 -13.39 -42.17
CA LYS C 286 35.95 -14.75 -42.67
C LYS C 286 34.89 -14.99 -43.73
N GLU C 287 33.77 -14.28 -43.65
CA GLU C 287 32.71 -14.44 -44.63
C GLU C 287 32.99 -13.59 -45.88
N LEU C 288 33.58 -12.41 -45.70
CA LEU C 288 33.81 -11.50 -46.81
C LEU C 288 35.16 -11.71 -47.48
N ASN C 289 36.04 -12.52 -46.87
CA ASN C 289 37.40 -12.79 -47.34
C ASN C 289 38.18 -11.48 -47.54
N CYS C 290 38.38 -10.78 -46.42
CA CYS C 290 39.17 -9.57 -46.37
C CYS C 290 39.73 -9.44 -44.96
N LYS C 291 40.44 -8.34 -44.72
CA LYS C 291 40.92 -8.09 -43.37
C LYS C 291 39.78 -7.58 -42.50
N GLU C 292 39.96 -7.76 -41.18
CA GLU C 292 39.00 -7.22 -40.23
C GLU C 292 39.07 -5.70 -40.17
N GLU C 293 40.21 -5.12 -40.54
CA GLU C 293 40.38 -3.67 -40.54
C GLU C 293 39.66 -3.02 -41.72
N ASP C 294 39.24 -3.82 -42.71
CA ASP C 294 38.48 -3.26 -43.82
C ASP C 294 37.00 -3.15 -43.50
N ILE C 295 36.52 -3.83 -42.46
CA ILE C 295 35.11 -3.77 -42.10
C ILE C 295 34.85 -2.43 -41.41
N LEU C 296 34.01 -1.60 -42.03
CA LEU C 296 33.77 -0.26 -41.53
C LEU C 296 32.61 -0.18 -40.56
N ASP C 297 31.40 -0.53 -41.00
CA ASP C 297 30.22 -0.55 -40.16
C ASP C 297 29.17 -1.38 -40.89
N PHE C 298 28.19 -1.86 -40.14
CA PHE C 298 27.27 -2.84 -40.67
C PHE C 298 25.92 -2.71 -39.98
N GLU C 299 24.87 -3.10 -40.69
CA GLU C 299 23.54 -3.23 -40.13
C GLU C 299 23.20 -4.72 -40.10
N LEU C 300 23.50 -5.37 -38.99
CA LEU C 300 23.34 -6.80 -38.86
C LEU C 300 22.20 -7.12 -37.91
N CYS C 301 21.43 -8.14 -38.27
CA CYS C 301 20.31 -8.60 -37.46
C CYS C 301 20.60 -10.01 -36.98
N LEU C 302 20.36 -10.27 -35.70
CA LEU C 302 20.50 -11.61 -35.17
C LEU C 302 19.32 -12.45 -35.62
N MET C 303 19.59 -13.66 -36.09
CA MET C 303 18.54 -14.57 -36.50
C MET C 303 18.77 -15.90 -35.82
N ASP C 304 17.73 -16.72 -35.78
CA ASP C 304 17.88 -18.06 -35.23
C ASP C 304 18.33 -19.03 -36.31
N THR C 305 19.42 -19.76 -36.04
CA THR C 305 20.02 -20.63 -37.03
C THR C 305 19.21 -21.89 -37.32
N GLN C 306 18.21 -22.19 -36.49
CA GLN C 306 17.39 -23.36 -36.72
C GLN C 306 16.51 -23.15 -37.95
N GLU C 307 16.59 -24.10 -38.90
CA GLU C 307 15.84 -23.99 -40.13
C GLU C 307 14.35 -24.15 -39.85
N PRO C 308 13.50 -23.45 -40.58
CA PRO C 308 12.06 -23.69 -40.48
C PRO C 308 11.68 -25.08 -40.94
N CYS C 309 10.60 -25.60 -40.39
CA CYS C 309 10.20 -26.98 -40.66
C CYS C 309 8.71 -27.14 -40.48
N PHE C 310 8.17 -28.13 -41.20
CA PHE C 310 6.80 -28.58 -41.00
C PHE C 310 6.67 -29.31 -39.67
N THR C 311 5.70 -28.90 -38.85
CA THR C 311 5.52 -29.49 -37.54
C THR C 311 4.08 -29.96 -37.36
N GLY C 312 3.81 -30.44 -36.15
CA GLY C 312 2.64 -31.23 -35.88
C GLY C 312 2.89 -32.70 -36.16
N VAL C 313 1.94 -33.54 -35.74
CA VAL C 313 2.03 -34.95 -36.04
C VAL C 313 1.84 -35.19 -37.54
N TYR C 314 0.88 -34.50 -38.13
CA TYR C 314 0.53 -34.69 -39.52
C TYR C 314 1.30 -33.77 -40.45
N GLU C 315 2.40 -33.17 -39.97
CA GLU C 315 3.21 -32.18 -40.68
C GLU C 315 2.34 -31.04 -41.21
N GLU C 316 1.54 -30.49 -40.29
CA GLU C 316 0.42 -29.66 -40.67
C GLU C 316 0.62 -28.19 -40.34
N PHE C 317 1.66 -27.85 -39.62
CA PHE C 317 1.97 -26.48 -39.30
C PHE C 317 3.26 -26.07 -39.99
N ILE C 318 3.57 -24.78 -39.92
CA ILE C 318 4.86 -24.27 -40.33
C ILE C 318 5.37 -23.34 -39.24
N GLU C 319 6.67 -23.35 -39.01
CA GLU C 319 7.31 -22.46 -38.04
C GLU C 319 8.79 -22.43 -38.38
N GLY C 320 9.37 -21.25 -38.56
CA GLY C 320 10.75 -21.22 -38.14
C GLY C 320 11.25 -19.98 -37.44
N ALA C 321 10.88 -18.82 -37.99
CA ALA C 321 11.39 -17.51 -37.62
C ALA C 321 10.73 -16.52 -38.54
N ARG C 322 10.60 -15.29 -38.05
CA ARG C 322 10.34 -14.09 -38.85
C ARG C 322 9.03 -14.17 -39.63
N PHE C 323 8.11 -15.04 -39.19
CA PHE C 323 6.85 -15.25 -39.91
C PHE C 323 5.91 -14.06 -39.80
N ASP C 324 6.25 -13.03 -39.01
CA ASP C 324 5.52 -11.77 -39.04
C ASP C 324 5.82 -11.11 -40.37
N ASN C 325 5.00 -11.45 -41.35
CA ASN C 325 4.93 -10.89 -42.69
C ASN C 325 6.19 -11.10 -43.51
N LEU C 326 7.04 -12.04 -43.16
CA LEU C 326 7.96 -12.53 -44.19
C LEU C 326 7.39 -13.78 -44.82
N LEU C 327 6.58 -14.53 -44.07
CA LEU C 327 5.68 -15.50 -44.67
C LEU C 327 4.53 -14.80 -45.36
N GLY C 328 4.01 -13.72 -44.76
CA GLY C 328 2.87 -13.02 -45.34
C GLY C 328 3.22 -12.26 -46.60
N SER C 329 4.39 -11.65 -46.66
CA SER C 329 4.79 -10.94 -47.87
C SER C 329 5.35 -11.88 -48.91
N PHE C 330 5.68 -13.12 -48.53
CA PHE C 330 5.89 -14.13 -49.54
C PHE C 330 4.62 -14.38 -50.33
N CYS C 331 3.49 -14.54 -49.62
CA CYS C 331 2.19 -14.72 -50.27
C CYS C 331 1.75 -13.48 -51.04
N VAL C 332 2.26 -12.30 -50.66
CA VAL C 332 2.02 -11.10 -51.45
C VAL C 332 2.72 -11.23 -52.80
N PHE C 333 3.98 -11.67 -52.80
CA PHE C 333 4.70 -11.75 -54.05
C PHE C 333 4.45 -13.07 -54.78
N GLU C 334 4.17 -14.15 -54.05
CA GLU C 334 3.77 -15.39 -54.72
C GLU C 334 2.39 -15.25 -55.35
N GLY C 335 1.50 -14.50 -54.70
CA GLY C 335 0.25 -14.17 -55.34
C GLY C 335 0.42 -13.20 -56.49
N PHE C 336 1.48 -12.39 -56.47
CA PHE C 336 1.75 -11.46 -57.55
C PHE C 336 2.42 -12.16 -58.73
N ILE C 337 3.27 -13.14 -58.44
CA ILE C 337 3.96 -13.89 -59.48
C ILE C 337 2.97 -14.73 -60.27
N GLU C 338 2.01 -15.35 -59.57
CA GLU C 338 1.00 -16.17 -60.22
C GLU C 338 0.03 -15.33 -61.04
N LEU C 339 -0.14 -14.07 -60.67
CA LEU C 339 -0.93 -13.16 -61.49
C LEU C 339 -0.23 -12.86 -62.81
N VAL C 340 1.05 -12.45 -62.76
CA VAL C 340 1.79 -12.08 -63.96
C VAL C 340 1.97 -13.28 -64.87
N ASN C 341 2.15 -14.47 -64.27
CA ASN C 341 2.21 -15.68 -65.08
C ASN C 341 0.85 -16.01 -65.67
N SER C 342 -0.25 -15.58 -65.05
CA SER C 342 -1.56 -15.77 -65.65
C SER C 342 -1.83 -14.74 -66.73
N ILE C 343 -1.14 -13.60 -66.67
CA ILE C 343 -1.29 -12.59 -67.71
C ILE C 343 -0.46 -12.94 -68.92
N LYS C 344 0.78 -13.40 -68.72
CA LYS C 344 1.66 -13.69 -69.84
C LYS C 344 1.28 -15.00 -70.53
N ASN C 345 0.88 -16.01 -69.75
CA ASN C 345 0.48 -17.27 -70.36
C ASN C 345 -0.98 -17.25 -70.75
N HIS C 346 -1.34 -18.21 -71.63
CA HIS C 346 -2.68 -18.36 -72.23
C HIS C 346 -3.13 -17.10 -72.96
N THR C 347 -2.20 -16.38 -73.56
CA THR C 347 -2.51 -15.25 -74.44
C THR C 347 -1.72 -15.36 -75.74
N ASN C 363 -11.25 -11.32 -69.88
CA ASN C 363 -9.89 -11.38 -70.40
C ASN C 363 -9.41 -10.00 -70.83
N ASP C 364 -10.34 -9.06 -70.94
CA ASP C 364 -9.97 -7.71 -71.33
C ASP C 364 -9.61 -6.84 -70.13
N ASN C 365 -10.15 -7.17 -68.95
CA ASN C 365 -9.93 -6.31 -67.80
C ASN C 365 -8.72 -6.75 -67.00
N ILE C 366 -8.14 -7.91 -67.33
CA ILE C 366 -6.90 -8.32 -66.67
C ILE C 366 -5.71 -7.51 -67.16
N HIS C 367 -5.76 -7.00 -68.38
CA HIS C 367 -4.70 -6.17 -68.93
C HIS C 367 -4.95 -4.69 -68.70
N ASN C 368 -5.81 -4.33 -67.76
CA ASN C 368 -6.38 -3.01 -67.67
C ASN C 368 -5.89 -2.28 -66.43
N ASN C 369 -5.01 -2.92 -65.66
CA ASN C 369 -4.68 -2.43 -64.34
C ASN C 369 -3.16 -2.33 -64.16
N LEU C 370 -2.78 -1.58 -63.14
CA LEU C 370 -1.40 -1.52 -62.68
C LEU C 370 -1.32 -2.29 -61.38
N TYR C 371 -0.75 -3.48 -61.43
CA TYR C 371 -0.66 -4.36 -60.27
C TYR C 371 0.68 -4.12 -59.60
N ILE C 372 0.66 -3.47 -58.45
CA ILE C 372 1.88 -3.17 -57.70
C ILE C 372 1.93 -4.12 -56.50
N SER C 373 3.13 -4.59 -56.18
CA SER C 373 3.35 -5.45 -55.02
C SER C 373 4.60 -4.94 -54.31
N ILE C 374 4.40 -4.31 -53.16
CA ILE C 374 5.49 -3.62 -52.49
C ILE C 374 5.72 -4.24 -51.11
N GLY C 375 6.98 -4.52 -50.82
CA GLY C 375 7.38 -5.00 -49.52
C GLY C 375 8.08 -3.92 -48.71
N TYR C 376 7.41 -3.39 -47.71
CA TYR C 376 7.89 -2.25 -46.97
C TYR C 376 8.93 -2.65 -45.93
N ASP C 377 9.56 -1.64 -45.36
CA ASP C 377 10.49 -1.83 -44.27
C ASP C 377 10.00 -1.03 -43.07
N HIS C 378 10.59 -1.34 -41.92
CA HIS C 378 10.47 -0.53 -40.70
C HIS C 378 9.05 -0.46 -40.17
N GLU C 379 8.25 -1.51 -40.41
CA GLU C 379 6.89 -1.55 -39.87
C GLU C 379 6.88 -1.66 -38.36
N GLU C 380 7.81 -2.45 -37.79
CA GLU C 380 7.78 -2.76 -36.37
C GLU C 380 8.04 -1.56 -35.49
N ILE C 381 8.58 -0.48 -36.05
CA ILE C 381 8.91 0.72 -35.31
C ILE C 381 8.01 1.89 -35.70
N GLY C 382 7.06 1.68 -36.59
CA GLY C 382 6.07 2.68 -36.91
C GLY C 382 6.12 3.28 -38.29
N SER C 383 6.94 2.72 -39.19
CA SER C 383 6.98 3.04 -40.63
C SER C 383 7.45 4.47 -40.93
N LEU C 384 7.95 5.18 -39.93
CA LEU C 384 8.46 6.53 -40.13
C LEU C 384 9.90 6.42 -40.58
N SER C 385 10.10 6.23 -41.88
CA SER C 385 11.42 6.03 -42.43
C SER C 385 11.40 6.41 -43.91
N GLU C 386 12.58 6.38 -44.53
CA GLU C 386 12.66 6.68 -45.96
C GLU C 386 12.22 5.50 -46.81
N VAL C 387 12.16 4.31 -46.23
CA VAL C 387 11.72 3.11 -46.92
C VAL C 387 10.50 2.51 -46.25
N GLY C 388 9.92 3.22 -45.29
CA GLY C 388 8.76 2.75 -44.59
C GLY C 388 7.49 3.02 -45.36
N ALA C 389 6.36 2.75 -44.70
CA ALA C 389 5.07 2.96 -45.32
C ALA C 389 4.68 4.43 -45.31
N ARG C 390 5.15 5.18 -44.32
CA ARG C 390 4.88 6.60 -44.25
C ARG C 390 5.77 7.41 -45.18
N SER C 391 6.68 6.75 -45.90
CA SER C 391 7.56 7.41 -46.84
C SER C 391 6.80 7.91 -48.06
N TYR C 392 7.44 8.80 -48.79
CA TYR C 392 6.97 9.24 -50.10
C TYR C 392 7.43 8.29 -51.20
N CYS C 393 8.03 7.15 -50.85
CA CYS C 393 8.62 6.28 -51.87
C CYS C 393 7.56 5.67 -52.77
N THR C 394 6.48 5.14 -52.18
CA THR C 394 5.45 4.50 -53.00
C THR C 394 4.64 5.52 -53.77
N LYS C 395 4.38 6.68 -53.17
CA LYS C 395 3.62 7.71 -53.85
C LYS C 395 4.40 8.30 -55.00
N ASN C 396 5.72 8.38 -54.87
CA ASN C 396 6.52 8.84 -56.00
C ASN C 396 6.70 7.74 -57.03
N PHE C 397 6.61 6.47 -56.61
CA PHE C 397 6.74 5.38 -57.58
C PHE C 397 5.56 5.35 -58.54
N ILE C 398 4.35 5.55 -58.02
CA ILE C 398 3.17 5.56 -58.87
C ILE C 398 3.15 6.80 -59.75
N ASP C 399 3.62 7.93 -59.22
CA ASP C 399 3.71 9.14 -60.02
C ASP C 399 4.86 9.09 -61.01
N ARG C 400 5.75 8.12 -60.87
CA ARG C 400 6.76 7.88 -61.89
C ARG C 400 6.28 6.86 -62.91
N ILE C 401 5.43 5.93 -62.49
CA ILE C 401 4.85 4.97 -63.45
C ILE C 401 3.86 5.68 -64.35
N ILE C 402 3.00 6.52 -63.77
CA ILE C 402 2.01 7.28 -64.53
C ILE C 402 2.69 8.25 -65.48
N SER C 403 3.79 8.86 -65.05
CA SER C 403 4.50 9.81 -65.91
C SER C 403 5.26 9.10 -67.03
N SER C 404 5.69 7.86 -66.82
CA SER C 404 6.50 7.20 -67.84
C SER C 404 5.64 6.40 -68.80
N VAL C 405 4.55 5.81 -68.30
CA VAL C 405 3.63 5.10 -69.17
C VAL C 405 2.84 6.07 -70.02
N PHE C 406 2.23 7.07 -69.39
CA PHE C 406 1.48 8.09 -70.11
C PHE C 406 2.37 9.30 -70.37
N LYS C 407 3.54 9.04 -70.93
CA LYS C 407 4.45 10.13 -71.27
C LYS C 407 3.93 10.90 -72.47
N LYS C 408 3.27 10.20 -73.38
CA LYS C 408 2.88 10.84 -74.64
C LYS C 408 1.52 11.52 -74.54
N GLU C 409 0.67 11.08 -73.62
CA GLU C 409 -0.66 11.69 -73.58
C GLU C 409 -0.75 12.87 -72.62
N ILE C 410 0.29 13.14 -71.83
CA ILE C 410 0.33 14.36 -71.04
C ILE C 410 0.42 15.58 -71.96
N HIS C 411 1.26 15.50 -72.99
CA HIS C 411 1.65 16.64 -73.81
C HIS C 411 0.52 17.16 -74.69
N GLU C 412 -0.31 16.28 -75.26
CA GLU C 412 -1.13 16.68 -76.39
C GLU C 412 -2.63 16.66 -76.08
N LYS C 413 -3.02 16.11 -74.92
CA LYS C 413 -4.35 16.42 -74.42
C LYS C 413 -4.30 17.05 -73.03
N ASN C 414 -3.12 17.51 -72.61
CA ASN C 414 -2.93 18.52 -71.55
C ASN C 414 -3.38 18.00 -70.18
N LEU C 415 -3.24 16.70 -69.98
CA LEU C 415 -3.50 16.10 -68.69
C LEU C 415 -2.33 16.35 -67.75
N SER C 416 -2.58 16.15 -66.46
CA SER C 416 -1.55 16.26 -65.43
C SER C 416 -1.40 14.92 -64.73
N VAL C 417 -0.34 14.79 -63.94
CA VAL C 417 -0.12 13.57 -63.19
C VAL C 417 -1.18 13.40 -62.10
N GLN C 418 -1.46 14.47 -61.35
CA GLN C 418 -2.43 14.42 -60.27
C GLN C 418 -3.85 14.28 -60.79
N GLU C 419 -4.13 14.79 -61.99
CA GLU C 419 -5.40 14.49 -62.66
C GLU C 419 -5.50 13.00 -63.00
N ILE C 420 -4.42 12.41 -63.51
CA ILE C 420 -4.47 11.00 -63.90
C ILE C 420 -4.40 10.10 -62.67
N TYR C 421 -3.62 10.52 -61.67
CA TYR C 421 -3.51 9.71 -60.46
C TYR C 421 -4.79 9.72 -59.66
N GLY C 422 -5.43 10.87 -59.53
CA GLY C 422 -6.72 10.93 -58.85
C GLY C 422 -7.84 10.30 -59.65
N ASN C 423 -7.63 10.11 -60.96
CA ASN C 423 -8.61 9.39 -61.77
C ASN C 423 -8.57 7.90 -61.46
N LEU C 424 -7.37 7.35 -61.27
CA LEU C 424 -7.21 5.93 -61.00
C LEU C 424 -7.39 5.58 -59.53
N VAL C 425 -7.44 6.58 -58.65
CA VAL C 425 -7.59 6.33 -57.22
C VAL C 425 -9.01 5.90 -56.87
N ASN C 426 -10.00 6.30 -57.67
CA ASN C 426 -11.37 5.88 -57.44
C ASN C 426 -11.56 4.39 -57.70
N ARG C 427 -10.76 3.80 -58.57
CA ARG C 427 -10.84 2.39 -58.91
C ARG C 427 -9.74 1.59 -58.24
N SER C 428 -8.96 2.25 -57.39
CA SER C 428 -7.79 1.65 -56.79
C SER C 428 -8.16 0.90 -55.51
N PHE C 429 -7.21 0.09 -55.04
CA PHE C 429 -7.37 -0.65 -53.81
C PHE C 429 -6.01 -0.99 -53.24
N ILE C 430 -6.00 -1.20 -51.92
CA ILE C 430 -4.80 -1.60 -51.18
C ILE C 430 -5.14 -2.89 -50.44
N LEU C 431 -4.33 -3.92 -50.65
CA LEU C 431 -4.49 -5.19 -49.95
C LEU C 431 -3.33 -5.32 -48.99
N ASN C 432 -3.49 -4.86 -47.76
CA ASN C 432 -2.43 -4.96 -46.79
C ASN C 432 -2.47 -6.34 -46.16
N VAL C 433 -1.33 -7.04 -46.21
CA VAL C 433 -1.21 -8.38 -45.68
C VAL C 433 -0.23 -8.35 -44.53
N ASP C 434 -0.71 -8.70 -43.35
CA ASP C 434 0.11 -8.85 -42.16
C ASP C 434 -0.56 -9.88 -41.28
N MET C 435 0.23 -10.62 -40.52
CA MET C 435 -0.25 -11.76 -39.78
C MET C 435 -1.21 -11.36 -38.67
N ALA C 436 -2.04 -12.30 -38.27
CA ALA C 436 -3.10 -12.06 -37.31
C ALA C 436 -3.04 -13.09 -36.20
N HIS C 437 -3.72 -12.79 -35.10
CA HIS C 437 -3.62 -13.58 -33.89
C HIS C 437 -4.61 -14.73 -33.94
N CYS C 438 -4.11 -15.95 -34.09
CA CYS C 438 -4.95 -17.13 -33.95
C CYS C 438 -5.45 -17.24 -32.52
N SER C 439 -6.58 -17.91 -32.35
CA SER C 439 -7.15 -18.11 -31.03
C SER C 439 -6.25 -19.02 -30.21
N HIS C 440 -5.59 -18.44 -29.22
CA HIS C 440 -4.67 -19.20 -28.38
C HIS C 440 -5.48 -20.08 -27.43
N PRO C 441 -5.23 -21.39 -27.39
CA PRO C 441 -6.00 -22.23 -26.47
C PRO C 441 -5.61 -22.03 -25.03
N ASN C 442 -4.38 -21.59 -24.76
CA ASN C 442 -3.93 -21.44 -23.38
C ASN C 442 -4.27 -20.06 -22.82
N TYR C 443 -4.77 -19.16 -23.65
CA TYR C 443 -5.13 -17.80 -23.24
C TYR C 443 -6.53 -17.48 -23.77
N PRO C 444 -7.59 -18.01 -23.17
CA PRO C 444 -8.94 -17.72 -23.67
C PRO C 444 -9.49 -16.36 -23.26
N GLU C 445 -8.77 -15.61 -22.42
CA GLU C 445 -9.22 -14.31 -21.96
C GLU C 445 -8.77 -13.17 -22.85
N THR C 446 -7.91 -13.43 -23.83
CA THR C 446 -7.42 -12.40 -24.74
C THR C 446 -8.07 -12.48 -26.11
N VAL C 447 -9.11 -13.26 -26.26
CA VAL C 447 -9.75 -13.46 -27.57
C VAL C 447 -11.16 -12.90 -27.51
N GLN C 448 -11.61 -12.37 -28.64
CA GLN C 448 -13.01 -12.01 -28.80
C GLN C 448 -13.83 -13.30 -28.85
N ASP C 449 -15.11 -13.21 -28.47
CA ASP C 449 -15.93 -14.40 -28.48
C ASP C 449 -16.36 -14.76 -29.89
N ASN C 450 -16.83 -13.78 -30.65
CA ASN C 450 -17.36 -14.05 -31.99
C ASN C 450 -16.30 -14.00 -33.07
N HIS C 451 -15.34 -13.07 -32.97
CA HIS C 451 -14.29 -12.91 -33.96
C HIS C 451 -13.09 -13.70 -33.52
N GLN C 452 -13.10 -15.00 -33.79
CA GLN C 452 -12.00 -15.87 -33.45
C GLN C 452 -11.33 -16.34 -34.72
N LEU C 453 -10.05 -16.66 -34.62
CA LEU C 453 -9.29 -17.18 -35.74
C LEU C 453 -8.77 -18.55 -35.38
N PHE C 454 -8.97 -19.52 -36.27
CA PHE C 454 -8.43 -20.84 -36.05
C PHE C 454 -7.57 -21.22 -37.24
N PHE C 455 -6.71 -22.21 -37.02
CA PHE C 455 -5.81 -22.67 -38.06
C PHE C 455 -6.59 -23.41 -39.14
N HIS C 456 -6.10 -23.28 -40.38
CA HIS C 456 -6.70 -23.86 -41.60
C HIS C 456 -8.14 -23.44 -41.83
N GLU C 457 -8.57 -22.31 -41.26
CA GLU C 457 -9.97 -21.92 -41.36
C GLU C 457 -10.16 -20.81 -42.38
N GLY C 458 -9.07 -20.18 -42.79
CA GLY C 458 -9.14 -19.23 -43.88
C GLY C 458 -8.30 -18.00 -43.57
N ILE C 459 -8.36 -17.04 -44.49
CA ILE C 459 -7.70 -15.76 -44.30
C ILE C 459 -8.40 -15.00 -43.19
N ALA C 460 -7.63 -14.34 -42.34
CA ALA C 460 -8.23 -13.36 -41.46
C ALA C 460 -8.59 -12.13 -42.27
N ILE C 461 -9.67 -11.48 -41.89
CA ILE C 461 -10.01 -10.15 -42.41
C ILE C 461 -10.09 -9.28 -41.18
N LYS C 462 -9.02 -8.53 -40.93
CA LYS C 462 -8.85 -7.88 -39.64
C LYS C 462 -9.58 -6.55 -39.60
N TYR C 463 -10.59 -6.46 -38.72
CA TYR C 463 -11.32 -5.23 -38.51
C TYR C 463 -10.82 -4.59 -37.23
N ASN C 464 -11.10 -3.30 -37.06
CA ASN C 464 -10.69 -2.63 -35.84
C ASN C 464 -11.66 -1.51 -35.50
N THR C 465 -11.71 -1.20 -34.21
CA THR C 465 -12.44 -0.03 -33.72
C THR C 465 -11.81 1.26 -34.24
N ASN C 466 -10.52 1.45 -33.98
CA ASN C 466 -9.84 2.72 -34.18
C ASN C 466 -9.17 2.81 -35.55
N LYS C 467 -9.53 1.92 -36.48
CA LYS C 467 -8.90 1.78 -37.80
C LYS C 467 -7.40 1.61 -37.72
N ASN C 468 -6.92 0.85 -36.73
CA ASN C 468 -5.55 0.36 -36.79
C ASN C 468 -5.38 -0.58 -37.97
N TYR C 469 -6.43 -1.34 -38.30
CA TYR C 469 -6.56 -2.03 -39.56
C TYR C 469 -7.51 -1.24 -40.45
N VAL C 470 -7.17 -1.11 -41.74
CA VAL C 470 -7.89 -0.20 -42.62
C VAL C 470 -9.15 -0.83 -43.21
N THR C 471 -9.54 -2.02 -42.74
CA THR C 471 -10.70 -2.70 -43.29
C THR C 471 -11.99 -1.98 -42.97
N SER C 472 -12.68 -1.54 -44.01
CA SER C 472 -14.03 -1.04 -43.93
C SER C 472 -14.99 -2.14 -44.39
N PRO C 473 -16.19 -2.19 -43.82
CA PRO C 473 -17.13 -3.27 -44.20
C PRO C 473 -17.65 -3.18 -45.63
N LEU C 474 -17.53 -2.04 -46.29
CA LEU C 474 -17.76 -2.02 -47.73
C LEU C 474 -16.63 -2.69 -48.46
N HIS C 475 -15.40 -2.35 -48.10
CA HIS C 475 -14.26 -2.74 -48.92
C HIS C 475 -13.81 -4.15 -48.63
N ALA C 476 -14.29 -4.76 -47.56
CA ALA C 476 -14.12 -6.20 -47.39
C ALA C 476 -15.21 -6.95 -48.14
N SER C 477 -16.34 -6.30 -48.41
CA SER C 477 -17.40 -6.96 -49.15
C SER C 477 -17.04 -7.11 -50.61
N LEU C 478 -16.20 -6.22 -51.14
CA LEU C 478 -15.73 -6.38 -52.50
C LEU C 478 -14.72 -7.51 -52.59
N ILE C 479 -13.89 -7.67 -51.55
CA ILE C 479 -12.84 -8.69 -51.58
C ILE C 479 -13.43 -10.07 -51.35
N LYS C 480 -14.47 -10.18 -50.53
CA LYS C 480 -15.17 -11.44 -50.39
C LYS C 480 -15.90 -11.85 -51.66
N ARG C 481 -16.22 -10.89 -52.52
CA ARG C 481 -16.79 -11.23 -53.82
C ARG C 481 -15.72 -11.56 -54.84
N THR C 482 -14.48 -11.12 -54.63
CA THR C 482 -13.38 -11.63 -55.43
C THR C 482 -13.04 -13.06 -55.04
N PHE C 483 -13.31 -13.43 -53.80
CA PHE C 483 -13.10 -14.81 -53.38
C PHE C 483 -14.20 -15.71 -53.94
N GLU C 484 -15.37 -15.14 -54.20
CA GLU C 484 -16.46 -15.92 -54.78
C GLU C 484 -16.31 -16.06 -56.29
N LEU C 485 -15.72 -15.05 -56.94
CA LEU C 485 -15.42 -15.18 -58.36
C LEU C 485 -14.26 -16.12 -58.60
N TYR C 486 -13.40 -16.31 -57.59
CA TYR C 486 -12.39 -17.36 -57.67
C TYR C 486 -13.02 -18.74 -57.60
N TYR C 487 -14.06 -18.88 -56.79
CA TYR C 487 -14.70 -20.20 -56.63
C TYR C 487 -15.49 -20.59 -57.87
N ASN C 488 -15.96 -19.61 -58.65
CA ASN C 488 -16.73 -19.93 -59.83
C ASN C 488 -15.84 -20.35 -61.00
N LYS C 489 -14.57 -19.95 -60.98
CA LYS C 489 -13.68 -20.25 -62.09
C LYS C 489 -12.76 -21.42 -61.80
N TYR C 490 -12.19 -21.47 -60.60
CA TYR C 490 -11.19 -22.46 -60.26
C TYR C 490 -11.73 -23.60 -59.42
N LYS C 491 -12.98 -23.49 -58.95
CA LYS C 491 -13.69 -24.50 -58.15
C LYS C 491 -12.92 -24.85 -56.87
N GLN C 492 -12.23 -23.87 -56.32
CA GLN C 492 -11.46 -24.02 -55.09
C GLN C 492 -11.84 -22.88 -54.17
N GLN C 493 -12.45 -23.20 -53.05
CA GLN C 493 -12.97 -22.17 -52.15
C GLN C 493 -11.85 -21.49 -51.39
N ILE C 494 -11.86 -20.16 -51.42
CA ILE C 494 -10.99 -19.35 -50.58
C ILE C 494 -11.77 -19.03 -49.31
N LYS C 495 -11.41 -19.69 -48.22
CA LYS C 495 -12.09 -19.49 -46.96
C LYS C 495 -11.58 -18.21 -46.30
N TYR C 496 -12.45 -17.57 -45.54
CA TYR C 496 -12.11 -16.36 -44.83
C TYR C 496 -12.78 -16.37 -43.47
N GLN C 497 -12.31 -15.50 -42.58
CA GLN C 497 -12.88 -15.38 -41.25
C GLN C 497 -12.58 -13.98 -40.73
N ASN C 498 -13.58 -13.33 -40.16
CA ASN C 498 -13.39 -11.97 -39.70
C ASN C 498 -12.68 -11.96 -38.36
N PHE C 499 -11.71 -11.07 -38.22
CA PHE C 499 -10.94 -10.95 -37.00
C PHE C 499 -11.11 -9.56 -36.43
N MET C 500 -11.35 -9.49 -35.13
CA MET C 500 -11.50 -8.24 -34.42
C MET C 500 -11.02 -8.43 -33.00
N VAL C 501 -10.18 -7.52 -32.54
CA VAL C 501 -9.66 -7.55 -31.19
C VAL C 501 -10.76 -7.03 -30.27
N LYS C 502 -10.64 -7.36 -28.98
CA LYS C 502 -11.62 -6.91 -27.99
C LYS C 502 -11.61 -5.40 -27.86
N ASN C 503 -12.73 -4.85 -27.39
CA ASN C 503 -12.86 -3.40 -27.30
C ASN C 503 -11.98 -2.81 -26.21
N ASP C 504 -11.78 -3.55 -25.11
CA ASP C 504 -10.96 -3.02 -24.02
C ASP C 504 -9.47 -3.19 -24.31
N THR C 505 -9.08 -4.29 -24.95
CA THR C 505 -7.65 -4.47 -25.21
C THR C 505 -7.23 -3.65 -26.43
N PRO C 506 -6.05 -3.05 -26.40
CA PRO C 506 -5.51 -2.40 -27.59
C PRO C 506 -4.78 -3.42 -28.48
N CYS C 507 -4.64 -3.05 -29.74
CA CYS C 507 -3.92 -3.88 -30.70
C CYS C 507 -2.95 -3.01 -31.48
N GLY C 508 -1.91 -3.65 -32.01
CA GLY C 508 -0.91 -2.92 -32.77
C GLY C 508 -1.41 -2.52 -34.14
N SER C 509 -1.10 -1.28 -34.52
CA SER C 509 -1.48 -0.80 -35.83
C SER C 509 -0.59 -1.40 -36.90
N THR C 510 -1.11 -1.45 -38.12
CA THR C 510 -0.38 -1.96 -39.27
C THR C 510 -0.20 -0.85 -40.29
N VAL C 511 0.34 -1.22 -41.44
CA VAL C 511 0.60 -0.27 -42.51
C VAL C 511 -0.59 -0.17 -43.46
N GLY C 512 -1.75 -0.68 -43.05
CA GLY C 512 -2.93 -0.56 -43.89
C GLY C 512 -3.39 0.88 -44.01
N SER C 513 -3.61 1.53 -42.87
CA SER C 513 -4.09 2.91 -42.91
C SER C 513 -2.96 3.90 -43.17
N MET C 514 -1.71 3.48 -43.03
CA MET C 514 -0.60 4.37 -43.34
C MET C 514 -0.49 4.60 -44.83
N VAL C 515 -0.56 3.53 -45.63
CA VAL C 515 -0.45 3.69 -47.07
C VAL C 515 -1.77 4.17 -47.66
N ALA C 516 -2.89 3.82 -47.01
CA ALA C 516 -4.19 4.30 -47.50
C ALA C 516 -4.34 5.80 -47.29
N ALA C 517 -3.62 6.37 -46.33
CA ALA C 517 -3.61 7.83 -46.21
C ALA C 517 -2.62 8.45 -47.18
N ASN C 518 -1.49 7.80 -47.41
CA ASN C 518 -0.47 8.35 -48.29
C ASN C 518 -0.91 8.32 -49.74
N LEU C 519 -1.67 7.30 -50.12
CA LEU C 519 -2.07 7.11 -51.50
C LEU C 519 -3.53 7.46 -51.76
N SER C 520 -4.31 7.71 -50.72
CA SER C 520 -5.73 8.05 -50.78
C SER C 520 -6.56 6.95 -51.46
N MET C 521 -6.12 5.70 -51.29
CA MET C 521 -6.78 4.54 -51.87
C MET C 521 -7.52 3.79 -50.77
N PRO C 522 -8.69 3.21 -51.07
CA PRO C 522 -9.36 2.36 -50.10
C PRO C 522 -8.57 1.08 -49.86
N GLY C 523 -8.81 0.47 -48.70
CA GLY C 523 -7.96 -0.62 -48.30
C GLY C 523 -8.69 -1.69 -47.49
N ILE C 524 -7.93 -2.74 -47.20
CA ILE C 524 -8.36 -3.85 -46.37
C ILE C 524 -7.10 -4.37 -45.68
N ASP C 525 -7.27 -5.01 -44.53
CA ASP C 525 -6.19 -5.67 -43.83
C ASP C 525 -6.51 -7.15 -43.69
N ILE C 526 -5.88 -7.97 -44.53
CA ILE C 526 -6.04 -9.41 -44.41
C ILE C 526 -4.74 -9.99 -43.87
N GLY C 527 -4.77 -11.29 -43.62
CA GLY C 527 -3.60 -11.97 -43.13
C GLY C 527 -3.99 -13.36 -42.68
N ILE C 528 -3.00 -14.12 -42.24
CA ILE C 528 -3.29 -15.50 -41.86
C ILE C 528 -3.07 -15.65 -40.36
N PRO C 529 -3.88 -16.46 -39.68
CA PRO C 529 -3.72 -16.60 -38.23
C PRO C 529 -2.45 -17.35 -37.87
N GLN C 530 -1.72 -16.79 -36.92
CA GLN C 530 -0.53 -17.45 -36.40
C GLN C 530 -0.50 -17.27 -34.89
N LEU C 531 0.17 -18.19 -34.22
CA LEU C 531 0.39 -18.07 -32.79
C LEU C 531 1.81 -17.59 -32.52
N ALA C 532 1.96 -16.93 -31.36
CA ALA C 532 3.23 -16.36 -30.88
C ALA C 532 3.82 -15.39 -31.89
N MET C 533 3.01 -14.43 -32.31
CA MET C 533 3.46 -13.37 -33.20
C MET C 533 4.47 -12.49 -32.47
N HIS C 534 5.43 -11.95 -33.24
CA HIS C 534 6.57 -11.17 -32.78
C HIS C 534 7.49 -11.97 -31.87
N SER C 535 7.55 -13.28 -32.04
CA SER C 535 8.51 -14.10 -31.33
C SER C 535 9.51 -14.70 -32.30
N ILE C 536 10.50 -15.39 -31.75
CA ILE C 536 11.57 -15.93 -32.58
C ILE C 536 11.10 -17.19 -33.30
N ARG C 537 10.11 -17.89 -32.75
CA ARG C 537 9.45 -18.98 -33.47
C ARG C 537 7.96 -18.74 -33.46
N GLU C 538 7.36 -18.68 -34.64
CA GLU C 538 5.96 -18.39 -34.82
C GLU C 538 5.34 -19.50 -35.64
N ILE C 539 4.29 -20.12 -35.11
CA ILE C 539 3.66 -21.28 -35.76
C ILE C 539 2.48 -20.78 -36.57
N ALA C 540 2.28 -21.38 -37.74
CA ALA C 540 1.18 -21.01 -38.65
C ALA C 540 0.74 -22.25 -39.40
N ALA C 541 -0.42 -22.17 -40.05
CA ALA C 541 -1.01 -23.32 -40.71
C ALA C 541 -0.74 -23.31 -42.20
N VAL C 542 -0.65 -24.51 -42.80
CA VAL C 542 -0.24 -24.59 -44.20
C VAL C 542 -1.43 -24.42 -45.14
N HIS C 543 -2.66 -24.62 -44.65
CA HIS C 543 -3.78 -24.30 -45.50
C HIS C 543 -4.00 -22.80 -45.60
N ASP C 544 -3.58 -22.06 -44.58
CA ASP C 544 -3.73 -20.61 -44.65
C ASP C 544 -2.74 -20.01 -45.63
N VAL C 545 -1.60 -20.65 -45.84
CA VAL C 545 -0.66 -20.18 -46.86
C VAL C 545 -1.23 -20.38 -48.25
N PHE C 546 -2.01 -21.45 -48.45
CA PHE C 546 -2.70 -21.63 -49.72
C PHE C 546 -3.79 -20.58 -49.89
N PHE C 547 -4.54 -20.29 -48.83
CA PHE C 547 -5.65 -19.34 -48.94
C PHE C 547 -5.15 -17.92 -49.13
N LEU C 548 -3.98 -17.60 -48.56
CA LEU C 548 -3.46 -16.25 -48.73
C LEU C 548 -2.91 -16.03 -50.13
N ILE C 549 -2.19 -17.02 -50.67
CA ILE C 549 -1.63 -16.90 -52.02
C ILE C 549 -2.75 -16.83 -53.05
N LYS C 550 -3.79 -17.62 -52.86
CA LYS C 550 -4.94 -17.52 -53.75
C LYS C 550 -5.79 -16.30 -53.42
N GLY C 551 -5.69 -15.78 -52.19
CA GLY C 551 -6.43 -14.60 -51.83
C GLY C 551 -5.88 -13.33 -52.44
N VAL C 552 -4.55 -13.20 -52.51
CA VAL C 552 -3.96 -12.06 -53.20
C VAL C 552 -4.17 -12.20 -54.70
N PHE C 553 -4.17 -13.43 -55.20
CA PHE C 553 -4.37 -13.66 -56.62
C PHE C 553 -5.81 -13.38 -57.03
N ALA C 554 -6.77 -13.65 -56.15
CA ALA C 554 -8.16 -13.38 -56.49
C ALA C 554 -8.46 -11.89 -56.43
N PHE C 555 -7.82 -11.16 -55.52
CA PHE C 555 -7.96 -9.71 -55.49
C PHE C 555 -7.33 -9.07 -56.72
N TYR C 556 -6.21 -9.62 -57.19
CA TYR C 556 -5.59 -9.12 -58.40
C TYR C 556 -6.43 -9.39 -59.63
N THR C 557 -7.00 -10.59 -59.73
CA THR C 557 -7.68 -10.98 -60.96
C THR C 557 -9.08 -10.39 -61.05
N TYR C 558 -9.81 -10.34 -59.94
CA TYR C 558 -11.25 -10.15 -60.00
C TYR C 558 -11.73 -8.91 -59.27
N TYR C 559 -10.88 -7.91 -59.03
CA TYR C 559 -11.38 -6.74 -58.30
C TYR C 559 -12.22 -5.85 -59.19
N ASN C 560 -11.79 -5.62 -60.43
CA ASN C 560 -12.55 -4.72 -61.29
C ASN C 560 -13.80 -5.38 -61.84
N GLN C 561 -13.88 -6.72 -61.80
CA GLN C 561 -15.13 -7.38 -62.12
C GLN C 561 -16.15 -7.19 -61.01
N VAL C 562 -15.69 -7.13 -59.76
CA VAL C 562 -16.59 -6.82 -58.65
C VAL C 562 -16.90 -5.32 -58.62
N LEU C 563 -15.90 -4.49 -58.87
CA LEU C 563 -16.07 -3.04 -58.76
C LEU C 563 -16.98 -2.48 -59.85
N SER C 564 -17.04 -3.15 -61.01
CA SER C 564 -17.96 -2.72 -62.06
C SER C 564 -19.41 -3.00 -61.71
N THR C 565 -19.68 -3.96 -60.84
CA THR C 565 -21.04 -4.31 -60.45
C THR C 565 -21.55 -3.53 -59.25
N CYS C 566 -20.73 -2.70 -58.63
CA CYS C 566 -21.19 -1.88 -57.52
C CYS C 566 -21.91 -0.65 -58.05
N VAL C 567 -23.15 -0.45 -57.61
CA VAL C 567 -23.90 0.75 -57.93
C VAL C 567 -24.15 1.52 -56.63
N HIS C 568 -23.64 2.75 -56.59
CA HIS C 568 -23.93 3.65 -55.48
C HIS C 568 -25.17 4.46 -55.82
N ASP C 569 -25.64 5.26 -54.86
CA ASP C 569 -26.76 6.15 -55.15
C ASP C 569 -26.28 7.47 -55.73
N MET D 1 45.82 -30.23 -26.22
CA MET D 1 44.51 -30.52 -25.63
C MET D 1 43.38 -30.03 -26.54
N ASP D 2 43.70 -29.07 -27.41
CA ASP D 2 42.71 -28.53 -28.33
C ASP D 2 42.06 -29.63 -29.16
N LYS D 3 42.87 -30.58 -29.61
CA LYS D 3 42.37 -31.69 -30.42
C LYS D 3 41.62 -32.70 -29.55
N LYS D 4 42.14 -32.98 -28.35
CA LYS D 4 41.51 -33.94 -27.47
C LYS D 4 40.29 -33.35 -26.78
N ALA D 5 40.27 -32.03 -26.58
CA ALA D 5 39.08 -31.40 -25.99
C ALA D 5 37.94 -31.35 -26.97
N ARG D 6 38.25 -31.17 -28.26
CA ARG D 6 37.20 -31.18 -29.27
C ARG D 6 36.73 -32.60 -29.55
N GLU D 7 37.63 -33.58 -29.46
CA GLU D 7 37.25 -34.98 -29.66
C GLU D 7 36.40 -35.48 -28.51
N TYR D 8 36.67 -34.99 -27.29
CA TYR D 8 35.83 -35.36 -26.15
C TYR D 8 34.46 -34.72 -26.23
N ALA D 9 34.39 -33.46 -26.67
CA ALA D 9 33.10 -32.81 -26.82
C ALA D 9 32.35 -33.33 -28.05
N GLN D 10 33.08 -33.89 -29.02
CA GLN D 10 32.40 -34.51 -30.16
C GLN D 10 31.63 -35.75 -29.75
N ASP D 11 32.24 -36.62 -28.95
CA ASP D 11 31.56 -37.83 -28.51
C ASP D 11 30.46 -37.52 -27.51
N ALA D 12 30.61 -36.46 -26.74
CA ALA D 12 29.53 -36.00 -25.87
C ALA D 12 28.36 -35.50 -26.69
N LEU D 13 28.64 -34.90 -27.84
CA LEU D 13 27.59 -34.42 -28.72
C LEU D 13 27.07 -35.53 -29.62
N LYS D 14 27.70 -36.71 -29.58
CA LYS D 14 27.05 -37.90 -30.09
C LYS D 14 26.21 -38.57 -29.03
N PHE D 15 26.59 -38.43 -27.75
CA PHE D 15 25.84 -39.05 -26.67
C PHE D 15 24.52 -38.33 -26.42
N ILE D 16 24.56 -37.05 -26.07
CA ILE D 16 23.42 -36.17 -26.26
C ILE D 16 23.14 -36.08 -27.76
N GLN D 17 21.86 -35.89 -28.12
CA GLN D 17 21.15 -36.06 -29.39
C GLN D 17 20.83 -37.53 -29.66
N ARG D 18 21.35 -38.44 -28.86
CA ARG D 18 20.79 -39.78 -28.74
C ARG D 18 20.20 -40.02 -27.37
N SER D 19 20.59 -39.21 -26.40
CA SER D 19 20.13 -39.32 -25.03
C SER D 19 19.05 -38.28 -24.79
N GLY D 20 17.86 -38.53 -25.31
CA GLY D 20 16.80 -37.55 -25.21
C GLY D 20 16.05 -37.53 -23.90
N SER D 21 16.26 -38.52 -23.04
CA SER D 21 15.53 -38.59 -21.79
C SER D 21 16.40 -39.31 -20.77
N ASN D 22 15.80 -39.70 -19.65
CA ASN D 22 16.54 -40.46 -18.65
C ASN D 22 16.60 -41.94 -19.00
N PHE D 23 15.69 -42.41 -19.85
CA PHE D 23 15.70 -43.81 -20.24
C PHE D 23 16.77 -44.08 -21.30
N LEU D 24 16.86 -43.21 -22.30
CA LEU D 24 17.90 -43.35 -23.31
C LEU D 24 19.25 -42.90 -22.80
N ALA D 25 19.30 -42.25 -21.64
CA ALA D 25 20.56 -42.03 -20.97
C ALA D 25 21.11 -43.31 -20.36
N CYS D 26 20.23 -44.12 -19.76
CA CYS D 26 20.66 -45.41 -19.25
C CYS D 26 20.97 -46.35 -20.40
N LYS D 27 20.23 -46.26 -21.50
CA LYS D 27 20.40 -47.18 -22.61
C LYS D 27 21.70 -46.91 -23.36
N ASN D 28 21.97 -45.64 -23.67
CA ASN D 28 23.16 -45.33 -24.46
C ASN D 28 24.43 -45.45 -23.65
N LEU D 29 24.36 -45.22 -22.34
CA LEU D 29 25.54 -45.43 -21.49
C LEU D 29 25.81 -46.92 -21.31
N LYS D 30 24.76 -47.73 -21.21
CA LYS D 30 24.94 -49.17 -21.13
C LYS D 30 25.46 -49.73 -22.44
N GLU D 31 25.06 -49.14 -23.57
CA GLU D 31 25.66 -49.49 -24.85
C GLU D 31 27.09 -48.98 -24.94
N ARG D 32 27.38 -47.84 -24.31
CA ARG D 32 28.74 -47.30 -24.33
C ARG D 32 29.67 -48.12 -23.44
N LEU D 33 29.15 -48.66 -22.34
CA LEU D 33 29.97 -49.49 -21.47
C LEU D 33 30.15 -50.89 -22.03
N GLU D 34 29.13 -51.42 -22.72
CA GLU D 34 29.24 -52.76 -23.28
C GLU D 34 30.15 -52.83 -24.48
N ASN D 35 30.46 -51.68 -25.11
CA ASN D 35 31.41 -51.69 -26.22
C ASN D 35 32.84 -51.92 -25.74
N ASN D 36 33.14 -51.60 -24.48
CA ASN D 36 34.47 -51.85 -23.95
C ASN D 36 34.60 -53.25 -23.38
N GLY D 37 33.51 -54.01 -23.33
CA GLY D 37 33.56 -55.37 -22.85
C GLY D 37 32.98 -55.58 -21.47
N PHE D 38 32.13 -54.68 -21.00
CA PHE D 38 31.55 -54.82 -19.67
C PHE D 38 30.48 -55.91 -19.67
N ILE D 39 30.57 -56.80 -18.69
CA ILE D 39 29.60 -57.89 -18.59
C ILE D 39 28.28 -57.34 -18.04
N ASN D 40 27.27 -57.32 -18.90
CA ASN D 40 25.94 -56.82 -18.55
C ASN D 40 25.24 -57.87 -17.70
N LEU D 41 25.16 -57.61 -16.40
CA LEU D 41 24.49 -58.52 -15.48
C LEU D 41 23.19 -57.89 -15.01
N SER D 42 22.17 -58.71 -14.84
CA SER D 42 20.85 -58.25 -14.42
C SER D 42 20.74 -58.39 -12.91
N GLU D 43 19.85 -57.60 -12.32
CA GLU D 43 19.65 -57.60 -10.88
C GLU D 43 18.94 -58.87 -10.42
N GLY D 44 18.30 -59.58 -11.33
CA GLY D 44 17.34 -60.59 -10.92
C GLY D 44 17.88 -62.00 -10.97
N GLU D 45 19.06 -62.22 -11.57
CA GLU D 45 19.50 -63.61 -11.67
C GLU D 45 20.28 -64.10 -10.45
N THR D 46 21.56 -63.70 -10.34
CA THR D 46 22.55 -64.10 -9.34
C THR D 46 23.81 -63.34 -9.71
N TRP D 47 24.59 -62.93 -8.72
CA TRP D 47 25.82 -62.19 -8.97
C TRP D 47 27.02 -63.08 -8.67
N ASN D 48 27.72 -63.51 -9.72
CA ASN D 48 28.98 -64.23 -9.58
C ASN D 48 30.05 -63.30 -10.17
N LEU D 49 30.56 -62.40 -9.36
CA LEU D 49 31.50 -61.40 -9.83
C LEU D 49 32.92 -61.96 -9.82
N ASN D 50 33.74 -61.46 -10.74
CA ASN D 50 35.11 -61.90 -10.87
C ASN D 50 36.03 -60.70 -10.72
N LYS D 51 37.30 -60.99 -10.40
CA LYS D 51 38.30 -59.94 -10.44
C LYS D 51 38.59 -59.57 -11.88
N ASN D 52 39.14 -58.36 -12.08
CA ASN D 52 39.59 -57.81 -13.37
C ASN D 52 38.47 -57.61 -14.38
N GLU D 53 37.21 -57.81 -14.02
CA GLU D 53 36.13 -57.71 -14.99
C GLU D 53 35.26 -56.52 -14.65
N GLY D 54 34.71 -55.90 -15.69
CA GLY D 54 33.86 -54.75 -15.53
C GLY D 54 32.41 -55.13 -15.74
N TYR D 55 31.52 -54.54 -14.97
CA TYR D 55 30.11 -54.90 -15.01
C TYR D 55 29.28 -53.64 -15.19
N VAL D 56 28.05 -53.81 -15.67
CA VAL D 56 27.15 -52.70 -15.97
C VAL D 56 25.74 -53.17 -15.70
N LEU D 57 24.92 -52.33 -15.06
CA LEU D 57 23.53 -52.66 -14.86
C LEU D 57 22.67 -51.41 -14.87
N CYS D 58 21.64 -51.44 -15.71
CA CYS D 58 20.53 -50.49 -15.66
C CYS D 58 19.49 -51.02 -14.70
N LYS D 59 19.32 -50.34 -13.57
CA LYS D 59 18.25 -50.68 -12.67
C LYS D 59 16.96 -50.10 -13.23
N GLU D 60 16.06 -51.00 -13.68
CA GLU D 60 14.78 -50.74 -14.36
C GLU D 60 14.85 -49.62 -15.39
N ASN D 61 15.93 -49.61 -16.18
CA ASN D 61 16.20 -48.72 -17.31
C ASN D 61 16.21 -47.24 -16.97
N ARG D 62 16.41 -46.87 -15.71
CA ARG D 62 16.52 -45.47 -15.32
C ARG D 62 17.87 -45.15 -14.70
N ASN D 63 18.45 -46.10 -13.98
CA ASN D 63 19.65 -45.88 -13.18
C ASN D 63 20.77 -46.76 -13.70
N ILE D 64 21.75 -46.15 -14.36
CA ILE D 64 22.92 -46.85 -14.86
C ILE D 64 23.97 -46.87 -13.74
N CYS D 65 24.65 -48.01 -13.59
CA CYS D 65 25.67 -48.19 -12.57
C CYS D 65 26.71 -49.16 -13.11
N GLY D 66 27.83 -48.63 -13.56
CA GLY D 66 28.89 -49.50 -14.03
C GLY D 66 30.04 -49.55 -13.06
N PHE D 67 30.51 -50.74 -12.72
CA PHE D 67 31.62 -50.86 -11.78
C PHE D 67 32.67 -51.80 -12.32
N PHE D 68 33.88 -51.65 -11.82
CA PHE D 68 35.03 -52.47 -12.21
C PHE D 68 35.72 -52.99 -10.95
N VAL D 69 35.73 -54.30 -10.81
CA VAL D 69 36.41 -54.95 -9.69
C VAL D 69 37.89 -55.08 -10.03
N GLY D 70 38.75 -54.55 -9.16
CA GLY D 70 40.17 -54.63 -9.40
C GLY D 70 40.71 -56.05 -9.25
N LYS D 71 41.95 -56.24 -9.70
CA LYS D 71 42.51 -57.59 -9.77
C LYS D 71 42.84 -58.13 -8.39
N ASN D 72 43.70 -57.45 -7.63
CA ASN D 72 43.95 -57.77 -6.23
C ASN D 72 43.23 -56.76 -5.36
N PHE D 73 42.00 -57.08 -4.95
CA PHE D 73 41.44 -56.43 -3.79
C PHE D 73 42.27 -56.69 -2.55
N ASN D 74 42.29 -55.70 -1.68
CA ASN D 74 42.77 -55.85 -0.32
C ASN D 74 41.77 -55.22 0.63
N ILE D 75 41.14 -56.08 1.43
CA ILE D 75 40.26 -55.65 2.52
C ILE D 75 41.03 -54.75 3.48
N ASP D 76 42.30 -55.10 3.73
CA ASP D 76 43.18 -54.25 4.54
C ASP D 76 43.46 -52.93 3.87
N THR D 77 44.11 -52.95 2.69
CA THR D 77 44.51 -51.73 1.99
C THR D 77 43.85 -51.70 0.61
N GLY D 78 42.61 -51.23 0.57
CA GLY D 78 41.88 -51.08 -0.67
C GLY D 78 40.73 -50.13 -0.48
N SER D 79 40.04 -49.80 -1.57
CA SER D 79 39.12 -48.68 -1.57
C SER D 79 37.94 -48.94 -2.48
N ILE D 80 36.89 -48.14 -2.30
CA ILE D 80 35.76 -48.09 -3.21
C ILE D 80 35.63 -46.66 -3.72
N LEU D 81 35.97 -46.45 -4.97
CA LEU D 81 35.99 -45.12 -5.57
C LEU D 81 34.74 -44.96 -6.43
N ILE D 82 33.90 -44.00 -6.08
CA ILE D 82 32.62 -43.82 -6.73
C ILE D 82 32.57 -42.43 -7.35
N SER D 83 32.23 -42.38 -8.64
CA SER D 83 31.94 -41.14 -9.31
C SER D 83 30.46 -41.11 -9.66
N ILE D 84 29.82 -39.97 -9.42
CA ILE D 84 28.37 -39.87 -9.44
C ILE D 84 27.97 -38.70 -10.33
N GLY D 85 27.08 -38.96 -11.28
CA GLY D 85 26.41 -37.89 -11.99
C GLY D 85 25.07 -38.37 -12.47
N HIS D 86 24.00 -37.68 -12.10
CA HIS D 86 22.64 -38.12 -12.40
C HIS D 86 22.36 -38.02 -13.89
N ILE D 87 21.53 -38.94 -14.39
CA ILE D 87 21.18 -38.96 -15.80
C ILE D 87 19.69 -38.62 -15.93
N ASP D 88 19.39 -37.33 -15.94
CA ASP D 88 18.05 -36.76 -16.06
C ASP D 88 18.22 -35.25 -16.10
N SER D 89 17.14 -34.56 -16.46
CA SER D 89 17.18 -33.12 -16.55
C SER D 89 15.76 -32.59 -16.41
N CYS D 90 15.65 -31.28 -16.24
CA CYS D 90 14.35 -30.64 -16.24
C CYS D 90 13.74 -30.75 -17.63
N ALA D 91 12.64 -31.49 -17.73
CA ALA D 91 11.98 -31.71 -19.01
C ALA D 91 10.48 -31.61 -18.80
N LEU D 92 9.76 -31.41 -19.90
CA LEU D 92 8.31 -31.44 -19.85
C LEU D 92 7.83 -32.85 -20.12
N LYS D 93 7.61 -33.62 -19.05
CA LYS D 93 7.11 -34.96 -19.22
C LYS D 93 5.62 -34.93 -19.52
N ILE D 94 5.15 -35.98 -20.18
CA ILE D 94 3.77 -36.07 -20.63
C ILE D 94 2.92 -36.70 -19.53
N SER D 95 1.79 -36.05 -19.21
CA SER D 95 0.80 -36.51 -18.25
C SER D 95 0.08 -37.76 -18.76
N PRO D 96 -0.48 -38.58 -17.87
CA PRO D 96 -1.21 -39.77 -18.32
C PRO D 96 -2.48 -39.47 -19.10
N ASN D 97 -3.37 -38.66 -18.54
CA ASN D 97 -4.56 -38.22 -19.24
C ASN D 97 -4.17 -36.98 -20.03
N ASN D 98 -3.96 -37.15 -21.33
CA ASN D 98 -3.58 -36.06 -22.22
C ASN D 98 -4.53 -36.07 -23.42
N ASN D 99 -5.68 -35.43 -23.25
CA ASN D 99 -6.55 -35.19 -24.41
C ASN D 99 -7.14 -33.81 -24.18
N VAL D 100 -6.42 -32.78 -24.62
CA VAL D 100 -6.84 -31.41 -24.46
C VAL D 100 -7.22 -30.87 -25.84
N ILE D 101 -8.50 -30.59 -26.01
CA ILE D 101 -9.01 -30.05 -27.26
C ILE D 101 -9.61 -28.69 -26.94
N LYS D 102 -8.86 -27.63 -27.19
CA LYS D 102 -9.34 -26.29 -26.92
C LYS D 102 -9.01 -25.40 -28.11
N LYS D 103 -9.97 -24.57 -28.50
CA LYS D 103 -9.89 -23.67 -29.65
C LYS D 103 -9.56 -24.42 -30.94
N LYS D 104 -10.21 -25.56 -31.15
CA LYS D 104 -10.06 -26.43 -32.31
C LYS D 104 -8.63 -26.92 -32.50
N ILE D 105 -7.89 -27.09 -31.41
CA ILE D 105 -6.49 -27.48 -31.46
C ILE D 105 -6.27 -28.63 -30.49
N HIS D 106 -5.73 -29.72 -30.99
CA HIS D 106 -5.34 -30.84 -30.16
C HIS D 106 -4.08 -30.49 -29.40
N GLN D 107 -4.10 -30.71 -28.10
CA GLN D 107 -2.99 -30.36 -27.23
C GLN D 107 -2.60 -31.55 -26.38
N ILE D 108 -1.38 -31.47 -25.84
CA ILE D 108 -0.91 -32.34 -24.78
C ILE D 108 -0.81 -31.46 -23.55
N ASN D 109 -1.30 -31.93 -22.42
CA ASN D 109 -0.93 -31.25 -21.18
C ASN D 109 0.26 -31.96 -20.56
N VAL D 110 1.33 -31.23 -20.36
CA VAL D 110 2.59 -31.80 -19.91
C VAL D 110 2.80 -31.42 -18.47
N GLU D 111 3.52 -32.28 -17.75
CA GLU D 111 3.85 -32.01 -16.36
C GLU D 111 5.28 -31.51 -16.28
N CYS D 112 5.47 -30.41 -15.55
CA CYS D 112 6.80 -29.83 -15.44
C CYS D 112 7.63 -30.63 -14.47
N TYR D 113 8.56 -31.40 -15.00
CA TYR D 113 9.42 -32.29 -14.21
C TYR D 113 10.67 -31.50 -13.84
N GLY D 114 10.96 -31.44 -12.54
CA GLY D 114 12.11 -30.67 -12.12
C GLY D 114 11.79 -29.19 -11.99
N SER D 115 12.83 -28.40 -11.79
CA SER D 115 12.71 -26.95 -11.66
C SER D 115 13.51 -26.35 -12.81
N GLY D 116 12.82 -26.02 -13.90
CA GLY D 116 13.46 -25.56 -15.11
C GLY D 116 13.02 -24.17 -15.52
N LEU D 117 13.79 -23.61 -16.46
CA LEU D 117 13.42 -22.35 -17.09
C LEU D 117 12.34 -22.68 -18.12
N TRP D 118 11.09 -22.72 -17.66
CA TRP D 118 10.04 -23.19 -18.55
C TRP D 118 9.62 -22.15 -19.57
N HIS D 119 10.02 -20.89 -19.40
CA HIS D 119 9.75 -19.91 -20.44
C HIS D 119 10.72 -20.08 -21.62
N THR D 120 11.84 -20.77 -21.41
CA THR D 120 12.71 -21.08 -22.53
C THR D 120 12.19 -22.25 -23.34
N TRP D 121 11.35 -23.10 -22.75
CA TRP D 121 10.73 -24.18 -23.48
C TRP D 121 9.62 -23.69 -24.41
N PHE D 122 9.18 -22.46 -24.25
CA PHE D 122 8.21 -21.89 -25.17
C PHE D 122 8.87 -21.63 -26.51
N ASP D 123 8.12 -21.88 -27.58
CA ASP D 123 8.51 -21.62 -28.97
C ASP D 123 9.74 -22.44 -29.36
N ARG D 124 9.66 -23.75 -29.12
CA ARG D 124 10.71 -24.68 -29.51
C ARG D 124 10.10 -25.78 -30.34
N SER D 125 10.80 -26.18 -31.39
CA SER D 125 10.42 -27.36 -32.16
C SER D 125 10.72 -28.59 -31.32
N LEU D 126 9.71 -29.11 -30.63
CA LEU D 126 9.90 -30.10 -29.59
C LEU D 126 9.66 -31.50 -30.12
N GLY D 127 10.39 -32.47 -29.56
CA GLY D 127 10.27 -33.86 -29.91
C GLY D 127 9.87 -34.70 -28.72
N LEU D 128 10.12 -36.00 -28.84
CA LEU D 128 9.72 -36.97 -27.84
C LEU D 128 10.83 -37.97 -27.59
N SER D 129 11.09 -38.28 -26.33
CA SER D 129 11.98 -39.35 -25.96
C SER D 129 11.48 -39.95 -24.65
N GLY D 130 11.61 -41.25 -24.52
CA GLY D 130 11.18 -41.88 -23.29
C GLY D 130 10.79 -43.33 -23.53
N GLN D 131 10.03 -43.86 -22.59
CA GLN D 131 9.68 -45.26 -22.52
C GLN D 131 8.21 -45.43 -22.83
N VAL D 132 7.89 -46.36 -23.72
CA VAL D 132 6.51 -46.63 -24.11
C VAL D 132 6.24 -48.10 -23.88
N LEU D 133 5.20 -48.41 -23.11
CA LEU D 133 4.77 -49.79 -22.90
C LEU D 133 3.59 -50.06 -23.80
N TYR D 134 3.71 -51.06 -24.67
CA TYR D 134 2.66 -51.41 -25.61
C TYR D 134 2.49 -52.92 -25.65
N LYS D 135 1.31 -53.36 -26.06
CA LYS D 135 1.01 -54.79 -26.14
C LYS D 135 1.44 -55.35 -27.49
N LYS D 136 1.89 -56.59 -27.48
CA LYS D 136 2.10 -57.35 -28.71
C LYS D 136 1.78 -58.80 -28.41
N GLY D 137 0.58 -59.22 -28.81
CA GLY D 137 0.06 -60.51 -28.42
C GLY D 137 -0.48 -60.46 -27.00
N ASN D 138 0.01 -61.36 -26.14
CA ASN D 138 -0.39 -61.38 -24.73
C ASN D 138 0.72 -60.85 -23.84
N LYS D 139 1.74 -60.24 -24.43
CA LYS D 139 2.95 -59.90 -23.71
C LYS D 139 3.13 -58.40 -23.70
N LEU D 140 3.47 -57.85 -22.53
CA LEU D 140 3.77 -56.43 -22.44
C LEU D 140 5.17 -56.18 -22.97
N VAL D 141 5.26 -55.42 -24.05
CA VAL D 141 6.53 -55.14 -24.70
C VAL D 141 6.95 -53.72 -24.36
N GLU D 142 8.19 -53.56 -23.94
CA GLU D 142 8.75 -52.29 -23.52
C GLU D 142 9.70 -51.79 -24.58
N LYS D 143 9.51 -50.55 -25.03
CA LYS D 143 10.36 -50.01 -26.06
C LYS D 143 10.70 -48.56 -25.72
N LEU D 144 11.98 -48.24 -25.87
CA LEU D 144 12.49 -46.90 -25.66
C LEU D 144 12.51 -46.18 -27.00
N ILE D 145 11.69 -45.15 -27.14
CA ILE D 145 11.53 -44.47 -28.40
C ILE D 145 12.31 -43.16 -28.39
N GLN D 146 12.58 -42.65 -29.58
CA GLN D 146 13.34 -41.43 -29.79
C GLN D 146 12.85 -40.79 -31.07
N ILE D 147 11.99 -39.78 -30.96
CA ILE D 147 11.39 -39.12 -32.11
C ILE D 147 12.12 -37.80 -32.31
N ASN D 148 13.07 -37.78 -33.23
CA ASN D 148 13.94 -36.64 -33.46
C ASN D 148 13.34 -35.59 -34.39
N LYS D 149 12.13 -35.82 -34.90
CA LYS D 149 11.45 -34.83 -35.72
C LYS D 149 10.50 -34.03 -34.84
N SER D 150 10.21 -32.81 -35.28
CA SER D 150 9.44 -31.91 -34.43
C SER D 150 7.97 -32.25 -34.53
N VAL D 151 7.38 -32.68 -33.42
CA VAL D 151 6.01 -33.15 -33.40
C VAL D 151 5.21 -32.38 -32.37
N LEU D 152 5.84 -31.42 -31.69
CA LEU D 152 5.20 -30.67 -30.63
C LEU D 152 5.73 -29.25 -30.64
N PHE D 153 4.92 -28.33 -30.12
CA PHE D 153 5.28 -26.93 -30.11
C PHE D 153 4.52 -26.26 -28.98
N LEU D 154 5.24 -25.62 -28.09
CA LEU D 154 4.62 -24.87 -27.01
C LEU D 154 4.62 -23.40 -27.38
N PRO D 155 3.51 -22.85 -27.85
CA PRO D 155 3.53 -21.49 -28.39
C PRO D 155 3.41 -20.44 -27.29
N SER D 156 4.05 -19.31 -27.52
CA SER D 156 3.97 -18.19 -26.60
C SER D 156 2.76 -17.34 -26.95
N LEU D 157 2.52 -16.33 -26.13
CA LEU D 157 1.48 -15.36 -26.46
C LEU D 157 2.09 -14.26 -27.31
N ALA D 158 1.30 -13.77 -28.27
CA ALA D 158 1.73 -12.66 -29.10
C ALA D 158 1.89 -11.41 -28.26
N ILE D 159 2.76 -10.50 -28.71
CA ILE D 159 3.11 -9.36 -27.87
C ILE D 159 2.01 -8.30 -27.88
N HIS D 160 1.11 -8.34 -28.84
CA HIS D 160 0.16 -7.24 -29.02
C HIS D 160 -0.98 -7.27 -28.02
N LEU D 161 -1.18 -8.40 -27.33
CA LEU D 161 -2.41 -8.59 -26.58
C LEU D 161 -2.30 -7.99 -25.18
N GLN D 162 -1.13 -8.05 -24.57
CA GLN D 162 -0.88 -7.43 -23.27
C GLN D 162 -0.34 -6.02 -23.46
N ASN D 163 0.13 -5.43 -22.36
CA ASN D 163 0.84 -4.15 -22.45
C ASN D 163 2.25 -4.42 -22.95
N ARG D 164 2.88 -3.43 -23.56
CA ARG D 164 4.11 -3.66 -24.31
C ARG D 164 5.28 -2.85 -23.74
N THR D 165 6.48 -3.25 -24.20
CA THR D 165 7.74 -2.47 -24.26
C THR D 165 8.27 -1.98 -22.91
N ARG D 166 7.67 -2.39 -21.78
CA ARG D 166 8.19 -1.91 -20.50
C ARG D 166 8.40 -3.07 -19.55
N TYR D 167 9.55 -3.06 -18.85
CA TYR D 167 9.99 -4.02 -17.82
C TYR D 167 9.77 -5.48 -18.21
N ASP D 168 10.02 -5.79 -19.48
CA ASP D 168 9.63 -7.03 -20.15
C ASP D 168 8.16 -7.39 -19.92
N PHE D 169 7.27 -6.42 -20.15
CA PHE D 169 5.81 -6.53 -20.32
C PHE D 169 5.07 -7.44 -19.34
N SER D 170 5.63 -7.64 -18.14
CA SER D 170 5.10 -8.48 -17.06
C SER D 170 4.73 -9.88 -17.55
N VAL D 171 5.75 -10.61 -18.01
CA VAL D 171 5.53 -11.98 -18.47
C VAL D 171 5.39 -12.89 -17.25
N LYS D 172 4.31 -13.67 -17.24
CA LYS D 172 4.03 -14.63 -16.18
C LYS D 172 3.58 -15.91 -16.85
N ILE D 173 4.35 -16.97 -16.70
CA ILE D 173 3.99 -18.27 -17.26
C ILE D 173 3.31 -19.07 -16.17
N ASN D 174 1.99 -19.17 -16.24
CA ASN D 174 1.23 -20.06 -15.39
C ASN D 174 1.55 -21.49 -15.78
N TYR D 175 1.97 -22.29 -14.81
CA TYR D 175 2.58 -23.58 -15.12
C TYR D 175 1.55 -24.58 -15.61
N GLU D 176 0.31 -24.48 -15.10
CA GLU D 176 -0.73 -25.37 -15.61
C GLU D 176 -1.35 -24.87 -16.91
N ASN D 177 -1.82 -23.63 -16.92
CA ASN D 177 -2.61 -23.11 -18.03
C ASN D 177 -1.77 -22.90 -19.28
N HIS D 178 -0.63 -22.22 -19.16
CA HIS D 178 0.09 -21.76 -20.32
C HIS D 178 1.09 -22.78 -20.85
N ILE D 179 1.42 -23.80 -20.09
CA ILE D 179 2.35 -24.85 -20.53
C ILE D 179 1.50 -26.03 -20.93
N LYS D 180 1.11 -26.07 -22.20
CA LYS D 180 0.34 -27.12 -22.84
C LYS D 180 0.67 -27.06 -24.32
N PRO D 181 1.60 -27.89 -24.80
CA PRO D 181 2.01 -27.79 -26.20
C PRO D 181 0.90 -28.23 -27.15
N ILE D 182 0.81 -27.55 -28.28
CA ILE D 182 -0.12 -27.95 -29.32
C ILE D 182 0.53 -29.08 -30.12
N ILE D 183 -0.28 -29.99 -30.64
CA ILE D 183 0.23 -31.14 -31.34
C ILE D 183 -0.42 -31.29 -32.72
N SER D 184 -1.63 -30.76 -32.89
CA SER D 184 -2.40 -30.89 -34.11
C SER D 184 -3.62 -29.97 -34.01
N THR D 185 -4.37 -29.90 -35.10
CA THR D 185 -5.69 -29.32 -35.07
C THR D 185 -6.73 -30.42 -35.21
N THR D 186 -7.98 -30.08 -34.89
CA THR D 186 -9.06 -31.04 -35.07
C THR D 186 -9.44 -31.19 -36.53
N LEU D 187 -9.01 -30.27 -37.40
CA LEU D 187 -9.26 -30.45 -38.82
C LEU D 187 -8.42 -31.57 -39.38
N PHE D 188 -7.09 -31.52 -39.20
CA PHE D 188 -6.27 -32.57 -39.77
C PHE D 188 -6.22 -33.82 -38.91
N ASN D 189 -6.70 -33.78 -37.67
CA ASN D 189 -6.89 -35.03 -36.95
C ASN D 189 -8.04 -35.82 -37.56
N GLN D 190 -9.14 -35.13 -37.87
CA GLN D 190 -10.25 -35.80 -38.52
C GLN D 190 -9.98 -36.05 -39.99
N LEU D 191 -9.15 -35.22 -40.62
CA LEU D 191 -8.82 -35.45 -42.03
C LEU D 191 -7.89 -36.65 -42.18
N ASN D 192 -7.00 -36.87 -41.21
CA ASN D 192 -6.10 -38.01 -41.31
C ASN D 192 -6.66 -39.24 -40.59
N LYS D 193 -7.95 -39.23 -40.27
CA LYS D 193 -8.53 -40.41 -39.61
C LYS D 193 -9.35 -41.26 -40.58
N CYS D 194 -10.17 -40.63 -41.44
CA CYS D 194 -11.00 -41.43 -42.34
C CYS D 194 -10.19 -42.04 -43.47
N LYS D 195 -9.00 -41.51 -43.73
CA LYS D 195 -8.06 -42.20 -44.59
C LYS D 195 -6.94 -42.79 -43.75
N ILE D 272 -9.30 -46.63 -28.31
CA ILE D 272 -10.47 -46.93 -27.50
C ILE D 272 -10.55 -45.94 -26.34
N ASN D 273 -9.42 -45.67 -25.71
CA ASN D 273 -9.39 -44.79 -24.55
C ASN D 273 -9.55 -43.33 -24.97
N THR D 274 -10.34 -42.58 -24.21
CA THR D 274 -10.52 -41.16 -24.52
C THR D 274 -9.53 -40.29 -23.75
N ASP D 275 -8.62 -40.91 -23.00
CA ASP D 275 -7.71 -40.14 -22.15
C ASP D 275 -6.41 -39.83 -22.88
N ASN D 276 -6.00 -40.69 -23.79
CA ASN D 276 -4.78 -40.47 -24.55
C ASN D 276 -5.09 -39.72 -25.84
N SER D 277 -4.16 -38.86 -26.27
CA SER D 277 -4.36 -38.08 -27.47
C SER D 277 -4.17 -38.95 -28.71
N TYR D 278 -5.18 -38.94 -29.59
CA TYR D 278 -5.03 -39.67 -30.84
C TYR D 278 -3.98 -39.09 -31.78
N PRO D 279 -3.72 -37.77 -31.84
CA PRO D 279 -2.49 -37.34 -32.52
C PRO D 279 -1.23 -37.89 -31.89
N LEU D 280 -1.19 -38.04 -30.57
CA LEU D 280 -0.03 -38.66 -29.95
C LEU D 280 -0.02 -40.17 -30.20
N LEU D 281 -1.19 -40.81 -30.11
CA LEU D 281 -1.26 -42.26 -30.28
C LEU D 281 -1.00 -42.68 -31.71
N TYR D 282 -1.34 -41.83 -32.69
CA TYR D 282 -0.95 -42.09 -34.06
C TYR D 282 0.56 -41.98 -34.24
N LEU D 283 1.20 -41.12 -33.46
CA LEU D 283 2.62 -40.86 -33.61
C LEU D 283 3.46 -42.00 -33.06
N LEU D 284 3.11 -42.48 -31.86
CA LEU D 284 3.88 -43.56 -31.25
C LEU D 284 3.64 -44.89 -31.96
N SER D 285 2.43 -45.10 -32.47
CA SER D 285 2.14 -46.32 -33.25
C SER D 285 2.89 -46.31 -34.56
N LYS D 286 3.17 -45.14 -35.11
CA LYS D 286 3.98 -45.05 -36.32
C LYS D 286 5.44 -45.40 -36.04
N GLU D 287 5.90 -45.14 -34.81
CA GLU D 287 7.28 -45.45 -34.46
C GLU D 287 7.42 -46.90 -34.04
N LEU D 288 6.40 -47.45 -33.38
CA LEU D 288 6.47 -48.81 -32.87
C LEU D 288 5.95 -49.85 -33.85
N ASN D 289 5.32 -49.42 -34.94
CA ASN D 289 4.72 -50.27 -35.97
C ASN D 289 3.71 -51.24 -35.34
N CYS D 290 2.67 -50.67 -34.76
CA CYS D 290 1.57 -51.42 -34.21
C CYS D 290 0.32 -50.54 -34.27
N LYS D 291 -0.78 -51.05 -33.73
CA LYS D 291 -1.98 -50.24 -33.66
C LYS D 291 -1.86 -49.23 -32.52
N GLU D 292 -2.64 -48.16 -32.62
CA GLU D 292 -2.71 -47.17 -31.55
C GLU D 292 -3.43 -47.73 -30.34
N GLU D 293 -4.27 -48.73 -30.52
CA GLU D 293 -5.00 -49.34 -29.42
C GLU D 293 -4.10 -50.27 -28.60
N ASP D 294 -2.93 -50.61 -29.13
CA ASP D 294 -1.98 -51.42 -28.35
C ASP D 294 -1.14 -50.58 -27.40
N ILE D 295 -1.09 -49.26 -27.60
CA ILE D 295 -0.30 -48.39 -26.73
C ILE D 295 -1.06 -48.23 -25.41
N LEU D 296 -0.46 -48.72 -24.33
CA LEU D 296 -1.12 -48.72 -23.03
C LEU D 296 -0.87 -47.45 -22.23
N ASP D 297 0.39 -47.18 -21.88
CA ASP D 297 0.80 -45.99 -21.18
C ASP D 297 2.30 -45.83 -21.34
N PHE D 298 2.78 -44.61 -21.11
CA PHE D 298 4.16 -44.30 -21.46
C PHE D 298 4.68 -43.22 -20.55
N GLU D 299 6.00 -43.22 -20.35
CA GLU D 299 6.70 -42.15 -19.67
C GLU D 299 7.55 -41.42 -20.70
N LEU D 300 6.99 -40.38 -21.30
CA LEU D 300 7.62 -39.67 -22.38
C LEU D 300 8.05 -38.29 -21.91
N CYS D 301 9.22 -37.87 -22.36
CA CYS D 301 9.78 -36.56 -22.04
C CYS D 301 9.89 -35.76 -23.32
N LEU D 302 9.46 -34.50 -23.27
CA LEU D 302 9.62 -33.61 -24.40
C LEU D 302 11.07 -33.18 -24.49
N MET D 303 11.64 -33.21 -25.69
CA MET D 303 13.00 -32.78 -25.89
C MET D 303 13.03 -31.79 -27.05
N ASP D 304 14.10 -31.01 -27.15
CA ASP D 304 14.24 -30.12 -28.28
C ASP D 304 14.92 -30.82 -29.44
N THR D 305 14.29 -30.78 -30.61
CA THR D 305 14.76 -31.52 -31.77
C THR D 305 16.03 -30.94 -32.39
N GLN D 306 16.43 -29.73 -32.00
CA GLN D 306 17.63 -29.13 -32.53
C GLN D 306 18.86 -29.87 -32.00
N GLU D 307 19.71 -30.31 -32.91
CA GLU D 307 20.89 -31.06 -32.52
C GLU D 307 21.88 -30.14 -31.81
N PRO D 308 22.61 -30.67 -30.83
CA PRO D 308 23.69 -29.90 -30.22
C PRO D 308 24.80 -29.58 -31.21
N CYS D 309 25.50 -28.47 -30.97
CA CYS D 309 26.49 -28.01 -31.92
C CYS D 309 27.54 -27.17 -31.21
N PHE D 310 28.74 -27.16 -31.79
CA PHE D 310 29.80 -26.26 -31.39
C PHE D 310 29.46 -24.83 -31.79
N THR D 311 29.53 -23.92 -30.83
CA THR D 311 29.18 -22.52 -31.09
C THR D 311 30.30 -21.60 -30.66
N GLY D 312 30.03 -20.31 -30.79
CA GLY D 312 31.05 -19.29 -30.76
C GLY D 312 31.65 -19.07 -32.14
N VAL D 313 32.44 -18.01 -32.26
CA VAL D 313 33.14 -17.77 -33.52
C VAL D 313 34.21 -18.82 -33.74
N TYR D 314 34.93 -19.17 -32.69
CA TYR D 314 36.04 -20.11 -32.80
C TYR D 314 35.62 -21.55 -32.56
N GLU D 315 34.32 -21.83 -32.64
CA GLU D 315 33.70 -23.14 -32.33
C GLU D 315 34.16 -23.64 -30.95
N GLU D 316 33.99 -22.77 -29.98
CA GLU D 316 34.65 -22.92 -28.69
C GLU D 316 33.72 -23.29 -27.57
N PHE D 317 32.42 -23.26 -27.80
CA PHE D 317 31.45 -23.65 -26.79
C PHE D 317 30.74 -24.91 -27.25
N ILE D 318 29.94 -25.47 -26.34
CA ILE D 318 29.02 -26.54 -26.68
C ILE D 318 27.67 -26.20 -26.08
N GLU D 319 26.61 -26.55 -26.80
CA GLU D 319 25.24 -26.36 -26.32
C GLU D 319 24.34 -27.26 -27.15
N GLY D 320 23.54 -28.10 -26.52
CA GLY D 320 22.30 -28.35 -27.20
C GLY D 320 21.03 -28.45 -26.40
N ALA D 321 21.12 -29.18 -25.30
CA ALA D 321 20.00 -29.59 -24.46
C ALA D 321 20.57 -30.44 -23.36
N ARG D 322 19.88 -30.46 -22.23
CA ARG D 322 20.02 -31.47 -21.18
C ARG D 322 21.42 -31.54 -20.58
N PHE D 323 22.20 -30.46 -20.76
CA PHE D 323 23.59 -30.45 -20.29
C PHE D 323 23.72 -30.42 -18.78
N ASP D 324 22.61 -30.30 -18.04
CA ASP D 324 22.62 -30.49 -16.60
C ASP D 324 22.86 -31.97 -16.36
N ASN D 325 24.14 -32.31 -16.28
CA ASN D 325 24.71 -33.60 -15.91
C ASN D 325 24.34 -34.72 -16.86
N LEU D 326 23.93 -34.43 -18.08
CA LEU D 326 24.04 -35.47 -19.09
C LEU D 326 25.33 -35.28 -19.87
N LEU D 327 25.79 -34.04 -19.96
CA LEU D 327 27.18 -33.79 -20.32
C LEU D 327 28.11 -34.16 -19.17
N GLY D 328 27.70 -33.85 -17.94
CA GLY D 328 28.54 -34.12 -16.79
C GLY D 328 28.68 -35.59 -16.48
N SER D 329 27.60 -36.36 -16.63
CA SER D 329 27.69 -37.80 -16.39
C SER D 329 28.27 -38.54 -17.58
N PHE D 330 28.34 -37.89 -18.74
CA PHE D 330 29.18 -38.42 -19.80
C PHE D 330 30.63 -38.45 -19.38
N CYS D 331 31.11 -37.34 -18.81
CA CYS D 331 32.48 -37.26 -18.30
C CYS D 331 32.71 -38.18 -17.10
N VAL D 332 31.64 -38.53 -16.38
CA VAL D 332 31.75 -39.54 -15.34
C VAL D 332 32.05 -40.90 -15.95
N PHE D 333 31.33 -41.25 -17.02
CA PHE D 333 31.53 -42.56 -17.62
C PHE D 333 32.67 -42.55 -18.64
N GLU D 334 32.92 -41.42 -19.30
CA GLU D 334 34.10 -41.35 -20.17
C GLU D 334 35.38 -41.34 -19.36
N GLY D 335 35.35 -40.72 -18.18
CA GLY D 335 36.47 -40.85 -17.26
C GLY D 335 36.58 -42.24 -16.67
N PHE D 336 35.47 -42.96 -16.60
CA PHE D 336 35.47 -44.32 -16.09
C PHE D 336 35.94 -45.31 -17.14
N ILE D 337 35.57 -45.05 -18.41
CA ILE D 337 35.98 -45.92 -19.51
C ILE D 337 37.48 -45.84 -19.73
N GLU D 338 38.04 -44.62 -19.64
CA GLU D 338 39.47 -44.43 -19.82
C GLU D 338 40.27 -45.02 -18.68
N LEU D 339 39.66 -45.13 -17.50
CA LEU D 339 40.30 -45.82 -16.40
C LEU D 339 40.41 -47.31 -16.67
N VAL D 340 39.29 -47.95 -17.03
CA VAL D 340 39.26 -49.40 -17.24
C VAL D 340 40.14 -49.77 -18.44
N ASN D 341 40.18 -48.91 -19.45
CA ASN D 341 41.09 -49.13 -20.57
C ASN D 341 42.54 -48.93 -20.15
N SER D 342 42.79 -48.11 -19.12
CA SER D 342 44.15 -48.00 -18.61
C SER D 342 44.52 -49.17 -17.72
N ILE D 343 43.51 -49.84 -17.15
CA ILE D 343 43.78 -51.01 -16.33
C ILE D 343 44.00 -52.23 -17.21
N LYS D 344 43.19 -52.40 -18.24
CA LYS D 344 43.29 -53.59 -19.09
C LYS D 344 44.50 -53.49 -20.03
N ASN D 345 44.78 -52.31 -20.57
CA ASN D 345 45.92 -52.16 -21.45
C ASN D 345 47.20 -51.89 -20.66
N HIS D 346 48.34 -52.11 -21.34
CA HIS D 346 49.70 -51.98 -20.78
C HIS D 346 49.90 -52.87 -19.55
N THR D 347 49.27 -54.04 -19.53
CA THR D 347 49.51 -55.06 -18.52
C THR D 347 49.71 -56.42 -19.18
N ASN D 363 51.62 -49.14 -9.96
CA ASN D 363 50.96 -50.11 -10.83
C ASN D 363 50.27 -51.19 -10.00
N ASP D 364 50.60 -51.25 -8.71
CA ASP D 364 49.99 -52.25 -7.84
C ASP D 364 48.71 -51.73 -7.21
N ASN D 365 48.58 -50.41 -7.06
CA ASN D 365 47.43 -49.87 -6.36
C ASN D 365 46.29 -49.54 -7.32
N ILE D 366 46.54 -49.63 -8.63
CA ILE D 366 45.46 -49.44 -9.59
C ILE D 366 44.53 -50.65 -9.63
N HIS D 367 45.04 -51.84 -9.30
CA HIS D 367 44.23 -53.04 -9.26
C HIS D 367 43.66 -53.31 -7.88
N ASN D 368 43.62 -52.31 -7.02
CA ASN D 368 43.42 -52.49 -5.58
C ASN D 368 42.08 -51.95 -5.15
N ASN D 369 41.29 -51.45 -6.08
CA ASN D 369 40.10 -50.68 -5.73
C ASN D 369 38.88 -51.20 -6.47
N LEU D 370 37.72 -50.80 -5.96
CA LEU D 370 36.45 -51.02 -6.63
C LEU D 370 35.98 -49.69 -7.19
N TYR D 371 36.10 -49.51 -8.50
CA TYR D 371 35.76 -48.27 -9.15
C TYR D 371 34.33 -48.36 -9.64
N ILE D 372 33.43 -47.65 -8.97
CA ILE D 372 32.00 -47.64 -9.33
C ILE D 372 31.71 -46.32 -10.02
N SER D 373 30.86 -46.38 -11.04
CA SER D 373 30.42 -45.19 -11.76
C SER D 373 28.92 -45.31 -11.96
N ILE D 374 28.15 -44.52 -11.22
CA ILE D 374 26.71 -44.68 -11.19
C ILE D 374 26.03 -43.40 -11.68
N GLY D 375 25.09 -43.59 -12.60
CA GLY D 375 24.27 -42.49 -13.08
C GLY D 375 22.87 -42.54 -12.50
N TYR D 376 22.58 -41.61 -11.59
CA TYR D 376 21.34 -41.64 -10.84
C TYR D 376 20.19 -41.07 -11.66
N ASP D 377 18.99 -41.25 -11.12
CA ASP D 377 17.80 -40.65 -11.68
C ASP D 377 17.16 -39.77 -10.63
N HIS D 378 16.22 -38.95 -11.09
CA HIS D 378 15.28 -38.20 -10.24
C HIS D 378 15.99 -37.19 -9.33
N GLU D 379 17.14 -36.67 -9.78
CA GLU D 379 17.82 -35.63 -9.01
C GLU D 379 17.04 -34.34 -8.95
N GLU D 380 16.39 -33.95 -10.05
CA GLU D 380 15.75 -32.65 -10.15
C GLU D 380 14.57 -32.49 -9.22
N ILE D 381 14.05 -33.59 -8.69
CA ILE D 381 12.89 -33.57 -7.80
C ILE D 381 13.27 -33.97 -6.38
N GLY D 382 14.54 -34.22 -6.11
CA GLY D 382 15.01 -34.45 -4.77
C GLY D 382 15.48 -35.84 -4.45
N SER D 383 15.64 -36.72 -5.44
CA SER D 383 16.27 -38.04 -5.34
C SER D 383 15.51 -39.02 -4.45
N LEU D 384 14.28 -38.67 -4.04
CA LEU D 384 13.48 -39.57 -3.22
C LEU D 384 12.74 -40.49 -4.17
N SER D 385 13.40 -41.58 -4.57
CA SER D 385 12.83 -42.52 -5.51
C SER D 385 13.51 -43.87 -5.34
N GLU D 386 13.02 -44.86 -6.08
CA GLU D 386 13.62 -46.19 -6.02
C GLU D 386 14.91 -46.26 -6.83
N VAL D 387 15.11 -45.30 -7.73
CA VAL D 387 16.32 -45.24 -8.55
C VAL D 387 17.08 -43.95 -8.29
N GLY D 388 16.66 -43.19 -7.29
CA GLY D 388 17.31 -41.94 -6.96
C GLY D 388 18.54 -42.15 -6.11
N ALA D 389 19.09 -41.03 -5.64
CA ALA D 389 20.28 -41.08 -4.81
C ALA D 389 19.95 -41.47 -3.38
N ARG D 390 18.75 -41.13 -2.93
CA ARG D 390 18.32 -41.51 -1.59
C ARG D 390 17.83 -42.95 -1.52
N SER D 391 17.87 -43.68 -2.63
CA SER D 391 17.48 -45.07 -2.66
C SER D 391 18.50 -45.94 -1.95
N TYR D 392 18.07 -47.16 -1.64
CA TYR D 392 18.95 -48.21 -1.16
C TYR D 392 19.64 -48.94 -2.30
N CYS D 393 19.48 -48.48 -3.54
CA CYS D 393 19.98 -49.24 -4.69
C CYS D 393 21.50 -49.31 -4.69
N THR D 394 22.17 -48.17 -4.47
CA THR D 394 23.62 -48.16 -4.51
C THR D 394 24.22 -48.86 -3.30
N LYS D 395 23.58 -48.69 -2.14
CA LYS D 395 24.08 -49.33 -0.93
C LYS D 395 23.91 -50.83 -0.99
N ASN D 396 22.85 -51.31 -1.64
CA ASN D 396 22.72 -52.73 -1.81
C ASN D 396 23.61 -53.24 -2.93
N PHE D 397 23.98 -52.39 -3.89
CA PHE D 397 24.88 -52.82 -4.96
C PHE D 397 26.27 -53.11 -4.42
N ILE D 398 26.78 -52.25 -3.53
CA ILE D 398 28.10 -52.47 -2.95
C ILE D 398 28.07 -53.66 -2.01
N ASP D 399 26.97 -53.84 -1.28
CA ASP D 399 26.85 -55.00 -0.40
C ASP D 399 26.59 -56.28 -1.18
N ARG D 400 26.27 -56.16 -2.47
CA ARG D 400 26.21 -57.35 -3.33
C ARG D 400 27.55 -57.60 -4.02
N ILE D 401 28.32 -56.54 -4.26
CA ILE D 401 29.65 -56.73 -4.83
C ILE D 401 30.59 -57.32 -3.78
N ILE D 402 30.53 -56.81 -2.55
CA ILE D 402 31.35 -57.31 -1.45
C ILE D 402 30.98 -58.75 -1.12
N SER D 403 29.69 -59.09 -1.19
CA SER D 403 29.27 -60.45 -0.88
C SER D 403 29.64 -61.42 -1.99
N SER D 404 29.73 -60.97 -3.23
CA SER D 404 29.98 -61.89 -4.34
C SER D 404 31.48 -62.01 -4.61
N VAL D 405 32.23 -60.92 -4.44
CA VAL D 405 33.67 -60.99 -4.61
C VAL D 405 34.31 -61.74 -3.45
N PHE D 406 33.98 -61.33 -2.22
CA PHE D 406 34.49 -62.01 -1.04
C PHE D 406 33.50 -63.05 -0.55
N LYS D 407 33.07 -63.91 -1.48
CA LYS D 407 32.14 -64.97 -1.12
C LYS D 407 32.86 -66.04 -0.32
N LYS D 408 34.14 -66.26 -0.61
CA LYS D 408 34.85 -67.38 0.00
C LYS D 408 35.48 -66.98 1.33
N GLU D 409 35.77 -65.70 1.54
CA GLU D 409 36.45 -65.35 2.78
C GLU D 409 35.50 -64.95 3.90
N ILE D 410 34.19 -64.84 3.62
CA ILE D 410 33.21 -64.68 4.69
C ILE D 410 33.14 -65.94 5.55
N HIS D 411 33.15 -67.11 4.91
CA HIS D 411 32.86 -68.38 5.56
C HIS D 411 33.94 -68.83 6.53
N GLU D 412 35.21 -68.62 6.22
CA GLU D 412 36.27 -69.36 6.89
C GLU D 412 37.17 -68.47 7.73
N LYS D 413 37.05 -67.15 7.60
CA LYS D 413 37.59 -66.30 8.65
C LYS D 413 36.53 -65.40 9.28
N ASN D 414 35.25 -65.73 9.06
CA ASN D 414 34.11 -65.30 9.88
C ASN D 414 33.89 -63.79 9.85
N LEU D 415 34.21 -63.20 8.71
CA LEU D 415 33.94 -61.79 8.48
C LEU D 415 32.47 -61.61 8.14
N SER D 416 32.01 -60.36 8.23
CA SER D 416 30.66 -59.98 7.86
C SER D 416 30.73 -58.96 6.73
N VAL D 417 29.57 -58.69 6.12
CA VAL D 417 29.51 -57.70 5.05
C VAL D 417 29.74 -56.30 5.62
N GLN D 418 29.07 -55.98 6.74
CA GLN D 418 29.20 -54.66 7.33
C GLN D 418 30.56 -54.43 7.96
N GLU D 419 31.22 -55.51 8.41
CA GLU D 419 32.62 -55.41 8.80
C GLU D 419 33.52 -55.09 7.60
N ILE D 420 33.27 -55.73 6.46
CA ILE D 420 34.11 -55.50 5.28
C ILE D 420 33.74 -54.17 4.63
N TYR D 421 32.45 -53.83 4.64
CA TYR D 421 32.03 -52.57 4.02
C TYR D 421 32.52 -51.38 4.83
N GLY D 422 32.42 -51.43 6.15
CA GLY D 422 32.95 -50.37 6.97
C GLY D 422 34.46 -50.32 7.00
N ASN D 423 35.12 -51.41 6.60
CA ASN D 423 36.57 -51.40 6.47
C ASN D 423 36.99 -50.61 5.24
N LEU D 424 36.26 -50.74 4.14
CA LEU D 424 36.58 -50.04 2.91
C LEU D 424 36.04 -48.62 2.87
N VAL D 425 35.17 -48.25 3.80
CA VAL D 425 34.58 -46.91 3.83
C VAL D 425 35.59 -45.86 4.29
N ASN D 426 36.58 -46.27 5.09
CA ASN D 426 37.62 -45.35 5.54
C ASN D 426 38.53 -44.91 4.39
N ARG D 427 38.67 -45.75 3.37
CA ARG D 427 39.52 -45.45 2.22
C ARG D 427 38.68 -45.05 1.01
N SER D 428 37.38 -44.93 1.20
CA SER D 428 36.44 -44.69 0.12
C SER D 428 36.32 -43.20 -0.18
N PHE D 429 35.71 -42.91 -1.32
CA PHE D 429 35.46 -41.53 -1.72
C PHE D 429 34.30 -41.50 -2.70
N ILE D 430 33.64 -40.34 -2.76
CA ILE D 430 32.55 -40.08 -3.67
C ILE D 430 32.90 -38.83 -4.48
N LEU D 431 32.88 -38.95 -5.80
CA LEU D 431 33.14 -37.83 -6.69
C LEU D 431 31.81 -37.47 -7.35
N ASN D 432 31.07 -36.56 -6.76
CA ASN D 432 29.80 -36.16 -7.33
C ASN D 432 30.06 -35.11 -8.38
N VAL D 433 29.56 -35.35 -9.59
CA VAL D 433 29.73 -34.46 -10.72
C VAL D 433 28.38 -33.93 -11.13
N ASP D 434 28.21 -32.62 -11.03
CA ASP D 434 27.02 -31.93 -11.50
C ASP D 434 27.46 -30.53 -11.88
N MET D 435 26.75 -29.95 -12.86
CA MET D 435 27.18 -28.70 -13.46
C MET D 435 27.08 -27.54 -12.48
N ALA D 436 27.85 -26.51 -12.76
CA ALA D 436 27.98 -25.36 -11.88
C ALA D 436 27.74 -24.08 -12.66
N HIS D 437 27.50 -23.01 -11.92
CA HIS D 437 27.09 -21.74 -12.51
C HIS D 437 28.31 -20.94 -12.91
N CYS D 438 28.54 -20.81 -14.22
CA CYS D 438 29.55 -19.89 -14.70
C CYS D 438 29.16 -18.46 -14.38
N SER D 439 30.18 -17.59 -14.30
CA SER D 439 29.93 -16.19 -14.01
C SER D 439 29.20 -15.54 -15.18
N HIS D 440 27.94 -15.22 -14.98
CA HIS D 440 27.14 -14.62 -16.02
C HIS D 440 27.56 -13.18 -16.20
N PRO D 441 27.89 -12.74 -17.42
CA PRO D 441 28.29 -11.34 -17.60
C PRO D 441 27.12 -10.38 -17.50
N ASN D 442 25.91 -10.84 -17.79
CA ASN D 442 24.76 -9.95 -17.79
C ASN D 442 24.11 -9.87 -16.41
N TYR D 443 24.56 -10.69 -15.47
CA TYR D 443 24.03 -10.71 -14.11
C TYR D 443 25.19 -10.70 -13.12
N PRO D 444 25.84 -9.56 -12.89
CA PRO D 444 26.97 -9.51 -11.96
C PRO D 444 26.57 -9.46 -10.50
N GLU D 445 25.27 -9.36 -10.19
CA GLU D 445 24.80 -9.28 -8.81
C GLU D 445 24.50 -10.64 -8.21
N THR D 446 24.52 -11.71 -9.01
CA THR D 446 24.25 -13.04 -8.52
C THR D 446 25.51 -13.88 -8.36
N VAL D 447 26.68 -13.27 -8.45
CA VAL D 447 27.93 -14.01 -8.38
C VAL D 447 28.69 -13.59 -7.13
N GLN D 448 29.41 -14.54 -6.55
CA GLN D 448 30.36 -14.22 -5.50
C GLN D 448 31.52 -13.43 -6.10
N ASP D 449 32.19 -12.62 -5.28
CA ASP D 449 33.28 -11.83 -5.82
C ASP D 449 34.53 -12.68 -6.01
N ASN D 450 34.89 -13.49 -5.01
CA ASN D 450 36.12 -14.26 -5.08
C ASN D 450 35.92 -15.62 -5.73
N HIS D 451 34.80 -16.28 -5.49
CA HIS D 451 34.53 -17.60 -6.03
C HIS D 451 33.74 -17.44 -7.32
N GLN D 452 34.45 -17.17 -8.40
CA GLN D 452 33.83 -17.01 -9.70
C GLN D 452 34.25 -18.17 -10.59
N LEU D 453 33.41 -18.49 -11.55
CA LEU D 453 33.69 -19.54 -12.51
C LEU D 453 33.69 -18.95 -13.91
N PHE D 454 34.73 -19.21 -14.67
CA PHE D 454 34.77 -18.77 -16.05
C PHE D 454 34.98 -19.96 -16.96
N PHE D 455 34.65 -19.76 -18.23
CA PHE D 455 34.78 -20.83 -19.21
C PHE D 455 36.24 -21.11 -19.50
N HIS D 456 36.53 -22.39 -19.79
CA HIS D 456 37.87 -22.92 -20.05
C HIS D 456 38.86 -22.66 -18.92
N GLU D 457 38.39 -22.45 -17.69
CA GLU D 457 39.28 -22.09 -16.61
C GLU D 457 39.53 -23.27 -15.69
N GLY D 458 38.71 -24.31 -15.81
CA GLY D 458 38.95 -25.54 -15.09
C GLY D 458 37.68 -26.11 -14.52
N ILE D 459 37.83 -27.20 -13.78
CA ILE D 459 36.72 -27.81 -13.08
C ILE D 459 36.29 -26.89 -11.94
N ALA D 460 34.99 -26.75 -11.75
CA ALA D 460 34.52 -26.15 -10.51
C ALA D 460 34.72 -27.14 -9.38
N ILE D 461 35.01 -26.62 -8.20
CA ILE D 461 34.99 -27.40 -6.98
C ILE D 461 33.99 -26.70 -6.09
N LYS D 462 32.77 -27.22 -6.04
CA LYS D 462 31.66 -26.48 -5.46
C LYS D 462 31.62 -26.64 -3.95
N TYR D 463 31.82 -25.54 -3.24
CA TYR D 463 31.71 -25.51 -1.79
C TYR D 463 30.37 -24.91 -1.42
N ASN D 464 29.94 -25.15 -0.18
CA ASN D 464 28.69 -24.57 0.27
C ASN D 464 28.73 -24.30 1.76
N THR D 465 27.92 -23.33 2.19
CA THR D 465 27.68 -23.07 3.60
C THR D 465 26.98 -24.25 4.26
N ASN D 466 25.83 -24.64 3.73
CA ASN D 466 24.93 -25.58 4.37
C ASN D 466 25.16 -27.02 3.94
N LYS D 467 26.31 -27.30 3.32
CA LYS D 467 26.65 -28.59 2.72
C LYS D 467 25.59 -29.10 1.75
N ASN D 468 25.02 -28.20 0.95
CA ASN D 468 24.28 -28.63 -0.22
C ASN D 468 25.20 -29.31 -1.21
N TYR D 469 26.44 -28.86 -1.28
CA TYR D 469 27.53 -29.58 -1.90
C TYR D 469 28.38 -30.21 -0.80
N VAL D 470 28.79 -31.48 -1.02
CA VAL D 470 29.43 -32.25 0.05
C VAL D 470 30.92 -31.97 0.16
N THR D 471 31.43 -30.98 -0.55
CA THR D 471 32.85 -30.68 -0.53
C THR D 471 33.31 -30.15 0.82
N SER D 472 34.20 -30.89 1.45
CA SER D 472 34.93 -30.46 2.64
C SER D 472 36.32 -30.02 2.22
N PRO D 473 36.90 -29.01 2.89
CA PRO D 473 38.23 -28.54 2.49
C PRO D 473 39.36 -29.53 2.71
N LEU D 474 39.17 -30.57 3.52
CA LEU D 474 40.13 -31.67 3.52
C LEU D 474 40.00 -32.49 2.25
N HIS D 475 38.77 -32.83 1.90
CA HIS D 475 38.56 -33.82 0.87
C HIS D 475 38.67 -33.25 -0.53
N ALA D 476 38.67 -31.92 -0.66
CA ALA D 476 39.06 -31.32 -1.92
C ALA D 476 40.57 -31.18 -2.02
N SER D 477 41.26 -31.19 -0.87
CA SER D 477 42.72 -31.11 -0.90
C SER D 477 43.33 -32.41 -1.37
N LEU D 478 42.64 -33.53 -1.15
CA LEU D 478 43.13 -34.80 -1.68
C LEU D 478 42.92 -34.86 -3.18
N ILE D 479 41.83 -34.29 -3.68
CA ILE D 479 41.51 -34.36 -5.10
C ILE D 479 42.38 -33.41 -5.90
N LYS D 480 42.72 -32.25 -5.32
CA LYS D 480 43.66 -31.36 -5.96
C LYS D 480 45.07 -31.95 -6.02
N ARG D 481 45.38 -32.90 -5.13
CA ARG D 481 46.65 -33.60 -5.23
C ARG D 481 46.59 -34.77 -6.20
N THR D 482 45.38 -35.27 -6.49
CA THR D 482 45.25 -36.20 -7.60
C THR D 482 45.39 -35.48 -8.93
N PHE D 483 45.05 -34.19 -8.97
CA PHE D 483 45.25 -33.43 -10.19
C PHE D 483 46.72 -33.08 -10.37
N GLU D 484 47.48 -33.02 -9.28
CA GLU D 484 48.90 -32.75 -9.39
C GLU D 484 49.69 -34.00 -9.72
N LEU D 485 49.20 -35.17 -9.29
CA LEU D 485 49.83 -36.42 -9.70
C LEU D 485 49.53 -36.74 -11.15
N TYR D 486 48.43 -36.20 -11.68
CA TYR D 486 48.18 -36.30 -13.11
C TYR D 486 49.16 -35.44 -13.90
N TYR D 487 49.53 -34.29 -13.35
CA TYR D 487 50.44 -33.39 -14.07
C TYR D 487 51.86 -33.94 -14.08
N ASN D 488 52.23 -34.75 -13.08
CA ASN D 488 53.57 -35.29 -13.04
C ASN D 488 53.75 -36.46 -13.98
N LYS D 489 52.67 -37.13 -14.37
CA LYS D 489 52.77 -38.31 -15.22
C LYS D 489 52.43 -37.99 -16.68
N TYR D 490 51.37 -37.22 -16.91
CA TYR D 490 50.88 -36.99 -18.26
C TYR D 490 51.29 -35.63 -18.81
N LYS D 491 51.88 -34.77 -17.97
CA LYS D 491 52.36 -33.43 -18.34
C LYS D 491 51.25 -32.56 -18.93
N GLN D 492 50.03 -32.77 -18.44
CA GLN D 492 48.86 -32.02 -18.88
C GLN D 492 48.13 -31.54 -17.63
N GLN D 493 48.09 -30.22 -17.45
CA GLN D 493 47.54 -29.67 -16.22
C GLN D 493 46.03 -29.76 -16.20
N ILE D 494 45.49 -30.28 -15.10
CA ILE D 494 44.07 -30.26 -14.83
C ILE D 494 43.79 -29.00 -14.02
N LYS D 495 43.20 -28.01 -14.65
CA LYS D 495 42.90 -26.76 -13.98
C LYS D 495 41.64 -26.92 -13.14
N TYR D 496 41.57 -26.17 -12.06
CA TYR D 496 40.42 -26.18 -11.18
C TYR D 496 40.17 -24.77 -10.67
N GLN D 497 38.97 -24.56 -10.13
CA GLN D 497 38.58 -23.28 -9.58
C GLN D 497 37.50 -23.51 -8.55
N ASN D 498 37.64 -22.87 -7.39
CA ASN D 498 36.67 -23.08 -6.32
C ASN D 498 35.41 -22.26 -6.57
N PHE D 499 34.27 -22.90 -6.38
CA PHE D 499 32.99 -22.25 -6.59
C PHE D 499 32.21 -22.25 -5.28
N MET D 500 31.63 -21.10 -4.96
CA MET D 500 30.82 -20.92 -3.77
C MET D 500 29.77 -19.87 -4.05
N VAL D 501 28.53 -20.20 -3.72
CA VAL D 501 27.41 -19.29 -3.91
C VAL D 501 27.48 -18.26 -2.78
N LYS D 502 26.81 -17.12 -2.99
CA LYS D 502 26.79 -16.07 -1.98
C LYS D 502 26.07 -16.54 -0.72
N ASN D 503 26.39 -15.89 0.40
CA ASN D 503 25.83 -16.31 1.68
C ASN D 503 24.35 -15.99 1.79
N ASP D 504 23.90 -14.90 1.17
CA ASP D 504 22.49 -14.55 1.26
C ASP D 504 21.64 -15.34 0.27
N THR D 505 22.17 -15.61 -0.93
CA THR D 505 21.36 -16.36 -1.88
C THR D 505 21.40 -17.85 -1.57
N PRO D 506 20.28 -18.55 -1.73
CA PRO D 506 20.30 -20.00 -1.61
C PRO D 506 20.68 -20.65 -2.93
N CYS D 507 21.12 -21.89 -2.84
CA CYS D 507 21.49 -22.67 -4.01
C CYS D 507 20.86 -24.05 -3.93
N GLY D 508 20.68 -24.68 -5.08
CA GLY D 508 20.07 -26.00 -5.09
C GLY D 508 21.02 -27.07 -4.63
N SER D 509 20.50 -27.98 -3.82
CA SER D 509 21.30 -29.09 -3.33
C SER D 509 21.51 -30.12 -4.44
N THR D 510 22.57 -30.89 -4.30
CA THR D 510 22.89 -31.94 -5.25
C THR D 510 22.87 -33.28 -4.54
N VAL D 511 23.27 -34.32 -5.27
CA VAL D 511 23.29 -35.68 -4.71
C VAL D 511 24.63 -35.99 -4.06
N GLY D 512 25.44 -34.99 -3.81
CA GLY D 512 26.70 -35.23 -3.13
C GLY D 512 26.51 -35.68 -1.71
N SER D 513 25.76 -34.90 -0.92
CA SER D 513 25.55 -35.26 0.47
C SER D 513 24.47 -36.31 0.64
N MET D 514 23.67 -36.56 -0.39
CA MET D 514 22.67 -37.61 -0.31
C MET D 514 23.32 -38.99 -0.32
N VAL D 515 24.27 -39.20 -1.24
CA VAL D 515 24.91 -40.50 -1.32
C VAL D 515 26.00 -40.62 -0.25
N ALA D 516 26.59 -39.49 0.16
CA ALA D 516 27.59 -39.53 1.22
C ALA D 516 26.96 -39.87 2.57
N ALA D 517 25.67 -39.60 2.73
CA ALA D 517 24.99 -40.05 3.93
C ALA D 517 24.55 -41.50 3.81
N ASN D 518 24.13 -41.91 2.62
CA ASN D 518 23.66 -43.28 2.42
C ASN D 518 24.80 -44.27 2.49
N LEU D 519 25.99 -43.88 2.04
CA LEU D 519 27.12 -44.79 1.97
C LEU D 519 28.17 -44.53 3.04
N SER D 520 28.05 -43.43 3.79
CA SER D 520 28.97 -43.02 4.85
C SER D 520 30.39 -42.81 4.33
N MET D 521 30.50 -42.39 3.07
CA MET D 521 31.79 -42.14 2.43
C MET D 521 32.03 -40.65 2.32
N PRO D 522 33.27 -40.20 2.46
CA PRO D 522 33.57 -38.78 2.23
C PRO D 522 33.40 -38.43 0.77
N GLY D 523 33.18 -37.15 0.50
CA GLY D 523 32.81 -36.75 -0.83
C GLY D 523 33.33 -35.38 -1.22
N ILE D 524 33.06 -35.05 -2.49
CA ILE D 524 33.37 -33.77 -3.09
C ILE D 524 32.30 -33.52 -4.15
N ASP D 525 32.05 -32.26 -4.46
CA ASP D 525 31.15 -31.88 -5.54
C ASP D 525 31.93 -31.07 -6.56
N ILE D 526 32.29 -31.71 -7.67
CA ILE D 526 32.92 -31.00 -8.76
C ILE D 526 31.94 -30.89 -9.92
N GLY D 527 32.36 -30.16 -10.94
CA GLY D 527 31.53 -29.99 -12.11
C GLY D 527 32.15 -28.93 -12.99
N ILE D 528 31.50 -28.69 -14.13
CA ILE D 528 32.07 -27.73 -15.06
C ILE D 528 31.15 -26.52 -15.17
N PRO D 529 31.69 -25.32 -15.32
CA PRO D 529 30.83 -24.14 -15.37
C PRO D 529 30.03 -24.09 -16.66
N GLN D 530 28.73 -23.82 -16.52
CA GLN D 530 27.87 -23.63 -17.66
C GLN D 530 26.94 -22.48 -17.39
N LEU D 531 26.47 -21.84 -18.46
CA LEU D 531 25.47 -20.80 -18.32
C LEU D 531 24.10 -21.34 -18.70
N ALA D 532 23.07 -20.71 -18.13
CA ALA D 532 21.66 -21.05 -18.31
C ALA D 532 21.37 -22.51 -17.94
N MET D 533 21.80 -22.88 -16.74
CA MET D 533 21.52 -24.20 -16.20
C MET D 533 20.03 -24.36 -15.96
N HIS D 534 19.54 -25.60 -16.13
CA HIS D 534 18.14 -26.00 -16.07
C HIS D 534 17.30 -25.32 -17.15
N SER D 535 17.90 -24.99 -18.28
CA SER D 535 17.16 -24.49 -19.42
C SER D 535 17.23 -25.48 -20.57
N ILE D 536 16.49 -25.18 -21.64
CA ILE D 536 16.41 -26.10 -22.76
C ILE D 536 17.68 -26.02 -23.61
N ARG D 537 18.38 -24.90 -23.58
CA ARG D 537 19.70 -24.80 -24.19
C ARG D 537 20.67 -24.26 -23.16
N GLU D 538 21.73 -25.02 -22.89
CA GLU D 538 22.73 -24.68 -21.89
C GLU D 538 24.09 -24.68 -22.55
N ILE D 539 24.80 -23.56 -22.43
CA ILE D 539 26.09 -23.40 -23.09
C ILE D 539 27.20 -23.77 -22.10
N ALA D 540 28.25 -24.42 -22.60
CA ALA D 540 29.37 -24.85 -21.78
C ALA D 540 30.63 -24.81 -22.63
N ALA D 541 31.78 -24.89 -21.98
CA ALA D 541 33.06 -24.76 -22.68
C ALA D 541 33.69 -26.12 -22.97
N VAL D 542 34.46 -26.19 -24.06
CA VAL D 542 34.97 -27.48 -24.50
C VAL D 542 36.28 -27.83 -23.79
N HIS D 543 36.98 -26.84 -23.23
CA HIS D 543 38.13 -27.20 -22.42
C HIS D 543 37.71 -27.76 -21.07
N ASP D 544 36.55 -27.37 -20.58
CA ASP D 544 36.07 -27.91 -19.32
C ASP D 544 35.66 -29.36 -19.47
N VAL D 545 35.22 -29.77 -20.65
CA VAL D 545 34.91 -31.19 -20.89
C VAL D 545 36.18 -32.02 -20.87
N PHE D 546 37.29 -31.45 -21.34
CA PHE D 546 38.58 -32.14 -21.23
C PHE D 546 39.02 -32.23 -19.78
N PHE D 547 38.84 -31.15 -19.02
CA PHE D 547 39.32 -31.15 -17.64
C PHE D 547 38.47 -32.04 -16.76
N LEU D 548 37.18 -32.18 -17.07
CA LEU D 548 36.33 -33.05 -16.27
C LEU D 548 36.62 -34.51 -16.54
N ILE D 549 36.82 -34.89 -17.80
CA ILE D 549 37.11 -36.28 -18.15
C ILE D 549 38.45 -36.70 -17.58
N LYS D 550 39.43 -35.80 -17.63
CA LYS D 550 40.71 -36.09 -16.99
C LYS D 550 40.63 -35.93 -15.49
N GLY D 551 39.66 -35.16 -15.00
CA GLY D 551 39.50 -35.00 -13.56
C GLY D 551 38.91 -36.21 -12.88
N VAL D 552 37.94 -36.87 -13.52
CA VAL D 552 37.42 -38.12 -12.98
C VAL D 552 38.46 -39.23 -13.13
N PHE D 553 39.26 -39.17 -14.19
CA PHE D 553 40.29 -40.17 -14.41
C PHE D 553 41.43 -40.01 -13.42
N ALA D 554 41.73 -38.78 -13.02
CA ALA D 554 42.82 -38.59 -12.06
C ALA D 554 42.38 -38.98 -10.66
N PHE D 555 41.10 -38.77 -10.32
CA PHE D 555 40.59 -39.24 -9.05
C PHE D 555 40.55 -40.76 -8.98
N TYR D 556 40.24 -41.40 -10.10
CA TYR D 556 40.25 -42.86 -10.17
C TYR D 556 41.67 -43.42 -10.03
N THR D 557 42.62 -42.81 -10.72
CA THR D 557 43.96 -43.39 -10.78
C THR D 557 44.77 -43.10 -9.54
N TYR D 558 44.66 -41.90 -8.98
CA TYR D 558 45.64 -41.42 -8.03
C TYR D 558 45.07 -41.09 -6.66
N TYR D 559 43.91 -41.63 -6.28
CA TYR D 559 43.36 -41.25 -4.97
C TYR D 559 44.10 -41.98 -3.85
N ASN D 560 44.39 -43.27 -4.02
CA ASN D 560 45.04 -44.01 -2.95
C ASN D 560 46.52 -43.68 -2.85
N GLN D 561 47.10 -43.11 -3.91
CA GLN D 561 48.46 -42.61 -3.79
C GLN D 561 48.49 -41.34 -2.96
N VAL D 562 47.44 -40.52 -3.04
CA VAL D 562 47.34 -39.34 -2.17
C VAL D 562 46.94 -39.75 -0.77
N LEU D 563 46.00 -40.70 -0.65
CA LEU D 563 45.46 -41.09 0.65
C LEU D 563 46.48 -41.82 1.50
N SER D 564 47.45 -42.49 0.88
CA SER D 564 48.51 -43.14 1.63
C SER D 564 49.47 -42.15 2.24
N THR D 565 49.58 -40.95 1.69
CA THR D 565 50.50 -39.93 2.18
C THR D 565 49.87 -39.02 3.23
N CYS D 566 48.59 -39.17 3.52
CA CYS D 566 47.97 -38.37 4.57
C CYS D 566 48.27 -38.98 5.93
N VAL D 567 48.82 -38.17 6.83
CA VAL D 567 49.04 -38.57 8.22
C VAL D 567 48.18 -37.69 9.11
N HIS D 568 47.28 -38.33 9.84
CA HIS D 568 46.50 -37.64 10.86
C HIS D 568 47.24 -37.70 12.19
N ASP D 569 46.71 -37.04 13.20
CA ASP D 569 47.30 -37.13 14.52
C ASP D 569 46.74 -38.31 15.30
N MET E 1 -1.80 16.92 58.14
CA MET E 1 -1.46 17.51 56.84
C MET E 1 -2.71 17.75 56.00
N ASP E 2 -3.78 17.03 56.33
CA ASP E 2 -5.04 17.16 55.60
C ASP E 2 -5.53 18.60 55.60
N LYS E 3 -5.39 19.27 56.74
CA LYS E 3 -5.81 20.65 56.89
C LYS E 3 -4.83 21.59 56.20
N LYS E 4 -3.53 21.32 56.33
CA LYS E 4 -2.52 22.17 55.72
C LYS E 4 -2.40 21.92 54.23
N ALA E 5 -2.72 20.70 53.77
CA ALA E 5 -2.69 20.43 52.34
C ALA E 5 -3.86 21.09 51.63
N ARG E 6 -5.01 21.16 52.30
CA ARG E 6 -6.15 21.84 51.70
C ARG E 6 -5.97 23.35 51.77
N GLU E 7 -5.32 23.85 52.83
CA GLU E 7 -5.08 25.28 52.94
C GLU E 7 -4.04 25.74 51.91
N TYR E 8 -3.08 24.87 51.60
CA TYR E 8 -2.10 25.20 50.57
C TYR E 8 -2.72 25.18 49.19
N ALA E 9 -3.60 24.20 48.93
CA ALA E 9 -4.28 24.16 47.63
C ALA E 9 -5.35 25.23 47.53
N GLN E 10 -5.85 25.73 48.67
CA GLN E 10 -6.81 26.82 48.62
C GLN E 10 -6.15 28.10 48.13
N ASP E 11 -4.96 28.43 48.66
CA ASP E 11 -4.28 29.65 48.23
C ASP E 11 -3.74 29.51 46.81
N ALA E 12 -3.41 28.30 46.38
CA ALA E 12 -3.05 28.07 44.99
C ALA E 12 -4.24 28.29 44.08
N LEU E 13 -5.43 27.95 44.56
CA LEU E 13 -6.64 28.18 43.79
C LEU E 13 -7.15 29.60 43.93
N LYS E 14 -6.54 30.39 44.81
CA LYS E 14 -6.71 31.84 44.73
C LYS E 14 -5.68 32.46 43.79
N PHE E 15 -4.51 31.83 43.66
CA PHE E 15 -3.47 32.37 42.79
C PHE E 15 -3.82 32.17 41.33
N ILE E 16 -3.95 30.92 40.88
CA ILE E 16 -4.72 30.62 39.68
C ILE E 16 -6.17 31.06 39.92
N GLN E 17 -6.86 31.47 38.84
CA GLN E 17 -8.10 32.24 38.68
C GLN E 17 -7.87 33.73 38.90
N ARG E 18 -6.68 34.13 39.34
CA ARG E 18 -6.21 35.49 39.17
C ARG E 18 -5.02 35.55 38.25
N SER E 19 -4.36 34.42 38.03
CA SER E 19 -3.19 34.31 37.18
C SER E 19 -3.62 33.74 35.84
N GLY E 20 -4.27 34.55 35.02
CA GLY E 20 -4.78 34.06 33.77
C GLY E 20 -3.78 33.97 32.63
N SER E 21 -2.59 34.52 32.80
CA SER E 21 -1.60 34.53 31.73
C SER E 21 -0.22 34.55 32.37
N ASN E 22 0.80 34.83 31.56
CA ASN E 22 2.15 34.95 32.09
C ASN E 22 2.40 36.33 32.67
N PHE E 23 1.60 37.33 32.28
CA PHE E 23 1.78 38.66 32.82
C PHE E 23 1.18 38.78 34.20
N LEU E 24 -0.03 38.25 34.39
CA LEU E 24 -0.65 38.26 35.70
C LEU E 24 -0.06 37.22 36.63
N ALA E 25 0.76 36.31 36.09
CA ALA E 25 1.56 35.44 36.93
C ALA E 25 2.71 36.22 37.56
N CYS E 26 3.36 37.10 36.79
CA CYS E 26 4.40 37.94 37.35
C CYS E 26 3.79 38.97 38.30
N LYS E 27 2.59 39.46 37.99
CA LYS E 27 1.97 40.52 38.78
C LYS E 27 1.49 40.00 40.12
N ASN E 28 0.81 38.86 40.13
CA ASN E 28 0.25 38.35 41.37
C ASN E 28 1.32 37.75 42.27
N LEU E 29 2.39 37.22 41.69
CA LEU E 29 3.50 36.74 42.52
C LEU E 29 4.29 37.90 43.12
N LYS E 30 4.43 38.98 42.36
CA LYS E 30 5.08 40.17 42.89
C LYS E 30 4.22 40.83 43.96
N GLU E 31 2.90 40.77 43.81
CA GLU E 31 2.03 41.19 44.90
C GLU E 31 2.08 40.22 46.07
N ARG E 32 2.29 38.93 45.80
CA ARG E 32 2.38 37.96 46.89
C ARG E 32 3.69 38.09 47.64
N LEU E 33 4.76 38.47 46.94
CA LEU E 33 6.04 38.65 47.61
C LEU E 33 6.09 39.99 48.35
N GLU E 34 5.45 41.02 47.82
CA GLU E 34 5.46 42.32 48.47
C GLU E 34 4.61 42.36 49.73
N ASN E 35 3.70 41.41 49.91
CA ASN E 35 2.92 41.35 51.14
C ASN E 35 3.77 40.90 52.32
N ASN E 36 4.84 40.14 52.07
CA ASN E 36 5.71 39.73 53.15
C ASN E 36 6.79 40.75 53.46
N GLY E 37 6.86 41.83 52.69
CA GLY E 37 7.82 42.88 52.93
C GLY E 37 9.01 42.92 52.00
N PHE E 38 8.89 42.32 50.82
CA PHE E 38 10.01 42.30 49.89
C PHE E 38 10.17 43.66 49.23
N ILE E 39 11.41 44.15 49.22
CA ILE E 39 11.68 45.45 48.62
C ILE E 39 11.66 45.31 47.09
N ASN E 40 10.66 45.92 46.47
CA ASN E 40 10.49 45.87 45.03
C ASN E 40 11.48 46.83 44.40
N LEU E 41 12.54 46.28 43.80
CA LEU E 41 13.55 47.10 43.14
C LEU E 41 13.43 46.88 41.64
N SER E 42 13.66 47.95 40.89
CA SER E 42 13.57 47.93 39.44
C SER E 42 14.95 47.69 38.86
N GLU E 43 14.98 47.17 37.64
CA GLU E 43 16.24 46.85 36.97
C GLU E 43 16.97 48.11 36.52
N GLY E 44 16.26 49.24 36.45
CA GLY E 44 16.79 50.38 35.73
C GLY E 44 17.41 51.44 36.62
N GLU E 45 17.20 51.35 37.95
CA GLU E 45 17.73 52.45 38.76
C GLU E 45 19.19 52.24 39.18
N THR E 46 19.43 51.37 40.17
CA THR E 46 20.71 51.10 40.84
C THR E 46 20.38 50.05 41.89
N TRP E 47 21.30 49.12 42.13
CA TRP E 47 21.07 48.06 43.12
C TRP E 47 21.95 48.32 44.33
N ASN E 48 21.33 48.73 45.44
CA ASN E 48 22.00 48.85 46.74
C ASN E 48 21.37 47.79 47.63
N LEU E 49 21.89 46.57 47.56
CA LEU E 49 21.30 45.47 48.30
C LEU E 49 21.85 45.42 49.71
N ASN E 50 21.02 44.92 50.63
CA ASN E 50 21.38 44.83 52.03
C ASN E 50 21.27 43.38 52.48
N LYS E 51 21.95 43.06 53.58
CA LYS E 51 21.76 41.78 54.22
C LYS E 51 20.38 41.73 54.87
N ASN E 52 19.89 40.51 55.09
CA ASN E 52 18.63 40.21 55.78
C ASN E 52 17.38 40.72 55.07
N GLU E 53 17.49 41.27 53.87
CA GLU E 53 16.34 41.85 53.20
C GLU E 53 16.00 41.03 51.97
N GLY E 54 14.71 40.97 51.67
CA GLY E 54 14.24 40.23 50.52
C GLY E 54 13.86 41.17 49.40
N TYR E 55 14.12 40.78 48.17
CA TYR E 55 13.90 41.64 47.02
C TYR E 55 13.08 40.89 45.99
N VAL E 56 12.43 41.63 45.09
CA VAL E 56 11.55 41.06 44.09
C VAL E 56 11.64 41.95 42.85
N LEU E 57 11.71 41.33 41.68
CA LEU E 57 11.71 42.10 40.44
C LEU E 57 11.03 41.31 39.33
N CYS E 58 10.05 41.96 38.70
CA CYS E 58 9.48 41.51 37.43
C CYS E 58 10.32 42.11 36.31
N LYS E 59 11.04 41.28 35.59
CA LYS E 59 11.74 41.73 34.40
C LYS E 59 10.71 41.85 33.28
N GLU E 60 10.45 43.11 32.88
CA GLU E 60 9.44 43.55 31.88
C GLU E 60 8.10 42.81 31.99
N ASN E 61 7.64 42.60 33.23
CA ASN E 61 6.36 42.03 33.61
C ASN E 61 6.11 40.62 33.09
N ARG E 62 7.15 39.87 32.73
CA ARG E 62 7.01 38.49 32.32
C ARG E 62 7.76 37.53 33.23
N ASN E 63 8.90 37.96 33.77
CA ASN E 63 9.80 37.10 34.50
C ASN E 63 9.92 37.59 35.94
N ILE E 64 9.32 36.86 36.87
CA ILE E 64 9.40 37.17 38.30
C ILE E 64 10.65 36.50 38.84
N CYS E 65 11.36 37.21 39.73
CA CYS E 65 12.58 36.71 40.34
C CYS E 65 12.71 37.32 41.73
N GLY E 66 12.36 36.55 42.75
CA GLY E 66 12.49 37.05 44.10
C GLY E 66 13.64 36.39 44.82
N PHE E 67 14.51 37.19 45.45
CA PHE E 67 15.64 36.62 46.15
C PHE E 67 15.75 37.21 47.54
N PHE E 68 16.42 36.47 48.42
CA PHE E 68 16.64 36.87 49.80
C PHE E 68 18.10 36.73 50.14
N VAL E 69 18.74 37.85 50.46
CA VAL E 69 20.14 37.87 50.88
C VAL E 69 20.21 37.52 52.35
N GLY E 70 20.99 36.49 52.69
CA GLY E 70 21.15 36.08 54.06
C GLY E 70 21.93 37.10 54.88
N LYS E 71 21.87 36.93 56.21
CA LYS E 71 22.44 37.92 57.11
C LYS E 71 23.97 37.91 57.09
N ASN E 72 24.59 36.78 57.41
CA ASN E 72 26.02 36.59 57.24
C ASN E 72 26.27 35.73 56.02
N PHE E 73 26.47 36.37 54.86
CA PHE E 73 27.14 35.68 53.77
C PHE E 73 28.55 35.25 54.17
N ASN E 74 28.97 34.13 53.61
CA ASN E 74 30.35 33.72 53.62
C ASN E 74 30.75 33.28 52.23
N ILE E 75 31.64 34.07 51.62
CA ILE E 75 32.26 33.71 50.35
C ILE E 75 32.96 32.37 50.47
N ASP E 76 33.60 32.13 51.60
CA ASP E 76 34.23 30.84 51.88
C ASP E 76 33.19 29.73 52.01
N THR E 77 32.29 29.83 52.99
CA THR E 77 31.29 28.79 53.25
C THR E 77 29.89 29.39 53.13
N GLY E 78 29.40 29.44 51.89
CA GLY E 78 28.06 29.93 51.63
C GLY E 78 27.62 29.47 50.26
N SER E 79 26.35 29.73 49.92
CA SER E 79 25.72 29.08 48.80
C SER E 79 24.74 30.01 48.11
N ILE E 80 24.36 29.65 46.89
CA ILE E 80 23.27 30.28 46.17
C ILE E 80 22.25 29.19 45.83
N LEU E 81 21.11 29.22 46.52
CA LEU E 81 20.08 28.20 46.36
C LEU E 81 18.96 28.76 45.50
N ILE E 82 18.73 28.13 44.36
CA ILE E 82 17.79 28.63 43.38
C ILE E 82 16.70 27.59 43.17
N SER E 83 15.45 28.02 43.29
CA SER E 83 14.30 27.22 42.91
C SER E 83 13.65 27.84 41.69
N ILE E 84 13.29 27.00 40.72
CA ILE E 84 12.91 27.46 39.40
C ILE E 84 11.59 26.82 39.01
N GLY E 85 10.63 27.64 38.62
CA GLY E 85 9.44 27.14 37.96
C GLY E 85 8.88 28.21 37.05
N HIS E 86 8.71 27.91 35.77
CA HIS E 86 8.29 28.88 34.78
C HIS E 86 6.85 29.30 35.00
N ILE E 87 6.55 30.56 34.70
CA ILE E 87 5.20 31.10 34.87
C ILE E 87 4.63 31.39 33.48
N ASP E 88 4.07 30.36 32.86
CA ASP E 88 3.44 30.39 31.54
C ASP E 88 2.88 29.01 31.28
N SER E 89 2.06 28.91 30.25
CA SER E 89 1.45 27.63 29.91
C SER E 89 1.06 27.67 28.44
N CYS E 90 0.69 26.50 27.93
CA CYS E 90 0.16 26.43 26.58
C CYS E 90 -1.20 27.13 26.53
N ALA E 91 -1.26 28.23 25.79
CA ALA E 91 -2.48 29.01 25.70
C ALA E 91 -2.67 29.43 24.25
N LEU E 92 -3.89 29.83 23.92
CA LEU E 92 -4.17 30.37 22.62
C LEU E 92 -3.99 31.89 22.67
N LYS E 93 -2.80 32.36 22.32
CA LYS E 93 -2.56 33.79 22.29
C LYS E 93 -3.19 34.40 21.05
N ILE E 94 -3.50 35.69 21.14
CA ILE E 94 -4.17 36.42 20.08
C ILE E 94 -3.14 36.98 19.12
N SER E 95 -3.37 36.75 17.81
CA SER E 95 -2.55 37.26 16.72
C SER E 95 -2.71 38.78 16.60
N PRO E 96 -1.73 39.47 16.02
CA PRO E 96 -1.86 40.92 15.85
C PRO E 96 -2.95 41.35 14.89
N ASN E 97 -2.97 40.82 13.68
CA ASN E 97 -4.03 41.08 12.72
C ASN E 97 -5.11 40.04 13.00
N ASN E 98 -6.17 40.47 13.69
CA ASN E 98 -7.29 39.60 14.03
C ASN E 98 -8.57 40.28 13.58
N ASN E 99 -8.94 40.12 12.33
CA ASN E 99 -10.25 40.53 11.87
C ASN E 99 -10.70 39.47 10.88
N VAL E 100 -11.32 38.42 11.40
CA VAL E 100 -11.79 37.31 10.58
C VAL E 100 -13.30 37.36 10.57
N ILE E 101 -13.87 37.63 9.40
CA ILE E 101 -15.31 37.69 9.21
C ILE E 101 -15.65 36.63 8.18
N LYS E 102 -16.11 35.47 8.65
CA LYS E 102 -16.47 34.38 7.77
C LYS E 102 -17.80 33.80 8.22
N LYS E 103 -18.68 33.53 7.25
CA LYS E 103 -20.04 33.01 7.47
C LYS E 103 -20.84 33.90 8.42
N LYS E 104 -20.74 35.22 8.21
CA LYS E 104 -21.43 36.26 9.00
C LYS E 104 -21.09 36.20 10.48
N ILE E 105 -19.88 35.77 10.82
CA ILE E 105 -19.47 35.60 12.21
C ILE E 105 -18.11 36.27 12.38
N HIS E 106 -18.03 37.18 13.35
CA HIS E 106 -16.78 37.80 13.72
C HIS E 106 -15.93 36.80 14.51
N GLN E 107 -14.68 36.65 14.09
CA GLN E 107 -13.79 35.69 14.70
C GLN E 107 -12.48 36.36 15.08
N ILE E 108 -11.76 35.69 15.98
CA ILE E 108 -10.37 35.99 16.27
C ILE E 108 -9.57 34.83 15.69
N ASN E 109 -8.49 35.13 15.00
CA ASN E 109 -7.55 34.05 14.72
C ASN E 109 -6.45 34.08 15.77
N VAL E 110 -6.29 32.96 16.46
CA VAL E 110 -5.39 32.89 17.60
C VAL E 110 -4.19 32.07 17.19
N GLU E 111 -3.06 32.36 17.82
CA GLU E 111 -1.83 31.63 17.57
C GLU E 111 -1.62 30.62 18.70
N CYS E 112 -1.33 29.38 18.31
CA CYS E 112 -1.15 28.33 19.29
C CYS E 112 0.22 28.46 19.94
N TYR E 113 0.24 28.94 21.17
CA TYR E 113 1.48 29.18 21.91
C TYR E 113 1.80 27.92 22.69
N GLY E 114 3.01 27.40 22.49
CA GLY E 114 3.37 26.17 23.17
C GLY E 114 2.86 24.96 22.42
N SER E 115 2.97 23.80 23.07
CA SER E 115 2.52 22.53 22.52
C SER E 115 1.46 22.00 23.46
N GLY E 116 0.19 22.27 23.13
CA GLY E 116 -0.92 21.95 23.99
C GLY E 116 -1.90 21.00 23.35
N LEU E 117 -2.78 20.46 24.20
CA LEU E 117 -3.91 19.66 23.74
C LEU E 117 -4.95 20.64 23.22
N TRP E 118 -4.83 21.02 21.96
CA TRP E 118 -5.68 22.07 21.44
C TRP E 118 -7.08 21.59 21.11
N HIS E 119 -7.31 20.28 21.07
CA HIS E 119 -8.67 19.79 20.93
C HIS E 119 -9.44 19.90 22.23
N THR E 120 -8.75 20.03 23.36
CA THR E 120 -9.43 20.28 24.62
C THR E 120 -9.85 21.74 24.76
N TRP E 121 -9.19 22.63 24.03
CA TRP E 121 -9.59 24.03 24.01
C TRP E 121 -10.86 24.27 23.21
N PHE E 122 -11.29 23.30 22.42
CA PHE E 122 -12.54 23.40 21.71
C PHE E 122 -13.69 23.29 22.69
N ASP E 123 -14.73 24.09 22.44
CA ASP E 123 -15.98 24.08 23.19
C ASP E 123 -15.76 24.46 24.65
N ARG E 124 -15.06 25.57 24.87
CA ARG E 124 -14.82 26.12 26.20
C ARG E 124 -15.31 27.55 26.25
N SER E 125 -15.95 27.93 27.34
CA SER E 125 -16.29 29.32 27.59
C SER E 125 -15.00 30.07 27.92
N LEU E 126 -14.42 30.72 26.92
CA LEU E 126 -13.06 31.25 27.00
C LEU E 126 -13.07 32.72 27.36
N GLY E 127 -12.04 33.15 28.09
CA GLY E 127 -11.87 34.52 28.49
C GLY E 127 -10.58 35.09 27.94
N LEU E 128 -10.14 36.18 28.58
CA LEU E 128 -8.97 36.92 28.15
C LEU E 128 -8.12 37.32 29.35
N SER E 129 -6.81 37.15 29.23
CA SER E 129 -5.87 37.68 30.19
C SER E 129 -4.60 38.02 29.47
N GLY E 130 -3.96 39.10 29.89
CA GLY E 130 -2.72 39.49 29.26
C GLY E 130 -2.48 40.98 29.39
N GLN E 131 -1.62 41.48 28.52
CA GLN E 131 -1.11 42.83 28.59
C GLN E 131 -1.66 43.63 27.41
N VAL E 132 -2.19 44.81 27.69
CA VAL E 132 -2.75 45.67 26.66
C VAL E 132 -2.05 47.03 26.75
N LEU E 133 -1.48 47.48 25.63
CA LEU E 133 -0.88 48.80 25.56
C LEU E 133 -1.86 49.72 24.87
N TYR E 134 -2.24 50.79 25.56
CA TYR E 134 -3.19 51.76 25.04
C TYR E 134 -2.70 53.17 25.32
N LYS E 135 -3.18 54.12 24.51
CA LYS E 135 -2.78 55.52 24.67
C LYS E 135 -3.69 56.22 25.68
N LYS E 136 -3.12 57.16 26.43
CA LYS E 136 -3.89 58.08 27.24
C LYS E 136 -3.16 59.40 27.25
N GLY E 137 -3.64 60.34 26.43
CA GLY E 137 -2.91 61.56 26.19
C GLY E 137 -1.79 61.34 25.20
N ASN E 138 -0.56 61.71 25.58
CA ASN E 138 0.61 61.50 24.76
C ASN E 138 1.47 60.37 25.31
N LYS E 139 0.95 59.60 26.24
CA LYS E 139 1.75 58.66 27.01
C LYS E 139 1.25 57.26 26.74
N LEU E 140 2.16 56.33 26.50
CA LEU E 140 1.78 54.93 26.34
C LEU E 140 1.53 54.32 27.71
N VAL E 141 0.30 53.91 27.95
CA VAL E 141 -0.10 53.36 29.24
C VAL E 141 -0.23 51.86 29.10
N GLU E 142 0.37 51.14 30.03
CA GLU E 142 0.41 49.68 30.03
C GLU E 142 -0.51 49.17 31.11
N LYS E 143 -1.43 48.27 30.75
CA LYS E 143 -2.36 47.74 31.72
C LYS E 143 -2.52 46.25 31.51
N LEU E 144 -2.48 45.52 32.61
CA LEU E 144 -2.68 44.08 32.63
C LEU E 144 -4.14 43.80 32.91
N ILE E 145 -4.84 43.23 31.94
CA ILE E 145 -6.27 43.03 32.04
C ILE E 145 -6.57 41.59 32.37
N GLN E 146 -7.77 41.35 32.88
CA GLN E 146 -8.24 40.03 33.29
C GLN E 146 -9.75 40.00 33.12
N ILE E 147 -10.21 39.41 32.03
CA ILE E 147 -11.63 39.36 31.70
C ILE E 147 -12.13 37.97 32.05
N ASN E 148 -12.76 37.85 33.22
CA ASN E 148 -13.19 36.57 33.77
C ASN E 148 -14.55 36.12 33.25
N LYS E 149 -15.20 36.91 32.41
CA LYS E 149 -16.46 36.52 31.80
C LYS E 149 -16.19 35.93 30.43
N SER E 150 -17.10 35.07 29.98
CA SER E 150 -16.84 34.34 28.75
C SER E 150 -17.15 35.22 27.56
N VAL E 151 -16.12 35.52 26.77
CA VAL E 151 -16.24 36.44 25.66
C VAL E 151 -15.78 35.79 24.37
N LEU E 152 -15.39 34.52 24.44
CA LEU E 152 -14.87 33.80 23.29
C LEU E 152 -15.28 32.34 23.38
N PHE E 153 -15.34 31.70 22.23
CA PHE E 153 -15.77 30.32 22.15
C PHE E 153 -15.17 29.71 20.91
N LEU E 154 -14.46 28.61 21.07
CA LEU E 154 -13.89 27.89 19.93
C LEU E 154 -14.78 26.70 19.66
N PRO E 155 -15.67 26.76 18.67
CA PRO E 155 -16.65 25.69 18.49
C PRO E 155 -16.07 24.51 17.73
N SER E 156 -16.56 23.33 18.06
CA SER E 156 -16.16 22.12 17.36
C SER E 156 -17.07 21.91 16.16
N LEU E 157 -16.77 20.89 15.37
CA LEU E 157 -17.66 20.51 14.29
C LEU E 157 -18.70 19.53 14.82
N ALA E 158 -19.93 19.67 14.32
CA ALA E 158 -21.00 18.74 14.67
C ALA E 158 -20.66 17.33 14.18
N ILE E 159 -21.20 16.34 14.86
CA ILE E 159 -20.80 14.97 14.58
C ILE E 159 -21.45 14.44 13.30
N HIS E 160 -22.52 15.07 12.82
CA HIS E 160 -23.30 14.51 11.73
C HIS E 160 -22.64 14.70 10.38
N LEU E 161 -21.66 15.59 10.28
CA LEU E 161 -21.18 16.00 8.96
C LEU E 161 -20.12 15.06 8.42
N GLN E 162 -19.29 14.50 9.29
CA GLN E 162 -18.30 13.51 8.88
C GLN E 162 -18.87 12.11 9.05
N ASN E 163 -17.99 11.10 8.92
CA ASN E 163 -18.38 9.74 9.23
C ASN E 163 -18.41 9.58 10.76
N ARG E 164 -19.19 8.62 11.26
CA ARG E 164 -19.49 8.57 12.68
C ARG E 164 -19.02 7.26 13.31
N THR E 165 -19.01 7.29 14.65
CA THR E 165 -19.06 6.14 15.59
C THR E 165 -17.91 5.14 15.47
N ARG E 166 -16.88 5.41 14.66
CA ARG E 166 -15.79 4.45 14.56
C ARG E 166 -14.45 5.14 14.73
N TYR E 167 -13.57 4.51 15.53
CA TYR E 167 -12.18 4.91 15.83
C TYR E 167 -12.04 6.40 16.18
N ASP E 168 -13.01 6.92 16.92
CA ASP E 168 -13.24 8.35 17.15
C ASP E 168 -13.23 9.16 15.85
N PHE E 169 -14.00 8.70 14.86
CA PHE E 169 -14.44 9.40 13.64
C PHE E 169 -13.39 10.21 12.88
N SER E 170 -12.12 9.85 13.04
CA SER E 170 -10.96 10.50 12.42
C SER E 170 -10.95 12.02 12.66
N VAL E 171 -10.86 12.40 13.92
CA VAL E 171 -10.81 13.81 14.26
C VAL E 171 -9.42 14.35 13.96
N LYS E 172 -9.36 15.43 13.21
CA LYS E 172 -8.11 16.11 12.86
C LYS E 172 -8.34 17.59 13.04
N ILE E 173 -7.63 18.21 13.98
CA ILE E 173 -7.72 19.64 14.20
C ILE E 173 -6.60 20.32 13.44
N ASN E 174 -6.94 20.92 12.31
CA ASN E 174 -6.02 21.76 11.58
C ASN E 174 -5.77 23.01 12.40
N TYR E 175 -4.49 23.30 12.66
CA TYR E 175 -4.16 24.30 13.68
C TYR E 175 -4.45 25.71 13.18
N GLU E 176 -4.32 25.95 11.89
CA GLU E 176 -4.68 27.26 11.36
C GLU E 176 -6.17 27.41 11.12
N ASN E 177 -6.75 26.48 10.34
CA ASN E 177 -8.12 26.62 9.88
C ASN E 177 -9.13 26.45 11.00
N HIS E 178 -9.01 25.40 11.80
CA HIS E 178 -10.07 25.02 12.72
C HIS E 178 -9.95 25.71 14.07
N ILE E 179 -8.80 26.28 14.39
CA ILE E 179 -8.60 26.97 15.66
C ILE E 179 -8.71 28.46 15.36
N LYS E 180 -9.93 28.97 15.47
CA LYS E 180 -10.29 30.37 15.28
C LYS E 180 -11.56 30.59 16.07
N PRO E 181 -11.48 31.11 17.29
CA PRO E 181 -12.68 31.25 18.12
C PRO E 181 -13.62 32.31 17.57
N ILE E 182 -14.91 32.05 17.70
CA ILE E 182 -15.91 33.04 17.33
C ILE E 182 -16.05 34.01 18.49
N ILE E 183 -16.38 35.26 18.18
CA ILE E 183 -16.46 36.28 19.21
C ILE E 183 -17.79 37.04 19.14
N SER E 184 -18.41 37.07 17.96
CA SER E 184 -19.65 37.81 17.72
C SER E 184 -20.16 37.42 16.35
N THR E 185 -21.34 37.93 16.02
CA THR E 185 -21.85 37.91 14.66
C THR E 185 -21.80 39.31 14.08
N THR E 186 -21.93 39.40 12.76
CA THR E 186 -21.97 40.70 12.11
C THR E 186 -23.32 41.38 12.32
N LEU E 187 -24.33 40.64 12.75
CA LEU E 187 -25.61 41.27 13.06
C LEU E 187 -25.51 42.11 14.32
N PHE E 188 -25.06 41.51 15.43
CA PHE E 188 -24.98 42.29 16.65
C PHE E 188 -23.73 43.14 16.75
N ASN E 189 -22.75 42.95 15.88
CA ASN E 189 -21.68 43.94 15.82
C ASN E 189 -22.19 45.23 15.21
N GLN E 190 -22.98 45.12 14.14
CA GLN E 190 -23.57 46.30 13.54
C GLN E 190 -24.74 46.83 14.37
N LEU E 191 -25.42 45.95 15.10
CA LEU E 191 -26.52 46.40 15.94
C LEU E 191 -26.00 47.17 17.15
N ASN E 192 -24.85 46.77 17.68
CA ASN E 192 -24.31 47.46 18.84
C ASN E 192 -23.33 48.55 18.43
N LYS E 193 -23.34 48.95 17.16
CA LYS E 193 -22.44 50.03 16.74
C LYS E 193 -23.18 51.36 16.57
N CYS E 194 -24.37 51.34 15.96
CA CYS E 194 -25.07 52.61 15.73
C CYS E 194 -25.67 53.16 17.02
N LYS E 195 -25.85 52.31 18.03
CA LYS E 195 -26.15 52.80 19.37
C LYS E 195 -24.91 52.68 20.25
N ILE E 272 -10.13 52.76 13.92
CA ILE E 272 -9.56 53.25 12.66
C ILE E 272 -8.90 52.10 11.91
N ASN E 273 -8.19 51.25 12.63
CA ASN E 273 -7.45 50.15 12.02
C ASN E 273 -8.41 49.03 11.63
N THR E 274 -8.20 48.46 10.44
CA THR E 274 -9.03 47.35 10.00
C THR E 274 -8.45 46.00 10.39
N ASP E 275 -7.33 45.99 11.11
CA ASP E 275 -6.65 44.75 11.42
C ASP E 275 -7.12 44.18 12.75
N ASN E 276 -7.53 45.04 13.68
CA ASN E 276 -8.01 44.59 14.97
C ASN E 276 -9.53 44.39 14.92
N SER E 277 -10.01 43.40 15.67
CA SER E 277 -11.44 43.11 15.69
C SER E 277 -12.18 44.14 16.52
N TYR E 278 -13.20 44.75 15.91
CA TYR E 278 -14.04 45.69 16.68
C TYR E 278 -14.86 45.03 17.78
N PRO E 279 -15.33 43.78 17.67
CA PRO E 279 -15.83 43.12 18.88
C PRO E 279 -14.77 42.96 19.95
N LEU E 280 -13.52 42.71 19.58
CA LEU E 280 -12.46 42.67 20.57
C LEU E 280 -12.12 44.06 21.09
N LEU E 281 -12.08 45.04 20.18
CA LEU E 281 -11.69 46.40 20.59
C LEU E 281 -12.77 47.07 21.43
N TYR E 282 -14.04 46.71 21.22
CA TYR E 282 -15.10 47.16 22.12
C TYR E 282 -14.94 46.55 23.49
N LEU E 283 -14.42 45.33 23.57
CA LEU E 283 -14.33 44.61 24.82
C LEU E 283 -13.22 45.15 25.70
N LEU E 284 -12.04 45.39 25.11
CA LEU E 284 -10.92 45.89 25.89
C LEU E 284 -11.12 47.34 26.29
N SER E 285 -11.76 48.13 25.43
CA SER E 285 -12.07 49.51 25.78
C SER E 285 -13.09 49.59 26.91
N LYS E 286 -13.97 48.59 27.02
CA LYS E 286 -14.90 48.55 28.13
C LYS E 286 -14.18 48.23 29.44
N GLU E 287 -13.08 47.49 29.36
CA GLU E 287 -12.32 47.15 30.57
C GLU E 287 -11.36 48.27 30.95
N LEU E 288 -10.80 48.96 29.95
CA LEU E 288 -9.82 50.00 30.23
C LEU E 288 -10.43 51.38 30.38
N ASN E 289 -11.73 51.53 30.07
CA ASN E 289 -12.46 52.79 30.11
C ASN E 289 -11.77 53.87 29.27
N CYS E 290 -11.70 53.59 27.97
CA CYS E 290 -11.16 54.52 27.00
C CYS E 290 -11.83 54.23 25.67
N LYS E 291 -11.41 54.95 24.63
CA LYS E 291 -11.92 54.66 23.31
C LYS E 291 -11.25 53.41 22.73
N GLU E 292 -11.92 52.78 21.78
CA GLU E 292 -11.34 51.65 21.08
C GLU E 292 -10.20 52.07 20.16
N GLU E 293 -10.19 53.34 19.75
CA GLU E 293 -9.14 53.85 18.89
C GLU E 293 -7.86 54.12 19.67
N ASP E 294 -7.92 54.11 21.01
CA ASP E 294 -6.71 54.26 21.81
C ASP E 294 -5.98 52.94 22.01
N ILE E 295 -6.65 51.81 21.76
CA ILE E 295 -6.00 50.52 21.92
C ILE E 295 -5.05 50.30 20.76
N LEU E 296 -3.75 50.21 21.05
CA LEU E 296 -2.74 50.10 20.01
C LEU E 296 -2.44 48.66 19.62
N ASP E 297 -1.94 47.86 20.57
CA ASP E 297 -1.65 46.45 20.34
C ASP E 297 -1.51 45.80 21.71
N PHE E 298 -1.66 44.48 21.73
CA PHE E 298 -1.77 43.78 23.00
C PHE E 298 -1.24 42.37 22.85
N GLU E 299 -0.75 41.83 23.96
CA GLU E 299 -0.39 40.42 24.07
C GLU E 299 -1.38 39.74 24.98
N LEU E 300 -2.44 39.20 24.39
CA LEU E 300 -3.53 38.62 25.14
C LEU E 300 -3.52 37.11 24.98
N CYS E 301 -3.83 36.42 26.08
CA CYS E 301 -3.89 34.96 26.10
C CYS E 301 -5.32 34.55 26.42
N LEU E 302 -5.84 33.59 25.67
CA LEU E 302 -7.16 33.05 25.95
C LEU E 302 -7.06 32.14 27.16
N MET E 303 -8.00 32.28 28.10
CA MET E 303 -8.04 31.43 29.27
C MET E 303 -9.44 30.88 29.41
N ASP E 304 -9.58 29.81 30.20
CA ASP E 304 -10.90 29.27 30.46
C ASP E 304 -11.52 29.96 31.66
N THR E 305 -12.73 30.47 31.49
CA THR E 305 -13.39 31.27 32.51
C THR E 305 -13.87 30.44 33.70
N GLN E 306 -13.88 29.11 33.59
CA GLN E 306 -14.31 28.27 34.69
C GLN E 306 -13.28 28.32 35.81
N GLU E 307 -13.74 28.64 37.02
CA GLU E 307 -12.84 28.75 38.15
C GLU E 307 -12.32 27.38 38.54
N PRO E 308 -11.07 27.30 39.00
CA PRO E 308 -10.56 26.04 39.55
C PRO E 308 -11.32 25.62 40.79
N CYS E 309 -11.36 24.30 41.02
CA CYS E 309 -12.16 23.79 42.12
C CYS E 309 -11.59 22.45 42.59
N PHE E 310 -11.84 22.15 43.86
CA PHE E 310 -11.58 20.84 44.42
C PHE E 310 -12.55 19.82 43.86
N THR E 311 -12.00 18.71 43.34
CA THR E 311 -12.84 17.69 42.74
C THR E 311 -12.55 16.32 43.34
N GLY E 312 -13.21 15.32 42.78
CA GLY E 312 -13.33 14.02 43.41
C GLY E 312 -14.51 13.98 44.35
N VAL E 313 -14.84 12.78 44.82
CA VAL E 313 -15.90 12.64 45.80
C VAL E 313 -15.46 13.24 47.13
N TYR E 314 -14.23 12.99 47.52
CA TYR E 314 -13.72 13.43 48.81
C TYR E 314 -13.06 14.79 48.76
N GLU E 315 -13.32 15.56 47.68
CA GLU E 315 -12.70 16.86 47.39
C GLU E 315 -11.18 16.76 47.46
N GLU E 316 -10.65 15.78 46.74
CA GLU E 316 -9.29 15.32 46.93
C GLU E 316 -8.35 15.69 45.82
N PHE E 317 -8.86 16.22 44.72
CA PHE E 317 -8.05 16.66 43.62
C PHE E 317 -8.14 18.16 43.48
N ILE E 318 -7.31 18.71 42.61
CA ILE E 318 -7.41 20.10 42.20
C ILE E 318 -7.31 20.15 40.68
N GLU E 319 -8.07 21.06 40.07
CA GLU E 319 -8.02 21.27 38.62
C GLU E 319 -8.65 22.63 38.35
N GLY E 320 -7.94 23.50 37.65
CA GLY E 320 -8.75 24.37 36.84
C GLY E 320 -8.28 24.73 35.45
N ALA E 321 -6.99 25.04 35.36
CA ALA E 321 -6.35 25.59 34.18
C ALA E 321 -4.90 25.84 34.55
N ARG E 322 -4.04 25.80 33.55
CA ARG E 322 -2.68 26.36 33.59
C ARG E 322 -1.81 25.72 34.67
N PHE E 323 -2.18 24.54 35.13
CA PHE E 323 -1.46 23.88 36.21
C PHE E 323 -0.08 23.38 35.80
N ASP E 324 0.29 23.50 34.51
CA ASP E 324 1.66 23.27 34.09
C ASP E 324 2.49 24.43 34.63
N ASN E 325 2.98 24.22 35.85
CA ASN E 325 3.92 25.05 36.59
C ASN E 325 3.40 26.44 36.90
N LEU E 326 2.10 26.67 36.85
CA LEU E 326 1.61 27.82 37.60
C LEU E 326 1.13 27.39 38.96
N LEU E 327 0.69 26.14 39.08
CA LEU E 327 0.59 25.49 40.37
C LEU E 327 1.97 25.15 40.91
N GLY E 328 2.87 24.71 40.04
CA GLY E 328 4.19 24.31 40.47
C GLY E 328 5.06 25.47 40.89
N SER E 329 4.97 26.60 40.19
CA SER E 329 5.74 27.77 40.60
C SER E 329 5.08 28.54 41.72
N PHE E 330 3.80 28.26 42.00
CA PHE E 330 3.23 28.71 43.26
C PHE E 330 3.97 28.05 44.43
N CYS E 331 4.16 26.74 44.36
CA CYS E 331 4.90 26.02 45.39
C CYS E 331 6.38 26.42 45.45
N VAL E 332 6.91 26.93 44.34
CA VAL E 332 8.25 27.50 44.36
C VAL E 332 8.28 28.76 45.21
N PHE E 333 7.28 29.63 45.04
CA PHE E 333 7.28 30.89 45.78
C PHE E 333 6.61 30.73 47.14
N GLU E 334 5.66 29.80 47.29
CA GLU E 334 5.11 29.54 48.62
C GLU E 334 6.14 28.83 49.48
N GLY E 335 6.97 27.97 48.88
CA GLY E 335 8.09 27.41 49.62
C GLY E 335 9.16 28.44 49.90
N PHE E 336 9.24 29.48 49.07
CA PHE E 336 10.21 30.54 49.28
C PHE E 336 9.74 31.53 50.33
N ILE E 337 8.43 31.78 50.37
CA ILE E 337 7.85 32.70 51.35
C ILE E 337 7.96 32.12 52.75
N GLU E 338 7.71 30.81 52.88
CA GLU E 338 7.81 30.15 54.18
C GLU E 338 9.24 30.06 54.67
N LEU E 339 10.19 30.06 53.74
CA LEU E 339 11.59 30.14 54.13
C LEU E 339 11.94 31.49 54.74
N VAL E 340 11.59 32.57 54.04
CA VAL E 340 11.93 33.93 54.49
C VAL E 340 11.19 34.25 55.78
N ASN E 341 9.97 33.75 55.93
CA ASN E 341 9.26 33.90 57.19
C ASN E 341 9.89 33.07 58.29
N SER E 342 10.57 31.98 57.94
CA SER E 342 11.29 31.22 58.96
C SER E 342 12.62 31.87 59.31
N ILE E 343 13.15 32.69 58.40
CA ILE E 343 14.38 33.41 58.68
C ILE E 343 14.10 34.65 59.52
N LYS E 344 13.05 35.38 59.18
CA LYS E 344 12.75 36.61 59.90
C LYS E 344 12.13 36.35 61.27
N ASN E 345 11.28 35.33 61.38
CA ASN E 345 10.69 35.01 62.68
C ASN E 345 11.59 34.07 63.47
N HIS E 346 11.33 34.02 64.78
CA HIS E 346 12.09 33.25 65.77
C HIS E 346 13.58 33.62 65.80
N THR E 347 13.87 34.89 65.53
CA THR E 347 15.22 35.43 65.68
C THR E 347 15.19 36.74 66.47
N ASN E 363 21.19 27.07 63.02
CA ASN E 363 20.63 28.41 62.99
C ASN E 363 21.63 29.40 62.39
N ASP E 364 22.88 28.98 62.26
CA ASP E 364 23.89 29.86 61.68
C ASP E 364 23.97 29.71 60.18
N ASN E 365 23.58 28.55 59.65
CA ASN E 365 23.75 28.31 58.22
C ASN E 365 22.50 28.71 57.44
N ILE E 366 21.42 29.05 58.14
CA ILE E 366 20.24 29.55 57.44
C ILE E 366 20.45 30.98 56.95
N HIS E 367 21.30 31.76 57.62
CA HIS E 367 21.61 33.11 57.22
C HIS E 367 22.82 33.19 56.31
N ASN E 368 23.20 32.09 55.70
CA ASN E 368 24.52 31.94 55.08
C ASN E 368 24.41 31.84 53.58
N ASN E 369 23.20 31.94 53.04
CA ASN E 369 22.96 31.62 51.65
C ASN E 369 22.20 32.74 50.95
N LEU E 370 22.24 32.69 49.62
CA LEU E 370 21.43 33.54 48.77
C LEU E 370 20.33 32.68 48.18
N TYR E 371 19.11 32.85 48.68
CA TYR E 371 17.98 32.05 48.26
C TYR E 371 17.25 32.80 47.16
N ILE E 372 17.38 32.32 45.92
CA ILE E 372 16.73 32.95 44.77
C ILE E 372 15.56 32.08 44.38
N SER E 373 14.46 32.73 43.98
CA SER E 373 13.27 32.05 43.50
C SER E 373 12.80 32.77 42.26
N ILE E 374 13.00 32.15 41.10
CA ILE E 374 12.75 32.83 39.83
C ILE E 374 11.67 32.08 39.04
N GLY E 375 10.71 32.85 38.55
CA GLY E 375 9.68 32.33 37.69
C GLY E 375 9.89 32.74 36.24
N TYR E 376 10.31 31.79 35.42
CA TYR E 376 10.70 32.06 34.05
C TYR E 376 9.51 32.22 33.14
N ASP E 377 9.79 32.67 31.93
CA ASP E 377 8.78 32.76 30.89
C ASP E 377 9.26 31.93 29.71
N HIS E 378 8.32 31.68 28.79
CA HIS E 378 8.58 31.13 27.47
C HIS E 378 9.18 29.73 27.50
N GLU E 379 8.85 28.95 28.53
CA GLU E 379 9.31 27.57 28.61
C GLU E 379 8.70 26.70 27.52
N GLU E 380 7.42 26.90 27.22
CA GLU E 380 6.70 26.02 26.31
C GLU E 380 7.21 26.07 24.88
N ILE E 381 7.99 27.09 24.54
CA ILE E 381 8.50 27.27 23.20
C ILE E 381 10.02 27.09 23.15
N GLY E 382 10.64 26.77 24.28
CA GLY E 382 12.05 26.43 24.29
C GLY E 382 12.97 27.39 25.01
N SER E 383 12.42 28.38 25.73
CA SER E 383 13.16 29.29 26.62
C SER E 383 14.14 30.20 25.89
N LEU E 384 14.11 30.25 24.57
CA LEU E 384 15.00 31.12 23.81
C LEU E 384 14.32 32.48 23.72
N SER E 385 14.52 33.30 24.75
CA SER E 385 13.88 34.61 24.83
C SER E 385 14.70 35.49 25.76
N GLU E 386 14.30 36.75 25.84
CA GLU E 386 14.98 37.69 26.73
C GLU E 386 14.57 37.48 28.18
N VAL E 387 13.45 36.81 28.42
CA VAL E 387 12.97 36.52 29.75
C VAL E 387 12.89 35.01 29.99
N GLY E 388 13.41 34.22 29.06
CA GLY E 388 13.39 32.79 29.19
C GLY E 388 14.52 32.29 30.06
N ALA E 389 14.64 30.96 30.08
CA ALA E 389 15.68 30.33 30.89
C ALA E 389 17.04 30.40 30.20
N ARG E 390 17.05 30.44 28.87
CA ARG E 390 18.29 30.58 28.14
C ARG E 390 18.79 32.02 28.08
N SER E 391 18.06 32.94 28.69
CA SER E 391 18.45 34.33 28.73
C SER E 391 19.66 34.53 29.65
N TYR E 392 20.29 35.69 29.48
CA TYR E 392 21.32 36.15 30.41
C TYR E 392 20.73 36.86 31.62
N CYS E 393 19.39 36.84 31.78
CA CYS E 393 18.76 37.63 32.83
C CYS E 393 19.13 37.12 34.20
N THR E 394 19.06 35.81 34.42
CA THR E 394 19.36 35.27 35.74
C THR E 394 20.84 35.32 36.05
N LYS E 395 21.68 35.11 35.03
CA LYS E 395 23.12 35.14 35.25
C LYS E 395 23.59 36.57 35.53
N ASN E 396 22.93 37.56 34.93
CA ASN E 396 23.27 38.92 35.28
C ASN E 396 22.66 39.33 36.60
N PHE E 397 21.57 38.70 37.02
CA PHE E 397 20.98 39.04 38.32
C PHE E 397 21.88 38.62 39.46
N ILE E 398 22.48 37.43 39.36
CA ILE E 398 23.38 36.96 40.41
C ILE E 398 24.67 37.78 40.40
N ASP E 399 25.13 38.16 39.21
CA ASP E 399 26.34 38.99 39.12
C ASP E 399 26.05 40.44 39.51
N ARG E 400 24.77 40.81 39.63
CA ARG E 400 24.43 42.10 40.20
C ARG E 400 24.21 42.01 41.70
N ILE E 401 23.77 40.85 42.19
CA ILE E 401 23.64 40.66 43.64
C ILE E 401 25.01 40.56 44.28
N ILE E 402 25.92 39.79 43.66
CA ILE E 402 27.28 39.63 44.16
C ILE E 402 28.04 40.95 44.12
N SER E 403 27.80 41.74 43.07
CA SER E 403 28.49 43.03 42.97
C SER E 403 27.94 44.06 43.95
N SER E 404 26.66 43.96 44.33
CA SER E 404 26.08 44.98 45.20
C SER E 404 26.21 44.60 46.66
N VAL E 405 26.14 43.31 46.97
CA VAL E 405 26.34 42.86 48.34
C VAL E 405 27.81 42.97 48.72
N PHE E 406 28.68 42.41 47.90
CA PHE E 406 30.12 42.49 48.14
C PHE E 406 30.72 43.66 47.37
N LYS E 407 30.10 44.83 47.53
CA LYS E 407 30.61 46.02 46.88
C LYS E 407 31.90 46.48 47.55
N LYS E 408 32.01 46.27 48.86
CA LYS E 408 33.14 46.82 49.59
C LYS E 408 34.33 45.88 49.60
N GLU E 409 34.10 44.57 49.43
CA GLU E 409 35.24 43.66 49.52
C GLU E 409 35.88 43.38 48.17
N ILE E 410 35.30 43.84 47.07
CA ILE E 410 35.97 43.77 45.78
C ILE E 410 37.20 44.68 45.76
N HIS E 411 37.07 45.89 46.31
CA HIS E 411 38.05 46.95 46.17
C HIS E 411 39.34 46.69 46.94
N GLU E 412 39.27 46.10 48.14
CA GLU E 412 40.40 46.18 49.07
C GLU E 412 41.03 44.82 49.34
N LYS E 413 40.39 43.72 48.91
CA LYS E 413 41.14 42.48 48.80
C LYS E 413 41.13 41.93 47.38
N ASN E 414 40.75 42.76 46.40
CA ASN E 414 41.08 42.59 44.98
C ASN E 414 40.43 41.34 44.37
N LEU E 415 39.26 40.99 44.89
CA LEU E 415 38.47 39.92 44.33
C LEU E 415 37.75 40.40 43.07
N SER E 416 37.27 39.45 42.28
CA SER E 416 36.48 39.72 41.09
C SER E 416 35.11 39.10 41.26
N VAL E 417 34.20 39.46 40.36
CA VAL E 417 32.86 38.89 40.39
C VAL E 417 32.90 37.41 40.02
N GLN E 418 33.62 37.08 38.95
CA GLN E 418 33.70 35.70 38.49
C GLN E 418 34.50 34.81 39.44
N GLU E 419 35.44 35.39 40.17
CA GLU E 419 36.08 34.68 41.28
C GLU E 419 35.09 34.38 42.39
N ILE E 420 34.25 35.36 42.74
CA ILE E 420 33.30 35.16 43.82
C ILE E 420 32.12 34.29 43.36
N TYR E 421 31.71 34.47 42.10
CA TYR E 421 30.59 33.69 41.59
C TYR E 421 30.97 32.22 41.43
N GLY E 422 32.17 31.95 40.90
CA GLY E 422 32.63 30.59 40.80
C GLY E 422 32.98 29.97 42.14
N ASN E 423 33.18 30.80 43.16
CA ASN E 423 33.39 30.27 44.50
C ASN E 423 32.08 29.74 45.08
N LEU E 424 30.98 30.44 44.84
CA LEU E 424 29.69 30.03 45.35
C LEU E 424 29.00 28.98 44.50
N VAL E 425 29.50 28.73 43.29
CA VAL E 425 28.89 27.76 42.39
C VAL E 425 29.14 26.33 42.84
N ASN E 426 30.24 26.09 43.57
CA ASN E 426 30.52 24.77 44.09
C ASN E 426 29.54 24.35 45.18
N ARG E 427 28.96 25.32 45.89
CA ARG E 427 28.02 25.05 46.96
C ARG E 427 26.59 25.34 46.52
N SER E 428 26.42 25.67 45.24
CA SER E 428 25.15 26.10 44.70
C SER E 428 24.30 24.91 44.29
N PHE E 429 23.02 25.18 44.05
CA PHE E 429 22.09 24.18 43.58
C PHE E 429 20.93 24.85 42.86
N ILE E 430 20.30 24.09 41.97
CA ILE E 430 19.12 24.52 41.23
C ILE E 430 18.02 23.50 41.47
N LEU E 431 16.87 23.97 41.94
CA LEU E 431 15.70 23.12 42.17
C LEU E 431 14.68 23.48 41.11
N ASN E 432 14.71 22.79 39.98
CA ASN E 432 13.75 23.08 38.94
C ASN E 432 12.47 22.33 39.23
N VAL E 433 11.37 23.06 39.27
CA VAL E 433 10.05 22.51 39.56
C VAL E 433 9.19 22.66 38.33
N ASP E 434 8.74 21.54 37.79
CA ASP E 434 7.80 21.49 36.69
C ASP E 434 7.02 20.21 36.83
N MET E 435 5.77 20.22 36.38
CA MET E 435 4.85 19.12 36.61
C MET E 435 5.29 17.86 35.86
N ALA E 436 4.82 16.73 36.38
CA ALA E 436 5.22 15.43 35.86
C ALA E 436 3.98 14.59 35.56
N HIS E 437 4.20 13.54 34.80
CA HIS E 437 3.10 12.73 34.28
C HIS E 437 2.71 11.67 35.29
N CYS E 438 1.54 11.82 35.91
CA CYS E 438 1.01 10.76 36.74
C CYS E 438 0.67 9.54 35.88
N SER E 439 0.66 8.38 36.51
CA SER E 439 0.33 7.15 35.80
C SER E 439 -1.13 7.17 35.37
N HIS E 440 -1.36 7.30 34.08
CA HIS E 440 -2.70 7.36 33.55
C HIS E 440 -3.31 5.97 33.59
N PRO E 441 -4.48 5.79 34.19
CA PRO E 441 -5.08 4.45 34.22
C PRO E 441 -5.62 4.01 32.87
N ASN E 442 -5.98 4.96 32.01
CA ASN E 442 -6.58 4.60 30.72
C ASN E 442 -5.51 4.40 29.65
N TYR E 443 -4.26 4.70 29.97
CA TYR E 443 -3.15 4.54 29.02
C TYR E 443 -2.00 3.83 29.73
N PRO E 444 -2.08 2.51 29.92
CA PRO E 444 -0.99 1.80 30.60
C PRO E 444 0.22 1.50 29.72
N GLU E 445 0.16 1.82 28.43
CA GLU E 445 1.26 1.55 27.51
C GLU E 445 2.23 2.70 27.41
N THR E 446 1.93 3.85 28.00
CA THR E 446 2.80 5.01 27.95
C THR E 446 3.53 5.24 29.27
N VAL E 447 3.50 4.28 30.18
CA VAL E 447 4.12 4.44 31.48
C VAL E 447 5.26 3.44 31.62
N GLN E 448 6.30 3.85 32.33
CA GLN E 448 7.34 2.92 32.74
C GLN E 448 6.78 1.96 33.76
N ASP E 449 7.37 0.77 33.86
CA ASP E 449 6.83 -0.20 34.81
C ASP E 449 7.26 0.14 36.23
N ASN E 450 8.54 0.45 36.43
CA ASN E 450 9.05 0.69 37.77
C ASN E 450 8.94 2.14 38.20
N HIS E 451 9.14 3.09 37.29
CA HIS E 451 9.08 4.51 37.60
C HIS E 451 7.68 5.00 37.29
N GLN E 452 6.77 4.80 38.22
CA GLN E 452 5.39 5.23 38.07
C GLN E 452 5.13 6.34 39.06
N LEU E 453 4.19 7.21 38.73
CA LEU E 453 3.79 8.30 39.60
C LEU E 453 2.31 8.14 39.91
N PHE E 454 1.96 8.20 41.18
CA PHE E 454 0.57 8.16 41.57
C PHE E 454 0.23 9.39 42.39
N PHE E 455 -1.06 9.68 42.48
CA PHE E 455 -1.52 10.84 43.23
C PHE E 455 -1.34 10.62 44.72
N HIS E 456 -1.05 11.72 45.43
CA HIS E 456 -0.79 11.77 46.87
C HIS E 456 0.36 10.85 47.30
N GLU E 457 1.27 10.52 46.39
CA GLU E 457 2.33 9.57 46.73
C GLU E 457 3.65 10.27 46.96
N GLY E 458 3.75 11.53 46.56
CA GLY E 458 4.89 12.33 46.87
C GLY E 458 5.33 13.15 45.68
N ILE E 459 6.44 13.87 45.87
CA ILE E 459 7.05 14.63 44.80
C ILE E 459 7.63 13.67 43.78
N ALA E 460 7.46 13.99 42.50
CA ALA E 460 8.23 13.30 41.49
C ALA E 460 9.66 13.79 41.56
N ILE E 461 10.60 12.90 41.27
CA ILE E 461 11.99 13.27 41.05
C ILE E 461 12.30 12.77 39.64
N LYS E 462 12.26 13.68 38.68
CA LYS E 462 12.24 13.28 37.28
C LYS E 462 13.66 13.04 36.78
N TYR E 463 13.92 11.79 36.40
CA TYR E 463 15.20 11.42 35.80
C TYR E 463 15.00 11.29 34.30
N ASN E 464 16.10 11.33 33.56
CA ASN E 464 16.01 11.15 32.12
C ASN E 464 17.27 10.50 31.58
N THR E 465 17.10 9.83 30.44
CA THR E 465 18.22 9.31 29.67
C THR E 465 19.10 10.43 29.13
N ASN E 466 18.50 11.37 28.39
CA ASN E 466 19.23 12.36 27.62
C ASN E 466 19.42 13.67 28.37
N LYS E 467 19.23 13.65 29.70
CA LYS E 467 19.26 14.83 30.57
C LYS E 467 18.33 15.94 30.08
N ASN E 468 17.15 15.57 29.59
CA ASN E 468 16.08 16.55 29.45
C ASN E 468 15.66 17.07 30.81
N TYR E 469 15.71 16.22 31.83
CA TYR E 469 15.67 16.63 33.22
C TYR E 469 17.08 16.57 33.78
N VAL E 470 17.46 17.58 34.57
CA VAL E 470 18.85 17.75 34.99
C VAL E 470 19.19 16.91 36.22
N THR E 471 18.29 16.02 36.63
CA THR E 471 18.53 15.22 37.83
C THR E 471 19.64 14.21 37.63
N SER E 472 20.69 14.35 38.42
CA SER E 472 21.76 13.39 38.54
C SER E 472 21.53 12.58 39.81
N PRO E 473 21.90 11.30 39.83
CA PRO E 473 21.66 10.48 41.03
C PRO E 473 22.48 10.87 42.24
N LEU E 474 23.56 11.65 42.08
CA LEU E 474 24.19 12.25 43.25
C LEU E 474 23.33 13.37 43.79
N HIS E 475 22.86 14.24 42.91
CA HIS E 475 22.25 15.48 43.35
C HIS E 475 20.81 15.31 43.76
N ALA E 476 20.20 14.17 43.44
CA ALA E 476 18.93 13.83 44.05
C ALA E 476 19.14 13.16 45.41
N SER E 477 20.32 12.60 45.63
CA SER E 477 20.60 11.98 46.92
C SER E 477 20.80 13.03 48.00
N LEU E 478 21.25 14.23 47.62
CA LEU E 478 21.36 15.31 48.59
C LEU E 478 19.98 15.85 48.94
N ILE E 479 19.08 15.89 47.95
CA ILE E 479 17.75 16.47 48.17
C ILE E 479 16.88 15.51 48.97
N LYS E 480 17.05 14.20 48.76
CA LYS E 480 16.35 13.23 49.59
C LYS E 480 16.84 13.24 51.02
N ARG E 481 18.07 13.72 51.26
CA ARG E 481 18.53 13.89 52.64
C ARG E 481 18.07 15.21 53.23
N THR E 482 17.73 16.18 52.40
CA THR E 482 17.04 17.36 52.91
C THR E 482 15.61 17.03 53.29
N PHE E 483 15.02 16.03 52.64
CA PHE E 483 13.68 15.61 53.03
C PHE E 483 13.72 14.80 54.31
N GLU E 484 14.85 14.16 54.61
CA GLU E 484 14.99 13.41 55.84
C GLU E 484 15.33 14.33 57.01
N LEU E 485 16.04 15.42 56.75
CA LEU E 485 16.29 16.40 57.79
C LEU E 485 15.04 17.20 58.11
N TYR E 486 14.10 17.28 57.16
CA TYR E 486 12.79 17.85 57.45
C TYR E 486 11.99 16.93 58.37
N TYR E 487 12.14 15.62 58.19
CA TYR E 487 11.36 14.68 59.00
C TYR E 487 11.88 14.63 60.44
N ASN E 488 13.17 14.94 60.65
CA ASN E 488 13.71 14.90 61.99
C ASN E 488 13.34 16.13 62.81
N LYS E 489 12.99 17.22 62.14
CA LYS E 489 12.69 18.46 62.85
C LYS E 489 11.20 18.72 62.96
N TYR E 490 10.46 18.49 61.88
CA TYR E 490 9.04 18.84 61.83
C TYR E 490 8.13 17.63 62.01
N LYS E 491 8.70 16.42 62.01
CA LYS E 491 7.98 15.15 62.19
C LYS E 491 6.87 14.96 61.16
N GLN E 492 7.10 15.47 59.96
CA GLN E 492 6.17 15.36 58.84
C GLN E 492 6.94 14.87 57.64
N GLN E 493 6.61 13.67 57.17
CA GLN E 493 7.39 13.06 56.11
C GLN E 493 7.09 13.70 54.76
N ILE E 494 8.15 14.06 54.06
CA ILE E 494 8.06 14.52 52.67
C ILE E 494 8.27 13.29 51.80
N LYS E 495 7.19 12.80 51.21
CA LYS E 495 7.25 11.62 50.37
C LYS E 495 7.77 12.00 49.00
N TYR E 496 8.46 11.07 48.35
CA TYR E 496 8.99 11.28 47.02
C TYR E 496 8.87 10.00 46.23
N GLN E 497 9.00 10.11 44.91
CA GLN E 497 8.93 8.97 44.02
C GLN E 497 9.70 9.30 42.76
N ASN E 498 10.53 8.37 42.30
CA ASN E 498 11.35 8.63 41.14
C ASN E 498 10.53 8.45 39.87
N PHE E 499 10.69 9.39 38.95
CA PHE E 499 9.97 9.36 37.69
C PHE E 499 10.96 9.29 36.54
N MET E 500 10.68 8.40 35.60
CA MET E 500 11.51 8.22 34.42
C MET E 500 10.62 7.77 33.28
N VAL E 501 10.75 8.43 32.13
CA VAL E 501 10.00 8.09 30.95
C VAL E 501 10.63 6.85 30.34
N LYS E 502 9.87 6.15 29.49
CA LYS E 502 10.39 4.96 28.83
C LYS E 502 11.54 5.31 27.89
N ASN E 503 12.37 4.31 27.61
CA ASN E 503 13.55 4.53 26.79
C ASN E 503 13.20 4.79 25.33
N ASP E 504 12.13 4.16 24.84
CA ASP E 504 11.75 4.35 23.44
C ASP E 504 10.97 5.64 23.23
N THR E 505 10.11 6.00 24.20
CA THR E 505 9.34 7.22 24.01
C THR E 505 10.19 8.45 24.35
N PRO E 506 10.05 9.53 23.59
CA PRO E 506 10.71 10.79 23.96
C PRO E 506 9.84 11.57 24.95
N CYS E 507 10.49 12.48 25.66
CA CYS E 507 9.81 13.35 26.60
C CYS E 507 10.26 14.78 26.39
N GLY E 508 9.42 15.73 26.79
CA GLY E 508 9.75 17.13 26.62
C GLY E 508 10.80 17.59 27.61
N SER E 509 11.74 18.38 27.11
CA SER E 509 12.77 18.92 27.97
C SER E 509 12.21 20.05 28.81
N THR E 510 12.87 20.31 29.94
CA THR E 510 12.47 21.37 30.85
C THR E 510 13.61 22.38 30.96
N VAL E 511 13.44 23.34 31.85
CA VAL E 511 14.44 24.38 32.06
C VAL E 511 15.45 23.99 33.11
N GLY E 512 15.50 22.71 33.49
CA GLY E 512 16.48 22.28 34.46
C GLY E 512 17.89 22.36 33.91
N SER E 513 18.13 21.74 32.76
CA SER E 513 19.47 21.75 32.20
C SER E 513 19.76 23.05 31.46
N MET E 514 18.74 23.85 31.16
CA MET E 514 18.98 25.13 30.52
C MET E 514 19.64 26.11 31.50
N VAL E 515 19.11 26.20 32.72
CA VAL E 515 19.67 27.12 33.69
C VAL E 515 20.91 26.53 34.33
N ALA E 516 21.00 25.19 34.41
CA ALA E 516 22.20 24.57 34.95
C ALA E 516 23.39 24.73 34.02
N ALA E 517 23.14 24.94 32.73
CA ALA E 517 24.24 25.27 31.83
C ALA E 517 24.57 26.75 31.89
N ASN E 518 23.55 27.60 32.03
CA ASN E 518 23.78 29.03 32.05
C ASN E 518 24.47 29.47 33.32
N LEU E 519 24.19 28.80 34.43
CA LEU E 519 24.72 29.20 35.73
C LEU E 519 25.82 28.28 36.23
N SER E 520 26.06 27.15 35.56
CA SER E 520 27.07 26.15 35.91
C SER E 520 26.86 25.57 37.31
N MET E 521 25.59 25.51 37.72
CA MET E 521 25.21 24.98 39.03
C MET E 521 24.62 23.59 38.87
N PRO E 522 24.86 22.68 39.81
CA PRO E 522 24.18 21.38 39.77
C PRO E 522 22.70 21.52 40.03
N GLY E 523 21.94 20.54 39.56
CA GLY E 523 20.50 20.69 39.57
C GLY E 523 19.76 19.40 39.78
N ILE E 524 18.44 19.55 39.89
CA ILE E 524 17.49 18.45 40.02
C ILE E 524 16.20 18.93 39.35
N ASP E 525 15.40 17.99 38.89
CA ASP E 525 14.08 18.28 38.35
C ASP E 525 13.02 17.56 39.17
N ILE E 526 12.34 18.29 40.04
CA ILE E 526 11.25 17.72 40.80
C ILE E 526 9.95 18.30 40.27
N GLY E 527 8.85 17.78 40.80
CA GLY E 527 7.54 18.26 40.41
C GLY E 527 6.50 17.33 40.97
N ILE E 528 5.24 17.66 40.72
CA ILE E 528 4.18 16.85 41.29
C ILE E 528 3.43 16.16 40.16
N PRO E 529 2.96 14.93 40.37
CA PRO E 529 2.27 14.22 39.28
C PRO E 529 0.91 14.82 38.99
N GLN E 530 0.65 15.04 37.71
CA GLN E 530 -0.65 15.51 37.28
C GLN E 530 -1.05 14.76 36.02
N LEU E 531 -2.35 14.67 35.79
CA LEU E 531 -2.86 14.09 34.55
C LEU E 531 -3.30 15.19 33.60
N ALA E 532 -3.26 14.86 32.31
CA ALA E 532 -3.61 15.74 31.19
C ALA E 532 -2.81 17.04 31.21
N MET E 533 -1.49 16.88 31.29
CA MET E 533 -0.57 18.00 31.22
C MET E 533 -0.64 18.64 29.84
N HIS E 534 -0.43 19.96 29.81
CA HIS E 534 -0.56 20.84 28.63
C HIS E 534 -1.97 20.84 28.06
N SER E 535 -2.97 20.63 28.90
CA SER E 535 -4.36 20.78 28.48
C SER E 535 -5.00 21.94 29.23
N ILE E 536 -6.25 22.24 28.84
CA ILE E 536 -6.93 23.40 29.41
C ILE E 536 -7.44 23.08 30.81
N ARG E 537 -7.67 21.81 31.12
CA ARG E 537 -7.94 21.39 32.49
C ARG E 537 -7.00 20.26 32.86
N GLU E 538 -6.24 20.46 33.92
CA GLU E 538 -5.23 19.53 34.39
C GLU E 538 -5.53 19.19 35.83
N ILE E 539 -5.67 17.90 36.13
CA ILE E 539 -6.02 17.45 37.47
C ILE E 539 -4.75 17.09 38.22
N ALA E 540 -4.71 17.41 39.51
CA ALA E 540 -3.56 17.15 40.36
C ALA E 540 -4.05 16.87 41.77
N ALA E 541 -3.17 16.33 42.62
CA ALA E 541 -3.56 15.91 43.95
C ALA E 541 -3.17 16.96 44.99
N VAL E 542 -3.95 17.03 46.08
CA VAL E 542 -3.75 18.10 47.05
C VAL E 542 -2.69 17.73 48.09
N HIS E 543 -2.39 16.44 48.24
CA HIS E 543 -1.25 16.09 49.10
C HIS E 543 0.06 16.38 48.42
N ASP E 544 0.09 16.35 47.09
CA ASP E 544 1.31 16.66 46.38
C ASP E 544 1.65 18.14 46.47
N VAL E 545 0.62 18.99 46.59
CA VAL E 545 0.86 20.42 46.79
C VAL E 545 1.48 20.68 48.15
N PHE E 546 1.10 19.88 49.15
CA PHE E 546 1.75 19.98 50.45
C PHE E 546 3.19 19.50 50.39
N PHE E 547 3.44 18.40 49.67
CA PHE E 547 4.78 17.84 49.61
C PHE E 547 5.71 18.72 48.80
N LEU E 548 5.19 19.42 47.79
CA LEU E 548 6.04 20.29 46.99
C LEU E 548 6.41 21.55 47.75
N ILE E 549 5.46 22.14 48.47
CA ILE E 549 5.73 23.36 49.23
C ILE E 549 6.71 23.08 50.36
N LYS E 550 6.55 21.92 51.02
CA LYS E 550 7.53 21.53 52.02
C LYS E 550 8.80 21.01 51.38
N GLY E 551 8.73 20.55 50.13
CA GLY E 551 9.92 20.08 49.45
C GLY E 551 10.86 21.20 49.02
N VAL E 552 10.31 22.32 48.55
CA VAL E 552 11.14 23.48 48.25
C VAL E 552 11.66 24.10 49.54
N PHE E 553 10.86 24.04 50.60
CA PHE E 553 11.26 24.60 51.88
C PHE E 553 12.36 23.77 52.52
N ALA E 554 12.34 22.45 52.33
CA ALA E 554 13.37 21.60 52.91
C ALA E 554 14.68 21.73 52.14
N PHE E 555 14.62 21.94 50.83
CA PHE E 555 15.82 22.20 50.06
C PHE E 555 16.43 23.54 50.43
N TYR E 556 15.59 24.53 50.70
CA TYR E 556 16.07 25.83 51.14
C TYR E 556 16.73 25.77 52.51
N THR E 557 16.10 25.05 53.44
CA THR E 557 16.56 25.08 54.83
C THR E 557 17.77 24.18 55.05
N TYR E 558 17.79 23.01 54.43
CA TYR E 558 18.70 21.96 54.84
C TYR E 558 19.67 21.51 53.77
N TYR E 559 19.95 22.31 52.75
CA TYR E 559 20.86 21.83 51.72
C TYR E 559 22.31 21.90 52.18
N ASN E 560 22.70 22.98 52.87
CA ASN E 560 24.09 23.10 53.29
C ASN E 560 24.39 22.22 54.50
N GLN E 561 23.36 21.79 55.22
CA GLN E 561 23.59 20.79 56.25
C GLN E 561 23.88 19.43 55.65
N VAL E 562 23.26 19.13 54.51
CA VAL E 562 23.58 17.89 53.80
C VAL E 562 24.90 18.02 53.07
N LEU E 563 25.14 19.18 52.44
CA LEU E 563 26.34 19.37 51.63
C LEU E 563 27.61 19.40 52.46
N SER E 564 27.51 19.80 53.72
CA SER E 564 28.68 19.77 54.59
C SER E 564 29.08 18.37 54.97
N THR E 565 28.16 17.41 54.93
CA THR E 565 28.44 16.03 55.30
C THR E 565 28.90 15.17 54.13
N CYS E 566 28.91 15.71 52.92
CA CYS E 566 29.43 14.95 51.79
C CYS E 566 30.95 15.01 51.75
N VAL E 567 31.57 13.84 51.71
CA VAL E 567 33.02 13.73 51.55
C VAL E 567 33.30 13.03 50.23
N HIS E 568 33.99 13.74 49.34
CA HIS E 568 34.47 13.15 48.11
C HIS E 568 35.86 12.58 48.34
N ASP E 569 36.40 11.90 47.34
CA ASP E 569 37.76 11.40 47.44
C ASP E 569 38.76 12.46 46.98
N MET F 1 9.73 59.57 -2.60
CA MET F 1 10.42 58.37 -2.17
C MET F 1 10.87 57.54 -3.37
N ASP F 2 10.20 57.74 -4.50
CA ASP F 2 10.53 57.01 -5.72
C ASP F 2 12.00 57.17 -6.08
N LYS F 3 12.51 58.39 -5.93
CA LYS F 3 13.91 58.68 -6.25
C LYS F 3 14.82 58.12 -5.16
N LYS F 4 14.42 58.25 -3.91
CA LYS F 4 15.26 57.78 -2.81
C LYS F 4 15.17 56.27 -2.66
N ALA F 5 14.04 55.67 -3.06
CA ALA F 5 13.94 54.21 -3.01
C ALA F 5 14.77 53.56 -4.10
N ARG F 6 14.86 54.20 -5.26
CA ARG F 6 15.70 53.66 -6.32
C ARG F 6 17.18 53.91 -6.03
N GLU F 7 17.49 55.03 -5.37
CA GLU F 7 18.88 55.31 -5.01
C GLU F 7 19.36 54.38 -3.91
N TYR F 8 18.46 53.99 -3.00
CA TYR F 8 18.81 53.02 -1.97
C TYR F 8 19.01 51.63 -2.55
N ALA F 9 18.14 51.24 -3.49
CA ALA F 9 18.31 49.94 -4.13
C ALA F 9 19.47 49.94 -5.11
N GLN F 10 19.87 51.11 -5.60
CA GLN F 10 21.04 51.16 -6.47
C GLN F 10 22.31 50.84 -5.69
N ASP F 11 22.47 51.43 -4.49
CA ASP F 11 23.66 51.17 -3.70
C ASP F 11 23.65 49.75 -3.14
N ALA F 12 22.46 49.19 -2.88
CA ALA F 12 22.37 47.79 -2.50
C ALA F 12 22.78 46.89 -3.63
N LEU F 13 22.50 47.29 -4.86
CA LEU F 13 22.91 46.53 -6.03
C LEU F 13 24.35 46.82 -6.42
N LYS F 14 24.98 47.81 -5.78
CA LYS F 14 26.44 47.90 -5.83
C LYS F 14 27.07 47.06 -4.72
N PHE F 15 26.37 46.89 -3.60
CA PHE F 15 26.92 46.11 -2.49
C PHE F 15 26.92 44.62 -2.81
N ILE F 16 25.73 44.03 -3.03
CA ILE F 16 25.64 42.78 -3.77
C ILE F 16 26.17 43.04 -5.19
N GLN F 17 26.76 42.00 -5.80
CA GLN F 17 27.64 41.90 -6.99
C GLN F 17 29.08 42.30 -6.63
N ARG F 18 29.32 42.81 -5.43
CA ARG F 18 30.64 42.81 -4.85
C ARG F 18 30.71 41.93 -3.63
N SER F 19 29.57 41.60 -3.06
CA SER F 19 29.46 40.77 -1.87
C SER F 19 29.08 39.35 -2.29
N GLY F 20 30.04 38.61 -2.84
CA GLY F 20 29.73 37.31 -3.35
C GLY F 20 29.68 36.20 -2.33
N SER F 21 30.10 36.45 -1.10
CA SER F 21 30.15 35.42 -0.08
C SER F 21 29.99 36.09 1.27
N ASN F 22 30.27 35.33 2.34
CA ASN F 22 30.21 35.91 3.67
C ASN F 22 31.49 36.66 4.02
N PHE F 23 32.58 36.36 3.32
CA PHE F 23 33.83 37.06 3.58
C PHE F 23 33.84 38.44 2.95
N LEU F 24 33.40 38.52 1.69
CA LEU F 24 33.32 39.82 1.04
C LEU F 24 32.12 40.63 1.52
N ALA F 25 31.22 40.00 2.27
CA ALA F 25 30.20 40.76 2.97
C ALA F 25 30.79 41.51 4.16
N CYS F 26 31.70 40.85 4.89
CA CYS F 26 32.39 41.55 5.98
C CYS F 26 33.34 42.59 5.43
N LYS F 27 33.97 42.30 4.28
CA LYS F 27 34.98 43.19 3.73
C LYS F 27 34.35 44.46 3.15
N ASN F 28 33.27 44.31 2.39
CA ASN F 28 32.68 45.47 1.75
C ASN F 28 31.89 46.33 2.73
N LEU F 29 31.35 45.72 3.79
CA LEU F 29 30.68 46.51 4.81
C LEU F 29 31.69 47.25 5.67
N LYS F 30 32.84 46.63 5.93
CA LYS F 30 33.91 47.31 6.66
C LYS F 30 34.50 48.44 5.83
N GLU F 31 34.57 48.25 4.51
CA GLU F 31 34.94 49.35 3.63
C GLU F 31 33.85 50.41 3.56
N ARG F 32 32.58 50.00 3.68
CA ARG F 32 31.48 50.96 3.65
C ARG F 32 31.42 51.76 4.94
N LEU F 33 31.77 51.13 6.06
CA LEU F 33 31.77 51.85 7.33
C LEU F 33 33.00 52.73 7.47
N GLU F 34 34.14 52.32 6.92
CA GLU F 34 35.36 53.11 7.03
C GLU F 34 35.32 54.35 6.14
N ASN F 35 34.44 54.39 5.15
CA ASN F 35 34.31 55.59 4.33
C ASN F 35 33.65 56.73 5.09
N ASN F 36 32.85 56.42 6.11
CA ASN F 36 32.23 57.47 6.91
C ASN F 36 33.13 57.92 8.05
N GLY F 37 34.27 57.28 8.24
CA GLY F 37 35.21 57.67 9.27
C GLY F 37 35.25 56.77 10.48
N PHE F 38 34.80 55.53 10.36
CA PHE F 38 34.78 54.63 11.50
C PHE F 38 36.20 54.14 11.80
N ILE F 39 36.59 54.21 13.07
CA ILE F 39 37.91 53.77 13.47
C ILE F 39 37.95 52.24 13.50
N ASN F 40 38.71 51.67 12.56
CA ASN F 40 38.83 50.23 12.44
C ASN F 40 39.78 49.74 13.53
N LEU F 41 39.22 49.11 14.55
CA LEU F 41 40.00 48.57 15.64
C LEU F 41 39.99 47.06 15.57
N SER F 42 41.11 46.44 15.91
CA SER F 42 41.26 45.00 15.86
C SER F 42 40.97 44.42 17.24
N GLU F 43 40.58 43.15 17.26
CA GLU F 43 40.24 42.48 18.52
C GLU F 43 41.48 42.20 19.35
N GLY F 44 42.66 42.24 18.74
CA GLY F 44 43.82 41.68 19.39
C GLY F 44 44.73 42.70 20.06
N GLU F 45 44.50 44.00 19.81
CA GLU F 45 45.45 44.95 20.39
C GLU F 45 45.08 45.37 21.82
N THR F 46 44.09 46.26 21.96
CA THR F 46 43.63 46.93 23.18
C THR F 46 42.50 47.84 22.73
N TRP F 47 41.47 48.00 23.56
CA TRP F 47 40.34 48.85 23.22
C TRP F 47 40.37 50.10 24.08
N ASN F 48 40.70 51.24 23.46
CA ASN F 48 40.62 52.55 24.09
C ASN F 48 39.52 53.30 23.34
N LEU F 49 38.28 53.10 23.77
CA LEU F 49 37.15 53.69 23.06
C LEU F 49 36.89 55.11 23.56
N ASN F 50 36.36 55.94 22.67
CA ASN F 50 36.08 57.32 22.96
C ASN F 50 34.61 57.59 22.74
N LYS F 51 34.12 58.66 23.35
CA LYS F 51 32.78 59.15 23.02
C LYS F 51 32.78 59.75 21.62
N ASN F 52 31.58 59.82 21.02
CA ASN F 52 31.31 60.44 19.72
C ASN F 52 32.01 59.77 18.55
N GLU F 53 32.69 58.64 18.74
CA GLU F 53 33.44 58.01 17.67
C GLU F 53 32.78 56.68 17.30
N GLY F 54 32.87 56.35 16.02
CA GLY F 54 32.31 55.11 15.53
C GLY F 54 33.41 54.11 15.26
N TYR F 55 33.14 52.85 15.54
CA TYR F 55 34.13 51.80 15.42
C TYR F 55 33.57 50.67 14.58
N VAL F 56 34.46 49.86 14.03
CA VAL F 56 34.10 48.76 13.13
C VAL F 56 35.11 47.64 13.34
N LEU F 57 34.62 46.40 13.40
CA LEU F 57 35.53 45.27 13.49
C LEU F 57 34.93 44.05 12.80
N CYS F 58 35.72 43.48 11.89
CA CYS F 58 35.48 42.16 11.34
C CYS F 58 36.13 41.13 12.25
N LYS F 59 35.32 40.34 12.93
CA LYS F 59 35.85 39.22 13.70
C LYS F 59 36.19 38.10 12.73
N GLU F 60 37.50 37.84 12.58
CA GLU F 60 38.13 36.88 11.65
C GLU F 60 37.50 36.87 10.25
N ASN F 61 37.19 38.06 9.73
CA ASN F 61 36.68 38.36 8.39
C ASN F 61 35.37 37.66 8.06
N ARG F 62 34.58 37.24 9.04
CA ARG F 62 33.27 36.66 8.79
C ARG F 62 32.16 37.48 9.43
N ASN F 63 32.42 38.09 10.58
CA ASN F 63 31.41 38.74 11.39
C ASN F 63 31.72 40.22 11.50
N ILE F 64 30.94 41.05 10.81
CA ILE F 64 31.09 42.50 10.87
C ILE F 64 30.25 43.00 12.04
N CYS F 65 30.79 43.98 12.77
CA CYS F 65 30.13 44.56 13.93
C CYS F 65 30.56 46.01 14.06
N GLY F 66 29.72 46.93 13.61
CA GLY F 66 30.03 48.33 13.74
C GLY F 66 29.21 48.99 14.82
N PHE F 67 29.85 49.73 15.72
CA PHE F 67 29.12 50.39 16.79
C PHE F 67 29.53 51.85 16.89
N PHE F 68 28.65 52.65 17.46
CA PHE F 68 28.87 54.07 17.67
C PHE F 68 28.57 54.43 19.12
N VAL F 69 29.58 54.89 19.83
CA VAL F 69 29.43 55.33 21.21
C VAL F 69 28.91 56.76 21.20
N GLY F 70 27.79 56.99 21.87
CA GLY F 70 27.22 58.32 21.95
C GLY F 70 28.07 59.26 22.79
N LYS F 71 27.75 60.56 22.67
CA LYS F 71 28.59 61.58 23.29
C LYS F 71 28.44 61.59 24.81
N ASN F 72 27.23 61.80 25.32
CA ASN F 72 26.95 61.65 26.75
C ASN F 72 26.21 60.33 26.96
N PHE F 73 26.95 59.27 27.25
CA PHE F 73 26.35 58.12 27.91
C PHE F 73 25.76 58.51 29.26
N ASN F 74 24.68 57.83 29.60
CA ASN F 74 24.15 57.82 30.94
C ASN F 74 23.84 56.39 31.35
N ILE F 75 24.61 55.91 32.33
CA ILE F 75 24.35 54.61 32.95
C ILE F 75 22.95 54.59 33.54
N ASP F 76 22.53 55.72 34.13
CA ASP F 76 21.17 55.85 34.63
C ASP F 76 20.15 55.82 33.51
N THR F 77 20.20 56.78 32.58
CA THR F 77 19.23 56.90 31.49
C THR F 77 19.96 56.81 30.15
N GLY F 78 20.20 55.59 29.71
CA GLY F 78 20.82 55.34 28.42
C GLY F 78 20.55 53.92 27.99
N SER F 79 20.95 53.59 26.77
CA SER F 79 20.49 52.38 26.13
C SER F 79 21.58 51.78 25.23
N ILE F 80 21.40 50.52 24.87
CA ILE F 80 22.19 49.85 23.86
C ILE F 80 21.24 49.37 22.77
N LEU F 81 21.28 50.03 21.61
CA LEU F 81 20.38 49.72 20.51
C LEU F 81 21.12 48.91 19.47
N ILE F 82 20.66 47.70 19.23
CA ILE F 82 21.34 46.76 18.35
C ILE F 82 20.42 46.40 17.20
N SER F 83 20.95 46.54 15.99
CA SER F 83 20.29 46.04 14.79
C SER F 83 21.10 44.89 14.24
N ILE F 84 20.42 43.82 13.84
CA ILE F 84 21.06 42.55 13.54
C ILE F 84 20.58 42.07 12.18
N GLY F 85 21.52 41.75 11.31
CA GLY F 85 21.20 41.01 10.10
C GLY F 85 22.40 40.21 9.66
N HIS F 86 22.26 38.91 9.51
CA HIS F 86 23.38 38.02 9.21
C HIS F 86 23.89 38.25 7.80
N ILE F 87 25.20 38.09 7.62
CA ILE F 87 25.82 38.29 6.32
C ILE F 87 26.32 36.93 5.81
N ASP F 88 25.42 36.18 5.19
CA ASP F 88 25.65 34.86 4.62
C ASP F 88 24.36 34.44 3.95
N SER F 89 24.44 33.38 3.15
CA SER F 89 23.28 32.87 2.45
C SER F 89 23.51 31.42 2.12
N CYS F 90 22.45 30.76 1.67
CA CYS F 90 22.58 29.39 1.18
C CYS F 90 23.38 29.41 -0.10
N ALA F 91 24.57 28.80 -0.06
CA ALA F 91 25.45 28.77 -1.21
C ALA F 91 26.05 27.38 -1.31
N LEU F 92 26.58 27.06 -2.49
CA LEU F 92 27.30 25.82 -2.68
C LEU F 92 28.77 26.06 -2.37
N LYS F 93 29.18 25.79 -1.14
CA LYS F 93 30.58 25.93 -0.79
C LYS F 93 31.38 24.76 -1.32
N ILE F 94 32.67 24.99 -1.52
CA ILE F 94 33.57 24.00 -2.11
C ILE F 94 34.15 23.14 -1.00
N SER F 95 34.09 21.82 -1.19
CA SER F 95 34.65 20.81 -0.31
C SER F 95 36.18 20.86 -0.34
N PRO F 96 36.85 20.39 0.72
CA PRO F 96 38.32 20.38 0.71
C PRO F 96 38.94 19.45 -0.31
N ASN F 97 38.56 18.19 -0.33
CA ASN F 97 39.01 17.24 -1.33
C ASN F 97 38.04 17.38 -2.50
N ASN F 98 38.48 18.09 -3.54
CA ASN F 98 37.67 18.30 -4.74
C ASN F 98 38.51 17.91 -5.95
N ASN F 99 38.52 16.63 -6.28
CA ASN F 99 39.09 16.19 -7.55
C ASN F 99 38.20 15.07 -8.05
N VAL F 100 37.15 15.44 -8.77
CA VAL F 100 36.17 14.49 -9.29
C VAL F 100 36.35 14.46 -10.79
N ILE F 101 36.81 13.30 -11.30
CA ILE F 101 37.01 13.09 -12.72
C ILE F 101 36.11 11.94 -13.12
N LYS F 102 34.94 12.27 -13.68
CA LYS F 102 34.00 11.25 -14.11
C LYS F 102 33.49 11.61 -15.49
N LYS F 103 33.40 10.59 -16.35
CA LYS F 103 32.98 10.71 -17.76
C LYS F 103 33.82 11.74 -18.51
N LYS F 104 35.14 11.69 -18.31
CA LYS F 104 36.13 12.57 -18.93
C LYS F 104 35.88 14.05 -18.64
N ILE F 105 35.31 14.36 -17.49
CA ILE F 105 34.95 15.73 -17.13
C ILE F 105 35.48 16.01 -15.74
N HIS F 106 36.27 17.08 -15.62
CA HIS F 106 36.73 17.55 -14.33
C HIS F 106 35.58 18.23 -13.60
N GLN F 107 35.37 17.83 -12.35
CA GLN F 107 34.28 18.35 -11.56
C GLN F 107 34.78 18.84 -10.21
N ILE F 108 33.96 19.66 -9.59
CA ILE F 108 34.10 20.03 -8.18
C ILE F 108 32.97 19.34 -7.46
N ASN F 109 33.25 18.71 -6.32
CA ASN F 109 32.13 18.33 -5.48
C ASN F 109 31.94 19.40 -4.42
N VAL F 110 30.74 19.96 -4.37
CA VAL F 110 30.46 21.10 -3.53
C VAL F 110 29.59 20.63 -2.37
N GLU F 111 29.71 21.31 -1.25
CA GLU F 111 28.92 21.02 -0.07
C GLU F 111 27.77 22.01 0.01
N CYS F 112 26.56 21.50 0.22
CA CYS F 112 25.39 22.36 0.28
C CYS F 112 25.34 23.05 1.63
N TYR F 113 25.67 24.33 1.65
CA TYR F 113 25.72 25.11 2.87
C TYR F 113 24.36 25.75 3.07
N GLY F 114 23.76 25.52 4.23
CA GLY F 114 22.43 26.06 4.48
C GLY F 114 21.35 25.17 3.89
N SER F 115 20.13 25.68 3.89
CA SER F 115 18.98 24.98 3.36
C SER F 115 18.44 25.82 2.22
N GLY F 116 18.85 25.49 0.99
CA GLY F 116 18.53 26.29 -0.17
C GLY F 116 17.73 25.50 -1.21
N LEU F 117 17.18 26.27 -2.16
CA LEU F 117 16.54 25.69 -3.33
C LEU F 117 17.66 25.27 -4.27
N TRP F 118 18.16 24.06 -4.06
CA TRP F 118 19.34 23.64 -4.82
C TRP F 118 19.02 23.24 -6.24
N HIS F 119 17.75 23.03 -6.57
CA HIS F 119 17.40 22.81 -7.96
C HIS F 119 17.42 24.09 -8.77
N THR F 120 17.36 25.24 -8.10
CA THR F 120 17.52 26.51 -8.81
C THR F 120 18.98 26.80 -9.10
N TRP F 121 19.90 26.20 -8.35
CA TRP F 121 21.32 26.34 -8.64
C TRP F 121 21.76 25.54 -9.86
N PHE F 122 20.91 24.63 -10.33
CA PHE F 122 21.21 23.90 -11.54
C PHE F 122 21.08 24.84 -12.74
N ASP F 123 21.99 24.66 -13.70
CA ASP F 123 22.01 25.37 -14.97
C ASP F 123 22.20 26.88 -14.77
N ARG F 124 23.22 27.24 -13.99
CA ARG F 124 23.58 28.63 -13.76
C ARG F 124 25.04 28.84 -14.12
N SER F 125 25.33 29.96 -14.76
CA SER F 125 26.72 30.35 -14.99
C SER F 125 27.31 30.79 -13.67
N LEU F 126 28.02 29.88 -13.00
CA LEU F 126 28.41 30.06 -11.62
C LEU F 126 29.84 30.59 -11.51
N GLY F 127 30.08 31.40 -10.48
CA GLY F 127 31.38 31.95 -10.20
C GLY F 127 31.91 31.51 -8.85
N LEU F 128 32.87 32.28 -8.35
CA LEU F 128 33.56 31.96 -7.10
C LEU F 128 33.75 33.22 -6.27
N SER F 129 33.48 33.11 -4.98
CA SER F 129 33.80 34.16 -4.03
C SER F 129 34.13 33.50 -2.71
N GLY F 130 35.09 34.07 -2.00
CA GLY F 130 35.44 33.51 -0.71
C GLY F 130 36.87 33.83 -0.36
N GLN F 131 37.40 33.05 0.58
CA GLN F 131 38.69 33.28 1.19
C GLN F 131 39.66 32.19 0.75
N VAL F 132 40.84 32.59 0.31
CA VAL F 132 41.86 31.65 -0.15
C VAL F 132 43.13 31.92 0.65
N LEU F 133 43.66 30.87 1.29
CA LEU F 133 44.92 30.97 2.01
C LEU F 133 46.00 30.37 1.12
N TYR F 134 47.01 31.17 0.81
CA TYR F 134 48.11 30.73 -0.04
C TYR F 134 49.44 31.19 0.56
N LYS F 135 50.51 30.50 0.19
CA LYS F 135 51.83 30.82 0.68
C LYS F 135 52.48 31.88 -0.20
N LYS F 136 53.29 32.75 0.43
CA LYS F 136 54.16 33.65 -0.30
C LYS F 136 55.42 33.82 0.54
N GLY F 137 56.48 33.11 0.17
CA GLY F 137 57.66 33.02 1.00
C GLY F 137 57.45 32.05 2.14
N ASN F 138 57.68 32.51 3.37
CA ASN F 138 57.46 31.69 4.55
C ASN F 138 56.20 32.11 5.30
N LYS F 139 55.38 32.96 4.68
CA LYS F 139 54.29 33.61 5.38
C LYS F 139 52.98 33.18 4.77
N LEU F 140 52.02 32.84 5.62
CA LEU F 140 50.68 32.52 5.14
C LEU F 140 49.94 33.80 4.78
N VAL F 141 49.61 33.96 3.51
CA VAL F 141 48.96 35.17 3.03
C VAL F 141 47.49 34.85 2.78
N GLU F 142 46.62 35.71 3.29
CA GLU F 142 45.18 35.54 3.21
C GLU F 142 44.62 36.54 2.21
N LYS F 143 43.86 36.05 1.24
CA LYS F 143 43.29 36.93 0.23
C LYS F 143 41.85 36.54 -0.04
N LEU F 144 41.00 37.55 -0.10
CA LEU F 144 39.59 37.40 -0.41
C LEU F 144 39.41 37.61 -1.90
N ILE F 145 39.01 36.56 -2.61
CA ILE F 145 38.94 36.60 -4.06
C ILE F 145 37.48 36.75 -4.48
N GLN F 146 37.30 37.20 -5.72
CA GLN F 146 35.99 37.45 -6.30
C GLN F 146 36.11 37.24 -7.80
N ILE F 147 35.67 36.07 -8.27
CA ILE F 147 35.79 35.71 -9.68
C ILE F 147 34.41 35.88 -10.31
N ASN F 148 34.22 37.01 -10.98
CA ASN F 148 32.92 37.40 -11.53
C ASN F 148 32.65 36.80 -12.90
N LYS F 149 33.59 36.04 -13.45
CA LYS F 149 33.37 35.36 -14.72
C LYS F 149 32.92 33.94 -14.46
N SER F 150 32.20 33.37 -15.41
CA SER F 150 31.60 32.08 -15.18
C SER F 150 32.63 30.97 -15.38
N VAL F 151 32.93 30.26 -14.30
CA VAL F 151 33.98 29.26 -14.31
C VAL F 151 33.44 27.91 -13.86
N LEU F 152 32.14 27.85 -13.58
CA LEU F 152 31.52 26.64 -13.07
C LEU F 152 30.11 26.55 -13.61
N PHE F 153 29.60 25.32 -13.68
CA PHE F 153 28.28 25.08 -14.22
C PHE F 153 27.77 23.78 -13.63
N LEU F 154 26.60 23.84 -13.01
CA LEU F 154 25.97 22.64 -12.47
C LEU F 154 24.90 22.21 -13.45
N PRO F 155 25.14 21.20 -14.29
CA PRO F 155 24.19 20.89 -15.35
C PRO F 155 23.06 20.00 -14.84
N SER F 156 21.89 20.19 -15.44
CA SER F 156 20.75 19.36 -15.11
C SER F 156 20.75 18.12 -16.00
N LEU F 157 19.80 17.23 -15.75
CA LEU F 157 19.63 16.09 -16.63
C LEU F 157 18.69 16.47 -17.77
N ALA F 158 18.98 15.96 -18.96
CA ALA F 158 18.11 16.17 -20.12
C ALA F 158 16.75 15.53 -19.88
N ILE F 159 15.73 16.09 -20.53
CA ILE F 159 14.37 15.65 -20.23
C ILE F 159 14.06 14.30 -20.87
N HIS F 160 14.82 13.88 -21.87
CA HIS F 160 14.46 12.71 -22.66
C HIS F 160 14.74 11.41 -21.94
N LEU F 161 15.55 11.43 -20.88
CA LEU F 161 16.07 10.19 -20.33
C LEU F 161 15.11 9.56 -19.34
N GLN F 162 14.38 10.37 -18.58
CA GLN F 162 13.37 9.88 -17.65
C GLN F 162 12.00 9.86 -18.34
N ASN F 163 10.95 9.65 -17.55
CA ASN F 163 9.60 9.80 -18.07
C ASN F 163 9.28 11.28 -18.16
N ARG F 164 8.33 11.65 -19.03
CA ARG F 164 8.15 13.05 -19.38
C ARG F 164 6.74 13.54 -19.04
N THR F 165 6.61 14.87 -19.06
CA THR F 165 5.38 15.67 -19.24
C THR F 165 4.30 15.46 -18.17
N ARG F 166 4.57 14.71 -17.10
CA ARG F 166 3.54 14.53 -16.09
C ARG F 166 4.09 14.82 -14.71
N TYR F 167 3.29 15.54 -13.90
CA TYR F 167 3.55 15.93 -12.50
C TYR F 167 4.97 16.44 -12.25
N ASP F 168 5.48 17.23 -13.21
CA ASP F 168 6.89 17.61 -13.32
C ASP F 168 7.84 16.42 -13.20
N PHE F 169 7.56 15.35 -13.97
CA PHE F 169 8.42 14.21 -14.31
C PHE F 169 9.23 13.58 -13.17
N SER F 170 8.75 13.73 -11.94
CA SER F 170 9.36 13.22 -10.71
C SER F 170 10.84 13.63 -10.59
N VAL F 171 11.07 14.94 -10.51
CA VAL F 171 12.42 15.43 -10.36
C VAL F 171 12.87 15.23 -8.91
N LYS F 172 14.03 14.61 -8.75
CA LYS F 172 14.62 14.38 -7.43
C LYS F 172 16.09 14.73 -7.55
N ILE F 173 16.53 15.74 -6.82
CA ILE F 173 17.93 16.13 -6.81
C ILE F 173 18.59 15.48 -5.61
N ASN F 174 19.35 14.43 -5.86
CA ASN F 174 20.18 13.81 -4.84
C ASN F 174 21.31 14.78 -4.52
N TYR F 175 21.45 15.11 -3.23
CA TYR F 175 22.31 16.23 -2.85
C TYR F 175 23.78 15.91 -3.01
N GLU F 176 24.16 14.65 -2.83
CA GLU F 176 25.54 14.27 -3.05
C GLU F 176 25.84 14.01 -4.52
N ASN F 177 25.07 13.13 -5.15
CA ASN F 177 25.37 12.65 -6.49
C ASN F 177 25.16 13.71 -7.55
N HIS F 178 24.02 14.39 -7.54
CA HIS F 178 23.64 15.23 -8.66
C HIS F 178 24.15 16.66 -8.52
N ILE F 179 24.58 17.07 -7.34
CA ILE F 179 25.10 18.41 -7.13
C ILE F 179 26.62 18.29 -7.11
N LYS F 180 27.21 18.42 -8.27
CA LYS F 180 28.65 18.39 -8.51
C LYS F 180 28.89 19.16 -9.80
N PRO F 181 29.25 20.45 -9.72
CA PRO F 181 29.39 21.25 -10.93
C PRO F 181 30.59 20.82 -11.76
N ILE F 182 30.43 20.87 -13.07
CA ILE F 182 31.54 20.60 -13.98
C ILE F 182 32.37 21.87 -14.08
N ILE F 183 33.68 21.69 -14.28
CA ILE F 183 34.58 22.84 -14.32
C ILE F 183 35.44 22.82 -15.58
N SER F 184 35.66 21.64 -16.15
CA SER F 184 36.52 21.46 -17.32
C SER F 184 36.34 20.04 -17.82
N THR F 185 36.99 19.75 -18.95
CA THR F 185 37.16 18.38 -19.39
C THR F 185 38.62 17.97 -19.22
N THR F 186 38.86 16.67 -19.29
CA THR F 186 40.23 16.17 -19.21
C THR F 186 40.99 16.42 -20.50
N LEU F 187 40.29 16.74 -21.59
CA LEU F 187 40.99 17.08 -22.82
C LEU F 187 41.67 18.43 -22.69
N PHE F 188 40.92 19.48 -22.33
CA PHE F 188 41.53 20.79 -22.24
C PHE F 188 42.26 21.02 -20.93
N ASN F 189 42.09 20.15 -19.93
CA ASN F 189 42.98 20.23 -18.79
C ASN F 189 44.37 19.77 -19.17
N GLN F 190 44.46 18.67 -19.93
CA GLN F 190 45.75 18.20 -20.39
C GLN F 190 46.27 19.05 -21.54
N LEU F 191 45.38 19.66 -22.32
CA LEU F 191 45.82 20.52 -23.41
C LEU F 191 46.39 21.83 -22.87
N ASN F 192 45.83 22.33 -21.77
CA ASN F 192 46.35 23.58 -21.22
C ASN F 192 47.40 23.33 -20.14
N LYS F 193 47.94 22.11 -20.07
CA LYS F 193 48.98 21.84 -19.08
C LYS F 193 50.36 21.80 -19.70
N CYS F 194 50.53 21.17 -20.87
CA CYS F 194 51.86 21.08 -21.46
C CYS F 194 52.31 22.40 -22.05
N LYS F 195 51.38 23.30 -22.33
CA LYS F 195 51.73 24.67 -22.64
C LYS F 195 51.40 25.57 -21.44
N ILE F 272 50.96 19.64 -6.49
CA ILE F 272 51.54 18.47 -5.85
C ILE F 272 50.42 17.61 -5.26
N ASN F 273 49.44 18.25 -4.64
CA ASN F 273 48.36 17.53 -3.98
C ASN F 273 47.38 16.98 -5.01
N THR F 274 46.92 15.74 -4.81
CA THR F 274 45.95 15.15 -5.71
C THR F 274 44.53 15.39 -5.26
N ASP F 275 44.35 16.14 -4.17
CA ASP F 275 43.01 16.32 -3.60
C ASP F 275 42.34 17.56 -4.16
N ASN F 276 43.12 18.57 -4.53
CA ASN F 276 42.56 19.79 -5.10
C ASN F 276 42.50 19.68 -6.61
N SER F 277 41.48 20.30 -7.20
CA SER F 277 41.30 20.25 -8.65
C SER F 277 42.30 21.17 -9.33
N TYR F 278 43.06 20.62 -10.28
CA TYR F 278 43.97 21.46 -11.05
C TYR F 278 43.26 22.47 -11.97
N PRO F 279 42.08 22.20 -12.54
CA PRO F 279 41.32 23.32 -13.13
C PRO F 279 40.96 24.39 -12.12
N LEU F 280 40.65 24.02 -10.88
CA LEU F 280 40.40 25.03 -9.87
C LEU F 280 41.70 25.70 -9.43
N LEU F 281 42.77 24.93 -9.27
CA LEU F 281 44.03 25.50 -8.80
C LEU F 281 44.68 26.38 -9.84
N TYR F 282 44.46 26.10 -11.14
CA TYR F 282 44.90 27.02 -12.18
C TYR F 282 44.12 28.32 -12.12
N LEU F 283 42.86 28.26 -11.70
CA LEU F 283 42.00 29.43 -11.71
C LEU F 283 42.33 30.39 -10.58
N LEU F 284 42.54 29.86 -9.38
CA LEU F 284 42.85 30.72 -8.24
C LEU F 284 44.27 31.27 -8.34
N SER F 285 45.20 30.50 -8.89
CA SER F 285 46.55 31.00 -9.10
C SER F 285 46.60 32.10 -10.14
N LYS F 286 45.67 32.08 -11.10
CA LYS F 286 45.56 33.16 -12.07
C LYS F 286 45.05 34.43 -11.42
N GLU F 287 44.22 34.30 -10.38
CA GLU F 287 43.69 35.47 -9.70
C GLU F 287 44.68 36.00 -8.67
N LEU F 288 45.42 35.11 -8.01
CA LEU F 288 46.33 35.53 -6.96
C LEU F 288 47.74 35.83 -7.46
N ASN F 289 48.03 35.50 -8.73
CA ASN F 289 49.34 35.68 -9.37
C ASN F 289 50.43 34.98 -8.56
N CYS F 290 50.30 33.66 -8.47
CA CYS F 290 51.30 32.81 -7.83
C CYS F 290 51.22 31.44 -8.48
N LYS F 291 52.00 30.51 -7.96
CA LYS F 291 51.91 29.15 -8.45
C LYS F 291 50.69 28.46 -7.85
N GLU F 292 50.23 27.42 -8.55
CA GLU F 292 49.14 26.60 -8.04
C GLU F 292 49.57 25.78 -6.84
N GLU F 293 50.86 25.50 -6.71
CA GLU F 293 51.38 24.75 -5.58
C GLU F 293 51.44 25.58 -4.31
N ASP F 294 51.30 26.90 -4.43
CA ASP F 294 51.26 27.74 -3.24
C ASP F 294 49.87 27.81 -2.63
N ILE F 295 48.83 27.41 -3.37
CA ILE F 295 47.48 27.43 -2.83
C ILE F 295 47.30 26.27 -1.87
N LEU F 296 47.06 26.58 -0.60
CA LEU F 296 47.00 25.57 0.44
C LEU F 296 45.59 25.02 0.64
N ASP F 297 44.65 25.87 1.04
CA ASP F 297 43.26 25.50 1.22
C ASP F 297 42.45 26.78 1.25
N PHE F 298 41.14 26.64 1.01
CA PHE F 298 40.32 27.82 0.79
C PHE F 298 38.89 27.52 1.21
N GLU F 299 38.19 28.58 1.61
CA GLU F 299 36.76 28.53 1.86
C GLU F 299 36.07 29.33 0.78
N LEU F 300 35.69 28.66 -0.30
CA LEU F 300 35.11 29.31 -1.45
C LEU F 300 33.64 28.98 -1.57
N CYS F 301 32.85 29.97 -1.96
CA CYS F 301 31.42 29.81 -2.15
C CYS F 301 31.10 30.06 -3.61
N LEU F 302 30.28 29.19 -4.18
CA LEU F 302 29.83 29.37 -5.55
C LEU F 302 28.77 30.47 -5.57
N MET F 303 28.89 31.39 -6.51
CA MET F 303 27.91 32.45 -6.66
C MET F 303 27.47 32.50 -8.11
N ASP F 304 26.34 33.15 -8.36
CA ASP F 304 25.88 33.32 -9.73
C ASP F 304 26.48 34.58 -10.33
N THR F 305 27.11 34.43 -11.49
CA THR F 305 27.83 35.54 -12.12
C THR F 305 26.91 36.60 -12.71
N GLN F 306 25.62 36.33 -12.82
CA GLN F 306 24.70 37.33 -13.35
C GLN F 306 24.53 38.46 -12.36
N GLU F 307 24.75 39.69 -12.83
CA GLU F 307 24.66 40.85 -11.97
C GLU F 307 23.21 41.09 -11.56
N PRO F 308 22.97 41.57 -10.34
CA PRO F 308 21.61 41.97 -9.96
C PRO F 308 21.13 43.15 -10.79
N CYS F 309 19.80 43.23 -10.94
CA CYS F 309 19.22 44.23 -11.82
C CYS F 309 17.81 44.55 -11.39
N PHE F 310 17.39 45.78 -11.71
CA PHE F 310 16.00 46.19 -11.56
C PHE F 310 15.13 45.48 -12.60
N THR F 311 14.06 44.86 -12.12
CA THR F 311 13.18 44.11 -13.02
C THR F 311 11.73 44.56 -12.86
N GLY F 312 10.86 43.87 -13.58
CA GLY F 312 9.52 44.34 -13.82
C GLY F 312 9.47 45.24 -15.04
N VAL F 313 8.25 45.56 -15.47
CA VAL F 313 8.09 46.50 -16.58
C VAL F 313 8.49 47.90 -16.14
N TYR F 314 8.10 48.28 -14.94
CA TYR F 314 8.34 49.63 -14.44
C TYR F 314 9.65 49.74 -13.68
N GLU F 315 10.55 48.76 -13.84
CA GLU F 315 11.82 48.65 -13.10
C GLU F 315 11.58 48.74 -11.59
N GLU F 316 10.64 47.92 -11.13
CA GLU F 316 10.06 48.10 -9.82
C GLU F 316 10.47 47.04 -8.81
N PHE F 317 11.16 46.01 -9.25
CA PHE F 317 11.66 44.98 -8.35
C PHE F 317 13.17 45.02 -8.32
N ILE F 318 13.74 44.24 -7.41
CA ILE F 318 15.18 43.99 -7.40
C ILE F 318 15.38 42.49 -7.25
N GLU F 319 16.41 41.97 -7.90
CA GLU F 319 16.79 40.57 -7.79
C GLU F 319 18.21 40.44 -8.29
N GLY F 320 19.10 39.86 -7.50
CA GLY F 320 20.13 39.13 -8.20
C GLY F 320 20.59 37.81 -7.65
N ALA F 321 20.81 37.78 -6.35
CA ALA F 321 21.43 36.69 -5.62
C ALA F 321 21.51 37.13 -4.17
N ARG F 322 21.52 36.15 -3.28
CA ARG F 322 21.94 36.28 -1.89
C ARG F 322 21.12 37.30 -1.11
N PHE F 323 19.92 37.61 -1.59
CA PHE F 323 19.09 38.63 -0.96
C PHE F 323 18.54 38.20 0.39
N ASP F 324 18.76 36.94 0.80
CA ASP F 324 18.46 36.53 2.17
C ASP F 324 19.48 37.21 3.07
N ASN F 325 19.09 38.41 3.50
CA ASN F 325 19.75 39.27 4.48
C ASN F 325 21.14 39.73 4.06
N LEU F 326 21.48 39.68 2.79
CA LEU F 326 22.58 40.53 2.37
C LEU F 326 22.03 41.83 1.81
N LEU F 327 20.81 41.79 1.27
CA LEU F 327 20.04 42.99 1.07
C LEU F 327 19.53 43.52 2.41
N GLY F 328 19.10 42.62 3.29
CA GLY F 328 18.55 43.04 4.56
C GLY F 328 19.58 43.62 5.51
N SER F 329 20.79 43.05 5.53
CA SER F 329 21.83 43.61 6.39
C SER F 329 22.51 44.80 5.74
N PHE F 330 22.32 45.01 4.44
CA PHE F 330 22.67 46.30 3.87
C PHE F 330 21.83 47.40 4.50
N CYS F 331 20.51 47.19 4.60
CA CYS F 331 19.62 48.15 5.25
C CYS F 331 19.89 48.28 6.75
N VAL F 332 20.48 47.25 7.35
CA VAL F 332 20.92 47.37 8.73
C VAL F 332 22.07 48.37 8.83
N PHE F 333 23.04 48.27 7.92
CA PHE F 333 24.18 49.15 7.99
C PHE F 333 23.93 50.48 7.27
N GLU F 334 23.08 50.48 6.24
CA GLU F 334 22.72 51.76 5.63
C GLU F 334 21.83 52.57 6.56
N GLY F 335 20.98 51.89 7.33
CA GLY F 335 20.25 52.57 8.38
C GLY F 335 21.14 53.00 9.53
N PHE F 336 22.26 52.30 9.72
CA PHE F 336 23.20 52.66 10.77
C PHE F 336 24.10 53.81 10.33
N ILE F 337 24.47 53.84 9.06
CA ILE F 337 25.31 54.91 8.52
C ILE F 337 24.56 56.24 8.53
N GLU F 338 23.28 56.20 8.18
CA GLU F 338 22.46 57.42 8.17
C GLU F 338 22.19 57.93 9.58
N LEU F 339 22.21 57.04 10.57
CA LEU F 339 22.14 57.46 11.96
C LEU F 339 23.37 58.24 12.38
N VAL F 340 24.56 57.65 12.15
CA VAL F 340 25.81 58.26 12.57
C VAL F 340 26.04 59.57 11.83
N ASN F 341 25.64 59.63 10.57
CA ASN F 341 25.71 60.88 9.83
C ASN F 341 24.69 61.90 10.35
N SER F 342 23.60 61.43 10.95
CA SER F 342 22.67 62.37 11.58
C SER F 342 23.17 62.82 12.94
N ILE F 343 24.04 62.03 13.57
CA ILE F 343 24.62 62.42 14.84
C ILE F 343 25.77 63.40 14.63
N LYS F 344 26.62 63.12 13.65
CA LYS F 344 27.79 63.98 13.44
C LYS F 344 27.42 65.29 12.76
N ASN F 345 26.47 65.26 11.82
CA ASN F 345 26.06 66.49 11.17
C ASN F 345 24.96 67.19 11.96
N HIS F 346 24.78 68.48 11.64
CA HIS F 346 23.85 69.40 12.30
C HIS F 346 24.09 69.49 13.82
N THR F 347 25.35 69.39 14.22
CA THR F 347 25.74 69.64 15.61
C THR F 347 26.96 70.56 15.66
N ASN F 363 17.27 66.15 20.97
CA ASN F 363 18.65 66.27 20.52
C ASN F 363 19.62 65.81 21.60
N ASP F 364 19.10 65.67 22.83
CA ASP F 364 19.95 65.23 23.93
C ASP F 364 19.97 63.71 24.05
N ASN F 365 18.92 63.04 23.59
CA ASN F 365 18.83 61.60 23.78
C ASN F 365 19.42 60.84 22.60
N ILE F 366 19.77 61.54 21.52
CA ILE F 366 20.44 60.89 20.41
C ILE F 366 21.89 60.58 20.74
N HIS F 367 22.51 61.35 21.64
CA HIS F 367 23.88 61.11 22.06
C HIS F 367 23.96 60.25 23.31
N ASN F 368 22.90 59.52 23.63
CA ASN F 368 22.71 58.93 24.94
C ASN F 368 22.80 57.42 24.88
N ASN F 369 23.06 56.87 23.69
CA ASN F 369 22.92 55.44 23.48
C ASN F 369 24.17 54.87 22.84
N LEU F 370 24.27 53.54 22.92
CA LEU F 370 25.28 52.77 22.21
C LEU F 370 24.59 52.06 21.06
N TYR F 371 24.80 52.55 19.85
CA TYR F 371 24.15 52.00 18.67
C TYR F 371 25.08 50.98 18.04
N ILE F 372 24.74 49.70 18.17
CA ILE F 372 25.55 48.63 17.62
C ILE F 372 24.84 48.09 16.38
N SER F 373 25.62 47.75 15.36
CA SER F 373 25.09 47.16 14.14
C SER F 373 25.99 46.01 13.76
N ILE F 374 25.50 44.78 13.95
CA ILE F 374 26.33 43.61 13.80
C ILE F 374 25.77 42.71 12.70
N GLY F 375 26.67 42.29 11.81
CA GLY F 375 26.34 41.34 10.77
C GLY F 375 26.88 39.97 11.07
N TYR F 376 26.01 39.04 11.43
CA TYR F 376 26.40 37.73 11.90
C TYR F 376 26.76 36.81 10.75
N ASP F 377 27.33 35.67 11.10
CA ASP F 377 27.62 34.62 10.15
C ASP F 377 26.89 33.36 10.58
N HIS F 378 26.83 32.40 9.66
CA HIS F 378 26.42 31.03 9.93
C HIS F 378 24.98 30.91 10.41
N GLU F 379 24.11 31.84 9.98
CA GLU F 379 22.70 31.77 10.33
C GLU F 379 22.01 30.58 9.69
N GLU F 380 22.36 30.26 8.44
CA GLU F 380 21.65 29.25 7.68
C GLU F 380 21.81 27.84 8.24
N ILE F 381 22.80 27.64 9.10
CA ILE F 381 23.09 26.34 9.68
C ILE F 381 22.79 26.31 11.18
N GLY F 382 22.29 27.40 11.73
CA GLY F 382 21.83 27.41 13.10
C GLY F 382 22.63 28.25 14.08
N SER F 383 23.57 29.08 13.59
CA SER F 383 24.31 30.08 14.36
C SER F 383 25.20 29.50 15.45
N LEU F 384 25.40 28.19 15.46
CA LEU F 384 26.27 27.55 16.44
C LEU F 384 27.69 27.60 15.88
N SER F 385 28.36 28.73 16.11
CA SER F 385 29.71 28.94 15.58
C SER F 385 30.41 29.98 16.43
N GLU F 386 31.69 30.21 16.13
CA GLU F 386 32.45 31.21 16.86
C GLU F 386 32.12 32.63 16.39
N VAL F 387 31.52 32.75 15.21
CA VAL F 387 31.12 34.04 14.66
C VAL F 387 29.60 34.09 14.45
N GLY F 388 28.89 33.09 14.94
CA GLY F 388 27.45 33.05 14.80
C GLY F 388 26.75 33.88 15.85
N ALA F 389 25.43 33.76 15.86
CA ALA F 389 24.63 34.50 16.82
C ALA F 389 24.67 33.86 18.20
N ARG F 390 24.85 32.55 18.26
CA ARG F 390 24.97 31.86 19.53
C ARG F 390 26.36 31.98 20.15
N SER F 391 27.26 32.68 19.47
CA SER F 391 28.60 32.90 19.98
C SER F 391 28.59 33.85 21.17
N TYR F 392 29.70 33.85 21.90
CA TYR F 392 29.96 34.84 22.93
C TYR F 392 30.58 36.11 22.35
N CYS F 393 30.66 36.23 21.02
CA CYS F 393 31.37 37.35 20.42
C CYS F 393 30.69 38.68 20.69
N THR F 394 29.36 38.73 20.51
CA THR F 394 28.64 39.98 20.72
C THR F 394 28.54 40.33 22.19
N LYS F 395 28.37 39.32 23.04
CA LYS F 395 28.27 39.57 24.47
C LYS F 395 29.60 40.03 25.04
N ASN F 396 30.71 39.54 24.49
CA ASN F 396 31.99 40.04 24.93
C ASN F 396 32.30 41.39 24.32
N PHE F 397 31.72 41.71 23.15
CA PHE F 397 31.95 43.02 22.55
C PHE F 397 31.33 44.13 23.39
N ILE F 398 30.11 43.92 23.88
CA ILE F 398 29.46 44.91 24.71
C ILE F 398 30.15 45.03 26.06
N ASP F 399 30.62 43.91 26.60
CA ASP F 399 31.36 43.95 27.86
C ASP F 399 32.76 44.48 27.67
N ARG F 400 33.23 44.62 26.44
CA ARG F 400 34.48 45.33 26.17
C ARG F 400 34.23 46.81 25.91
N ILE F 401 33.06 47.15 25.36
CA ILE F 401 32.73 48.56 25.16
C ILE F 401 32.43 49.22 26.50
N ILE F 402 31.67 48.54 27.35
CA ILE F 402 31.33 49.04 28.68
C ILE F 402 32.59 49.17 29.55
N SER F 403 33.51 48.23 29.41
CA SER F 403 34.74 48.28 30.20
C SER F 403 35.69 49.37 29.71
N SER F 404 35.65 49.70 28.42
CA SER F 404 36.61 50.66 27.89
C SER F 404 36.06 52.08 27.95
N VAL F 405 34.76 52.24 27.75
CA VAL F 405 34.14 53.55 27.87
C VAL F 405 34.08 53.98 29.33
N PHE F 406 33.54 53.12 30.18
CA PHE F 406 33.48 53.39 31.61
C PHE F 406 34.66 52.77 32.33
N LYS F 407 35.85 53.07 31.81
CA LYS F 407 37.07 52.57 32.43
C LYS F 407 37.34 53.32 33.74
N LYS F 408 36.98 54.59 33.78
CA LYS F 408 37.35 55.41 34.93
C LYS F 408 36.30 55.33 36.03
N GLU F 409 35.06 55.02 35.70
CA GLU F 409 34.05 55.03 36.76
C GLU F 409 33.87 53.66 37.42
N ILE F 410 34.50 52.61 36.92
CA ILE F 410 34.52 51.33 37.62
C ILE F 410 35.32 51.46 38.92
N HIS F 411 36.46 52.14 38.87
CA HIS F 411 37.44 52.15 39.95
C HIS F 411 36.98 52.92 41.18
N GLU F 412 36.27 54.03 41.02
CA GLU F 412 36.16 54.99 42.12
C GLU F 412 34.72 55.12 42.62
N LYS F 413 33.75 54.55 41.92
CA LYS F 413 32.45 54.31 42.57
C LYS F 413 32.07 52.84 42.56
N ASN F 414 33.04 51.95 42.29
CA ASN F 414 33.00 50.53 42.64
C ASN F 414 31.89 49.77 41.93
N LEU F 415 31.60 50.21 40.70
CA LEU F 415 30.66 49.50 39.85
C LEU F 415 31.34 48.30 39.22
N SER F 416 30.52 47.39 38.69
CA SER F 416 31.00 46.23 37.96
C SER F 416 30.48 46.29 36.54
N VAL F 417 31.02 45.41 35.69
CA VAL F 417 30.56 45.35 34.30
C VAL F 417 29.14 44.80 34.24
N GLN F 418 28.87 43.73 34.97
CA GLN F 418 27.55 43.11 34.94
C GLN F 418 26.50 43.96 35.63
N GLU F 419 26.91 44.78 36.60
CA GLU F 419 26.01 45.81 37.14
C GLU F 419 25.68 46.86 36.09
N ILE F 420 26.67 47.30 35.32
CA ILE F 420 26.43 48.33 34.33
C ILE F 420 25.75 47.75 33.10
N TYR F 421 26.09 46.51 32.74
CA TYR F 421 25.46 45.88 31.59
C TYR F 421 24.01 45.55 31.86
N GLY F 422 23.70 45.03 33.04
CA GLY F 422 22.31 44.78 33.39
C GLY F 422 21.52 46.04 33.65
N ASN F 423 22.20 47.16 33.88
CA ASN F 423 21.52 48.44 33.99
C ASN F 423 21.03 48.92 32.64
N LEU F 424 21.85 48.73 31.60
CA LEU F 424 21.50 49.16 30.25
C LEU F 424 20.62 48.18 29.52
N VAL F 425 20.46 46.96 30.04
CA VAL F 425 19.66 45.93 29.38
C VAL F 425 18.16 46.23 29.50
N ASN F 426 17.76 46.95 30.55
CA ASN F 426 16.36 47.32 30.71
C ASN F 426 15.91 48.33 29.66
N ARG F 427 16.83 49.13 29.14
CA ARG F 427 16.52 50.14 28.14
C ARG F 427 16.98 49.70 26.76
N SER F 428 17.47 48.47 26.66
CA SER F 428 18.07 47.96 25.44
C SER F 428 17.01 47.39 24.51
N PHE F 429 17.42 47.14 23.27
CA PHE F 429 16.55 46.53 22.27
C PHE F 429 17.39 45.87 21.20
N ILE F 430 16.79 44.89 20.55
CA ILE F 430 17.40 44.17 19.43
C ILE F 430 16.46 44.28 18.24
N LEU F 431 16.97 44.77 17.12
CA LEU F 431 16.20 44.86 15.88
C LEU F 431 16.77 43.83 14.92
N ASN F 432 16.21 42.63 14.93
CA ASN F 432 16.69 41.60 14.03
C ASN F 432 16.03 41.77 12.68
N VAL F 433 16.85 41.86 11.65
CA VAL F 433 16.38 42.07 10.29
C VAL F 433 16.74 40.84 9.48
N ASP F 434 15.73 40.16 8.96
CA ASP F 434 15.89 39.04 8.05
C ASP F 434 14.67 39.01 7.17
N MET F 435 14.84 38.54 5.94
CA MET F 435 13.80 38.62 4.93
C MET F 435 12.60 37.74 5.28
N ALA F 436 11.46 38.10 4.71
CA ALA F 436 10.20 37.46 5.02
C ALA F 436 9.51 37.04 3.73
N HIS F 437 8.53 36.15 3.88
CA HIS F 437 7.88 35.52 2.74
C HIS F 437 6.75 36.39 2.24
N CYS F 438 6.93 36.99 1.06
CA CYS F 438 5.84 37.68 0.41
C CYS F 438 4.75 36.67 0.01
N SER F 439 3.53 37.18 -0.13
CA SER F 439 2.43 36.31 -0.53
C SER F 439 2.61 35.86 -1.96
N HIS F 440 2.91 34.58 -2.14
CA HIS F 440 3.14 34.03 -3.45
C HIS F 440 1.81 33.90 -4.17
N PRO F 441 1.67 34.44 -5.37
CA PRO F 441 0.39 34.29 -6.08
C PRO F 441 0.15 32.90 -6.61
N ASN F 442 1.22 32.15 -6.86
CA ASN F 442 1.06 30.82 -7.44
C ASN F 442 0.89 29.75 -6.36
N TYR F 443 1.04 30.12 -5.09
CA TYR F 443 0.91 29.20 -3.97
C TYR F 443 0.03 29.84 -2.91
N PRO F 444 -1.29 29.88 -3.10
CA PRO F 444 -2.17 30.49 -2.10
C PRO F 444 -2.46 29.61 -0.90
N GLU F 445 -2.00 28.36 -0.89
CA GLU F 445 -2.25 27.46 0.22
C GLU F 445 -1.17 27.51 1.29
N THR F 446 -0.08 28.23 1.05
CA THR F 446 1.00 28.33 2.02
C THR F 446 1.00 29.68 2.73
N VAL F 447 -0.04 30.48 2.60
CA VAL F 447 -0.09 31.80 3.18
C VAL F 447 -1.18 31.85 4.23
N GLN F 448 -0.95 32.63 5.28
CA GLN F 448 -2.00 32.95 6.22
C GLN F 448 -3.03 33.84 5.55
N ASP F 449 -4.26 33.82 6.03
CA ASP F 449 -5.29 34.63 5.38
C ASP F 449 -5.16 36.09 5.80
N ASN F 450 -4.98 36.35 7.09
CA ASN F 450 -4.93 37.73 7.58
C ASN F 450 -3.54 38.32 7.56
N HIS F 451 -2.52 37.53 7.87
CA HIS F 451 -1.14 38.00 7.92
C HIS F 451 -0.50 37.71 6.58
N GLN F 452 -0.73 38.59 5.62
CA GLN F 452 -0.16 38.46 4.29
C GLN F 452 0.84 39.58 4.09
N LEU F 453 1.83 39.32 3.23
CA LEU F 453 2.83 40.30 2.88
C LEU F 453 2.78 40.56 1.39
N PHE F 454 2.71 41.82 1.00
CA PHE F 454 2.74 42.17 -0.40
C PHE F 454 3.90 43.12 -0.66
N PHE F 455 4.29 43.21 -1.92
CA PHE F 455 5.39 44.07 -2.31
C PHE F 455 4.98 45.53 -2.20
N HIS F 456 5.96 46.37 -1.85
CA HIS F 456 5.83 47.81 -1.63
C HIS F 456 4.78 48.16 -0.58
N GLU F 457 4.46 47.25 0.33
CA GLU F 457 3.40 47.49 1.29
C GLU F 457 3.96 47.84 2.66
N GLY F 458 5.24 47.58 2.87
CA GLY F 458 5.90 48.03 4.08
C GLY F 458 6.82 46.94 4.61
N ILE F 459 7.41 47.25 5.77
CA ILE F 459 8.23 46.28 6.47
C ILE F 459 7.36 45.16 7.01
N ALA F 460 7.83 43.94 6.91
CA ALA F 460 7.19 42.87 7.65
C ALA F 460 7.55 43.02 9.12
N ILE F 461 6.62 42.66 9.99
CA ILE F 461 6.90 42.52 11.42
C ILE F 461 6.54 41.07 11.74
N LYS F 462 7.55 40.22 11.79
CA LYS F 462 7.32 38.79 11.80
C LYS F 462 7.01 38.29 13.19
N TYR F 463 5.80 37.78 13.38
CA TYR F 463 5.40 37.17 14.63
C TYR F 463 5.45 35.66 14.48
N ASN F 464 5.49 34.96 15.60
CA ASN F 464 5.47 33.51 15.54
C ASN F 464 4.78 32.91 16.76
N THR F 465 4.27 31.70 16.57
CA THR F 465 3.75 30.90 17.68
C THR F 465 4.84 30.53 18.66
N ASN F 466 5.90 29.89 18.17
CA ASN F 466 6.92 29.25 19.00
C ASN F 466 8.10 30.16 19.27
N LYS F 467 7.95 31.47 19.04
CA LYS F 467 9.02 32.47 19.12
C LYS F 467 10.25 32.09 18.31
N ASN F 468 10.04 31.53 17.12
CA ASN F 468 11.12 31.48 16.14
C ASN F 468 11.52 32.88 15.71
N TYR F 469 10.55 33.79 15.67
CA TYR F 469 10.80 35.21 15.61
C TYR F 469 10.56 35.80 17.00
N VAL F 470 11.44 36.71 17.42
CA VAL F 470 11.43 37.18 18.81
C VAL F 470 10.44 38.31 19.03
N THR F 471 9.59 38.61 18.05
CA THR F 471 8.63 39.70 18.19
C THR F 471 7.56 39.41 19.22
N SER F 472 7.54 40.24 20.26
CA SER F 472 6.47 40.27 21.23
C SER F 472 5.55 41.44 20.91
N PRO F 473 4.25 41.31 21.16
CA PRO F 473 3.32 42.40 20.82
C PRO F 473 3.50 43.67 21.63
N LEU F 474 4.19 43.63 22.77
CA LEU F 474 4.61 44.87 23.41
C LEU F 474 5.72 45.52 22.62
N HIS F 475 6.73 44.73 22.25
CA HIS F 475 7.95 45.30 21.74
C HIS F 475 7.86 45.66 20.27
N ALA F 476 6.82 45.19 19.58
CA ALA F 476 6.52 45.73 18.27
C ALA F 476 5.69 47.00 18.38
N SER F 477 5.00 47.19 19.50
CA SER F 477 4.22 48.41 19.69
C SER F 477 5.12 49.61 19.94
N LEU F 478 6.30 49.37 20.50
CA LEU F 478 7.26 50.46 20.66
C LEU F 478 7.87 50.84 19.32
N ILE F 479 8.10 49.85 18.46
CA ILE F 479 8.76 50.10 17.18
C ILE F 479 7.80 50.76 16.21
N LYS F 480 6.51 50.40 16.28
CA LYS F 480 5.51 51.09 15.46
C LYS F 480 5.32 52.54 15.91
N ARG F 481 5.67 52.86 17.15
CA ARG F 481 5.63 54.25 17.59
C ARG F 481 6.91 54.98 17.22
N THR F 482 8.01 54.26 16.98
CA THR F 482 9.17 54.90 16.38
C THR F 482 8.92 55.20 14.92
N PHE F 483 8.06 54.43 14.27
CA PHE F 483 7.70 54.72 12.89
C PHE F 483 6.75 55.90 12.81
N GLU F 484 5.99 56.15 13.89
CA GLU F 484 5.10 57.30 13.91
C GLU F 484 5.83 58.57 14.29
N LEU F 485 6.89 58.45 15.10
CA LEU F 485 7.72 59.61 15.39
C LEU F 485 8.58 59.98 14.19
N TYR F 486 8.84 59.03 13.30
CA TYR F 486 9.48 59.35 12.03
C TYR F 486 8.54 60.13 11.13
N TYR F 487 7.25 59.82 11.17
CA TYR F 487 6.29 60.50 10.31
C TYR F 487 6.04 61.93 10.77
N ASN F 488 6.22 62.20 12.06
CA ASN F 488 5.97 63.54 12.56
C ASN F 488 7.12 64.48 12.26
N LYS F 489 8.32 63.95 12.03
CA LYS F 489 9.50 64.79 11.80
C LYS F 489 9.85 64.88 10.33
N TYR F 490 9.82 63.77 9.61
CA TYR F 490 10.28 63.73 8.23
C TYR F 490 9.15 63.74 7.22
N LYS F 491 7.90 63.61 7.69
CA LYS F 491 6.68 63.64 6.86
C LYS F 491 6.71 62.56 5.78
N GLN F 492 7.33 61.43 6.09
CA GLN F 492 7.43 60.30 5.18
C GLN F 492 7.01 59.06 5.96
N GLN F 493 5.92 58.44 5.55
CA GLN F 493 5.35 57.34 6.30
C GLN F 493 6.17 56.08 6.11
N ILE F 494 6.52 55.43 7.21
CA ILE F 494 7.13 54.11 7.21
C ILE F 494 6.00 53.10 7.34
N LYS F 495 5.67 52.44 6.25
CA LYS F 495 4.60 51.46 6.25
C LYS F 495 5.10 50.16 6.84
N TYR F 496 4.18 49.42 7.47
CA TYR F 496 4.49 48.14 8.07
C TYR F 496 3.32 47.20 7.86
N GLN F 497 3.58 45.92 8.05
CA GLN F 497 2.56 44.90 7.92
C GLN F 497 2.96 43.70 8.74
N ASN F 498 2.02 43.16 9.51
CA ASN F 498 2.34 42.06 10.39
C ASN F 498 2.38 40.74 9.60
N PHE F 499 3.40 39.95 9.87
CA PHE F 499 3.57 38.67 9.19
C PHE F 499 3.56 37.55 10.22
N MET F 500 2.81 36.51 9.90
CA MET F 500 2.69 35.34 10.74
C MET F 500 2.45 34.12 9.86
N VAL F 501 3.23 33.08 10.09
CA VAL F 501 3.09 31.83 9.34
C VAL F 501 1.88 31.11 9.90
N LYS F 502 1.34 30.16 9.12
CA LYS F 502 0.20 29.38 9.55
C LYS F 502 0.55 28.52 10.76
N ASN F 503 -0.48 28.14 11.52
CA ASN F 503 -0.25 27.38 12.73
C ASN F 503 0.20 25.95 12.45
N ASP F 504 -0.28 25.36 11.36
CA ASP F 504 0.10 23.99 11.04
C ASP F 504 1.46 23.92 10.37
N THR F 505 1.78 24.90 9.52
CA THR F 505 3.08 24.84 8.85
C THR F 505 4.18 25.33 9.79
N PRO F 506 5.35 24.69 9.76
CA PRO F 506 6.49 25.23 10.51
C PRO F 506 7.23 26.28 9.68
N CYS F 507 7.99 27.11 10.37
CA CYS F 507 8.80 28.13 9.73
C CYS F 507 10.21 28.09 10.31
N GLY F 508 11.17 28.59 9.53
CA GLY F 508 12.55 28.58 9.98
C GLY F 508 12.81 29.65 11.02
N SER F 509 13.56 29.27 12.05
CA SER F 509 13.92 30.20 13.09
C SER F 509 14.99 31.16 12.59
N THR F 510 15.06 32.33 13.22
CA THR F 510 16.04 33.35 12.90
C THR F 510 16.92 33.59 14.11
N VAL F 511 17.80 34.60 13.99
CA VAL F 511 18.71 34.94 15.07
C VAL F 511 18.12 35.97 16.00
N GLY F 512 16.80 36.20 15.93
CA GLY F 512 16.18 37.13 16.84
C GLY F 512 16.21 36.64 18.27
N SER F 513 15.70 35.43 18.49
CA SER F 513 15.66 34.89 19.84
C SER F 513 17.01 34.32 20.27
N MET F 514 17.92 34.09 19.33
CA MET F 514 19.25 33.62 19.70
C MET F 514 20.05 34.71 20.39
N VAL F 515 20.04 35.93 19.83
CA VAL F 515 20.80 37.01 20.44
C VAL F 515 20.03 37.60 21.61
N ALA F 516 18.70 37.53 21.58
CA ALA F 516 17.91 38.02 22.71
C ALA F 516 18.07 37.14 23.93
N ALA F 517 18.45 35.88 23.75
CA ALA F 517 18.78 35.05 24.90
C ALA F 517 20.22 35.29 25.34
N ASN F 518 21.13 35.51 24.40
CA ASN F 518 22.53 35.70 24.75
C ASN F 518 22.76 37.03 25.43
N LEU F 519 21.99 38.05 25.05
CA LEU F 519 22.19 39.39 25.57
C LEU F 519 21.13 39.81 26.58
N SER F 520 20.07 39.02 26.74
CA SER F 520 18.95 39.28 27.66
C SER F 520 18.24 40.59 27.35
N MET F 521 18.23 40.97 26.07
CA MET F 521 17.59 42.19 25.60
C MET F 521 16.29 41.86 24.90
N PRO F 522 15.26 42.69 25.04
CA PRO F 522 14.04 42.47 24.26
C PRO F 522 14.28 42.72 22.79
N GLY F 523 13.42 42.12 21.97
CA GLY F 523 13.69 42.11 20.55
C GLY F 523 12.44 42.16 19.69
N ILE F 524 12.69 42.26 18.38
CA ILE F 524 11.68 42.23 17.35
C ILE F 524 12.34 41.60 16.12
N ASP F 525 11.52 41.00 15.26
CA ASP F 525 11.99 40.47 13.99
C ASP F 525 11.27 41.18 12.85
N ILE F 526 11.95 42.12 12.21
CA ILE F 526 11.39 42.76 11.04
C ILE F 526 12.13 42.29 9.82
N GLY F 527 11.66 42.73 8.66
CA GLY F 527 12.28 42.36 7.40
C GLY F 527 11.38 42.79 6.28
N ILE F 528 11.85 42.54 5.06
CA ILE F 528 11.08 42.99 3.91
C ILE F 528 10.58 41.77 3.14
N PRO F 529 9.39 41.81 2.57
CA PRO F 529 8.86 40.64 1.87
C PRO F 529 9.61 40.39 0.57
N GLN F 530 9.99 39.13 0.37
CA GLN F 530 10.62 38.73 -0.87
C GLN F 530 10.05 37.38 -1.28
N LEU F 531 10.10 37.11 -2.58
CA LEU F 531 9.70 35.81 -3.09
C LEU F 531 10.94 34.98 -3.41
N ALA F 532 10.76 33.66 -3.35
CA ALA F 532 11.79 32.65 -3.60
C ALA F 532 13.00 32.84 -2.69
N MET F 533 12.72 32.93 -1.39
CA MET F 533 13.77 33.01 -0.38
C MET F 533 14.56 31.72 -0.36
N HIS F 534 15.86 31.84 -0.04
CA HIS F 534 16.87 30.77 -0.06
C HIS F 534 17.05 30.17 -1.44
N SER F 535 16.84 30.96 -2.49
CA SER F 535 17.15 30.53 -3.84
C SER F 535 18.27 31.37 -4.41
N ILE F 536 18.71 31.01 -5.61
CA ILE F 536 19.85 31.69 -6.21
C ILE F 536 19.42 33.03 -6.80
N ARG F 537 18.15 33.18 -7.14
CA ARG F 537 17.60 34.48 -7.50
C ARG F 537 16.36 34.74 -6.67
N GLU F 538 16.38 35.84 -5.92
CA GLU F 538 15.30 36.21 -5.02
C GLU F 538 14.83 37.61 -5.37
N ILE F 539 13.53 37.75 -5.63
CA ILE F 539 12.97 39.02 -6.07
C ILE F 539 12.42 39.76 -4.86
N ALA F 540 12.58 41.08 -4.84
CA ALA F 540 12.13 41.92 -3.74
C ALA F 540 11.73 43.27 -4.30
N ALA F 541 11.03 44.06 -3.50
CA ALA F 541 10.50 45.34 -3.96
C ALA F 541 11.38 46.50 -3.53
N VAL F 542 11.39 47.56 -4.33
CA VAL F 542 12.33 48.66 -4.08
C VAL F 542 11.75 49.67 -3.08
N HIS F 543 10.43 49.68 -2.89
CA HIS F 543 9.89 50.52 -1.82
C HIS F 543 10.14 49.91 -0.47
N ASP F 544 10.26 48.59 -0.39
CA ASP F 544 10.55 47.95 0.88
C ASP F 544 11.98 48.22 1.32
N VAL F 545 12.89 48.42 0.37
CA VAL F 545 14.26 48.78 0.73
C VAL F 545 14.30 50.18 1.31
N PHE F 546 13.44 51.08 0.83
CA PHE F 546 13.33 52.39 1.45
C PHE F 546 12.74 52.30 2.84
N PHE F 547 11.72 51.46 3.02
CA PHE F 547 11.05 51.38 4.31
C PHE F 547 11.94 50.70 5.34
N LEU F 548 12.79 49.76 4.91
CA LEU F 548 13.67 49.09 5.85
C LEU F 548 14.80 50.00 6.31
N ILE F 549 15.39 50.76 5.37
CA ILE F 549 16.48 51.66 5.72
C ILE F 549 15.98 52.78 6.64
N LYS F 550 14.78 53.28 6.36
CA LYS F 550 14.20 54.27 7.27
C LYS F 550 13.65 53.60 8.52
N GLY F 551 13.34 52.30 8.46
CA GLY F 551 12.86 51.60 9.62
C GLY F 551 13.93 51.34 10.67
N VAL F 552 15.13 50.98 10.22
CA VAL F 552 16.25 50.83 11.15
C VAL F 552 16.67 52.20 11.68
N PHE F 553 16.56 53.23 10.84
CA PHE F 553 16.94 54.57 11.25
C PHE F 553 15.95 55.14 12.26
N ALA F 554 14.66 54.79 12.13
CA ALA F 554 13.68 55.29 13.07
C ALA F 554 13.77 54.59 14.41
N PHE F 555 14.14 53.30 14.40
CA PHE F 555 14.39 52.60 15.65
C PHE F 555 15.62 53.13 16.36
N TYR F 556 16.63 53.51 15.59
CA TYR F 556 17.83 54.10 16.17
C TYR F 556 17.55 55.47 16.77
N THR F 557 16.80 56.29 16.06
CA THR F 557 16.63 57.68 16.47
C THR F 557 15.61 57.83 17.59
N TYR F 558 14.52 57.07 17.54
CA TYR F 558 13.36 57.39 18.34
C TYR F 558 12.94 56.29 19.31
N TYR F 559 13.84 55.38 19.68
CA TYR F 559 13.41 54.32 20.59
C TYR F 559 13.29 54.83 22.02
N ASN F 560 14.25 55.64 22.48
CA ASN F 560 14.19 56.10 23.86
C ASN F 560 13.17 57.20 24.05
N GLN F 561 12.74 57.84 22.96
CA GLN F 561 11.63 58.77 23.07
C GLN F 561 10.32 58.01 23.27
N VAL F 562 10.19 56.84 22.66
CA VAL F 562 9.03 55.99 22.90
C VAL F 562 9.13 55.31 24.26
N LEU F 563 10.33 54.83 24.61
CA LEU F 563 10.51 54.07 25.84
C LEU F 563 10.34 54.93 27.09
N SER F 564 10.61 56.23 26.98
CA SER F 564 10.38 57.12 28.11
C SER F 564 8.90 57.35 28.38
N THR F 565 8.04 57.17 27.38
CA THR F 565 6.61 57.39 27.54
C THR F 565 5.85 56.14 27.97
N CYS F 566 6.52 54.99 28.08
CA CYS F 566 5.85 53.79 28.56
C CYS F 566 5.80 53.80 30.07
N VAL F 567 4.59 53.64 30.61
CA VAL F 567 4.38 53.50 32.05
C VAL F 567 3.81 52.12 32.32
N HIS F 568 4.56 51.33 33.09
CA HIS F 568 4.07 50.05 33.56
C HIS F 568 3.36 50.25 34.88
N ASP F 569 2.76 49.18 35.40
CA ASP F 569 2.14 49.26 36.72
C ASP F 569 3.14 48.96 37.82
N MET G 1 58.48 4.91 14.91
CA MET G 1 57.16 5.22 15.48
C MET G 1 56.45 3.94 15.90
N ASP G 2 56.84 2.81 15.31
CA ASP G 2 56.24 1.53 15.62
C ASP G 2 56.31 1.23 17.12
N LYS G 3 57.45 1.55 17.72
CA LYS G 3 57.65 1.32 19.15
C LYS G 3 56.89 2.36 19.97
N LYS G 4 56.91 3.62 19.53
CA LYS G 4 56.23 4.67 20.27
C LYS G 4 54.73 4.63 20.05
N ALA G 5 54.27 4.12 18.90
CA ALA G 5 52.85 4.00 18.67
C ALA G 5 52.26 2.87 19.49
N ARG G 6 53.01 1.79 19.68
CA ARG G 6 52.54 0.69 20.52
C ARG G 6 52.62 1.07 21.99
N GLU G 7 53.62 1.86 22.37
CA GLU G 7 53.73 2.31 23.76
C GLU G 7 52.64 3.30 24.12
N TYR G 8 52.22 4.12 23.14
CA TYR G 8 51.11 5.04 23.37
C TYR G 8 49.79 4.29 23.46
N ALA G 9 49.59 3.28 22.62
CA ALA G 9 48.37 2.50 22.70
C ALA G 9 48.38 1.57 23.90
N GLN G 10 49.56 1.24 24.42
CA GLN G 10 49.61 0.42 25.64
C GLN G 10 49.09 1.20 26.84
N ASP G 11 49.52 2.46 26.99
CA ASP G 11 49.05 3.26 28.12
C ASP G 11 47.58 3.65 27.97
N ALA G 12 47.11 3.79 26.73
CA ALA G 12 45.69 4.00 26.50
C ALA G 12 44.88 2.77 26.89
N LEU G 13 45.47 1.59 26.70
CA LEU G 13 44.82 0.35 27.09
C LEU G 13 45.03 0.05 28.56
N LYS G 14 45.86 0.83 29.25
CA LYS G 14 45.82 0.84 30.70
C LYS G 14 44.80 1.86 31.21
N PHE G 15 44.57 2.92 30.45
CA PHE G 15 43.61 3.94 30.88
C PHE G 15 42.18 3.44 30.76
N ILE G 16 41.73 3.11 29.55
CA ILE G 16 40.59 2.21 29.39
C ILE G 16 40.97 0.86 30.00
N GLN G 17 39.96 0.15 30.52
CA GLN G 17 39.93 -1.00 31.45
C GLN G 17 40.15 -0.56 32.89
N ARG G 18 40.50 0.70 33.12
CA ARG G 18 40.31 1.33 34.42
C ARG G 18 39.27 2.43 34.36
N SER G 19 38.98 2.92 33.17
CA SER G 19 38.03 3.99 32.92
C SER G 19 36.72 3.38 32.45
N GLY G 20 35.97 2.77 33.36
CA GLY G 20 34.76 2.10 32.98
C GLY G 20 33.55 2.97 32.79
N SER G 21 33.62 4.24 33.18
CA SER G 21 32.48 5.12 33.09
C SER G 21 32.99 6.55 32.93
N ASN G 22 32.08 7.52 33.09
CA ASN G 22 32.51 8.91 33.02
C ASN G 22 33.09 9.39 34.35
N PHE G 23 32.78 8.69 35.44
CA PHE G 23 33.32 9.09 36.73
C PHE G 23 34.76 8.62 36.89
N LEU G 24 35.04 7.37 36.51
CA LEU G 24 36.40 6.89 36.57
C LEU G 24 37.25 7.42 35.42
N ALA G 25 36.63 8.05 34.44
CA ALA G 25 37.39 8.81 33.45
C ALA G 25 37.93 10.10 34.06
N CYS G 26 37.12 10.79 34.87
CA CYS G 26 37.60 11.97 35.57
C CYS G 26 38.61 11.58 36.63
N LYS G 27 38.40 10.43 37.28
CA LYS G 27 39.28 10.03 38.38
C LYS G 27 40.64 9.59 37.89
N ASN G 28 40.68 8.78 36.84
CA ASN G 28 41.97 8.26 36.37
C ASN G 28 42.76 9.32 35.61
N LEU G 29 42.08 10.27 34.98
CA LEU G 29 42.80 11.36 34.34
C LEU G 29 43.34 12.34 35.36
N LYS G 30 42.60 12.56 36.44
CA LYS G 30 43.09 13.41 37.53
C LYS G 30 44.25 12.74 38.25
N GLU G 31 44.22 11.40 38.36
CA GLU G 31 45.38 10.69 38.86
C GLU G 31 46.52 10.72 37.86
N ARG G 32 46.22 10.73 36.57
CA ARG G 32 47.27 10.78 35.56
C ARG G 32 47.90 12.16 35.50
N LEU G 33 47.13 13.21 35.75
CA LEU G 33 47.69 14.56 35.76
C LEU G 33 48.44 14.85 37.05
N GLU G 34 47.98 14.29 38.18
CA GLU G 34 48.65 14.54 39.45
C GLU G 34 49.98 13.80 39.57
N ASN G 35 50.23 12.80 38.73
CA ASN G 35 51.52 12.13 38.73
C ASN G 35 52.61 13.00 38.14
N ASN G 36 52.26 13.94 37.27
CA ASN G 36 53.25 14.84 36.71
C ASN G 36 53.48 16.06 37.58
N GLY G 37 52.72 16.21 38.67
CA GLY G 37 52.91 17.31 39.58
C GLY G 37 51.86 18.41 39.49
N PHE G 38 50.70 18.12 38.94
CA PHE G 38 49.67 19.14 38.81
C PHE G 38 49.01 19.42 40.15
N ILE G 39 48.91 20.71 40.49
CA ILE G 39 48.31 21.09 41.76
C ILE G 39 46.79 20.92 41.67
N ASN G 40 46.26 19.97 42.41
CA ASN G 40 44.84 19.67 42.43
C ASN G 40 44.15 20.71 43.27
N LEU G 41 43.45 21.64 42.62
CA LEU G 41 42.72 22.68 43.31
C LEU G 41 41.22 22.42 43.16
N SER G 42 40.48 22.72 44.22
CA SER G 42 39.05 22.50 44.24
C SER G 42 38.34 23.78 43.84
N GLU G 43 37.10 23.64 43.35
CA GLU G 43 36.33 24.78 42.90
C GLU G 43 35.83 25.62 44.07
N GLY G 44 35.85 25.07 45.28
CA GLY G 44 35.11 25.67 46.36
C GLY G 44 35.96 26.49 47.31
N GLU G 45 37.29 26.40 47.21
CA GLU G 45 38.08 27.13 48.21
C GLU G 45 38.37 28.58 47.81
N THR G 46 39.32 28.79 46.90
CA THR G 46 39.86 30.07 46.44
C THR G 46 40.92 29.71 45.40
N TRP G 47 41.06 30.51 44.36
CA TRP G 47 42.05 30.24 43.32
C TRP G 47 43.18 31.24 43.43
N ASN G 48 44.35 30.78 43.88
CA ASN G 48 45.58 31.57 43.87
C ASN G 48 46.51 30.88 42.88
N LEU G 49 46.37 31.23 41.61
CA LEU G 49 47.15 30.56 40.57
C LEU G 49 48.50 31.23 40.41
N ASN G 50 49.48 30.43 39.99
CA ASN G 50 50.84 30.88 39.82
C ASN G 50 51.27 30.64 38.38
N LYS G 51 52.30 31.35 37.96
CA LYS G 51 52.93 31.06 36.68
C LYS G 51 53.69 29.75 36.79
N ASN G 52 53.95 29.11 35.63
CA ASN G 52 54.73 27.89 35.48
C ASN G 52 54.14 26.66 36.17
N GLU G 53 52.95 26.74 36.73
CA GLU G 53 52.40 25.62 37.47
C GLU G 53 51.18 25.07 36.74
N GLY G 54 50.99 23.77 36.85
CA GLY G 54 49.88 23.11 36.21
C GLY G 54 48.82 22.75 37.22
N TYR G 55 47.56 22.86 36.83
CA TYR G 55 46.45 22.66 37.75
C TYR G 55 45.49 21.66 37.12
N VAL G 56 44.66 21.04 37.97
CA VAL G 56 43.72 20.01 37.56
C VAL G 56 42.51 20.11 38.45
N LEU G 57 41.31 20.01 37.86
CA LEU G 57 40.10 19.98 38.67
C LEU G 57 39.04 19.12 38.00
N CYS G 58 38.51 18.19 38.79
CA CYS G 58 37.29 17.46 38.45
C CYS G 58 36.11 18.27 38.97
N LYS G 59 35.31 18.81 38.07
CA LYS G 59 34.07 19.45 38.47
C LYS G 59 33.05 18.36 38.76
N GLU G 60 32.70 18.22 40.04
CA GLU G 60 31.80 17.21 40.64
C GLU G 60 32.02 15.80 40.07
N ASN G 61 33.28 15.42 39.88
CA ASN G 61 33.78 14.11 39.47
C ASN G 61 33.25 13.65 38.12
N ARG G 62 32.79 14.55 37.25
CA ARG G 62 32.37 14.19 35.91
C ARG G 62 33.20 14.89 34.84
N ASN G 63 33.63 16.11 35.11
CA ASN G 63 34.26 16.96 34.12
C ASN G 63 35.70 17.25 34.55
N ILE G 64 36.67 16.65 33.86
CA ILE G 64 38.08 16.89 34.13
C ILE G 64 38.50 18.09 33.30
N CYS G 65 39.33 18.95 33.88
CA CYS G 65 39.83 20.15 33.21
C CYS G 65 41.21 20.46 33.76
N GLY G 66 42.25 20.11 33.02
CA GLY G 66 43.59 20.42 33.46
C GLY G 66 44.19 21.54 32.64
N PHE G 67 44.76 22.55 33.30
CA PHE G 67 45.34 23.66 32.57
C PHE G 67 46.74 23.96 33.10
N PHE G 68 47.54 24.60 32.26
CA PHE G 68 48.90 24.98 32.59
C PHE G 68 49.11 26.45 32.26
N VAL G 69 49.39 27.25 33.27
CA VAL G 69 49.68 28.66 33.10
C VAL G 69 51.14 28.83 32.70
N GLY G 70 51.37 29.48 31.57
CA GLY G 70 52.73 29.71 31.11
C GLY G 70 53.49 30.67 32.00
N LYS G 71 54.81 30.71 31.80
CA LYS G 71 55.68 31.48 32.70
C LYS G 71 55.52 32.98 32.48
N ASN G 72 55.77 33.47 31.27
CA ASN G 72 55.48 34.85 30.91
C ASN G 72 54.21 34.88 30.06
N PHE G 73 53.06 35.07 30.69
CA PHE G 73 51.90 35.56 29.97
C PHE G 73 52.17 36.92 29.35
N ASN G 74 51.56 37.14 28.21
CA ASN G 74 51.44 38.46 27.62
C ASN G 74 50.00 38.67 27.18
N ILE G 75 49.34 39.60 27.86
CA ILE G 75 48.00 40.06 27.47
C ILE G 75 48.04 40.59 26.04
N ASP G 76 49.12 41.29 25.69
CA ASP G 76 49.32 41.77 24.32
C ASP G 76 49.51 40.61 23.35
N THR G 77 50.57 39.82 23.54
CA THR G 77 50.90 38.72 22.62
C THR G 77 50.91 37.41 23.39
N GLY G 78 49.72 36.82 23.56
CA GLY G 78 49.59 35.54 24.21
C GLY G 78 48.26 34.92 23.84
N SER G 79 48.04 33.68 24.27
CA SER G 79 46.95 32.88 23.74
C SER G 79 46.38 31.96 24.81
N ILE G 80 45.20 31.44 24.53
CA ILE G 80 44.58 30.38 25.31
C ILE G 80 44.32 29.20 24.38
N LEU G 81 45.10 28.14 24.53
CA LEU G 81 45.02 26.98 23.65
C LEU G 81 44.27 25.88 24.38
N ILE G 82 43.14 25.47 23.81
CA ILE G 82 42.26 24.51 24.47
C ILE G 82 42.12 23.29 23.57
N SER G 83 42.36 22.12 24.15
CA SER G 83 42.07 20.85 23.50
C SER G 83 40.92 20.18 24.26
N ILE G 84 39.98 19.63 23.49
CA ILE G 84 38.70 19.21 24.03
C ILE G 84 38.43 17.78 23.58
N GLY G 85 38.13 16.90 24.52
CA GLY G 85 37.57 15.61 24.20
C GLY G 85 36.74 15.11 25.35
N HIS G 86 35.47 14.81 25.10
CA HIS G 86 34.53 14.44 26.15
C HIS G 86 34.89 13.09 26.75
N ILE G 87 34.63 12.92 28.04
CA ILE G 87 34.93 11.68 28.75
C ILE G 87 33.60 11.03 29.15
N ASP G 88 33.01 10.29 28.22
CA ASP G 88 31.76 9.57 28.36
C ASP G 88 31.52 8.80 27.06
N SER G 89 30.57 7.88 27.09
CA SER G 89 30.26 7.09 25.92
C SER G 89 28.84 6.59 26.05
N CYS G 90 28.34 6.03 24.96
CA CYS G 90 27.04 5.38 24.99
C CYS G 90 27.13 4.13 25.85
N ALA G 91 26.41 4.14 26.98
CA ALA G 91 26.44 3.03 27.90
C ALA G 91 25.03 2.77 28.38
N LEU G 92 24.81 1.59 28.94
CA LEU G 92 23.54 1.27 29.57
C LEU G 92 23.61 1.65 31.04
N LYS G 93 23.17 2.85 31.36
CA LYS G 93 23.14 3.28 32.75
C LYS G 93 21.97 2.63 33.47
N ILE G 94 22.11 2.50 34.79
CA ILE G 94 21.13 1.82 35.62
C ILE G 94 20.08 2.83 36.09
N SER G 95 18.80 2.48 35.92
CA SER G 95 17.66 3.25 36.36
C SER G 95 17.57 3.28 37.88
N PRO G 96 16.92 4.29 38.46
CA PRO G 96 16.78 4.34 39.93
C PRO G 96 15.93 3.23 40.52
N ASN G 97 14.71 3.05 40.03
CA ASN G 97 13.87 1.94 40.44
C ASN G 97 14.22 0.77 39.54
N ASN G 98 14.99 -0.16 40.07
CA ASN G 98 15.42 -1.35 39.35
C ASN G 98 15.11 -2.57 40.20
N ASN G 99 13.88 -3.06 40.12
CA ASN G 99 13.55 -4.35 40.71
C ASN G 99 12.59 -5.01 39.75
N VAL G 100 13.14 -5.71 38.77
CA VAL G 100 12.35 -6.38 37.75
C VAL G 100 12.47 -7.87 37.98
N ILE G 101 11.35 -8.49 38.36
CA ILE G 101 11.30 -9.93 38.61
C ILE G 101 10.29 -10.50 37.62
N LYS G 102 10.78 -11.05 36.52
CA LYS G 102 9.91 -11.63 35.51
C LYS G 102 10.47 -12.98 35.10
N LYS G 103 9.58 -13.96 34.97
CA LYS G 103 9.91 -15.35 34.63
C LYS G 103 10.93 -15.95 35.57
N LYS G 104 10.75 -15.71 36.87
CA LYS G 104 11.60 -16.18 37.97
C LYS G 104 13.05 -15.72 37.82
N ILE G 105 13.27 -14.55 37.24
CA ILE G 105 14.62 -14.04 36.98
C ILE G 105 14.68 -12.62 37.47
N HIS G 106 15.66 -12.33 38.33
CA HIS G 106 15.92 -10.98 38.77
C HIS G 106 16.61 -10.21 37.65
N GLN G 107 16.08 -9.03 37.36
CA GLN G 107 16.60 -8.22 36.27
C GLN G 107 16.88 -6.81 36.76
N ILE G 108 17.69 -6.11 35.98
CA ILE G 108 17.86 -4.67 36.10
C ILE G 108 17.21 -4.08 34.86
N ASN G 109 16.42 -3.03 35.05
CA ASN G 109 16.05 -2.26 33.86
C ASN G 109 16.99 -1.09 33.72
N VAL G 110 17.65 -1.01 32.57
CA VAL G 110 18.69 -0.05 32.35
C VAL G 110 18.17 1.02 31.39
N GLU G 111 18.71 2.22 31.52
CA GLU G 111 18.33 3.32 30.65
C GLU G 111 19.41 3.49 29.59
N CYS G 112 18.99 3.59 28.34
CA CYS G 112 19.94 3.72 27.24
C CYS G 112 20.46 5.14 27.18
N TYR G 113 21.69 5.32 27.62
CA TYR G 113 22.32 6.64 27.68
C TYR G 113 23.04 6.87 26.37
N GLY G 114 22.74 7.97 25.70
CA GLY G 114 23.36 8.23 24.42
C GLY G 114 22.64 7.50 23.30
N SER G 115 23.25 7.53 22.12
CA SER G 115 22.72 6.87 20.94
C SER G 115 23.74 5.82 20.53
N GLY G 116 23.53 4.58 20.96
CA GLY G 116 24.48 3.52 20.76
C GLY G 116 23.91 2.36 19.95
N LEU G 117 24.82 1.51 19.51
CA LEU G 117 24.45 0.25 18.87
C LEU G 117 24.04 -0.71 19.99
N TRP G 118 22.78 -0.63 20.38
CA TRP G 118 22.35 -1.39 21.55
C TRP G 118 22.15 -2.86 21.27
N HIS G 119 22.11 -3.26 19.99
CA HIS G 119 22.07 -4.67 19.68
C HIS G 119 23.44 -5.31 19.85
N THR G 120 24.51 -4.52 19.86
CA THR G 120 25.83 -5.05 20.16
C THR G 120 26.02 -5.27 21.65
N TRP G 121 25.26 -4.57 22.48
CA TRP G 121 25.31 -4.78 23.92
C TRP G 121 24.62 -6.07 24.34
N PHE G 122 23.86 -6.68 23.44
CA PHE G 122 23.25 -7.96 23.73
C PHE G 122 24.33 -9.04 23.74
N ASP G 123 24.19 -9.98 24.67
CA ASP G 123 25.05 -11.15 24.81
C ASP G 123 26.50 -10.76 25.11
N ARG G 124 26.67 -9.92 26.12
CA ARG G 124 27.98 -9.49 26.59
C ARG G 124 28.09 -9.79 28.07
N SER G 125 29.25 -10.27 28.49
CA SER G 125 29.55 -10.40 29.91
C SER G 125 29.77 -9.01 30.48
N LEU G 126 28.73 -8.44 31.08
CA LEU G 126 28.71 -7.03 31.43
C LEU G 126 29.08 -6.82 32.88
N GLY G 127 29.75 -5.68 33.15
CA GLY G 127 30.14 -5.30 34.48
C GLY G 127 29.50 -3.99 34.91
N LEU G 128 30.11 -3.37 35.91
CA LEU G 128 29.59 -2.14 36.50
C LEU G 128 30.71 -1.17 36.76
N SER G 129 30.47 0.10 36.42
CA SER G 129 31.37 1.18 36.80
C SER G 129 30.53 2.42 37.00
N GLY G 130 30.92 3.22 37.98
CA GLY G 130 30.19 4.45 38.23
C GLY G 130 30.33 4.89 39.67
N GLN G 131 29.40 5.74 40.07
CA GLN G 131 29.44 6.41 41.36
C GLN G 131 28.33 5.88 42.24
N VAL G 132 28.67 5.52 43.48
CA VAL G 132 27.71 4.99 44.43
C VAL G 132 27.76 5.85 45.69
N LEU G 133 26.61 6.38 46.09
CA LEU G 133 26.50 7.15 47.32
C LEU G 133 25.93 6.24 48.39
N TYR G 134 26.66 6.06 49.48
CA TYR G 134 26.24 5.20 50.57
C TYR G 134 26.50 5.89 51.90
N LYS G 135 25.76 5.47 52.93
CA LYS G 135 25.91 6.05 54.26
C LYS G 135 27.00 5.33 55.04
N LYS G 136 27.70 6.08 55.87
CA LYS G 136 28.61 5.50 56.86
C LYS G 136 28.58 6.40 58.08
N GLY G 137 27.81 5.98 59.09
CA GLY G 137 27.52 6.84 60.23
C GLY G 137 26.44 7.84 59.88
N ASN G 138 26.73 9.13 60.10
CA ASN G 138 25.80 10.19 59.76
C ASN G 138 26.25 10.94 58.51
N LYS G 139 27.21 10.41 57.79
CA LYS G 139 27.89 11.14 56.73
C LYS G 139 27.64 10.43 55.41
N LEU G 140 27.30 11.21 54.39
CA LEU G 140 27.15 10.64 53.05
C LEU G 140 28.52 10.43 52.44
N VAL G 141 28.87 9.17 52.19
CA VAL G 141 30.18 8.83 51.66
C VAL G 141 30.02 8.48 50.19
N GLU G 142 30.89 9.07 49.36
CA GLU G 142 30.86 8.91 47.92
C GLU G 142 32.01 8.03 47.48
N LYS G 143 31.72 6.99 46.73
CA LYS G 143 32.76 6.08 46.29
C LYS G 143 32.54 5.70 44.84
N LEU G 144 33.62 5.75 44.08
CA LEU G 144 33.63 5.36 42.67
C LEU G 144 34.03 3.91 42.57
N ILE G 145 33.11 3.06 42.12
CA ILE G 145 33.33 1.63 42.11
C ILE G 145 33.66 1.18 40.70
N GLN G 146 34.28 0.00 40.60
CA GLN G 146 34.70 -0.59 39.36
C GLN G 146 34.66 -2.10 39.52
N ILE G 147 33.61 -2.73 39.01
CA ILE G 147 33.40 -4.16 39.15
C ILE G 147 33.77 -4.81 37.83
N ASN G 148 35.00 -5.35 37.76
CA ASN G 148 35.55 -5.89 36.52
C ASN G 148 35.15 -7.33 36.27
N LYS G 149 34.38 -7.94 37.16
CA LYS G 149 33.89 -9.29 36.95
C LYS G 149 32.48 -9.22 36.36
N SER G 150 32.10 -10.26 35.64
CA SER G 150 30.84 -10.21 34.93
C SER G 150 29.69 -10.51 35.87
N VAL G 151 28.83 -9.52 36.06
CA VAL G 151 27.74 -9.61 37.02
C VAL G 151 26.40 -9.35 36.35
N LEU G 152 26.42 -9.12 35.04
CA LEU G 152 25.22 -8.80 34.30
C LEU G 152 25.32 -9.39 32.90
N PHE G 153 24.17 -9.63 32.30
CA PHE G 153 24.11 -10.23 30.98
C PHE G 153 22.80 -9.82 30.35
N LEU G 154 22.88 -9.24 29.17
CA LEU G 154 21.69 -8.88 28.41
C LEU G 154 21.47 -9.93 27.35
N PRO G 155 20.56 -10.89 27.54
CA PRO G 155 20.46 -12.01 26.61
C PRO G 155 19.61 -11.66 25.39
N SER G 156 19.98 -12.26 24.27
CA SER G 156 19.22 -12.08 23.05
C SER G 156 18.10 -13.11 22.99
N LEU G 157 17.28 -13.01 21.96
CA LEU G 157 16.28 -14.03 21.73
C LEU G 157 16.88 -15.14 20.87
N ALA G 158 16.49 -16.38 21.18
CA ALA G 158 16.91 -17.52 20.38
C ALA G 158 16.37 -17.41 18.96
N ILE G 159 17.09 -18.03 18.03
CA ILE G 159 16.74 -17.83 16.62
C ILE G 159 15.51 -18.64 16.22
N HIS G 160 15.14 -19.66 16.99
CA HIS G 160 14.12 -20.59 16.57
C HIS G 160 12.72 -20.04 16.71
N LEU G 161 12.55 -18.96 17.46
CA LEU G 161 11.20 -18.55 17.85
C LEU G 161 10.55 -17.67 16.80
N GLN G 162 11.32 -16.84 16.11
CA GLN G 162 10.81 -16.02 15.02
C GLN G 162 11.00 -16.75 13.69
N ASN G 163 10.80 -16.03 12.60
CA ASN G 163 11.12 -16.57 11.28
C ASN G 163 12.63 -16.48 11.09
N ARG G 164 13.18 -17.33 10.22
CA ARG G 164 14.62 -17.51 10.17
C ARG G 164 15.19 -17.17 8.79
N THR G 165 16.52 -17.04 8.77
CA THR G 165 17.44 -17.16 7.62
C THR G 165 17.20 -16.15 6.49
N ARG G 166 16.30 -15.18 6.65
CA ARG G 166 16.10 -14.23 5.56
C ARG G 166 16.16 -12.79 6.07
N TYR G 167 16.86 -11.94 5.31
CA TYR G 167 17.06 -10.49 5.52
C TYR G 167 17.41 -10.13 6.97
N ASP G 168 18.25 -10.97 7.58
CA ASP G 168 18.51 -10.98 9.03
C ASP G 168 17.24 -10.98 9.86
N PHE G 169 16.30 -11.89 9.54
CA PHE G 169 15.14 -12.34 10.32
C PHE G 169 14.31 -11.26 11.01
N SER G 170 14.35 -10.03 10.49
CA SER G 170 13.64 -8.85 11.01
C SER G 170 13.90 -8.64 12.50
N VAL G 171 15.16 -8.39 12.82
CA VAL G 171 15.52 -8.13 14.22
C VAL G 171 15.11 -6.70 14.58
N LYS G 172 14.36 -6.58 15.68
CA LYS G 172 13.93 -5.28 16.19
C LYS G 172 14.15 -5.31 17.69
N ILE G 173 15.03 -4.45 18.18
CA ILE G 173 15.29 -4.34 19.61
C ILE G 173 14.45 -3.20 20.16
N ASN G 174 13.36 -3.56 20.84
CA ASN G 174 12.56 -2.59 21.57
C ASN G 174 13.38 -2.11 22.76
N TYR G 175 13.54 -0.80 22.86
CA TYR G 175 14.52 -0.26 23.79
C TYR G 175 14.10 -0.40 25.24
N GLU G 176 12.80 -0.35 25.50
CA GLU G 176 12.32 -0.59 26.86
C GLU G 176 12.21 -2.06 27.19
N ASN G 177 11.49 -2.82 26.38
CA ASN G 177 11.14 -4.20 26.70
C ASN G 177 12.35 -5.13 26.64
N HIS G 178 13.10 -5.08 25.54
CA HIS G 178 14.11 -6.08 25.28
C HIS G 178 15.46 -5.77 25.91
N ILE G 179 15.69 -4.53 26.33
CA ILE G 179 16.95 -4.14 26.95
C ILE G 179 16.69 -4.07 28.45
N LYS G 180 16.91 -5.20 29.11
CA LYS G 180 16.78 -5.39 30.54
C LYS G 180 17.68 -6.56 30.90
N PRO G 181 18.90 -6.30 31.37
CA PRO G 181 19.83 -7.40 31.63
C PRO G 181 19.39 -8.24 32.83
N ILE G 182 19.61 -9.54 32.72
CA ILE G 182 19.36 -10.43 33.84
C ILE G 182 20.55 -10.35 34.79
N ILE G 183 20.29 -10.53 36.08
CA ILE G 183 21.34 -10.40 37.08
C ILE G 183 21.40 -11.62 37.99
N SER G 184 20.28 -12.33 38.13
CA SER G 184 20.17 -13.48 39.02
C SER G 184 18.83 -14.16 38.75
N THR G 185 18.62 -15.29 39.42
CA THR G 185 17.31 -15.89 39.50
C THR G 185 16.76 -15.73 40.90
N THR G 186 15.45 -15.94 41.03
CA THR G 186 14.84 -15.88 42.36
C THR G 186 15.16 -17.11 43.19
N LEU G 187 15.68 -18.17 42.58
CA LEU G 187 16.10 -19.32 43.35
C LEU G 187 17.37 -19.00 44.13
N PHE G 188 18.41 -18.54 43.45
CA PHE G 188 19.65 -18.27 44.18
C PHE G 188 19.65 -16.91 44.87
N ASN G 189 18.70 -16.04 44.58
CA ASN G 189 18.55 -14.86 45.42
C ASN G 189 18.02 -15.25 46.78
N GLN G 190 17.02 -16.13 46.81
CA GLN G 190 16.48 -16.61 48.08
C GLN G 190 17.42 -17.63 48.71
N LEU G 191 18.20 -18.36 47.91
CA LEU G 191 19.14 -19.31 48.48
C LEU G 191 20.31 -18.60 49.13
N ASN G 192 20.73 -17.46 48.58
CA ASN G 192 21.85 -16.75 49.16
C ASN G 192 21.39 -15.67 50.14
N LYS G 193 20.12 -15.74 50.57
CA LYS G 193 19.64 -14.75 51.54
C LYS G 193 19.55 -15.32 52.94
N CYS G 194 19.06 -16.56 53.10
CA CYS G 194 18.91 -17.10 54.46
C CYS G 194 20.26 -17.52 55.03
N LYS G 195 21.27 -17.71 54.19
CA LYS G 195 22.63 -17.84 54.67
C LYS G 195 23.40 -16.55 54.37
N ILE G 272 15.79 -2.47 52.76
CA ILE G 272 14.50 -1.96 53.21
C ILE G 272 13.67 -1.52 52.01
N ASN G 273 14.32 -0.85 51.05
CA ASN G 273 13.62 -0.32 49.88
C ASN G 273 13.30 -1.45 48.91
N THR G 274 12.08 -1.41 48.34
CA THR G 274 11.69 -2.42 47.37
C THR G 274 12.01 -1.99 45.94
N ASP G 275 12.63 -0.82 45.78
CA ASP G 275 12.87 -0.28 44.44
C ASP G 275 14.21 -0.71 43.90
N ASN G 276 15.19 -0.91 44.78
CA ASN G 276 16.52 -1.35 44.36
C ASN G 276 16.59 -2.87 44.35
N SER G 277 17.37 -3.41 43.42
CA SER G 277 17.51 -4.86 43.30
C SER G 277 18.41 -5.39 44.40
N TYR G 278 17.92 -6.38 45.15
CA TYR G 278 18.76 -7.00 46.16
C TYR G 278 19.92 -7.81 45.58
N PRO G 279 19.84 -8.46 44.40
CA PRO G 279 21.08 -8.92 43.78
C PRO G 279 22.04 -7.81 43.45
N LEU G 280 21.56 -6.64 43.07
CA LEU G 280 22.46 -5.51 42.86
C LEU G 280 22.96 -4.95 44.18
N LEU G 281 22.08 -4.85 45.18
CA LEU G 281 22.47 -4.27 46.46
C LEU G 281 23.41 -5.18 47.23
N TYR G 282 23.31 -6.50 47.04
CA TYR G 282 24.30 -7.41 47.61
C TYR G 282 25.65 -7.22 46.93
N LEU G 283 25.65 -6.85 45.66
CA LEU G 283 26.88 -6.75 44.90
C LEU G 283 27.67 -5.50 45.27
N LEU G 284 26.98 -4.36 45.38
CA LEU G 284 27.68 -3.12 45.70
C LEU G 284 28.10 -3.10 47.17
N SER G 285 27.32 -3.71 48.05
CA SER G 285 27.72 -3.80 49.45
C SER G 285 28.94 -4.70 49.63
N LYS G 286 29.11 -5.68 48.75
CA LYS G 286 30.30 -6.52 48.78
C LYS G 286 31.53 -5.74 48.34
N GLU G 287 31.34 -4.75 47.46
CA GLU G 287 32.46 -3.94 47.01
C GLU G 287 32.78 -2.82 47.98
N LEU G 288 31.76 -2.26 48.62
CA LEU G 288 31.96 -1.13 49.52
C LEU G 288 32.19 -1.55 50.96
N ASN G 289 32.00 -2.84 51.28
CA ASN G 289 32.13 -3.40 52.63
C ASN G 289 31.25 -2.65 53.63
N CYS G 290 29.95 -2.72 53.38
CA CYS G 290 28.94 -2.16 54.26
C CYS G 290 27.67 -2.97 54.10
N LYS G 291 26.62 -2.55 54.78
CA LYS G 291 25.33 -3.21 54.60
C LYS G 291 24.69 -2.75 53.30
N GLU G 292 23.79 -3.58 52.78
CA GLU G 292 23.02 -3.20 51.60
C GLU G 292 22.02 -2.11 51.91
N GLU G 293 21.62 -1.97 53.17
CA GLU G 293 20.68 -0.93 53.58
C GLU G 293 21.35 0.44 53.65
N ASP G 294 22.69 0.48 53.62
CA ASP G 294 23.38 1.77 53.60
C ASP G 294 23.49 2.33 52.19
N ILE G 295 23.28 1.51 51.16
CA ILE G 295 23.36 2.00 49.78
C ILE G 295 22.12 2.81 49.49
N LEU G 296 22.29 4.10 49.21
CA LEU G 296 21.16 5.00 49.01
C LEU G 296 20.72 5.09 47.56
N ASP G 297 21.61 5.55 46.67
CA ASP G 297 21.34 5.64 45.25
C ASP G 297 22.67 5.80 44.54
N PHE G 298 22.68 5.50 43.26
CA PHE G 298 23.95 5.40 42.54
C PHE G 298 23.73 5.74 41.07
N GLU G 299 24.79 6.24 40.44
CA GLU G 299 24.83 6.44 39.00
C GLU G 299 25.82 5.43 38.43
N LEU G 300 25.31 4.27 38.04
CA LEU G 300 26.15 3.18 37.58
C LEU G 300 25.96 2.98 36.09
N CYS G 301 27.07 2.69 35.40
CA CYS G 301 27.07 2.43 33.98
C CYS G 301 27.50 1.01 33.74
N LEU G 302 26.78 0.30 32.87
CA LEU G 302 27.18 -1.05 32.50
C LEU G 302 28.36 -0.97 31.55
N MET G 303 29.37 -1.79 31.79
CA MET G 303 30.53 -1.84 30.91
C MET G 303 30.79 -3.29 30.54
N ASP G 304 31.55 -3.49 29.48
CA ASP G 304 31.92 -4.85 29.09
C ASP G 304 33.19 -5.26 29.82
N THR G 305 33.13 -6.42 30.49
CA THR G 305 34.23 -6.88 31.32
C THR G 305 35.44 -7.35 30.53
N GLN G 306 35.30 -7.55 29.23
CA GLN G 306 36.43 -7.99 28.42
C GLN G 306 37.45 -6.87 28.30
N GLU G 307 38.69 -7.18 28.65
CA GLU G 307 39.75 -6.18 28.60
C GLU G 307 40.07 -5.80 27.16
N PRO G 308 40.42 -4.54 26.91
CA PRO G 308 40.90 -4.16 25.59
C PRO G 308 42.20 -4.85 25.23
N CYS G 309 42.41 -5.04 23.93
CA CYS G 309 43.56 -5.81 23.48
C CYS G 309 43.95 -5.38 22.08
N PHE G 310 45.24 -5.57 21.77
CA PHE G 310 45.75 -5.41 20.42
C PHE G 310 45.26 -6.55 19.54
N THR G 311 44.68 -6.21 18.40
CA THR G 311 44.13 -7.21 17.50
C THR G 311 44.68 -7.05 16.10
N GLY G 312 44.17 -7.87 15.20
CA GLY G 312 44.78 -8.10 13.92
C GLY G 312 45.82 -9.20 13.99
N VAL G 313 46.29 -9.64 12.83
CA VAL G 313 47.36 -10.62 12.80
C VAL G 313 48.66 -10.01 13.30
N TYR G 314 48.94 -8.78 12.88
CA TYR G 314 50.18 -8.11 13.22
C TYR G 314 50.09 -7.30 14.49
N GLU G 315 49.06 -7.54 15.32
CA GLU G 315 48.74 -6.78 16.54
C GLU G 315 48.67 -5.28 16.24
N GLU G 316 47.89 -4.95 15.22
CA GLU G 316 47.96 -3.65 14.59
C GLU G 316 46.76 -2.77 14.88
N PHE G 317 45.72 -3.30 15.48
CA PHE G 317 44.56 -2.53 15.85
C PHE G 317 44.46 -2.44 17.36
N ILE G 318 43.53 -1.62 17.83
CA ILE G 318 43.15 -1.59 19.23
C ILE G 318 41.64 -1.61 19.30
N GLU G 319 41.11 -2.29 20.31
CA GLU G 319 39.67 -2.34 20.57
C GLU G 319 39.48 -2.81 22.00
N GLY G 320 38.73 -2.06 22.80
CA GLY G 320 38.01 -2.81 23.79
C GLY G 320 36.59 -2.42 24.12
N ALA G 321 36.39 -1.12 24.27
CA ALA G 321 35.17 -0.50 24.77
C ALA G 321 35.42 0.98 24.81
N ARG G 322 34.34 1.76 24.70
CA ARG G 322 34.28 3.16 25.08
C ARG G 322 35.26 4.04 24.30
N PHE G 323 35.73 3.55 23.16
CA PHE G 323 36.73 4.27 22.38
C PHE G 323 36.19 5.54 21.74
N ASP G 324 34.89 5.81 21.83
CA ASP G 324 34.33 7.10 21.45
C ASP G 324 34.81 8.11 22.48
N ASN G 325 35.99 8.67 22.18
CA ASN G 325 36.65 9.77 22.86
C ASN G 325 37.03 9.46 24.29
N LEU G 326 37.11 8.20 24.70
CA LEU G 326 37.91 7.93 25.87
C LEU G 326 39.31 7.51 25.46
N LEU G 327 39.43 6.93 24.27
CA LEU G 327 40.72 6.86 23.61
C LEU G 327 41.12 8.23 23.08
N GLY G 328 40.17 8.99 22.55
CA GLY G 328 40.49 10.28 21.98
C GLY G 328 40.85 11.32 23.01
N SER G 329 40.18 11.31 24.16
CA SER G 329 40.53 12.26 25.21
C SER G 329 41.73 11.80 26.02
N PHE G 330 42.11 10.52 25.90
CA PHE G 330 43.43 10.13 26.38
C PHE G 330 44.51 10.87 25.61
N CYS G 331 44.41 10.89 24.28
CA CYS G 331 45.35 11.62 23.45
C CYS G 331 45.28 13.13 23.66
N VAL G 332 44.15 13.63 24.13
CA VAL G 332 44.05 15.03 24.52
C VAL G 332 44.92 15.28 25.75
N PHE G 333 44.84 14.40 26.73
CA PHE G 333 45.61 14.63 27.95
C PHE G 333 47.02 14.06 27.84
N GLU G 334 47.24 13.01 27.04
CA GLU G 334 48.60 12.56 26.81
C GLU G 334 49.37 13.55 25.95
N GLY G 335 48.68 14.20 25.01
CA GLY G 335 49.30 15.31 24.30
C GLY G 335 49.51 16.52 25.18
N PHE G 336 48.69 16.67 26.22
CA PHE G 336 48.84 17.78 27.15
C PHE G 336 49.95 17.51 28.15
N ILE G 337 50.10 16.26 28.57
CA ILE G 337 51.14 15.89 29.52
C ILE G 337 52.52 16.05 28.89
N GLU G 338 52.65 15.65 27.62
CA GLU G 338 53.92 15.76 26.92
C GLU G 338 54.28 17.21 26.63
N LEU G 339 53.28 18.08 26.54
CA LEU G 339 53.54 19.51 26.43
C LEU G 339 54.14 20.07 27.71
N VAL G 340 53.48 19.81 28.85
CA VAL G 340 53.93 20.35 30.14
C VAL G 340 55.29 19.78 30.51
N ASN G 341 55.53 18.52 30.16
CA ASN G 341 56.86 17.94 30.37
C ASN G 341 57.88 18.55 29.42
N SER G 342 57.45 19.05 28.27
CA SER G 342 58.39 19.75 27.40
C SER G 342 58.63 21.18 27.87
N ILE G 343 57.69 21.73 28.65
CA ILE G 343 57.88 23.07 29.19
C ILE G 343 58.75 23.02 30.43
N LYS G 344 58.53 22.04 31.30
CA LYS G 344 59.29 21.97 32.54
C LYS G 344 60.72 21.45 32.31
N ASN G 345 60.88 20.49 31.41
CA ASN G 345 62.21 19.97 31.14
C ASN G 345 62.90 20.81 30.07
N HIS G 346 64.24 20.65 30.01
CA HIS G 346 65.14 21.38 29.12
C HIS G 346 65.04 22.90 29.31
N THR G 347 64.77 23.34 30.53
CA THR G 347 64.82 24.76 30.89
C THR G 347 65.62 24.95 32.17
N ASN G 363 61.49 29.35 21.92
CA ASN G 363 61.54 28.97 23.32
C ASN G 363 60.86 30.02 24.20
N ASP G 364 60.62 31.20 23.62
CA ASP G 364 59.98 32.27 24.37
C ASP G 364 58.46 32.20 24.27
N ASN G 365 57.95 31.62 23.18
CA ASN G 365 56.51 31.63 22.96
C ASN G 365 55.84 30.39 23.53
N ILE G 366 56.64 29.42 24.00
CA ILE G 366 56.06 28.25 24.65
C ILE G 366 55.58 28.60 26.06
N HIS G 367 56.19 29.60 26.70
CA HIS G 367 55.78 30.04 28.02
C HIS G 367 54.78 31.17 27.97
N ASN G 368 54.11 31.36 26.84
CA ASN G 368 53.38 32.58 26.55
C ASN G 368 51.89 32.34 26.51
N ASN G 369 51.47 31.11 26.78
CA ASN G 369 50.09 30.70 26.53
C ASN G 369 49.48 30.04 27.75
N LEU G 370 48.16 29.97 27.74
CA LEU G 370 47.39 29.21 28.71
C LEU G 370 46.88 27.96 28.02
N TYR G 371 47.50 26.83 28.32
CA TYR G 371 47.15 25.56 27.68
C TYR G 371 46.14 24.84 28.55
N ILE G 372 44.90 24.80 28.10
CA ILE G 372 43.81 24.15 28.84
C ILE G 372 43.50 22.84 28.14
N SER G 373 43.22 21.81 28.92
CA SER G 373 42.84 20.51 28.42
C SER G 373 41.64 20.02 29.23
N ILE G 374 40.46 20.04 28.62
CA ILE G 374 39.24 19.78 29.36
C ILE G 374 38.54 18.55 28.79
N GLY G 375 38.14 17.66 29.68
CA GLY G 375 37.36 16.49 29.31
C GLY G 375 35.92 16.63 29.73
N TYR G 376 35.04 16.85 28.76
CA TYR G 376 33.65 17.17 29.03
C TYR G 376 32.85 15.93 29.35
N ASP G 377 31.63 16.15 29.81
CA ASP G 377 30.69 15.08 30.05
C ASP G 377 29.45 15.34 29.20
N HIS G 378 28.61 14.30 29.09
CA HIS G 378 27.26 14.39 28.56
C HIS G 378 27.22 14.79 27.09
N GLU G 379 28.27 14.46 26.33
CA GLU G 379 28.27 14.75 24.90
C GLU G 379 27.23 13.95 24.15
N GLU G 380 27.04 12.68 24.52
CA GLU G 380 26.19 11.76 23.76
C GLU G 380 24.73 12.16 23.79
N ILE G 381 24.33 13.02 24.71
CA ILE G 381 22.95 13.44 24.86
C ILE G 381 22.77 14.92 24.49
N GLY G 382 23.83 15.59 24.06
CA GLY G 382 23.71 16.93 23.55
C GLY G 382 24.36 18.03 24.36
N SER G 383 25.14 17.68 25.39
CA SER G 383 25.99 18.59 26.18
C SER G 383 25.19 19.62 26.98
N LEU G 384 23.88 19.49 27.06
CA LEU G 384 23.05 20.41 27.84
C LEU G 384 23.05 19.90 29.28
N SER G 385 24.08 20.30 30.03
CA SER G 385 24.23 19.85 31.41
C SER G 385 25.09 20.84 32.15
N GLU G 386 25.24 20.61 33.45
CA GLU G 386 26.08 21.48 34.27
C GLU G 386 27.55 21.18 34.08
N VAL G 387 27.88 20.01 33.55
CA VAL G 387 29.25 19.62 33.28
C VAL G 387 29.46 19.36 31.79
N GLY G 388 28.48 19.69 30.97
CA GLY G 388 28.59 19.50 29.54
C GLY G 388 29.34 20.62 28.87
N ALA G 389 29.33 20.58 27.54
CA ALA G 389 30.03 21.59 26.77
C ALA G 389 29.23 22.88 26.69
N ARG G 390 27.91 22.78 26.76
CA ARG G 390 27.06 23.97 26.76
C ARG G 390 26.99 24.63 28.12
N SER G 391 27.68 24.09 29.11
CA SER G 391 27.71 24.66 30.45
C SER G 391 28.52 25.95 30.47
N TYR G 392 28.33 26.71 31.53
CA TYR G 392 29.16 27.86 31.84
C TYR G 392 30.43 27.47 32.58
N CYS G 393 30.70 26.18 32.72
CA CYS G 393 31.81 25.73 33.56
C CYS G 393 33.15 26.15 32.97
N THR G 394 33.35 25.93 31.67
CA THR G 394 34.63 26.26 31.05
C THR G 394 34.80 27.77 30.92
N LYS G 395 33.72 28.48 30.62
CA LYS G 395 33.80 29.92 30.47
C LYS G 395 34.07 30.60 31.80
N ASN G 396 33.55 30.03 32.90
CA ASN G 396 33.88 30.57 34.20
C ASN G 396 35.27 30.14 34.64
N PHE G 397 35.77 29.00 34.14
CA PHE G 397 37.11 28.57 34.52
C PHE G 397 38.16 29.51 33.95
N ILE G 398 38.00 29.94 32.70
CA ILE G 398 38.95 30.86 32.10
C ILE G 398 38.84 32.24 32.74
N ASP G 399 37.62 32.65 33.09
CA ASP G 399 37.44 33.93 33.77
C ASP G 399 37.88 33.86 35.23
N ARG G 400 38.12 32.67 35.75
CA ARG G 400 38.74 32.53 37.06
C ARG G 400 40.25 32.44 36.96
N ILE G 401 40.76 31.90 35.84
CA ILE G 401 42.21 31.87 35.64
C ILE G 401 42.72 33.26 35.34
N ILE G 402 42.02 34.01 34.48
CA ILE G 402 42.39 35.37 34.14
C ILE G 402 42.30 36.29 35.35
N SER G 403 41.30 36.07 36.20
CA SER G 403 41.15 36.90 37.39
C SER G 403 42.20 36.58 38.45
N SER G 404 42.68 35.34 38.50
CA SER G 404 43.61 34.96 39.56
C SER G 404 45.06 35.17 39.13
N VAL G 405 45.36 34.95 37.85
CA VAL G 405 46.70 35.22 37.34
C VAL G 405 46.95 36.72 37.26
N PHE G 406 46.04 37.43 36.60
CA PHE G 406 46.15 38.89 36.50
C PHE G 406 45.35 39.56 37.61
N LYS G 407 45.59 39.13 38.84
CA LYS G 407 44.92 39.73 39.98
C LYS G 407 45.48 41.11 40.25
N LYS G 408 46.77 41.31 39.99
CA LYS G 408 47.41 42.55 40.38
C LYS G 408 47.29 43.60 39.29
N GLU G 409 47.12 43.20 38.03
CA GLU G 409 47.10 44.21 36.98
C GLU G 409 45.69 44.70 36.65
N ILE G 410 44.65 44.08 37.22
CA ILE G 410 43.30 44.63 37.10
C ILE G 410 43.20 45.96 37.84
N HIS G 411 43.77 46.03 39.05
CA HIS G 411 43.57 47.13 39.97
C HIS G 411 44.22 48.44 39.53
N GLU G 412 45.40 48.39 38.92
CA GLU G 412 46.23 49.59 38.84
C GLU G 412 46.43 50.06 37.40
N LYS G 413 46.03 49.26 36.41
CA LYS G 413 45.83 49.83 35.07
C LYS G 413 44.41 49.63 34.56
N ASN G 414 43.48 49.28 35.47
CA ASN G 414 42.04 49.46 35.30
C ASN G 414 41.48 48.61 34.17
N LEU G 415 42.08 47.46 33.96
CA LEU G 415 41.57 46.49 33.01
C LEU G 415 40.39 45.73 33.61
N SER G 416 39.64 45.07 32.74
CA SER G 416 38.53 44.22 33.15
C SER G 416 38.80 42.79 32.70
N VAL G 417 37.99 41.87 33.20
CA VAL G 417 38.13 40.47 32.81
C VAL G 417 37.73 40.29 31.35
N GLN G 418 36.59 40.87 30.95
CA GLN G 418 36.10 40.73 29.59
C GLN G 418 36.96 41.47 28.58
N GLU G 419 37.62 42.55 29.01
CA GLU G 419 38.66 43.19 28.19
C GLU G 419 39.85 42.26 28.00
N ILE G 420 40.29 41.58 29.05
CA ILE G 420 41.46 40.71 28.94
C ILE G 420 41.07 39.41 28.26
N TYR G 421 39.86 38.90 28.52
CA TYR G 421 39.44 37.67 27.89
C TYR G 421 39.21 37.84 26.41
N GLY G 422 38.58 38.94 26.00
CA GLY G 422 38.42 39.21 24.58
C GLY G 422 39.70 39.60 23.89
N ASN G 423 40.72 39.98 24.66
CA ASN G 423 42.03 40.24 24.07
C ASN G 423 42.71 38.92 23.69
N LEU G 424 42.57 37.90 24.54
CA LEU G 424 43.20 36.61 24.28
C LEU G 424 42.38 35.72 23.36
N VAL G 425 41.13 36.09 23.08
CA VAL G 425 40.28 35.28 22.22
C VAL G 425 40.69 35.39 20.75
N ASN G 426 41.30 36.50 20.36
CA ASN G 426 41.77 36.67 19.00
C ASN G 426 42.94 35.73 18.68
N ARG G 427 43.71 35.35 19.68
CA ARG G 427 44.86 34.46 19.51
C ARG G 427 44.54 33.06 19.99
N SER G 428 43.30 32.82 20.37
CA SER G 428 42.89 31.58 20.98
C SER G 428 42.52 30.55 19.92
N PHE G 429 42.40 29.30 20.36
CA PHE G 429 41.99 28.21 19.49
C PHE G 429 41.40 27.08 20.32
N ILE G 430 40.56 26.29 19.67
CA ILE G 430 39.92 25.13 20.27
C ILE G 430 40.25 23.93 19.39
N LEU G 431 40.82 22.89 19.99
CA LEU G 431 41.14 21.64 19.29
C LEU G 431 40.18 20.58 19.81
N ASN G 432 39.04 20.43 19.15
CA ASN G 432 38.08 19.43 19.59
C ASN G 432 38.48 18.09 19.00
N VAL G 433 38.63 17.10 19.87
CA VAL G 433 39.03 15.77 19.48
C VAL G 433 37.89 14.82 19.77
N ASP G 434 37.36 14.19 18.73
CA ASP G 434 36.35 13.16 18.85
C ASP G 434 36.54 12.24 17.66
N MET G 435 36.19 10.96 17.84
CA MET G 435 36.49 9.94 16.86
C MET G 435 35.69 10.14 15.58
N ALA G 436 36.21 9.57 14.50
CA ALA G 436 35.65 9.76 13.17
C ALA G 436 35.45 8.40 12.52
N HIS G 437 34.64 8.41 11.45
CA HIS G 437 34.21 7.18 10.82
C HIS G 437 35.24 6.75 9.78
N CYS G 438 35.95 5.66 10.05
CA CYS G 438 36.81 5.06 9.06
C CYS G 438 35.97 4.50 7.92
N SER G 439 36.58 4.39 6.74
CA SER G 439 35.87 3.86 5.59
C SER G 439 35.58 2.38 5.80
N HIS G 440 34.31 2.06 6.00
CA HIS G 440 33.90 0.69 6.24
C HIS G 440 33.97 -0.08 4.94
N PRO G 441 34.67 -1.21 4.89
CA PRO G 441 34.73 -1.97 3.64
C PRO G 441 33.43 -2.68 3.31
N ASN G 442 32.62 -2.99 4.32
CA ASN G 442 31.39 -3.73 4.07
C ASN G 442 30.22 -2.80 3.77
N TYR G 443 30.42 -1.49 3.90
CA TYR G 443 29.39 -0.49 3.64
C TYR G 443 29.98 0.61 2.76
N PRO G 444 30.15 0.38 1.46
CA PRO G 444 30.72 1.41 0.60
C PRO G 444 29.72 2.49 0.17
N GLU G 445 28.45 2.36 0.53
CA GLU G 445 27.45 3.34 0.15
C GLU G 445 27.27 4.45 1.18
N THR G 446 27.91 4.34 2.34
CA THR G 446 27.80 5.36 3.38
C THR G 446 29.05 6.22 3.47
N VAL G 447 29.94 6.15 2.51
CA VAL G 447 31.19 6.89 2.54
C VAL G 447 31.20 7.90 1.41
N GLN G 448 31.83 9.03 1.66
CA GLN G 448 32.13 9.98 0.60
C GLN G 448 33.19 9.38 -0.32
N ASP G 449 33.22 9.82 -1.58
CA ASP G 449 34.18 9.25 -2.50
C ASP G 449 35.57 9.84 -2.26
N ASN G 450 35.66 11.16 -2.12
CA ASN G 450 36.95 11.81 -1.98
C ASN G 450 37.42 11.92 -0.54
N HIS G 451 36.51 12.16 0.39
CA HIS G 451 36.84 12.32 1.80
C HIS G 451 36.66 10.97 2.48
N GLN G 452 37.67 10.12 2.37
CA GLN G 452 37.65 8.81 2.98
C GLN G 452 38.69 8.77 4.08
N LEU G 453 38.45 7.93 5.08
CA LEU G 453 39.38 7.73 6.18
C LEU G 453 39.81 6.29 6.20
N PHE G 454 41.11 6.06 6.27
CA PHE G 454 41.62 4.71 6.39
C PHE G 454 42.49 4.61 7.63
N PHE G 455 42.69 3.38 8.09
CA PHE G 455 43.49 3.14 9.27
C PHE G 455 44.97 3.41 8.99
N HIS G 456 45.66 3.90 10.02
CA HIS G 456 47.08 4.29 9.99
C HIS G 456 47.39 5.34 8.94
N GLU G 457 46.40 6.12 8.50
CA GLU G 457 46.62 7.06 7.42
C GLU G 457 46.75 8.48 7.94
N GLY G 458 46.36 8.71 9.19
CA GLY G 458 46.59 9.98 9.83
C GLY G 458 45.38 10.40 10.63
N ILE G 459 45.49 11.61 11.18
CA ILE G 459 44.37 12.22 11.90
C ILE G 459 43.28 12.58 10.90
N ALA G 460 42.04 12.35 11.28
CA ALA G 460 40.95 12.94 10.51
C ALA G 460 40.89 14.42 10.82
N ILE G 461 40.51 15.21 9.83
CA ILE G 461 40.18 16.61 10.02
C ILE G 461 38.75 16.74 9.54
N LYS G 462 37.80 16.72 10.47
CA LYS G 462 36.41 16.54 10.12
C LYS G 462 35.77 17.86 9.71
N TYR G 463 35.36 17.94 8.45
CA TYR G 463 34.64 19.09 7.94
C TYR G 463 33.17 18.76 7.87
N ASN G 464 32.33 19.78 7.80
CA ASN G 464 30.90 19.55 7.68
C ASN G 464 30.23 20.65 6.89
N THR G 465 29.10 20.31 6.27
CA THR G 465 28.22 21.28 5.64
C THR G 465 27.64 22.25 6.65
N ASN G 466 26.97 21.72 7.67
CA ASN G 466 26.16 22.50 8.59
C ASN G 466 26.91 22.92 9.83
N LYS G 467 28.24 22.84 9.81
CA LYS G 467 29.13 23.09 10.95
C LYS G 467 28.75 22.28 12.17
N ASN G 468 28.35 21.02 11.99
CA ASN G 468 28.33 20.09 13.09
C ASN G 468 29.72 19.85 13.63
N TYR G 469 30.72 19.87 12.75
CA TYR G 469 32.11 20.01 13.12
C TYR G 469 32.55 21.44 12.87
N VAL G 470 33.32 22.01 13.79
CA VAL G 470 33.61 23.45 13.77
C VAL G 470 34.80 23.78 12.86
N THR G 471 35.28 22.81 12.08
CA THR G 471 36.44 23.05 11.22
C THR G 471 36.12 24.00 10.09
N SER G 472 36.82 25.12 10.07
CA SER G 472 36.83 26.06 8.97
C SER G 472 38.10 25.84 8.17
N PRO G 473 38.06 26.04 6.85
CA PRO G 473 39.26 25.81 6.04
C PRO G 473 40.40 26.78 6.29
N LEU G 474 40.16 27.92 6.92
CA LEU G 474 41.28 28.72 7.41
C LEU G 474 41.92 28.06 8.61
N HIS G 475 41.09 27.63 9.55
CA HIS G 475 41.60 27.23 10.85
C HIS G 475 42.14 25.82 10.86
N ALA G 476 41.85 25.04 9.81
CA ALA G 476 42.57 23.79 9.62
C ALA G 476 43.89 24.03 8.90
N SER G 477 44.00 25.15 8.18
CA SER G 477 45.25 25.45 7.49
C SER G 477 46.33 25.88 8.48
N LEU G 478 45.93 26.45 9.62
CA LEU G 478 46.89 26.77 10.64
C LEU G 478 47.37 25.52 11.35
N ILE G 479 46.48 24.54 11.53
CA ILE G 479 46.83 23.32 12.26
C ILE G 479 47.68 22.41 11.40
N LYS G 480 47.43 22.39 10.09
CA LYS G 480 48.29 21.64 9.19
C LYS G 480 49.69 22.25 9.10
N ARG G 481 49.82 23.54 9.41
CA ARG G 481 51.16 24.13 9.48
C ARG G 481 51.81 23.91 10.83
N THR G 482 51.02 23.62 11.87
CA THR G 482 51.62 23.14 13.12
C THR G 482 52.12 21.72 12.95
N PHE G 483 51.50 20.95 12.06
CA PHE G 483 52.00 19.61 11.79
C PHE G 483 53.26 19.64 10.94
N GLU G 484 53.45 20.72 10.17
CA GLU G 484 54.65 20.85 9.37
C GLU G 484 55.80 21.41 10.19
N LEU G 485 55.50 22.23 11.19
CA LEU G 485 56.54 22.69 12.11
C LEU G 485 56.97 21.58 13.05
N TYR G 486 56.11 20.58 13.28
CA TYR G 486 56.52 19.39 14.00
C TYR G 486 57.50 18.57 13.16
N TYR G 487 57.28 18.51 11.85
CA TYR G 487 58.15 17.70 11.00
C TYR G 487 59.52 18.33 10.84
N ASN G 488 59.62 19.65 10.98
CA ASN G 488 60.92 20.31 10.83
C ASN G 488 61.78 20.16 12.07
N LYS G 489 61.17 19.91 13.23
CA LYS G 489 61.92 19.83 14.47
C LYS G 489 62.16 18.38 14.91
N TYR G 490 61.15 17.54 14.81
CA TYR G 490 61.23 16.19 15.32
C TYR G 490 61.47 15.15 14.24
N LYS G 491 61.40 15.54 12.97
CA LYS G 491 61.63 14.69 11.80
C LYS G 491 60.70 13.49 11.77
N GLN G 492 59.49 13.68 12.29
CA GLN G 492 58.46 12.64 12.33
C GLN G 492 57.17 13.25 11.78
N GLN G 493 56.71 12.73 10.65
CA GLN G 493 55.58 13.32 9.97
C GLN G 493 54.28 12.99 10.68
N ILE G 494 53.48 14.03 10.93
CA ILE G 494 52.13 13.87 11.42
C ILE G 494 51.21 13.84 10.21
N LYS G 495 50.71 12.68 9.88
CA LYS G 495 49.85 12.51 8.73
C LYS G 495 48.45 12.96 9.08
N TYR G 496 47.73 13.45 8.08
CA TYR G 496 46.36 13.90 8.26
C TYR G 496 45.56 13.54 7.02
N GLN G 497 44.24 13.58 7.17
CA GLN G 497 43.34 13.28 6.07
C GLN G 497 42.02 13.98 6.32
N ASN G 498 41.48 14.64 5.31
CA ASN G 498 40.24 15.38 5.50
C ASN G 498 39.04 14.45 5.46
N PHE G 499 38.13 14.65 6.40
CA PHE G 499 36.94 13.82 6.50
C PHE G 499 35.72 14.69 6.34
N MET G 500 34.78 14.23 5.51
CA MET G 500 33.53 14.92 5.27
C MET G 500 32.46 13.88 4.97
N VAL G 501 31.33 14.01 5.64
CA VAL G 501 30.20 13.11 5.44
C VAL G 501 29.52 13.53 4.14
N LYS G 502 28.74 12.62 3.57
CA LYS G 502 28.01 12.92 2.34
C LYS G 502 26.97 14.01 2.56
N ASN G 503 26.61 14.69 1.48
CA ASN G 503 25.69 15.82 1.58
C ASN G 503 24.27 15.36 1.91
N ASP G 504 23.86 14.19 1.44
CA ASP G 504 22.51 13.73 1.71
C ASP G 504 22.40 13.10 3.10
N THR G 505 23.44 12.39 3.54
CA THR G 505 23.35 11.76 4.86
C THR G 505 23.62 12.79 5.95
N PRO G 506 22.90 12.72 7.07
CA PRO G 506 23.23 13.56 8.22
C PRO G 506 24.30 12.89 9.08
N CYS G 507 24.97 13.72 9.88
CA CYS G 507 25.98 13.23 10.80
C CYS G 507 25.75 13.84 12.16
N GLY G 508 26.25 13.18 13.20
CA GLY G 508 26.07 13.66 14.54
C GLY G 508 26.98 14.84 14.85
N SER G 509 26.41 15.83 15.53
CA SER G 509 27.18 17.00 15.91
C SER G 509 28.09 16.65 17.08
N THR G 510 29.17 17.44 17.21
CA THR G 510 30.12 17.26 18.29
C THR G 510 30.14 18.52 19.14
N VAL G 511 31.07 18.56 20.10
CA VAL G 511 31.21 19.70 20.99
C VAL G 511 32.16 20.73 20.44
N GLY G 512 32.51 20.64 19.16
CA GLY G 512 33.38 21.64 18.58
C GLY G 512 32.71 23.00 18.49
N SER G 513 31.54 23.05 17.88
CA SER G 513 30.85 24.33 17.74
C SER G 513 30.11 24.73 19.01
N MET G 514 29.92 23.80 19.95
CA MET G 514 29.29 24.15 21.21
C MET G 514 30.21 25.00 22.06
N VAL G 515 31.48 24.59 22.18
CA VAL G 515 32.42 25.35 23.00
C VAL G 515 32.93 26.56 22.23
N ALA G 516 32.99 26.48 20.91
CA ALA G 516 33.40 27.63 20.12
C ALA G 516 32.37 28.75 20.15
N ALA G 517 31.11 28.42 20.42
CA ALA G 517 30.12 29.47 20.64
C ALA G 517 30.18 29.99 22.06
N ASN G 518 30.43 29.11 23.02
CA ASN G 518 30.45 29.53 24.42
C ASN G 518 31.67 30.37 24.73
N LEU G 519 32.79 30.10 24.07
CA LEU G 519 34.04 30.79 24.36
C LEU G 519 34.43 31.80 23.30
N SER G 520 33.72 31.83 22.16
CA SER G 520 33.96 32.73 21.04
C SER G 520 35.36 32.56 20.45
N MET G 521 35.89 31.33 20.53
CA MET G 521 37.21 31.01 20.02
C MET G 521 37.07 30.22 18.72
N PRO G 522 37.98 30.43 17.77
CA PRO G 522 37.96 29.59 16.56
C PRO G 522 38.36 28.17 16.88
N GLY G 523 37.94 27.25 16.02
CA GLY G 523 38.09 25.84 16.35
C GLY G 523 38.35 24.97 15.16
N ILE G 524 38.57 23.70 15.47
CA ILE G 524 38.76 22.62 14.50
C ILE G 524 38.22 21.35 15.16
N ASP G 525 37.81 20.40 14.33
CA ASP G 525 37.40 19.09 14.81
C ASP G 525 38.30 18.03 14.21
N ILE G 526 39.23 17.52 14.99
CA ILE G 526 40.07 16.43 14.54
C ILE G 526 39.68 15.18 15.29
N GLY G 527 40.29 14.07 14.91
CA GLY G 527 40.03 12.80 15.56
C GLY G 527 40.66 11.70 14.75
N ILE G 528 40.52 10.48 15.24
CA ILE G 528 41.17 9.37 14.56
C ILE G 528 40.11 8.44 14.00
N PRO G 529 40.33 7.84 12.84
CA PRO G 529 39.29 6.98 12.25
C PRO G 529 39.14 5.69 13.04
N GLN G 530 37.88 5.35 13.31
CA GLN G 530 37.57 4.09 13.96
C GLN G 530 36.34 3.48 13.30
N LEU G 531 36.23 2.17 13.38
CA LEU G 531 35.04 1.50 12.91
C LEU G 531 34.15 1.11 14.08
N ALA G 532 32.85 1.01 13.78
CA ALA G 532 31.79 0.67 14.74
C ALA G 532 31.75 1.64 15.92
N MET G 533 31.72 2.93 15.59
CA MET G 533 31.58 3.97 16.59
C MET G 533 30.23 3.87 17.28
N HIS G 534 30.20 4.24 18.57
CA HIS G 534 29.05 4.13 19.47
C HIS G 534 28.62 2.69 19.67
N SER G 535 29.53 1.74 19.58
CA SER G 535 29.24 0.36 19.90
C SER G 535 30.05 -0.07 21.12
N ILE G 536 29.79 -1.29 21.58
CA ILE G 536 30.44 -1.77 22.80
C ILE G 536 31.87 -2.20 22.51
N ARG G 537 32.18 -2.56 21.27
CA ARG G 537 33.55 -2.77 20.85
C ARG G 537 33.82 -1.96 19.60
N GLU G 538 34.81 -1.08 19.68
CA GLU G 538 35.17 -0.17 18.60
C GLU G 538 36.63 -0.37 18.26
N ILE G 539 36.92 -0.66 17.00
CA ILE G 539 38.28 -0.96 16.56
C ILE G 539 38.91 0.32 16.02
N ALA G 540 40.20 0.51 16.29
CA ALA G 540 40.94 1.68 15.86
C ALA G 540 42.38 1.28 15.61
N ALA G 541 43.13 2.15 14.94
CA ALA G 541 44.49 1.83 14.54
C ALA G 541 45.51 2.44 15.49
N VAL G 542 46.66 1.78 15.63
CA VAL G 542 47.63 2.19 16.64
C VAL G 542 48.55 3.29 16.10
N HIS G 543 48.66 3.43 14.78
CA HIS G 543 49.42 4.57 14.27
C HIS G 543 48.62 5.85 14.41
N ASP G 544 47.30 5.76 14.42
CA ASP G 544 46.49 6.96 14.59
C ASP G 544 46.58 7.48 16.02
N VAL G 545 46.80 6.59 16.98
CA VAL G 545 47.00 7.03 18.37
C VAL G 545 48.31 7.79 18.50
N PHE G 546 49.33 7.39 17.74
CA PHE G 546 50.57 8.17 17.72
C PHE G 546 50.36 9.51 17.05
N PHE G 547 49.60 9.55 15.96
CA PHE G 547 49.42 10.80 15.23
C PHE G 547 48.54 11.77 16.01
N LEU G 548 47.61 11.25 16.80
CA LEU G 548 46.74 12.14 17.57
C LEU G 548 47.49 12.73 18.75
N ILE G 549 48.30 11.93 19.45
CA ILE G 549 49.05 12.42 20.60
C ILE G 549 50.09 13.45 20.15
N LYS G 550 50.74 13.20 19.02
CA LYS G 550 51.65 14.19 18.47
C LYS G 550 50.89 15.34 17.81
N GLY G 551 49.64 15.10 17.40
CA GLY G 551 48.85 16.17 16.81
C GLY G 551 48.36 17.19 17.81
N VAL G 552 47.96 16.75 19.00
CA VAL G 552 47.60 17.70 20.05
C VAL G 552 48.85 18.40 20.57
N PHE G 553 49.98 17.69 20.58
CA PHE G 553 51.23 18.28 21.04
C PHE G 553 51.76 19.31 20.06
N ALA G 554 51.54 19.09 18.76
CA ALA G 554 52.02 20.05 17.78
C ALA G 554 51.15 21.30 17.76
N PHE G 555 49.84 21.15 18.01
CA PHE G 555 48.96 22.31 18.14
C PHE G 555 49.30 23.12 19.38
N TYR G 556 49.67 22.44 20.47
CA TYR G 556 50.09 23.13 21.69
C TYR G 556 51.40 23.88 21.49
N THR G 557 52.37 23.25 20.83
CA THR G 557 53.70 23.82 20.77
C THR G 557 53.81 24.92 19.72
N TYR G 558 53.16 24.74 18.57
CA TYR G 558 53.49 25.53 17.40
C TYR G 558 52.31 26.34 16.86
N TYR G 559 51.28 26.63 17.66
CA TYR G 559 50.17 27.39 17.10
C TYR G 559 50.52 28.87 16.96
N ASN G 560 51.18 29.45 17.96
CA ASN G 560 51.47 30.88 17.88
C ASN G 560 52.63 31.16 16.94
N GLN G 561 53.43 30.15 16.63
CA GLN G 561 54.44 30.34 15.59
C GLN G 561 53.78 30.40 14.22
N VAL G 562 52.70 29.64 14.02
CA VAL G 562 51.94 29.74 12.77
C VAL G 562 51.09 31.00 12.76
N LEU G 563 50.47 31.34 13.89
CA LEU G 563 49.55 32.47 13.96
C LEU G 563 50.27 33.80 13.81
N SER G 564 51.55 33.87 14.18
CA SER G 564 52.31 35.09 13.98
C SER G 564 52.64 35.34 12.52
N THR G 565 52.66 34.30 11.69
CA THR G 565 52.98 34.42 10.28
C THR G 565 51.75 34.68 9.40
N CYS G 566 50.56 34.66 9.97
CA CYS G 566 49.37 34.97 9.18
C CYS G 566 49.20 36.48 9.05
N VAL G 567 49.09 36.94 7.81
CA VAL G 567 48.80 38.34 7.52
C VAL G 567 47.44 38.41 6.83
N HIS G 568 46.51 39.11 7.48
CA HIS G 568 45.23 39.41 6.86
C HIS G 568 45.32 40.73 6.11
N ASP G 569 44.26 41.09 5.40
CA ASP G 569 44.24 42.37 4.73
C ASP G 569 43.72 43.47 5.66
N MET H 1 24.92 -30.34 46.25
CA MET H 1 25.03 -30.28 44.80
C MET H 1 25.71 -28.98 44.35
N ASP H 2 25.68 -27.97 45.21
CA ASP H 2 26.29 -26.68 44.91
C ASP H 2 27.77 -26.85 44.54
N LYS H 3 28.46 -27.71 45.28
CA LYS H 3 29.87 -27.97 45.04
C LYS H 3 30.07 -28.83 43.80
N LYS H 4 29.21 -29.84 43.63
CA LYS H 4 29.33 -30.73 42.47
C LYS H 4 28.80 -30.08 41.21
N ALA H 5 27.85 -29.16 41.33
CA ALA H 5 27.35 -28.45 40.15
C ALA H 5 28.37 -27.45 39.65
N ARG H 6 29.12 -26.82 40.55
CA ARG H 6 30.16 -25.90 40.14
C ARG H 6 31.38 -26.67 39.61
N GLU H 7 31.66 -27.84 40.17
CA GLU H 7 32.78 -28.64 39.67
C GLU H 7 32.47 -29.23 38.30
N TYR H 8 31.20 -29.54 38.04
CA TYR H 8 30.82 -30.01 36.71
C TYR H 8 30.88 -28.89 35.68
N ALA H 9 30.43 -27.69 36.07
CA ALA H 9 30.51 -26.56 35.15
C ALA H 9 31.93 -26.07 35.00
N GLN H 10 32.80 -26.34 35.98
CA GLN H 10 34.20 -25.97 35.83
C GLN H 10 34.88 -26.78 34.74
N ASP H 11 34.66 -28.10 34.73
CA ASP H 11 35.28 -28.95 33.72
C ASP H 11 34.66 -28.72 32.35
N ALA H 12 33.38 -28.33 32.30
CA ALA H 12 32.76 -27.93 31.04
C ALA H 12 33.39 -26.66 30.52
N LEU H 13 33.78 -25.76 31.42
CA LEU H 13 34.43 -24.53 31.03
C LEU H 13 35.93 -24.72 30.81
N LYS H 14 36.45 -25.91 31.12
CA LYS H 14 37.75 -26.30 30.59
C LYS H 14 37.60 -26.97 29.23
N PHE H 15 36.47 -27.63 28.98
CA PHE H 15 36.26 -28.31 27.71
C PHE H 15 36.02 -27.31 26.58
N ILE H 16 34.94 -26.51 26.68
CA ILE H 16 34.86 -25.26 25.95
C ILE H 16 35.99 -24.35 26.45
N GLN H 17 36.49 -23.48 25.55
CA GLN H 17 37.75 -22.70 25.52
C GLN H 17 38.93 -23.56 25.11
N ARG H 18 38.76 -24.87 25.01
CA ARG H 18 39.65 -25.71 24.22
C ARG H 18 38.96 -26.30 23.02
N SER H 19 37.64 -26.31 23.03
CA SER H 19 36.81 -26.84 21.96
C SER H 19 36.30 -25.70 21.10
N GLY H 20 37.18 -25.13 20.29
CA GLY H 20 36.79 -23.98 19.51
C GLY H 20 36.03 -24.26 18.24
N SER H 21 35.93 -25.52 17.84
CA SER H 21 35.27 -25.87 16.59
C SER H 21 34.72 -27.27 16.73
N ASN H 22 34.30 -27.85 15.60
CA ASN H 22 33.83 -29.23 15.61
C ASN H 22 34.98 -30.22 15.57
N PHE H 23 36.15 -29.78 15.11
CA PHE H 23 37.30 -30.68 15.05
C PHE H 23 37.94 -30.84 16.42
N LEU H 24 38.11 -29.73 17.14
CA LEU H 24 38.66 -29.80 18.48
C LEU H 24 37.63 -30.28 19.48
N ALA H 25 36.36 -30.36 19.09
CA ALA H 25 35.37 -31.04 19.90
C ALA H 25 35.57 -32.55 19.84
N CYS H 26 35.86 -33.08 18.65
CA CYS H 26 36.17 -34.50 18.53
C CYS H 26 37.51 -34.81 19.19
N LYS H 27 38.46 -33.89 19.09
CA LYS H 27 39.81 -34.15 19.60
C LYS H 27 39.84 -34.13 21.13
N ASN H 28 39.19 -33.14 21.74
CA ASN H 28 39.25 -33.03 23.19
C ASN H 28 38.37 -34.05 23.88
N LEU H 29 37.29 -34.48 23.23
CA LEU H 29 36.47 -35.55 23.80
C LEU H 29 37.17 -36.89 23.67
N LYS H 30 37.89 -37.10 22.57
CA LYS H 30 38.67 -38.32 22.42
C LYS H 30 39.84 -38.35 23.41
N GLU H 31 40.42 -37.18 23.70
CA GLU H 31 41.40 -37.11 24.77
C GLU H 31 40.75 -37.28 26.13
N ARG H 32 39.50 -36.84 26.30
CA ARG H 32 38.82 -37.00 27.56
C ARG H 32 38.41 -38.44 27.79
N LEU H 33 38.07 -39.15 26.72
CA LEU H 33 37.71 -40.57 26.86
C LEU H 33 38.94 -41.44 27.02
N GLU H 34 40.05 -41.09 26.38
CA GLU H 34 41.27 -41.89 26.49
C GLU H 34 41.94 -41.76 27.85
N ASN H 35 41.62 -40.72 28.62
CA ASN H 35 42.16 -40.60 29.96
C ASN H 35 41.56 -41.62 30.91
N ASN H 36 40.35 -42.09 30.64
CA ASN H 36 39.74 -43.11 31.48
C ASN H 36 40.14 -44.51 31.06
N GLY H 37 40.88 -44.66 29.97
CA GLY H 37 41.34 -45.95 29.52
C GLY H 37 40.62 -46.53 28.33
N PHE H 38 39.96 -45.69 27.53
CA PHE H 38 39.23 -46.19 26.38
C PHE H 38 40.20 -46.56 25.26
N ILE H 39 40.00 -47.76 24.70
CA ILE H 39 40.87 -48.22 23.62
C ILE H 39 40.50 -47.50 22.34
N ASN H 40 41.40 -46.64 21.88
CA ASN H 40 41.19 -45.85 20.66
C ASN H 40 41.41 -46.76 19.47
N LEU H 41 40.32 -47.15 18.81
CA LEU H 41 40.40 -48.00 17.64
C LEU H 41 40.02 -47.18 16.41
N SER H 42 40.69 -47.46 15.30
CA SER H 42 40.46 -46.75 14.06
C SER H 42 39.47 -47.52 13.21
N GLU H 43 38.80 -46.80 12.31
CA GLU H 43 37.79 -47.41 11.45
C GLU H 43 38.43 -48.30 10.38
N GLY H 44 39.73 -48.13 10.14
CA GLY H 44 40.30 -48.69 8.94
C GLY H 44 41.06 -49.99 9.16
N GLU H 45 41.31 -50.38 10.42
CA GLU H 45 42.13 -51.58 10.59
C GLU H 45 41.30 -52.87 10.60
N THR H 46 40.61 -53.16 11.71
CA THR H 46 39.86 -54.38 12.01
C THR H 46 39.30 -54.15 13.41
N TRP H 47 38.10 -54.66 13.68
CA TRP H 47 37.49 -54.49 15.00
C TRP H 47 37.48 -55.84 15.71
N ASN H 48 38.32 -55.97 16.74
CA ASN H 48 38.31 -57.12 17.63
C ASN H 48 37.88 -56.58 18.99
N LEU H 49 36.57 -56.50 19.21
CA LEU H 49 36.06 -55.92 20.43
C LEU H 49 35.98 -56.95 21.54
N ASN H 50 36.13 -56.49 22.77
CA ASN H 50 36.11 -57.35 23.93
C ASN H 50 35.01 -56.91 24.87
N LYS H 51 34.60 -57.81 25.75
CA LYS H 51 33.70 -57.43 26.83
C LYS H 51 34.45 -56.57 27.84
N ASN H 52 33.70 -55.79 28.63
CA ASN H 52 34.19 -54.94 29.73
C ASN H 52 35.12 -53.82 29.29
N GLU H 53 35.33 -53.61 28.00
CA GLU H 53 36.28 -52.61 27.55
C GLU H 53 35.53 -51.47 26.85
N GLY H 54 36.08 -50.27 27.00
CA GLY H 54 35.49 -49.11 26.38
C GLY H 54 36.28 -48.67 25.18
N TYR H 55 35.61 -48.20 24.15
CA TYR H 55 36.25 -47.85 22.90
C TYR H 55 35.84 -46.45 22.50
N VAL H 56 36.63 -45.82 21.65
CA VAL H 56 36.42 -44.44 21.22
C VAL H 56 36.91 -44.33 19.78
N LEU H 57 36.15 -43.64 18.94
CA LEU H 57 36.59 -43.39 17.58
C LEU H 57 36.07 -42.06 17.08
N CYS H 58 37.00 -41.25 16.59
CA CYS H 58 36.69 -40.06 15.80
C CYS H 58 36.59 -40.49 14.34
N LYS H 59 35.40 -40.43 13.78
CA LYS H 59 35.23 -40.66 12.35
C LYS H 59 35.66 -39.38 11.63
N GLU H 60 36.79 -39.48 10.90
CA GLU H 60 37.49 -38.41 10.17
C GLU H 60 37.54 -37.08 10.94
N ASN H 61 37.80 -37.16 12.24
CA ASN H 61 38.02 -36.06 13.18
C ASN H 61 36.85 -35.08 13.29
N ARG H 62 35.64 -35.49 12.92
CA ARG H 62 34.46 -34.66 13.09
C ARG H 62 33.43 -35.29 14.02
N ASN H 63 33.32 -36.61 13.99
CA ASN H 63 32.27 -37.34 14.67
C ASN H 63 32.87 -38.24 15.74
N ILE H 64 32.71 -37.87 17.00
CA ILE H 64 33.18 -38.67 18.12
C ILE H 64 32.08 -39.68 18.47
N CYS H 65 32.48 -40.91 18.78
CA CYS H 65 31.56 -41.98 19.13
C CYS H 65 32.25 -42.91 20.12
N GLY H 66 31.95 -42.78 21.39
CA GLY H 66 32.54 -43.67 22.37
C GLY H 66 31.53 -44.66 22.89
N PHE H 67 31.89 -45.94 22.91
CA PHE H 67 30.95 -46.96 23.38
C PHE H 67 31.65 -47.87 24.37
N PHE H 68 30.85 -48.51 25.22
CA PHE H 68 31.32 -49.44 26.22
C PHE H 68 30.52 -50.74 26.13
N VAL H 69 31.21 -51.82 25.81
CA VAL H 69 30.60 -53.15 25.76
C VAL H 69 30.53 -53.72 27.17
N GLY H 70 29.31 -54.08 27.59
CA GLY H 70 29.14 -54.65 28.91
C GLY H 70 29.75 -56.03 29.03
N LYS H 71 29.86 -56.50 30.28
CA LYS H 71 30.58 -57.75 30.55
C LYS H 71 29.81 -58.97 30.08
N ASN H 72 28.60 -59.17 30.58
CA ASN H 72 27.70 -60.20 30.07
C ASN H 72 26.62 -59.53 29.21
N PHE H 73 26.87 -59.44 27.91
CA PHE H 73 25.77 -59.25 26.98
C PHE H 73 24.77 -60.40 27.06
N ASN H 74 23.52 -60.07 26.83
CA ASN H 74 22.47 -61.04 26.57
C ASN H 74 21.67 -60.58 25.38
N ILE H 75 21.78 -61.35 24.29
CA ILE H 75 20.96 -61.17 23.10
C ILE H 75 19.49 -61.27 23.46
N ASP H 76 19.17 -62.21 24.37
CA ASP H 76 17.81 -62.33 24.88
C ASP H 76 17.39 -61.10 25.70
N THR H 77 18.10 -60.83 26.81
CA THR H 77 17.75 -59.73 27.71
C THR H 77 18.93 -58.77 27.81
N GLY H 78 19.02 -57.86 26.85
CA GLY H 78 20.05 -56.84 26.85
C GLY H 78 19.64 -55.70 25.94
N SER H 79 20.43 -54.64 25.93
CA SER H 79 19.99 -53.38 25.34
C SER H 79 21.16 -52.64 24.72
N ILE H 80 20.83 -51.67 23.88
CA ILE H 80 21.79 -50.71 23.35
C ILE H 80 21.30 -49.32 23.74
N LEU H 81 22.01 -48.70 24.68
CA LEU H 81 21.63 -47.40 25.22
C LEU H 81 22.51 -46.33 24.60
N ILE H 82 21.90 -45.40 23.88
CA ILE H 82 22.63 -44.40 23.12
C ILE H 82 22.24 -43.02 23.63
N SER H 83 23.25 -42.22 23.95
CA SER H 83 23.07 -40.82 24.25
C SER H 83 23.72 -40.00 23.16
N ILE H 84 23.01 -38.96 22.70
CA ILE H 84 23.37 -38.26 21.48
C ILE H 84 23.41 -36.76 21.78
N GLY H 85 24.53 -36.13 21.42
CA GLY H 85 24.58 -34.69 21.38
C GLY H 85 25.60 -34.25 20.37
N HIS H 86 25.21 -33.44 19.40
CA HIS H 86 26.07 -33.05 18.30
C HIS H 86 27.18 -32.14 18.78
N ILE H 87 28.35 -32.24 18.15
CA ILE H 87 29.51 -31.43 18.52
C ILE H 87 29.80 -30.48 17.35
N ASP H 88 29.10 -29.35 17.34
CA ASP H 88 29.21 -28.28 16.35
C ASP H 88 28.27 -27.18 16.79
N SER H 89 28.41 -26.02 16.16
CA SER H 89 27.58 -24.88 16.50
C SER H 89 27.54 -23.95 15.31
N CYS H 90 26.65 -22.96 15.38
CA CYS H 90 26.62 -21.92 14.37
C CYS H 90 27.88 -21.08 14.49
N ALA H 91 28.72 -21.12 13.47
CA ALA H 91 29.97 -20.39 13.47
C ALA H 91 30.17 -19.77 12.10
N LEU H 92 31.06 -18.79 12.04
CA LEU H 92 31.44 -18.21 10.78
C LEU H 92 32.64 -18.97 10.23
N LYS H 93 32.40 -19.96 9.39
CA LYS H 93 33.49 -20.70 8.79
C LYS H 93 34.11 -19.89 7.66
N ILE H 94 35.37 -20.17 7.38
CA ILE H 94 36.15 -19.44 6.39
C ILE H 94 35.95 -20.08 5.02
N SER H 95 35.64 -19.26 4.02
CA SER H 95 35.49 -19.63 2.63
C SER H 95 36.84 -20.04 2.03
N PRO H 96 36.83 -20.85 0.97
CA PRO H 96 38.11 -21.23 0.34
C PRO H 96 38.85 -20.10 -0.33
N ASN H 97 38.19 -19.36 -1.21
CA ASN H 97 38.78 -18.17 -1.82
C ASN H 97 38.48 -17.01 -0.88
N ASN H 98 39.49 -16.62 -0.11
CA ASN H 98 39.37 -15.52 0.84
C ASN H 98 40.51 -14.55 0.59
N ASN H 99 40.33 -13.65 -0.35
CA ASN H 99 41.26 -12.53 -0.50
C ASN H 99 40.40 -11.32 -0.87
N VAL H 100 39.91 -10.64 0.15
CA VAL H 100 39.06 -9.48 -0.03
C VAL H 100 39.84 -8.26 0.40
N ILE H 101 40.15 -7.40 -0.56
CA ILE H 101 40.89 -6.17 -0.32
C ILE H 101 39.98 -5.02 -0.73
N LYS H 102 39.30 -4.42 0.23
CA LYS H 102 38.41 -3.32 -0.07
C LYS H 102 38.65 -2.21 0.95
N LYS H 103 38.69 -0.97 0.46
CA LYS H 103 38.96 0.24 1.24
C LYS H 103 40.27 0.15 2.01
N LYS H 104 41.32 -0.36 1.33
CA LYS H 104 42.67 -0.55 1.86
C LYS H 104 42.71 -1.44 3.09
N ILE H 105 41.80 -2.40 3.17
CA ILE H 105 41.69 -3.28 4.34
C ILE H 105 41.62 -4.71 3.84
N HIS H 106 42.53 -5.55 4.35
CA HIS H 106 42.48 -6.97 4.09
C HIS H 106 41.35 -7.61 4.87
N GLN H 107 40.54 -8.39 4.18
CA GLN H 107 39.38 -9.01 4.79
C GLN H 107 39.36 -10.50 4.50
N ILE H 108 38.59 -11.22 5.30
CA ILE H 108 38.20 -12.58 5.04
C ILE H 108 36.73 -12.54 4.70
N ASN H 109 36.33 -13.24 3.65
CA ASN H 109 34.89 -13.47 3.50
C ASN H 109 34.55 -14.82 4.09
N VAL H 110 33.64 -14.82 5.06
CA VAL H 110 33.32 -16.00 5.81
C VAL H 110 31.96 -16.50 5.38
N GLU H 111 31.75 -17.80 5.50
CA GLU H 111 30.48 -18.41 5.16
C GLU H 111 29.71 -18.67 6.45
N CYS H 112 28.44 -18.27 6.46
CA CYS H 112 27.63 -18.43 7.65
C CYS H 112 27.17 -19.88 7.76
N TYR H 113 27.78 -20.62 8.68
CA TYR H 113 27.50 -22.03 8.87
C TYR H 113 26.40 -22.15 9.90
N GLY H 114 25.32 -22.84 9.56
CA GLY H 114 24.21 -22.95 10.48
C GLY H 114 23.31 -21.74 10.41
N SER H 115 22.38 -21.68 11.35
CA SER H 115 21.42 -20.57 11.45
C SER H 115 21.68 -19.91 12.79
N GLY H 116 22.47 -18.84 12.78
CA GLY H 116 22.90 -18.19 14.00
C GLY H 116 22.46 -16.73 14.07
N LEU H 117 22.59 -16.18 15.28
CA LEU H 117 22.39 -14.75 15.49
C LEU H 117 23.65 -14.07 15.00
N TRP H 118 23.69 -13.77 13.71
CA TRP H 118 24.92 -13.25 13.13
C TRP H 118 25.16 -11.79 13.45
N HIS H 119 24.14 -11.08 13.94
CA HIS H 119 24.37 -9.72 14.40
C HIS H 119 25.08 -9.69 15.75
N THR H 120 25.04 -10.80 16.49
CA THR H 120 25.81 -10.88 17.72
C THR H 120 27.28 -11.17 17.45
N TRP H 121 27.59 -11.74 16.29
CA TRP H 121 28.98 -11.95 15.91
C TRP H 121 29.67 -10.66 15.49
N PHE H 122 28.91 -9.60 15.27
CA PHE H 122 29.51 -8.31 14.98
C PHE H 122 30.15 -7.75 16.23
N ASP H 123 31.31 -7.11 16.05
CA ASP H 123 32.06 -6.41 17.09
C ASP H 123 32.52 -7.38 18.19
N ARG H 124 33.16 -8.46 17.76
CA ARG H 124 33.73 -9.44 18.68
C ARG H 124 35.20 -9.63 18.36
N SER H 125 36.02 -9.73 19.39
CA SER H 125 37.42 -10.10 19.20
C SER H 125 37.47 -11.58 18.84
N LEU H 126 37.56 -11.87 17.55
CA LEU H 126 37.35 -13.22 17.03
C LEU H 126 38.67 -13.93 16.82
N GLY H 127 38.65 -15.25 17.02
CA GLY H 127 39.79 -16.10 16.83
C GLY H 127 39.56 -17.14 15.75
N LEU H 128 40.38 -18.19 15.79
CA LEU H 128 40.34 -19.24 14.79
C LEU H 128 40.47 -20.60 15.45
N SER H 129 39.65 -21.55 15.01
CA SER H 129 39.80 -22.94 15.40
C SER H 129 39.34 -23.80 14.24
N GLY H 130 40.01 -24.92 14.05
CA GLY H 130 39.62 -25.80 12.97
C GLY H 130 40.79 -26.63 12.49
N GLN H 131 40.63 -27.15 11.28
CA GLN H 131 41.55 -28.12 10.71
C GLN H 131 42.30 -27.47 9.55
N VAL H 132 43.61 -27.61 9.53
CA VAL H 132 44.45 -27.05 8.48
C VAL H 132 45.27 -28.17 7.88
N LEU H 133 45.18 -28.33 6.56
CA LEU H 133 45.98 -29.31 5.84
C LEU H 133 47.14 -28.56 5.21
N TYR H 134 48.37 -28.97 5.54
CA TYR H 134 49.57 -28.34 5.03
C TYR H 134 50.57 -29.40 4.62
N LYS H 135 51.49 -29.04 3.71
CA LYS H 135 52.50 -29.96 3.25
C LYS H 135 53.72 -29.94 4.16
N LYS H 136 54.36 -31.08 4.31
CA LYS H 136 55.67 -31.17 4.94
C LYS H 136 56.44 -32.28 4.25
N GLY H 137 57.33 -31.91 3.34
CA GLY H 137 57.97 -32.86 2.47
C GLY H 137 57.04 -33.26 1.34
N ASN H 138 56.83 -34.57 1.18
CA ASN H 138 55.92 -35.08 0.17
C ASN H 138 54.62 -35.59 0.79
N LYS H 139 54.39 -35.27 2.06
CA LYS H 139 53.32 -35.89 2.83
C LYS H 139 52.33 -34.81 3.24
N LEU H 140 51.05 -35.09 3.06
CA LEU H 140 50.02 -34.18 3.54
C LEU H 140 49.86 -34.33 5.05
N VAL H 141 50.16 -33.28 5.78
CA VAL H 141 50.12 -33.30 7.23
C VAL H 141 48.88 -32.55 7.68
N GLU H 142 48.13 -33.15 8.59
CA GLU H 142 46.88 -32.62 9.09
C GLU H 142 47.07 -32.14 10.51
N LYS H 143 46.70 -30.91 10.79
CA LYS H 143 46.89 -30.36 12.12
C LYS H 143 45.66 -29.55 12.51
N LEU H 144 45.21 -29.79 13.74
CA LEU H 144 44.08 -29.08 14.32
C LEU H 144 44.62 -27.89 15.11
N ILE H 145 44.31 -26.68 14.65
CA ILE H 145 44.88 -25.48 15.25
C ILE H 145 43.85 -24.83 16.15
N GLN H 146 44.33 -23.98 17.04
CA GLN H 146 43.52 -23.27 18.02
C GLN H 146 44.21 -21.96 18.33
N ILE H 147 43.74 -20.87 17.71
CA ILE H 147 44.35 -19.56 17.88
C ILE H 147 43.48 -18.76 18.83
N ASN H 148 43.89 -18.71 20.10
CA ASN H 148 43.11 -18.11 21.16
C ASN H 148 43.31 -16.60 21.27
N LYS H 149 44.16 -16.02 20.45
CA LYS H 149 44.35 -14.58 20.44
C LYS H 149 43.48 -13.97 19.35
N SER H 150 43.12 -12.71 19.53
CA SER H 150 42.16 -12.10 18.63
C SER H 150 42.86 -11.67 17.34
N VAL H 151 42.46 -12.27 16.24
CA VAL H 151 43.12 -12.06 14.96
C VAL H 151 42.12 -11.61 13.91
N LEU H 152 40.85 -11.47 14.31
CA LEU H 152 39.79 -11.13 13.39
C LEU H 152 38.77 -10.26 14.11
N PHE H 153 38.05 -9.47 13.33
CA PHE H 153 37.07 -8.55 13.89
C PHE H 153 36.05 -8.25 12.82
N LEU H 154 34.79 -8.49 13.14
CA LEU H 154 33.70 -8.17 12.23
C LEU H 154 33.07 -6.87 12.67
N PRO H 155 33.39 -5.74 12.05
CA PRO H 155 32.94 -4.46 12.56
C PRO H 155 31.52 -4.13 12.13
N SER H 156 30.81 -3.43 13.00
CA SER H 156 29.48 -2.97 12.68
C SER H 156 29.54 -1.63 11.97
N LEU H 157 28.38 -1.15 11.55
CA LEU H 157 28.32 0.20 11.00
C LEU H 157 28.10 1.19 12.12
N ALA H 158 28.72 2.36 12.00
CA ALA H 158 28.53 3.44 12.96
C ALA H 158 27.09 3.92 12.93
N ILE H 159 26.63 4.45 14.06
CA ILE H 159 25.22 4.78 14.17
C ILE H 159 24.87 6.05 13.42
N HIS H 160 25.86 6.89 13.09
CA HIS H 160 25.57 8.22 12.58
C HIS H 160 25.17 8.19 11.10
N LEU H 161 25.42 7.09 10.40
CA LEU H 161 25.31 7.12 8.95
C LEU H 161 23.89 6.87 8.49
N GLN H 162 23.14 6.02 9.20
CA GLN H 162 21.74 5.77 8.88
C GLN H 162 20.86 6.71 9.70
N ASN H 163 19.56 6.43 9.69
CA ASN H 163 18.64 7.15 10.57
C ASN H 163 18.78 6.57 11.98
N ARG H 164 18.44 7.37 13.00
CA ARG H 164 18.79 7.01 14.36
C ARG H 164 17.56 6.86 15.24
N THR H 165 17.79 6.26 16.42
CA THR H 165 17.01 6.34 17.67
C THR H 165 15.56 5.84 17.56
N ARG H 166 15.16 5.26 16.44
CA ARG H 166 13.77 4.77 16.36
C ARG H 166 13.72 3.34 15.87
N TYR H 167 12.88 2.52 16.53
CA TYR H 167 12.59 1.11 16.24
C TYR H 167 13.84 0.27 15.97
N ASP H 168 14.89 0.54 16.74
CA ASP H 168 16.26 0.07 16.51
C ASP H 168 16.73 0.31 15.07
N PHE H 169 16.54 1.54 14.58
CA PHE H 169 17.15 2.17 13.39
C PHE H 169 17.19 1.33 12.11
N SER H 170 16.27 0.35 11.99
CA SER H 170 16.15 -0.57 10.86
C SER H 170 17.48 -1.26 10.53
N VAL H 171 17.98 -2.04 11.49
CA VAL H 171 19.21 -2.76 11.27
C VAL H 171 18.92 -3.99 10.39
N LYS H 172 19.69 -4.12 9.32
CA LYS H 172 19.58 -5.25 8.41
C LYS H 172 20.99 -5.72 8.10
N ILE H 173 21.32 -6.93 8.50
CA ILE H 173 22.63 -7.51 8.22
C ILE H 173 22.51 -8.36 6.96
N ASN H 174 23.01 -7.82 5.86
CA ASN H 174 23.13 -8.58 4.63
C ASN H 174 24.21 -9.63 4.84
N TYR H 175 23.87 -10.90 4.58
CA TYR H 175 24.73 -11.99 5.02
C TYR H 175 25.99 -12.09 4.17
N GLU H 176 25.91 -11.72 2.90
CA GLU H 176 27.11 -11.71 2.08
C GLU H 176 27.93 -10.44 2.26
N ASN H 177 27.30 -9.28 2.09
CA ASN H 177 28.02 -8.02 2.04
C ASN H 177 28.58 -7.62 3.40
N HIS H 178 27.76 -7.64 4.43
CA HIS H 178 28.12 -7.04 5.70
C HIS H 178 28.88 -8.00 6.63
N ILE H 179 28.85 -9.29 6.35
CA ILE H 179 29.55 -10.27 7.17
C ILE H 179 30.83 -10.63 6.42
N LYS H 180 31.88 -9.88 6.69
CA LYS H 180 33.21 -10.05 6.14
C LYS H 180 34.17 -9.44 7.14
N PRO H 181 34.78 -10.24 8.02
CA PRO H 181 35.64 -9.68 9.06
C PRO H 181 36.92 -9.08 8.48
N ILE H 182 37.35 -7.99 9.06
CA ILE H 182 38.63 -7.40 8.70
C ILE H 182 39.72 -8.16 9.43
N ILE H 183 40.89 -8.25 8.81
CA ILE H 183 41.99 -9.02 9.38
C ILE H 183 43.27 -8.20 9.45
N SER H 184 43.40 -7.20 8.59
CA SER H 184 44.61 -6.38 8.48
C SER H 184 44.30 -5.21 7.57
N THR H 185 45.26 -4.30 7.45
CA THR H 185 45.26 -3.30 6.41
C THR H 185 46.34 -3.62 5.38
N THR H 186 46.23 -2.98 4.22
CA THR H 186 47.27 -3.17 3.20
C THR H 186 48.54 -2.42 3.55
N LEU H 187 48.49 -1.50 4.50
CA LEU H 187 49.71 -0.84 4.93
C LEU H 187 50.59 -1.79 5.72
N PHE H 188 50.05 -2.41 6.77
CA PHE H 188 50.90 -3.30 7.55
C PHE H 188 51.01 -4.69 6.97
N ASN H 189 50.21 -5.04 5.97
CA ASN H 189 50.51 -6.26 5.23
C ASN H 189 51.75 -6.09 4.40
N GLN H 190 51.87 -4.94 3.72
CA GLN H 190 53.07 -4.65 2.95
C GLN H 190 54.24 -4.27 3.85
N LEU H 191 53.95 -3.69 5.01
CA LEU H 191 55.03 -3.33 5.93
C LEU H 191 55.63 -4.57 6.58
N ASN H 192 54.80 -5.59 6.84
CA ASN H 192 55.33 -6.80 7.46
C ASN H 192 55.70 -7.84 6.41
N LYS H 193 55.83 -7.44 5.14
CA LYS H 193 56.23 -8.41 4.11
C LYS H 193 57.69 -8.24 3.72
N CYS H 194 58.17 -7.00 3.54
CA CYS H 194 59.55 -6.82 3.11
C CYS H 194 60.55 -7.11 4.23
N LYS H 195 60.08 -7.07 5.48
CA LYS H 195 60.88 -7.60 6.58
C LYS H 195 60.31 -8.94 7.02
N ILE H 272 51.95 -18.26 -3.08
CA ILE H 272 51.87 -18.37 -4.53
C ILE H 272 50.43 -18.13 -4.98
N ASN H 273 49.48 -18.70 -4.25
CA ASN H 273 48.07 -18.60 -4.63
C ASN H 273 47.53 -17.22 -4.30
N THR H 274 46.74 -16.65 -5.20
CA THR H 274 46.12 -15.35 -4.95
C THR H 274 44.75 -15.48 -4.31
N ASP H 275 44.32 -16.70 -4.00
CA ASP H 275 42.98 -16.90 -3.48
C ASP H 275 42.95 -16.87 -1.96
N ASN H 276 44.05 -17.28 -1.33
CA ASN H 276 44.13 -17.26 0.12
C ASN H 276 44.70 -15.94 0.61
N SER H 277 44.23 -15.49 1.77
CA SER H 277 44.69 -14.22 2.32
C SER H 277 46.08 -14.38 2.91
N TYR H 278 47.01 -13.52 2.47
CA TYR H 278 48.35 -13.54 3.06
C TYR H 278 48.38 -13.09 4.52
N PRO H 279 47.54 -12.17 5.01
CA PRO H 279 47.43 -12.04 6.47
C PRO H 279 46.95 -13.30 7.16
N LEU H 280 46.06 -14.06 6.53
CA LEU H 280 45.67 -15.34 7.11
C LEU H 280 46.77 -16.37 6.97
N LEU H 281 47.43 -16.41 5.80
CA LEU H 281 48.47 -17.42 5.56
C LEU H 281 49.71 -17.15 6.40
N TYR H 282 50.00 -15.90 6.73
CA TYR H 282 51.06 -15.60 7.68
C TYR H 282 50.70 -16.08 9.06
N LEU H 283 49.41 -16.07 9.40
CA LEU H 283 48.98 -16.41 10.74
C LEU H 283 49.04 -17.91 10.99
N LEU H 284 48.56 -18.70 10.03
CA LEU H 284 48.55 -20.15 10.21
C LEU H 284 49.96 -20.72 10.10
N SER H 285 50.80 -20.12 9.25
CA SER H 285 52.20 -20.56 9.16
C SER H 285 52.97 -20.25 10.44
N LYS H 286 52.57 -19.20 11.15
CA LYS H 286 53.18 -18.91 12.45
C LYS H 286 52.78 -19.93 13.50
N GLU H 287 51.58 -20.51 13.35
CA GLU H 287 51.13 -21.52 14.31
C GLU H 287 51.68 -22.89 13.96
N LEU H 288 51.81 -23.20 12.67
CA LEU H 288 52.25 -24.52 12.24
C LEU H 288 53.76 -24.62 12.07
N ASN H 289 54.48 -23.48 12.14
CA ASN H 289 55.93 -23.39 11.95
C ASN H 289 56.35 -24.01 10.61
N CYS H 290 55.85 -23.40 9.54
CA CYS H 290 56.22 -23.77 8.19
C CYS H 290 56.07 -22.53 7.32
N LYS H 291 56.29 -22.70 6.02
CA LYS H 291 56.07 -21.60 5.11
C LYS H 291 54.58 -21.42 4.83
N GLU H 292 54.21 -20.22 4.42
CA GLU H 292 52.84 -19.95 4.02
C GLU H 292 52.48 -20.64 2.72
N GLU H 293 53.47 -20.96 1.91
CA GLU H 293 53.24 -21.65 0.65
C GLU H 293 52.96 -23.13 0.85
N ASP H 294 53.23 -23.65 2.06
CA ASP H 294 52.90 -25.04 2.35
C ASP H 294 51.44 -25.21 2.77
N ILE H 295 50.76 -24.13 3.15
CA ILE H 295 49.36 -24.22 3.56
C ILE H 295 48.51 -24.40 2.32
N LEU H 296 47.84 -25.55 2.22
CA LEU H 296 47.06 -25.88 1.03
C LEU H 296 45.62 -25.41 1.11
N ASP H 297 44.86 -25.91 2.07
CA ASP H 297 43.48 -25.50 2.29
C ASP H 297 43.09 -25.94 3.68
N PHE H 298 42.04 -25.33 4.22
CA PHE H 298 41.72 -25.52 5.63
C PHE H 298 40.23 -25.35 5.83
N GLU H 299 39.73 -26.01 6.87
CA GLU H 299 38.36 -25.81 7.35
C GLU H 299 38.44 -25.13 8.69
N LEU H 300 38.40 -23.80 8.69
CA LEU H 300 38.58 -23.01 9.89
C LEU H 300 37.26 -22.37 10.29
N CYS H 301 37.00 -22.33 11.59
CA CYS H 301 35.81 -21.72 12.15
C CYS H 301 36.22 -20.54 13.01
N LEU H 302 35.54 -19.41 12.84
CA LEU H 302 35.78 -18.26 13.68
C LEU H 302 35.16 -18.51 15.04
N MET H 303 35.91 -18.21 16.09
CA MET H 303 35.41 -18.36 17.45
C MET H 303 35.65 -17.07 18.20
N ASP H 304 34.95 -16.87 19.31
CA ASP H 304 35.19 -15.70 20.14
C ASP H 304 36.29 -15.99 21.14
N THR H 305 37.30 -15.12 21.17
CA THR H 305 38.48 -15.35 22.01
C THR H 305 38.22 -15.15 23.49
N GLN H 306 37.08 -14.57 23.86
CA GLN H 306 36.77 -14.38 25.27
C GLN H 306 36.49 -15.73 25.93
N GLU H 307 37.20 -16.00 27.02
CA GLU H 307 37.04 -17.26 27.72
C GLU H 307 35.68 -17.32 28.39
N PRO H 308 35.06 -18.50 28.45
CA PRO H 308 33.84 -18.67 29.22
C PRO H 308 34.07 -18.43 30.70
N CYS H 309 33.01 -17.99 31.38
CA CYS H 309 33.16 -17.61 32.78
C CYS H 309 31.82 -17.77 33.50
N PHE H 310 31.91 -17.99 34.81
CA PHE H 310 30.76 -17.95 35.69
C PHE H 310 30.28 -16.51 35.85
N THR H 311 28.98 -16.30 35.63
CA THR H 311 28.41 -14.97 35.70
C THR H 311 27.21 -14.95 36.63
N GLY H 312 26.58 -13.77 36.69
CA GLY H 312 25.65 -13.45 37.75
C GLY H 312 26.37 -12.87 38.95
N VAL H 313 25.58 -12.34 39.89
CA VAL H 313 26.16 -11.86 41.12
C VAL H 313 26.68 -13.01 41.97
N TYR H 314 25.92 -14.10 42.02
CA TYR H 314 26.26 -15.24 42.85
C TYR H 314 27.10 -16.27 42.11
N GLU H 315 27.69 -15.90 40.97
CA GLU H 315 28.44 -16.78 40.07
C GLU H 315 27.62 -18.01 39.71
N GLU H 316 26.39 -17.75 39.26
CA GLU H 316 25.35 -18.76 39.18
C GLU H 316 25.01 -19.18 37.77
N PHE H 317 25.53 -18.49 36.78
CA PHE H 317 25.31 -18.85 35.40
C PHE H 317 26.61 -19.29 34.76
N ILE H 318 26.51 -19.81 33.54
CA ILE H 318 27.68 -20.08 32.72
C ILE H 318 27.41 -19.53 31.34
N GLU H 319 28.44 -18.99 30.70
CA GLU H 319 28.36 -18.49 29.34
C GLU H 319 29.78 -18.40 28.79
N GLY H 320 30.05 -19.00 27.65
CA GLY H 320 31.06 -18.32 26.87
C GLY H 320 30.88 -18.24 25.37
N ALA H 321 30.50 -19.37 24.79
CA ALA H 321 30.44 -19.61 23.35
C ALA H 321 30.00 -21.04 23.16
N ARG H 322 29.36 -21.29 22.03
CA ARG H 322 29.18 -22.62 21.45
C ARG H 322 28.38 -23.56 22.37
N PHE H 323 27.63 -23.00 23.31
CA PHE H 323 26.90 -23.79 24.28
C PHE H 323 25.73 -24.55 23.68
N ASP H 324 25.42 -24.33 22.39
CA ASP H 324 24.48 -25.18 21.68
C ASP H 324 25.15 -26.54 21.49
N ASN H 325 24.93 -27.38 22.50
CA ASN H 325 25.29 -28.79 22.57
C ASN H 325 26.79 -29.04 22.52
N LEU H 326 27.63 -28.06 22.79
CA LEU H 326 28.98 -28.42 23.19
C LEU H 326 29.08 -28.45 24.69
N LEU H 327 28.25 -27.66 25.37
CA LEU H 327 27.98 -27.89 26.78
C LEU H 327 27.10 -29.12 26.96
N GLY H 328 26.12 -29.29 26.07
CA GLY H 328 25.20 -30.41 26.19
C GLY H 328 25.84 -31.75 25.89
N SER H 329 26.72 -31.80 24.90
CA SER H 329 27.40 -33.06 24.60
C SER H 329 28.57 -33.30 25.53
N PHE H 330 29.01 -32.27 26.26
CA PHE H 330 29.89 -32.55 27.39
C PHE H 330 29.19 -33.39 28.43
N CYS H 331 27.94 -33.01 28.78
CA CYS H 331 27.15 -33.79 29.72
C CYS H 331 26.77 -35.16 29.18
N VAL H 332 26.75 -35.32 27.85
CA VAL H 332 26.57 -36.63 27.27
C VAL H 332 27.77 -37.51 27.57
N PHE H 333 28.98 -36.96 27.40
CA PHE H 333 30.17 -37.77 27.62
C PHE H 333 30.61 -37.75 29.08
N GLU H 334 30.32 -36.68 29.83
CA GLU H 334 30.59 -36.71 31.26
C GLU H 334 29.63 -37.65 31.97
N GLY H 335 28.38 -37.72 31.50
CA GLY H 335 27.47 -38.74 31.99
C GLY H 335 27.87 -40.14 31.57
N PHE H 336 28.57 -40.25 30.44
CA PHE H 336 29.03 -41.54 29.96
C PHE H 336 30.29 -41.99 30.68
N ILE H 337 31.16 -41.04 31.01
CA ILE H 337 32.39 -41.35 31.73
C ILE H 337 32.08 -41.82 33.15
N GLU H 338 31.11 -41.17 33.80
CA GLU H 338 30.73 -41.55 35.15
C GLU H 338 30.02 -42.89 35.18
N LEU H 339 29.39 -43.28 34.07
CA LEU H 339 28.83 -44.61 33.97
C LEU H 339 29.92 -45.68 33.93
N VAL H 340 30.89 -45.51 33.01
CA VAL H 340 31.95 -46.50 32.84
C VAL H 340 32.81 -46.59 34.09
N ASN H 341 33.02 -45.46 34.76
CA ASN H 341 33.72 -45.50 36.04
C ASN H 341 32.88 -46.16 37.12
N SER H 342 31.55 -46.14 37.00
CA SER H 342 30.73 -46.86 37.94
C SER H 342 30.68 -48.36 37.62
N ILE H 343 30.96 -48.71 36.37
CA ILE H 343 31.01 -50.12 35.99
C ILE H 343 32.34 -50.72 36.38
N LYS H 344 33.44 -50.01 36.13
CA LYS H 344 34.77 -50.56 36.42
C LYS H 344 35.07 -50.55 37.92
N ASN H 345 34.64 -49.51 38.63
CA ASN H 345 34.89 -49.47 40.06
C ASN H 345 33.78 -50.18 40.83
N HIS H 346 34.09 -50.52 42.09
CA HIS H 346 33.23 -51.27 43.02
C HIS H 346 32.82 -52.63 42.45
N THR H 347 33.71 -53.25 41.68
CA THR H 347 33.52 -54.62 41.21
C THR H 347 34.78 -55.43 41.45
N ASN H 363 22.98 -55.09 40.01
CA ASN H 363 24.40 -55.14 39.68
C ASN H 363 24.64 -56.06 38.50
N ASP H 364 23.64 -56.88 38.16
CA ASP H 364 23.78 -57.79 37.03
C ASP H 364 23.36 -57.14 35.72
N ASN H 365 22.47 -56.15 35.78
CA ASN H 365 21.94 -55.57 34.55
C ASN H 365 22.76 -54.37 34.10
N ILE H 366 23.72 -53.92 34.92
CA ILE H 366 24.61 -52.85 34.49
C ILE H 366 25.63 -53.36 33.49
N HIS H 367 25.98 -54.64 33.55
CA HIS H 367 26.93 -55.24 32.61
C HIS H 367 26.23 -55.87 31.41
N ASN H 368 24.99 -55.49 31.15
CA ASN H 368 24.11 -56.23 30.27
C ASN H 368 23.82 -55.46 29.00
N ASN H 369 24.42 -54.28 28.86
CA ASN H 369 24.02 -53.35 27.82
C ASN H 369 25.23 -52.87 27.03
N LEU H 370 24.95 -52.31 25.86
CA LEU H 370 25.92 -51.60 25.04
C LEU H 370 25.63 -50.12 25.15
N TYR H 371 26.46 -49.42 25.91
CA TYR H 371 26.27 -48.00 26.15
C TYR H 371 27.08 -47.22 25.14
N ILE H 372 26.41 -46.61 24.18
CA ILE H 372 27.07 -45.83 23.14
C ILE H 372 26.84 -44.36 23.45
N SER H 373 27.87 -43.54 23.20
CA SER H 373 27.80 -42.11 23.38
C SER H 373 28.43 -41.46 22.17
N ILE H 374 27.61 -40.88 21.29
CA ILE H 374 28.09 -40.40 20.01
C ILE H 374 27.86 -38.89 19.90
N GLY H 375 28.90 -38.19 19.49
CA GLY H 375 28.82 -36.77 19.23
C GLY H 375 28.81 -36.47 17.74
N TYR H 376 27.66 -36.08 17.22
CA TYR H 376 27.46 -35.92 15.79
C TYR H 376 28.02 -34.61 15.29
N ASP H 377 28.07 -34.49 13.98
CA ASP H 377 28.46 -33.26 13.33
C ASP H 377 27.32 -32.81 12.44
N HIS H 378 27.42 -31.55 12.00
CA HIS H 378 26.59 -30.98 10.93
C HIS H 378 25.10 -30.94 11.29
N GLU H 379 24.78 -30.82 12.58
CA GLU H 379 23.39 -30.69 12.99
C GLU H 379 22.76 -29.39 12.52
N GLU H 380 23.52 -28.29 12.56
CA GLU H 380 22.98 -26.97 12.31
C GLU H 380 22.51 -26.79 10.87
N ILE H 381 22.94 -27.66 9.97
CA ILE H 381 22.60 -27.57 8.56
C ILE H 381 21.70 -28.71 8.12
N GLY H 382 21.31 -29.59 9.04
CA GLY H 382 20.32 -30.60 8.75
C GLY H 382 20.81 -32.04 8.76
N SER H 383 22.04 -32.28 9.22
CA SER H 383 22.61 -33.63 9.46
C SER H 383 22.77 -34.47 8.20
N LEU H 384 22.59 -33.88 7.02
CA LEU H 384 22.77 -34.61 5.77
C LEU H 384 24.24 -34.55 5.42
N SER H 385 25.01 -35.47 5.97
CA SER H 385 26.46 -35.50 5.77
C SER H 385 26.96 -36.91 6.03
N GLU H 386 28.26 -37.10 5.77
CA GLU H 386 28.87 -38.40 6.02
C GLU H 386 29.14 -38.62 7.50
N VAL H 387 29.16 -37.55 8.28
CA VAL H 387 29.38 -37.63 9.72
C VAL H 387 28.19 -37.08 10.49
N GLY H 388 27.10 -36.80 9.79
CA GLY H 388 25.90 -36.29 10.42
C GLY H 388 25.06 -37.39 11.03
N ALA H 389 23.88 -36.99 11.49
CA ALA H 389 22.97 -37.94 12.10
C ALA H 389 22.24 -38.77 11.06
N ARG H 390 22.04 -38.22 9.87
CA ARG H 390 21.41 -38.96 8.78
C ARG H 390 22.37 -39.89 8.09
N SER H 391 23.63 -39.93 8.51
CA SER H 391 24.63 -40.81 7.94
C SER H 391 24.36 -42.25 8.31
N TYR H 392 24.99 -43.16 7.57
CA TYR H 392 25.03 -44.57 7.91
C TYR H 392 26.14 -44.88 8.91
N CYS H 393 26.82 -43.86 9.45
CA CYS H 393 27.98 -44.10 10.29
C CYS H 393 27.60 -44.80 11.59
N THR H 394 26.56 -44.33 12.26
CA THR H 394 26.17 -44.94 13.54
C THR H 394 25.54 -46.30 13.34
N LYS H 395 24.77 -46.46 12.26
CA LYS H 395 24.12 -47.73 12.00
C LYS H 395 25.15 -48.79 11.61
N ASN H 396 26.21 -48.39 10.92
CA ASN H 396 27.26 -49.34 10.63
C ASN H 396 28.14 -49.58 11.84
N PHE H 397 28.22 -48.62 12.78
CA PHE H 397 29.03 -48.83 13.98
C PHE H 397 28.42 -49.91 14.86
N ILE H 398 27.09 -49.89 15.03
CA ILE H 398 26.43 -50.90 15.84
C ILE H 398 26.48 -52.26 15.15
N ASP H 399 26.36 -52.27 13.82
CA ASP H 399 26.46 -53.52 13.09
C ASP H 399 27.90 -54.02 13.01
N ARG H 400 28.87 -53.17 13.37
CA ARG H 400 30.24 -53.64 13.51
C ARG H 400 30.52 -54.08 14.94
N ILE H 401 29.84 -53.49 15.93
CA ILE H 401 29.99 -53.93 17.30
C ILE H 401 29.34 -55.29 17.50
N ILE H 402 28.13 -55.46 16.95
CA ILE H 402 27.40 -56.72 17.04
C ILE H 402 28.14 -57.83 16.30
N SER H 403 28.76 -57.50 15.17
CA SER H 403 29.50 -58.50 14.41
C SER H 403 30.81 -58.88 15.07
N SER H 404 31.42 -57.97 15.83
CA SER H 404 32.72 -58.26 16.41
C SER H 404 32.59 -58.86 17.80
N VAL H 405 31.58 -58.44 18.56
CA VAL H 405 31.34 -59.03 19.87
C VAL H 405 30.77 -60.42 19.73
N PHE H 406 29.71 -60.56 18.93
CA PHE H 406 29.11 -61.87 18.68
C PHE H 406 29.67 -62.47 17.40
N LYS H 407 31.00 -62.50 17.32
CA LYS H 407 31.65 -63.10 16.17
C LYS H 407 31.52 -64.61 16.20
N LYS H 408 31.51 -65.18 17.40
CA LYS H 408 31.55 -66.63 17.51
C LYS H 408 30.16 -67.24 17.49
N GLU H 409 29.13 -66.48 17.88
CA GLU H 409 27.80 -67.09 17.94
C GLU H 409 27.01 -66.91 16.65
N ILE H 410 27.51 -66.14 15.68
CA ILE H 410 26.89 -66.10 14.36
C ILE H 410 27.05 -67.45 13.66
N HIS H 411 28.24 -68.04 13.75
CA HIS H 411 28.63 -69.20 12.95
C HIS H 411 27.89 -70.48 13.34
N GLU H 412 27.65 -70.71 14.63
CA GLU H 412 27.31 -72.06 15.07
C GLU H 412 25.89 -72.16 15.61
N LYS H 413 25.20 -71.04 15.81
CA LYS H 413 23.74 -71.12 15.94
C LYS H 413 23.03 -70.28 14.87
N ASN H 414 23.76 -69.88 13.83
CA ASN H 414 23.21 -69.45 12.53
C ASN H 414 22.37 -68.19 12.64
N LEU H 415 22.74 -67.32 13.57
CA LEU H 415 22.12 -66.02 13.69
C LEU H 415 22.67 -65.08 12.62
N SER H 416 21.96 -63.97 12.41
CA SER H 416 22.38 -62.92 11.51
C SER H 416 22.57 -61.63 12.29
N VAL H 417 23.17 -60.64 11.64
CA VAL H 417 23.36 -59.34 12.27
C VAL H 417 22.02 -58.65 12.46
N GLN H 418 21.19 -58.64 11.41
CA GLN H 418 19.90 -57.96 11.48
C GLN H 418 18.91 -58.68 12.39
N GLU H 419 19.06 -60.00 12.55
CA GLU H 419 18.33 -60.71 13.58
C GLU H 419 18.76 -60.27 14.97
N ILE H 420 20.06 -60.11 15.19
CA ILE H 420 20.55 -59.74 16.52
C ILE H 420 20.33 -58.25 16.76
N TYR H 421 20.46 -57.43 15.71
CA TYR H 421 20.26 -56.00 15.88
C TYR H 421 18.79 -55.67 16.13
N GLY H 422 17.88 -56.31 15.40
CA GLY H 422 16.47 -56.12 15.66
C GLY H 422 16.00 -56.75 16.95
N ASN H 423 16.79 -57.67 17.50
CA ASN H 423 16.47 -58.22 18.82
C ASN H 423 16.76 -57.20 19.90
N LEU H 424 17.86 -56.47 19.77
CA LEU H 424 18.25 -55.48 20.77
C LEU H 424 17.56 -54.14 20.59
N VAL H 425 16.88 -53.94 19.46
CA VAL H 425 16.20 -52.66 19.20
C VAL H 425 14.93 -52.51 20.03
N ASN H 426 14.32 -53.64 20.43
CA ASN H 426 13.14 -53.59 21.27
C ASN H 426 13.47 -53.09 22.67
N ARG H 427 14.69 -53.30 23.13
CA ARG H 427 15.11 -52.90 24.46
C ARG H 427 15.99 -51.65 24.40
N SER H 428 16.13 -51.09 23.21
CA SER H 428 17.04 -49.99 22.96
C SER H 428 16.38 -48.66 23.28
N PHE H 429 17.20 -47.62 23.35
CA PHE H 429 16.73 -46.27 23.58
C PHE H 429 17.75 -45.27 23.05
N ILE H 430 17.27 -44.08 22.73
CA ILE H 430 18.09 -42.96 22.27
C ILE H 430 17.81 -41.78 23.18
N LEU H 431 18.86 -41.23 23.78
CA LEU H 431 18.76 -40.05 24.63
C LEU H 431 19.39 -38.90 23.88
N ASN H 432 18.60 -38.17 23.12
CA ASN H 432 19.13 -37.03 22.38
C ASN H 432 19.19 -35.84 23.29
N VAL H 433 20.37 -35.24 23.40
CA VAL H 433 20.60 -34.08 24.26
C VAL H 433 20.95 -32.90 23.37
N ASP H 434 20.13 -31.87 23.43
CA ASP H 434 20.37 -30.61 22.75
C ASP H 434 19.67 -29.54 23.57
N MET H 435 20.23 -28.33 23.55
CA MET H 435 19.79 -27.26 24.42
C MET H 435 18.38 -26.81 24.08
N ALA H 436 17.73 -26.21 25.07
CA ALA H 436 16.34 -25.80 24.96
C ALA H 436 16.19 -24.35 25.36
N HIS H 437 15.05 -23.78 25.00
CA HIS H 437 14.82 -22.35 25.16
C HIS H 437 14.28 -22.07 26.55
N CYS H 438 15.09 -21.44 27.39
CA CYS H 438 14.61 -20.94 28.67
C CYS H 438 13.59 -19.83 28.44
N SER H 439 12.71 -19.64 29.42
CA SER H 439 11.71 -18.59 29.32
C SER H 439 12.39 -17.24 29.39
N HIS H 440 12.38 -16.53 28.26
CA HIS H 440 13.01 -15.23 28.18
C HIS H 440 12.13 -14.22 28.89
N PRO H 441 12.66 -13.45 29.84
CA PRO H 441 11.83 -12.46 30.52
C PRO H 441 11.50 -11.27 29.65
N ASN H 442 12.33 -10.96 28.65
CA ASN H 442 12.09 -9.79 27.83
C ASN H 442 11.21 -10.11 26.64
N TYR H 443 10.89 -11.39 26.42
CA TYR H 443 10.06 -11.82 25.31
C TYR H 443 9.00 -12.78 25.83
N PRO H 444 7.95 -12.28 26.49
CA PRO H 444 6.91 -13.19 27.02
C PRO H 444 5.92 -13.68 25.99
N GLU H 445 5.99 -13.19 24.75
CA GLU H 445 5.07 -13.58 23.70
C GLU H 445 5.54 -14.78 22.90
N THR H 446 6.78 -15.23 23.11
CA THR H 446 7.32 -16.37 22.40
C THR H 446 7.38 -17.63 23.25
N VAL H 447 6.72 -17.63 24.41
CA VAL H 447 6.79 -18.76 25.32
C VAL H 447 5.39 -19.35 25.45
N GLN H 448 5.35 -20.67 25.62
CA GLN H 448 4.11 -21.34 26.00
C GLN H 448 3.75 -20.95 27.41
N ASP H 449 2.46 -21.01 27.75
CA ASP H 449 2.05 -20.61 29.09
C ASP H 449 2.38 -21.71 30.10
N ASN H 450 2.04 -22.95 29.78
CA ASN H 450 2.22 -24.04 30.72
C ASN H 450 3.59 -24.70 30.63
N HIS H 451 4.13 -24.83 29.43
CA HIS H 451 5.42 -25.47 29.21
C HIS H 451 6.49 -24.40 29.18
N GLN H 452 6.93 -23.97 30.35
CA GLN H 452 7.96 -22.96 30.47
C GLN H 452 9.20 -23.60 31.05
N LEU H 453 10.35 -23.03 30.72
CA LEU H 453 11.63 -23.50 31.24
C LEU H 453 12.28 -22.37 32.01
N PHE H 454 12.73 -22.66 33.22
CA PHE H 454 13.45 -21.68 34.00
C PHE H 454 14.80 -22.24 34.39
N PHE H 455 15.71 -21.34 34.76
CA PHE H 455 17.05 -21.74 35.13
C PHE H 455 17.02 -22.45 36.49
N HIS H 456 17.94 -23.42 36.64
CA HIS H 456 18.10 -24.27 37.81
C HIS H 456 16.83 -25.04 38.17
N GLU H 457 15.93 -25.25 37.22
CA GLU H 457 14.66 -25.89 37.53
C GLU H 457 14.64 -27.35 37.08
N GLY H 458 15.60 -27.73 36.25
CA GLY H 458 15.75 -29.12 35.90
C GLY H 458 16.04 -29.27 34.42
N ILE H 459 16.13 -30.53 34.01
CA ILE H 459 16.30 -30.85 32.59
C ILE H 459 15.02 -30.51 31.85
N ALA H 460 15.15 -29.94 30.67
CA ALA H 460 14.00 -29.87 29.78
C ALA H 460 13.72 -31.26 29.23
N ILE H 461 12.45 -31.54 29.02
CA ILE H 461 12.03 -32.73 28.27
C ILE H 461 11.22 -32.18 27.11
N LYS H 462 11.84 -32.08 25.95
CA LYS H 462 11.28 -31.31 24.86
C LYS H 462 10.27 -32.14 24.07
N TYR H 463 9.02 -31.72 24.10
CA TYR H 463 7.97 -32.35 23.31
C TYR H 463 7.70 -31.48 22.10
N ASN H 464 7.05 -32.08 21.09
CA ASN H 464 6.71 -31.31 19.91
C ASN H 464 5.43 -31.84 19.28
N THR H 465 4.75 -30.95 18.55
CA THR H 465 3.62 -31.33 17.73
C THR H 465 4.05 -32.24 16.59
N ASN H 466 5.00 -31.79 15.78
CA ASN H 466 5.36 -32.44 14.53
C ASN H 466 6.49 -33.43 14.67
N LYS H 467 6.81 -33.84 15.90
CA LYS H 467 7.95 -34.69 16.25
C LYS H 467 9.27 -34.16 15.70
N ASN H 468 9.47 -32.84 15.76
CA ASN H 468 10.80 -32.30 15.60
C ASN H 468 11.68 -32.74 16.75
N TYR H 469 11.11 -32.89 17.93
CA TYR H 469 11.72 -33.62 19.03
C TYR H 469 11.06 -34.99 19.13
N VAL H 470 11.88 -36.03 19.35
CA VAL H 470 11.40 -37.41 19.24
C VAL H 470 10.72 -37.89 20.52
N THR H 471 10.49 -37.00 21.48
CA THR H 471 9.89 -37.41 22.75
C THR H 471 8.45 -37.83 22.60
N SER H 472 8.19 -39.09 22.93
CA SER H 472 6.85 -39.63 23.06
C SER H 472 6.49 -39.69 24.54
N PRO H 473 5.22 -39.50 24.89
CA PRO H 473 4.85 -39.51 26.32
C PRO H 473 4.99 -40.86 27.00
N LEU H 474 5.08 -41.96 26.26
CA LEU H 474 5.48 -43.22 26.89
C LEU H 474 6.96 -43.18 27.23
N HIS H 475 7.78 -42.74 26.29
CA HIS H 475 9.21 -42.94 26.41
C HIS H 475 9.85 -41.86 27.28
N ALA H 476 9.13 -40.79 27.57
CA ALA H 476 9.58 -39.89 28.63
C ALA H 476 9.15 -40.39 29.99
N SER H 477 8.12 -41.23 30.05
CA SER H 477 7.67 -41.78 31.32
C SER H 477 8.65 -42.82 31.84
N LEU H 478 9.38 -43.49 30.94
CA LEU H 478 10.41 -44.41 31.37
C LEU H 478 11.62 -43.65 31.90
N ILE H 479 11.93 -42.51 31.30
CA ILE H 479 13.12 -41.75 31.70
C ILE H 479 12.87 -41.01 33.00
N LYS H 480 11.64 -40.56 33.22
CA LYS H 480 11.30 -39.96 34.52
C LYS H 480 11.32 -40.99 35.64
N ARG H 481 11.16 -42.28 35.31
CA ARG H 481 11.31 -43.31 36.32
C ARG H 481 12.76 -43.71 36.51
N THR H 482 13.62 -43.44 35.53
CA THR H 482 15.05 -43.57 35.78
C THR H 482 15.55 -42.44 36.67
N PHE H 483 14.88 -41.29 36.63
CA PHE H 483 15.24 -40.20 37.52
C PHE H 483 14.75 -40.47 38.93
N GLU H 484 13.71 -41.28 39.07
CA GLU H 484 13.21 -41.63 40.40
C GLU H 484 14.01 -42.77 41.00
N LEU H 485 14.55 -43.67 40.17
CA LEU H 485 15.44 -44.70 40.68
C LEU H 485 16.80 -44.12 41.04
N TYR H 486 17.16 -42.98 40.45
CA TYR H 486 18.34 -42.27 40.91
C TYR H 486 18.12 -41.66 42.29
N TYR H 487 16.91 -41.19 42.56
CA TYR H 487 16.63 -40.55 43.84
C TYR H 487 16.58 -41.58 44.96
N ASN H 488 16.24 -42.82 44.66
CA ASN H 488 16.16 -43.84 45.69
C ASN H 488 17.53 -44.36 46.08
N LYS H 489 18.53 -44.22 45.22
CA LYS H 489 19.85 -44.77 45.50
C LYS H 489 20.83 -43.69 45.96
N TYR H 490 20.82 -42.53 45.30
CA TYR H 490 21.80 -41.49 45.56
C TYR H 490 21.26 -40.36 46.42
N LYS H 491 19.95 -40.35 46.68
CA LYS H 491 19.26 -39.37 47.52
C LYS H 491 19.47 -37.94 47.00
N GLN H 492 19.59 -37.80 45.69
CA GLN H 492 19.77 -36.51 45.04
C GLN H 492 18.75 -36.44 43.90
N GLN H 493 17.82 -35.50 44.01
CA GLN H 493 16.72 -35.43 43.06
C GLN H 493 17.20 -34.85 41.73
N ILE H 494 16.86 -35.55 40.65
CA ILE H 494 17.04 -35.05 39.30
C ILE H 494 15.75 -34.36 38.90
N LYS H 495 15.76 -33.04 38.87
CA LYS H 495 14.58 -32.27 38.53
C LYS H 495 14.41 -32.26 37.02
N TYR H 496 13.17 -32.16 36.58
CA TYR H 496 12.85 -32.11 35.16
C TYR H 496 11.68 -31.16 34.96
N GLN H 497 11.49 -30.76 33.71
CA GLN H 497 10.41 -29.86 33.36
C GLN H 497 10.08 -30.06 31.88
N ASN H 498 8.80 -30.18 31.56
CA ASN H 498 8.42 -30.44 30.20
C ASN H 498 8.46 -29.16 29.38
N PHE H 499 9.02 -29.25 28.18
CA PHE H 499 9.14 -28.11 27.29
C PHE H 499 8.38 -28.39 26.01
N MET H 500 7.60 -27.41 25.57
CA MET H 500 6.84 -27.51 24.35
C MET H 500 6.70 -26.11 23.76
N VAL H 501 7.00 -25.99 22.48
CA VAL H 501 6.89 -24.72 21.77
C VAL H 501 5.40 -24.50 21.48
N LYS H 502 5.04 -23.24 21.22
CA LYS H 502 3.66 -22.91 20.90
C LYS H 502 3.22 -23.57 19.59
N ASN H 503 1.90 -23.74 19.45
CA ASN H 503 1.38 -24.44 18.28
C ASN H 503 1.52 -23.61 17.01
N ASP H 504 1.43 -22.28 17.12
CA ASP H 504 1.53 -21.45 15.93
C ASP H 504 2.99 -21.22 15.54
N THR H 505 3.89 -21.08 16.51
CA THR H 505 5.28 -20.84 16.15
C THR H 505 5.96 -22.16 15.75
N PRO H 506 6.81 -22.13 14.74
CA PRO H 506 7.62 -23.31 14.42
C PRO H 506 8.88 -23.34 15.27
N CYS H 507 9.46 -24.53 15.39
CA CYS H 507 10.70 -24.72 16.12
C CYS H 507 11.66 -25.55 15.28
N GLY H 508 12.95 -25.40 15.56
CA GLY H 508 13.94 -26.14 14.81
C GLY H 508 13.99 -27.60 15.20
N SER H 509 14.10 -28.45 14.21
CA SER H 509 14.21 -29.88 14.45
C SER H 509 15.60 -30.23 14.97
N THR H 510 15.68 -31.34 15.68
CA THR H 510 16.93 -31.83 16.22
C THR H 510 17.24 -33.19 15.61
N VAL H 511 18.31 -33.82 16.12
CA VAL H 511 18.73 -35.13 15.63
C VAL H 511 18.06 -36.26 16.40
N GLY H 512 17.03 -35.96 17.17
CA GLY H 512 16.33 -37.01 17.88
C GLY H 512 15.61 -37.95 16.95
N SER H 513 14.77 -37.41 16.08
CA SER H 513 14.02 -38.25 15.17
C SER H 513 14.84 -38.68 13.96
N MET H 514 15.98 -38.03 13.72
CA MET H 514 16.84 -38.45 12.63
C MET H 514 17.52 -39.77 12.95
N VAL H 515 18.06 -39.91 14.15
CA VAL H 515 18.74 -41.15 14.52
C VAL H 515 17.72 -42.21 14.92
N ALA H 516 16.57 -41.80 15.44
CA ALA H 516 15.53 -42.77 15.78
C ALA H 516 14.91 -43.39 14.53
N ALA H 517 14.99 -42.71 13.39
CA ALA H 517 14.58 -43.34 12.15
C ALA H 517 15.68 -44.21 11.57
N ASN H 518 16.93 -43.77 11.71
CA ASN H 518 18.04 -44.52 11.14
C ASN H 518 18.29 -45.81 11.91
N LEU H 519 18.06 -45.80 13.21
CA LEU H 519 18.34 -46.95 14.05
C LEU H 519 17.11 -47.71 14.50
N SER H 520 15.91 -47.17 14.23
CA SER H 520 14.62 -47.76 14.59
C SER H 520 14.48 -47.96 16.10
N MET H 521 15.12 -47.09 16.88
CA MET H 521 15.08 -47.14 18.32
C MET H 521 14.17 -46.05 18.86
N PRO H 522 13.44 -46.31 19.94
CA PRO H 522 12.65 -45.23 20.56
C PRO H 522 13.57 -44.19 21.19
N GLY H 523 13.02 -42.99 21.36
CA GLY H 523 13.87 -41.88 21.74
C GLY H 523 13.18 -40.88 22.63
N ILE H 524 13.98 -39.90 23.06
CA ILE H 524 13.54 -38.76 23.84
C ILE H 524 14.47 -37.62 23.49
N ASP H 525 13.99 -36.39 23.66
CA ASP H 525 14.80 -35.19 23.47
C ASP H 525 14.85 -34.41 24.77
N ILE H 526 15.95 -34.53 25.49
CA ILE H 526 16.13 -33.74 26.69
C ILE H 526 17.19 -32.68 26.42
N GLY H 527 17.39 -31.82 27.40
CA GLY H 527 18.38 -30.76 27.28
C GLY H 527 18.19 -29.80 28.42
N ILE H 528 19.06 -28.79 28.46
CA ILE H 528 19.00 -27.86 29.57
C ILE H 528 18.60 -26.49 29.04
N PRO H 529 17.81 -25.73 29.80
CA PRO H 529 17.37 -24.42 29.31
C PRO H 529 18.51 -23.42 29.24
N GLN H 530 18.59 -22.73 28.12
CA GLN H 530 19.57 -21.67 27.96
C GLN H 530 18.91 -20.51 27.23
N LEU H 531 19.43 -19.32 27.45
CA LEU H 531 18.98 -18.15 26.72
C LEU H 531 19.98 -17.80 25.62
N ALA H 532 19.45 -17.15 24.58
CA ALA H 532 20.19 -16.72 23.39
C ALA H 532 20.89 -17.88 22.71
N MET H 533 20.11 -18.92 22.43
CA MET H 533 20.61 -20.08 21.69
C MET H 533 20.95 -19.67 20.26
N HIS H 534 21.97 -20.35 19.70
CA HIS H 534 22.57 -20.07 18.39
C HIS H 534 23.17 -18.67 18.32
N SER H 535 23.65 -18.14 19.43
CA SER H 535 24.39 -16.89 19.43
C SER H 535 25.82 -17.13 19.86
N ILE H 536 26.62 -16.07 19.80
CA ILE H 536 28.04 -16.21 20.10
C ILE H 536 28.27 -16.28 21.61
N ARG H 537 27.35 -15.73 22.39
CA ARG H 537 27.37 -15.94 23.84
C ARG H 537 26.00 -16.43 24.28
N GLU H 538 25.98 -17.59 24.92
CA GLU H 538 24.77 -18.24 25.36
C GLU H 538 24.86 -18.51 26.84
N ILE H 539 23.89 -18.02 27.61
CA ILE H 539 23.92 -18.13 29.06
C ILE H 539 23.11 -19.36 29.47
N ALA H 540 23.58 -20.07 30.49
CA ALA H 540 22.94 -21.28 30.99
C ALA H 540 23.19 -21.38 32.49
N ALA H 541 22.44 -22.25 33.16
CA ALA H 541 22.50 -22.36 34.60
C ALA H 541 23.38 -23.53 35.04
N VAL H 542 24.01 -23.39 36.20
CA VAL H 542 24.99 -24.40 36.62
C VAL H 542 24.32 -25.56 37.34
N HIS H 543 23.11 -25.37 37.85
CA HIS H 543 22.40 -26.53 38.39
C HIS H 543 21.86 -27.42 37.28
N ASP H 544 21.60 -26.85 36.12
CA ASP H 544 21.13 -27.67 35.01
C ASP H 544 22.25 -28.55 34.46
N VAL H 545 23.50 -28.09 34.58
CA VAL H 545 24.63 -28.93 34.17
C VAL H 545 24.78 -30.12 35.10
N PHE H 546 24.47 -29.94 36.38
CA PHE H 546 24.45 -31.07 37.30
C PHE H 546 23.31 -32.03 36.97
N PHE H 547 22.13 -31.49 36.65
CA PHE H 547 20.98 -32.35 36.40
C PHE H 547 21.12 -33.09 35.08
N LEU H 548 21.80 -32.50 34.11
CA LEU H 548 21.98 -33.17 32.83
C LEU H 548 23.00 -34.30 32.94
N ILE H 549 24.11 -34.07 33.65
CA ILE H 549 25.14 -35.09 33.81
C ILE H 549 24.59 -36.26 34.61
N LYS H 550 23.81 -35.97 35.65
CA LYS H 550 23.16 -37.05 36.39
C LYS H 550 21.98 -37.61 35.62
N GLY H 551 21.41 -36.83 34.70
CA GLY H 551 20.30 -37.33 33.90
C GLY H 551 20.71 -38.33 32.85
N VAL H 552 21.86 -38.11 32.20
CA VAL H 552 22.38 -39.11 31.26
C VAL H 552 22.87 -40.33 32.03
N PHE H 553 23.40 -40.12 33.24
CA PHE H 553 23.89 -41.23 34.04
C PHE H 553 22.75 -42.08 34.58
N ALA H 554 21.61 -41.45 34.87
CA ALA H 554 20.48 -42.23 35.38
C ALA H 554 19.80 -43.01 34.27
N PHE H 555 19.79 -42.46 33.05
CA PHE H 555 19.28 -43.21 31.91
C PHE H 555 20.18 -44.38 31.57
N TYR H 556 21.49 -44.21 31.72
CA TYR H 556 22.43 -45.29 31.50
C TYR H 556 22.28 -46.39 32.54
N THR H 557 22.14 -46.01 33.80
CA THR H 557 22.18 -46.99 34.88
C THR H 557 20.86 -47.73 35.03
N TYR H 558 19.73 -47.02 34.88
CA TYR H 558 18.47 -47.54 35.35
C TYR H 558 17.41 -47.68 34.28
N TYR H 559 17.79 -47.78 33.00
CA TYR H 559 16.75 -47.89 31.97
C TYR H 559 16.16 -49.30 31.94
N ASN H 560 17.01 -50.33 32.03
CA ASN H 560 16.48 -51.69 31.94
C ASN H 560 15.80 -52.11 33.23
N GLN H 561 16.06 -51.42 34.33
CA GLN H 561 15.30 -51.68 35.54
C GLN H 561 13.88 -51.12 35.40
N VAL H 562 13.73 -50.00 34.69
CA VAL H 562 12.41 -49.47 34.40
C VAL H 562 11.73 -50.29 33.31
N LEU H 563 12.49 -50.66 32.27
CA LEU H 563 11.92 -51.35 31.12
C LEU H 563 11.46 -52.76 31.46
N SER H 564 12.06 -53.39 32.46
CA SER H 564 11.61 -54.70 32.89
C SER H 564 10.27 -54.65 33.61
N THR H 565 9.92 -53.50 34.19
CA THR H 565 8.66 -53.36 34.92
C THR H 565 7.51 -52.90 34.05
N CYS H 566 7.74 -52.59 32.78
CA CYS H 566 6.65 -52.22 31.90
C CYS H 566 5.94 -53.46 31.39
N VAL H 567 4.63 -53.51 31.58
CA VAL H 567 3.79 -54.57 31.03
C VAL H 567 2.83 -53.96 30.02
N HIS H 568 2.94 -54.41 28.78
CA HIS H 568 1.99 -54.04 27.75
C HIS H 568 0.84 -55.04 27.75
N ASP H 569 -0.17 -54.79 26.93
CA ASP H 569 -1.25 -55.74 26.79
C ASP H 569 -0.93 -56.78 25.71
N MET I 1 -52.84 -14.06 -26.50
CA MET I 1 -52.34 -13.14 -25.48
C MET I 1 -51.52 -12.02 -26.11
N ASP I 2 -51.01 -12.27 -27.31
CA ASP I 2 -50.20 -11.29 -28.03
C ASP I 2 -50.96 -9.96 -28.18
N LYS I 3 -52.24 -10.06 -28.49
CA LYS I 3 -53.08 -8.88 -28.66
C LYS I 3 -53.42 -8.25 -27.32
N LYS I 4 -53.72 -9.09 -26.32
CA LYS I 4 -54.07 -8.57 -25.00
C LYS I 4 -52.85 -8.10 -24.23
N ALA I 5 -51.68 -8.68 -24.51
CA ALA I 5 -50.46 -8.23 -23.85
C ALA I 5 -50.02 -6.89 -24.40
N ARG I 6 -50.22 -6.65 -25.70
CA ARG I 6 -49.89 -5.36 -26.26
C ARG I 6 -50.91 -4.30 -25.87
N GLU I 7 -52.18 -4.70 -25.73
CA GLU I 7 -53.20 -3.75 -25.29
C GLU I 7 -53.02 -3.36 -23.84
N TYR I 8 -52.53 -4.29 -23.01
CA TYR I 8 -52.23 -3.97 -21.62
C TYR I 8 -51.03 -3.06 -21.51
N ALA I 9 -49.99 -3.31 -22.32
CA ALA I 9 -48.82 -2.44 -22.29
C ALA I 9 -49.10 -1.11 -22.97
N GLN I 10 -50.10 -1.06 -23.84
CA GLN I 10 -50.47 0.22 -24.44
C GLN I 10 -51.09 1.15 -23.40
N ASP I 11 -52.01 0.65 -22.58
CA ASP I 11 -52.62 1.49 -21.56
C ASP I 11 -51.64 1.83 -20.45
N ALA I 12 -50.68 0.96 -20.19
CA ALA I 12 -49.61 1.29 -19.25
C ALA I 12 -48.74 2.40 -19.79
N LEU I 13 -48.55 2.43 -21.11
CA LEU I 13 -47.78 3.48 -21.74
C LEU I 13 -48.62 4.73 -21.99
N LYS I 14 -49.92 4.66 -21.74
CA LYS I 14 -50.70 5.88 -21.57
C LYS I 14 -50.67 6.35 -20.14
N PHE I 15 -50.53 5.44 -19.17
CA PHE I 15 -50.51 5.82 -17.77
C PHE I 15 -49.20 6.52 -17.41
N ILE I 16 -48.07 5.82 -17.55
CA ILE I 16 -46.78 6.50 -17.69
C ILE I 16 -46.82 7.34 -18.97
N GLN I 17 -46.07 8.46 -18.96
CA GLN I 17 -46.09 9.66 -19.82
C GLN I 17 -47.23 10.60 -19.44
N ARG I 18 -48.14 10.18 -18.57
CA ARG I 18 -48.97 11.11 -17.83
C ARG I 18 -48.65 11.09 -16.35
N SER I 19 -47.99 10.05 -15.89
CA SER I 19 -47.61 9.86 -14.50
C SER I 19 -46.16 10.25 -14.33
N GLY I 20 -45.87 11.54 -14.34
CA GLY I 20 -44.49 11.96 -14.27
C GLY I 20 -43.88 12.01 -12.90
N SER I 21 -44.68 11.84 -11.86
CA SER I 21 -44.17 11.94 -10.49
C SER I 21 -45.05 11.06 -9.60
N ASN I 22 -44.90 11.22 -8.29
CA ASN I 22 -45.74 10.49 -7.37
C ASN I 22 -47.08 11.16 -7.17
N PHE I 23 -47.18 12.45 -7.49
CA PHE I 23 -48.44 13.15 -7.35
C PHE I 23 -49.37 12.84 -8.51
N LEU I 24 -48.85 12.86 -9.73
CA LEU I 24 -49.66 12.51 -10.89
C LEU I 24 -49.86 11.02 -11.01
N ALA I 25 -49.14 10.23 -10.21
CA ALA I 25 -49.46 8.82 -10.08
C ALA I 25 -50.72 8.62 -9.26
N CYS I 26 -50.87 9.39 -8.17
CA CYS I 26 -52.09 9.33 -7.40
C CYS I 26 -53.25 9.92 -8.18
N LYS I 27 -52.98 10.97 -8.97
CA LYS I 27 -54.04 11.67 -9.68
C LYS I 27 -54.58 10.84 -10.83
N ASN I 28 -53.69 10.24 -11.63
CA ASN I 28 -54.14 9.50 -12.79
C ASN I 28 -54.74 8.16 -12.42
N LEU I 29 -54.30 7.56 -11.32
CA LEU I 29 -54.92 6.32 -10.85
C LEU I 29 -56.29 6.60 -10.25
N LYS I 30 -56.44 7.73 -9.55
CA LYS I 30 -57.75 8.11 -9.03
C LYS I 30 -58.70 8.47 -10.16
N GLU I 31 -58.19 9.05 -11.24
CA GLU I 31 -59.00 9.25 -12.43
C GLU I 31 -59.29 7.92 -13.12
N ARG I 32 -58.36 6.97 -13.05
CA ARG I 32 -58.58 5.67 -13.67
C ARG I 32 -59.59 4.85 -12.88
N LEU I 33 -59.61 5.01 -11.56
CA LEU I 33 -60.57 4.28 -10.74
C LEU I 33 -61.95 4.93 -10.81
N GLU I 34 -62.00 6.26 -10.92
CA GLU I 34 -63.29 6.94 -10.97
C GLU I 34 -64.00 6.75 -12.30
N ASN I 35 -63.30 6.31 -13.35
CA ASN I 35 -63.96 6.01 -14.61
C ASN I 35 -64.79 4.74 -14.54
N ASN I 36 -64.44 3.83 -13.63
CA ASN I 36 -65.23 2.62 -13.48
C ASN I 36 -66.40 2.81 -12.51
N GLY I 37 -66.50 3.97 -11.88
CA GLY I 37 -67.60 4.25 -10.98
C GLY I 37 -67.25 4.21 -9.51
N PHE I 38 -65.98 4.35 -9.16
CA PHE I 38 -65.59 4.30 -7.76
C PHE I 38 -65.99 5.60 -7.05
N ILE I 39 -66.63 5.45 -5.88
CA ILE I 39 -67.05 6.62 -5.13
C ILE I 39 -65.84 7.24 -4.44
N ASN I 40 -65.47 8.43 -4.90
CA ASN I 40 -64.33 9.15 -4.36
C ASN I 40 -64.72 9.77 -3.03
N LEU I 41 -64.25 9.18 -1.94
CA LEU I 41 -64.53 9.69 -0.61
C LEU I 41 -63.27 10.29 -0.03
N SER I 42 -63.44 11.37 0.73
CA SER I 42 -62.32 12.08 1.33
C SER I 42 -62.13 11.58 2.75
N GLU I 43 -60.91 11.74 3.27
CA GLU I 43 -60.58 11.28 4.60
C GLU I 43 -61.21 12.14 5.67
N GLY I 44 -61.66 13.35 5.31
CA GLY I 44 -61.98 14.33 6.31
C GLY I 44 -63.46 14.47 6.61
N GLU I 45 -64.32 13.86 5.80
CA GLU I 45 -65.75 14.09 6.06
C GLU I 45 -66.35 13.10 7.07
N THR I 46 -66.61 11.86 6.65
CA THR I 46 -67.29 10.79 7.38
C THR I 46 -67.32 9.62 6.40
N TRP I 47 -67.20 8.39 6.90
CA TRP I 47 -67.22 7.21 6.05
C TRP I 47 -68.52 6.46 6.27
N ASN I 48 -69.41 6.51 5.28
CA ASN I 48 -70.63 5.70 5.26
C ASN I 48 -70.46 4.73 4.10
N LEU I 49 -69.81 3.61 4.35
CA LEU I 49 -69.52 2.67 3.29
C LEU I 49 -70.69 1.71 3.08
N ASN I 50 -70.83 1.25 1.84
CA ASN I 50 -71.91 0.36 1.46
C ASN I 50 -71.33 -0.92 0.89
N LYS I 51 -72.13 -1.97 0.90
CA LYS I 51 -71.76 -3.18 0.19
C LYS I 51 -71.83 -2.94 -1.32
N ASN I 52 -71.10 -3.77 -2.08
CA ASN I 52 -71.07 -3.79 -3.55
C ASN I 52 -70.51 -2.52 -4.18
N GLU I 53 -70.01 -1.58 -3.41
CA GLU I 53 -69.54 -0.32 -3.97
C GLU I 53 -68.03 -0.23 -3.83
N GLY I 54 -67.41 0.43 -4.81
CA GLY I 54 -65.98 0.61 -4.80
C GLY I 54 -65.62 2.02 -4.43
N TYR I 55 -64.54 2.20 -3.67
CA TYR I 55 -64.15 3.50 -3.17
C TYR I 55 -62.70 3.75 -3.51
N VAL I 56 -62.32 5.03 -3.51
CA VAL I 56 -60.98 5.45 -3.88
C VAL I 56 -60.63 6.68 -3.06
N LEU I 57 -59.40 6.74 -2.54
CA LEU I 57 -58.96 7.92 -1.82
C LEU I 57 -57.47 8.13 -2.02
N CYS I 58 -57.13 9.34 -2.44
CA CYS I 58 -55.76 9.85 -2.40
C CYS I 58 -55.54 10.48 -1.04
N LYS I 59 -54.69 9.87 -0.23
CA LYS I 59 -54.27 10.49 1.02
C LYS I 59 -53.25 11.57 0.70
N GLU I 60 -53.63 12.83 0.89
CA GLU I 60 -52.89 14.07 0.58
C GLU I 60 -52.15 14.02 -0.75
N ASN I 61 -52.80 13.47 -1.78
CA ASN I 61 -52.38 13.39 -3.17
C ASN I 61 -51.06 12.67 -3.39
N ARG I 62 -50.63 11.81 -2.46
CA ARG I 62 -49.44 11.01 -2.65
C ARG I 62 -49.73 9.52 -2.61
N ASN I 63 -50.71 9.11 -1.81
CA ASN I 63 -50.97 7.71 -1.55
C ASN I 63 -52.37 7.35 -2.04
N ILE I 64 -52.44 6.61 -3.14
CA ILE I 64 -53.71 6.14 -3.68
C ILE I 64 -54.06 4.82 -3.00
N CYS I 65 -55.34 4.64 -2.68
CA CYS I 65 -55.83 3.44 -2.01
C CYS I 65 -57.27 3.20 -2.46
N GLY I 66 -57.45 2.28 -3.39
CA GLY I 66 -58.79 1.96 -3.83
C GLY I 66 -59.24 0.62 -3.29
N PHE I 67 -60.43 0.56 -2.70
CA PHE I 67 -60.92 -0.70 -2.16
C PHE I 67 -62.34 -0.95 -2.63
N PHE I 68 -62.73 -2.22 -2.62
CA PHE I 68 -64.06 -2.66 -3.02
C PHE I 68 -64.64 -3.56 -1.93
N VAL I 69 -65.73 -3.12 -1.33
CA VAL I 69 -66.43 -3.91 -0.33
C VAL I 69 -67.34 -4.91 -1.03
N GLY I 70 -67.17 -6.20 -0.72
CA GLY I 70 -67.99 -7.23 -1.31
C GLY I 70 -69.43 -7.17 -0.85
N LYS I 71 -70.29 -7.90 -1.55
CA LYS I 71 -71.73 -7.81 -1.31
C LYS I 71 -72.13 -8.47 0.01
N ASN I 72 -71.84 -9.76 0.17
CA ASN I 72 -72.01 -10.43 1.46
C ASN I 72 -70.64 -10.62 2.09
N PHE I 73 -70.24 -9.67 2.93
CA PHE I 73 -69.20 -9.97 3.90
C PHE I 73 -69.63 -11.08 4.84
N ASN I 74 -68.65 -11.86 5.26
CA ASN I 74 -68.78 -12.78 6.37
C ASN I 74 -67.59 -12.62 7.29
N ILE I 75 -67.88 -12.11 8.50
CA ILE I 75 -66.89 -12.04 9.58
C ILE I 75 -66.34 -13.43 9.88
N ASP I 76 -67.23 -14.43 9.84
CA ASP I 76 -66.81 -15.82 10.01
C ASP I 76 -65.93 -16.28 8.85
N THR I 77 -66.47 -16.29 7.62
CA THR I 77 -65.75 -16.79 6.45
C THR I 77 -65.63 -15.67 5.42
N GLY I 78 -64.62 -14.82 5.59
CA GLY I 78 -64.35 -13.76 4.66
C GLY I 78 -62.93 -13.27 4.84
N SER I 79 -62.48 -12.38 3.97
CA SER I 79 -61.08 -12.06 3.85
C SER I 79 -60.87 -10.61 3.50
N ILE I 80 -59.63 -10.14 3.68
CA ILE I 80 -59.19 -8.84 3.20
C ILE I 80 -57.98 -9.09 2.30
N LEU I 81 -58.19 -8.90 1.00
CA LEU I 81 -57.16 -9.17 0.00
C LEU I 81 -56.55 -7.85 -0.45
N ILE I 82 -55.26 -7.69 -0.21
CA ILE I 82 -54.58 -6.43 -0.48
C ILE I 82 -53.48 -6.66 -1.49
N SER I 83 -53.48 -5.85 -2.54
CA SER I 83 -52.39 -5.81 -3.50
C SER I 83 -51.69 -4.47 -3.36
N ILE I 84 -50.36 -4.49 -3.37
CA ILE I 84 -49.56 -3.35 -2.97
C ILE I 84 -48.51 -3.10 -4.05
N GLY I 85 -48.46 -1.86 -4.54
CA GLY I 85 -47.33 -1.43 -5.33
C GLY I 85 -47.16 0.07 -5.19
N HIS I 86 -45.98 0.51 -4.77
CA HIS I 86 -45.73 1.90 -4.48
C HIS I 86 -45.74 2.75 -5.75
N ILE I 87 -46.20 3.99 -5.62
CA ILE I 87 -46.29 4.89 -6.77
C ILE I 87 -45.28 6.03 -6.54
N ASP I 88 -44.03 5.77 -6.92
CA ASP I 88 -42.89 6.69 -6.82
C ASP I 88 -41.71 5.99 -7.44
N SER I 89 -40.65 6.75 -7.67
CA SER I 89 -39.44 6.19 -8.28
C SER I 89 -38.27 7.09 -7.89
N CYS I 90 -37.08 6.59 -8.18
CA CYS I 90 -35.89 7.41 -8.01
C CYS I 90 -35.90 8.54 -9.02
N ALA I 91 -36.01 9.77 -8.53
CA ALA I 91 -36.08 10.94 -9.39
C ALA I 91 -35.22 12.03 -8.77
N LEU I 92 -34.87 13.01 -9.60
CA LEU I 92 -34.16 14.19 -9.11
C LEU I 92 -35.19 15.24 -8.70
N LYS I 93 -35.54 15.26 -7.43
CA LYS I 93 -36.47 16.26 -6.95
C LYS I 93 -35.75 17.59 -6.78
N ILE I 94 -36.52 18.68 -6.85
CA ILE I 94 -35.99 20.03 -6.80
C ILE I 94 -35.91 20.48 -5.35
N SER I 95 -34.75 21.01 -4.96
CA SER I 95 -34.48 21.58 -3.64
C SER I 95 -35.28 22.87 -3.44
N PRO I 96 -35.54 23.26 -2.19
CA PRO I 96 -36.27 24.51 -1.95
C PRO I 96 -35.52 25.77 -2.36
N ASN I 97 -34.30 25.94 -1.88
CA ASN I 97 -33.44 27.04 -2.30
C ASN I 97 -32.72 26.57 -3.56
N ASN I 98 -33.19 27.03 -4.71
CA ASN I 98 -32.60 26.69 -6.00
C ASN I 98 -32.33 27.97 -6.76
N ASN I 99 -31.20 28.60 -6.51
CA ASN I 99 -30.75 29.69 -7.35
C ASN I 99 -29.23 29.55 -7.45
N VAL I 100 -28.80 28.75 -8.42
CA VAL I 100 -27.39 28.48 -8.64
C VAL I 100 -26.98 29.18 -9.92
N ILE I 101 -26.14 30.19 -9.80
CA ILE I 101 -25.62 30.94 -10.94
C ILE I 101 -24.12 30.76 -10.95
N LYS I 102 -23.63 29.83 -11.78
CA LYS I 102 -22.20 29.58 -11.86
C LYS I 102 -21.83 29.48 -13.32
N LYS I 103 -20.69 30.12 -13.67
CA LYS I 103 -20.16 30.20 -15.04
C LYS I 103 -21.18 30.77 -16.01
N LYS I 104 -21.86 31.84 -15.60
CA LYS I 104 -22.89 32.56 -16.36
C LYS I 104 -24.04 31.66 -16.79
N ILE I 105 -24.37 30.66 -15.99
CA ILE I 105 -25.40 29.69 -16.32
C ILE I 105 -26.32 29.55 -15.13
N HIS I 106 -27.62 29.75 -15.35
CA HIS I 106 -28.62 29.51 -14.34
C HIS I 106 -28.82 28.01 -14.16
N GLN I 107 -28.77 27.56 -12.93
CA GLN I 107 -28.89 26.14 -12.62
C GLN I 107 -29.95 25.91 -11.56
N ILE I 108 -30.39 24.68 -11.49
CA ILE I 108 -31.18 24.16 -10.38
C ILE I 108 -30.28 23.21 -9.63
N ASN I 109 -30.24 23.31 -8.31
CA ASN I 109 -29.65 22.21 -7.57
C ASN I 109 -30.73 21.26 -7.12
N VAL I 110 -30.61 20.00 -7.53
CA VAL I 110 -31.65 19.02 -7.31
C VAL I 110 -31.18 18.06 -6.22
N GLU I 111 -32.14 17.50 -5.50
CA GLU I 111 -31.86 16.53 -4.47
C GLU I 111 -32.13 15.14 -5.01
N CYS I 112 -31.16 14.24 -4.80
CA CYS I 112 -31.30 12.89 -5.31
C CYS I 112 -32.24 12.09 -4.41
N TYR I 113 -33.45 11.88 -4.90
CA TYR I 113 -34.49 11.18 -4.14
C TYR I 113 -34.38 9.70 -4.47
N GLY I 114 -34.25 8.87 -3.44
CA GLY I 114 -34.10 7.46 -3.66
C GLY I 114 -32.66 7.09 -3.98
N SER I 115 -32.47 5.85 -4.40
CA SER I 115 -31.16 5.33 -4.75
C SER I 115 -31.24 4.94 -6.23
N GLY I 116 -30.80 5.84 -7.10
CA GLY I 116 -30.93 5.65 -8.53
C GLY I 116 -29.59 5.64 -9.24
N LEU I 117 -29.64 5.21 -10.50
CA LEU I 117 -28.50 5.29 -11.40
C LEU I 117 -28.43 6.75 -11.86
N TRP I 118 -27.75 7.58 -11.08
CA TRP I 118 -27.78 9.01 -11.37
C TRP I 118 -26.86 9.39 -12.52
N HIS I 119 -25.96 8.49 -12.92
CA HIS I 119 -25.17 8.77 -14.12
C HIS I 119 -25.99 8.56 -15.39
N THR I 120 -27.10 7.83 -15.30
CA THR I 120 -27.99 7.73 -16.44
C THR I 120 -28.86 8.95 -16.60
N TRP I 121 -29.06 9.71 -15.53
CA TRP I 121 -29.81 10.96 -15.61
C TRP I 121 -29.00 12.06 -16.27
N PHE I 122 -27.69 11.88 -16.43
CA PHE I 122 -26.88 12.84 -17.15
C PHE I 122 -27.22 12.77 -18.62
N ASP I 123 -27.23 13.95 -19.26
CA ASP I 123 -27.44 14.13 -20.70
C ASP I 123 -28.82 13.63 -21.13
N ARG I 124 -29.85 14.08 -20.44
CA ARG I 124 -31.23 13.76 -20.76
C ARG I 124 -32.00 15.06 -20.94
N SER I 125 -32.88 15.09 -21.94
CA SER I 125 -33.81 16.19 -22.09
C SER I 125 -34.87 16.07 -21.01
N LEU I 126 -34.69 16.79 -19.90
CA LEU I 126 -35.46 16.57 -18.69
C LEU I 126 -36.62 17.54 -18.59
N GLY I 127 -37.71 17.08 -17.99
CA GLY I 127 -38.90 17.87 -17.77
C GLY I 127 -39.21 18.01 -16.30
N LEU I 128 -40.46 18.36 -16.02
CA LEU I 128 -40.93 18.64 -14.66
C LEU I 128 -42.30 18.01 -14.45
N SER I 129 -42.46 17.38 -13.29
CA SER I 129 -43.77 16.92 -12.85
C SER I 129 -43.80 16.99 -11.34
N GLY I 130 -44.95 17.34 -10.81
CA GLY I 130 -45.07 17.41 -9.35
C GLY I 130 -46.14 18.39 -8.94
N GLN I 131 -46.06 18.81 -7.70
CA GLN I 131 -47.07 19.61 -7.04
C GLN I 131 -46.54 21.00 -6.81
N VAL I 132 -47.32 22.01 -7.18
CA VAL I 132 -46.93 23.40 -7.01
C VAL I 132 -48.02 24.11 -6.20
N LEU I 133 -47.63 24.74 -5.10
CA LEU I 133 -48.56 25.53 -4.29
C LEU I 133 -48.34 26.98 -4.65
N TYR I 134 -49.39 27.65 -5.11
CA TYR I 134 -49.33 29.05 -5.49
C TYR I 134 -50.54 29.78 -4.95
N LYS I 135 -50.40 31.10 -4.80
CA LYS I 135 -51.48 31.94 -4.28
C LYS I 135 -52.40 32.38 -5.41
N LYS I 136 -53.69 32.50 -5.10
CA LYS I 136 -54.64 33.15 -5.99
C LYS I 136 -55.66 33.85 -5.12
N GLY I 137 -55.49 35.17 -4.96
CA GLY I 137 -56.27 35.92 -4.00
C GLY I 137 -55.72 35.72 -2.60
N ASN I 138 -56.58 35.31 -1.67
CA ASN I 138 -56.17 35.03 -0.30
C ASN I 138 -56.12 33.53 -0.03
N LYS I 139 -56.20 32.72 -1.07
CA LYS I 139 -56.40 31.29 -0.92
C LYS I 139 -55.20 30.55 -1.49
N LEU I 140 -54.71 29.57 -0.75
CA LEU I 140 -53.63 28.73 -1.25
C LEU I 140 -54.20 27.72 -2.23
N VAL I 141 -53.78 27.82 -3.49
CA VAL I 141 -54.29 26.96 -4.55
C VAL I 141 -53.22 25.92 -4.86
N GLU I 142 -53.63 24.67 -4.93
CA GLU I 142 -52.75 23.53 -5.16
C GLU I 142 -52.99 23.01 -6.58
N LYS I 143 -51.92 22.89 -7.35
CA LYS I 143 -52.05 22.42 -8.71
C LYS I 143 -50.93 21.44 -9.02
N LEU I 144 -51.31 20.34 -9.65
CA LEU I 144 -50.38 19.31 -10.09
C LEU I 144 -50.01 19.59 -11.54
N ILE I 145 -48.75 19.91 -11.78
CA ILE I 145 -48.30 20.33 -13.10
C ILE I 145 -47.57 19.18 -13.77
N GLN I 146 -47.47 19.28 -15.09
CA GLN I 146 -46.85 18.27 -15.93
C GLN I 146 -46.28 18.98 -17.15
N ILE I 147 -44.97 19.23 -17.13
CA ILE I 147 -44.30 19.96 -18.20
C ILE I 147 -43.58 18.94 -19.06
N ASN I 148 -44.18 18.56 -20.18
CA ASN I 148 -43.69 17.50 -21.04
C ASN I 148 -42.65 17.98 -22.05
N LYS I 149 -42.34 19.27 -22.06
CA LYS I 149 -41.29 19.80 -22.93
C LYS I 149 -39.98 19.88 -22.15
N SER I 150 -38.88 19.82 -22.87
CA SER I 150 -37.59 19.74 -22.20
C SER I 150 -37.15 21.11 -21.73
N VAL I 151 -37.05 21.27 -20.42
CA VAL I 151 -36.76 22.57 -19.82
C VAL I 151 -35.53 22.48 -18.94
N LEU I 152 -34.93 21.30 -18.87
CA LEU I 152 -33.78 21.07 -18.00
C LEU I 152 -32.84 20.08 -18.66
N PHE I 153 -31.57 20.16 -18.29
CA PHE I 153 -30.55 19.31 -18.87
C PHE I 153 -29.42 19.19 -17.87
N LEU I 154 -29.07 17.97 -17.54
CA LEU I 154 -27.95 17.71 -16.64
C LEU I 154 -26.76 17.30 -17.50
N PRO I 155 -25.83 18.20 -17.77
CA PRO I 155 -24.76 17.88 -18.73
C PRO I 155 -23.63 17.10 -18.09
N SER I 156 -23.02 16.23 -18.88
CA SER I 156 -21.88 15.47 -18.43
C SER I 156 -20.60 16.27 -18.67
N LEU I 157 -19.48 15.73 -18.22
CA LEU I 157 -18.20 16.33 -18.55
C LEU I 157 -17.70 15.77 -19.87
N ALA I 158 -17.07 16.64 -20.66
CA ALA I 158 -16.46 16.22 -21.91
C ALA I 158 -15.33 15.24 -21.66
N ILE I 159 -15.08 14.37 -22.63
CA ILE I 159 -14.14 13.28 -22.41
C ILE I 159 -12.69 13.76 -22.45
N HIS I 160 -12.43 14.93 -23.02
CA HIS I 160 -11.06 15.35 -23.28
C HIS I 160 -10.36 15.86 -22.03
N LEU I 161 -11.10 16.16 -20.97
CA LEU I 161 -10.52 16.91 -19.86
C LEU I 161 -9.82 15.98 -18.87
N GLN I 162 -10.36 14.78 -18.66
CA GLN I 162 -9.73 13.80 -17.80
C GLN I 162 -8.83 12.87 -18.62
N ASN I 163 -8.38 11.79 -18.00
CA ASN I 163 -7.66 10.76 -18.74
C ASN I 163 -8.68 9.93 -19.51
N ARG I 164 -8.24 9.29 -20.60
CA ARG I 164 -9.18 8.71 -21.55
C ARG I 164 -8.98 7.20 -21.68
N THR I 165 -9.98 6.58 -22.31
CA THR I 165 -9.97 5.27 -23.01
C THR I 165 -9.58 4.06 -22.15
N ARG I 166 -9.44 4.23 -20.83
CA ARG I 166 -9.07 3.06 -20.01
C ARG I 166 -10.01 2.93 -18.83
N TYR I 167 -10.45 1.69 -18.56
CA TYR I 167 -11.31 1.27 -17.45
C TYR I 167 -12.51 2.18 -17.21
N ASP I 168 -13.12 2.64 -18.31
CA ASP I 168 -14.09 3.73 -18.34
C ASP I 168 -13.64 4.96 -17.57
N PHE I 169 -12.40 5.42 -17.84
CA PHE I 169 -11.80 6.72 -17.52
C PHE I 169 -12.04 7.25 -16.10
N SER I 170 -12.29 6.36 -15.14
CA SER I 170 -12.55 6.66 -13.74
C SER I 170 -13.65 7.70 -13.56
N VAL I 171 -14.85 7.35 -14.02
CA VAL I 171 -15.98 8.26 -13.88
C VAL I 171 -16.48 8.22 -12.43
N LYS I 172 -16.61 9.39 -11.82
CA LYS I 172 -17.12 9.53 -10.47
C LYS I 172 -18.09 10.70 -10.47
N ILE I 173 -19.36 10.41 -10.21
CA ILE I 173 -20.37 11.45 -10.13
C ILE I 173 -20.53 11.85 -8.67
N ASN I 174 -19.98 13.00 -8.31
CA ASN I 174 -20.21 13.59 -7.01
C ASN I 174 -21.66 14.06 -6.96
N TYR I 175 -22.38 13.60 -5.94
CA TYR I 175 -23.83 13.76 -5.95
C TYR I 175 -24.26 15.19 -5.71
N GLU I 176 -23.48 15.94 -4.94
CA GLU I 176 -23.79 17.35 -4.75
C GLU I 176 -23.28 18.22 -5.89
N ASN I 177 -21.99 18.12 -6.19
CA ASN I 177 -21.35 19.04 -7.12
C ASN I 177 -21.79 18.80 -8.56
N HIS I 178 -21.76 17.57 -9.03
CA HIS I 178 -21.92 17.30 -10.44
C HIS I 178 -23.38 17.12 -10.86
N ILE I 179 -24.29 16.93 -9.92
CA ILE I 179 -25.70 16.76 -10.23
C ILE I 179 -26.37 18.09 -9.91
N LYS I 180 -26.41 18.97 -10.90
CA LYS I 180 -27.03 20.28 -10.87
C LYS I 180 -27.39 20.62 -12.30
N PRO I 181 -28.64 20.40 -12.72
CA PRO I 181 -29.00 20.63 -14.12
C PRO I 181 -28.98 22.11 -14.47
N ILE I 182 -28.56 22.41 -15.68
CA ILE I 182 -28.62 23.77 -16.18
C ILE I 182 -30.02 24.02 -16.69
N ILE I 183 -30.48 25.27 -16.58
CA ILE I 183 -31.83 25.60 -16.96
C ILE I 183 -31.87 26.78 -17.93
N SER I 184 -30.85 27.63 -17.90
CA SER I 184 -30.78 28.84 -18.71
C SER I 184 -29.39 29.42 -18.58
N THR I 185 -29.13 30.47 -19.34
CA THR I 185 -27.97 31.32 -19.12
C THR I 185 -28.41 32.65 -18.55
N THR I 186 -27.45 33.39 -18.01
CA THR I 186 -27.76 34.73 -17.50
C THR I 186 -27.94 35.73 -18.62
N LEU I 187 -27.53 35.39 -19.85
CA LEU I 187 -27.78 36.28 -20.97
C LEU I 187 -29.26 36.28 -21.33
N PHE I 188 -29.84 35.09 -21.58
CA PHE I 188 -31.24 35.09 -21.97
C PHE I 188 -32.19 35.15 -20.78
N ASN I 189 -31.70 35.00 -19.55
CA ASN I 189 -32.56 35.33 -18.42
C ASN I 189 -32.76 36.83 -18.33
N GLN I 190 -31.69 37.60 -18.52
CA GLN I 190 -31.80 39.04 -18.52
C GLN I 190 -32.40 39.55 -19.82
N LEU I 191 -32.22 38.83 -20.92
CA LEU I 191 -32.81 39.25 -22.18
C LEU I 191 -34.32 39.03 -22.18
N ASN I 192 -34.78 37.98 -21.51
CA ASN I 192 -36.22 37.72 -21.47
C ASN I 192 -36.86 38.35 -20.24
N LYS I 193 -36.17 39.27 -19.57
CA LYS I 193 -36.76 39.91 -18.40
C LYS I 193 -37.24 41.32 -18.70
N CYS I 194 -36.45 42.11 -19.44
CA CYS I 194 -36.87 43.49 -19.70
C CYS I 194 -37.98 43.55 -20.74
N LYS I 195 -38.16 42.50 -21.52
CA LYS I 195 -39.37 42.37 -22.32
C LYS I 195 -40.29 41.33 -21.70
N ILE I 272 -39.79 38.07 -5.96
CA ILE I 272 -39.32 38.80 -4.78
C ILE I 272 -38.24 37.98 -4.08
N ASN I 273 -38.46 36.68 -3.96
CA ASN I 273 -37.53 35.82 -3.24
C ASN I 273 -36.29 35.55 -4.08
N THR I 274 -35.12 35.58 -3.43
CA THR I 274 -33.88 35.31 -4.15
C THR I 274 -33.50 33.83 -4.08
N ASP I 275 -34.35 33.00 -3.47
CA ASP I 275 -34.00 31.61 -3.26
C ASP I 275 -34.50 30.74 -4.40
N ASN I 276 -35.61 31.14 -5.04
CA ASN I 276 -36.15 30.38 -6.15
C ASN I 276 -35.57 30.90 -7.47
N SER I 277 -35.38 29.99 -8.42
CA SER I 277 -34.82 30.36 -9.70
C SER I 277 -35.86 31.09 -10.56
N TYR I 278 -35.50 32.28 -11.03
CA TYR I 278 -36.40 33.00 -11.94
C TYR I 278 -36.59 32.31 -13.29
N PRO I 279 -35.60 31.61 -13.88
CA PRO I 279 -35.95 30.73 -15.01
C PRO I 279 -36.94 29.65 -14.64
N LEU I 280 -36.87 29.11 -13.43
CA LEU I 280 -37.87 28.15 -13.01
C LEU I 280 -39.20 28.83 -12.70
N LEU I 281 -39.16 29.99 -12.05
CA LEU I 281 -40.39 30.68 -11.67
C LEU I 281 -41.11 31.25 -12.88
N TYR I 282 -40.38 31.62 -13.93
CA TYR I 282 -41.03 32.00 -15.18
C TYR I 282 -41.71 30.80 -15.82
N LEU I 283 -41.16 29.61 -15.62
CA LEU I 283 -41.68 28.42 -16.29
C LEU I 283 -42.97 27.94 -15.64
N LEU I 284 -43.01 27.90 -14.31
CA LEU I 284 -44.21 27.43 -13.63
C LEU I 284 -45.33 28.45 -13.71
N SER I 285 -45.01 29.75 -13.72
CA SER I 285 -46.02 30.77 -13.89
C SER I 285 -46.62 30.73 -15.29
N LYS I 286 -45.85 30.28 -16.28
CA LYS I 286 -46.38 30.12 -17.63
C LYS I 286 -47.36 28.95 -17.69
N GLU I 287 -47.14 27.94 -16.84
CA GLU I 287 -48.05 26.79 -16.83
C GLU I 287 -49.28 27.05 -15.98
N LEU I 288 -49.12 27.81 -14.89
CA LEU I 288 -50.24 28.06 -13.99
C LEU I 288 -51.03 29.32 -14.34
N ASN I 289 -50.52 30.13 -15.27
CA ASN I 289 -51.13 31.40 -15.70
C ASN I 289 -51.36 32.32 -14.51
N CYS I 290 -50.25 32.70 -13.87
CA CYS I 290 -50.25 33.65 -12.78
C CYS I 290 -48.90 34.35 -12.76
N LYS I 291 -48.69 35.20 -11.78
CA LYS I 291 -47.39 35.84 -11.65
C LYS I 291 -46.40 34.86 -11.02
N GLU I 292 -45.11 35.11 -11.26
CA GLU I 292 -44.06 34.33 -10.63
C GLU I 292 -43.97 34.60 -9.14
N GLU I 293 -44.44 35.77 -8.70
CA GLU I 293 -44.42 36.12 -7.29
C GLU I 293 -45.51 35.40 -6.51
N ASP I 294 -46.48 34.79 -7.20
CA ASP I 294 -47.51 34.01 -6.52
C ASP I 294 -47.04 32.59 -6.24
N ILE I 295 -45.98 32.13 -6.89
CA ILE I 295 -45.48 30.77 -6.66
C ILE I 295 -44.76 30.75 -5.32
N LEU I 296 -45.28 29.98 -4.36
CA LEU I 296 -44.73 29.96 -3.02
C LEU I 296 -43.65 28.92 -2.83
N ASP I 297 -43.99 27.64 -3.00
CA ASP I 297 -43.05 26.54 -2.91
C ASP I 297 -43.68 25.33 -3.56
N PHE I 298 -42.86 24.36 -3.94
CA PHE I 298 -43.33 23.27 -4.77
C PHE I 298 -42.52 22.02 -4.50
N GLU I 299 -43.14 20.87 -4.72
CA GLU I 299 -42.46 19.59 -4.70
C GLU I 299 -42.43 19.06 -6.12
N LEU I 300 -41.37 19.37 -6.85
CA LEU I 300 -41.26 19.04 -8.26
C LEU I 300 -40.23 17.95 -8.46
N CYS I 301 -40.52 17.02 -9.36
CA CYS I 301 -39.63 15.93 -9.70
C CYS I 301 -39.21 16.07 -11.15
N LEU I 302 -37.92 15.92 -11.41
CA LEU I 302 -37.44 15.93 -12.79
C LEU I 302 -37.80 14.61 -13.45
N MET I 303 -38.31 14.68 -14.66
CA MET I 303 -38.65 13.49 -15.41
C MET I 303 -38.02 13.60 -16.80
N ASP I 304 -37.92 12.46 -17.48
CA ASP I 304 -37.40 12.48 -18.84
C ASP I 304 -38.54 12.70 -19.82
N THR I 305 -38.39 13.71 -20.69
CA THR I 305 -39.46 14.10 -21.60
C THR I 305 -39.69 13.11 -22.72
N GLN I 306 -38.79 12.15 -22.92
CA GLN I 306 -38.97 11.17 -23.98
C GLN I 306 -40.12 10.23 -23.61
N GLU I 307 -41.08 10.10 -24.53
CA GLU I 307 -42.24 9.26 -24.28
C GLU I 307 -41.83 7.79 -24.26
N PRO I 308 -42.47 6.98 -23.43
CA PRO I 308 -42.24 5.53 -23.48
C PRO I 308 -42.69 4.95 -24.80
N CYS I 309 -42.05 3.84 -25.20
CA CYS I 309 -42.32 3.26 -26.50
C CYS I 309 -42.00 1.78 -26.48
N PHE I 310 -42.69 1.05 -27.36
CA PHE I 310 -42.37 -0.35 -27.63
C PHE I 310 -41.06 -0.45 -28.39
N THR I 311 -40.16 -1.28 -27.89
CA THR I 311 -38.84 -1.43 -28.50
C THR I 311 -38.53 -2.89 -28.78
N GLY I 312 -37.32 -3.11 -29.27
CA GLY I 312 -36.96 -4.35 -29.91
C GLY I 312 -37.30 -4.32 -31.38
N VAL I 313 -36.81 -5.33 -32.10
CA VAL I 313 -37.15 -5.45 -33.52
C VAL I 313 -38.63 -5.81 -33.67
N TYR I 314 -39.11 -6.72 -32.83
CA TYR I 314 -40.48 -7.21 -32.93
C TYR I 314 -41.46 -6.40 -32.09
N GLU I 315 -41.06 -5.20 -31.66
CA GLU I 315 -41.82 -4.33 -30.75
C GLU I 315 -42.23 -5.09 -29.49
N GLU I 316 -41.24 -5.73 -28.88
CA GLU I 316 -41.49 -6.75 -27.89
C GLU I 316 -41.15 -6.34 -26.47
N PHE I 317 -40.52 -5.20 -26.30
CA PHE I 317 -40.20 -4.68 -24.98
C PHE I 317 -40.99 -3.42 -24.72
N ILE I 318 -40.93 -2.94 -23.48
CA ILE I 318 -41.44 -1.63 -23.14
C ILE I 318 -40.38 -0.92 -22.31
N GLU I 319 -40.26 0.39 -22.50
CA GLU I 319 -39.35 1.22 -21.73
C GLU I 319 -39.81 2.67 -21.89
N GLY I 320 -40.02 3.37 -20.80
CA GLY I 320 -39.72 4.77 -20.94
C GLY I 320 -39.04 5.50 -19.81
N ALA I 321 -39.52 5.24 -18.60
CA ALA I 321 -39.18 5.94 -17.37
C ALA I 321 -40.01 5.33 -16.27
N ARG I 322 -39.49 5.41 -15.06
CA ARG I 322 -40.24 5.24 -13.81
C ARG I 322 -40.89 3.87 -13.69
N PHE I 323 -40.39 2.89 -14.45
CA PHE I 323 -40.99 1.56 -14.46
C PHE I 323 -40.77 0.79 -13.17
N ASP I 324 -39.99 1.32 -12.22
CA ASP I 324 -39.93 0.76 -10.88
C ASP I 324 -41.27 1.05 -10.22
N ASN I 325 -42.17 0.10 -10.41
CA ASN I 325 -43.49 -0.02 -9.81
C ASN I 325 -44.42 1.13 -10.15
N LEU I 326 -44.18 1.88 -11.20
CA LEU I 326 -45.29 2.62 -11.77
C LEU I 326 -45.90 1.84 -12.91
N LEU I 327 -45.09 1.02 -13.57
CA LEU I 327 -45.63 -0.05 -14.39
C LEU I 327 -46.20 -1.16 -13.53
N GLY I 328 -45.53 -1.47 -12.41
CA GLY I 328 -45.99 -2.56 -11.56
C GLY I 328 -47.26 -2.24 -10.80
N SER I 329 -47.40 -0.99 -10.34
CA SER I 329 -48.63 -0.61 -9.66
C SER I 329 -49.75 -0.27 -10.63
N PHE I 330 -49.42 -0.07 -11.90
CA PHE I 330 -50.47 -0.10 -12.91
C PHE I 330 -51.14 -1.45 -12.96
N CYS I 331 -50.35 -2.52 -13.00
CA CYS I 331 -50.87 -3.88 -12.98
C CYS I 331 -51.56 -4.23 -11.67
N VAL I 332 -51.22 -3.54 -10.58
CA VAL I 332 -51.95 -3.69 -9.34
C VAL I 332 -53.36 -3.13 -9.50
N PHE I 333 -53.48 -1.95 -10.11
CA PHE I 333 -54.80 -1.34 -10.24
C PHE I 333 -55.52 -1.83 -11.49
N GLU I 334 -54.80 -2.20 -12.54
CA GLU I 334 -55.46 -2.80 -13.70
C GLU I 334 -55.96 -4.20 -13.36
N GLY I 335 -55.21 -4.93 -12.52
CA GLY I 335 -55.74 -6.18 -12.00
C GLY I 335 -56.88 -5.98 -11.04
N PHE I 336 -56.92 -4.83 -10.37
CA PHE I 336 -58.00 -4.53 -9.45
C PHE I 336 -59.25 -4.07 -10.18
N ILE I 337 -59.06 -3.32 -11.28
CA ILE I 337 -60.19 -2.84 -12.06
C ILE I 337 -60.90 -4.00 -12.75
N GLU I 338 -60.12 -4.96 -13.26
CA GLU I 338 -60.70 -6.12 -13.93
C GLU I 338 -61.41 -7.04 -12.95
N LEU I 339 -61.00 -7.01 -11.68
CA LEU I 339 -61.73 -7.73 -10.64
C LEU I 339 -63.10 -7.14 -10.40
N VAL I 340 -63.14 -5.82 -10.15
CA VAL I 340 -64.40 -5.14 -9.84
C VAL I 340 -65.35 -5.19 -11.02
N ASN I 341 -64.81 -5.12 -12.24
CA ASN I 341 -65.63 -5.30 -13.42
C ASN I 341 -66.11 -6.73 -13.56
N SER I 342 -65.37 -7.70 -13.01
CA SER I 342 -65.86 -9.08 -13.02
C SER I 342 -66.89 -9.30 -11.92
N ILE I 343 -66.87 -8.47 -10.88
CA ILE I 343 -67.86 -8.57 -9.82
C ILE I 343 -69.17 -7.91 -10.24
N LYS I 344 -69.07 -6.72 -10.85
CA LYS I 344 -70.28 -5.99 -11.22
C LYS I 344 -70.96 -6.59 -12.45
N ASN I 345 -70.17 -7.06 -13.42
CA ASN I 345 -70.78 -7.66 -14.60
C ASN I 345 -71.02 -9.15 -14.38
N HIS I 346 -71.89 -9.70 -15.24
CA HIS I 346 -72.37 -11.09 -15.21
C HIS I 346 -73.03 -11.44 -13.87
N THR I 347 -73.70 -10.48 -13.25
CA THR I 347 -74.52 -10.71 -12.07
C THR I 347 -75.89 -10.06 -12.24
N ASN I 363 -69.09 -18.42 -7.20
CA ASN I 363 -69.74 -17.14 -7.42
C ASN I 363 -70.17 -16.51 -6.11
N ASP I 364 -70.18 -17.32 -5.04
CA ASP I 364 -70.57 -16.81 -3.73
C ASP I 364 -69.39 -16.24 -2.97
N ASN I 365 -68.17 -16.71 -3.27
CA ASN I 365 -67.03 -16.28 -2.49
C ASN I 365 -66.34 -15.07 -3.11
N ILE I 366 -66.77 -14.67 -4.31
CA ILE I 366 -66.23 -13.47 -4.90
C ILE I 366 -66.80 -12.22 -4.23
N HIS I 367 -68.01 -12.31 -3.68
CA HIS I 367 -68.62 -11.20 -2.97
C HIS I 367 -68.34 -11.23 -1.48
N ASN I 368 -67.32 -11.95 -1.05
CA ASN I 368 -67.14 -12.34 0.33
C ASN I 368 -65.94 -11.65 0.95
N ASN I 369 -65.27 -10.80 0.17
CA ASN I 369 -63.97 -10.28 0.57
C ASN I 369 -63.92 -8.77 0.46
N LEU I 370 -62.93 -8.19 1.13
CA LEU I 370 -62.59 -6.79 1.00
C LEU I 370 -61.32 -6.70 0.16
N TYR I 371 -61.46 -6.29 -1.09
CA TYR I 371 -60.33 -6.21 -2.00
C TYR I 371 -59.78 -4.80 -1.96
N ILE I 372 -58.61 -4.63 -1.36
CA ILE I 372 -57.97 -3.33 -1.25
C ILE I 372 -56.81 -3.30 -2.22
N SER I 373 -56.61 -2.14 -2.86
CA SER I 373 -55.50 -1.94 -3.78
C SER I 373 -54.89 -0.59 -3.46
N ILE I 374 -53.71 -0.59 -2.86
CA ILE I 374 -53.12 0.64 -2.33
C ILE I 374 -51.79 0.89 -3.02
N GLY I 375 -51.62 2.14 -3.47
CA GLY I 375 -50.38 2.59 -4.04
C GLY I 375 -49.61 3.49 -3.09
N TYR I 376 -48.54 2.97 -2.53
CA TYR I 376 -47.82 3.67 -1.47
C TYR I 376 -46.89 4.74 -2.04
N ASP I 377 -46.36 5.54 -1.15
CA ASP I 377 -45.36 6.53 -1.49
C ASP I 377 -44.11 6.25 -0.67
N HIS I 378 -43.01 6.89 -1.09
CA HIS I 378 -41.78 6.99 -0.33
C HIS I 378 -41.11 5.64 -0.09
N GLU I 379 -41.31 4.69 -1.02
CA GLU I 379 -40.64 3.40 -0.90
C GLU I 379 -39.14 3.51 -1.06
N GLU I 380 -38.68 4.36 -1.98
CA GLU I 380 -37.27 4.42 -2.34
C GLU I 380 -36.39 4.92 -1.21
N ILE I 381 -36.98 5.54 -0.19
CA ILE I 381 -36.24 6.09 0.93
C ILE I 381 -36.52 5.32 2.22
N GLY I 382 -37.32 4.28 2.16
CA GLY I 382 -37.52 3.40 3.30
C GLY I 382 -38.89 3.42 3.92
N SER I 383 -39.88 4.06 3.30
CA SER I 383 -41.31 4.02 3.66
C SER I 383 -41.60 4.64 5.02
N LEU I 384 -40.64 5.32 5.64
CA LEU I 384 -40.86 5.97 6.93
C LEU I 384 -41.44 7.34 6.63
N SER I 385 -42.76 7.40 6.47
CA SER I 385 -43.44 8.64 6.12
C SER I 385 -44.89 8.54 6.54
N GLU I 386 -45.63 9.63 6.39
CA GLU I 386 -47.04 9.64 6.73
C GLU I 386 -47.87 8.97 5.65
N VAL I 387 -47.32 8.81 4.45
CA VAL I 387 -48.00 8.17 3.34
C VAL I 387 -47.23 6.94 2.89
N GLY I 388 -46.21 6.55 3.63
CA GLY I 388 -45.41 5.38 3.29
C GLY I 388 -46.06 4.10 3.75
N ALA I 389 -45.30 3.02 3.60
CA ALA I 389 -45.80 1.72 4.00
C ALA I 389 -45.72 1.51 5.50
N ARG I 390 -44.76 2.17 6.14
CA ARG I 390 -44.65 2.09 7.60
C ARG I 390 -45.63 3.01 8.31
N SER I 391 -46.44 3.74 7.56
CA SER I 391 -47.44 4.62 8.14
C SER I 391 -48.57 3.83 8.77
N TYR I 392 -49.33 4.52 9.61
CA TYR I 392 -50.59 3.99 10.13
C TYR I 392 -51.74 4.22 9.18
N CYS I 393 -51.49 4.70 7.96
CA CYS I 393 -52.57 5.09 7.06
C CYS I 393 -53.38 3.87 6.62
N THR I 394 -52.71 2.79 6.22
CA THR I 394 -53.44 1.62 5.74
C THR I 394 -54.12 0.88 6.88
N LYS I 395 -53.47 0.84 8.05
CA LYS I 395 -54.05 0.15 9.18
C LYS I 395 -55.26 0.91 9.71
N ASN I 396 -55.25 2.23 9.62
CA ASN I 396 -56.43 2.98 10.00
C ASN I 396 -57.50 2.92 8.93
N PHE I 397 -57.11 2.70 7.66
CA PHE I 397 -58.10 2.61 6.60
C PHE I 397 -58.95 1.35 6.76
N ILE I 398 -58.32 0.23 7.09
CA ILE I 398 -59.06 -1.02 7.28
C ILE I 398 -59.91 -0.94 8.54
N ASP I 399 -59.39 -0.28 9.58
CA ASP I 399 -60.17 -0.12 10.81
C ASP I 399 -61.26 0.93 10.65
N ARG I 400 -61.22 1.71 9.56
CA ARG I 400 -62.34 2.58 9.23
C ARG I 400 -63.33 1.89 8.31
N ILE I 401 -62.86 0.94 7.48
CA ILE I 401 -63.77 0.18 6.65
C ILE I 401 -64.58 -0.80 7.50
N ILE I 402 -63.90 -1.47 8.43
CA ILE I 402 -64.55 -2.42 9.33
C ILE I 402 -65.54 -1.71 10.24
N SER I 403 -65.20 -0.51 10.69
CA SER I 403 -66.09 0.25 11.57
C SER I 403 -67.29 0.81 10.82
N SER I 404 -67.16 1.09 9.52
CA SER I 404 -68.25 1.71 8.80
C SER I 404 -69.15 0.67 8.14
N VAL I 405 -68.56 -0.44 7.68
CA VAL I 405 -69.36 -1.52 7.12
C VAL I 405 -70.12 -2.24 8.22
N PHE I 406 -69.41 -2.66 9.26
CA PHE I 406 -70.04 -3.33 10.40
C PHE I 406 -70.35 -2.32 11.50
N LYS I 407 -71.01 -1.24 11.11
CA LYS I 407 -71.41 -0.23 12.08
C LYS I 407 -72.54 -0.74 12.95
N LYS I 408 -73.41 -1.57 12.38
CA LYS I 408 -74.61 -1.98 13.10
C LYS I 408 -74.36 -3.22 13.94
N GLU I 409 -73.38 -4.05 13.59
CA GLU I 409 -73.21 -5.27 14.36
C GLU I 409 -72.22 -5.13 15.51
N ILE I 410 -71.52 -3.99 15.61
CA ILE I 410 -70.71 -3.72 16.79
C ILE I 410 -71.60 -3.55 18.02
N HIS I 411 -72.71 -2.81 17.87
CA HIS I 411 -73.53 -2.36 18.98
C HIS I 411 -74.30 -3.48 19.67
N GLU I 412 -74.80 -4.47 18.92
CA GLU I 412 -75.85 -5.33 19.46
C GLU I 412 -75.41 -6.77 19.63
N LYS I 413 -74.23 -7.14 19.09
CA LYS I 413 -73.60 -8.37 19.56
C LYS I 413 -72.21 -8.12 20.13
N ASN I 414 -71.89 -6.85 20.42
CA ASN I 414 -70.82 -6.44 21.34
C ASN I 414 -69.43 -6.84 20.86
N LEU I 415 -69.28 -6.85 19.54
CA LEU I 415 -67.97 -7.07 18.93
C LEU I 415 -67.14 -5.80 18.99
N SER I 416 -65.85 -5.95 18.79
CA SER I 416 -64.91 -4.84 18.72
C SER I 416 -64.27 -4.81 17.35
N VAL I 417 -63.57 -3.71 17.06
CA VAL I 417 -62.87 -3.58 15.79
C VAL I 417 -61.70 -4.56 15.73
N GLN I 418 -60.91 -4.62 16.80
CA GLN I 418 -59.74 -5.50 16.83
C GLN I 418 -60.12 -6.97 16.90
N GLU I 419 -61.28 -7.28 17.48
CA GLU I 419 -61.84 -8.63 17.36
C GLU I 419 -62.20 -8.96 15.92
N ILE I 420 -62.82 -8.02 15.21
CA ILE I 420 -63.24 -8.27 13.84
C ILE I 420 -62.05 -8.22 12.90
N TYR I 421 -61.10 -7.30 13.17
CA TYR I 421 -59.94 -7.19 12.31
C TYR I 421 -59.02 -8.40 12.45
N GLY I 422 -58.80 -8.87 13.68
CA GLY I 422 -58.02 -10.07 13.87
C GLY I 422 -58.73 -11.32 13.43
N ASN I 423 -60.05 -11.26 13.26
CA ASN I 423 -60.77 -12.39 12.70
C ASN I 423 -60.51 -12.52 11.20
N LEU I 424 -60.44 -11.39 10.50
CA LEU I 424 -60.22 -11.39 9.07
C LEU I 424 -58.76 -11.49 8.70
N VAL I 425 -57.85 -11.33 9.65
CA VAL I 425 -56.41 -11.39 9.38
C VAL I 425 -55.94 -12.81 9.12
N ASN I 426 -56.64 -13.81 9.67
CA ASN I 426 -56.30 -15.20 9.43
C ASN I 426 -56.57 -15.61 7.98
N ARG I 427 -57.53 -14.96 7.33
CA ARG I 427 -57.89 -15.27 5.95
C ARG I 427 -57.33 -14.23 4.99
N SER I 428 -56.55 -13.30 5.52
CA SER I 428 -56.06 -12.16 4.75
C SER I 428 -54.79 -12.51 4.01
N PHE I 429 -54.42 -11.65 3.07
CA PHE I 429 -53.20 -11.80 2.32
C PHE I 429 -52.75 -10.44 1.78
N ILE I 430 -51.46 -10.34 1.53
CA ILE I 430 -50.84 -9.15 0.95
C ILE I 430 -50.09 -9.58 -0.31
N LEU I 431 -50.41 -8.95 -1.43
CA LEU I 431 -49.73 -9.21 -2.69
C LEU I 431 -48.88 -7.99 -3.01
N ASN I 432 -47.63 -7.99 -2.57
CA ASN I 432 -46.76 -6.86 -2.84
C ASN I 432 -46.17 -7.03 -4.22
N VAL I 433 -46.33 -6.00 -5.05
CA VAL I 433 -45.85 -6.01 -6.42
C VAL I 433 -44.79 -4.94 -6.56
N ASP I 434 -43.57 -5.35 -6.88
CA ASP I 434 -42.47 -4.46 -7.18
C ASP I 434 -41.57 -5.18 -8.15
N MET I 435 -40.89 -4.42 -9.00
CA MET I 435 -40.14 -4.99 -10.11
C MET I 435 -38.94 -5.78 -9.61
N ALA I 436 -38.48 -6.70 -10.46
CA ALA I 436 -37.42 -7.62 -10.12
C ALA I 436 -36.34 -7.60 -11.18
N HIS I 437 -35.19 -8.14 -10.83
CA HIS I 437 -34.00 -8.04 -11.67
C HIS I 437 -34.00 -9.18 -12.68
N CYS I 438 -34.21 -8.84 -13.95
CA CYS I 438 -34.03 -9.82 -15.01
C CYS I 438 -32.56 -10.20 -15.11
N SER I 439 -32.31 -11.40 -15.64
CA SER I 439 -30.94 -11.86 -15.80
C SER I 439 -30.23 -11.03 -16.86
N HIS I 440 -29.28 -10.21 -16.41
CA HIS I 440 -28.55 -9.34 -17.30
C HIS I 440 -27.56 -10.17 -18.09
N PRO I 441 -27.56 -10.09 -19.43
CA PRO I 441 -26.60 -10.87 -20.19
C PRO I 441 -25.19 -10.34 -20.10
N ASN I 442 -25.02 -9.05 -19.82
CA ASN I 442 -23.69 -8.46 -19.79
C ASN I 442 -23.08 -8.56 -18.40
N TYR I 443 -23.84 -9.02 -17.42
CA TYR I 443 -23.37 -9.16 -16.04
C TYR I 443 -23.76 -10.54 -15.52
N PRO I 444 -23.07 -11.61 -15.92
CA PRO I 444 -23.44 -12.94 -15.44
C PRO I 444 -22.94 -13.27 -14.04
N GLU I 445 -22.17 -12.39 -13.41
CA GLU I 445 -21.64 -12.63 -12.09
C GLU I 445 -22.54 -12.11 -10.99
N THR I 446 -23.60 -11.38 -11.32
CA THR I 446 -24.52 -10.84 -10.33
C THR I 446 -25.83 -11.60 -10.28
N VAL I 447 -25.90 -12.76 -10.92
CA VAL I 447 -27.14 -13.52 -10.99
C VAL I 447 -26.95 -14.84 -10.25
N GLN I 448 -28.02 -15.31 -9.62
CA GLN I 448 -28.04 -16.65 -9.09
C GLN I 448 -28.05 -17.65 -10.25
N ASP I 449 -27.56 -18.86 -10.01
CA ASP I 449 -27.52 -19.83 -11.10
C ASP I 449 -28.90 -20.43 -11.35
N ASN I 450 -29.59 -20.83 -10.28
CA ASN I 450 -30.87 -21.51 -10.44
C ASN I 450 -32.04 -20.54 -10.48
N HIS I 451 -32.00 -19.48 -9.70
CA HIS I 451 -33.09 -18.50 -9.63
C HIS I 451 -32.77 -17.38 -10.59
N GLN I 452 -33.08 -17.58 -11.86
CA GLN I 452 -32.85 -16.59 -12.88
C GLN I 452 -34.19 -16.09 -13.39
N LEU I 453 -34.22 -14.86 -13.87
CA LEU I 453 -35.41 -14.27 -14.45
C LEU I 453 -35.14 -13.91 -15.88
N PHE I 454 -36.01 -14.31 -16.78
CA PHE I 454 -35.89 -13.93 -18.17
C PHE I 454 -37.16 -13.23 -18.62
N PHE I 455 -37.04 -12.50 -19.73
CA PHE I 455 -38.17 -11.76 -20.25
C PHE I 455 -39.19 -12.73 -20.86
N HIS I 456 -40.47 -12.34 -20.75
CA HIS I 456 -41.64 -13.09 -21.19
C HIS I 456 -41.72 -14.49 -20.58
N GLU I 457 -41.10 -14.71 -19.43
CA GLU I 457 -41.05 -16.06 -18.87
C GLU I 457 -42.03 -16.19 -17.71
N GLY I 458 -42.53 -15.08 -17.20
CA GLY I 458 -43.58 -15.10 -16.21
C GLY I 458 -43.32 -14.09 -15.13
N ILE I 459 -44.20 -14.11 -14.14
CA ILE I 459 -44.05 -13.27 -12.95
C ILE I 459 -42.86 -13.77 -12.14
N ALA I 460 -42.07 -12.85 -11.63
CA ALA I 460 -41.12 -13.23 -10.61
C ALA I 460 -41.87 -13.50 -9.31
N ILE I 461 -41.37 -14.44 -8.53
CA ILE I 461 -41.83 -14.65 -7.17
C ILE I 461 -40.57 -14.50 -6.32
N LYS I 462 -40.40 -13.32 -5.74
CA LYS I 462 -39.12 -12.96 -5.15
C LYS I 462 -38.99 -13.51 -3.74
N TYR I 463 -38.02 -14.40 -3.56
CA TYR I 463 -37.70 -14.95 -2.25
C TYR I 463 -36.47 -14.25 -1.72
N ASN I 464 -36.25 -14.34 -0.41
CA ASN I 464 -35.06 -13.75 0.16
C ASN I 464 -34.60 -14.54 1.38
N THR I 465 -33.30 -14.44 1.66
CA THR I 465 -32.73 -14.95 2.88
C THR I 465 -33.27 -14.21 4.11
N ASN I 466 -33.12 -12.89 4.12
CA ASN I 466 -33.36 -12.07 5.29
C ASN I 466 -34.78 -11.52 5.34
N LYS I 467 -35.69 -12.07 4.55
CA LYS I 467 -37.06 -11.59 4.36
C LYS I 467 -37.12 -10.11 4.01
N ASN I 468 -36.21 -9.64 3.15
CA ASN I 468 -36.40 -8.37 2.49
C ASN I 468 -37.61 -8.43 1.57
N TYR I 469 -37.85 -9.59 0.97
CA TYR I 469 -39.12 -9.92 0.35
C TYR I 469 -39.90 -10.84 1.29
N VAL I 470 -41.21 -10.59 1.42
CA VAL I 470 -42.00 -11.27 2.44
C VAL I 470 -42.49 -12.64 1.99
N THR I 471 -42.01 -13.14 0.85
CA THR I 471 -42.47 -14.42 0.34
C THR I 471 -42.01 -15.59 1.21
N SER I 472 -42.98 -16.30 1.77
CA SER I 472 -42.77 -17.56 2.44
C SER I 472 -43.16 -18.68 1.50
N PRO I 473 -42.48 -19.83 1.57
CA PRO I 473 -42.79 -20.93 0.65
C PRO I 473 -44.17 -21.56 0.85
N LEU I 474 -44.83 -21.35 1.98
CA LEU I 474 -46.23 -21.71 2.08
C LEU I 474 -47.08 -20.73 1.29
N HIS I 475 -46.83 -19.44 1.46
CA HIS I 475 -47.74 -18.44 0.96
C HIS I 475 -47.54 -18.15 -0.51
N ALA I 476 -46.44 -18.62 -1.09
CA ALA I 476 -46.32 -18.63 -2.53
C ALA I 476 -46.97 -19.86 -3.12
N SER I 477 -47.12 -20.91 -2.33
CA SER I 477 -47.79 -22.12 -2.81
C SER I 477 -49.28 -21.91 -2.95
N LEU I 478 -49.86 -21.01 -2.16
CA LEU I 478 -51.26 -20.68 -2.33
C LEU I 478 -51.47 -19.84 -3.58
N ILE I 479 -50.52 -18.95 -3.89
CA ILE I 479 -50.67 -18.06 -5.02
C ILE I 479 -50.42 -18.79 -6.33
N LYS I 480 -49.51 -19.77 -6.32
CA LYS I 480 -49.32 -20.61 -7.50
C LYS I 480 -50.54 -21.49 -7.77
N ARG I 481 -51.35 -21.76 -6.73
CA ARG I 481 -52.60 -22.48 -6.96
C ARG I 481 -53.72 -21.55 -7.40
N THR I 482 -53.61 -20.25 -7.12
CA THR I 482 -54.52 -19.31 -7.73
C THR I 482 -54.19 -19.13 -9.20
N PHE I 483 -52.93 -19.34 -9.59
CA PHE I 483 -52.58 -19.27 -11.00
C PHE I 483 -53.05 -20.51 -11.73
N GLU I 484 -53.19 -21.64 -11.01
CA GLU I 484 -53.68 -22.85 -11.62
C GLU I 484 -55.20 -22.86 -11.72
N LEU I 485 -55.88 -22.20 -10.78
CA LEU I 485 -57.33 -22.05 -10.89
C LEU I 485 -57.70 -21.04 -11.97
N TYR I 486 -56.78 -20.13 -12.30
CA TYR I 486 -56.98 -19.27 -13.46
C TYR I 486 -56.87 -20.07 -14.75
N TYR I 487 -55.98 -21.06 -14.80
CA TYR I 487 -55.79 -21.83 -16.01
C TYR I 487 -56.96 -22.77 -16.26
N ASN I 488 -57.66 -23.17 -15.20
CA ASN I 488 -58.78 -24.09 -15.38
C ASN I 488 -60.04 -23.37 -15.86
N LYS I 489 -60.12 -22.07 -15.64
CA LYS I 489 -61.32 -21.32 -16.01
C LYS I 489 -61.13 -20.54 -17.30
N TYR I 490 -60.00 -19.88 -17.47
CA TYR I 490 -59.77 -18.99 -18.59
C TYR I 490 -58.91 -19.61 -19.68
N LYS I 491 -58.33 -20.78 -19.42
CA LYS I 491 -57.49 -21.53 -20.36
C LYS I 491 -56.29 -20.72 -20.85
N GLN I 492 -55.79 -19.85 -19.98
CA GLN I 492 -54.63 -19.01 -20.29
C GLN I 492 -53.66 -19.15 -19.12
N GLN I 493 -52.48 -19.70 -19.40
CA GLN I 493 -51.53 -20.00 -18.35
C GLN I 493 -50.86 -18.74 -17.84
N ILE I 494 -50.85 -18.58 -16.53
CA ILE I 494 -50.08 -17.53 -15.87
C ILE I 494 -48.75 -18.15 -15.50
N LYS I 495 -47.70 -17.78 -16.23
CA LYS I 495 -46.37 -18.32 -15.99
C LYS I 495 -45.74 -17.60 -14.81
N TYR I 496 -44.89 -18.30 -14.09
CA TYR I 496 -44.18 -17.74 -12.95
C TYR I 496 -42.77 -18.29 -12.93
N GLN I 497 -41.91 -17.64 -12.16
CA GLN I 497 -40.53 -18.06 -12.01
C GLN I 497 -40.01 -17.54 -10.69
N ASN I 498 -39.34 -18.39 -9.93
CA ASN I 498 -38.86 -17.99 -8.62
C ASN I 498 -37.58 -17.17 -8.75
N PHE I 499 -37.53 -16.07 -8.00
CA PHE I 499 -36.37 -15.19 -8.02
C PHE I 499 -35.77 -15.13 -6.63
N MET I 500 -34.44 -15.24 -6.59
CA MET I 500 -33.70 -15.17 -5.34
C MET I 500 -32.32 -14.60 -5.65
N VAL I 501 -31.93 -13.60 -4.86
CA VAL I 501 -30.63 -12.97 -5.01
C VAL I 501 -29.59 -13.91 -4.40
N LYS I 502 -28.33 -13.73 -4.78
CA LYS I 502 -27.26 -14.55 -4.23
C LYS I 502 -27.09 -14.32 -2.74
N ASN I 503 -26.51 -15.32 -2.07
CA ASN I 503 -26.37 -15.26 -0.62
C ASN I 503 -25.35 -14.21 -0.19
N ASP I 504 -24.30 -14.00 -0.98
CA ASP I 504 -23.28 -13.04 -0.61
C ASP I 504 -23.70 -11.61 -0.95
N THR I 505 -24.39 -11.42 -2.07
CA THR I 505 -24.79 -10.07 -2.42
C THR I 505 -26.02 -9.65 -1.62
N PRO I 506 -26.09 -8.40 -1.19
CA PRO I 506 -27.31 -7.89 -0.58
C PRO I 506 -28.28 -7.38 -1.64
N CYS I 507 -29.55 -7.29 -1.26
CA CYS I 507 -30.59 -6.78 -2.13
C CYS I 507 -31.43 -5.78 -1.37
N GLY I 508 -32.07 -4.89 -2.11
CA GLY I 508 -32.89 -3.87 -1.49
C GLY I 508 -34.20 -4.43 -0.99
N SER I 509 -34.58 -3.99 0.21
CA SER I 509 -35.85 -4.42 0.79
C SER I 509 -37.00 -3.72 0.11
N THR I 510 -38.17 -4.34 0.17
CA THR I 510 -39.38 -3.79 -0.40
C THR I 510 -40.39 -3.54 0.72
N VAL I 511 -41.61 -3.16 0.32
CA VAL I 511 -42.67 -2.89 1.27
C VAL I 511 -43.50 -4.13 1.56
N GLY I 512 -43.00 -5.30 1.19
CA GLY I 512 -43.72 -6.53 1.49
C GLY I 512 -43.77 -6.80 2.97
N SER I 513 -42.60 -6.83 3.62
CA SER I 513 -42.57 -7.12 5.05
C SER I 513 -42.90 -5.91 5.88
N MET I 514 -42.89 -4.71 5.30
CA MET I 514 -43.27 -3.53 6.05
C MET I 514 -44.77 -3.51 6.32
N VAL I 515 -45.58 -3.80 5.30
CA VAL I 515 -47.02 -3.79 5.49
C VAL I 515 -47.48 -5.09 6.15
N ALA I 516 -46.74 -6.19 5.93
CA ALA I 516 -47.09 -7.45 6.59
C ALA I 516 -46.83 -7.38 8.09
N ALA I 517 -45.93 -6.51 8.54
CA ALA I 517 -45.78 -6.30 9.97
C ALA I 517 -46.82 -5.32 10.50
N ASN I 518 -47.17 -4.30 9.70
CA ASN I 518 -48.13 -3.31 10.16
C ASN I 518 -49.54 -3.88 10.23
N LEU I 519 -49.86 -4.80 9.33
CA LEU I 519 -51.21 -5.33 9.24
C LEU I 519 -51.33 -6.75 9.78
N SER I 520 -50.21 -7.40 10.09
CA SER I 520 -50.14 -8.77 10.61
C SER I 520 -50.76 -9.78 9.66
N MET I 521 -50.66 -9.49 8.35
CA MET I 521 -51.20 -10.36 7.32
C MET I 521 -50.07 -11.10 6.62
N PRO I 522 -50.27 -12.34 6.22
CA PRO I 522 -49.25 -13.03 5.42
C PRO I 522 -49.12 -12.40 4.05
N GLY I 523 -47.96 -12.61 3.43
CA GLY I 523 -47.66 -11.88 2.21
C GLY I 523 -46.82 -12.67 1.24
N ILE I 524 -46.62 -12.04 0.08
CA ILE I 524 -45.78 -12.53 -1.00
C ILE I 524 -45.22 -11.29 -1.70
N ASP I 525 -44.07 -11.45 -2.34
CA ASP I 525 -43.49 -10.41 -3.17
C ASP I 525 -43.36 -10.90 -4.60
N ILE I 526 -44.26 -10.47 -5.45
CA ILE I 526 -44.16 -10.80 -6.87
C ILE I 526 -43.76 -9.54 -7.63
N GLY I 527 -43.53 -9.72 -8.92
CA GLY I 527 -43.16 -8.61 -9.77
C GLY I 527 -42.71 -9.14 -11.10
N ILE I 528 -42.39 -8.23 -12.00
CA ILE I 528 -42.01 -8.66 -13.34
C ILE I 528 -40.54 -8.34 -13.58
N PRO I 529 -39.82 -9.18 -14.29
CA PRO I 529 -38.39 -8.92 -14.50
C PRO I 529 -38.16 -7.73 -15.41
N GLN I 530 -37.26 -6.84 -14.99
CA GLN I 530 -36.87 -5.72 -15.82
C GLN I 530 -35.37 -5.53 -15.69
N LEU I 531 -34.78 -4.94 -16.73
CA LEU I 531 -33.37 -4.58 -16.68
C LEU I 531 -33.22 -3.09 -16.40
N ALA I 532 -32.08 -2.75 -15.80
CA ALA I 532 -31.69 -1.39 -15.42
C ALA I 532 -32.73 -0.75 -14.50
N MET I 533 -33.06 -1.47 -13.43
CA MET I 533 -33.95 -0.96 -12.40
C MET I 533 -33.30 0.22 -11.68
N HIS I 534 -34.15 1.16 -11.25
CA HIS I 534 -33.78 2.44 -10.64
C HIS I 534 -32.97 3.32 -11.57
N SER I 535 -33.18 3.19 -12.87
CA SER I 535 -32.58 4.10 -13.84
C SER I 535 -33.65 4.91 -14.53
N ILE I 536 -33.20 5.85 -15.37
CA ILE I 536 -34.14 6.77 -16.01
C ILE I 536 -34.85 6.08 -17.17
N ARG I 537 -34.23 5.05 -17.75
CA ARG I 537 -34.91 4.20 -18.72
C ARG I 537 -34.75 2.76 -18.29
N GLU I 538 -35.87 2.07 -18.11
CA GLU I 538 -35.92 0.71 -17.64
C GLU I 538 -36.70 -0.13 -18.64
N ILE I 539 -36.09 -1.19 -19.14
CA ILE I 539 -36.71 -2.02 -20.17
C ILE I 539 -37.39 -3.20 -19.50
N ALA I 540 -38.55 -3.59 -20.03
CA ALA I 540 -39.35 -4.68 -19.49
C ALA I 540 -40.08 -5.36 -20.64
N ALA I 541 -40.62 -6.54 -20.38
CA ALA I 541 -41.25 -7.34 -21.43
C ALA I 541 -42.77 -7.20 -21.40
N VAL I 542 -43.40 -7.32 -22.57
CA VAL I 542 -44.82 -7.05 -22.67
C VAL I 542 -45.66 -8.28 -22.31
N HIS I 543 -45.06 -9.48 -22.37
CA HIS I 543 -45.80 -10.63 -21.87
C HIS I 543 -45.84 -10.66 -20.36
N ASP I 544 -44.85 -10.05 -19.72
CA ASP I 544 -44.87 -10.01 -18.26
C ASP I 544 -45.92 -9.05 -17.75
N VAL I 545 -46.26 -8.02 -18.53
CA VAL I 545 -47.34 -7.12 -18.15
C VAL I 545 -48.68 -7.83 -18.22
N PHE I 546 -48.83 -8.75 -19.17
CA PHE I 546 -50.03 -9.57 -19.22
C PHE I 546 -50.08 -10.53 -18.04
N PHE I 547 -48.95 -11.14 -17.69
CA PHE I 547 -48.94 -12.12 -16.60
C PHE I 547 -49.14 -11.45 -15.25
N LEU I 548 -48.68 -10.22 -15.10
CA LEU I 548 -48.85 -9.53 -13.83
C LEU I 548 -50.29 -9.08 -13.64
N ILE I 549 -50.92 -8.55 -14.69
CA ILE I 549 -52.31 -8.10 -14.59
C ILE I 549 -53.24 -9.28 -14.34
N LYS I 550 -52.98 -10.41 -15.00
CA LYS I 550 -53.75 -11.60 -14.73
C LYS I 550 -53.32 -12.25 -13.41
N GLY I 551 -52.10 -11.97 -12.96
CA GLY I 551 -51.63 -12.52 -11.70
C GLY I 551 -52.26 -11.87 -10.49
N VAL I 552 -52.44 -10.54 -10.53
CA VAL I 552 -53.16 -9.86 -9.46
C VAL I 552 -54.65 -10.22 -9.51
N PHE I 553 -55.16 -10.44 -10.72
CA PHE I 553 -56.58 -10.78 -10.87
C PHE I 553 -56.85 -12.20 -10.39
N ALA I 554 -55.88 -13.11 -10.56
CA ALA I 554 -56.08 -14.47 -10.11
C ALA I 554 -55.96 -14.57 -8.60
N PHE I 555 -55.10 -13.76 -7.98
CA PHE I 555 -55.02 -13.71 -6.53
C PHE I 555 -56.29 -13.11 -5.94
N TYR I 556 -56.88 -12.12 -6.61
CA TYR I 556 -58.13 -11.54 -6.16
C TYR I 556 -59.28 -12.53 -6.26
N THR I 557 -59.35 -13.25 -7.38
CA THR I 557 -60.53 -14.08 -7.64
C THR I 557 -60.47 -15.40 -6.87
N TYR I 558 -59.30 -16.01 -6.77
CA TYR I 558 -59.22 -17.41 -6.39
C TYR I 558 -58.42 -17.66 -5.12
N TYR I 559 -58.24 -16.67 -4.25
CA TYR I 559 -57.45 -16.94 -3.06
C TYR I 559 -58.23 -17.74 -2.03
N ASN I 560 -59.50 -17.39 -1.81
CA ASN I 560 -60.27 -18.10 -0.80
C ASN I 560 -60.71 -19.47 -1.28
N GLN I 561 -60.69 -19.71 -2.59
CA GLN I 561 -60.92 -21.06 -3.07
C GLN I 561 -59.71 -21.94 -2.79
N VAL I 562 -58.51 -21.38 -2.83
CA VAL I 562 -57.32 -22.12 -2.44
C VAL I 562 -57.23 -22.24 -0.93
N LEU I 563 -57.54 -21.15 -0.22
CA LEU I 563 -57.39 -21.13 1.24
C LEU I 563 -58.38 -22.05 1.95
N SER I 564 -59.54 -22.30 1.33
CA SER I 564 -60.49 -23.24 1.91
C SER I 564 -60.02 -24.68 1.81
N THR I 565 -59.14 -24.99 0.85
CA THR I 565 -58.65 -26.35 0.67
C THR I 565 -57.39 -26.65 1.47
N CYS I 566 -56.82 -25.66 2.17
CA CYS I 566 -55.67 -25.93 3.00
C CYS I 566 -56.10 -26.52 4.34
N VAL I 567 -55.54 -27.67 4.68
CA VAL I 567 -55.75 -28.29 5.98
C VAL I 567 -54.42 -28.32 6.72
N HIS I 568 -54.40 -27.65 7.87
CA HIS I 568 -53.25 -27.73 8.76
C HIS I 568 -53.46 -28.87 9.74
N ASP I 569 -52.46 -29.14 10.56
CA ASP I 569 -52.61 -30.16 11.59
C ASP I 569 -53.20 -29.57 12.86
N MET J 1 -37.81 42.97 20.89
CA MET J 1 -37.58 41.54 21.05
C MET J 1 -36.31 41.27 21.85
N ASP J 2 -35.42 42.26 21.88
CA ASP J 2 -34.16 42.13 22.62
C ASP J 2 -34.41 41.77 24.08
N LYS J 3 -35.42 42.40 24.67
CA LYS J 3 -35.76 42.15 26.06
C LYS J 3 -36.48 40.82 26.21
N LYS J 4 -37.37 40.50 25.28
CA LYS J 4 -38.12 39.25 25.36
C LYS J 4 -37.27 38.07 24.92
N ALA J 5 -36.29 38.29 24.05
CA ALA J 5 -35.40 37.20 23.65
C ALA J 5 -34.43 36.85 24.77
N ARG J 6 -33.99 37.85 25.54
CA ARG J 6 -33.13 37.57 26.67
C ARG J 6 -33.92 36.97 27.82
N GLU J 7 -35.18 37.37 27.99
CA GLU J 7 -36.01 36.80 29.04
C GLU J 7 -36.38 35.36 28.74
N TYR J 8 -36.55 35.03 27.45
CA TYR J 8 -36.81 33.65 27.06
C TYR J 8 -35.58 32.78 27.25
N ALA J 9 -34.39 33.31 26.91
CA ALA J 9 -33.17 32.54 27.10
C ALA J 9 -32.79 32.49 28.57
N GLN J 10 -33.26 33.44 29.38
CA GLN J 10 -33.00 33.37 30.81
C GLN J 10 -33.74 32.20 31.44
N ASP J 11 -35.01 32.01 31.12
CA ASP J 11 -35.77 30.90 31.68
C ASP J 11 -35.31 29.56 31.12
N ALA J 12 -34.82 29.54 29.89
CA ALA J 12 -34.21 28.33 29.35
C ALA J 12 -32.93 27.99 30.10
N LEU J 13 -32.21 29.01 30.53
CA LEU J 13 -30.99 28.79 31.31
C LEU J 13 -31.29 28.57 32.78
N LYS J 14 -32.55 28.74 33.18
CA LYS J 14 -32.99 28.18 34.46
C LYS J 14 -33.46 26.75 34.31
N PHE J 15 -33.98 26.40 33.12
CA PHE J 15 -34.46 25.04 32.89
C PHE J 15 -33.31 24.05 32.77
N ILE J 16 -32.45 24.23 31.77
CA ILE J 16 -31.10 23.67 31.82
C ILE J 16 -30.37 24.30 33.00
N GLN J 17 -29.44 23.53 33.60
CA GLN J 17 -28.78 23.62 34.92
C GLN J 17 -29.68 23.13 36.04
N ARG J 18 -30.95 22.85 35.76
CA ARG J 18 -31.76 21.99 36.59
C ARG J 18 -32.13 20.71 35.89
N SER J 19 -32.02 20.69 34.57
CA SER J 19 -32.34 19.55 33.73
C SER J 19 -31.05 18.84 33.35
N GLY J 20 -30.46 18.11 34.30
CA GLY J 20 -29.18 17.49 34.03
C GLY J 20 -29.24 16.18 33.29
N SER J 21 -30.43 15.61 33.10
CA SER J 21 -30.54 14.32 32.43
C SER J 21 -31.91 14.26 31.76
N ASN J 22 -32.31 13.06 31.34
CA ASN J 22 -33.62 12.90 30.74
C ASN J 22 -34.70 12.74 31.80
N PHE J 23 -34.31 12.36 33.01
CA PHE J 23 -35.29 12.21 34.08
C PHE J 23 -35.67 13.56 34.66
N LEU J 24 -34.69 14.41 34.92
CA LEU J 24 -34.99 15.75 35.42
C LEU J 24 -35.49 16.66 34.32
N ALA J 25 -35.40 16.24 33.07
CA ALA J 25 -36.10 16.94 32.00
C ALA J 25 -37.59 16.67 32.06
N CYS J 26 -37.99 15.44 32.34
CA CYS J 26 -39.41 15.14 32.53
C CYS J 26 -39.92 15.78 33.80
N LYS J 27 -39.08 15.81 34.85
CA LYS J 27 -39.52 16.31 36.15
C LYS J 27 -39.70 17.83 36.14
N ASN J 28 -38.74 18.56 35.57
CA ASN J 28 -38.82 20.01 35.59
C ASN J 28 -39.84 20.55 34.60
N LEU J 29 -40.08 19.83 33.50
CA LEU J 29 -41.13 20.24 32.59
C LEU J 29 -42.51 19.96 33.17
N LYS J 30 -42.65 18.85 33.90
CA LYS J 30 -43.91 18.56 34.58
C LYS J 30 -44.16 19.54 35.70
N GLU J 31 -43.10 19.99 36.38
CA GLU J 31 -43.24 21.08 37.33
C GLU J 31 -43.53 22.40 36.63
N ARG J 32 -43.00 22.59 35.43
CA ARG J 32 -43.26 23.82 34.69
C ARG J 32 -44.68 23.85 34.15
N LEU J 33 -45.21 22.68 33.78
CA LEU J 33 -46.59 22.64 33.29
C LEU J 33 -47.60 22.71 34.44
N GLU J 34 -47.25 22.14 35.60
CA GLU J 34 -48.18 22.16 36.73
C GLU J 34 -48.28 23.53 37.38
N ASN J 35 -47.32 24.43 37.12
CA ASN J 35 -47.43 25.78 37.63
C ASN J 35 -48.50 26.59 36.92
N ASN J 36 -48.83 26.23 35.67
CA ASN J 36 -49.89 26.92 34.96
C ASN J 36 -51.26 26.34 35.24
N GLY J 37 -51.32 25.25 36.01
CA GLY J 37 -52.58 24.65 36.37
C GLY J 37 -52.93 23.38 35.64
N PHE J 38 -51.95 22.69 35.07
CA PHE J 38 -52.22 21.47 34.34
C PHE J 38 -52.54 20.32 35.29
N ILE J 39 -53.63 19.61 35.01
CA ILE J 39 -54.02 18.49 35.87
C ILE J 39 -53.12 17.31 35.59
N ASN J 40 -52.29 16.98 36.59
CA ASN J 40 -51.34 15.88 36.49
C ASN J 40 -52.11 14.57 36.66
N LEU J 41 -52.31 13.85 35.56
CA LEU J 41 -53.00 12.58 35.60
C LEU J 41 -52.01 11.47 35.32
N SER J 42 -52.20 10.35 36.00
CA SER J 42 -51.31 9.20 35.87
C SER J 42 -51.88 8.24 34.84
N GLU J 43 -51.00 7.43 34.26
CA GLU J 43 -51.41 6.48 33.23
C GLU J 43 -52.20 5.31 33.81
N GLY J 44 -52.12 5.12 35.13
CA GLY J 44 -52.58 3.87 35.70
C GLY J 44 -53.95 3.93 36.33
N GLU J 45 -54.52 5.13 36.50
CA GLU J 45 -55.80 5.17 37.20
C GLU J 45 -57.00 4.99 36.26
N THR J 46 -57.37 6.04 35.53
CA THR J 46 -58.54 6.17 34.66
C THR J 46 -58.45 7.57 34.09
N TRP J 47 -58.87 7.76 32.84
CA TRP J 47 -58.82 9.07 32.21
C TRP J 47 -60.23 9.61 32.05
N ASN J 48 -60.57 10.62 32.86
CA ASN J 48 -61.82 11.36 32.72
C ASN J 48 -61.43 12.77 32.30
N LEU J 49 -61.26 12.97 31.00
CA LEU J 49 -60.79 14.25 30.50
C LEU J 49 -61.95 15.22 30.31
N ASN J 50 -61.66 16.50 30.46
CA ASN J 50 -62.66 17.55 30.33
C ASN J 50 -62.24 18.51 29.24
N LYS J 51 -63.20 19.26 28.72
CA LYS J 51 -62.89 20.36 27.84
C LYS J 51 -62.23 21.49 28.63
N ASN J 52 -61.50 22.35 27.93
CA ASN J 52 -60.85 23.57 28.46
C ASN J 52 -59.76 23.29 29.50
N GLU J 53 -59.41 22.04 29.76
CA GLU J 53 -58.45 21.74 30.80
C GLU J 53 -57.17 21.19 30.18
N GLY J 54 -56.05 21.49 30.82
CA GLY J 54 -54.77 21.03 30.35
C GLY J 54 -54.26 19.90 31.22
N TYR J 55 -53.61 18.93 30.61
CA TYR J 55 -53.16 17.74 31.32
C TYR J 55 -51.68 17.52 31.04
N VAL J 56 -51.02 16.77 31.91
CA VAL J 56 -49.59 16.52 31.84
C VAL J 56 -49.34 15.12 32.38
N LEU J 57 -48.49 14.36 31.70
CA LEU J 57 -48.11 13.06 32.21
C LEU J 57 -46.68 12.72 31.82
N CYS J 58 -45.90 12.35 32.83
CA CYS J 58 -44.59 11.72 32.65
C CYS J 58 -44.82 10.22 32.55
N LYS J 59 -44.58 9.65 31.38
CA LYS J 59 -44.61 8.20 31.24
C LYS J 59 -43.31 7.65 31.79
N GLU J 60 -43.41 6.95 32.94
CA GLU J 60 -42.32 6.37 33.75
C GLU J 60 -41.11 7.30 33.89
N ASN J 61 -41.37 8.60 34.11
CA ASN J 61 -40.43 9.67 34.40
C ASN J 61 -39.38 9.89 33.31
N ARG J 62 -39.62 9.45 32.07
CA ARG J 62 -38.71 9.70 30.97
C ARG J 62 -39.37 10.52 29.87
N ASN J 63 -40.65 10.32 29.64
CA ASN J 63 -41.36 10.89 28.51
C ASN J 63 -42.45 11.83 29.01
N ILE J 64 -42.23 13.13 28.83
CA ILE J 64 -43.21 14.14 29.20
C ILE J 64 -44.14 14.34 28.01
N CYS J 65 -45.44 14.50 28.30
CA CYS J 65 -46.45 14.70 27.27
C CYS J 65 -47.56 15.54 27.85
N GLY J 66 -47.57 16.83 27.53
CA GLY J 66 -48.62 17.70 28.01
C GLY J 66 -49.59 18.06 26.90
N PHE J 67 -50.89 17.92 27.14
CA PHE J 67 -51.86 18.25 26.11
C PHE J 67 -52.95 19.13 26.69
N PHE J 68 -53.62 19.86 25.81
CA PHE J 68 -54.70 20.75 26.18
C PHE J 68 -55.91 20.47 25.28
N VAL J 69 -57.00 20.03 25.88
CA VAL J 69 -58.24 19.79 25.16
C VAL J 69 -58.98 21.12 24.98
N GLY J 70 -59.29 21.47 23.75
CA GLY J 70 -60.00 22.69 23.47
C GLY J 70 -61.44 22.65 23.96
N LYS J 71 -62.07 23.83 23.99
CA LYS J 71 -63.40 23.96 24.60
C LYS J 71 -64.47 23.31 23.73
N ASN J 72 -64.63 23.76 22.49
CA ASN J 72 -65.50 23.10 21.52
C ASN J 72 -64.63 22.32 20.54
N PHE J 73 -64.40 21.05 20.83
CA PHE J 73 -64.00 20.13 19.77
C PHE J 73 -65.05 20.05 18.68
N ASN J 74 -64.59 19.84 17.47
CA ASN J 74 -65.42 19.43 16.35
C ASN J 74 -64.74 18.30 15.62
N ILE J 75 -65.37 17.12 15.70
CA ILE J 75 -64.96 15.95 14.94
C ILE J 75 -64.98 16.27 13.45
N ASP J 76 -65.98 17.05 13.02
CA ASP J 76 -66.04 17.52 11.64
C ASP J 76 -64.91 18.48 11.31
N THR J 77 -64.85 19.62 12.00
CA THR J 77 -63.84 20.66 11.73
C THR J 77 -63.01 20.89 12.99
N GLY J 78 -62.00 20.06 13.18
CA GLY J 78 -61.09 20.21 14.29
C GLY J 78 -59.82 19.45 14.01
N SER J 79 -58.83 19.59 14.89
CA SER J 79 -57.47 19.17 14.59
C SER J 79 -56.76 18.65 15.83
N ILE J 80 -55.67 17.95 15.61
CA ILE J 80 -54.73 17.56 16.65
C ILE J 80 -53.37 18.13 16.29
N LEU J 81 -52.94 19.15 17.01
CA LEU J 81 -51.69 19.85 16.74
C LEU J 81 -50.64 19.38 17.73
N ILE J 82 -49.57 18.78 17.22
CA ILE J 82 -48.55 18.18 18.05
C ILE J 82 -47.22 18.84 17.77
N SER J 83 -46.56 19.29 18.84
CA SER J 83 -45.20 19.77 18.76
C SER J 83 -44.30 18.80 19.52
N ILE J 84 -43.16 18.46 18.92
CA ILE J 84 -42.34 17.36 19.37
C ILE J 84 -40.90 17.84 19.54
N GLY J 85 -40.34 17.59 20.70
CA GLY J 85 -38.91 17.74 20.89
C GLY J 85 -38.44 16.81 21.97
N HIS J 86 -37.48 15.94 21.68
CA HIS J 86 -37.03 14.92 22.61
C HIS J 86 -36.29 15.53 23.78
N ILE J 87 -36.42 14.91 24.95
CA ILE J 87 -35.77 15.41 26.16
C ILE J 87 -34.71 14.39 26.57
N ASP J 88 -33.54 14.50 25.97
CA ASP J 88 -32.36 13.66 26.20
C ASP J 88 -31.24 14.23 25.35
N SER J 89 -30.03 13.75 25.60
CA SER J 89 -28.87 14.22 24.87
C SER J 89 -27.79 13.16 24.95
N CYS J 90 -26.76 13.34 24.14
CA CYS J 90 -25.59 12.48 24.23
C CYS J 90 -24.88 12.73 25.55
N ALA J 91 -24.88 11.73 26.41
CA ALA J 91 -24.27 11.84 27.73
C ALA J 91 -23.50 10.57 28.02
N LEU J 92 -22.60 10.66 28.99
CA LEU J 92 -21.90 9.48 29.47
C LEU J 92 -22.69 8.86 30.61
N LYS J 93 -23.54 7.90 30.31
CA LYS J 93 -24.29 7.22 31.35
C LYS J 93 -23.40 6.22 32.07
N ILE J 94 -23.77 5.92 33.31
CA ILE J 94 -22.99 5.05 34.17
C ILE J 94 -23.42 3.61 33.96
N SER J 95 -22.45 2.72 33.76
CA SER J 95 -22.64 1.29 33.60
C SER J 95 -23.08 0.66 34.93
N PRO J 96 -23.75 -0.49 34.88
CA PRO J 96 -24.16 -1.14 36.14
C PRO J 96 -23.02 -1.64 36.99
N ASN J 97 -22.12 -2.43 36.43
CA ASN J 97 -20.92 -2.88 37.14
C ASN J 97 -19.87 -1.79 36.91
N ASN J 98 -19.67 -0.96 37.93
CA ASN J 98 -18.69 0.12 37.87
C ASN J 98 -17.80 0.02 39.10
N ASN J 99 -16.77 -0.80 39.03
CA ASN J 99 -15.74 -0.79 40.06
C ASN J 99 -14.42 -1.02 39.33
N VAL J 100 -13.83 0.07 38.85
CA VAL J 100 -12.59 0.03 38.12
C VAL J 100 -11.50 0.63 38.99
N ILE J 101 -10.56 -0.21 39.41
CA ILE J 101 -9.45 0.21 40.24
C ILE J 101 -8.18 -0.08 39.45
N LYS J 102 -7.65 0.95 38.79
CA LYS J 102 -6.43 0.78 38.01
C LYS J 102 -5.49 1.93 38.31
N LYS J 103 -4.21 1.61 38.48
CA LYS J 103 -3.13 2.54 38.83
C LYS J 103 -3.46 3.32 40.11
N LYS J 104 -3.94 2.60 41.13
CA LYS J 104 -4.33 3.12 42.44
C LYS J 104 -5.36 4.23 42.37
N ILE J 105 -6.25 4.18 41.38
CA ILE J 105 -7.25 5.21 41.16
C ILE J 105 -8.60 4.53 40.97
N HIS J 106 -9.57 4.94 41.78
CA HIS J 106 -10.94 4.50 41.63
C HIS J 106 -11.57 5.17 40.43
N GLN J 107 -12.18 4.37 39.56
CA GLN J 107 -12.76 4.88 38.34
C GLN J 107 -14.19 4.40 38.21
N ILE J 108 -14.94 5.09 37.35
CA ILE J 108 -16.22 4.64 36.85
C ILE J 108 -16.01 4.29 35.40
N ASN J 109 -16.53 3.14 34.96
CA ASN J 109 -16.60 2.95 33.53
C ASN J 109 -17.98 3.34 33.05
N VAL J 110 -18.02 4.28 32.12
CA VAL J 110 -19.26 4.88 31.67
C VAL J 110 -19.57 4.36 30.28
N GLU J 111 -20.85 4.30 29.96
CA GLU J 111 -21.29 3.87 28.65
C GLU J 111 -21.66 5.10 27.82
N CYS J 112 -21.14 5.14 26.60
CA CYS J 112 -21.39 6.28 25.74
C CYS J 112 -22.79 6.19 25.15
N TYR J 113 -23.68 7.02 25.67
CA TYR J 113 -25.08 7.02 25.26
C TYR J 113 -25.23 8.01 24.12
N GLY J 114 -25.76 7.56 23.00
CA GLY J 114 -25.90 8.43 21.86
C GLY J 114 -24.61 8.52 21.07
N SER J 115 -24.58 9.45 20.12
CA SER J 115 -23.42 9.67 19.26
C SER J 115 -22.96 11.09 19.53
N GLY J 116 -21.97 11.23 20.42
CA GLY J 116 -21.52 12.53 20.86
C GLY J 116 -20.05 12.78 20.55
N LEU J 117 -19.67 14.04 20.69
CA LEU J 117 -18.27 14.45 20.61
C LEU J 117 -17.64 14.07 21.94
N TRP J 118 -17.19 12.82 22.04
CA TRP J 118 -16.72 12.34 23.33
C TRP J 118 -15.34 12.86 23.68
N HIS J 119 -14.60 13.41 22.72
CA HIS J 119 -13.34 14.04 23.06
C HIS J 119 -13.55 15.40 23.72
N THR J 120 -14.74 16.00 23.57
CA THR J 120 -15.04 17.22 24.29
C THR J 120 -15.42 16.94 25.73
N TRP J 121 -15.86 15.71 26.04
CA TRP J 121 -16.15 15.33 27.41
C TRP J 121 -14.88 15.10 28.22
N PHE J 122 -13.74 15.00 27.57
CA PHE J 122 -12.48 14.89 28.28
C PHE J 122 -12.16 16.22 28.93
N ASP J 123 -11.60 16.13 30.14
CA ASP J 123 -11.11 17.27 30.91
C ASP J 123 -12.23 18.24 31.26
N ARG J 124 -13.32 17.70 31.81
CA ARG J 124 -14.46 18.49 32.27
C ARG J 124 -14.73 18.17 33.72
N SER J 125 -15.04 19.19 34.51
CA SER J 125 -15.50 19.00 35.87
C SER J 125 -16.92 18.44 35.81
N LEU J 126 -17.06 17.12 35.91
CA LEU J 126 -18.29 16.43 35.60
C LEU J 126 -19.10 16.16 36.86
N GLY J 127 -20.42 16.18 36.72
CA GLY J 127 -21.33 15.90 37.79
C GLY J 127 -22.20 14.69 37.49
N LEU J 128 -23.32 14.61 38.21
CA LEU J 128 -24.23 13.48 38.12
C LEU J 128 -25.67 13.97 38.12
N SER J 129 -26.47 13.39 37.23
CA SER J 129 -27.91 13.60 37.25
C SER J 129 -28.57 12.33 36.74
N GLY J 130 -29.72 12.01 37.32
CA GLY J 130 -30.41 10.82 36.89
C GLY J 130 -31.28 10.25 37.99
N GLN J 131 -31.63 8.99 37.82
CA GLN J 131 -32.59 8.30 38.67
C GLN J 131 -31.86 7.26 39.49
N VAL J 132 -32.13 7.24 40.80
CA VAL J 132 -31.51 6.29 41.71
C VAL J 132 -32.61 5.56 42.44
N LEU J 133 -32.59 4.23 42.39
CA LEU J 133 -33.53 3.40 43.12
C LEU J 133 -32.82 2.89 44.36
N TYR J 134 -33.38 3.19 45.53
CA TYR J 134 -32.80 2.78 46.80
C TYR J 134 -33.89 2.26 47.72
N LYS J 135 -33.50 1.43 48.69
CA LYS J 135 -34.44 0.86 49.63
C LYS J 135 -34.64 1.79 50.82
N LYS J 136 -35.86 1.81 51.35
CA LYS J 136 -36.14 2.45 52.63
C LYS J 136 -37.22 1.63 53.32
N GLY J 137 -36.81 0.79 54.26
CA GLY J 137 -37.70 -0.19 54.85
C GLY J 137 -37.87 -1.38 53.92
N ASN J 138 -39.12 -1.70 53.60
CA ASN J 138 -39.42 -2.79 52.68
C ASN J 138 -39.88 -2.26 51.33
N LYS J 139 -39.70 -0.97 51.08
CA LYS J 139 -40.31 -0.30 49.94
C LYS J 139 -39.22 0.22 49.04
N LEU J 140 -39.36 -0.01 47.74
CA LEU J 140 -38.43 0.56 46.79
C LEU J 140 -38.75 2.03 46.57
N VAL J 141 -37.83 2.91 46.95
CA VAL J 141 -38.03 4.34 46.85
C VAL J 141 -37.24 4.86 45.67
N GLU J 142 -37.88 5.67 44.84
CA GLU J 142 -37.32 6.21 43.62
C GLU J 142 -37.04 7.69 43.83
N LYS J 143 -35.82 8.11 43.56
CA LYS J 143 -35.46 9.51 43.74
C LYS J 143 -34.61 9.97 42.58
N LEU J 144 -34.94 11.15 42.07
CA LEU J 144 -34.22 11.81 41.01
C LEU J 144 -33.20 12.75 41.62
N ILE J 145 -31.92 12.46 41.43
CA ILE J 145 -30.86 13.21 42.08
C ILE J 145 -30.24 14.17 41.09
N GLN J 146 -29.56 15.18 41.61
CA GLN J 146 -28.91 16.22 40.84
C GLN J 146 -27.71 16.71 41.64
N ILE J 147 -26.52 16.23 41.28
CA ILE J 147 -25.31 16.57 41.99
C ILE J 147 -24.56 17.61 41.16
N ASN J 148 -24.71 18.87 41.55
CA ASN J 148 -24.17 19.99 40.79
C ASN J 148 -22.72 20.30 41.12
N LYS J 149 -22.11 19.57 42.04
CA LYS J 149 -20.70 19.75 42.35
C LYS J 149 -19.89 18.73 41.56
N SER J 150 -18.63 19.07 41.32
CA SER J 150 -17.82 18.24 40.44
C SER J 150 -17.30 17.04 41.21
N VAL J 151 -17.73 15.85 40.80
CA VAL J 151 -17.41 14.63 41.51
C VAL J 151 -16.74 13.63 40.57
N LEU J 152 -16.55 14.02 39.32
CA LEU J 152 -15.99 13.13 38.31
C LEU J 152 -15.13 13.95 37.35
N PHE J 153 -14.19 13.27 36.73
CA PHE J 153 -13.27 13.92 35.82
C PHE J 153 -12.75 12.88 34.85
N LEU J 154 -12.91 13.15 33.56
CA LEU J 154 -12.37 12.25 32.54
C LEU J 154 -11.09 12.86 32.02
N PRO J 155 -9.92 12.38 32.46
CA PRO J 155 -8.68 13.06 32.10
C PRO J 155 -8.17 12.65 30.73
N SER J 156 -7.52 13.59 30.06
CA SER J 156 -6.92 13.31 28.77
C SER J 156 -5.51 12.78 28.97
N LEU J 157 -4.88 12.40 27.87
CA LEU J 157 -3.47 12.03 27.94
C LEU J 157 -2.61 13.27 27.77
N ALA J 158 -1.50 13.31 28.51
CA ALA J 158 -0.54 14.40 28.38
C ALA J 158 0.07 14.40 26.99
N ILE J 159 0.50 15.58 26.54
CA ILE J 159 0.93 15.71 25.15
C ILE J 159 2.32 15.12 24.95
N HIS J 160 3.10 14.93 26.01
CA HIS J 160 4.50 14.57 25.86
C HIS J 160 4.70 13.11 25.51
N LEU J 161 3.68 12.28 25.68
CA LEU J 161 3.90 10.84 25.62
C LEU J 161 3.84 10.32 24.18
N GLN J 162 2.98 10.90 23.35
CA GLN J 162 2.90 10.54 21.94
C GLN J 162 3.80 11.45 21.12
N ASN J 163 3.65 11.38 19.80
CA ASN J 163 4.33 12.34 18.92
C ASN J 163 3.56 13.65 18.97
N ARG J 164 4.24 14.76 18.67
CA ARG J 164 3.69 16.08 18.96
C ARG J 164 3.54 16.91 17.68
N THR J 165 2.77 18.00 17.84
CA THR J 165 2.76 19.24 17.03
C THR J 165 2.42 19.05 15.54
N ARG J 166 2.01 17.85 15.12
CA ARG J 166 1.68 17.69 13.70
C ARG J 166 0.33 17.01 13.54
N TYR J 167 -0.48 17.54 12.62
CA TYR J 167 -1.82 17.07 12.21
C TYR J 167 -2.72 16.71 13.39
N ASP J 168 -2.65 17.54 14.44
CA ASP J 168 -3.21 17.25 15.77
C ASP J 168 -2.83 15.88 16.29
N PHE J 169 -1.53 15.54 16.23
CA PHE J 169 -0.82 14.46 16.92
C PHE J 169 -1.50 13.08 16.93
N SER J 170 -2.35 12.82 15.94
CA SER J 170 -3.11 11.58 15.76
C SER J 170 -3.87 11.19 17.03
N VAL J 171 -4.80 12.05 17.43
CA VAL J 171 -5.61 11.75 18.61
C VAL J 171 -6.68 10.72 18.24
N LYS J 172 -6.75 9.65 19.03
CA LYS J 172 -7.74 8.60 18.84
C LYS J 172 -8.28 8.26 20.22
N ILE J 173 -9.57 8.50 20.43
CA ILE J 173 -10.21 8.17 21.69
C ILE J 173 -10.88 6.82 21.54
N ASN J 174 -10.25 5.80 22.10
CA ASN J 174 -10.87 4.49 22.20
C ASN J 174 -12.02 4.57 23.18
N TYR J 175 -13.20 4.15 22.74
CA TYR J 175 -14.41 4.46 23.49
C TYR J 175 -14.52 3.63 24.76
N GLU J 176 -13.99 2.41 24.74
CA GLU J 176 -13.98 1.63 25.97
C GLU J 176 -12.83 1.98 26.89
N ASN J 177 -11.61 1.94 26.37
CA ASN J 177 -10.41 2.08 27.20
C ASN J 177 -10.24 3.49 27.74
N HIS J 178 -10.33 4.49 26.89
CA HIS J 178 -9.93 5.84 27.27
C HIS J 178 -11.05 6.63 27.91
N ILE J 179 -12.30 6.20 27.78
CA ILE J 179 -13.43 6.91 28.38
C ILE J 179 -13.80 6.13 29.63
N LYS J 180 -13.19 6.51 30.74
CA LYS J 180 -13.41 5.96 32.07
C LYS J 180 -13.02 7.05 33.05
N PRO J 181 -13.98 7.83 33.57
CA PRO J 181 -13.63 8.96 34.44
C PRO J 181 -13.08 8.48 35.77
N ILE J 182 -12.11 9.21 36.29
CA ILE J 182 -11.60 8.95 37.62
C ILE J 182 -12.54 9.59 38.63
N ILE J 183 -12.67 8.98 39.80
CA ILE J 183 -13.60 9.46 40.81
C ILE J 183 -12.91 9.67 42.16
N SER J 184 -11.82 8.95 42.40
CA SER J 184 -11.10 8.97 43.66
C SER J 184 -9.80 8.21 43.49
N THR J 185 -8.98 8.22 44.53
CA THR J 185 -7.86 7.32 44.65
C THR J 185 -8.14 6.29 45.71
N THR J 186 -7.36 5.21 45.71
CA THR J 186 -7.50 4.20 46.74
C THR J 186 -6.93 4.65 48.07
N LEU J 187 -6.13 5.73 48.07
CA LEU J 187 -5.64 6.26 49.34
C LEU J 187 -6.76 6.92 50.11
N PHE J 188 -7.46 7.88 49.49
CA PHE J 188 -8.52 8.56 50.22
C PHE J 188 -9.82 7.80 50.24
N ASN J 189 -9.97 6.74 49.43
CA ASN J 189 -11.11 5.87 49.65
C ASN J 189 -10.94 5.08 50.93
N GLN J 190 -9.73 4.57 51.16
CA GLN J 190 -9.47 3.85 52.41
C GLN J 190 -9.30 4.82 53.57
N LEU J 191 -8.85 6.04 53.31
CA LEU J 191 -8.71 7.01 54.38
C LEU J 191 -10.07 7.51 54.85
N ASN J 192 -11.03 7.62 53.94
CA ASN J 192 -12.36 8.08 54.34
C ASN J 192 -13.29 6.92 54.65
N LYS J 193 -12.74 5.72 54.85
CA LYS J 193 -13.60 4.58 55.20
C LYS J 193 -13.52 4.23 56.67
N CYS J 194 -12.31 4.23 57.26
CA CYS J 194 -12.21 3.85 58.67
C CYS J 194 -12.71 4.94 59.59
N LYS J 195 -12.81 6.17 59.10
CA LYS J 195 -13.54 7.21 59.82
C LYS J 195 -14.86 7.48 59.12
N ILE J 272 -22.03 -3.91 50.28
CA ILE J 272 -21.95 -5.35 50.24
C ILE J 272 -21.52 -5.80 48.84
N ASN J 273 -22.09 -5.17 47.82
CA ASN J 273 -21.82 -5.55 46.44
C ASN J 273 -20.45 -5.05 46.01
N THR J 274 -19.71 -5.89 45.29
CA THR J 274 -18.40 -5.48 44.79
C THR J 274 -18.48 -4.88 43.40
N ASP J 275 -19.69 -4.74 42.85
CA ASP J 275 -19.83 -4.28 41.48
C ASP J 275 -20.00 -2.78 41.41
N ASN J 276 -20.57 -2.18 42.44
CA ASN J 276 -20.76 -0.74 42.49
C ASN J 276 -19.56 -0.07 43.16
N SER J 277 -19.22 1.13 42.70
CA SER J 277 -18.08 1.85 43.25
C SER J 277 -18.43 2.44 44.60
N TYR J 278 -17.61 2.12 45.61
CA TYR J 278 -17.82 2.73 46.92
C TYR J 278 -17.58 4.24 46.96
N PRO J 279 -16.65 4.83 46.19
CA PRO J 279 -16.70 6.29 46.05
C PRO J 279 -17.99 6.81 45.44
N LEU J 280 -18.58 6.06 44.51
CA LEU J 280 -19.87 6.47 43.98
C LEU J 280 -20.98 6.20 45.00
N LEU J 281 -20.93 5.07 45.69
CA LEU J 281 -21.98 4.71 46.63
C LEU J 281 -21.94 5.59 47.88
N TYR J 282 -20.77 6.09 48.26
CA TYR J 282 -20.70 7.08 49.33
C TYR J 282 -21.32 8.40 48.87
N LEU J 283 -21.23 8.70 47.59
CA LEU J 283 -21.69 9.99 47.09
C LEU J 283 -23.21 10.03 47.00
N LEU J 284 -23.83 8.98 46.48
CA LEU J 284 -25.28 8.97 46.35
C LEU J 284 -25.96 8.80 47.70
N SER J 285 -25.34 8.07 48.63
CA SER J 285 -25.88 7.94 49.97
C SER J 285 -25.81 9.26 50.73
N LYS J 286 -24.83 10.10 50.40
CA LYS J 286 -24.75 11.43 50.99
C LYS J 286 -25.87 12.32 50.48
N GLU J 287 -26.32 12.09 49.24
CA GLU J 287 -27.39 12.90 48.68
C GLU J 287 -28.76 12.38 49.11
N LEU J 288 -28.90 11.07 49.25
CA LEU J 288 -30.18 10.48 49.60
C LEU J 288 -30.40 10.33 51.09
N ASN J 289 -29.36 10.56 51.90
CA ASN J 289 -29.37 10.40 53.36
C ASN J 289 -29.84 9.01 53.76
N CYS J 290 -29.06 8.02 53.35
CA CYS J 290 -29.29 6.64 53.72
C CYS J 290 -27.94 5.92 53.71
N LYS J 291 -27.97 4.62 53.96
CA LYS J 291 -26.74 3.85 53.86
C LYS J 291 -26.41 3.58 52.40
N GLU J 292 -25.12 3.32 52.15
CA GLU J 292 -24.68 2.94 50.82
C GLU J 292 -25.16 1.55 50.43
N GLU J 293 -25.46 0.72 51.43
CA GLU J 293 -25.97 -0.63 51.17
C GLU J 293 -27.44 -0.62 50.75
N ASP J 294 -28.13 0.51 50.94
CA ASP J 294 -29.50 0.61 50.48
C ASP J 294 -29.60 0.99 49.00
N ILE J 295 -28.51 1.49 48.42
CA ILE J 295 -28.53 1.86 46.99
C ILE J 295 -28.47 0.59 46.17
N LEU J 296 -29.53 0.33 45.40
CA LEU J 296 -29.64 -0.90 44.64
C LEU J 296 -29.05 -0.79 43.24
N ASP J 297 -29.60 0.09 42.41
CA ASP J 297 -29.10 0.33 41.06
C ASP J 297 -29.69 1.65 40.59
N PHE J 298 -29.06 2.24 39.59
CA PHE J 298 -29.38 3.60 39.22
C PHE J 298 -29.11 3.81 37.74
N GLU J 299 -29.85 4.74 37.15
CA GLU J 299 -29.59 5.21 35.80
C GLU J 299 -29.10 6.64 35.89
N LEU J 300 -27.79 6.81 35.96
CA LEU J 300 -27.17 8.10 36.17
C LEU J 300 -26.47 8.55 34.91
N CYS J 301 -26.57 9.85 34.63
CA CYS J 301 -25.93 10.45 33.47
C CYS J 301 -24.92 11.47 33.95
N LEU J 302 -23.73 11.44 33.37
CA LEU J 302 -22.71 12.43 33.69
C LEU J 302 -23.08 13.74 33.02
N MET J 303 -22.99 14.83 33.75
CA MET J 303 -23.25 16.15 33.20
C MET J 303 -22.10 17.06 33.55
N ASP J 304 -21.99 18.17 32.83
CA ASP J 304 -20.96 19.14 33.14
C ASP J 304 -21.47 20.13 34.19
N THR J 305 -20.71 20.29 35.26
CA THR J 305 -21.13 21.11 36.39
C THR J 305 -21.11 22.60 36.11
N GLN J 306 -20.48 23.02 35.01
CA GLN J 306 -20.45 24.44 34.67
C GLN J 306 -21.83 24.92 34.26
N GLU J 307 -22.31 25.97 34.91
CA GLU J 307 -23.62 26.49 34.63
C GLU J 307 -23.66 27.13 33.24
N PRO J 308 -24.77 27.03 32.53
CA PRO J 308 -24.92 27.75 31.28
C PRO J 308 -24.90 29.25 31.48
N CYS J 309 -24.45 29.97 30.45
CA CYS J 309 -24.27 31.41 30.58
C CYS J 309 -24.39 32.07 29.22
N PHE J 310 -24.79 33.34 29.25
CA PHE J 310 -24.76 34.20 28.08
C PHE J 310 -23.32 34.54 27.72
N THR J 311 -22.96 34.32 26.45
CA THR J 311 -21.61 34.56 26.00
C THR J 311 -21.59 35.46 24.78
N GLY J 312 -20.39 35.66 24.26
CA GLY J 312 -20.11 36.73 23.32
C GLY J 312 -19.75 38.02 24.06
N VAL J 313 -19.29 38.99 23.29
CA VAL J 313 -19.01 40.30 23.87
C VAL J 313 -20.31 40.98 24.26
N TYR J 314 -21.32 40.90 23.42
CA TYR J 314 -22.58 41.58 23.63
C TYR J 314 -23.59 40.73 24.40
N GLU J 315 -23.13 39.65 25.05
CA GLU J 315 -23.95 38.65 25.75
C GLU J 315 -25.05 38.12 24.82
N GLU J 316 -24.61 37.69 23.64
CA GLU J 316 -25.52 37.46 22.54
C GLU J 316 -25.72 36.01 22.20
N PHE J 317 -24.96 35.12 22.80
CA PHE J 317 -25.12 33.70 22.58
C PHE J 317 -25.59 33.04 23.86
N ILE J 318 -25.94 31.76 23.76
CA ILE J 318 -26.21 30.92 24.92
C ILE J 318 -25.46 29.62 24.74
N GLU J 319 -24.95 29.08 25.83
CA GLU J 319 -24.27 27.78 25.84
C GLU J 319 -24.23 27.30 27.27
N GLY J 320 -24.71 26.09 27.53
CA GLY J 320 -24.03 25.41 28.60
C GLY J 320 -23.74 23.93 28.48
N ALA J 321 -24.75 23.21 28.02
CA ALA J 321 -24.79 21.76 27.98
C ALA J 321 -26.15 21.37 27.42
N ARG J 322 -26.19 20.20 26.80
CA ARG J 322 -27.42 19.46 26.51
C ARG J 322 -28.38 20.23 25.62
N PHE J 323 -27.88 21.23 24.89
CA PHE J 323 -28.73 22.07 24.07
C PHE J 323 -29.29 21.35 22.85
N ASP J 324 -28.89 20.10 22.60
CA ASP J 324 -29.55 19.26 21.60
C ASP J 324 -30.92 18.92 22.15
N ASN J 325 -31.86 19.81 21.84
CA ASN J 325 -33.30 19.70 22.08
C ASN J 325 -33.68 19.64 23.55
N LEU J 326 -32.81 20.05 24.46
CA LEU J 326 -33.35 20.41 25.77
C LEU J 326 -33.58 21.91 25.82
N LEU J 327 -32.80 22.66 25.04
CA LEU J 327 -33.19 24.03 24.71
C LEU J 327 -34.34 24.03 23.72
N GLY J 328 -34.32 23.11 22.76
CA GLY J 328 -35.36 23.08 21.74
C GLY J 328 -36.69 22.61 22.26
N SER J 329 -36.70 21.63 23.17
CA SER J 329 -37.97 21.19 23.74
C SER J 329 -38.43 22.10 24.87
N PHE J 330 -37.55 22.97 25.37
CA PHE J 330 -38.04 24.07 26.19
C PHE J 330 -38.94 24.98 25.38
N CYS J 331 -38.50 25.35 24.17
CA CYS J 331 -39.31 26.17 23.28
C CYS J 331 -40.56 25.45 22.81
N VAL J 332 -40.55 24.11 22.81
CA VAL J 332 -41.77 23.36 22.53
C VAL J 332 -42.77 23.57 23.66
N PHE J 333 -42.32 23.49 24.90
CA PHE J 333 -43.25 23.62 26.01
C PHE J 333 -43.47 25.08 26.40
N GLU J 334 -42.48 25.95 26.18
CA GLU J 334 -42.72 27.38 26.41
C GLU J 334 -43.64 27.95 25.35
N GLY J 335 -43.54 27.44 24.11
CA GLY J 335 -44.53 27.79 23.11
C GLY J 335 -45.89 27.19 23.39
N PHE J 336 -45.91 26.07 24.12
CA PHE J 336 -47.18 25.43 24.47
C PHE J 336 -47.82 26.11 25.67
N ILE J 337 -47.01 26.58 26.61
CA ILE J 337 -47.51 27.28 27.79
C ILE J 337 -48.13 28.61 27.40
N GLU J 338 -47.48 29.32 26.47
CA GLU J 338 -48.00 30.61 26.01
C GLU J 338 -49.26 30.46 25.20
N LEU J 339 -49.45 29.29 24.56
CA LEU J 339 -50.71 29.00 23.89
C LEU J 339 -51.84 28.84 24.89
N VAL J 340 -51.65 27.98 25.89
CA VAL J 340 -52.70 27.70 26.86
C VAL J 340 -53.03 28.94 27.68
N ASN J 341 -52.02 29.76 27.97
CA ASN J 341 -52.28 31.03 28.62
C ASN J 341 -52.99 32.01 27.70
N SER J 342 -52.84 31.87 26.39
CA SER J 342 -53.61 32.70 25.47
C SER J 342 -55.03 32.17 25.32
N ILE J 343 -55.25 30.89 25.60
CA ILE J 343 -56.59 30.34 25.52
C ILE J 343 -57.37 30.66 26.79
N LYS J 344 -56.72 30.54 27.96
CA LYS J 344 -57.41 30.77 29.21
C LYS J 344 -57.63 32.27 29.47
N ASN J 345 -56.66 33.10 29.13
CA ASN J 345 -56.83 34.53 29.33
C ASN J 345 -57.52 35.18 28.14
N HIS J 346 -58.04 36.39 28.39
CA HIS J 346 -58.83 37.19 27.44
C HIS J 346 -60.06 36.45 26.93
N THR J 347 -60.65 35.61 27.78
CA THR J 347 -61.93 34.97 27.49
C THR J 347 -62.88 35.12 28.66
N ASN J 363 -61.29 33.54 16.99
CA ASN J 363 -61.43 33.24 18.40
C ASN J 363 -62.21 31.94 18.60
N ASP J 364 -62.88 31.48 17.54
CA ASP J 364 -63.65 30.25 17.64
C ASP J 364 -62.80 29.03 17.31
N ASN J 365 -61.75 29.20 16.51
CA ASN J 365 -60.97 28.05 16.07
C ASN J 365 -59.81 27.77 17.00
N ILE J 366 -59.56 28.66 17.97
CA ILE J 366 -58.52 28.38 18.95
C ILE J 366 -58.99 27.35 19.97
N HIS J 367 -60.30 27.25 20.20
CA HIS J 367 -60.86 26.25 21.11
C HIS J 367 -61.26 24.98 20.41
N ASN J 368 -60.74 24.74 19.20
CA ASN J 368 -61.28 23.75 18.29
C ASN J 368 -60.32 22.59 18.11
N ASN J 369 -59.20 22.61 18.81
CA ASN J 369 -58.12 21.69 18.53
C ASN J 369 -57.65 21.00 19.79
N LEU J 370 -56.92 19.90 19.59
CA LEU J 370 -56.21 19.20 20.65
C LEU J 370 -54.73 19.51 20.49
N TYR J 371 -54.20 20.35 21.36
CA TYR J 371 -52.82 20.78 21.28
C TYR J 371 -52.00 19.89 22.19
N ILE J 372 -51.21 19.00 21.60
CA ILE J 372 -50.37 18.08 22.35
C ILE J 372 -48.93 18.57 22.25
N SER J 373 -48.19 18.45 23.34
CA SER J 373 -46.79 18.81 23.39
C SER J 373 -46.04 17.70 24.11
N ILE J 374 -45.29 16.91 23.37
CA ILE J 374 -44.69 15.71 23.93
C ILE J 374 -43.17 15.79 23.83
N GLY J 375 -42.51 15.49 24.94
CA GLY J 375 -41.07 15.41 25.00
C GLY J 375 -40.60 13.97 25.05
N TYR J 376 -40.03 13.49 23.96
CA TYR J 376 -39.68 12.09 23.81
C TYR J 376 -38.37 11.77 24.51
N ASP J 377 -38.10 10.49 24.60
CA ASP J 377 -36.82 10.01 25.11
C ASP J 377 -36.16 9.17 24.03
N HIS J 378 -34.87 8.89 24.26
CA HIS J 378 -34.10 7.90 23.52
C HIS J 378 -33.97 8.23 22.03
N GLU J 379 -33.99 9.52 21.69
CA GLU J 379 -33.79 9.92 20.29
C GLU J 379 -32.39 9.61 19.80
N GLU J 380 -31.38 9.81 20.65
CA GLU J 380 -29.98 9.71 20.23
C GLU J 380 -29.59 8.30 19.82
N ILE J 381 -30.37 7.30 20.21
CA ILE J 381 -30.07 5.91 19.92
C ILE J 381 -31.06 5.32 18.92
N GLY J 382 -32.01 6.11 18.43
CA GLY J 382 -32.89 5.68 17.37
C GLY J 382 -34.34 5.51 17.73
N SER J 383 -34.76 5.94 18.92
CA SER J 383 -36.16 6.03 19.36
C SER J 383 -36.85 4.67 19.48
N LEU J 384 -36.11 3.57 19.40
CA LEU J 384 -36.68 2.24 19.55
C LEU J 384 -36.71 1.93 21.03
N SER J 385 -37.77 2.37 21.70
CA SER J 385 -37.89 2.19 23.14
C SER J 385 -39.36 2.27 23.51
N GLU J 386 -39.65 2.02 24.80
CA GLU J 386 -41.01 2.11 25.28
C GLU J 386 -41.44 3.55 25.50
N VAL J 387 -40.49 4.47 25.59
CA VAL J 387 -40.77 5.88 25.76
C VAL J 387 -40.21 6.69 24.59
N GLY J 388 -39.74 6.02 23.55
CA GLY J 388 -39.22 6.69 22.39
C GLY J 388 -40.30 7.14 21.44
N ALA J 389 -39.86 7.61 20.28
CA ALA J 389 -40.79 8.09 19.27
C ALA J 389 -41.42 6.93 18.51
N ARG J 390 -40.69 5.83 18.39
CA ARG J 390 -41.24 4.64 17.73
C ARG J 390 -42.15 3.84 18.63
N SER J 391 -42.36 4.29 19.87
CA SER J 391 -43.25 3.61 20.80
C SER J 391 -44.70 3.79 20.39
N TYR J 392 -45.55 2.96 20.97
CA TYR J 392 -46.99 3.11 20.88
C TYR J 392 -47.53 4.08 21.92
N CYS J 393 -46.65 4.77 22.66
CA CYS J 393 -47.10 5.59 23.78
C CYS J 393 -47.93 6.77 23.31
N THR J 394 -47.45 7.49 22.29
CA THR J 394 -48.18 8.66 21.81
C THR J 394 -49.45 8.28 21.08
N LYS J 395 -49.39 7.18 20.32
CA LYS J 395 -50.56 6.74 19.58
C LYS J 395 -51.65 6.23 20.51
N ASN J 396 -51.25 5.63 21.62
CA ASN J 396 -52.25 5.23 22.60
C ASN J 396 -52.73 6.42 23.42
N PHE J 397 -51.91 7.47 23.56
CA PHE J 397 -52.34 8.64 24.30
C PHE J 397 -53.46 9.38 23.58
N ILE J 398 -53.34 9.52 22.25
CA ILE J 398 -54.39 10.18 21.48
C ILE J 398 -55.64 9.32 21.43
N ASP J 399 -55.47 8.01 21.36
CA ASP J 399 -56.63 7.11 21.37
C ASP J 399 -57.23 6.99 22.76
N ARG J 400 -56.54 7.48 23.79
CA ARG J 400 -57.15 7.59 25.10
C ARG J 400 -57.78 8.95 25.31
N ILE J 401 -57.26 9.99 24.65
CA ILE J 401 -57.89 11.31 24.73
C ILE J 401 -59.20 11.31 23.94
N ILE J 402 -59.19 10.72 22.75
CA ILE J 402 -60.37 10.63 21.91
C ILE J 402 -61.44 9.77 22.58
N SER J 403 -61.03 8.69 23.25
CA SER J 403 -61.99 7.82 23.92
C SER J 403 -62.57 8.47 25.17
N SER J 404 -61.82 9.35 25.83
CA SER J 404 -62.30 9.91 27.10
C SER J 404 -63.06 11.20 26.88
N VAL J 405 -62.64 11.99 25.88
CA VAL J 405 -63.36 13.21 25.55
C VAL J 405 -64.68 12.88 24.87
N PHE J 406 -64.62 12.05 23.83
CA PHE J 406 -65.82 11.62 23.12
C PHE J 406 -66.31 10.28 23.67
N LYS J 407 -66.44 10.22 24.98
CA LYS J 407 -66.94 9.02 25.61
C LYS J 407 -68.42 8.85 25.35
N LYS J 408 -69.15 9.97 25.25
CA LYS J 408 -70.60 9.89 25.17
C LYS J 408 -71.07 9.77 23.73
N GLU J 409 -70.27 10.23 22.76
CA GLU J 409 -70.77 10.18 21.39
C GLU J 409 -70.36 8.92 20.65
N ILE J 410 -69.52 8.07 21.24
CA ILE J 410 -69.25 6.75 20.66
C ILE J 410 -70.51 5.88 20.73
N HIS J 411 -71.22 5.92 21.86
CA HIS J 411 -72.28 4.99 22.17
C HIS J 411 -73.54 5.19 21.32
N GLU J 412 -73.90 6.43 21.01
CA GLU J 412 -75.26 6.70 20.55
C GLU J 412 -75.32 7.19 19.11
N LYS J 413 -74.16 7.52 18.50
CA LYS J 413 -74.13 7.61 17.05
C LYS J 413 -73.10 6.65 16.45
N ASN J 414 -72.63 5.68 17.24
CA ASN J 414 -72.00 4.44 16.76
C ASN J 414 -70.68 4.70 16.03
N LEU J 415 -69.99 5.73 16.45
CA LEU J 415 -68.65 6.02 15.94
C LEU J 415 -67.64 5.09 16.60
N SER J 416 -66.46 5.01 15.99
CA SER J 416 -65.34 4.25 16.54
C SER J 416 -64.19 5.20 16.80
N VAL J 417 -63.18 4.69 17.52
CA VAL J 417 -62.00 5.51 17.79
C VAL J 417 -61.21 5.74 16.52
N GLN J 418 -61.00 4.70 15.72
CA GLN J 418 -60.21 4.82 14.49
C GLN J 418 -60.95 5.62 13.42
N GLU J 419 -62.29 5.60 13.44
CA GLU J 419 -63.07 6.53 12.62
C GLU J 419 -62.84 7.97 13.06
N ILE J 420 -62.84 8.23 14.36
CA ILE J 420 -62.68 9.60 14.84
C ILE J 420 -61.22 10.03 14.74
N TYR J 421 -60.29 9.10 14.98
CA TYR J 421 -58.88 9.44 14.89
C TYR J 421 -58.45 9.71 13.46
N GLY J 422 -58.91 8.89 12.52
CA GLY J 422 -58.62 9.14 11.12
C GLY J 422 -59.37 10.34 10.56
N ASN J 423 -60.42 10.78 11.24
CA ASN J 423 -61.10 12.00 10.84
C ASN J 423 -60.27 13.23 11.18
N LEU J 424 -59.62 13.21 12.35
CA LEU J 424 -58.80 14.34 12.80
C LEU J 424 -57.40 14.32 12.23
N VAL J 425 -56.98 13.21 11.60
CA VAL J 425 -55.63 13.10 11.05
C VAL J 425 -55.48 13.91 9.78
N ASN J 426 -56.58 14.15 9.05
CA ASN J 426 -56.54 14.98 7.85
C ASN J 426 -56.25 16.44 8.18
N ARG J 427 -56.63 16.90 9.37
CA ARG J 427 -56.43 18.27 9.80
C ARG J 427 -55.28 18.39 10.77
N SER J 428 -54.59 17.27 11.00
CA SER J 428 -53.55 17.19 12.01
C SER J 428 -52.21 17.66 11.46
N PHE J 429 -51.28 17.89 12.37
CA PHE J 429 -49.92 18.27 12.00
C PHE J 429 -48.96 17.91 13.13
N ILE J 430 -47.70 17.73 12.75
CA ILE J 430 -46.61 17.44 13.68
C ILE J 430 -45.54 18.49 13.48
N LEU J 431 -45.17 19.17 14.56
CA LEU J 431 -44.10 20.16 14.53
C LEU J 431 -42.92 19.58 15.29
N ASN J 432 -42.03 18.91 14.59
CA ASN J 432 -40.87 18.33 15.24
C ASN J 432 -39.80 19.39 15.37
N VAL J 433 -39.33 19.59 16.60
CA VAL J 433 -38.33 20.60 16.90
C VAL J 433 -37.08 19.89 17.38
N ASP J 434 -35.99 20.05 16.64
CA ASP J 434 -34.68 19.55 17.01
C ASP J 434 -33.66 20.49 16.39
N MET J 435 -32.52 20.63 17.05
CA MET J 435 -31.53 21.63 16.68
C MET J 435 -30.91 21.33 15.32
N ALA J 436 -30.39 22.37 14.70
CA ALA J 436 -29.86 22.29 13.36
C ALA J 436 -28.45 22.88 13.32
N HIS J 437 -27.74 22.57 12.25
CA HIS J 437 -26.33 22.91 12.14
C HIS J 437 -26.18 24.31 11.58
N CYS J 438 -25.73 25.24 12.42
CA CYS J 438 -25.37 26.57 11.95
C CYS J 438 -24.15 26.47 11.04
N SER J 439 -24.01 27.45 10.16
CA SER J 439 -22.87 27.47 9.24
C SER J 439 -21.59 27.72 10.03
N HIS J 440 -20.76 26.70 10.12
CA HIS J 440 -19.52 26.79 10.86
C HIS J 440 -18.54 27.61 10.06
N PRO J 441 -17.94 28.66 10.63
CA PRO J 441 -16.98 29.45 9.86
C PRO J 441 -15.66 28.74 9.65
N ASN J 442 -15.30 27.81 10.54
CA ASN J 442 -14.02 27.14 10.43
C ASN J 442 -14.10 25.90 9.56
N TYR J 443 -15.31 25.51 9.14
CA TYR J 443 -15.52 24.34 8.30
C TYR J 443 -16.44 24.72 7.15
N PRO J 444 -15.95 25.42 6.13
CA PRO J 444 -16.80 25.80 5.00
C PRO J 444 -17.07 24.70 4.00
N GLU J 445 -16.44 23.54 4.16
CA GLU J 445 -16.60 22.43 3.22
C GLU J 445 -17.73 21.49 3.62
N THR J 446 -18.31 21.66 4.80
CA THR J 446 -19.40 20.81 5.27
C THR J 446 -20.75 21.50 5.19
N VAL J 447 -20.85 22.64 4.50
CA VAL J 447 -22.08 23.39 4.44
C VAL J 447 -22.56 23.42 3.00
N GLN J 448 -23.88 23.42 2.83
CA GLN J 448 -24.47 23.68 1.53
C GLN J 448 -24.24 25.14 1.16
N ASP J 449 -24.22 25.44 -0.13
CA ASP J 449 -23.96 26.82 -0.54
C ASP J 449 -25.21 27.68 -0.34
N ASN J 450 -26.36 27.19 -0.78
CA ASN J 450 -27.58 27.99 -0.72
C ASN J 450 -28.33 27.83 0.59
N HIS J 451 -28.36 26.63 1.16
CA HIS J 451 -29.09 26.35 2.39
C HIS J 451 -28.11 26.49 3.54
N GLN J 452 -27.88 27.71 3.98
CA GLN J 452 -26.99 27.98 5.10
C GLN J 452 -27.82 28.49 6.26
N LEU J 453 -27.31 28.26 7.47
CA LEU J 453 -27.95 28.73 8.68
C LEU J 453 -26.99 29.65 9.41
N PHE J 454 -27.47 30.83 9.79
CA PHE J 454 -26.67 31.74 10.57
C PHE J 454 -27.39 32.08 11.86
N PHE J 455 -26.63 32.57 12.83
CA PHE J 455 -27.20 32.92 14.12
C PHE J 455 -28.07 34.17 14.00
N HIS J 456 -29.12 34.20 14.82
CA HIS J 456 -30.14 35.26 14.86
C HIS J 456 -30.82 35.50 13.52
N GLU J 457 -30.84 34.50 12.63
CA GLU J 457 -31.38 34.71 11.31
C GLU J 457 -32.76 34.08 11.17
N GLY J 458 -33.13 33.22 12.12
CA GLY J 458 -34.46 32.70 12.16
C GLY J 458 -34.45 31.22 12.48
N ILE J 459 -35.65 30.64 12.47
CA ILE J 459 -35.81 29.20 12.64
C ILE J 459 -35.26 28.49 11.42
N ALA J 460 -34.56 27.39 11.64
CA ALA J 460 -34.27 26.51 10.53
C ALA J 460 -35.54 25.77 10.14
N ILE J 461 -35.70 25.50 8.86
CA ILE J 461 -36.72 24.60 8.37
C ILE J 461 -35.96 23.50 7.63
N LYS J 462 -35.77 22.38 8.30
CA LYS J 462 -34.82 21.38 7.83
C LYS J 462 -35.45 20.48 6.79
N TYR J 463 -34.93 20.55 5.57
CA TYR J 463 -35.35 19.66 4.49
C TYR J 463 -34.32 18.56 4.33
N ASN J 464 -34.72 17.48 3.67
CA ASN J 464 -33.78 16.40 3.42
C ASN J 464 -34.11 15.69 2.13
N THR J 465 -33.08 15.07 1.55
CA THR J 465 -33.24 14.18 0.41
C THR J 465 -34.04 12.94 0.79
N ASN J 466 -33.58 12.22 1.80
CA ASN J 466 -34.09 10.89 2.14
C ASN J 466 -35.19 10.93 3.19
N LYS J 467 -35.79 12.11 3.43
CA LYS J 467 -36.77 12.36 4.48
C LYS J 467 -36.29 11.91 5.85
N ASN J 468 -35.01 12.14 6.16
CA ASN J 468 -34.58 12.08 7.55
C ASN J 468 -35.24 13.17 8.36
N TYR J 469 -35.49 14.32 7.73
CA TYR J 469 -36.41 15.33 8.24
C TYR J 469 -37.72 15.22 7.48
N VAL J 470 -38.84 15.33 8.18
CA VAL J 470 -40.15 15.04 7.59
C VAL J 470 -40.72 16.23 6.84
N THR J 471 -39.95 17.29 6.65
CA THR J 471 -40.45 18.49 5.99
C THR J 471 -40.72 18.25 4.52
N SER J 472 -41.98 18.41 4.14
CA SER J 472 -42.41 18.46 2.76
C SER J 472 -42.63 19.90 2.36
N PRO J 473 -42.37 20.25 1.09
CA PRO J 473 -42.53 21.66 0.68
C PRO J 473 -43.96 22.17 0.68
N LEU J 474 -44.96 21.29 0.71
CA LEU J 474 -46.32 21.75 0.98
C LEU J 474 -46.46 22.12 2.44
N HIS J 475 -45.99 21.26 3.32
CA HIS J 475 -46.31 21.39 4.72
C HIS J 475 -45.43 22.40 5.43
N ALA J 476 -44.34 22.82 4.79
CA ALA J 476 -43.62 23.99 5.29
C ALA J 476 -44.25 25.27 4.78
N SER J 477 -45.00 25.19 3.67
CA SER J 477 -45.67 26.38 3.15
C SER J 477 -46.85 26.77 4.02
N LEU J 478 -47.46 25.80 4.71
CA LEU J 478 -48.52 26.14 5.64
C LEU J 478 -47.94 26.79 6.90
N ILE J 479 -46.76 26.34 7.33
CA ILE J 479 -46.17 26.84 8.57
C ILE J 479 -45.59 28.23 8.34
N LYS J 480 -45.05 28.49 7.15
CA LYS J 480 -44.60 29.85 6.82
C LYS J 480 -45.76 30.82 6.72
N ARG J 481 -46.97 30.32 6.46
CA ARG J 481 -48.13 31.20 6.49
C ARG J 481 -48.69 31.37 7.89
N THR J 482 -48.38 30.44 8.80
CA THR J 482 -48.67 30.70 10.21
C THR J 482 -47.70 31.73 10.77
N PHE J 483 -46.50 31.83 10.21
CA PHE J 483 -45.57 32.86 10.64
C PHE J 483 -45.98 34.22 10.10
N GLU J 484 -46.71 34.24 8.98
CA GLU J 484 -47.17 35.49 8.41
C GLU J 484 -48.45 35.96 9.10
N LEU J 485 -49.27 35.03 9.58
CA LEU J 485 -50.44 35.41 10.36
C LEU J 485 -50.04 35.88 11.75
N TYR J 486 -48.87 35.45 12.23
CA TYR J 486 -48.32 36.01 13.46
C TYR J 486 -47.88 37.45 13.24
N TYR J 487 -47.34 37.76 12.07
CA TYR J 487 -46.85 39.11 11.81
C TYR J 487 -48.00 40.09 11.64
N ASN J 488 -49.16 39.62 11.21
CA ASN J 488 -50.29 40.51 11.01
C ASN J 488 -50.98 40.86 12.31
N LYS J 489 -50.83 40.02 13.34
CA LYS J 489 -51.51 40.25 14.61
C LYS J 489 -50.59 40.87 15.66
N TYR J 490 -49.37 40.37 15.77
CA TYR J 490 -48.47 40.78 16.83
C TYR J 490 -47.41 41.77 16.37
N LYS J 491 -47.32 42.01 15.06
CA LYS J 491 -46.38 42.96 14.43
C LYS J 491 -44.93 42.63 14.78
N GLN J 492 -44.63 41.34 14.94
CA GLN J 492 -43.30 40.87 15.25
C GLN J 492 -42.98 39.74 14.29
N GLN J 493 -41.99 39.95 13.42
CA GLN J 493 -41.70 38.99 12.37
C GLN J 493 -41.01 37.77 12.92
N ILE J 494 -41.52 36.59 12.57
CA ILE J 494 -40.87 35.32 12.83
C ILE J 494 -40.03 34.99 11.61
N LYS J 495 -38.72 35.14 11.74
CA LYS J 495 -37.81 34.87 10.64
C LYS J 495 -37.59 33.38 10.53
N TYR J 496 -37.33 32.93 9.31
CA TYR J 496 -37.06 31.53 9.03
C TYR J 496 -36.00 31.43 7.96
N GLN J 497 -35.42 30.24 7.84
CA GLN J 497 -34.40 29.99 6.84
C GLN J 497 -34.38 28.50 6.55
N ASN J 498 -34.34 28.15 5.28
CA ASN J 498 -34.39 26.74 4.91
C ASN J 498 -33.01 26.10 5.08
N PHE J 499 -33.01 24.91 5.67
CA PHE J 499 -31.77 24.18 5.90
C PHE J 499 -31.83 22.86 5.17
N MET J 500 -30.73 22.53 4.49
CA MET J 500 -30.60 21.29 3.76
C MET J 500 -29.13 20.90 3.76
N VAL J 501 -28.88 19.65 4.11
CA VAL J 501 -27.53 19.10 4.12
C VAL J 501 -27.14 18.82 2.68
N LYS J 502 -25.83 18.72 2.43
CA LYS J 502 -25.34 18.42 1.09
C LYS J 502 -25.78 17.03 0.64
N ASN J 503 -25.82 16.84 -0.68
CA ASN J 503 -26.30 15.59 -1.23
C ASN J 503 -25.33 14.44 -0.99
N ASP J 504 -24.04 14.71 -0.97
CA ASP J 504 -23.06 13.65 -0.75
C ASP J 504 -22.92 13.30 0.73
N THR J 505 -22.99 14.31 1.61
CA THR J 505 -22.84 14.00 3.02
C THR J 505 -24.14 13.45 3.59
N PRO J 506 -24.06 12.47 4.49
CA PRO J 506 -25.27 12.02 5.19
C PRO J 506 -25.52 12.88 6.43
N CYS J 507 -26.75 12.85 6.89
CA CYS J 507 -27.14 13.57 8.09
C CYS J 507 -27.95 12.64 8.99
N GLY J 508 -27.95 12.97 10.28
CA GLY J 508 -28.67 12.14 11.23
C GLY J 508 -30.17 12.35 11.14
N SER J 509 -30.90 11.25 11.22
CA SER J 509 -32.35 11.31 11.18
C SER J 509 -32.88 11.81 12.52
N THR J 510 -34.09 12.36 12.48
CA THR J 510 -34.75 12.86 13.67
C THR J 510 -36.04 12.08 13.87
N VAL J 511 -36.82 12.52 14.86
CA VAL J 511 -38.09 11.88 15.18
C VAL J 511 -39.23 12.48 14.41
N GLY J 512 -38.95 13.27 13.39
CA GLY J 512 -40.02 13.83 12.57
C GLY J 512 -40.76 12.76 11.81
N SER J 513 -40.03 11.96 11.04
CA SER J 513 -40.69 10.92 10.24
C SER J 513 -41.04 9.70 11.06
N MET J 514 -40.46 9.56 12.26
CA MET J 514 -40.83 8.44 13.11
C MET J 514 -42.23 8.60 13.65
N VAL J 515 -42.57 9.79 14.17
CA VAL J 515 -43.90 9.99 14.71
C VAL J 515 -44.90 10.23 13.60
N ALA J 516 -44.46 10.79 12.47
CA ALA J 516 -45.36 10.97 11.34
C ALA J 516 -45.76 9.65 10.70
N ALA J 517 -44.95 8.61 10.88
CA ALA J 517 -45.38 7.29 10.44
C ALA J 517 -46.26 6.62 11.49
N ASN J 518 -45.97 6.84 12.77
CA ASN J 518 -46.74 6.20 13.82
C ASN J 518 -48.13 6.80 13.94
N LEU J 519 -48.26 8.09 13.66
CA LEU J 519 -49.53 8.77 13.83
C LEU J 519 -50.22 9.09 12.52
N SER J 520 -49.55 8.88 11.39
CA SER J 520 -50.06 9.13 10.03
C SER J 520 -50.45 10.60 9.83
N MET J 521 -49.73 11.50 10.52
CA MET J 521 -49.98 12.93 10.44
C MET J 521 -48.87 13.58 9.60
N PRO J 522 -49.20 14.61 8.83
CA PRO J 522 -48.15 15.35 8.12
C PRO J 522 -47.29 16.12 9.10
N GLY J 523 -46.07 16.43 8.66
CA GLY J 523 -45.10 16.99 9.59
C GLY J 523 -44.15 17.98 8.96
N ILE J 524 -43.32 18.55 9.83
CA ILE J 524 -42.26 19.47 9.47
C ILE J 524 -41.16 19.26 10.51
N ASP J 525 -39.92 19.58 10.13
CA ASP J 525 -38.80 19.58 11.05
C ASP J 525 -38.20 20.96 11.12
N ILE J 526 -38.50 21.69 12.20
CA ILE J 526 -37.89 22.98 12.41
C ILE J 526 -36.91 22.86 13.56
N GLY J 527 -36.19 23.95 13.80
CA GLY J 527 -35.23 23.98 14.88
C GLY J 527 -34.40 25.23 14.75
N ILE J 528 -33.50 25.42 15.70
CA ILE J 528 -32.71 26.64 15.69
C ILE J 528 -31.26 26.30 15.42
N PRO J 529 -30.52 27.13 14.69
CA PRO J 529 -29.13 26.80 14.36
C PRO J 529 -28.24 26.88 15.59
N GLN J 530 -27.42 25.86 15.77
CA GLN J 530 -26.44 25.85 16.84
C GLN J 530 -25.14 25.27 16.31
N LEU J 531 -24.04 25.66 16.94
CA LEU J 531 -22.76 25.08 16.60
C LEU J 531 -22.36 24.05 17.65
N ALA J 532 -21.54 23.10 17.22
CA ALA J 532 -21.02 21.99 18.02
C ALA J 532 -22.16 21.17 18.64
N MET J 533 -23.07 20.74 17.78
CA MET J 533 -24.16 19.87 18.20
C MET J 533 -23.61 18.51 18.62
N HIS J 534 -24.29 17.88 19.59
CA HIS J 534 -23.90 16.63 20.24
C HIS J 534 -22.58 16.75 20.97
N SER J 535 -22.23 17.93 21.45
CA SER J 535 -21.07 18.11 22.29
C SER J 535 -21.48 18.53 23.70
N ILE J 536 -20.50 18.62 24.58
CA ILE J 536 -20.81 18.92 25.97
C ILE J 536 -21.10 20.41 26.16
N ARG J 537 -20.57 21.25 25.27
CA ARG J 537 -20.95 22.65 25.23
C ARG J 537 -21.37 23.00 23.82
N GLU J 538 -22.60 23.49 23.67
CA GLU J 538 -23.19 23.82 22.39
C GLU J 538 -23.65 25.27 22.42
N ILE J 539 -23.18 26.06 21.47
CA ILE J 539 -23.48 27.49 21.44
C ILE J 539 -24.67 27.73 20.52
N ALA J 540 -25.55 28.65 20.90
CA ALA J 540 -26.74 28.97 20.14
C ALA J 540 -27.06 30.45 20.34
N ALA J 541 -27.93 30.98 19.49
CA ALA J 541 -28.23 32.40 19.51
C ALA J 541 -29.52 32.70 20.27
N VAL J 542 -29.60 33.89 20.88
CA VAL J 542 -30.73 34.19 21.75
C VAL J 542 -31.91 34.74 20.97
N HIS J 543 -31.68 35.25 19.75
CA HIS J 543 -32.83 35.61 18.93
C HIS J 543 -33.51 34.40 18.36
N ASP J 544 -32.78 33.31 18.18
CA ASP J 544 -33.41 32.11 17.67
C ASP J 544 -34.30 31.46 18.73
N VAL J 545 -33.99 31.66 20.00
CA VAL J 545 -34.86 31.16 21.07
C VAL J 545 -36.16 31.94 21.08
N PHE J 546 -36.13 33.22 20.75
CA PHE J 546 -37.36 33.99 20.60
C PHE J 546 -38.15 33.52 19.40
N PHE J 547 -37.48 33.25 18.28
CA PHE J 547 -38.18 32.86 17.07
C PHE J 547 -38.77 31.46 17.19
N LEU J 548 -38.11 30.59 17.94
CA LEU J 548 -38.65 29.24 18.10
C LEU J 548 -39.86 29.22 19.01
N ILE J 549 -39.81 29.98 20.12
CA ILE J 549 -40.95 30.02 21.04
C ILE J 549 -42.15 30.66 20.38
N LYS J 550 -41.93 31.71 19.59
CA LYS J 550 -43.03 32.29 18.84
C LYS J 550 -43.38 31.43 17.63
N GLY J 551 -42.45 30.61 17.16
CA GLY J 551 -42.73 29.74 16.03
C GLY J 551 -43.63 28.57 16.39
N VAL J 552 -43.43 27.97 17.56
CA VAL J 552 -44.34 26.93 18.03
C VAL J 552 -45.69 27.53 18.39
N PHE J 553 -45.68 28.77 18.90
CA PHE J 553 -46.92 29.43 19.26
C PHE J 553 -47.73 29.83 18.04
N ALA J 554 -47.04 30.20 16.95
CA ALA J 554 -47.77 30.57 15.74
C ALA J 554 -48.34 29.36 15.03
N PHE J 555 -47.65 28.22 15.11
CA PHE J 555 -48.19 26.98 14.56
C PHE J 555 -49.39 26.50 15.37
N TYR J 556 -49.36 26.70 16.69
CA TYR J 556 -50.48 26.35 17.54
C TYR J 556 -51.69 27.25 17.27
N THR J 557 -51.46 28.55 17.12
CA THR J 557 -52.57 29.49 17.03
C THR J 557 -53.20 29.51 15.65
N TYR J 558 -52.38 29.45 14.60
CA TYR J 558 -52.83 29.82 13.27
C TYR J 558 -52.75 28.71 12.25
N TYR J 559 -52.70 27.44 12.66
CA TYR J 559 -52.60 26.40 11.64
C TYR J 559 -53.93 26.16 10.94
N ASN J 560 -55.04 26.14 11.68
CA ASN J 560 -56.32 25.87 11.05
C ASN J 560 -56.84 27.08 10.29
N GLN J 561 -56.32 28.26 10.58
CA GLN J 561 -56.66 29.41 9.75
C GLN J 561 -55.96 29.32 8.41
N VAL J 562 -54.75 28.76 8.37
CA VAL J 562 -54.08 28.52 7.11
C VAL J 562 -54.68 27.31 6.39
N LEU J 563 -54.98 26.26 7.14
CA LEU J 563 -55.46 25.01 6.56
C LEU J 563 -56.87 25.15 5.96
N SER J 564 -57.67 26.09 6.48
CA SER J 564 -58.98 26.33 5.90
C SER J 564 -58.90 27.03 4.55
N THR J 565 -57.81 27.74 4.28
CA THR J 565 -57.65 28.47 3.03
C THR J 565 -56.97 27.65 1.94
N CYS J 566 -56.54 26.43 2.23
CA CYS J 566 -55.96 25.58 1.21
C CYS J 566 -57.06 24.90 0.41
N VAL J 567 -57.01 25.06 -0.91
CA VAL J 567 -57.92 24.37 -1.82
C VAL J 567 -57.09 23.43 -2.70
N HIS J 568 -57.39 22.14 -2.59
CA HIS J 568 -56.80 21.16 -3.48
C HIS J 568 -57.70 21.00 -4.70
N ASP J 569 -57.25 20.19 -5.66
CA ASP J 569 -58.08 19.92 -6.82
C ASP J 569 -58.99 18.72 -6.56
N MET K 1 -30.41 -28.49 43.90
CA MET K 1 -30.65 -27.98 42.56
C MET K 1 -29.96 -28.85 41.51
N ASP K 2 -28.94 -29.59 41.93
CA ASP K 2 -28.21 -30.46 41.02
C ASP K 2 -29.14 -31.44 40.31
N LYS K 3 -30.10 -31.97 41.05
CA LYS K 3 -31.06 -32.92 40.50
C LYS K 3 -32.10 -32.20 39.65
N LYS K 4 -32.56 -31.04 40.10
CA LYS K 4 -33.57 -30.30 39.36
C LYS K 4 -32.95 -29.57 38.17
N ALA K 5 -31.67 -29.21 38.24
CA ALA K 5 -31.02 -28.58 37.10
C ALA K 5 -30.75 -29.58 35.99
N ARG K 6 -30.45 -30.82 36.36
CA ARG K 6 -30.26 -31.86 35.34
C ARG K 6 -31.59 -32.32 34.78
N GLU K 7 -32.65 -32.33 35.60
CA GLU K 7 -33.96 -32.70 35.10
C GLU K 7 -34.54 -31.64 34.18
N TYR K 8 -34.21 -30.37 34.43
CA TYR K 8 -34.64 -29.30 33.54
C TYR K 8 -33.89 -29.34 32.22
N ALA K 9 -32.58 -29.62 32.28
CA ALA K 9 -31.81 -29.73 31.04
C ALA K 9 -32.12 -31.03 30.32
N GLN K 10 -32.62 -32.04 31.01
CA GLN K 10 -33.03 -33.27 30.33
C GLN K 10 -34.24 -33.02 29.44
N ASP K 11 -35.25 -32.32 29.96
CA ASP K 11 -36.45 -32.06 29.16
C ASP K 11 -36.16 -31.05 28.06
N ALA K 12 -35.21 -30.15 28.27
CA ALA K 12 -34.77 -29.26 27.19
C ALA K 12 -34.08 -30.05 26.10
N LEU K 13 -33.37 -31.10 26.47
CA LEU K 13 -32.71 -31.95 25.50
C LEU K 13 -33.66 -32.99 24.92
N LYS K 14 -34.88 -33.08 25.46
CA LYS K 14 -35.94 -33.75 24.73
C LYS K 14 -36.67 -32.79 23.79
N PHE K 15 -36.70 -31.50 24.14
CA PHE K 15 -37.38 -30.52 23.31
C PHE K 15 -36.59 -30.22 22.04
N ILE K 16 -35.37 -29.71 22.17
CA ILE K 16 -34.38 -29.83 21.11
C ILE K 16 -34.09 -31.32 20.90
N GLN K 17 -33.74 -31.68 19.65
CA GLN K 17 -33.71 -32.99 18.97
C GLN K 17 -35.10 -33.43 18.55
N ARG K 18 -36.15 -32.73 18.96
CA ARG K 18 -37.43 -32.80 18.29
C ARG K 18 -37.79 -31.48 17.64
N SER K 19 -37.13 -30.41 18.05
CA SER K 19 -37.35 -29.07 17.53
C SER K 19 -36.26 -28.74 16.54
N GLY K 20 -36.36 -29.32 15.34
CA GLY K 20 -35.30 -29.12 14.37
C GLY K 20 -35.38 -27.85 13.57
N SER K 21 -36.47 -27.10 13.67
CA SER K 21 -36.63 -25.89 12.90
C SER K 21 -37.54 -24.94 13.67
N ASN K 22 -38.01 -23.89 13.00
CA ASN K 22 -38.94 -22.97 13.64
C ASN K 22 -40.36 -23.50 13.59
N PHE K 23 -40.65 -24.42 12.68
CA PHE K 23 -42.00 -24.98 12.60
C PHE K 23 -42.22 -26.02 13.67
N LEU K 24 -41.24 -26.92 13.87
CA LEU K 24 -41.37 -27.91 14.92
C LEU K 24 -41.09 -27.32 16.29
N ALA K 25 -40.59 -26.09 16.35
CA ALA K 25 -40.55 -25.36 17.61
C ALA K 25 -41.94 -24.90 18.02
N CYS K 26 -42.74 -24.42 17.05
CA CYS K 26 -44.11 -24.06 17.35
C CYS K 26 -44.93 -25.30 17.64
N LYS K 27 -44.64 -26.40 16.95
CA LYS K 27 -45.45 -27.62 17.08
C LYS K 27 -45.20 -28.30 18.42
N ASN K 28 -43.93 -28.43 18.82
CA ASN K 28 -43.63 -29.15 20.04
C ASN K 28 -43.94 -28.33 21.27
N LEU K 29 -43.88 -27.00 21.18
CA LEU K 29 -44.29 -26.16 22.30
C LEU K 29 -45.80 -26.15 22.45
N LYS K 30 -46.52 -26.18 21.33
CA LYS K 30 -47.98 -26.27 21.39
C LYS K 30 -48.42 -27.63 21.91
N GLU K 31 -47.66 -28.68 21.59
CA GLU K 31 -47.91 -29.97 22.22
C GLU K 31 -47.51 -29.96 23.68
N ARG K 32 -46.49 -29.19 24.04
CA ARG K 32 -46.07 -29.13 25.45
C ARG K 32 -47.06 -28.31 26.27
N LEU K 33 -47.68 -27.30 25.66
CA LEU K 33 -48.68 -26.51 26.39
C LEU K 33 -50.01 -27.23 26.46
N GLU K 34 -50.36 -28.02 25.43
CA GLU K 34 -51.64 -28.73 25.45
C GLU K 34 -51.64 -29.91 26.40
N ASN K 35 -50.47 -30.38 26.83
CA ASN K 35 -50.41 -31.45 27.81
C ASN K 35 -50.82 -30.97 29.20
N ASN K 36 -50.67 -29.67 29.47
CA ASN K 36 -51.10 -29.15 30.76
C ASN K 36 -52.56 -28.74 30.76
N GLY K 37 -53.23 -28.82 29.62
CA GLY K 37 -54.64 -28.50 29.53
C GLY K 37 -54.96 -27.17 28.89
N PHE K 38 -54.05 -26.62 28.09
CA PHE K 38 -54.30 -25.33 27.45
C PHE K 38 -55.28 -25.50 26.30
N ILE K 39 -56.29 -24.62 26.29
CA ILE K 39 -57.30 -24.67 25.23
C ILE K 39 -56.70 -24.11 23.94
N ASN K 40 -56.51 -24.98 22.96
CA ASN K 40 -55.94 -24.60 21.68
C ASN K 40 -57.01 -23.90 20.86
N LEU K 41 -56.91 -22.59 20.74
CA LEU K 41 -57.86 -21.81 19.98
C LEU K 41 -57.17 -21.29 18.72
N SER K 42 -57.92 -21.25 17.63
CA SER K 42 -57.41 -20.81 16.34
C SER K 42 -57.71 -19.34 16.16
N GLU K 43 -56.92 -18.69 15.32
CA GLU K 43 -57.08 -17.25 15.07
C GLU K 43 -58.32 -16.97 14.24
N GLY K 44 -58.86 -17.98 13.57
CA GLY K 44 -59.83 -17.71 12.53
C GLY K 44 -61.27 -17.91 12.95
N GLU K 45 -61.51 -18.51 14.12
CA GLU K 45 -62.92 -18.77 14.45
C GLU K 45 -63.61 -17.60 15.16
N THR K 46 -63.33 -17.40 16.45
CA THR K 46 -63.94 -16.43 17.36
C THR K 46 -63.25 -16.68 18.70
N TRP K 47 -63.02 -15.62 19.48
CA TRP K 47 -62.36 -15.75 20.77
C TRP K 47 -63.38 -15.52 21.87
N ASN K 48 -63.75 -16.60 22.58
CA ASN K 48 -64.58 -16.52 23.78
C ASN K 48 -63.68 -16.97 24.93
N LEU K 49 -62.93 -16.03 25.49
CA LEU K 49 -61.97 -16.37 26.53
C LEU K 49 -62.63 -16.37 27.89
N ASN K 50 -62.11 -17.20 28.78
CA ASN K 50 -62.65 -17.36 30.12
C ASN K 50 -61.56 -17.04 31.12
N LYS K 51 -61.98 -16.73 32.35
CA LYS K 51 -61.03 -16.61 33.44
C LYS K 51 -60.51 -18.01 33.81
N ASN K 52 -59.35 -18.04 34.46
CA ASN K 52 -58.69 -19.24 35.00
C ASN K 52 -58.27 -20.25 33.94
N GLU K 53 -58.40 -19.94 32.65
CA GLU K 53 -58.10 -20.91 31.63
C GLU K 53 -56.88 -20.46 30.83
N GLY K 54 -56.10 -21.44 30.38
CA GLY K 54 -54.91 -21.15 29.62
C GLY K 54 -55.14 -21.45 28.16
N TYR K 55 -54.57 -20.63 27.28
CA TYR K 55 -54.80 -20.76 25.85
C TYR K 55 -53.47 -20.81 25.14
N VAL K 56 -53.47 -21.33 23.92
CA VAL K 56 -52.27 -21.52 23.12
C VAL K 56 -52.64 -21.34 21.66
N LEU K 57 -51.81 -20.63 20.90
CA LEU K 57 -52.05 -20.51 19.47
C LEU K 57 -50.73 -20.38 18.72
N CYS K 58 -50.58 -21.24 17.71
CA CYS K 58 -49.56 -21.12 16.70
C CYS K 58 -50.10 -20.25 15.58
N LYS K 59 -49.55 -19.05 15.43
CA LYS K 59 -49.90 -18.22 14.29
C LYS K 59 -49.15 -18.75 13.08
N GLU K 60 -49.91 -19.32 12.13
CA GLU K 60 -49.46 -20.00 10.89
C GLU K 60 -48.24 -20.89 11.09
N ASN K 61 -48.22 -21.64 12.20
CA ASN K 61 -47.23 -22.65 12.59
C ASN K 61 -45.82 -22.13 12.70
N ARG K 62 -45.61 -20.82 12.88
CA ARG K 62 -44.28 -20.27 13.10
C ARG K 62 -44.16 -19.58 14.45
N ASN K 63 -45.24 -18.96 14.92
CA ASN K 63 -45.21 -18.12 16.09
C ASN K 63 -46.11 -18.71 17.17
N ILE K 64 -45.50 -19.26 18.21
CA ILE K 64 -46.25 -19.81 19.34
C ILE K 64 -46.49 -18.68 20.34
N CYS K 65 -47.68 -18.66 20.92
CA CYS K 65 -48.08 -17.64 21.88
C CYS K 65 -49.06 -18.25 22.86
N GLY K 66 -48.59 -18.61 24.04
CA GLY K 66 -49.47 -19.16 25.04
C GLY K 66 -49.74 -18.17 26.15
N PHE K 67 -51.00 -17.96 26.51
CA PHE K 67 -51.32 -17.02 27.56
C PHE K 67 -52.28 -17.65 28.56
N PHE K 68 -52.28 -17.10 29.77
CA PHE K 68 -53.15 -17.55 30.84
C PHE K 68 -53.87 -16.36 31.44
N VAL K 69 -55.19 -16.36 31.34
CA VAL K 69 -56.02 -15.32 31.94
C VAL K 69 -56.24 -15.64 33.41
N GLY K 70 -55.88 -14.70 34.28
CA GLY K 70 -56.06 -14.89 35.70
C GLY K 70 -57.52 -14.90 36.11
N LYS K 71 -57.77 -15.35 37.34
CA LYS K 71 -59.14 -15.56 37.79
C LYS K 71 -59.87 -14.25 38.03
N ASN K 72 -59.35 -13.39 38.92
CA ASN K 72 -59.86 -12.03 39.09
C ASN K 72 -58.91 -11.06 38.42
N PHE K 73 -59.17 -10.74 37.16
CA PHE K 73 -58.61 -9.51 36.60
C PHE K 73 -59.09 -8.29 37.37
N ASN K 74 -58.20 -7.31 37.44
CA ASN K 74 -58.56 -5.96 37.87
C ASN K 74 -57.96 -4.97 36.88
N ILE K 75 -58.85 -4.30 36.15
CA ILE K 75 -58.48 -3.18 35.28
C ILE K 75 -57.77 -2.11 36.08
N ASP K 76 -58.25 -1.87 37.31
CA ASP K 76 -57.60 -0.94 38.22
C ASP K 76 -56.22 -1.44 38.64
N THR K 77 -56.16 -2.59 39.31
CA THR K 77 -54.90 -3.13 39.84
C THR K 77 -54.65 -4.50 39.24
N GLY K 78 -54.08 -4.53 38.04
CA GLY K 78 -53.72 -5.76 37.37
C GLY K 78 -52.71 -5.49 36.30
N SER K 79 -52.19 -6.54 35.68
CA SER K 79 -51.00 -6.43 34.85
C SER K 79 -51.06 -7.39 33.68
N ILE K 80 -50.19 -7.15 32.71
CA ILE K 80 -49.94 -8.08 31.61
C ILE K 80 -48.46 -8.41 31.62
N LEU K 81 -48.13 -9.62 32.02
CA LEU K 81 -46.74 -10.06 32.17
C LEU K 81 -46.38 -10.92 30.97
N ILE K 82 -45.40 -10.48 30.20
CA ILE K 82 -45.04 -11.15 28.96
C ILE K 82 -43.58 -11.58 29.04
N SER K 83 -43.35 -12.86 28.76
CA SER K 83 -42.01 -13.40 28.59
C SER K 83 -41.82 -13.78 27.12
N ILE K 84 -40.66 -13.42 26.57
CA ILE K 84 -40.44 -13.46 25.15
C ILE K 84 -39.15 -14.20 24.87
N GLY K 85 -39.22 -15.20 24.00
CA GLY K 85 -38.03 -15.79 23.44
C GLY K 85 -38.33 -16.36 22.08
N HIS K 86 -37.60 -15.94 21.05
CA HIS K 86 -37.88 -16.32 19.68
C HIS K 86 -37.57 -17.80 19.46
N ILE K 87 -38.35 -18.43 18.59
CA ILE K 87 -38.18 -19.85 18.28
C ILE K 87 -37.71 -19.97 16.83
N ASP K 88 -36.40 -19.83 16.64
CA ASP K 88 -35.71 -19.91 15.36
C ASP K 88 -34.22 -19.77 15.65
N SER K 89 -33.41 -20.07 14.64
CA SER K 89 -31.97 -19.98 14.80
C SER K 89 -31.36 -19.82 13.42
N CYS K 90 -30.06 -19.49 13.41
CA CYS K 90 -29.32 -19.46 12.17
C CYS K 90 -29.21 -20.86 11.60
N ALA K 91 -29.84 -21.08 10.45
CA ALA K 91 -29.84 -22.39 9.83
C ALA K 91 -29.64 -22.20 8.33
N LEU K 92 -29.25 -23.29 7.67
CA LEU K 92 -29.16 -23.28 6.22
C LEU K 92 -30.50 -23.73 5.64
N LYS K 93 -31.35 -22.77 5.32
CA LYS K 93 -32.63 -23.11 4.71
C LYS K 93 -32.44 -23.45 3.24
N ILE K 94 -33.35 -24.24 2.70
CA ILE K 94 -33.28 -24.74 1.34
C ILE K 94 -33.95 -23.74 0.41
N SER K 95 -33.26 -23.37 -0.67
CA SER K 95 -33.73 -22.50 -1.73
C SER K 95 -34.84 -23.18 -2.53
N PRO K 96 -35.71 -22.40 -3.19
CA PRO K 96 -36.78 -23.02 -3.99
C PRO K 96 -36.29 -23.78 -5.21
N ASN K 97 -35.48 -23.16 -6.05
CA ASN K 97 -34.85 -23.83 -7.19
C ASN K 97 -33.56 -24.46 -6.65
N ASN K 98 -33.61 -25.76 -6.41
CA ASN K 98 -32.46 -26.50 -5.91
C ASN K 98 -32.24 -27.71 -6.82
N ASN K 99 -31.53 -27.51 -7.92
CA ASN K 99 -31.08 -28.64 -8.72
C ASN K 99 -29.68 -28.26 -9.22
N VAL K 100 -28.68 -28.56 -8.39
CA VAL K 100 -27.30 -28.25 -8.70
C VAL K 100 -26.58 -29.56 -8.98
N ILE K 101 -26.17 -29.73 -10.23
CA ILE K 101 -25.45 -30.92 -10.66
C ILE K 101 -24.09 -30.45 -11.16
N LYS K 102 -23.07 -30.55 -10.31
CA LYS K 102 -21.73 -30.13 -10.68
C LYS K 102 -20.76 -31.20 -10.24
N LYS K 103 -19.80 -31.51 -11.13
CA LYS K 103 -18.78 -32.54 -10.93
C LYS K 103 -19.39 -33.90 -10.61
N LYS K 104 -20.44 -34.26 -11.35
CA LYS K 104 -21.19 -35.51 -11.23
C LYS K 104 -21.77 -35.72 -9.83
N ILE K 105 -22.12 -34.64 -9.15
CA ILE K 105 -22.62 -34.71 -7.79
C ILE K 105 -23.89 -33.88 -7.70
N HIS K 106 -24.97 -34.50 -7.23
CA HIS K 106 -26.20 -33.79 -6.96
C HIS K 106 -26.05 -32.96 -5.70
N GLN K 107 -26.41 -31.69 -5.79
CA GLN K 107 -26.27 -30.77 -4.68
C GLN K 107 -27.57 -30.05 -4.42
N ILE K 108 -27.67 -29.49 -3.22
CA ILE K 108 -28.69 -28.52 -2.87
C ILE K 108 -27.97 -27.20 -2.74
N ASN K 109 -28.53 -26.14 -3.31
CA ASN K 109 -28.04 -24.83 -2.93
C ASN K 109 -28.93 -24.26 -1.83
N VAL K 110 -28.31 -23.94 -0.70
CA VAL K 110 -29.04 -23.54 0.49
C VAL K 110 -28.85 -22.05 0.68
N GLU K 111 -29.83 -21.42 1.30
CA GLU K 111 -29.78 -20.00 1.60
C GLU K 111 -29.40 -19.83 3.07
N CYS K 112 -28.43 -18.97 3.32
CA CYS K 112 -27.97 -18.75 4.68
C CYS K 112 -28.95 -17.85 5.42
N TYR K 113 -29.74 -18.47 6.30
CA TYR K 113 -30.77 -17.76 7.05
C TYR K 113 -30.15 -17.26 8.35
N GLY K 114 -30.25 -15.97 8.60
CA GLY K 114 -29.65 -15.41 9.79
C GLY K 114 -28.17 -15.12 9.58
N SER K 115 -27.49 -14.81 10.68
CA SER K 115 -26.07 -14.51 10.67
C SER K 115 -25.41 -15.55 11.55
N GLY K 116 -24.90 -16.61 10.93
CA GLY K 116 -24.35 -17.73 11.66
C GLY K 116 -22.89 -17.98 11.35
N LEU K 117 -22.28 -18.83 12.18
CA LEU K 117 -20.93 -19.32 11.95
C LEU K 117 -21.06 -20.40 10.89
N TRP K 118 -21.03 -19.99 9.63
CA TRP K 118 -21.31 -20.94 8.56
C TRP K 118 -20.12 -21.85 8.26
N HIS K 119 -18.93 -21.52 8.75
CA HIS K 119 -17.81 -22.44 8.62
C HIS K 119 -17.93 -23.60 9.60
N THR K 120 -18.73 -23.45 10.65
CA THR K 120 -18.99 -24.57 11.54
C THR K 120 -20.00 -25.53 10.96
N TRP K 121 -20.84 -25.07 10.02
CA TRP K 121 -21.77 -25.96 9.34
C TRP K 121 -21.08 -26.84 8.32
N PHE K 122 -19.84 -26.55 7.98
CA PHE K 122 -19.08 -27.41 7.09
C PHE K 122 -18.72 -28.69 7.82
N ASP K 123 -18.78 -29.81 7.08
CA ASP K 123 -18.39 -31.14 7.53
C ASP K 123 -19.26 -31.60 8.71
N ARG K 124 -20.58 -31.52 8.52
CA ARG K 124 -21.54 -31.99 9.50
C ARG K 124 -22.49 -32.96 8.83
N SER K 125 -22.82 -34.04 9.54
CA SER K 125 -23.86 -34.95 9.09
C SER K 125 -25.20 -34.26 9.25
N LEU K 126 -25.71 -33.66 8.19
CA LEU K 126 -26.83 -32.74 8.26
C LEU K 126 -28.13 -33.44 7.91
N GLY K 127 -29.21 -32.99 8.56
CA GLY K 127 -30.54 -33.51 8.33
C GLY K 127 -31.48 -32.44 7.82
N LEU K 128 -32.77 -32.71 7.98
CA LEU K 128 -33.81 -31.84 7.46
C LEU K 128 -34.93 -31.70 8.48
N SER K 129 -35.40 -30.46 8.67
CA SER K 129 -36.59 -30.20 9.45
C SER K 129 -37.29 -29.00 8.86
N GLY K 130 -38.60 -29.02 8.88
CA GLY K 130 -39.34 -27.89 8.34
C GLY K 130 -40.71 -28.31 7.85
N GLN K 131 -41.27 -27.46 7.01
CA GLN K 131 -42.65 -27.57 6.56
C GLN K 131 -42.65 -27.94 5.09
N VAL K 132 -43.44 -28.95 4.72
CA VAL K 132 -43.54 -29.39 3.35
C VAL K 132 -45.01 -29.35 2.95
N LEU K 133 -45.31 -28.66 1.86
CA LEU K 133 -46.67 -28.61 1.32
C LEU K 133 -46.72 -29.58 0.14
N TYR K 134 -47.61 -30.56 0.22
CA TYR K 134 -47.77 -31.55 -0.83
C TYR K 134 -49.24 -31.78 -1.12
N LYS K 135 -49.53 -32.28 -2.32
CA LYS K 135 -50.90 -32.53 -2.73
C LYS K 135 -51.33 -33.92 -2.29
N LYS K 136 -52.61 -34.06 -1.95
CA LYS K 136 -53.24 -35.36 -1.76
C LYS K 136 -54.68 -35.26 -2.21
N GLY K 137 -54.94 -35.73 -3.42
CA GLY K 137 -56.22 -35.50 -4.06
C GLY K 137 -56.29 -34.11 -4.64
N ASN K 138 -57.32 -33.35 -4.26
CA ASN K 138 -57.48 -31.97 -4.71
C ASN K 138 -57.14 -30.99 -3.59
N LYS K 139 -56.55 -31.47 -2.50
CA LYS K 139 -56.42 -30.70 -1.28
C LYS K 139 -54.94 -30.49 -0.99
N LEU K 140 -54.57 -29.26 -0.66
CA LEU K 140 -53.21 -28.99 -0.25
C LEU K 140 -53.01 -29.44 1.19
N VAL K 141 -52.14 -30.43 1.39
CA VAL K 141 -51.90 -31.00 2.69
C VAL K 141 -50.56 -30.48 3.21
N GLU K 142 -50.56 -30.03 4.44
CA GLU K 142 -49.41 -29.43 5.08
C GLU K 142 -48.86 -30.40 6.12
N LYS K 143 -47.58 -30.70 6.04
CA LYS K 143 -46.98 -31.64 6.98
C LYS K 143 -45.62 -31.13 7.42
N LEU K 144 -45.39 -31.19 8.72
CA LEU K 144 -44.13 -30.81 9.33
C LEU K 144 -43.26 -32.05 9.46
N ILE K 145 -42.16 -32.08 8.74
CA ILE K 145 -41.32 -33.27 8.67
C ILE K 145 -40.10 -33.07 9.55
N GLN K 146 -39.48 -34.19 9.91
CA GLN K 146 -38.31 -34.23 10.77
C GLN K 146 -37.48 -35.44 10.38
N ILE K 147 -36.42 -35.21 9.60
CA ILE K 147 -35.58 -36.30 9.10
C ILE K 147 -34.31 -36.32 9.94
N ASN K 148 -34.26 -37.22 10.91
CA ASN K 148 -33.18 -37.27 11.88
C ASN K 148 -31.99 -38.08 11.41
N LYS K 149 -32.05 -38.65 10.21
CA LYS K 149 -30.92 -39.36 9.64
C LYS K 149 -30.14 -38.41 8.73
N SER K 150 -28.87 -38.70 8.55
CA SER K 150 -28.01 -37.78 7.83
C SER K 150 -28.21 -37.96 6.34
N VAL K 151 -28.71 -36.92 5.68
CA VAL K 151 -29.06 -36.99 4.27
C VAL K 151 -28.35 -35.89 3.49
N LEU K 152 -27.55 -35.10 4.18
CA LEU K 152 -26.87 -33.97 3.56
C LEU K 152 -25.50 -33.80 4.21
N PHE K 153 -24.59 -33.19 3.46
CA PHE K 153 -23.24 -33.00 3.94
C PHE K 153 -22.65 -31.81 3.19
N LEU K 154 -22.17 -30.84 3.93
CA LEU K 154 -21.51 -29.69 3.34
C LEU K 154 -20.01 -29.88 3.47
N PRO K 155 -19.32 -30.32 2.42
CA PRO K 155 -17.92 -30.67 2.57
C PRO K 155 -17.00 -29.46 2.50
N SER K 156 -15.90 -29.54 3.24
CA SER K 156 -14.90 -28.49 3.21
C SER K 156 -13.91 -28.77 2.09
N LEU K 157 -12.98 -27.83 1.90
CA LEU K 157 -11.91 -28.08 0.96
C LEU K 157 -10.76 -28.77 1.68
N ALA K 158 -10.10 -29.68 0.98
CA ALA K 158 -8.93 -30.37 1.51
C ALA K 158 -7.81 -29.36 1.75
N ILE K 159 -6.94 -29.69 2.70
CA ILE K 159 -5.94 -28.71 3.12
C ILE K 159 -4.80 -28.61 2.12
N HIS K 160 -4.64 -29.60 1.23
CA HIS K 160 -3.45 -29.67 0.39
C HIS K 160 -3.51 -28.72 -0.78
N LEU K 161 -4.68 -28.18 -1.10
CA LEU K 161 -4.85 -27.48 -2.36
C LEU K 161 -4.43 -26.01 -2.25
N GLN K 162 -4.67 -25.38 -1.10
CA GLN K 162 -4.22 -24.02 -0.87
C GLN K 162 -2.85 -24.01 -0.20
N ASN K 163 -2.44 -22.84 0.27
CA ASN K 163 -1.23 -22.76 1.08
C ASN K 163 -1.56 -23.25 2.49
N ARG K 164 -0.55 -23.73 3.22
CA ARG K 164 -0.80 -24.46 4.46
C ARG K 164 -0.16 -23.78 5.66
N THR K 165 -0.61 -24.24 6.84
CA THR K 165 0.06 -24.17 8.16
C THR K 165 0.34 -22.75 8.68
N ARG K 166 -0.14 -21.70 8.00
CA ARG K 166 0.14 -20.37 8.52
C ARG K 166 -1.15 -19.54 8.59
N TYR K 167 -1.31 -18.83 9.72
CA TYR K 167 -2.42 -17.91 10.04
C TYR K 167 -3.80 -18.48 9.71
N ASP K 168 -3.98 -19.77 9.99
CA ASP K 168 -5.10 -20.60 9.53
C ASP K 168 -5.35 -20.45 8.03
N PHE K 169 -4.30 -20.58 7.22
CA PHE K 169 -4.26 -20.81 5.77
C PHE K 169 -5.21 -19.95 4.92
N SER K 170 -5.60 -18.78 5.42
CA SER K 170 -6.51 -17.82 4.78
C SER K 170 -7.81 -18.49 4.32
N VAL K 171 -8.56 -19.01 5.30
CA VAL K 171 -9.84 -19.63 4.98
C VAL K 171 -10.87 -18.54 4.72
N LYS K 172 -11.56 -18.65 3.58
CA LYS K 172 -12.61 -17.72 3.19
C LYS K 172 -13.75 -18.55 2.66
N ILE K 173 -14.89 -18.51 3.33
CA ILE K 173 -16.08 -19.23 2.90
C ILE K 173 -16.94 -18.26 2.11
N ASN K 174 -16.92 -18.39 0.79
CA ASN K 174 -17.84 -17.66 -0.07
C ASN K 174 -19.24 -18.22 0.15
N TYR K 175 -20.18 -17.34 0.47
CA TYR K 175 -21.47 -17.79 0.98
C TYR K 175 -22.32 -18.41 -0.12
N GLU K 176 -22.17 -17.94 -1.36
CA GLU K 176 -22.89 -18.57 -2.45
C GLU K 176 -22.20 -19.82 -2.97
N ASN K 177 -20.93 -19.69 -3.35
CA ASN K 177 -20.22 -20.75 -4.04
C ASN K 177 -19.92 -21.94 -3.14
N HIS K 178 -19.37 -21.71 -1.96
CA HIS K 178 -18.84 -22.79 -1.16
C HIS K 178 -19.86 -23.42 -0.24
N ILE K 179 -21.01 -22.78 -0.02
CA ILE K 179 -22.05 -23.31 0.83
C ILE K 179 -23.12 -23.88 -0.10
N LYS K 180 -22.97 -25.15 -0.43
CA LYS K 180 -23.86 -25.92 -1.27
C LYS K 180 -23.65 -27.38 -0.87
N PRO K 181 -24.49 -27.94 -0.01
CA PRO K 181 -24.28 -29.31 0.47
C PRO K 181 -24.50 -30.33 -0.63
N ILE K 182 -23.69 -31.37 -0.63
CA ILE K 182 -23.89 -32.48 -1.55
C ILE K 182 -24.96 -33.38 -0.97
N ILE K 183 -25.72 -34.03 -1.84
CA ILE K 183 -26.83 -34.86 -1.40
C ILE K 183 -26.77 -36.26 -2.01
N SER K 184 -26.11 -36.39 -3.16
CA SER K 184 -26.02 -37.65 -3.90
C SER K 184 -25.03 -37.46 -5.03
N THR K 185 -24.77 -38.55 -5.73
CA THR K 185 -24.08 -38.49 -7.01
C THR K 185 -25.06 -38.80 -8.13
N THR K 186 -24.66 -38.47 -9.35
CA THR K 186 -25.50 -38.79 -10.51
C THR K 186 -25.44 -40.27 -10.85
N LEU K 187 -24.47 -41.00 -10.30
CA LEU K 187 -24.45 -42.44 -10.53
C LEU K 187 -25.57 -43.12 -9.76
N PHE K 188 -25.66 -42.89 -8.44
CA PHE K 188 -26.70 -43.56 -7.69
C PHE K 188 -28.03 -42.86 -7.76
N ASN K 189 -28.10 -41.64 -8.29
CA ASN K 189 -29.41 -41.08 -8.60
C ASN K 189 -30.02 -41.81 -9.79
N GLN K 190 -29.21 -42.07 -10.81
CA GLN K 190 -29.70 -42.81 -11.96
C GLN K 190 -29.80 -44.30 -11.66
N LEU K 191 -28.97 -44.80 -10.74
CA LEU K 191 -29.06 -46.21 -10.37
C LEU K 191 -30.31 -46.48 -9.55
N ASN K 192 -30.72 -45.53 -8.72
CA ASN K 192 -31.91 -45.75 -7.90
C ASN K 192 -33.16 -45.19 -8.58
N LYS K 193 -33.08 -44.91 -9.88
CA LYS K 193 -34.27 -44.42 -10.58
C LYS K 193 -34.92 -45.50 -11.43
N CYS K 194 -34.14 -46.29 -12.16
CA CYS K 194 -34.75 -47.29 -13.03
C CYS K 194 -35.30 -48.47 -12.23
N LYS K 195 -34.84 -48.65 -10.99
CA LYS K 195 -35.50 -49.57 -10.08
C LYS K 195 -36.28 -48.77 -9.04
N ILE K 272 -41.70 -33.97 -12.24
CA ILE K 272 -41.99 -33.24 -13.46
C ILE K 272 -41.15 -31.97 -13.52
N ASN K 273 -41.04 -31.27 -12.39
CA ASN K 273 -40.32 -30.01 -12.33
C ASN K 273 -38.81 -30.26 -12.35
N THR K 274 -38.09 -29.44 -13.11
CA THR K 274 -36.64 -29.56 -13.16
C THR K 274 -35.94 -28.69 -12.13
N ASP K 275 -36.72 -27.99 -11.30
CA ASP K 275 -36.14 -27.03 -10.37
C ASP K 275 -35.86 -27.68 -9.02
N ASN K 276 -36.64 -28.68 -8.65
CA ASN K 276 -36.44 -29.38 -7.39
C ASN K 276 -35.52 -30.57 -7.59
N SER K 277 -34.70 -30.86 -6.58
CA SER K 277 -33.77 -31.97 -6.67
C SER K 277 -34.49 -33.30 -6.50
N TYR K 278 -34.30 -34.20 -7.48
CA TYR K 278 -34.88 -35.53 -7.36
C TYR K 278 -34.28 -36.37 -6.22
N PRO K 279 -33.00 -36.26 -5.85
CA PRO K 279 -32.59 -36.84 -4.57
C PRO K 279 -33.31 -36.26 -3.37
N LEU K 280 -33.62 -34.97 -3.40
CA LEU K 280 -34.41 -34.40 -2.33
C LEU K 280 -35.87 -34.82 -2.43
N LEU K 281 -36.42 -34.84 -3.64
CA LEU K 281 -37.82 -35.18 -3.82
C LEU K 281 -38.10 -36.66 -3.54
N TYR K 282 -37.12 -37.53 -3.78
CA TYR K 282 -37.24 -38.92 -3.36
C TYR K 282 -37.23 -39.03 -1.84
N LEU K 283 -36.53 -38.13 -1.17
CA LEU K 283 -36.38 -38.23 0.27
C LEU K 283 -37.64 -37.79 0.99
N LEU K 284 -38.23 -36.68 0.57
CA LEU K 284 -39.44 -36.18 1.23
C LEU K 284 -40.64 -37.05 0.91
N SER K 285 -40.70 -37.61 -0.31
CA SER K 285 -41.78 -38.53 -0.66
C SER K 285 -41.69 -39.83 0.14
N LYS K 286 -40.48 -40.22 0.54
CA LYS K 286 -40.32 -41.39 1.39
C LYS K 286 -40.83 -41.11 2.79
N GLU K 287 -40.75 -39.85 3.23
CA GLU K 287 -41.22 -39.50 4.57
C GLU K 287 -42.71 -39.25 4.58
N LEU K 288 -43.25 -38.68 3.50
CA LEU K 288 -44.66 -38.35 3.44
C LEU K 288 -45.53 -39.46 2.88
N ASN K 289 -44.91 -40.51 2.32
CA ASN K 289 -45.59 -41.65 1.68
C ASN K 289 -46.54 -41.17 0.58
N CYS K 290 -45.94 -40.55 -0.43
CA CYS K 290 -46.67 -40.12 -1.61
C CYS K 290 -45.68 -40.11 -2.78
N LYS K 291 -46.16 -39.66 -3.93
CA LYS K 291 -45.26 -39.53 -5.07
C LYS K 291 -44.41 -38.26 -4.91
N GLU K 292 -43.26 -38.27 -5.59
CA GLU K 292 -42.42 -37.08 -5.62
C GLU K 292 -43.04 -35.95 -6.42
N GLU K 293 -43.94 -36.30 -7.35
CA GLU K 293 -44.63 -35.29 -8.15
C GLU K 293 -45.71 -34.56 -7.37
N ASP K 294 -46.09 -35.10 -6.20
CA ASP K 294 -47.06 -34.40 -5.36
C ASP K 294 -46.40 -33.34 -4.48
N ILE K 295 -45.08 -33.38 -4.32
CA ILE K 295 -44.40 -32.38 -3.49
C ILE K 295 -44.33 -31.08 -4.28
N LEU K 296 -44.98 -30.04 -3.76
CA LEU K 296 -45.08 -28.77 -4.47
C LEU K 296 -43.95 -27.82 -4.14
N ASP K 297 -43.83 -27.41 -2.88
CA ASP K 297 -42.77 -26.54 -2.40
C ASP K 297 -42.72 -26.66 -0.89
N PHE K 298 -41.59 -26.28 -0.31
CA PHE K 298 -41.35 -26.55 1.09
C PHE K 298 -40.43 -25.49 1.67
N GLU K 299 -40.57 -25.27 2.98
CA GLU K 299 -39.65 -24.44 3.73
C GLU K 299 -38.88 -25.35 4.67
N LEU K 300 -37.73 -25.83 4.22
CA LEU K 300 -36.95 -26.81 4.95
C LEU K 300 -35.68 -26.17 5.49
N CYS K 301 -35.31 -26.54 6.70
CA CYS K 301 -34.10 -26.04 7.34
C CYS K 301 -33.16 -27.21 7.57
N LEU K 302 -31.89 -27.02 7.24
CA LEU K 302 -30.90 -28.03 7.51
C LEU K 302 -30.57 -28.02 9.00
N MET K 303 -30.52 -29.20 9.60
CA MET K 303 -30.17 -29.32 11.01
C MET K 303 -29.07 -30.36 11.14
N ASP K 304 -28.38 -30.33 12.27
CA ASP K 304 -27.37 -31.34 12.53
C ASP K 304 -27.99 -32.55 13.19
N THR K 305 -27.75 -33.73 12.61
CA THR K 305 -28.38 -34.96 13.07
C THR K 305 -27.85 -35.47 14.40
N GLN K 306 -26.73 -34.92 14.87
CA GLN K 306 -26.18 -35.36 16.15
C GLN K 306 -27.07 -34.88 17.28
N GLU K 307 -27.49 -35.82 18.13
CA GLU K 307 -28.36 -35.49 19.24
C GLU K 307 -27.63 -34.65 20.28
N PRO K 308 -28.32 -33.72 20.92
CA PRO K 308 -27.72 -32.98 22.04
C PRO K 308 -27.39 -33.91 23.20
N CYS K 309 -26.38 -33.51 23.97
CA CYS K 309 -25.90 -34.38 25.03
C CYS K 309 -25.24 -33.55 26.13
N PHE K 310 -25.26 -34.10 27.34
CA PHE K 310 -24.50 -33.55 28.46
C PHE K 310 -23.02 -33.79 28.24
N THR K 311 -22.24 -32.72 28.36
CA THR K 311 -20.80 -32.82 28.14
C THR K 311 -20.03 -32.25 29.32
N GLY K 312 -18.71 -32.23 29.16
CA GLY K 312 -17.79 -32.05 30.25
C GLY K 312 -17.47 -33.38 30.90
N VAL K 313 -16.47 -33.35 31.80
CA VAL K 313 -16.13 -34.56 32.55
C VAL K 313 -17.24 -34.88 33.54
N TYR K 314 -17.77 -33.86 34.20
CA TYR K 314 -18.78 -34.05 35.23
C TYR K 314 -20.20 -34.00 34.68
N GLU K 315 -20.37 -34.14 33.36
CA GLU K 315 -21.64 -34.01 32.64
C GLU K 315 -22.33 -32.70 32.99
N GLU K 316 -21.57 -31.62 32.87
CA GLU K 316 -21.94 -30.35 33.46
C GLU K 316 -22.35 -29.30 32.46
N PHE K 317 -22.18 -29.56 31.18
CA PHE K 317 -22.61 -28.65 30.15
C PHE K 317 -23.74 -29.26 29.36
N ILE K 318 -24.34 -28.45 28.48
CA ILE K 318 -25.28 -28.94 27.49
C ILE K 318 -24.90 -28.34 26.15
N GLU K 319 -25.07 -29.11 25.08
CA GLU K 319 -24.82 -28.66 23.72
C GLU K 319 -25.53 -29.61 22.78
N GLY K 320 -26.37 -29.11 21.90
CA GLY K 320 -26.43 -29.86 20.66
C GLY K 320 -26.52 -29.10 19.36
N ALA K 321 -27.38 -28.09 19.35
CA ALA K 321 -27.79 -27.34 18.18
C ALA K 321 -28.81 -26.34 18.64
N ARG K 322 -28.91 -25.22 17.91
CA ARG K 322 -30.04 -24.30 17.93
C ARG K 322 -30.29 -23.69 19.30
N PHE K 323 -29.27 -23.71 20.17
CA PHE K 323 -29.43 -23.21 21.53
C PHE K 323 -29.59 -21.70 21.61
N ASP K 324 -29.47 -20.99 20.49
CA ASP K 324 -29.83 -19.58 20.43
C ASP K 324 -31.35 -19.51 20.54
N ASN K 325 -31.79 -19.44 21.79
CA ASN K 325 -33.16 -19.22 22.23
C ASN K 325 -34.13 -20.30 21.82
N LEU K 326 -33.66 -21.49 21.47
CA LEU K 326 -34.58 -22.61 21.54
C LEU K 326 -34.41 -23.33 22.86
N LEU K 327 -33.22 -23.25 23.43
CA LEU K 327 -33.05 -23.55 24.84
C LEU K 327 -33.62 -22.42 25.69
N GLY K 328 -33.43 -21.18 25.26
CA GLY K 328 -33.91 -20.05 26.04
C GLY K 328 -35.40 -19.91 26.05
N SER K 329 -36.07 -20.18 24.91
CA SER K 329 -37.52 -20.11 24.89
C SER K 329 -38.15 -21.37 25.45
N PHE K 330 -37.39 -22.45 25.60
CA PHE K 330 -37.86 -23.54 26.43
C PHE K 330 -38.05 -23.08 27.86
N CYS K 331 -37.06 -22.38 28.42
CA CYS K 331 -37.17 -21.83 29.76
C CYS K 331 -38.24 -20.75 29.87
N VAL K 332 -38.58 -20.10 28.75
CA VAL K 332 -39.71 -19.18 28.74
C VAL K 332 -41.00 -19.95 28.95
N PHE K 333 -41.16 -21.07 28.25
CA PHE K 333 -42.41 -21.82 28.37
C PHE K 333 -42.38 -22.80 29.53
N GLU K 334 -41.20 -23.31 29.91
CA GLU K 334 -41.12 -24.14 31.10
C GLU K 334 -41.32 -23.30 32.36
N GLY K 335 -40.84 -22.05 32.34
CA GLY K 335 -41.18 -21.13 33.41
C GLY K 335 -42.63 -20.71 33.38
N PHE K 336 -43.26 -20.75 32.21
CA PHE K 336 -44.67 -20.41 32.09
C PHE K 336 -45.56 -21.57 32.52
N ILE K 337 -45.13 -22.80 32.21
CA ILE K 337 -45.90 -23.98 32.59
C ILE K 337 -45.90 -24.15 34.10
N GLU K 338 -44.77 -23.91 34.75
CA GLU K 338 -44.67 -24.03 36.20
C GLU K 338 -45.46 -22.93 36.91
N LEU K 339 -45.66 -21.79 36.24
CA LEU K 339 -46.53 -20.76 36.79
C LEU K 339 -47.98 -21.22 36.79
N VAL K 340 -48.48 -21.68 35.64
CA VAL K 340 -49.87 -22.07 35.50
C VAL K 340 -50.17 -23.28 36.39
N ASN K 341 -49.21 -24.18 36.53
CA ASN K 341 -49.37 -25.29 37.46
C ASN K 341 -49.34 -24.81 38.91
N SER K 342 -48.69 -23.68 39.18
CA SER K 342 -48.74 -23.13 40.53
C SER K 342 -50.03 -22.38 40.76
N ILE K 343 -50.68 -21.92 39.70
CA ILE K 343 -51.97 -21.24 39.84
C ILE K 343 -53.09 -22.26 39.99
N LYS K 344 -53.06 -23.33 39.20
CA LYS K 344 -54.14 -24.31 39.24
C LYS K 344 -54.05 -25.20 40.47
N ASN K 345 -52.83 -25.57 40.88
CA ASN K 345 -52.69 -26.41 42.06
C ASN K 345 -52.60 -25.55 43.32
N HIS K 346 -52.85 -26.22 44.46
CA HIS K 346 -52.90 -25.62 45.80
C HIS K 346 -53.94 -24.51 45.90
N THR K 347 -55.04 -24.65 45.16
CA THR K 347 -56.20 -23.75 45.28
C THR K 347 -57.48 -24.56 45.40
N ASN K 363 -51.53 -14.49 47.56
CA ASN K 363 -52.34 -15.49 46.86
C ASN K 363 -53.45 -14.81 46.06
N ASP K 364 -53.68 -13.54 46.34
CA ASP K 364 -54.71 -12.81 45.62
C ASP K 364 -54.16 -12.15 44.36
N ASN K 365 -52.87 -11.85 44.33
CA ASN K 365 -52.32 -11.11 43.20
C ASN K 365 -51.78 -12.06 42.13
N ILE K 366 -51.75 -13.37 42.42
CA ILE K 366 -51.35 -14.32 41.39
C ILE K 366 -52.46 -14.53 40.37
N HIS K 367 -53.71 -14.33 40.77
CA HIS K 367 -54.85 -14.45 39.86
C HIS K 367 -55.23 -13.13 39.23
N ASN K 368 -54.33 -12.16 39.23
CA ASN K 368 -54.67 -10.77 38.97
C ASN K 368 -54.07 -10.30 37.66
N ASN K 369 -53.39 -11.18 36.94
CA ASN K 369 -52.58 -10.77 35.82
C ASN K 369 -52.89 -11.61 34.58
N LEU K 370 -52.47 -11.09 33.44
CA LEU K 370 -52.49 -11.81 32.18
C LEU K 370 -51.07 -12.21 31.84
N TYR K 371 -50.75 -13.49 32.03
CA TYR K 371 -49.41 -13.99 31.80
C TYR K 371 -49.32 -14.52 30.39
N ILE K 372 -48.62 -13.80 29.52
CA ILE K 372 -48.46 -14.19 28.13
C ILE K 372 -47.05 -14.73 27.96
N SER K 373 -46.90 -15.76 27.14
CA SER K 373 -45.61 -16.35 26.83
C SER K 373 -45.58 -16.60 25.33
N ILE K 374 -44.82 -15.79 24.61
CA ILE K 374 -44.86 -15.81 23.15
C ILE K 374 -43.48 -16.17 22.61
N GLY K 375 -43.47 -17.12 21.68
CA GLY K 375 -42.26 -17.49 20.98
C GLY K 375 -42.26 -16.96 19.56
N TYR K 376 -41.43 -15.95 19.31
CA TYR K 376 -41.44 -15.24 18.05
C TYR K 376 -40.68 -16.01 16.97
N ASP K 377 -40.82 -15.52 15.75
CA ASP K 377 -40.06 -16.04 14.63
C ASP K 377 -39.26 -14.91 14.03
N HIS K 378 -38.31 -15.30 13.17
CA HIS K 378 -37.59 -14.39 12.28
C HIS K 378 -36.75 -13.35 13.03
N GLU K 379 -36.28 -13.70 14.22
CA GLU K 379 -35.41 -12.79 14.96
C GLU K 379 -34.07 -12.59 14.29
N GLU K 380 -33.51 -13.65 13.71
CA GLU K 380 -32.14 -13.62 13.18
C GLU K 380 -32.00 -12.70 11.99
N ILE K 381 -33.10 -12.31 11.36
CA ILE K 381 -33.09 -11.47 10.18
C ILE K 381 -33.68 -10.09 10.47
N GLY K 382 -34.08 -9.83 11.70
CA GLY K 382 -34.50 -8.50 12.10
C GLY K 382 -35.96 -8.34 12.45
N SER K 383 -36.72 -9.44 12.58
CA SER K 383 -38.10 -9.48 13.09
C SER K 383 -39.09 -8.73 12.21
N LEU K 384 -38.70 -8.32 11.02
CA LEU K 384 -39.61 -7.63 10.11
C LEU K 384 -40.35 -8.71 9.33
N SER K 385 -41.44 -9.21 9.91
CA SER K 385 -42.21 -10.28 9.30
C SER K 385 -43.62 -10.26 9.87
N GLU K 386 -44.48 -11.12 9.33
CA GLU K 386 -45.85 -11.21 9.81
C GLU K 386 -45.93 -11.99 11.12
N VAL K 387 -44.90 -12.76 11.44
CA VAL K 387 -44.84 -13.52 12.67
C VAL K 387 -43.65 -13.10 13.52
N GLY K 388 -42.98 -12.02 13.13
CA GLY K 388 -41.85 -11.53 13.87
C GLY K 388 -42.26 -10.67 15.05
N ALA K 389 -41.25 -10.06 15.67
CA ALA K 389 -41.51 -9.21 16.82
C ALA K 389 -42.03 -7.85 16.41
N ARG K 390 -41.65 -7.39 15.22
CA ARG K 390 -42.14 -6.12 14.70
C ARG K 390 -43.54 -6.23 14.11
N SER K 391 -44.12 -7.43 14.13
CA SER K 391 -45.46 -7.65 13.62
C SER K 391 -46.50 -7.01 14.54
N TYR K 392 -47.71 -6.86 14.01
CA TYR K 392 -48.88 -6.49 14.79
C TYR K 392 -49.53 -7.69 15.44
N CYS K 393 -48.91 -8.88 15.38
CA CYS K 393 -49.56 -10.09 15.85
C CYS K 393 -49.75 -10.06 17.36
N THR K 394 -48.72 -9.69 18.12
CA THR K 394 -48.83 -9.68 19.57
C THR K 394 -49.71 -8.55 20.05
N LYS K 395 -49.63 -7.40 19.39
CA LYS K 395 -50.45 -6.26 19.79
C LYS K 395 -51.91 -6.51 19.51
N ASN K 396 -52.22 -7.24 18.44
CA ASN K 396 -53.59 -7.60 18.19
C ASN K 396 -54.04 -8.74 19.09
N PHE K 397 -53.11 -9.58 19.55
CA PHE K 397 -53.49 -10.67 20.45
C PHE K 397 -53.96 -10.13 21.80
N ILE K 398 -53.25 -9.13 22.33
CA ILE K 398 -53.66 -8.55 23.61
C ILE K 398 -54.94 -7.76 23.45
N ASP K 399 -55.12 -7.09 22.32
CA ASP K 399 -56.36 -6.35 22.07
C ASP K 399 -57.50 -7.29 21.73
N ARG K 400 -57.21 -8.56 21.47
CA ARG K 400 -58.27 -9.56 21.35
C ARG K 400 -58.55 -10.23 22.69
N ILE K 401 -57.55 -10.33 23.56
CA ILE K 401 -57.78 -10.88 24.89
C ILE K 401 -58.57 -9.89 25.73
N ILE K 402 -58.20 -8.61 25.67
CA ILE K 402 -58.90 -7.56 26.40
C ILE K 402 -60.33 -7.41 25.91
N SER K 403 -60.54 -7.55 24.60
CA SER K 403 -61.89 -7.43 24.06
C SER K 403 -62.76 -8.64 24.38
N SER K 404 -62.17 -9.81 24.56
CA SER K 404 -62.97 -11.01 24.78
C SER K 404 -63.19 -11.26 26.26
N VAL K 405 -62.19 -10.95 27.09
CA VAL K 405 -62.36 -11.08 28.53
C VAL K 405 -63.29 -10.00 29.06
N PHE K 406 -63.01 -8.74 28.72
CA PHE K 406 -63.86 -7.64 29.14
C PHE K 406 -64.87 -7.30 28.04
N LYS K 407 -65.56 -8.33 27.58
CA LYS K 407 -66.59 -8.14 26.56
C LYS K 407 -67.80 -7.45 27.16
N LYS K 408 -68.09 -7.73 28.43
CA LYS K 408 -69.32 -7.24 29.02
C LYS K 408 -69.15 -5.86 29.64
N GLU K 409 -67.93 -5.49 30.02
CA GLU K 409 -67.78 -4.20 30.69
C GLU K 409 -67.45 -3.07 29.73
N ILE K 410 -67.19 -3.36 28.45
CA ILE K 410 -67.07 -2.31 27.45
C ILE K 410 -68.41 -1.61 27.24
N HIS K 411 -69.49 -2.39 27.17
CA HIS K 411 -70.80 -1.89 26.75
C HIS K 411 -71.47 -0.96 27.75
N GLU K 412 -71.32 -1.22 29.06
CA GLU K 412 -72.23 -0.61 30.03
C GLU K 412 -71.52 0.35 30.97
N LYS K 413 -70.18 0.38 30.96
CA LYS K 413 -69.51 1.55 31.54
C LYS K 413 -68.62 2.25 30.52
N ASN K 414 -68.80 1.95 29.24
CA ASN K 414 -68.38 2.79 28.10
C ASN K 414 -66.86 2.93 28.00
N LEU K 415 -66.17 1.88 28.42
CA LEU K 415 -64.73 1.82 28.26
C LEU K 415 -64.38 1.47 26.82
N SER K 416 -63.11 1.71 26.47
CA SER K 416 -62.58 1.33 25.17
C SER K 416 -61.45 0.35 25.36
N VAL K 417 -61.02 -0.25 24.25
CA VAL K 417 -59.90 -1.19 24.31
C VAL K 417 -58.60 -0.46 24.63
N GLN K 418 -58.36 0.66 23.95
CA GLN K 418 -57.13 1.42 24.16
C GLN K 418 -57.10 2.11 25.53
N GLU K 419 -58.27 2.44 26.07
CA GLU K 419 -58.34 2.87 27.47
C GLU K 419 -57.95 1.75 28.42
N ILE K 420 -58.43 0.54 28.16
CA ILE K 420 -58.14 -0.59 29.06
C ILE K 420 -56.72 -1.09 28.82
N TYR K 421 -56.27 -1.07 27.57
CA TYR K 421 -54.91 -1.54 27.28
C TYR K 421 -53.87 -0.59 27.83
N GLY K 422 -54.08 0.72 27.68
CA GLY K 422 -53.16 1.68 28.27
C GLY K 422 -53.25 1.75 29.78
N ASN K 423 -54.34 1.24 30.35
CA ASN K 423 -54.43 1.15 31.80
C ASN K 423 -53.53 0.05 32.33
N LEU K 424 -53.47 -1.08 31.63
CA LEU K 424 -52.67 -2.22 32.05
C LEU K 424 -51.21 -2.10 31.64
N VAL K 425 -50.88 -1.14 30.76
CA VAL K 425 -49.51 -0.98 30.29
C VAL K 425 -48.62 -0.37 31.35
N ASN K 426 -49.20 0.40 32.28
CA ASN K 426 -48.42 0.98 33.37
C ASN K 426 -47.93 -0.08 34.35
N ARG K 427 -48.65 -1.19 34.47
CA ARG K 427 -48.29 -2.28 35.38
C ARG K 427 -47.68 -3.44 34.62
N SER K 428 -47.47 -3.27 33.32
CA SER K 428 -47.04 -4.34 32.45
C SER K 428 -45.52 -4.46 32.46
N PHE K 429 -45.04 -5.58 31.92
CA PHE K 429 -43.61 -5.82 31.79
C PHE K 429 -43.36 -6.81 30.67
N ILE K 430 -42.15 -6.74 30.12
CA ILE K 430 -41.69 -7.65 29.08
C ILE K 430 -40.40 -8.29 29.56
N LEU K 431 -40.35 -9.62 29.58
CA LEU K 431 -39.16 -10.36 29.95
C LEU K 431 -38.61 -11.00 28.69
N ASN K 432 -37.71 -10.32 28.00
CA ASN K 432 -37.14 -10.88 26.79
C ASN K 432 -36.00 -11.79 27.17
N VAL K 433 -36.06 -13.02 26.70
CA VAL K 433 -35.05 -14.04 26.99
C VAL K 433 -34.37 -14.41 25.69
N ASP K 434 -33.07 -14.16 25.63
CA ASP K 434 -32.23 -14.57 24.52
C ASP K 434 -30.83 -14.78 25.08
N MET K 435 -30.09 -15.69 24.47
CA MET K 435 -28.82 -16.13 25.00
C MET K 435 -27.78 -15.01 24.97
N ALA K 436 -26.78 -15.15 25.83
CA ALA K 436 -25.77 -14.14 26.02
C ALA K 436 -24.39 -14.76 25.91
N HIS K 437 -23.39 -13.91 25.73
CA HIS K 437 -22.04 -14.35 25.45
C HIS K 437 -21.31 -14.61 26.75
N CYS K 438 -21.03 -15.89 27.03
CA CYS K 438 -20.16 -16.23 28.13
C CYS K 438 -18.75 -15.75 27.86
N SER K 439 -17.98 -15.54 28.92
CA SER K 439 -16.61 -15.09 28.78
C SER K 439 -15.77 -16.19 28.15
N HIS K 440 -15.36 -15.97 26.91
CA HIS K 440 -14.58 -16.97 26.20
C HIS K 440 -13.17 -16.96 26.75
N PRO K 441 -12.62 -18.11 27.15
CA PRO K 441 -11.25 -18.10 27.67
C PRO K 441 -10.21 -17.93 26.59
N ASN K 442 -10.53 -18.30 25.35
CA ASN K 442 -9.55 -18.22 24.28
C ASN K 442 -9.58 -16.85 23.59
N TYR K 443 -10.54 -16.01 23.94
CA TYR K 443 -10.67 -14.67 23.35
C TYR K 443 -10.88 -13.66 24.47
N PRO K 444 -9.83 -13.29 25.21
CA PRO K 444 -10.00 -12.33 26.30
C PRO K 444 -10.08 -10.87 25.86
N GLU K 445 -9.91 -10.59 24.56
CA GLU K 445 -9.95 -9.23 24.05
C GLU K 445 -11.35 -8.80 23.61
N THR K 446 -12.31 -9.73 23.58
CA THR K 446 -13.67 -9.41 23.19
C THR K 446 -14.62 -9.32 24.36
N VAL K 447 -14.11 -9.30 25.58
CA VAL K 447 -14.95 -9.29 26.77
C VAL K 447 -14.74 -7.98 27.51
N GLN K 448 -15.81 -7.50 28.14
CA GLN K 448 -15.70 -6.39 29.07
C GLN K 448 -14.95 -6.87 30.31
N ASP K 449 -14.31 -5.94 31.01
CA ASP K 449 -13.54 -6.35 32.18
C ASP K 449 -14.47 -6.61 33.37
N ASN K 450 -15.42 -5.71 33.62
CA ASN K 450 -16.29 -5.83 34.78
C ASN K 450 -17.54 -6.65 34.50
N HIS K 451 -18.12 -6.52 33.32
CA HIS K 451 -19.35 -7.22 32.96
C HIS K 451 -18.96 -8.50 32.24
N GLN K 452 -18.63 -9.52 33.01
CA GLN K 452 -18.26 -10.81 32.45
C GLN K 452 -19.34 -11.82 32.80
N LEU K 453 -19.48 -12.84 31.97
CA LEU K 453 -20.43 -13.91 32.21
C LEU K 453 -19.67 -15.22 32.31
N PHE K 454 -19.93 -15.99 33.34
CA PHE K 454 -19.33 -17.29 33.48
C PHE K 454 -20.42 -18.35 33.61
N PHE K 455 -20.05 -19.59 33.35
CA PHE K 455 -20.99 -20.69 33.43
C PHE K 455 -21.36 -20.97 34.86
N HIS K 456 -22.62 -21.39 35.06
CA HIS K 456 -23.23 -21.70 36.36
C HIS K 456 -23.20 -20.51 37.33
N GLU K 457 -23.09 -19.28 36.83
CA GLU K 457 -22.95 -18.14 37.71
C GLU K 457 -24.24 -17.37 37.83
N GLY K 458 -25.18 -17.63 36.94
CA GLY K 458 -26.50 -17.06 37.05
C GLY K 458 -27.02 -16.60 35.71
N ILE K 459 -28.20 -15.99 35.75
CA ILE K 459 -28.79 -15.39 34.57
C ILE K 459 -27.99 -14.16 34.18
N ALA K 460 -27.76 -13.99 32.88
CA ALA K 460 -27.27 -12.70 32.42
C ALA K 460 -28.40 -11.70 32.49
N ILE K 461 -28.05 -10.46 32.78
CA ILE K 461 -28.97 -9.33 32.66
C ILE K 461 -28.29 -8.39 31.69
N LYS K 462 -28.71 -8.43 30.43
CA LYS K 462 -27.95 -7.81 29.37
C LYS K 462 -28.29 -6.34 29.26
N TYR K 463 -27.29 -5.49 29.52
CA TYR K 463 -27.43 -4.05 29.36
C TYR K 463 -26.76 -3.64 28.06
N ASN K 464 -27.11 -2.45 27.57
CA ASN K 464 -26.48 -1.96 26.36
C ASN K 464 -26.40 -0.45 26.37
N THR K 465 -25.42 0.07 25.62
CA THR K 465 -25.31 1.48 25.35
C THR K 465 -26.49 1.99 24.54
N ASN K 466 -26.72 1.39 23.37
CA ASN K 466 -27.65 1.89 22.38
C ASN K 466 -29.04 1.30 22.51
N LYS K 467 -29.35 0.67 23.65
CA LYS K 467 -30.58 -0.07 23.92
C LYS K 467 -30.87 -1.12 22.85
N ASN K 468 -29.84 -1.81 22.37
CA ASN K 468 -30.07 -3.05 21.65
C ASN K 468 -30.70 -4.09 22.55
N TYR K 469 -30.35 -4.08 23.82
CA TYR K 469 -31.10 -4.75 24.87
C TYR K 469 -31.91 -3.72 25.63
N VAL K 470 -33.17 -4.07 25.94
CA VAL K 470 -34.12 -3.09 26.48
C VAL K 470 -33.98 -2.90 27.98
N THR K 471 -32.95 -3.48 28.60
CA THR K 471 -32.79 -3.39 30.04
C THR K 471 -32.46 -1.98 30.49
N SER K 472 -33.35 -1.40 31.30
CA SER K 472 -33.11 -0.17 32.01
C SER K 472 -32.75 -0.50 33.45
N PRO K 473 -31.89 0.31 34.08
CA PRO K 473 -31.48 0.00 35.46
C PRO K 473 -32.58 0.13 36.49
N LEU K 474 -33.69 0.81 36.19
CA LEU K 474 -34.86 0.71 37.06
C LEU K 474 -35.51 -0.66 36.91
N HIS K 475 -35.71 -1.09 35.67
CA HIS K 475 -36.55 -2.23 35.42
C HIS K 475 -35.82 -3.55 35.61
N ALA K 476 -34.50 -3.51 35.73
CA ALA K 476 -33.78 -4.68 36.22
C ALA K 476 -33.77 -4.72 37.73
N SER K 477 -33.96 -3.58 38.38
CA SER K 477 -34.01 -3.55 39.83
C SER K 477 -35.29 -4.16 40.36
N LEU K 478 -36.36 -4.10 39.58
CA LEU K 478 -37.60 -4.76 39.97
C LEU K 478 -37.47 -6.27 39.82
N ILE K 479 -36.74 -6.72 38.79
CA ILE K 479 -36.63 -8.14 38.52
C ILE K 479 -35.66 -8.79 39.50
N LYS K 480 -34.62 -8.08 39.91
CA LYS K 480 -33.73 -8.58 40.94
C LYS K 480 -34.44 -8.68 42.29
N ARG K 481 -35.51 -7.90 42.49
CA ARG K 481 -36.29 -8.05 43.71
C ARG K 481 -37.33 -9.16 43.59
N THR K 482 -37.69 -9.54 42.36
CA THR K 482 -38.47 -10.76 42.19
C THR K 482 -37.61 -11.98 42.44
N PHE K 483 -36.30 -11.88 42.20
CA PHE K 483 -35.41 -12.99 42.51
C PHE K 483 -35.17 -13.10 44.00
N GLU K 484 -35.31 -11.98 44.73
CA GLU K 484 -35.15 -12.01 46.17
C GLU K 484 -36.42 -12.48 46.86
N LEU K 485 -37.58 -12.21 46.27
CA LEU K 485 -38.83 -12.74 46.81
C LEU K 485 -38.95 -14.23 46.53
N TYR K 486 -38.26 -14.72 45.49
CA TYR K 486 -38.16 -16.16 45.29
C TYR K 486 -37.31 -16.81 46.38
N TYR K 487 -36.25 -16.12 46.81
CA TYR K 487 -35.36 -16.70 47.82
C TYR K 487 -36.02 -16.74 49.19
N ASN K 488 -36.97 -15.85 49.45
CA ASN K 488 -37.63 -15.82 50.75
C ASN K 488 -38.69 -16.91 50.87
N LYS K 489 -39.21 -17.39 49.75
CA LYS K 489 -40.29 -18.37 49.78
C LYS K 489 -39.78 -19.79 49.52
N TYR K 490 -38.90 -19.95 48.54
CA TYR K 490 -38.47 -21.27 48.12
C TYR K 490 -37.10 -21.64 48.65
N LYS K 491 -36.39 -20.70 49.27
CA LYS K 491 -35.06 -20.89 49.88
C LYS K 491 -34.03 -21.40 48.86
N GLN K 492 -34.19 -20.97 47.61
CA GLN K 492 -33.30 -21.35 46.53
C GLN K 492 -32.91 -20.07 45.80
N GLN K 493 -31.63 -19.72 45.85
CA GLN K 493 -31.18 -18.46 45.31
C GLN K 493 -31.14 -18.49 43.80
N ILE K 494 -31.74 -17.48 43.18
CA ILE K 494 -31.63 -17.24 41.75
C ILE K 494 -30.47 -16.29 41.55
N LYS K 495 -29.35 -16.81 41.05
CA LYS K 495 -28.17 -16.00 40.85
C LYS K 495 -28.32 -15.23 39.54
N TYR K 496 -27.70 -14.05 39.50
CA TYR K 496 -27.72 -13.21 38.32
C TYR K 496 -26.37 -12.55 38.16
N GLN K 497 -26.13 -12.02 36.97
CA GLN K 497 -24.88 -11.32 36.67
C GLN K 497 -25.14 -10.35 35.54
N ASN K 498 -24.65 -9.14 35.68
CA ASN K 498 -24.90 -8.13 34.67
C ASN K 498 -23.96 -8.31 33.49
N PHE K 499 -24.52 -8.22 32.29
CA PHE K 499 -23.75 -8.37 31.07
C PHE K 499 -23.83 -7.10 30.25
N MET K 500 -22.68 -6.66 29.76
CA MET K 500 -22.58 -5.47 28.93
C MET K 500 -21.42 -5.66 27.96
N VAL K 501 -21.68 -5.40 26.70
CA VAL K 501 -20.65 -5.50 25.66
C VAL K 501 -19.77 -4.27 25.78
N LYS K 502 -18.57 -4.34 25.21
CA LYS K 502 -17.65 -3.22 25.24
C LYS K 502 -18.20 -2.04 24.43
N ASN K 503 -17.72 -0.84 24.77
CA ASN K 503 -18.24 0.37 24.13
C ASN K 503 -17.81 0.47 22.68
N ASP K 504 -16.62 -0.02 22.33
CA ASP K 504 -16.15 0.07 20.96
C ASP K 504 -16.75 -1.03 20.08
N THR K 505 -16.93 -2.23 20.63
CA THR K 505 -17.48 -3.30 19.81
C THR K 505 -18.99 -3.16 19.71
N PRO K 506 -19.57 -3.44 18.54
CA PRO K 506 -21.03 -3.49 18.43
C PRO K 506 -21.54 -4.87 18.81
N CYS K 507 -22.82 -4.92 19.15
CA CYS K 507 -23.48 -6.18 19.49
C CYS K 507 -24.80 -6.26 18.75
N GLY K 508 -25.29 -7.48 18.56
CA GLY K 508 -26.53 -7.68 17.84
C GLY K 508 -27.73 -7.32 18.69
N SER K 509 -28.68 -6.65 18.07
CA SER K 509 -29.91 -6.28 18.75
C SER K 509 -30.80 -7.49 18.92
N THR K 510 -31.68 -7.42 19.91
CA THR K 510 -32.63 -8.49 20.18
C THR K 510 -34.04 -7.94 20.02
N VAL K 511 -35.02 -8.77 20.37
CA VAL K 511 -36.42 -8.39 20.26
C VAL K 511 -36.93 -7.75 21.53
N GLY K 512 -36.03 -7.35 22.43
CA GLY K 512 -36.47 -6.67 23.64
C GLY K 512 -37.06 -5.32 23.35
N SER K 513 -36.31 -4.47 22.64
CA SER K 513 -36.81 -3.13 22.36
C SER K 513 -37.78 -3.13 21.19
N MET K 514 -37.84 -4.20 20.40
CA MET K 514 -38.81 -4.26 19.32
C MET K 514 -40.22 -4.43 19.86
N VAL K 515 -40.41 -5.34 20.81
CA VAL K 515 -41.75 -5.56 21.36
C VAL K 515 -42.07 -4.48 22.40
N ALA K 516 -41.05 -3.93 23.06
CA ALA K 516 -41.31 -2.85 24.00
C ALA K 516 -41.74 -1.57 23.31
N ALA K 517 -41.39 -1.41 22.04
CA ALA K 517 -41.92 -0.28 21.28
C ALA K 517 -43.31 -0.60 20.74
N ASN K 518 -43.53 -1.85 20.33
CA ASN K 518 -44.82 -2.22 19.75
C ASN K 518 -45.92 -2.24 20.81
N LEU K 519 -45.57 -2.61 22.03
CA LEU K 519 -46.55 -2.76 23.09
C LEU K 519 -46.51 -1.64 24.11
N SER K 520 -45.50 -0.77 24.05
CA SER K 520 -45.30 0.36 24.97
C SER K 520 -45.16 -0.10 26.42
N MET K 521 -44.60 -1.29 26.61
CA MET K 521 -44.39 -1.86 27.93
C MET K 521 -42.92 -1.78 28.29
N PRO K 522 -42.60 -1.55 29.57
CA PRO K 522 -41.19 -1.61 29.98
C PRO K 522 -40.65 -3.03 29.91
N GLY K 523 -39.33 -3.14 29.80
CA GLY K 523 -38.75 -4.43 29.51
C GLY K 523 -37.39 -4.63 30.15
N ILE K 524 -36.90 -5.85 29.96
CA ILE K 524 -35.58 -6.28 30.39
C ILE K 524 -35.13 -7.34 29.38
N ASP K 525 -33.82 -7.50 29.25
CA ASP K 525 -33.24 -8.55 28.43
C ASP K 525 -32.39 -9.45 29.29
N ILE K 526 -32.91 -10.61 29.64
CA ILE K 526 -32.13 -11.60 30.38
C ILE K 526 -31.81 -12.75 29.44
N GLY K 527 -31.01 -13.67 29.95
CA GLY K 527 -30.62 -14.83 29.18
C GLY K 527 -29.53 -15.56 29.91
N ILE K 528 -29.10 -16.68 29.34
CA ILE K 528 -28.09 -17.47 30.02
C ILE K 528 -26.81 -17.46 29.20
N PRO K 529 -25.64 -17.45 29.85
CA PRO K 529 -24.39 -17.38 29.09
C PRO K 529 -24.12 -18.67 28.33
N GLN K 530 -23.76 -18.53 27.07
CA GLN K 530 -23.37 -19.67 26.26
C GLN K 530 -22.17 -19.28 25.42
N LEU K 531 -21.38 -20.27 25.04
CA LEU K 531 -20.28 -20.05 24.12
C LEU K 531 -20.66 -20.52 22.73
N ALA K 532 -20.01 -19.90 21.72
CA ALA K 532 -20.21 -20.16 20.30
C ALA K 532 -21.67 -19.98 19.88
N MET K 533 -22.22 -18.81 20.24
CA MET K 533 -23.57 -18.44 19.83
C MET K 533 -23.62 -18.26 18.32
N HIS K 534 -24.79 -18.60 17.75
CA HIS K 534 -25.06 -18.62 16.31
C HIS K 534 -24.20 -19.63 15.57
N SER K 535 -23.79 -20.70 16.24
CA SER K 535 -23.10 -21.79 15.58
C SER K 535 -23.95 -23.05 15.62
N ILE K 536 -23.46 -24.09 14.95
CA ILE K 536 -24.23 -25.32 14.83
C ILE K 536 -24.16 -26.12 16.12
N ARG K 537 -23.11 -25.93 16.91
CA ARG K 537 -23.06 -26.49 18.26
C ARG K 537 -22.72 -25.38 19.24
N GLU K 538 -23.59 -25.18 20.21
CA GLU K 538 -23.47 -24.12 21.19
C GLU K 538 -23.50 -24.74 22.58
N ILE K 539 -22.48 -24.46 23.38
CA ILE K 539 -22.35 -25.07 24.70
C ILE K 539 -22.91 -24.11 25.73
N ALA K 540 -23.60 -24.65 26.74
CA ALA K 540 -24.22 -23.87 27.80
C ALA K 540 -24.18 -24.67 29.09
N ALA K 541 -24.44 -24.01 30.22
CA ALA K 541 -24.33 -24.64 31.51
C ALA K 541 -25.68 -25.08 32.05
N VAL K 542 -25.70 -26.15 32.84
CA VAL K 542 -26.97 -26.73 33.27
C VAL K 542 -27.51 -26.04 34.52
N HIS K 543 -26.65 -25.34 35.27
CA HIS K 543 -27.21 -24.55 36.36
C HIS K 543 -27.88 -23.29 35.85
N ASP K 544 -27.46 -22.80 34.69
CA ASP K 544 -28.10 -21.62 34.14
C ASP K 544 -29.49 -21.94 33.62
N VAL K 545 -29.71 -23.19 33.19
CA VAL K 545 -31.05 -23.60 32.77
C VAL K 545 -31.98 -23.65 33.97
N PHE K 546 -31.47 -24.02 35.14
CA PHE K 546 -32.27 -23.95 36.35
C PHE K 546 -32.57 -22.52 36.74
N PHE K 547 -31.57 -21.64 36.62
CA PHE K 547 -31.77 -20.25 37.04
C PHE K 547 -32.69 -19.51 36.09
N LEU K 548 -32.68 -19.88 34.82
CA LEU K 548 -33.57 -19.21 33.86
C LEU K 548 -35.01 -19.64 34.04
N ILE K 549 -35.25 -20.94 34.27
CA ILE K 549 -36.61 -21.44 34.45
C ILE K 549 -37.20 -20.89 35.73
N LYS K 550 -36.39 -20.81 36.79
CA LYS K 550 -36.87 -20.17 38.01
C LYS K 550 -36.88 -18.66 37.89
N GLY K 551 -36.09 -18.11 36.97
CA GLY K 551 -36.09 -16.67 36.77
C GLY K 551 -37.31 -16.16 36.06
N VAL K 552 -37.81 -16.89 35.06
CA VAL K 552 -39.07 -16.52 34.42
C VAL K 552 -40.22 -16.78 35.38
N PHE K 553 -40.11 -17.80 36.21
CA PHE K 553 -41.17 -18.12 37.16
C PHE K 553 -41.23 -17.08 38.28
N ALA K 554 -40.09 -16.53 38.67
CA ALA K 554 -40.09 -15.53 39.73
C ALA K 554 -40.61 -14.19 39.22
N PHE K 555 -40.33 -13.87 37.95
CA PHE K 555 -40.90 -12.67 37.35
C PHE K 555 -42.41 -12.80 37.19
N TYR K 556 -42.90 -13.99 36.86
CA TYR K 556 -44.32 -14.24 36.76
C TYR K 556 -45.01 -14.13 38.11
N THR K 557 -44.41 -14.71 39.14
CA THR K 557 -45.09 -14.82 40.43
C THR K 557 -45.03 -13.52 41.22
N TYR K 558 -43.89 -12.82 41.18
CA TYR K 558 -43.61 -11.80 42.17
C TYR K 558 -43.39 -10.42 41.57
N TYR K 559 -43.87 -10.14 40.36
CA TYR K 559 -43.63 -8.81 39.81
C TYR K 559 -44.53 -7.76 40.44
N ASN K 560 -45.81 -8.07 40.63
CA ASN K 560 -46.72 -7.09 41.18
C ASN K 560 -46.54 -6.91 42.68
N GLN K 561 -45.89 -7.88 43.33
CA GLN K 561 -45.53 -7.67 44.72
C GLN K 561 -44.37 -6.68 44.83
N VAL K 562 -43.46 -6.69 43.85
CA VAL K 562 -42.40 -5.69 43.82
C VAL K 562 -42.94 -4.36 43.34
N LEU K 563 -43.80 -4.38 42.31
CA LEU K 563 -44.29 -3.15 41.71
C LEU K 563 -45.21 -2.37 42.63
N SER K 564 -45.88 -3.05 43.56
CA SER K 564 -46.70 -2.35 44.54
C SER K 564 -45.87 -1.59 45.56
N THR K 565 -44.63 -2.00 45.79
CA THR K 565 -43.76 -1.36 46.77
C THR K 565 -42.93 -0.22 46.18
N CYS K 566 -43.00 0.01 44.87
CA CYS K 566 -42.29 1.13 44.30
C CYS K 566 -43.08 2.43 44.48
N VAL K 567 -42.43 3.42 45.07
CA VAL K 567 -43.00 4.75 45.21
C VAL K 567 -42.16 5.73 44.39
N HIS K 568 -42.81 6.35 43.41
CA HIS K 568 -42.18 7.42 42.66
C HIS K 568 -42.47 8.75 43.34
N ASP K 569 -41.88 9.82 42.83
CA ASP K 569 -42.18 11.14 43.37
C ASP K 569 -43.39 11.75 42.68
N MET L 1 -22.27 -56.00 -6.40
CA MET L 1 -21.28 -55.30 -5.59
C MET L 1 -21.94 -54.40 -4.55
N ASP L 2 -23.18 -54.02 -4.81
CA ASP L 2 -23.93 -53.16 -3.90
C ASP L 2 -23.97 -53.75 -2.49
N LYS L 3 -24.16 -55.06 -2.41
CA LYS L 3 -24.22 -55.74 -1.13
C LYS L 3 -22.83 -55.89 -0.53
N LYS L 4 -21.84 -56.21 -1.36
CA LYS L 4 -20.48 -56.39 -0.87
C LYS L 4 -19.81 -55.05 -0.60
N ALA L 5 -20.20 -54.00 -1.30
CA ALA L 5 -19.63 -52.68 -1.03
C ALA L 5 -20.18 -52.11 0.27
N ARG L 6 -21.44 -52.39 0.58
CA ARG L 6 -22.00 -51.95 1.86
C ARG L 6 -21.47 -52.79 3.01
N GLU L 7 -21.22 -54.08 2.76
CA GLU L 7 -20.68 -54.94 3.81
C GLU L 7 -19.22 -54.59 4.10
N TYR L 8 -18.48 -54.15 3.08
CA TYR L 8 -17.11 -53.70 3.30
C TYR L 8 -17.07 -52.38 4.04
N ALA L 9 -17.97 -51.46 3.71
CA ALA L 9 -18.02 -50.19 4.42
C ALA L 9 -18.62 -50.36 5.81
N GLN L 10 -19.40 -51.41 6.03
CA GLN L 10 -19.93 -51.67 7.37
C GLN L 10 -18.80 -52.07 8.32
N ASP L 11 -17.92 -52.97 7.90
CA ASP L 11 -16.82 -53.39 8.76
C ASP L 11 -15.79 -52.28 8.94
N ALA L 12 -15.63 -51.42 7.93
CA ALA L 12 -14.79 -50.24 8.08
C ALA L 12 -15.38 -49.28 9.10
N LEU L 13 -16.69 -49.21 9.17
CA LEU L 13 -17.36 -48.37 10.14
C LEU L 13 -17.49 -49.06 11.49
N LYS L 14 -17.12 -50.33 11.57
CA LYS L 14 -16.85 -50.94 12.87
C LYS L 14 -15.40 -50.73 13.28
N PHE L 15 -14.49 -50.62 12.30
CA PHE L 15 -13.08 -50.43 12.61
C PHE L 15 -12.81 -49.01 13.13
N ILE L 16 -13.07 -48.00 12.30
CA ILE L 16 -13.30 -46.65 12.81
C ILE L 16 -14.54 -46.70 13.72
N GLN L 17 -14.56 -45.81 14.74
CA GLN L 17 -15.37 -45.74 15.97
C GLN L 17 -14.86 -46.72 17.03
N ARG L 18 -13.93 -47.59 16.68
CA ARG L 18 -13.08 -48.24 17.67
C ARG L 18 -11.64 -47.81 17.54
N SER L 19 -11.27 -47.25 16.41
CA SER L 19 -9.93 -46.79 16.12
C SER L 19 -9.88 -45.28 16.30
N GLY L 20 -9.87 -44.84 17.55
CA GLY L 20 -9.92 -43.42 17.80
C GLY L 20 -8.59 -42.69 17.70
N SER L 21 -7.49 -43.41 17.58
CA SER L 21 -6.17 -42.79 17.54
C SER L 21 -5.24 -43.69 16.75
N ASN L 22 -3.94 -43.41 16.83
CA ASN L 22 -2.97 -44.26 16.16
C ASN L 22 -2.64 -45.49 16.99
N PHE L 23 -2.90 -45.44 18.30
CA PHE L 23 -2.62 -46.60 19.14
C PHE L 23 -3.70 -47.65 19.00
N LEU L 24 -4.96 -47.23 19.02
CA LEU L 24 -6.05 -48.17 18.83
C LEU L 24 -6.21 -48.57 17.37
N ALA L 25 -5.51 -47.88 16.46
CA ALA L 25 -5.41 -48.38 15.10
C ALA L 25 -4.48 -49.58 15.02
N CYS L 26 -3.36 -49.53 15.74
CA CYS L 26 -2.48 -50.69 15.80
C CYS L 26 -3.14 -51.83 16.57
N LYS L 27 -3.91 -51.49 17.60
CA LYS L 27 -4.50 -52.51 18.47
C LYS L 27 -5.63 -53.25 17.76
N ASN L 28 -6.52 -52.51 17.09
CA ASN L 28 -7.67 -53.15 16.47
C ASN L 28 -7.30 -53.88 15.20
N LEU L 29 -6.26 -53.42 14.50
CA LEU L 29 -5.78 -54.16 13.34
C LEU L 29 -5.05 -55.42 13.75
N LYS L 30 -4.31 -55.37 14.85
CA LYS L 30 -3.66 -56.57 15.38
C LYS L 30 -4.69 -57.56 15.90
N GLU L 31 -5.79 -57.06 16.46
CA GLU L 31 -6.90 -57.94 16.81
C GLU L 31 -7.60 -58.45 15.57
N ARG L 32 -7.65 -57.66 14.50
CA ARG L 32 -8.30 -58.09 13.27
C ARG L 32 -7.45 -59.12 12.55
N LEU L 33 -6.12 -59.01 12.64
CA LEU L 33 -5.25 -59.99 12.01
C LEU L 33 -5.17 -61.27 12.82
N GLU L 34 -5.23 -61.17 14.15
CA GLU L 34 -5.14 -62.36 14.99
C GLU L 34 -6.40 -63.21 14.94
N ASN L 35 -7.52 -62.65 14.49
CA ASN L 35 -8.74 -63.43 14.32
C ASN L 35 -8.64 -64.41 13.16
N ASN L 36 -7.80 -64.11 12.17
CA ASN L 36 -7.62 -65.04 11.06
C ASN L 36 -6.54 -66.08 11.34
N GLY L 37 -5.86 -65.99 12.48
CA GLY L 37 -4.87 -66.95 12.85
C GLY L 37 -3.44 -66.50 12.70
N PHE L 38 -3.19 -65.20 12.68
CA PHE L 38 -1.83 -64.70 12.52
C PHE L 38 -1.04 -64.87 13.81
N ILE L 39 0.16 -65.43 13.69
CA ILE L 39 1.00 -65.63 14.86
C ILE L 39 1.59 -64.30 15.29
N ASN L 40 1.15 -63.82 16.45
CA ASN L 40 1.61 -62.55 17.00
C ASN L 40 2.99 -62.76 17.59
N LEU L 41 4.01 -62.27 16.90
CA LEU L 41 5.38 -62.38 17.38
C LEU L 41 5.88 -61.00 17.79
N SER L 42 6.67 -60.97 18.85
CA SER L 42 7.21 -59.73 19.39
C SER L 42 8.59 -59.48 18.79
N GLU L 43 8.99 -58.21 18.78
CA GLU L 43 10.28 -57.83 18.22
C GLU L 43 11.44 -58.26 19.12
N GLY L 44 11.15 -58.58 20.37
CA GLY L 44 12.21 -58.69 21.35
C GLY L 44 12.65 -60.11 21.65
N GLU L 45 11.89 -61.11 21.18
CA GLU L 45 12.28 -62.46 21.58
C GLU L 45 13.32 -63.09 20.63
N THR L 46 12.87 -63.55 19.45
CA THR L 46 13.62 -64.29 18.44
C THR L 46 12.60 -64.56 17.33
N TRP L 47 13.05 -64.56 16.08
CA TRP L 47 12.16 -64.79 14.95
C TRP L 47 12.46 -66.16 14.36
N ASN L 48 11.56 -67.12 14.57
CA ASN L 48 11.62 -68.42 13.91
C ASN L 48 10.41 -68.48 12.99
N LEU L 49 10.57 -67.96 11.78
CA LEU L 49 9.45 -67.88 10.85
C LEU L 49 9.31 -69.17 10.07
N ASN L 50 8.07 -69.47 9.69
CA ASN L 50 7.76 -70.69 8.95
C ASN L 50 7.10 -70.32 7.64
N LYS L 51 7.13 -71.25 6.69
CA LYS L 51 6.35 -71.09 5.48
C LYS L 51 4.87 -71.25 5.80
N ASN L 52 4.02 -70.70 4.92
CA ASN L 52 2.55 -70.80 4.97
C ASN L 52 1.92 -70.14 6.18
N GLU L 53 2.68 -69.45 7.02
CA GLU L 53 2.12 -68.88 8.24
C GLU L 53 2.13 -67.36 8.15
N GLY L 54 1.13 -66.75 8.76
CA GLY L 54 1.02 -65.31 8.75
C GLY L 54 1.41 -64.75 10.10
N TYR L 55 2.06 -63.60 10.10
CA TYR L 55 2.58 -63.01 11.32
C TYR L 55 2.11 -61.56 11.41
N VAL L 56 2.14 -61.02 12.62
CA VAL L 56 1.65 -59.67 12.90
C VAL L 56 2.49 -59.10 14.04
N LEU L 57 2.90 -57.85 13.91
CA LEU L 57 3.61 -57.20 14.99
C LEU L 57 3.30 -55.71 15.03
N CYS L 58 2.90 -55.26 16.21
CA CYS L 58 2.83 -53.84 16.54
C CYS L 58 4.18 -53.42 17.08
N LYS L 59 4.89 -52.58 16.33
CA LYS L 59 6.13 -52.00 16.83
C LYS L 59 5.75 -50.87 17.78
N GLU L 60 6.02 -51.09 19.08
CA GLU L 60 5.69 -50.21 20.23
C GLU L 60 4.30 -49.60 20.16
N ASN L 61 3.32 -50.39 19.74
CA ASN L 61 1.89 -50.11 19.67
C ASN L 61 1.54 -48.91 18.80
N ARG L 62 2.39 -48.52 17.86
CA ARG L 62 2.07 -47.46 16.91
C ARG L 62 2.08 -47.94 15.48
N ASN L 63 2.94 -48.88 15.16
CA ASN L 63 3.18 -49.31 13.79
C ASN L 63 2.80 -50.77 13.63
N ILE L 64 1.70 -51.03 12.95
CA ILE L 64 1.24 -52.39 12.66
C ILE L 64 1.91 -52.84 11.38
N CYS L 65 2.33 -54.10 11.34
CA CYS L 65 2.99 -54.69 10.18
C CYS L 65 2.67 -56.17 10.14
N GLY L 66 1.73 -56.55 9.29
CA GLY L 66 1.40 -57.95 9.16
C GLY L 66 1.92 -58.52 7.86
N PHE L 67 2.60 -59.66 7.92
CA PHE L 67 3.14 -60.26 6.71
C PHE L 67 2.79 -61.73 6.66
N PHE L 68 2.79 -62.27 5.44
CA PHE L 68 2.50 -63.68 5.19
C PHE L 68 3.59 -64.28 4.33
N VAL L 69 4.30 -65.25 4.86
CA VAL L 69 5.34 -65.97 4.12
C VAL L 69 4.68 -67.04 3.28
N GLY L 70 4.93 -67.01 1.98
CA GLY L 70 4.38 -68.00 1.07
C GLY L 70 4.97 -69.38 1.29
N LYS L 71 4.32 -70.38 0.70
CA LYS L 71 4.69 -71.78 0.96
C LYS L 71 6.01 -72.14 0.30
N ASN L 72 6.11 -72.01 -1.02
CA ASN L 72 7.37 -72.16 -1.73
C ASN L 72 7.88 -70.77 -2.11
N PHE L 73 8.71 -70.18 -1.27
CA PHE L 73 9.58 -69.12 -1.72
C PHE L 73 10.51 -69.60 -2.83
N ASN L 74 10.82 -68.70 -3.74
CA ASN L 74 11.90 -68.86 -4.69
C ASN L 74 12.73 -67.58 -4.72
N ILE L 75 13.97 -67.70 -4.24
CA ILE L 75 14.94 -66.63 -4.34
C ILE L 75 15.15 -66.24 -5.80
N ASP L 76 15.16 -67.24 -6.69
CA ASP L 76 15.23 -67.00 -8.12
C ASP L 76 13.98 -66.28 -8.63
N THR L 77 12.81 -66.91 -8.52
CA THR L 77 11.57 -66.36 -9.05
C THR L 77 10.57 -66.19 -7.90
N GLY L 78 10.69 -65.07 -7.20
CA GLY L 78 9.76 -64.73 -6.13
C GLY L 78 9.84 -63.26 -5.84
N SER L 79 8.96 -62.78 -4.96
CA SER L 79 8.74 -61.36 -4.82
C SER L 79 8.41 -60.99 -3.37
N ILE L 80 8.51 -59.70 -3.08
CA ILE L 80 8.05 -59.13 -1.82
C ILE L 80 7.02 -58.05 -2.17
N LEU L 81 5.75 -58.34 -1.91
CA LEU L 81 4.66 -57.44 -2.25
C LEU L 81 4.21 -56.72 -1.00
N ILE L 82 4.33 -55.39 -1.01
CA ILE L 82 4.06 -54.58 0.17
C ILE L 82 2.94 -53.61 -0.16
N SER L 83 1.92 -53.59 0.70
CA SER L 83 0.87 -52.58 0.66
C SER L 83 1.00 -51.71 1.89
N ILE L 84 0.88 -50.41 1.70
CA ILE L 84 1.23 -49.43 2.72
C ILE L 84 0.09 -48.46 2.89
N GLY L 85 -0.35 -48.28 4.13
CA GLY L 85 -1.24 -47.19 4.46
C GLY L 85 -1.05 -46.81 5.91
N HIS L 86 -0.73 -45.55 6.18
CA HIS L 86 -0.41 -45.09 7.52
C HIS L 86 -1.64 -45.12 8.41
N ILE L 87 -1.44 -45.40 9.70
CA ILE L 87 -2.53 -45.46 10.66
C ILE L 87 -2.35 -44.31 11.65
N ASP L 88 -2.85 -43.13 11.26
CA ASP L 88 -2.82 -41.89 12.02
C ASP L 88 -3.56 -40.85 11.21
N SER L 89 -3.86 -39.73 11.84
CA SER L 89 -4.58 -38.66 11.18
C SER L 89 -4.28 -37.36 11.89
N CYS L 90 -4.69 -36.26 11.27
CA CYS L 90 -4.60 -34.97 11.92
C CYS L 90 -5.56 -34.92 13.09
N ALA L 91 -5.01 -34.84 14.30
CA ALA L 91 -5.82 -34.83 15.51
C ALA L 91 -5.25 -33.78 16.45
N LEU L 92 -6.06 -33.38 17.43
CA LEU L 92 -5.60 -32.50 18.47
C LEU L 92 -5.07 -33.33 19.62
N LYS L 93 -3.76 -33.58 19.63
CA LYS L 93 -3.17 -34.33 20.73
C LYS L 93 -3.02 -33.44 21.94
N ILE L 94 -2.99 -34.07 23.11
CA ILE L 94 -2.93 -33.37 24.39
C ILE L 94 -1.47 -33.11 24.76
N SER L 95 -1.16 -31.86 25.13
CA SER L 95 0.13 -31.41 25.59
C SER L 95 0.45 -32.02 26.96
N PRO L 96 1.73 -32.13 27.32
CA PRO L 96 2.08 -32.67 28.65
C PRO L 96 1.66 -31.80 29.81
N ASN L 97 2.03 -30.53 29.80
CA ASN L 97 1.57 -29.58 30.82
C ASN L 97 0.24 -29.02 30.33
N ASN L 98 -0.84 -29.53 30.89
CA ASN L 98 -2.19 -29.10 30.53
C ASN L 98 -2.93 -28.73 31.81
N ASN L 99 -2.75 -27.52 32.27
CA ASN L 99 -3.59 -26.99 33.35
C ASN L 99 -3.83 -25.53 33.02
N VAL L 100 -4.86 -25.28 32.22
CA VAL L 100 -5.22 -23.94 31.79
C VAL L 100 -6.51 -23.55 32.49
N ILE L 101 -6.43 -22.58 33.37
CA ILE L 101 -7.56 -22.08 34.11
C ILE L 101 -7.72 -20.61 33.75
N LYS L 102 -8.62 -20.32 32.81
CA LYS L 102 -8.83 -18.95 32.39
C LYS L 102 -10.33 -18.70 32.32
N LYS L 103 -10.75 -17.53 32.82
CA LYS L 103 -12.16 -17.11 32.90
C LYS L 103 -13.02 -18.12 33.64
N LYS L 104 -12.50 -18.62 34.76
CA LYS L 104 -13.15 -19.61 35.64
C LYS L 104 -13.51 -20.90 34.91
N ILE L 105 -12.72 -21.28 33.91
CA ILE L 105 -13.00 -22.45 33.10
C ILE L 105 -11.73 -23.29 33.01
N HIS L 106 -11.83 -24.56 33.39
CA HIS L 106 -10.74 -25.50 33.22
C HIS L 106 -10.61 -25.87 31.75
N GLN L 107 -9.39 -25.78 31.24
CA GLN L 107 -9.14 -26.05 29.84
C GLN L 107 -7.99 -27.03 29.70
N ILE L 108 -7.92 -27.63 28.51
CA ILE L 108 -6.77 -28.38 28.05
C ILE L 108 -6.13 -27.55 26.97
N ASN L 109 -4.81 -27.40 26.99
CA ASN L 109 -4.18 -26.87 25.80
C ASN L 109 -3.67 -28.04 24.97
N VAL L 110 -4.12 -28.11 23.73
CA VAL L 110 -3.86 -29.24 22.87
C VAL L 110 -2.85 -28.82 21.81
N GLU L 111 -2.07 -29.78 21.35
CA GLU L 111 -1.10 -29.53 20.31
C GLU L 111 -1.65 -30.02 18.98
N CYS L 112 -1.57 -29.16 17.97
CA CYS L 112 -2.11 -29.51 16.66
C CYS L 112 -1.17 -30.47 15.94
N TYR L 113 -1.56 -31.73 15.90
CA TYR L 113 -0.74 -32.79 15.30
C TYR L 113 -1.12 -32.90 13.83
N GLY L 114 -0.13 -32.78 12.96
CA GLY L 114 -0.43 -32.84 11.55
C GLY L 114 -0.89 -31.49 11.02
N SER L 115 -1.36 -31.50 9.78
CA SER L 115 -1.85 -30.29 9.12
C SER L 115 -3.32 -30.53 8.81
N GLY L 116 -4.19 -30.06 9.69
CA GLY L 116 -5.61 -30.33 9.59
C GLY L 116 -6.44 -29.07 9.46
N LEU L 117 -7.70 -29.28 9.09
CA LEU L 117 -8.69 -28.21 9.07
C LEU L 117 -9.12 -28.00 10.52
N TRP L 118 -8.36 -27.17 11.23
CA TRP L 118 -8.60 -27.04 12.66
C TRP L 118 -9.81 -26.17 12.98
N HIS L 119 -10.32 -25.42 12.01
CA HIS L 119 -11.57 -24.71 12.23
C HIS L 119 -12.77 -25.64 12.18
N THR L 120 -12.61 -26.83 11.60
CA THR L 120 -13.68 -27.82 11.65
C THR L 120 -13.71 -28.54 12.98
N TRP L 121 -12.60 -28.56 13.71
CA TRP L 121 -12.57 -29.13 15.05
C TRP L 121 -13.25 -28.25 16.07
N PHE L 122 -13.55 -27.00 15.73
CA PHE L 122 -14.29 -26.14 16.62
C PHE L 122 -15.74 -26.59 16.67
N ASP L 123 -16.31 -26.52 17.87
CA ASP L 123 -17.73 -26.81 18.14
C ASP L 123 -18.06 -28.28 17.83
N ARG L 124 -17.25 -29.18 18.38
CA ARG L 124 -17.47 -30.61 18.24
C ARG L 124 -17.53 -31.24 19.63
N SER L 125 -18.45 -32.17 19.82
CA SER L 125 -18.48 -32.97 21.03
C SER L 125 -17.30 -33.94 20.98
N LEU L 126 -16.20 -33.58 21.63
CA LEU L 126 -14.93 -34.27 21.45
C LEU L 126 -14.69 -35.28 22.56
N GLY L 127 -14.02 -36.37 22.20
CA GLY L 127 -13.67 -37.42 23.12
C GLY L 127 -12.17 -37.59 23.24
N LEU L 128 -11.78 -38.77 23.72
CA LEU L 128 -10.38 -39.07 23.98
C LEU L 128 -10.05 -40.49 23.53
N SER L 129 -8.92 -40.64 22.86
CA SER L 129 -8.37 -41.94 22.55
C SER L 129 -6.87 -41.85 22.55
N GLY L 130 -6.21 -42.90 23.01
CA GLY L 130 -4.77 -42.88 23.03
C GLY L 130 -4.22 -43.79 24.12
N GLN L 131 -2.97 -43.54 24.46
CA GLN L 131 -2.20 -44.39 25.35
C GLN L 131 -1.97 -43.67 26.66
N VAL L 132 -2.23 -44.34 27.77
CA VAL L 132 -2.05 -43.76 29.10
C VAL L 132 -1.14 -44.68 29.88
N LEU L 133 -0.05 -44.13 30.41
CA LEU L 133 0.87 -44.87 31.28
C LEU L 133 0.55 -44.50 32.71
N TYR L 134 0.21 -45.51 33.52
CA TYR L 134 -0.12 -45.29 34.92
C TYR L 134 0.55 -46.35 35.78
N LYS L 135 0.73 -46.03 37.06
CA LYS L 135 1.37 -46.94 37.99
C LYS L 135 0.34 -47.89 38.60
N LYS L 136 0.77 -49.12 38.86
CA LYS L 136 -0.01 -50.06 39.67
C LYS L 136 0.98 -50.91 40.45
N GLY L 137 1.17 -50.57 41.71
CA GLY L 137 2.22 -51.15 42.52
C GLY L 137 3.55 -50.51 42.19
N ASN L 138 4.54 -51.34 41.85
CA ASN L 138 5.86 -50.86 41.45
C ASN L 138 6.08 -50.97 39.95
N LYS L 139 5.01 -51.24 39.20
CA LYS L 139 5.13 -51.61 37.80
C LYS L 139 4.43 -50.56 36.95
N LEU L 140 5.09 -50.15 35.87
CA LEU L 140 4.47 -49.23 34.94
C LEU L 140 3.49 -50.00 34.06
N VAL L 141 2.22 -49.68 34.16
CA VAL L 141 1.18 -50.38 33.41
C VAL L 141 0.72 -49.48 32.27
N GLU L 142 0.65 -50.06 31.08
CA GLU L 142 0.30 -49.35 29.86
C GLU L 142 -1.10 -49.76 29.44
N LYS L 143 -1.96 -48.78 29.22
CA LYS L 143 -3.33 -49.08 28.84
C LYS L 143 -3.78 -48.13 27.74
N LEU L 144 -4.40 -48.70 26.72
CA LEU L 144 -4.96 -47.95 25.60
C LEU L 144 -6.43 -47.67 25.91
N ILE L 145 -6.76 -46.40 26.08
CA ILE L 145 -8.10 -46.01 26.51
C ILE L 145 -8.87 -45.49 25.31
N GLN L 146 -10.19 -45.50 25.46
CA GLN L 146 -11.12 -45.08 24.42
C GLN L 146 -12.35 -44.52 25.11
N ILE L 147 -12.45 -43.20 25.19
CA ILE L 147 -13.55 -42.54 25.88
C ILE L 147 -14.50 -42.01 24.82
N ASN L 148 -15.58 -42.76 24.57
CA ASN L 148 -16.52 -42.47 23.50
C ASN L 148 -17.59 -41.47 23.90
N LYS L 149 -17.59 -40.99 25.14
CA LYS L 149 -18.52 -39.97 25.57
C LYS L 149 -17.86 -38.61 25.44
N SER L 150 -18.68 -37.58 25.30
CA SER L 150 -18.14 -36.26 25.01
C SER L 150 -17.65 -35.62 26.31
N VAL L 151 -16.34 -35.38 26.39
CA VAL L 151 -15.73 -34.88 27.60
C VAL L 151 -14.96 -33.61 27.33
N LEU L 152 -14.99 -33.15 26.08
CA LEU L 152 -14.23 -31.98 25.67
C LEU L 152 -15.01 -31.23 24.61
N PHE L 153 -14.75 -29.93 24.52
CA PHE L 153 -15.45 -29.08 23.57
C PHE L 153 -14.56 -27.89 23.26
N LEU L 154 -14.30 -27.68 21.99
CA LEU L 154 -13.52 -26.53 21.55
C LEU L 154 -14.49 -25.47 21.04
N PRO L 155 -14.81 -24.45 21.83
CA PRO L 155 -15.87 -23.53 21.42
C PRO L 155 -15.36 -22.46 20.48
N SER L 156 -16.23 -22.03 19.59
CA SER L 156 -15.91 -20.95 18.67
C SER L 156 -16.24 -19.62 19.31
N LEU L 157 -15.91 -18.54 18.61
CA LEU L 157 -16.32 -17.24 19.07
C LEU L 157 -17.71 -16.91 18.52
N ALA L 158 -18.52 -16.25 19.34
CA ALA L 158 -19.83 -15.80 18.90
C ALA L 158 -19.71 -14.79 17.77
N ILE L 159 -20.74 -14.72 16.93
CA ILE L 159 -20.64 -13.92 15.72
C ILE L 159 -20.78 -12.43 16.02
N HIS L 160 -21.34 -12.08 17.18
CA HIS L 160 -21.69 -10.69 17.43
C HIS L 160 -20.50 -9.83 17.79
N LEU L 161 -19.37 -10.43 18.14
CA LEU L 161 -18.29 -9.66 18.75
C LEU L 161 -17.39 -9.02 17.70
N GLN L 162 -17.18 -9.68 16.57
CA GLN L 162 -16.42 -9.11 15.47
C GLN L 162 -17.35 -8.41 14.49
N ASN L 163 -16.80 -8.05 13.33
CA ASN L 163 -17.64 -7.53 12.26
C ASN L 163 -18.36 -8.72 11.59
N ARG L 164 -19.50 -8.45 10.96
CA ARG L 164 -20.38 -9.53 10.53
C ARG L 164 -20.59 -9.53 9.02
N THR L 165 -21.14 -10.66 8.55
CA THR L 165 -21.89 -10.86 7.30
C THR L 165 -21.11 -10.56 6.01
N ARG L 166 -19.80 -10.29 6.09
CA ARG L 166 -19.07 -10.02 4.85
C ARG L 166 -17.81 -10.86 4.78
N TYR L 167 -17.55 -11.43 3.60
CA TYR L 167 -16.37 -12.24 3.23
C TYR L 167 -16.00 -13.30 4.28
N ASP L 168 -17.03 -13.92 4.85
CA ASP L 168 -16.94 -14.76 6.07
C ASP L 168 -16.17 -14.08 7.20
N PHE L 169 -16.53 -12.82 7.50
CA PHE L 169 -16.20 -12.04 8.71
C PHE L 169 -14.76 -12.08 9.20
N SER L 170 -13.81 -12.37 8.30
CA SER L 170 -12.37 -12.47 8.56
C SER L 170 -12.07 -13.41 9.73
N VAL L 171 -12.44 -14.69 9.56
CA VAL L 171 -12.16 -15.68 10.59
C VAL L 171 -10.68 -16.05 10.52
N LYS L 172 -10.02 -15.97 11.68
CA LYS L 172 -8.62 -16.35 11.82
C LYS L 172 -8.50 -17.17 13.09
N ILE L 173 -8.13 -18.43 12.96
CA ILE L 173 -7.93 -19.30 14.11
C ILE L 173 -6.45 -19.29 14.45
N ASN L 174 -6.10 -18.56 15.51
CA ASN L 174 -4.77 -18.60 16.06
C ASN L 174 -4.57 -19.96 16.70
N TYR L 175 -3.50 -20.66 16.30
CA TYR L 175 -3.38 -22.08 16.62
C TYR L 175 -3.05 -22.29 18.09
N GLU L 176 -2.32 -21.36 18.70
CA GLU L 176 -2.06 -21.47 20.13
C GLU L 176 -3.21 -20.96 20.98
N ASN L 177 -3.63 -19.72 20.74
CA ASN L 177 -4.58 -19.04 21.60
C ASN L 177 -5.97 -19.62 21.50
N HIS L 178 -6.49 -19.80 20.30
CA HIS L 178 -7.89 -20.11 20.11
C HIS L 178 -8.19 -21.60 20.14
N ILE L 179 -7.18 -22.45 20.01
CA ILE L 179 -7.37 -23.89 20.04
C ILE L 179 -6.94 -24.35 21.43
N LYS L 180 -7.89 -24.37 22.34
CA LYS L 180 -7.75 -24.82 23.71
C LYS L 180 -9.14 -25.25 24.17
N PRO L 181 -9.45 -26.55 24.13
CA PRO L 181 -10.81 -26.98 24.46
C PRO L 181 -11.11 -26.81 25.94
N ILE L 182 -12.34 -26.45 26.24
CA ILE L 182 -12.79 -26.38 27.62
C ILE L 182 -13.15 -27.78 28.07
N ILE L 183 -12.96 -28.06 29.35
CA ILE L 183 -13.21 -29.39 29.88
C ILE L 183 -14.13 -29.36 31.10
N SER L 184 -14.16 -28.24 31.81
CA SER L 184 -14.93 -28.08 33.03
C SER L 184 -14.90 -26.62 33.43
N THR L 185 -15.64 -26.29 34.47
CA THR L 185 -15.49 -25.02 35.16
C THR L 185 -14.84 -25.24 36.52
N THR L 186 -14.35 -24.15 37.11
CA THR L 186 -13.78 -24.25 38.44
C THR L 186 -14.85 -24.39 39.51
N LEU L 187 -16.11 -24.13 39.17
CA LEU L 187 -17.18 -24.37 40.14
C LEU L 187 -17.40 -25.85 40.34
N PHE L 188 -17.64 -26.59 39.26
CA PHE L 188 -17.90 -28.02 39.44
C PHE L 188 -16.63 -28.85 39.57
N ASN L 189 -15.46 -28.28 39.29
CA ASN L 189 -14.25 -28.99 39.68
C ASN L 189 -14.09 -28.99 41.18
N GLN L 190 -14.34 -27.84 41.82
CA GLN L 190 -14.28 -27.77 43.27
C GLN L 190 -15.50 -28.42 43.91
N LEU L 191 -16.64 -28.41 43.21
CA LEU L 191 -17.83 -29.05 43.76
C LEU L 191 -17.70 -30.57 43.74
N ASN L 192 -17.03 -31.10 42.71
CA ASN L 192 -16.88 -32.55 42.65
C ASN L 192 -15.57 -33.01 43.28
N LYS L 193 -14.92 -32.15 44.08
CA LYS L 193 -13.69 -32.56 44.73
C LYS L 193 -13.90 -32.87 46.21
N CYS L 194 -14.68 -32.05 46.93
CA CYS L 194 -14.85 -32.31 48.36
C CYS L 194 -15.78 -33.49 48.61
N LYS L 195 -16.58 -33.87 47.62
CA LYS L 195 -17.28 -35.15 47.68
C LYS L 195 -16.62 -36.13 46.73
N ILE L 272 -1.10 -34.75 42.70
CA ILE L 272 0.04 -34.10 43.31
C ILE L 272 0.62 -33.07 42.34
N ASN L 273 0.71 -33.45 41.06
CA ASN L 273 1.32 -32.58 40.05
C ASN L 273 0.36 -31.45 39.69
N THR L 274 0.90 -30.25 39.54
CA THR L 274 0.08 -29.11 39.15
C THR L 274 0.06 -28.92 37.64
N ASP L 275 0.71 -29.81 36.89
CA ASP L 275 0.83 -29.64 35.45
C ASP L 275 -0.29 -30.33 34.71
N ASN L 276 -0.80 -31.42 35.27
CA ASN L 276 -1.90 -32.15 34.64
C ASN L 276 -3.24 -31.62 35.14
N SER L 277 -4.24 -31.63 34.26
CA SER L 277 -5.56 -31.13 34.63
C SER L 277 -6.28 -32.13 35.51
N TYR L 278 -6.74 -31.67 36.67
CA TYR L 278 -7.54 -32.54 37.53
C TYR L 278 -8.89 -32.92 36.94
N PRO L 279 -9.60 -32.09 36.15
CA PRO L 279 -10.71 -32.65 35.38
C PRO L 279 -10.31 -33.74 34.41
N LEU L 280 -9.12 -33.63 33.81
CA LEU L 280 -8.65 -34.71 32.96
C LEU L 280 -8.20 -35.90 33.79
N LEU L 281 -7.52 -35.66 34.90
CA LEU L 281 -7.00 -36.76 35.72
C LEU L 281 -8.12 -37.50 36.43
N TYR L 282 -9.22 -36.82 36.76
CA TYR L 282 -10.39 -37.52 37.27
C TYR L 282 -11.02 -38.40 36.20
N LEU L 283 -10.91 -37.99 34.94
CA LEU L 283 -11.56 -38.70 33.86
C LEU L 283 -10.82 -39.98 33.51
N LEU L 284 -9.50 -39.93 33.42
CA LEU L 284 -8.73 -41.11 33.07
C LEU L 284 -8.68 -42.10 34.21
N SER L 285 -8.68 -41.61 35.46
CA SER L 285 -8.73 -42.50 36.61
C SER L 285 -10.06 -43.22 36.71
N LYS L 286 -11.12 -42.59 36.22
CA LYS L 286 -12.43 -43.24 36.18
C LYS L 286 -12.44 -44.36 35.14
N GLU L 287 -11.65 -44.22 34.08
CA GLU L 287 -11.60 -45.25 33.05
C GLU L 287 -10.64 -46.37 33.43
N LEU L 288 -9.55 -46.03 34.11
CA LEU L 288 -8.54 -47.02 34.46
C LEU L 288 -8.77 -47.67 35.81
N ASN L 289 -9.72 -47.15 36.59
CA ASN L 289 -10.05 -47.61 37.95
C ASN L 289 -8.79 -47.62 38.84
N CYS L 290 -8.25 -46.43 39.05
CA CYS L 290 -7.14 -46.22 39.93
C CYS L 290 -7.22 -44.79 40.45
N LYS L 291 -6.22 -44.40 41.23
CA LYS L 291 -6.18 -43.02 41.70
C LYS L 291 -5.68 -42.12 40.57
N GLU L 292 -6.02 -40.83 40.68
CA GLU L 292 -5.51 -39.84 39.74
C GLU L 292 -4.03 -39.58 39.92
N GLU L 293 -3.51 -39.86 41.12
CA GLU L 293 -2.09 -39.68 41.40
C GLU L 293 -1.25 -40.79 40.78
N ASP L 294 -1.88 -41.88 40.34
CA ASP L 294 -1.13 -42.94 39.66
C ASP L 294 -0.94 -42.64 38.18
N ILE L 295 -1.70 -41.70 37.61
CA ILE L 295 -1.56 -41.36 36.20
C ILE L 295 -0.29 -40.53 36.03
N LEU L 296 0.67 -41.07 35.29
CA LEU L 296 1.97 -40.42 35.14
C LEU L 296 2.02 -39.47 33.95
N ASP L 297 1.84 -39.99 32.74
CA ASP L 297 1.80 -39.19 31.53
C ASP L 297 1.17 -40.03 30.44
N PHE L 298 0.69 -39.36 29.40
CA PHE L 298 -0.14 -40.03 28.42
C PHE L 298 0.01 -39.36 27.06
N GLU L 299 -0.19 -40.15 26.01
CA GLU L 299 -0.28 -39.64 24.66
C GLU L 299 -1.72 -39.80 24.19
N LEU L 300 -2.53 -38.77 24.41
CA LEU L 300 -3.95 -38.82 24.12
C LEU L 300 -4.28 -37.95 22.93
N CYS L 301 -5.18 -38.43 22.09
CA CYS L 301 -5.63 -37.72 20.92
C CYS L 301 -7.12 -37.41 21.07
N LEU L 302 -7.50 -36.18 20.77
CA LEU L 302 -8.90 -35.81 20.78
C LEU L 302 -9.58 -36.39 19.56
N MET L 303 -10.74 -36.99 19.75
CA MET L 303 -11.51 -37.54 18.64
C MET L 303 -12.92 -37.02 18.73
N ASP L 304 -13.66 -37.12 17.62
CA ASP L 304 -15.05 -36.72 17.64
C ASP L 304 -15.92 -37.90 18.06
N THR L 305 -16.77 -37.69 19.07
CA THR L 305 -17.57 -38.77 19.63
C THR L 305 -18.70 -39.22 18.73
N GLN L 306 -19.02 -38.47 17.68
CA GLN L 306 -20.08 -38.87 16.77
C GLN L 306 -19.65 -40.08 15.97
N GLU L 307 -20.48 -41.12 16.01
CA GLU L 307 -20.16 -42.36 15.31
C GLU L 307 -20.24 -42.14 13.79
N PRO L 308 -19.38 -42.81 13.03
CA PRO L 308 -19.50 -42.76 11.57
C PRO L 308 -20.80 -43.40 11.11
N CYS L 309 -21.29 -42.94 9.96
CA CYS L 309 -22.58 -43.39 9.48
C CYS L 309 -22.64 -43.26 7.96
N PHE L 310 -23.49 -44.11 7.37
CA PHE L 310 -23.84 -44.00 5.96
C PHE L 310 -24.71 -42.77 5.73
N THR L 311 -24.32 -41.94 4.76
CA THR L 311 -25.04 -40.72 4.49
C THR L 311 -25.41 -40.62 3.02
N GLY L 312 -26.01 -39.49 2.67
CA GLY L 312 -26.71 -39.34 1.42
C GLY L 312 -28.16 -39.79 1.56
N VAL L 313 -28.95 -39.50 0.54
CA VAL L 313 -30.33 -39.98 0.53
C VAL L 313 -30.36 -41.49 0.36
N TYR L 314 -29.53 -42.02 -0.52
CA TYR L 314 -29.53 -43.43 -0.83
C TYR L 314 -28.57 -44.23 0.05
N GLU L 315 -28.13 -43.65 1.17
CA GLU L 315 -27.13 -44.21 2.08
C GLU L 315 -25.87 -44.62 1.33
N GLU L 316 -25.37 -43.67 0.54
CA GLU L 316 -24.39 -43.95 -0.50
C GLU L 316 -23.01 -43.45 -0.20
N PHE L 317 -22.84 -42.67 0.85
CA PHE L 317 -21.55 -42.18 1.26
C PHE L 317 -21.17 -42.78 2.61
N ILE L 318 -19.93 -42.55 3.01
CA ILE L 318 -19.48 -42.86 4.35
C ILE L 318 -18.74 -41.65 4.89
N GLU L 319 -18.89 -41.39 6.19
CA GLU L 319 -18.17 -40.31 6.87
C GLU L 319 -18.24 -40.60 8.36
N GLY L 320 -17.10 -40.63 9.03
CA GLY L 320 -17.22 -40.16 10.39
C GLY L 320 -16.13 -39.31 10.97
N ALA L 321 -14.89 -39.73 10.71
CA ALA L 321 -13.68 -39.18 11.31
C ALA L 321 -12.53 -39.99 10.76
N ARG L 322 -11.36 -39.36 10.71
CA ARG L 322 -10.06 -40.02 10.58
C ARG L 322 -9.93 -40.83 9.29
N PHE L 323 -10.77 -40.53 8.30
CA PHE L 323 -10.78 -41.29 7.06
C PHE L 323 -9.53 -41.07 6.21
N ASP L 324 -8.65 -40.15 6.60
CA ASP L 324 -7.33 -40.04 5.97
C ASP L 324 -6.54 -41.28 6.39
N ASN L 325 -6.70 -42.31 5.56
CA ASN L 325 -5.97 -43.58 5.58
C ASN L 325 -6.20 -44.39 6.85
N LEU L 326 -7.25 -44.13 7.62
CA LEU L 326 -7.68 -45.18 8.52
C LEU L 326 -8.79 -45.98 7.87
N LEU L 327 -9.55 -45.34 6.99
CA LEU L 327 -10.36 -46.08 6.03
C LEU L 327 -9.49 -46.71 4.96
N GLY L 328 -8.45 -46.00 4.52
CA GLY L 328 -7.60 -46.51 3.46
C GLY L 328 -6.72 -47.67 3.91
N SER L 329 -6.20 -47.61 5.13
CA SER L 329 -5.40 -48.72 5.63
C SER L 329 -6.25 -49.86 6.15
N PHE L 330 -7.55 -49.62 6.36
CA PHE L 330 -8.45 -50.75 6.52
C PHE L 330 -8.49 -51.58 5.26
N CYS L 331 -8.64 -50.94 4.10
CA CYS L 331 -8.62 -51.63 2.82
C CYS L 331 -7.28 -52.25 2.50
N VAL L 332 -6.20 -51.72 3.09
CA VAL L 332 -4.90 -52.37 2.98
C VAL L 332 -4.91 -53.70 3.71
N PHE L 333 -5.46 -53.72 4.92
CA PHE L 333 -5.46 -54.95 5.69
C PHE L 333 -6.65 -55.84 5.36
N GLU L 334 -7.78 -55.26 4.96
CA GLU L 334 -8.89 -56.09 4.49
C GLU L 334 -8.57 -56.73 3.15
N GLY L 335 -7.83 -56.02 2.31
CA GLY L 335 -7.31 -56.64 1.10
C GLY L 335 -6.23 -57.66 1.39
N PHE L 336 -5.54 -57.51 2.51
CA PHE L 336 -4.50 -58.47 2.90
C PHE L 336 -5.11 -59.70 3.54
N ILE L 337 -6.18 -59.52 4.31
CA ILE L 337 -6.86 -60.63 4.96
C ILE L 337 -7.52 -61.53 3.94
N GLU L 338 -8.13 -60.93 2.90
CA GLU L 338 -8.78 -61.71 1.86
C GLU L 338 -7.78 -62.44 0.99
N LEU L 339 -6.55 -61.92 0.91
CA LEU L 339 -5.49 -62.65 0.23
C LEU L 339 -5.09 -63.91 0.99
N VAL L 340 -4.80 -63.77 2.29
CA VAL L 340 -4.35 -64.89 3.10
C VAL L 340 -5.45 -65.95 3.22
N ASN L 341 -6.71 -65.50 3.28
CA ASN L 341 -7.82 -66.44 3.26
C ASN L 341 -7.96 -67.11 1.91
N SER L 342 -7.51 -66.46 0.83
CA SER L 342 -7.52 -67.11 -0.47
C SER L 342 -6.35 -68.06 -0.61
N ILE L 343 -5.29 -67.85 0.16
CA ILE L 343 -4.15 -68.76 0.12
C ILE L 343 -4.43 -70.00 0.96
N LYS L 344 -5.01 -69.81 2.15
CA LYS L 344 -5.24 -70.94 3.05
C LYS L 344 -6.42 -71.78 2.59
N ASN L 345 -7.47 -71.15 2.08
CA ASN L 345 -8.62 -71.91 1.61
C ASN L 345 -8.43 -72.34 0.16
N HIS L 346 -9.24 -73.34 -0.24
CA HIS L 346 -9.21 -73.98 -1.56
C HIS L 346 -7.83 -74.57 -1.89
N THR L 347 -7.12 -75.05 -0.88
CA THR L 347 -5.87 -75.79 -1.07
C THR L 347 -5.90 -77.08 -0.25
N ASN L 363 -1.78 -71.01 -9.61
CA ASN L 363 -1.91 -71.50 -8.25
C ASN L 363 -0.54 -71.75 -7.64
N ASP L 364 0.50 -71.76 -8.49
CA ASP L 364 1.84 -71.98 -8.00
C ASP L 364 2.53 -70.67 -7.61
N ASN L 365 2.11 -69.56 -8.21
CA ASN L 365 2.80 -68.30 -7.97
C ASN L 365 2.16 -67.52 -6.83
N ILE L 366 1.02 -67.99 -6.32
CA ILE L 366 0.42 -67.36 -5.16
C ILE L 366 1.18 -67.71 -3.89
N HIS L 367 1.84 -68.86 -3.85
CA HIS L 367 2.64 -69.28 -2.71
C HIS L 367 4.09 -68.87 -2.84
N ASN L 368 4.41 -67.93 -3.71
CA ASN L 368 5.76 -67.68 -4.17
C ASN L 368 6.28 -66.35 -3.66
N ASN L 369 5.49 -65.64 -2.87
CA ASN L 369 5.79 -64.26 -2.54
C ASN L 369 5.74 -64.04 -1.04
N LEU L 370 6.32 -62.93 -0.62
CA LEU L 370 6.21 -62.42 0.74
C LEU L 370 5.28 -61.22 0.71
N TYR L 371 4.06 -61.41 1.19
CA TYR L 371 3.06 -60.36 1.17
C TYR L 371 3.09 -59.63 2.50
N ILE L 372 3.60 -58.41 2.49
CA ILE L 372 3.70 -57.60 3.70
C ILE L 372 2.63 -56.53 3.63
N SER L 373 2.01 -56.23 4.78
CA SER L 373 1.01 -55.20 4.89
C SER L 373 1.32 -54.39 6.14
N ILE L 374 1.83 -53.17 5.96
CA ILE L 374 2.33 -52.39 7.08
C ILE L 374 1.54 -51.10 7.20
N GLY L 375 1.12 -50.81 8.44
CA GLY L 375 0.46 -49.58 8.75
C GLY L 375 1.37 -48.63 9.51
N TYR L 376 1.82 -47.58 8.84
CA TYR L 376 2.83 -46.69 9.39
C TYR L 376 2.22 -45.69 10.36
N ASP L 377 3.10 -44.99 11.05
CA ASP L 377 2.70 -43.90 11.92
C ASP L 377 3.38 -42.63 11.45
N HIS L 378 2.90 -41.51 11.97
CA HIS L 378 3.56 -40.20 11.88
C HIS L 378 3.69 -39.70 10.45
N GLU L 379 2.75 -40.10 9.58
CA GLU L 379 2.76 -39.58 8.20
C GLU L 379 2.47 -38.11 8.13
N GLU L 380 1.55 -37.61 8.97
CA GLU L 380 1.07 -36.24 8.87
C GLU L 380 2.14 -35.21 9.19
N ILE L 381 3.22 -35.63 9.84
CA ILE L 381 4.29 -34.74 10.24
C ILE L 381 5.58 -35.00 9.46
N GLY L 382 5.55 -35.94 8.52
CA GLY L 382 6.66 -36.15 7.62
C GLY L 382 7.41 -37.45 7.78
N SER L 383 6.89 -38.40 8.57
CA SER L 383 7.38 -39.78 8.70
C SER L 383 8.79 -39.88 9.28
N LEU L 384 9.33 -38.79 9.81
CA LEU L 384 10.66 -38.83 10.42
C LEU L 384 10.47 -39.25 11.87
N SER L 385 10.42 -40.56 12.09
CA SER L 385 10.19 -41.10 13.41
C SER L 385 10.73 -42.51 13.48
N GLU L 386 10.68 -43.11 14.66
CA GLU L 386 11.14 -44.48 14.82
C GLU L 386 10.12 -45.49 14.32
N VAL L 387 8.87 -45.06 14.15
CA VAL L 387 7.81 -45.90 13.64
C VAL L 387 7.23 -45.33 12.34
N GLY L 388 7.87 -44.31 11.80
CA GLY L 388 7.42 -43.71 10.57
C GLY L 388 7.89 -44.47 9.35
N ALA L 389 7.63 -43.87 8.19
CA ALA L 389 8.02 -44.50 6.94
C ALA L 389 9.51 -44.32 6.67
N ARG L 390 10.10 -43.23 7.16
CA ARG L 390 11.52 -43.01 7.01
C ARG L 390 12.35 -43.79 8.00
N SER L 391 11.71 -44.57 8.87
CA SER L 391 12.40 -45.40 9.84
C SER L 391 13.11 -46.56 9.16
N TYR L 392 14.03 -47.17 9.90
CA TYR L 392 14.65 -48.43 9.51
C TYR L 392 13.80 -49.63 9.92
N CYS L 393 12.58 -49.41 10.42
CA CYS L 393 11.79 -50.49 10.98
C CYS L 393 11.39 -51.50 9.90
N THR L 394 10.88 -51.01 8.76
CA THR L 394 10.44 -51.91 7.71
C THR L 394 11.60 -52.58 7.02
N LYS L 395 12.70 -51.85 6.84
CA LYS L 395 13.87 -52.42 6.18
C LYS L 395 14.52 -53.48 7.04
N ASN L 396 14.47 -53.30 8.36
CA ASN L 396 14.99 -54.34 9.23
C ASN L 396 14.01 -55.49 9.36
N PHE L 397 12.71 -55.24 9.16
CA PHE L 397 11.73 -56.33 9.23
C PHE L 397 11.92 -57.30 8.09
N ILE L 398 12.16 -56.80 6.87
CA ILE L 398 12.37 -57.67 5.73
C ILE L 398 13.71 -58.39 5.85
N ASP L 399 14.71 -57.72 6.38
CA ASP L 399 16.01 -58.36 6.60
C ASP L 399 15.99 -59.32 7.78
N ARG L 400 14.92 -59.27 8.59
CA ARG L 400 14.72 -60.30 9.60
C ARG L 400 13.87 -61.44 9.09
N ILE L 401 12.98 -61.16 8.13
CA ILE L 401 12.20 -62.24 7.53
C ILE L 401 13.09 -63.08 6.62
N ILE L 402 13.92 -62.42 5.82
CA ILE L 402 14.84 -63.11 4.92
C ILE L 402 15.87 -63.92 5.70
N SER L 403 16.32 -63.39 6.84
CA SER L 403 17.30 -64.11 7.65
C SER L 403 16.67 -65.28 8.38
N SER L 404 15.38 -65.23 8.71
CA SER L 404 14.78 -66.29 9.49
C SER L 404 14.17 -67.36 8.60
N VAL L 405 13.64 -66.96 7.46
CA VAL L 405 13.09 -67.93 6.51
C VAL L 405 14.23 -68.68 5.84
N PHE L 406 15.19 -67.94 5.28
CA PHE L 406 16.36 -68.56 4.65
C PHE L 406 17.51 -68.65 5.63
N LYS L 407 17.22 -69.21 6.81
CA LYS L 407 18.26 -69.38 7.81
C LYS L 407 19.21 -70.50 7.41
N LYS L 408 18.69 -71.51 6.71
CA LYS L 408 19.50 -72.68 6.42
C LYS L 408 20.27 -72.53 5.13
N GLU L 409 19.80 -71.69 4.20
CA GLU L 409 20.51 -71.62 2.92
C GLU L 409 21.56 -70.52 2.89
N ILE L 410 21.65 -69.68 3.93
CA ILE L 410 22.77 -68.74 4.04
C ILE L 410 24.07 -69.51 4.26
N HIS L 411 24.05 -70.51 5.13
CA HIS L 411 25.24 -71.18 5.63
C HIS L 411 25.96 -72.03 4.59
N GLU L 412 25.22 -72.71 3.71
CA GLU L 412 25.82 -73.81 2.96
C GLU L 412 25.90 -73.54 1.46
N LYS L 413 25.24 -72.47 0.98
CA LYS L 413 25.61 -71.96 -0.34
C LYS L 413 26.06 -70.51 -0.28
N ASN L 414 26.37 -70.01 0.92
CA ASN L 414 27.21 -68.82 1.15
C ASN L 414 26.58 -67.54 0.60
N LEU L 415 25.26 -67.50 0.64
CA LEU L 415 24.53 -66.29 0.29
C LEU L 415 24.58 -65.30 1.44
N SER L 416 24.25 -64.05 1.14
CA SER L 416 24.14 -63.00 2.13
C SER L 416 22.72 -62.48 2.14
N VAL L 417 22.41 -61.66 3.16
CA VAL L 417 21.08 -61.06 3.25
C VAL L 417 20.88 -60.03 2.15
N GLN L 418 21.88 -59.17 1.94
CA GLN L 418 21.77 -58.12 0.92
C GLN L 418 21.83 -58.68 -0.49
N GLU L 419 22.49 -59.83 -0.69
CA GLU L 419 22.38 -60.55 -1.94
C GLU L 419 20.96 -61.08 -2.16
N ILE L 420 20.35 -61.63 -1.12
CA ILE L 420 19.00 -62.19 -1.26
C ILE L 420 17.96 -61.08 -1.30
N TYR L 421 18.19 -60.01 -0.53
CA TYR L 421 17.23 -58.91 -0.52
C TYR L 421 17.25 -58.15 -1.84
N GLY L 422 18.43 -57.88 -2.38
CA GLY L 422 18.51 -57.25 -3.68
C GLY L 422 18.09 -58.15 -4.83
N ASN L 423 18.04 -59.45 -4.58
CA ASN L 423 17.51 -60.37 -5.59
C ASN L 423 15.99 -60.25 -5.68
N LEU L 424 15.33 -60.10 -4.53
CA LEU L 424 13.87 -60.00 -4.50
C LEU L 424 13.37 -58.59 -4.76
N VAL L 425 14.25 -57.58 -4.76
CA VAL L 425 13.86 -56.21 -4.97
C VAL L 425 13.50 -55.94 -6.44
N ASN L 426 14.08 -56.72 -7.36
CA ASN L 426 13.75 -56.57 -8.77
C ASN L 426 12.32 -57.02 -9.08
N ARG L 427 11.78 -57.93 -8.29
CA ARG L 427 10.43 -58.44 -8.48
C ARG L 427 9.47 -57.85 -7.48
N SER L 428 9.96 -56.91 -6.68
CA SER L 428 9.19 -56.35 -5.57
C SER L 428 8.32 -55.20 -6.05
N PHE L 429 7.39 -54.80 -5.18
CA PHE L 429 6.52 -53.67 -5.45
C PHE L 429 6.00 -53.10 -4.14
N ILE L 430 5.63 -51.82 -4.18
CA ILE L 430 5.05 -51.11 -3.06
C ILE L 430 3.72 -50.54 -3.51
N LEU L 431 2.66 -50.86 -2.80
CA LEU L 431 1.32 -50.32 -3.08
C LEU L 431 0.98 -49.36 -1.96
N ASN L 432 1.31 -48.08 -2.14
CA ASN L 432 1.00 -47.10 -1.12
C ASN L 432 -0.44 -46.65 -1.29
N VAL L 433 -1.21 -46.75 -0.22
CA VAL L 433 -2.62 -46.40 -0.23
C VAL L 433 -2.80 -45.22 0.71
N ASP L 434 -3.25 -44.09 0.17
CA ASP L 434 -3.61 -42.91 0.94
C ASP L 434 -4.68 -42.19 0.15
N MET L 435 -5.57 -41.50 0.86
CA MET L 435 -6.75 -40.92 0.26
C MET L 435 -6.40 -39.80 -0.70
N ALA L 436 -7.31 -39.53 -1.62
CA ALA L 436 -7.09 -38.58 -2.69
C ALA L 436 -8.25 -37.60 -2.75
N HIS L 437 -8.03 -36.49 -3.44
CA HIS L 437 -8.96 -35.38 -3.45
C HIS L 437 -10.00 -35.61 -4.53
N CYS L 438 -11.25 -35.88 -4.12
CA CYS L 438 -12.35 -35.91 -5.06
C CYS L 438 -12.59 -34.51 -5.62
N SER L 439 -13.19 -34.46 -6.81
CA SER L 439 -13.48 -33.18 -7.43
C SER L 439 -14.56 -32.46 -6.63
N HIS L 440 -14.17 -31.38 -5.97
CA HIS L 440 -15.09 -30.62 -5.16
C HIS L 440 -16.00 -29.82 -6.06
N PRO L 441 -17.32 -29.91 -5.91
CA PRO L 441 -18.20 -29.13 -6.78
C PRO L 441 -18.21 -27.66 -6.43
N ASN L 442 -17.91 -27.31 -5.17
CA ASN L 442 -17.97 -25.92 -4.77
C ASN L 442 -16.65 -25.20 -5.01
N TYR L 443 -15.60 -25.93 -5.41
CA TYR L 443 -14.29 -25.37 -5.67
C TYR L 443 -13.79 -25.89 -7.01
N PRO L 444 -14.29 -25.38 -8.14
CA PRO L 444 -13.83 -25.87 -9.44
C PRO L 444 -12.48 -25.31 -9.90
N GLU L 445 -11.90 -24.38 -9.15
CA GLU L 445 -10.63 -23.78 -9.51
C GLU L 445 -9.43 -24.51 -8.93
N THR L 446 -9.65 -25.49 -8.06
CA THR L 446 -8.56 -26.25 -7.46
C THR L 446 -8.43 -27.64 -8.05
N VAL L 447 -9.09 -27.92 -9.17
CA VAL L 447 -9.07 -29.24 -9.77
C VAL L 447 -8.41 -29.16 -11.13
N GLN L 448 -7.71 -30.22 -11.50
CA GLN L 448 -7.22 -30.37 -12.85
C GLN L 448 -8.42 -30.61 -13.77
N ASP L 449 -8.26 -30.25 -15.05
CA ASP L 449 -9.39 -30.42 -15.97
C ASP L 449 -9.53 -31.88 -16.38
N ASN L 450 -8.43 -32.53 -16.74
CA ASN L 450 -8.49 -33.89 -17.25
C ASN L 450 -8.40 -34.94 -16.15
N HIS L 451 -7.58 -34.70 -15.13
CA HIS L 451 -7.38 -35.64 -14.03
C HIS L 451 -8.33 -35.26 -12.90
N GLN L 452 -9.57 -35.69 -13.02
CA GLN L 452 -10.58 -35.43 -12.01
C GLN L 452 -10.95 -36.73 -11.34
N LEU L 453 -11.38 -36.64 -10.08
CA LEU L 453 -11.82 -37.80 -9.32
C LEU L 453 -13.26 -37.59 -8.93
N PHE L 454 -14.10 -38.59 -9.18
CA PHE L 454 -15.48 -38.53 -8.76
C PHE L 454 -15.79 -39.73 -7.89
N PHE L 455 -16.87 -39.62 -7.11
CA PHE L 455 -17.27 -40.69 -6.23
C PHE L 455 -17.81 -41.86 -7.03
N HIS L 456 -17.58 -43.07 -6.49
CA HIS L 456 -17.95 -44.36 -7.08
C HIS L 456 -17.38 -44.56 -8.48
N GLU L 457 -16.30 -43.88 -8.83
CA GLU L 457 -15.79 -43.97 -10.19
C GLU L 457 -14.56 -44.84 -10.25
N GLY L 458 -13.97 -45.15 -9.11
CA GLY L 458 -12.89 -46.11 -9.05
C GLY L 458 -11.80 -45.64 -8.13
N ILE L 459 -10.73 -46.43 -8.09
CA ILE L 459 -9.54 -46.08 -7.33
C ILE L 459 -8.85 -44.90 -8.01
N ALA L 460 -8.37 -43.96 -7.22
CA ALA L 460 -7.46 -42.98 -7.76
C ALA L 460 -6.11 -43.64 -7.99
N ILE L 461 -5.42 -43.21 -9.04
CA ILE L 461 -4.03 -43.58 -9.25
C ILE L 461 -3.28 -42.25 -9.29
N LYS L 462 -2.67 -41.88 -8.17
CA LYS L 462 -2.19 -40.53 -7.99
C LYS L 462 -0.82 -40.34 -8.63
N TYR L 463 -0.76 -39.50 -9.65
CA TYR L 463 0.50 -39.14 -10.28
C TYR L 463 0.94 -37.78 -9.77
N ASN L 464 2.21 -37.47 -9.95
CA ASN L 464 2.71 -36.16 -9.55
C ASN L 464 3.85 -35.71 -10.43
N THR L 465 4.02 -34.39 -10.50
CA THR L 465 5.17 -33.79 -11.14
C THR L 465 6.46 -34.13 -10.40
N ASN L 466 6.51 -33.81 -9.10
CA ASN L 466 7.72 -33.85 -8.31
C ASN L 466 7.91 -35.17 -7.59
N LYS L 467 7.18 -36.22 -7.99
CA LYS L 467 7.14 -37.52 -7.34
C LYS L 467 6.84 -37.42 -5.85
N ASN L 468 5.94 -36.52 -5.47
CA ASN L 468 5.34 -36.61 -4.14
C ASN L 468 4.53 -37.89 -4.01
N TYR L 469 3.91 -38.34 -5.10
CA TYR L 469 3.39 -39.68 -5.25
C TYR L 469 4.36 -40.48 -6.10
N VAL L 470 4.61 -41.73 -5.71
CA VAL L 470 5.68 -42.52 -6.32
C VAL L 470 5.22 -43.22 -7.60
N THR L 471 4.04 -42.90 -8.10
CA THR L 471 3.52 -43.56 -9.29
C THR L 471 4.30 -43.18 -10.54
N SER L 472 4.91 -44.18 -11.15
CA SER L 472 5.52 -44.09 -12.46
C SER L 472 4.58 -44.69 -13.49
N PRO L 473 4.54 -44.16 -14.71
CA PRO L 473 3.61 -44.70 -15.71
C PRO L 473 3.91 -46.12 -16.18
N LEU L 474 5.11 -46.64 -15.94
CA LEU L 474 5.32 -48.06 -16.13
C LEU L 474 4.64 -48.85 -15.02
N HIS L 475 4.83 -48.42 -13.78
CA HIS L 475 4.46 -49.24 -12.65
C HIS L 475 2.98 -49.12 -12.32
N ALA L 476 2.29 -48.13 -12.89
CA ALA L 476 0.84 -48.14 -12.85
C ALA L 476 0.27 -49.00 -13.96
N SER L 477 1.04 -49.22 -15.03
CA SER L 477 0.57 -50.06 -16.11
C SER L 477 0.57 -51.52 -15.72
N LEU L 478 1.44 -51.91 -14.79
CA LEU L 478 1.40 -53.28 -14.28
C LEU L 478 0.21 -53.47 -13.37
N ILE L 479 -0.15 -52.45 -12.59
CA ILE L 479 -1.23 -52.57 -11.62
C ILE L 479 -2.58 -52.53 -12.32
N LYS L 480 -2.69 -51.76 -13.41
CA LYS L 480 -3.91 -51.77 -14.21
C LYS L 480 -4.09 -53.11 -14.92
N ARG L 481 -3.01 -53.86 -15.14
CA ARG L 481 -3.15 -55.20 -15.69
C ARG L 481 -3.45 -56.23 -14.60
N THR L 482 -3.13 -55.93 -13.35
CA THR L 482 -3.63 -56.76 -12.26
C THR L 482 -5.13 -56.54 -12.06
N PHE L 483 -5.62 -55.36 -12.40
CA PHE L 483 -7.05 -55.11 -12.32
C PHE L 483 -7.79 -55.80 -13.46
N GLU L 484 -7.09 -56.02 -14.58
CA GLU L 484 -7.71 -56.72 -15.70
C GLU L 484 -7.67 -58.22 -15.51
N LEU L 485 -6.65 -58.73 -14.82
CA LEU L 485 -6.63 -60.15 -14.49
C LEU L 485 -7.63 -60.47 -13.40
N TYR L 486 -8.02 -59.48 -12.59
CA TYR L 486 -9.12 -59.66 -11.66
C TYR L 486 -10.44 -59.77 -12.40
N TYR L 487 -10.60 -59.02 -13.49
CA TYR L 487 -11.86 -59.03 -14.22
C TYR L 487 -12.03 -60.33 -15.00
N ASN L 488 -10.93 -60.98 -15.36
CA ASN L 488 -11.04 -62.22 -16.12
C ASN L 488 -11.39 -63.40 -15.24
N LYS L 489 -11.11 -63.31 -13.94
CA LYS L 489 -11.35 -64.43 -13.02
C LYS L 489 -12.63 -64.25 -12.21
N TYR L 490 -12.86 -63.05 -11.69
CA TYR L 490 -13.97 -62.81 -10.79
C TYR L 490 -15.15 -62.14 -11.46
N LYS L 491 -14.99 -61.68 -12.71
CA LYS L 491 -16.02 -61.03 -13.51
C LYS L 491 -16.59 -59.78 -12.84
N GLN L 492 -15.74 -59.10 -12.08
CA GLN L 492 -16.11 -57.88 -11.37
C GLN L 492 -15.05 -56.84 -11.68
N GLN L 493 -15.45 -55.77 -12.35
CA GLN L 493 -14.49 -54.79 -12.82
C GLN L 493 -14.01 -53.91 -11.69
N ILE L 494 -12.69 -53.78 -11.58
CA ILE L 494 -12.06 -52.82 -10.68
C ILE L 494 -11.83 -51.55 -11.47
N LYS L 495 -12.63 -50.54 -11.21
CA LYS L 495 -12.54 -49.27 -11.91
C LYS L 495 -11.40 -48.46 -11.32
N TYR L 496 -10.78 -47.64 -12.16
CA TYR L 496 -9.69 -46.78 -11.75
C TYR L 496 -9.80 -45.46 -12.47
N GLN L 497 -9.10 -44.46 -11.97
CA GLN L 497 -9.08 -43.14 -12.56
C GLN L 497 -7.79 -42.45 -12.17
N ASN L 498 -7.13 -41.82 -13.13
CA ASN L 498 -5.84 -41.19 -12.85
C ASN L 498 -6.06 -39.84 -12.19
N PHE L 499 -5.28 -39.58 -11.15
CA PHE L 499 -5.37 -38.33 -10.42
C PHE L 499 -4.05 -37.60 -10.49
N MET L 500 -4.11 -36.30 -10.78
CA MET L 500 -2.94 -35.46 -10.85
C MET L 500 -3.34 -34.05 -10.44
N VAL L 501 -2.57 -33.47 -9.54
CA VAL L 501 -2.80 -32.12 -9.07
C VAL L 501 -2.32 -31.16 -10.16
N LYS L 502 -2.80 -29.92 -10.11
CA LYS L 502 -2.39 -28.92 -11.09
C LYS L 502 -0.90 -28.60 -10.96
N ASN L 503 -0.33 -28.10 -12.04
CA ASN L 503 1.11 -27.83 -12.07
C ASN L 503 1.48 -26.65 -11.18
N ASP L 504 0.61 -25.66 -11.07
CA ASP L 504 0.93 -24.50 -10.25
C ASP L 504 0.67 -24.76 -8.77
N THR L 505 -0.38 -25.51 -8.44
CA THR L 505 -0.64 -25.76 -7.04
C THR L 505 0.28 -26.86 -6.50
N PRO L 506 0.76 -26.72 -5.28
CA PRO L 506 1.50 -27.83 -4.65
C PRO L 506 0.54 -28.80 -3.98
N CYS L 507 1.04 -30.01 -3.76
CA CYS L 507 0.28 -31.05 -3.08
C CYS L 507 1.15 -31.69 -2.01
N GLY L 508 0.49 -32.27 -1.01
CA GLY L 508 1.23 -32.91 0.07
C GLY L 508 1.83 -34.23 -0.35
N SER L 509 3.06 -34.45 0.08
CA SER L 509 3.73 -35.70 -0.22
C SER L 509 3.18 -36.81 0.65
N THR L 510 3.34 -38.04 0.18
CA THR L 510 2.89 -39.22 0.91
C THR L 510 4.10 -40.09 1.21
N VAL L 511 3.83 -41.27 1.77
CA VAL L 511 4.88 -42.22 2.12
C VAL L 511 5.19 -43.16 0.98
N GLY L 512 4.73 -42.86 -0.22
CA GLY L 512 5.05 -43.70 -1.36
C GLY L 512 6.53 -43.66 -1.70
N SER L 513 7.06 -42.45 -1.91
CA SER L 513 8.46 -42.34 -2.27
C SER L 513 9.38 -42.44 -1.06
N MET L 514 8.84 -42.32 0.15
CA MET L 514 9.66 -42.49 1.35
C MET L 514 10.07 -43.95 1.52
N VAL L 515 9.11 -44.87 1.38
CA VAL L 515 9.43 -46.28 1.57
C VAL L 515 10.07 -46.83 0.31
N ALA L 516 9.76 -46.28 -0.86
CA ALA L 516 10.40 -46.72 -2.09
C ALA L 516 11.87 -46.34 -2.14
N ALA L 517 12.26 -45.30 -1.40
CA ALA L 517 13.68 -45.00 -1.28
C ALA L 517 14.33 -45.87 -0.20
N ASN L 518 13.61 -46.15 0.88
CA ASN L 518 14.19 -46.93 1.96
C ASN L 518 14.36 -48.38 1.58
N LEU L 519 13.46 -48.90 0.74
CA LEU L 519 13.48 -50.30 0.38
C LEU L 519 13.96 -50.56 -1.03
N SER L 520 14.16 -49.50 -1.83
CA SER L 520 14.62 -49.57 -3.22
C SER L 520 13.68 -50.39 -4.11
N MET L 521 12.39 -50.37 -3.77
CA MET L 521 11.37 -51.10 -4.51
C MET L 521 10.56 -50.12 -5.34
N PRO L 522 10.13 -50.52 -6.54
CA PRO L 522 9.22 -49.67 -7.31
C PRO L 522 7.86 -49.57 -6.65
N GLY L 523 7.14 -48.50 -6.96
CA GLY L 523 5.93 -48.21 -6.23
C GLY L 523 4.86 -47.56 -7.06
N ILE L 524 3.71 -47.38 -6.41
CA ILE L 524 2.55 -46.69 -6.95
C ILE L 524 1.84 -46.05 -5.75
N ASP L 525 1.09 -44.98 -6.03
CA ASP L 525 0.26 -44.34 -5.02
C ASP L 525 -1.19 -44.40 -5.47
N ILE L 526 -1.96 -45.31 -4.88
CA ILE L 526 -3.38 -45.36 -5.16
C ILE L 526 -4.13 -44.88 -3.93
N GLY L 527 -5.43 -44.78 -4.07
CA GLY L 527 -6.28 -44.35 -2.97
C GLY L 527 -7.66 -44.08 -3.50
N ILE L 528 -8.55 -43.72 -2.59
CA ILE L 528 -9.94 -43.52 -3.00
C ILE L 528 -10.29 -42.04 -2.85
N PRO L 529 -11.10 -41.48 -3.74
CA PRO L 529 -11.42 -40.05 -3.65
C PRO L 529 -12.32 -39.77 -2.46
N GLN L 530 -11.93 -38.73 -1.71
CA GLN L 530 -12.75 -38.27 -0.60
C GLN L 530 -12.76 -36.75 -0.61
N LEU L 531 -13.81 -36.18 -0.04
CA LEU L 531 -13.87 -34.73 0.14
C LEU L 531 -13.55 -34.37 1.58
N ALA L 532 -13.05 -33.14 1.75
CA ALA L 532 -12.66 -32.56 3.04
C ALA L 532 -11.62 -33.43 3.75
N MET L 533 -10.56 -33.75 3.02
CA MET L 533 -9.43 -34.48 3.59
C MET L 533 -8.74 -33.64 4.65
N HIS L 534 -8.19 -34.32 5.67
CA HIS L 534 -7.57 -33.73 6.86
C HIS L 534 -8.54 -32.90 7.67
N SER L 535 -9.82 -33.24 7.64
CA SER L 535 -10.81 -32.60 8.50
C SER L 535 -11.37 -33.62 9.48
N ILE L 536 -12.21 -33.13 10.39
CA ILE L 536 -12.73 -33.99 11.44
C ILE L 536 -13.86 -34.87 10.90
N ARG L 537 -14.52 -34.44 9.84
CA ARG L 537 -15.46 -35.30 9.12
C ARG L 537 -15.10 -35.29 7.64
N GLU L 538 -14.84 -36.48 7.11
CA GLU L 538 -14.41 -36.66 5.73
C GLU L 538 -15.37 -37.61 5.05
N ILE L 539 -15.96 -37.19 3.94
CA ILE L 539 -16.97 -37.99 3.24
C ILE L 539 -16.28 -38.77 2.13
N ALA L 540 -16.72 -40.00 1.92
CA ALA L 540 -16.16 -40.88 0.90
C ALA L 540 -17.26 -41.79 0.37
N ALA L 541 -17.00 -42.45 -0.75
CA ALA L 541 -18.01 -43.26 -1.41
C ALA L 541 -17.84 -44.74 -1.08
N VAL L 542 -18.96 -45.48 -1.07
CA VAL L 542 -18.91 -46.86 -0.62
C VAL L 542 -18.54 -47.80 -1.75
N HIS L 543 -18.69 -47.37 -3.01
CA HIS L 543 -18.17 -48.22 -4.08
C HIS L 543 -16.66 -48.13 -4.17
N ASP L 544 -16.08 -47.02 -3.73
CA ASP L 544 -14.64 -46.90 -3.75
C ASP L 544 -13.99 -47.79 -2.69
N VAL L 545 -14.71 -48.06 -1.59
CA VAL L 545 -14.20 -48.98 -0.59
C VAL L 545 -14.19 -50.40 -1.12
N PHE L 546 -15.16 -50.74 -1.97
CA PHE L 546 -15.11 -52.04 -2.63
C PHE L 546 -13.97 -52.11 -3.63
N PHE L 547 -13.74 -51.05 -4.39
CA PHE L 547 -12.70 -51.07 -5.41
C PHE L 547 -11.31 -51.07 -4.79
N LEU L 548 -11.16 -50.44 -3.63
CA LEU L 548 -9.85 -50.42 -2.99
C LEU L 548 -9.52 -51.77 -2.37
N ILE L 549 -10.49 -52.41 -1.72
CA ILE L 549 -10.26 -53.71 -1.11
C ILE L 549 -9.97 -54.77 -2.18
N LYS L 550 -10.68 -54.70 -3.30
CA LYS L 550 -10.38 -55.60 -4.39
C LYS L 550 -9.14 -55.15 -5.16
N GLY L 551 -8.79 -53.86 -5.04
CA GLY L 551 -7.59 -53.38 -5.71
C GLY L 551 -6.31 -53.82 -5.04
N VAL L 552 -6.28 -53.83 -3.70
CA VAL L 552 -5.14 -54.36 -2.99
C VAL L 552 -5.07 -55.88 -3.16
N PHE L 553 -6.23 -56.52 -3.24
CA PHE L 553 -6.27 -57.97 -3.41
C PHE L 553 -5.82 -58.38 -4.81
N ALA L 554 -6.11 -57.55 -5.82
CA ALA L 554 -5.68 -57.89 -7.17
C ALA L 554 -4.19 -57.66 -7.35
N PHE L 555 -3.64 -56.66 -6.69
CA PHE L 555 -2.19 -56.45 -6.71
C PHE L 555 -1.47 -57.57 -5.99
N TYR L 556 -2.05 -58.08 -4.91
CA TYR L 556 -1.47 -59.21 -4.19
C TYR L 556 -1.51 -60.48 -5.02
N THR L 557 -2.63 -60.75 -5.68
CA THR L 557 -2.82 -62.02 -6.35
C THR L 557 -2.11 -62.08 -7.69
N TYR L 558 -2.14 -60.99 -8.45
CA TYR L 558 -1.81 -61.06 -9.86
C TYR L 558 -0.63 -60.20 -10.27
N TYR L 559 0.25 -59.82 -9.35
CA TYR L 559 1.36 -58.96 -9.77
C TYR L 559 2.43 -59.75 -10.51
N ASN L 560 2.76 -60.96 -10.03
CA ASN L 560 3.82 -61.72 -10.68
C ASN L 560 3.33 -62.37 -11.97
N GLN L 561 2.02 -62.49 -12.14
CA GLN L 561 1.51 -62.93 -13.43
C GLN L 561 1.66 -61.82 -14.47
N VAL L 562 1.52 -60.56 -14.05
CA VAL L 562 1.77 -59.45 -14.96
C VAL L 562 3.27 -59.25 -15.15
N LEU L 563 4.05 -59.36 -14.08
CA LEU L 563 5.48 -59.09 -14.13
C LEU L 563 6.24 -60.13 -14.96
N SER L 564 5.72 -61.35 -15.04
CA SER L 564 6.35 -62.36 -15.87
C SER L 564 6.16 -62.09 -17.35
N THR L 565 5.12 -61.34 -17.73
CA THR L 565 4.84 -61.05 -19.12
C THR L 565 5.51 -59.77 -19.62
N CYS L 566 6.19 -59.03 -18.74
CA CYS L 566 6.92 -57.85 -19.19
C CYS L 566 8.26 -58.24 -19.78
N VAL L 567 8.51 -57.80 -21.00
CA VAL L 567 9.80 -57.98 -21.67
C VAL L 567 10.43 -56.62 -21.89
N HIS L 568 11.59 -56.41 -21.28
CA HIS L 568 12.37 -55.21 -21.53
C HIS L 568 13.33 -55.48 -22.69
N ASP L 569 14.04 -54.46 -23.12
CA ASP L 569 15.05 -54.65 -24.16
C ASP L 569 16.38 -55.05 -23.56
#